data_3VON
#
_entry.id   3VON
#
_cell.length_a   102.064
_cell.length_b   137.285
_cell.length_c   257.109
_cell.angle_alpha   90.00
_cell.angle_beta   90.03
_cell.angle_gamma   90.00
#
_symmetry.space_group_name_H-M   'P 1 21 1'
#
loop_
_entity.id
_entity.type
_entity.pdbx_description
1 polymer 'Ubiquitin thioesterase OTUB1'
2 polymer 'Ubiquitin-conjugating enzyme E2 variant 2'
3 polymer 'Ubiquitin-conjugating enzyme E2 N'
#
loop_
_entity_poly.entity_id
_entity_poly.type
_entity_poly.pdbx_seq_one_letter_code
_entity_poly.pdbx_strand_id
1 'polypeptide(L)'
;SNPLVSERLELSVLYKEYAEDDNIYQQKIKDLHKKYSYIRKTRPDGNCFYRAFGFSHLEALLDDSKELQRFKAVSAKSKE
DLVSQGFTEFTIEDFHNTFMDLIEQVEKQTSVADLLASFNDQSTSDYLVVYLRLLTSGYLQRESKFFEHFIEGGRTVKEF
CQQEVEPMCKESDHIHIIALAQALSVSIQVEYMDRGEGGTTNPHIFPEGSEPKVYLLYRPGHYDILYK
;
A,H,O,V,c,j
2 'polypeptide(L)'
;GVKVPRNFRLLEELEEGQKGVGDGTVSWGLEDDEDMTLTRWTGMIIGPPRTNYENRIYSLKVECGPKYPEAPPSVRFVTK
INMNGINNSSGMVDARSIPVLAKWQNSYSIKVVLQELRRLMMSKENMKLPQPPEGQTY
;
B,D,F,I,K,M,P,R,T,W,Y,a,d,f,h,k,m,o
3 'polypeptide(L)'
;GLPRRIIKETQRLLAEPVPGIKAEPDESNARYFHVVIAGPQDSPFEGGTFKLELFLPEEYPMAAPKVRFMTKIYHPNVDK
LGRICLDILKDKWSPALQIRTVLLSIQALLSAPNPDDPLANDVAEQWKTNEAQAIETARAWTRLYAMN
;
C,E,G,J,L,N,Q,S,U,X,Z,b,e,g,i,l,n,p
#
# COMPACT_ATOMS: atom_id res chain seq x y z
N ASN A 2 -50.53 -73.21 21.11
CA ASN A 2 -50.77 -72.50 22.40
C ASN A 2 -50.53 -70.97 22.29
N PRO A 3 -51.58 -70.16 22.60
CA PRO A 3 -51.45 -68.71 22.60
C PRO A 3 -51.14 -68.18 24.00
N LEU A 4 -50.67 -66.94 24.08
CA LEU A 4 -50.49 -66.25 25.36
C LEU A 4 -51.86 -66.03 25.99
N VAL A 5 -52.69 -65.24 25.30
CA VAL A 5 -54.09 -65.02 25.68
C VAL A 5 -54.97 -65.60 24.57
N SER A 6 -55.95 -66.43 24.96
CA SER A 6 -56.77 -67.19 24.00
C SER A 6 -58.06 -66.48 23.60
N GLU A 7 -58.80 -67.12 22.69
CA GLU A 7 -60.13 -66.65 22.27
C GLU A 7 -61.13 -66.84 23.39
N ARG A 8 -62.29 -66.20 23.24
CA ARG A 8 -63.37 -66.32 24.22
C ARG A 8 -64.02 -67.69 24.07
N LEU A 9 -63.37 -68.70 24.64
CA LEU A 9 -63.76 -70.10 24.50
C LEU A 9 -64.92 -70.44 25.43
N GLU A 10 -65.63 -71.51 25.13
CA GLU A 10 -66.76 -71.92 25.94
C GLU A 10 -66.33 -72.64 27.21
N LEU A 11 -67.18 -72.59 28.24
CA LEU A 11 -66.88 -73.19 29.54
C LEU A 11 -67.04 -74.72 29.52
N SER A 12 -67.62 -75.26 28.45
CA SER A 12 -67.77 -76.71 28.32
C SER A 12 -66.47 -77.40 27.90
N VAL A 13 -65.46 -76.62 27.52
CA VAL A 13 -64.15 -77.16 27.11
C VAL A 13 -63.31 -77.68 28.28
N LEU A 14 -63.78 -77.41 29.50
CA LEU A 14 -63.09 -77.84 30.71
C LEU A 14 -63.39 -79.29 31.10
N TYR A 15 -64.31 -79.92 30.37
CA TYR A 15 -64.59 -81.34 30.55
C TYR A 15 -63.62 -82.20 29.75
N LYS A 16 -62.79 -81.52 28.94
CA LYS A 16 -61.75 -82.17 28.14
C LYS A 16 -60.46 -82.36 28.93
N GLU A 17 -60.42 -81.82 30.14
CA GLU A 17 -59.24 -81.89 31.00
C GLU A 17 -59.56 -82.55 32.33
N GLN A 26 -65.45 -83.41 38.25
CA GLN A 26 -66.22 -83.04 37.07
C GLN A 26 -67.54 -82.35 37.41
N GLN A 27 -68.08 -82.65 38.59
CA GLN A 27 -69.33 -82.03 39.06
C GLN A 27 -69.07 -80.64 39.63
N LYS A 28 -67.79 -80.27 39.71
CA LYS A 28 -67.36 -78.98 40.24
C LYS A 28 -67.44 -77.89 39.15
N ILE A 29 -67.42 -78.31 37.89
CA ILE A 29 -67.63 -77.43 36.73
C ILE A 29 -69.12 -77.15 36.54
N LYS A 30 -69.97 -78.09 36.93
CA LYS A 30 -71.43 -77.94 36.88
C LYS A 30 -71.91 -76.79 37.77
N ASP A 31 -71.26 -76.64 38.92
CA ASP A 31 -71.54 -75.55 39.85
C ASP A 31 -71.03 -74.23 39.29
N LEU A 32 -69.94 -74.31 38.52
CA LEU A 32 -69.30 -73.15 37.91
C LEU A 32 -70.11 -72.61 36.71
N HIS A 33 -70.82 -73.51 36.04
CA HIS A 33 -71.67 -73.15 34.90
C HIS A 33 -72.88 -72.32 35.28
N LYS A 34 -73.45 -72.60 36.46
CA LYS A 34 -74.67 -71.95 36.91
C LYS A 34 -74.43 -70.52 37.41
N LYS A 35 -73.19 -70.06 37.29
CA LYS A 35 -72.82 -68.68 37.63
C LYS A 35 -71.89 -68.02 36.59
N TYR A 36 -71.39 -68.83 35.65
CA TYR A 36 -70.52 -68.35 34.56
C TYR A 36 -70.84 -69.01 33.21
N SER A 37 -70.44 -68.37 32.11
CA SER A 37 -70.74 -68.88 30.77
C SER A 37 -69.52 -69.04 29.86
N TYR A 38 -68.54 -68.15 29.98
CA TYR A 38 -67.36 -68.16 29.11
C TYR A 38 -66.02 -68.08 29.84
N ILE A 39 -65.03 -68.77 29.27
CA ILE A 39 -63.66 -68.80 29.80
C ILE A 39 -62.67 -68.23 28.79
N ARG A 40 -61.56 -67.72 29.29
CA ARG A 40 -60.48 -67.27 28.41
C ARG A 40 -59.12 -67.72 28.94
N LYS A 41 -58.50 -68.69 28.25
CA LYS A 41 -57.25 -69.31 28.68
C LYS A 41 -56.03 -68.42 28.49
N THR A 42 -55.06 -68.59 29.38
CA THR A 42 -53.74 -67.94 29.24
C THR A 42 -52.66 -69.00 29.39
N ARG A 43 -51.53 -68.76 28.73
CA ARG A 43 -50.37 -69.65 28.82
C ARG A 43 -49.98 -69.92 30.27
N PRO A 44 -49.84 -71.20 30.66
CA PRO A 44 -49.49 -71.59 32.03
C PRO A 44 -47.99 -71.44 32.35
N ASP A 45 -47.47 -70.22 32.18
CA ASP A 45 -46.03 -69.95 32.33
C ASP A 45 -45.70 -69.22 33.63
N GLY A 46 -46.63 -69.22 34.57
CA GLY A 46 -46.43 -68.58 35.87
C GLY A 46 -46.66 -67.09 35.87
N ASN A 47 -46.92 -66.53 34.69
CA ASN A 47 -47.27 -65.12 34.54
C ASN A 47 -48.75 -64.92 34.30
N CYS A 48 -49.53 -65.97 34.59
CA CYS A 48 -50.96 -66.00 34.27
C CYS A 48 -51.69 -64.81 34.86
N PHE A 49 -51.63 -64.69 36.18
CA PHE A 49 -52.43 -63.71 36.92
C PHE A 49 -52.33 -62.31 36.36
N TYR A 50 -51.13 -61.87 36.03
CA TYR A 50 -50.90 -60.51 35.55
C TYR A 50 -51.41 -60.29 34.12
N ARG A 51 -51.30 -61.32 33.29
CA ARG A 51 -51.83 -61.26 31.93
C ARG A 51 -53.36 -61.36 31.89
N ALA A 52 -53.92 -62.17 32.77
CA ALA A 52 -55.36 -62.39 32.85
C ALA A 52 -56.11 -61.17 33.36
N PHE A 53 -55.63 -60.60 34.47
CA PHE A 53 -56.18 -59.36 35.02
C PHE A 53 -55.98 -58.18 34.07
N GLY A 54 -54.82 -58.18 33.40
CA GLY A 54 -54.47 -57.12 32.45
C GLY A 54 -55.38 -57.05 31.25
N PHE A 55 -55.84 -58.21 30.78
CA PHE A 55 -56.81 -58.28 29.68
C PHE A 55 -58.24 -58.13 30.18
N SER A 56 -58.59 -58.85 31.25
CA SER A 56 -59.94 -58.78 31.85
C SER A 56 -60.42 -57.36 32.14
N HIS A 57 -59.52 -56.52 32.62
CA HIS A 57 -59.87 -55.18 33.04
C HIS A 57 -59.79 -54.16 31.90
N LEU A 58 -58.85 -54.33 30.97
CA LEU A 58 -58.75 -53.44 29.79
C LEU A 58 -59.84 -53.70 28.73
N GLU A 59 -60.29 -54.96 28.66
CA GLU A 59 -61.39 -55.36 27.78
C GLU A 59 -62.72 -54.83 28.30
N ALA A 60 -62.87 -54.82 29.63
CA ALA A 60 -64.06 -54.32 30.30
C ALA A 60 -64.16 -52.78 30.24
N LEU A 61 -63.04 -52.13 29.95
CA LEU A 61 -62.97 -50.66 29.86
C LEU A 61 -63.35 -50.11 28.49
N LEU A 62 -63.59 -50.99 27.53
CA LEU A 62 -64.08 -50.58 26.22
C LEU A 62 -65.57 -50.24 26.26
N ASP A 63 -66.23 -50.65 27.35
CA ASP A 63 -67.65 -50.39 27.58
C ASP A 63 -67.86 -49.25 28.59
N ASP A 64 -66.84 -49.01 29.41
CA ASP A 64 -66.95 -48.15 30.58
C ASP A 64 -65.95 -46.99 30.57
N SER A 65 -66.37 -45.87 29.97
CA SER A 65 -65.56 -44.64 29.88
C SER A 65 -65.28 -44.02 31.25
N LYS A 66 -66.21 -44.21 32.18
CA LYS A 66 -66.11 -43.69 33.55
C LYS A 66 -64.92 -44.28 34.29
N GLU A 67 -64.86 -45.61 34.32
CA GLU A 67 -63.77 -46.34 34.98
C GLU A 67 -62.45 -46.21 34.19
N LEU A 68 -62.56 -45.91 32.89
CA LEU A 68 -61.40 -45.77 32.00
C LEU A 68 -60.53 -44.57 32.38
N GLN A 69 -61.13 -43.39 32.46
CA GLN A 69 -60.42 -42.15 32.81
C GLN A 69 -60.01 -42.13 34.28
N ARG A 70 -60.78 -42.83 35.11
CA ARG A 70 -60.48 -43.01 36.53
C ARG A 70 -59.26 -43.94 36.67
N PHE A 71 -59.22 -44.98 35.84
CA PHE A 71 -58.10 -45.93 35.78
C PHE A 71 -56.83 -45.28 35.23
N LYS A 72 -56.99 -44.40 34.25
CA LYS A 72 -55.86 -43.70 33.63
C LYS A 72 -55.18 -42.74 34.61
N ALA A 73 -56.00 -42.10 35.45
CA ALA A 73 -55.51 -41.15 36.46
C ALA A 73 -54.62 -41.82 37.51
N VAL A 74 -54.99 -43.04 37.90
CA VAL A 74 -54.22 -43.82 38.88
C VAL A 74 -52.93 -44.35 38.24
N SER A 75 -53.05 -44.84 37.01
CA SER A 75 -51.92 -45.45 36.30
C SER A 75 -50.82 -44.44 35.95
N ALA A 76 -51.22 -43.24 35.53
CA ALA A 76 -50.29 -42.14 35.24
C ALA A 76 -49.53 -41.71 36.49
N LYS A 77 -50.29 -41.43 37.56
CA LYS A 77 -49.76 -41.07 38.88
C LYS A 77 -48.97 -42.22 39.51
N SER A 78 -49.18 -43.43 38.99
CA SER A 78 -48.51 -44.63 39.48
C SER A 78 -46.99 -44.58 39.31
N LYS A 79 -46.53 -44.09 38.15
CA LYS A 79 -45.10 -44.01 37.84
C LYS A 79 -44.33 -43.16 38.87
N GLU A 80 -44.80 -41.94 39.11
CA GLU A 80 -44.19 -41.03 40.10
C GLU A 80 -44.30 -41.55 41.53
N ASP A 81 -45.30 -42.41 41.78
CA ASP A 81 -45.49 -43.07 43.08
C ASP A 81 -44.36 -44.05 43.41
N LEU A 82 -44.01 -44.88 42.44
CA LEU A 82 -42.94 -45.86 42.61
C LEU A 82 -41.58 -45.17 42.72
N VAL A 83 -41.41 -44.05 42.00
CA VAL A 83 -40.17 -43.27 42.06
C VAL A 83 -40.01 -42.61 43.43
N SER A 84 -41.13 -42.14 44.00
CA SER A 84 -41.14 -41.60 45.36
C SER A 84 -40.94 -42.67 46.41
N GLN A 85 -41.01 -43.93 45.98
CA GLN A 85 -40.88 -45.07 46.87
C GLN A 85 -39.48 -45.71 46.82
N GLY A 86 -38.67 -45.31 45.84
CA GLY A 86 -37.28 -45.75 45.77
C GLY A 86 -36.90 -46.56 44.54
N PHE A 87 -37.82 -46.65 43.57
CA PHE A 87 -37.54 -47.29 42.29
C PHE A 87 -36.87 -46.31 41.36
N THR A 88 -35.77 -46.71 40.75
CA THR A 88 -35.07 -45.82 39.83
C THR A 88 -35.96 -45.60 38.62
N GLU A 89 -36.13 -44.33 38.25
CA GLU A 89 -37.13 -43.92 37.27
C GLU A 89 -36.86 -44.47 35.88
N PHE A 90 -35.60 -44.43 35.47
CA PHE A 90 -35.19 -44.84 34.12
C PHE A 90 -35.17 -46.37 33.98
N THR A 91 -35.54 -47.05 35.05
CA THR A 91 -35.78 -48.48 35.05
C THR A 91 -37.18 -48.77 34.50
N ILE A 92 -38.19 -48.26 35.20
CA ILE A 92 -39.59 -48.63 34.95
C ILE A 92 -40.24 -47.83 33.80
N GLU A 93 -39.54 -46.81 33.35
CA GLU A 93 -40.00 -45.90 32.29
C GLU A 93 -40.59 -46.63 31.08
N ASP A 94 -39.89 -47.65 30.58
CA ASP A 94 -40.26 -48.35 29.35
C ASP A 94 -41.45 -49.28 29.52
N PHE A 95 -41.70 -49.73 30.76
CA PHE A 95 -42.81 -50.62 31.06
C PHE A 95 -44.04 -49.80 31.41
N HIS A 96 -43.80 -48.55 31.81
CA HIS A 96 -44.87 -47.60 32.02
C HIS A 96 -45.36 -47.10 30.67
N ASN A 97 -44.40 -46.78 29.80
CA ASN A 97 -44.69 -46.37 28.42
C ASN A 97 -45.52 -47.39 27.67
N THR A 98 -45.33 -48.66 27.99
CA THR A 98 -46.10 -49.75 27.37
C THR A 98 -47.48 -49.85 28.01
N PHE A 99 -47.55 -49.60 29.31
CA PHE A 99 -48.80 -49.66 30.05
C PHE A 99 -49.73 -48.53 29.65
N MET A 100 -49.19 -47.31 29.55
CA MET A 100 -49.96 -46.13 29.12
C MET A 100 -50.42 -46.24 27.67
N ASP A 101 -49.62 -46.90 26.85
CA ASP A 101 -49.94 -47.12 25.44
C ASP A 101 -51.04 -48.14 25.22
N LEU A 102 -51.33 -48.95 26.23
CA LEU A 102 -52.47 -49.85 26.18
C LEU A 102 -53.74 -49.17 26.66
N ILE A 103 -53.59 -48.25 27.63
CA ILE A 103 -54.72 -47.44 28.09
C ILE A 103 -55.16 -46.47 26.99
N GLU A 104 -54.19 -45.90 26.27
CA GLU A 104 -54.45 -45.03 25.12
C GLU A 104 -55.07 -45.80 23.95
N GLN A 105 -54.81 -47.11 23.89
CA GLN A 105 -55.37 -47.98 22.85
C GLN A 105 -56.79 -48.44 23.19
N VAL A 106 -57.17 -48.36 24.46
CA VAL A 106 -58.56 -48.63 24.89
C VAL A 106 -59.38 -47.34 24.77
N GLU A 107 -58.77 -46.22 25.16
CA GLU A 107 -59.37 -44.89 25.05
C GLU A 107 -59.83 -44.63 23.63
N LYS A 108 -58.90 -44.78 22.68
CA LYS A 108 -59.25 -44.89 21.27
C LYS A 108 -59.99 -46.21 21.10
N GLN A 109 -61.24 -46.16 20.66
CA GLN A 109 -62.09 -47.35 20.61
C GLN A 109 -61.55 -48.44 19.69
N THR A 110 -60.94 -49.46 20.31
CA THR A 110 -60.37 -50.59 19.59
C THR A 110 -61.18 -51.86 19.84
N SER A 111 -61.12 -52.78 18.88
CA SER A 111 -61.82 -54.05 19.00
C SER A 111 -61.15 -54.98 20.01
N VAL A 112 -61.94 -55.91 20.54
CA VAL A 112 -61.44 -56.93 21.45
C VAL A 112 -60.41 -57.82 20.72
N ALA A 113 -60.61 -58.02 19.41
CA ALA A 113 -59.68 -58.80 18.60
C ALA A 113 -58.38 -58.04 18.30
N ASP A 114 -58.48 -56.71 18.25
CA ASP A 114 -57.32 -55.84 18.03
C ASP A 114 -56.48 -55.73 19.30
N LEU A 115 -57.16 -55.79 20.45
CA LEU A 115 -56.51 -55.75 21.76
C LEU A 115 -55.79 -57.08 22.03
N LEU A 116 -56.43 -58.18 21.64
CA LEU A 116 -55.89 -59.52 21.82
C LEU A 116 -54.59 -59.75 21.04
N ALA A 117 -54.51 -59.18 19.84
CA ALA A 117 -53.33 -59.29 18.99
C ALA A 117 -52.11 -58.56 19.56
N SER A 118 -52.36 -57.59 20.43
CA SER A 118 -51.29 -56.85 21.11
C SER A 118 -50.84 -57.53 22.40
N PHE A 119 -51.72 -58.36 22.97
CA PHE A 119 -51.42 -59.15 24.17
C PHE A 119 -50.67 -60.43 23.85
N ASN A 120 -50.74 -60.87 22.60
CA ASN A 120 -50.01 -62.06 22.17
C ASN A 120 -48.65 -61.71 21.57
N ASP A 121 -48.34 -60.41 21.52
CA ASP A 121 -47.01 -59.94 21.20
C ASP A 121 -46.17 -60.06 22.47
N GLN A 122 -45.12 -60.89 22.41
CA GLN A 122 -44.28 -61.16 23.57
C GLN A 122 -43.83 -59.87 24.27
N SER A 123 -43.11 -59.02 23.53
CA SER A 123 -42.58 -57.74 24.04
C SER A 123 -43.62 -56.88 24.76
N THR A 124 -44.69 -56.53 24.03
CA THR A 124 -45.76 -55.67 24.55
C THR A 124 -46.42 -56.27 25.80
N SER A 125 -46.67 -57.58 25.78
CA SER A 125 -47.36 -58.26 26.87
C SER A 125 -46.48 -58.36 28.11
N ASP A 126 -45.28 -58.89 27.95
CA ASP A 126 -44.35 -59.07 29.06
C ASP A 126 -44.03 -57.73 29.72
N TYR A 127 -43.78 -56.70 28.93
CA TYR A 127 -43.53 -55.35 29.43
C TYR A 127 -44.64 -54.88 30.35
N LEU A 128 -45.87 -55.28 30.05
CA LEU A 128 -47.03 -54.95 30.89
C LEU A 128 -47.04 -55.78 32.17
N VAL A 129 -46.82 -57.09 32.03
CA VAL A 129 -46.72 -58.00 33.18
C VAL A 129 -45.69 -57.50 34.19
N VAL A 130 -44.54 -57.03 33.69
CA VAL A 130 -43.48 -56.44 34.52
C VAL A 130 -44.02 -55.27 35.33
N TYR A 131 -44.67 -54.32 34.66
CA TYR A 131 -45.20 -53.14 35.33
C TYR A 131 -46.33 -53.47 36.30
N LEU A 132 -47.11 -54.51 35.98
CA LEU A 132 -48.12 -55.00 36.91
C LEU A 132 -47.48 -55.65 38.12
N ARG A 133 -46.38 -56.36 37.90
CA ARG A 133 -45.58 -56.95 38.98
C ARG A 133 -44.94 -55.84 39.83
N LEU A 134 -44.45 -54.80 39.17
CA LEU A 134 -43.87 -53.65 39.84
C LEU A 134 -44.90 -52.92 40.70
N LEU A 135 -46.12 -52.81 40.17
CA LEU A 135 -47.24 -52.20 40.88
C LEU A 135 -47.64 -53.00 42.12
N THR A 136 -47.63 -54.32 41.98
CA THR A 136 -47.88 -55.24 43.10
C THR A 136 -46.79 -55.09 44.14
N SER A 137 -45.54 -55.17 43.69
CA SER A 137 -44.36 -55.10 44.54
C SER A 137 -44.23 -53.74 45.21
N GLY A 138 -44.62 -52.70 44.49
CA GLY A 138 -44.57 -51.33 45.02
C GLY A 138 -45.55 -51.16 46.17
N TYR A 139 -46.74 -51.71 46.02
CA TYR A 139 -47.77 -51.58 47.04
C TYR A 139 -47.49 -52.45 48.26
N LEU A 140 -46.90 -53.63 48.05
CA LEU A 140 -46.56 -54.51 49.16
C LEU A 140 -45.52 -53.86 50.06
N GLN A 141 -44.60 -53.12 49.47
CA GLN A 141 -43.54 -52.45 50.23
C GLN A 141 -44.00 -51.16 50.92
N ARG A 142 -45.05 -50.53 50.40
CA ARG A 142 -45.68 -49.38 51.05
C ARG A 142 -46.40 -49.83 52.31
N GLU A 143 -47.21 -50.88 52.17
CA GLU A 143 -47.93 -51.44 53.31
C GLU A 143 -47.11 -52.58 53.93
N SER A 144 -45.80 -52.37 53.95
CA SER A 144 -44.81 -53.31 54.50
C SER A 144 -45.15 -53.75 55.92
N LYS A 145 -45.44 -52.79 56.80
CA LYS A 145 -45.82 -53.09 58.17
C LYS A 145 -47.07 -53.99 58.26
N PHE A 146 -47.99 -53.84 57.32
CA PHE A 146 -49.26 -54.58 57.33
C PHE A 146 -49.12 -56.02 56.83
N PHE A 147 -48.32 -56.22 55.78
CA PHE A 147 -48.17 -57.53 55.15
C PHE A 147 -47.06 -58.39 55.77
N GLU A 148 -46.34 -57.83 56.74
CA GLU A 148 -45.18 -58.50 57.32
C GLU A 148 -45.49 -59.92 57.79
N HIS A 149 -46.68 -60.12 58.36
CA HIS A 149 -47.03 -61.40 58.98
C HIS A 149 -47.91 -62.28 58.12
N PHE A 150 -48.01 -61.91 56.85
CA PHE A 150 -48.72 -62.71 55.88
C PHE A 150 -47.74 -63.51 55.01
N ILE A 151 -46.44 -63.34 55.27
CA ILE A 151 -45.39 -64.05 54.53
C ILE A 151 -44.76 -65.12 55.43
N GLU A 152 -44.55 -66.31 54.87
CA GLU A 152 -43.99 -67.46 55.60
C GLU A 152 -42.52 -67.67 55.25
N GLY A 153 -41.81 -68.39 56.13
CA GLY A 153 -40.40 -68.71 55.91
C GLY A 153 -39.45 -67.65 56.41
N GLY A 154 -39.98 -66.67 57.15
CA GLY A 154 -39.18 -65.59 57.72
C GLY A 154 -38.66 -64.62 56.69
N ARG A 155 -39.24 -64.70 55.49
CA ARG A 155 -38.96 -63.78 54.41
C ARG A 155 -39.53 -62.43 54.79
N THR A 156 -38.76 -61.37 54.56
CA THR A 156 -39.29 -60.01 54.73
C THR A 156 -40.16 -59.66 53.53
N VAL A 157 -40.88 -58.54 53.64
CA VAL A 157 -41.75 -58.10 52.57
C VAL A 157 -40.92 -57.73 51.34
N LYS A 158 -39.83 -56.99 51.56
CA LYS A 158 -38.89 -56.61 50.49
C LYS A 158 -38.25 -57.81 49.80
N GLU A 159 -37.86 -58.82 50.58
CA GLU A 159 -37.31 -60.06 50.04
C GLU A 159 -38.33 -60.85 49.25
N PHE A 160 -39.52 -61.04 49.83
CA PHE A 160 -40.63 -61.68 49.12
C PHE A 160 -40.86 -61.00 47.78
N CYS A 161 -40.74 -59.68 47.76
CA CYS A 161 -40.88 -58.90 46.55
C CYS A 161 -39.74 -59.07 45.55
N GLN A 162 -38.53 -59.34 46.06
CA GLN A 162 -37.38 -59.57 45.20
C GLN A 162 -37.34 -60.99 44.65
N GLN A 163 -38.18 -61.86 45.22
CA GLN A 163 -38.10 -63.29 44.91
C GLN A 163 -39.34 -63.88 44.26
N GLU A 164 -40.52 -63.40 44.67
CA GLU A 164 -41.78 -63.99 44.19
C GLU A 164 -42.68 -63.01 43.45
N VAL A 165 -42.40 -61.71 43.59
CA VAL A 165 -43.27 -60.70 42.98
C VAL A 165 -42.67 -60.08 41.72
N GLU A 166 -41.53 -59.43 41.86
CA GLU A 166 -40.91 -58.71 40.76
C GLU A 166 -40.37 -59.57 39.59
N PRO A 167 -39.71 -60.71 39.89
CA PRO A 167 -39.16 -61.50 38.78
C PRO A 167 -40.22 -62.23 37.98
N MET A 168 -39.97 -62.35 36.67
CA MET A 168 -40.88 -63.02 35.74
C MET A 168 -40.97 -64.53 36.00
N CYS A 169 -42.09 -65.12 35.56
CA CYS A 169 -42.33 -66.57 35.66
C CYS A 169 -42.46 -67.08 37.10
N LYS A 170 -42.95 -66.22 37.98
CA LYS A 170 -43.11 -66.54 39.40
C LYS A 170 -44.58 -66.52 39.83
N GLU A 171 -45.06 -67.69 40.27
CA GLU A 171 -46.47 -67.95 40.61
C GLU A 171 -47.09 -66.95 41.60
N SER A 172 -48.38 -66.69 41.42
CA SER A 172 -49.13 -65.76 42.28
C SER A 172 -50.12 -66.47 43.22
N ASP A 173 -50.18 -66.02 44.46
CA ASP A 173 -51.24 -66.43 45.40
C ASP A 173 -51.92 -65.20 46.03
N HIS A 174 -52.74 -65.39 47.06
CA HIS A 174 -53.55 -64.30 47.64
C HIS A 174 -52.80 -62.99 47.96
N ILE A 175 -51.51 -63.11 48.27
CA ILE A 175 -50.68 -61.96 48.63
C ILE A 175 -50.44 -61.04 47.43
N HIS A 176 -50.34 -61.64 46.24
CA HIS A 176 -50.20 -60.88 45.01
C HIS A 176 -51.53 -60.23 44.63
N ILE A 177 -52.62 -60.97 44.83
CA ILE A 177 -53.97 -60.56 44.38
C ILE A 177 -54.52 -59.42 45.25
N ILE A 178 -54.48 -59.60 46.56
CA ILE A 178 -54.80 -58.53 47.51
C ILE A 178 -54.02 -57.25 47.16
N ALA A 179 -52.74 -57.42 46.84
CA ALA A 179 -51.82 -56.30 46.60
C ALA A 179 -52.17 -55.47 45.38
N LEU A 180 -52.22 -56.11 44.20
CA LEU A 180 -52.54 -55.43 42.95
C LEU A 180 -53.94 -54.83 42.96
N ALA A 181 -54.89 -55.54 43.57
CA ALA A 181 -56.27 -55.09 43.68
C ALA A 181 -56.33 -53.73 44.35
N GLN A 182 -55.71 -53.62 45.54
CA GLN A 182 -55.79 -52.40 46.33
C GLN A 182 -54.95 -51.24 45.75
N ALA A 183 -53.94 -51.58 44.95
CA ALA A 183 -53.07 -50.59 44.30
C ALA A 183 -53.81 -49.81 43.21
N LEU A 184 -54.49 -50.54 42.31
CA LEU A 184 -55.24 -49.92 41.23
C LEU A 184 -56.70 -49.63 41.63
N SER A 185 -57.05 -50.05 42.86
CA SER A 185 -58.41 -49.91 43.40
C SER A 185 -59.44 -50.64 42.54
N VAL A 186 -59.06 -51.83 42.08
CA VAL A 186 -59.92 -52.67 41.24
C VAL A 186 -60.14 -54.00 41.94
N SER A 187 -61.38 -54.27 42.33
CA SER A 187 -61.73 -55.51 43.01
C SER A 187 -61.64 -56.73 42.10
N ILE A 188 -61.28 -57.87 42.68
CA ILE A 188 -61.17 -59.13 41.96
C ILE A 188 -61.85 -60.25 42.76
N GLN A 189 -62.45 -61.19 42.04
CA GLN A 189 -63.00 -62.39 42.64
C GLN A 189 -62.34 -63.61 42.01
N VAL A 190 -61.87 -64.52 42.84
CA VAL A 190 -61.22 -65.74 42.36
C VAL A 190 -62.06 -66.97 42.71
N GLU A 191 -62.28 -67.81 41.71
CA GLU A 191 -63.00 -69.07 41.88
C GLU A 191 -62.01 -70.21 41.87
N TYR A 192 -62.10 -71.07 42.89
CA TYR A 192 -61.10 -72.12 43.09
C TYR A 192 -61.54 -73.52 42.68
N MET A 193 -60.95 -73.98 41.57
CA MET A 193 -61.08 -75.37 41.13
C MET A 193 -60.28 -76.25 42.10
N ASP A 194 -60.92 -76.56 43.22
CA ASP A 194 -60.28 -77.21 44.35
C ASP A 194 -60.82 -78.62 44.52
N PRO A 203 -65.24 -69.73 46.68
CA PRO A 203 -65.22 -68.37 46.17
C PRO A 203 -64.60 -67.38 47.16
N HIS A 204 -63.80 -66.45 46.64
CA HIS A 204 -63.14 -65.45 47.47
C HIS A 204 -63.06 -64.08 46.78
N ILE A 205 -63.45 -63.04 47.53
CA ILE A 205 -63.44 -61.67 47.04
C ILE A 205 -62.20 -60.96 47.58
N PHE A 206 -61.51 -60.24 46.69
CA PHE A 206 -60.36 -59.43 47.07
C PHE A 206 -60.50 -58.02 46.46
N PRO A 207 -60.66 -56.99 47.31
CA PRO A 207 -60.73 -57.03 48.77
C PRO A 207 -62.09 -57.44 49.30
N GLU A 208 -62.17 -57.63 50.62
CA GLU A 208 -63.39 -58.06 51.30
C GLU A 208 -64.52 -57.03 51.14
N GLY A 209 -65.67 -57.50 50.67
CA GLY A 209 -66.90 -56.70 50.67
C GLY A 209 -67.24 -55.96 49.39
N SER A 210 -66.21 -55.46 48.70
CA SER A 210 -66.39 -54.66 47.48
C SER A 210 -66.91 -55.48 46.31
N GLU A 211 -67.71 -54.85 45.45
CA GLU A 211 -68.23 -55.50 44.25
C GLU A 211 -67.10 -55.87 43.28
N PRO A 212 -67.04 -57.16 42.86
CA PRO A 212 -66.02 -57.64 41.93
C PRO A 212 -66.18 -57.12 40.50
N LYS A 213 -65.05 -56.70 39.92
CA LYS A 213 -64.99 -56.22 38.54
C LYS A 213 -64.35 -57.26 37.61
N VAL A 214 -63.45 -58.07 38.17
CA VAL A 214 -62.66 -59.05 37.41
C VAL A 214 -62.85 -60.46 37.99
N TYR A 215 -63.45 -61.34 37.20
CA TYR A 215 -63.68 -62.72 37.62
C TYR A 215 -62.60 -63.64 37.07
N LEU A 216 -62.01 -64.45 37.95
CA LEU A 216 -60.90 -65.34 37.60
C LEU A 216 -61.09 -66.76 38.12
N LEU A 217 -60.53 -67.73 37.40
CA LEU A 217 -60.59 -69.13 37.81
C LEU A 217 -59.20 -69.70 38.04
N TYR A 218 -58.93 -70.11 39.28
CA TYR A 218 -57.65 -70.70 39.64
C TYR A 218 -57.66 -72.24 39.67
N ARG A 219 -56.85 -72.84 38.81
CA ARG A 219 -56.49 -74.26 38.87
C ARG A 219 -55.01 -74.33 39.21
N PRO A 220 -54.55 -75.44 39.81
CA PRO A 220 -53.13 -75.58 40.16
C PRO A 220 -52.18 -75.24 39.00
N GLY A 221 -51.63 -74.03 39.03
CA GLY A 221 -50.69 -73.57 37.99
C GLY A 221 -51.25 -72.69 36.89
N HIS A 222 -52.57 -72.44 36.92
CA HIS A 222 -53.25 -71.65 35.88
C HIS A 222 -54.15 -70.57 36.50
N TYR A 223 -54.30 -69.46 35.77
CA TYR A 223 -55.31 -68.43 36.06
C TYR A 223 -56.10 -68.14 34.79
N ASP A 224 -57.42 -68.16 34.87
CA ASP A 224 -58.28 -68.00 33.70
C ASP A 224 -59.31 -66.88 33.87
N ILE A 225 -59.62 -66.18 32.78
CA ILE A 225 -60.64 -65.15 32.81
C ILE A 225 -62.01 -65.79 32.67
N LEU A 226 -62.89 -65.50 33.63
CA LEU A 226 -64.30 -65.91 33.56
C LEU A 226 -65.14 -64.72 33.10
N TYR A 227 -66.37 -64.99 32.69
CA TYR A 227 -67.27 -63.93 32.25
C TYR A 227 -68.66 -64.08 32.87
N GLY B 1 -26.58 -58.83 13.28
CA GLY B 1 -27.63 -58.31 14.14
C GLY B 1 -27.08 -57.79 15.46
N VAL B 2 -26.94 -58.68 16.44
CA VAL B 2 -26.34 -58.36 17.73
C VAL B 2 -25.09 -59.23 17.94
N LYS B 3 -23.95 -58.56 18.12
CA LYS B 3 -22.69 -59.25 18.33
C LYS B 3 -22.60 -59.82 19.73
N VAL B 4 -22.20 -61.09 19.81
CA VAL B 4 -21.94 -61.76 21.07
C VAL B 4 -20.41 -61.83 21.24
N PRO B 5 -19.90 -61.53 22.45
CA PRO B 5 -18.46 -61.54 22.71
C PRO B 5 -17.85 -62.93 22.62
N ARG B 6 -16.52 -62.99 22.61
CA ARG B 6 -15.78 -64.26 22.52
C ARG B 6 -16.17 -65.22 23.64
N ASN B 7 -16.04 -64.75 24.88
CA ASN B 7 -16.08 -65.63 26.02
C ASN B 7 -17.46 -66.17 26.34
N PHE B 8 -18.47 -65.33 26.19
CA PHE B 8 -19.84 -65.73 26.45
C PHE B 8 -20.37 -66.66 25.38
N ARG B 9 -19.80 -66.58 24.18
CA ARG B 9 -20.10 -67.53 23.13
C ARG B 9 -19.45 -68.87 23.46
N LEU B 10 -18.17 -68.83 23.80
CA LEU B 10 -17.40 -70.06 24.02
C LEU B 10 -17.89 -70.89 25.19
N LEU B 11 -18.52 -70.25 26.17
CA LEU B 11 -19.10 -70.96 27.30
C LEU B 11 -20.34 -71.73 26.88
N GLU B 12 -21.14 -71.12 26.00
CA GLU B 12 -22.28 -71.80 25.38
C GLU B 12 -21.82 -72.99 24.56
N GLU B 13 -20.77 -72.78 23.78
CA GLU B 13 -20.18 -73.84 22.97
C GLU B 13 -19.75 -75.01 23.84
N LEU B 14 -19.14 -74.69 24.97
CA LEU B 14 -18.74 -75.69 25.96
C LEU B 14 -19.94 -76.47 26.48
N GLU B 15 -20.98 -75.75 26.87
CA GLU B 15 -22.20 -76.37 27.40
C GLU B 15 -22.78 -77.38 26.43
N GLU B 16 -22.96 -76.96 25.18
CA GLU B 16 -23.48 -77.81 24.13
C GLU B 16 -22.52 -78.98 23.85
N GLY B 17 -21.22 -78.68 23.88
CA GLY B 17 -20.18 -79.69 23.77
C GLY B 17 -20.24 -80.73 24.87
N GLN B 18 -20.68 -80.33 26.06
CA GLN B 18 -20.85 -81.26 27.18
C GLN B 18 -22.08 -82.14 27.05
N LYS B 19 -23.19 -81.56 26.61
CA LYS B 19 -24.44 -82.31 26.41
C LYS B 19 -24.40 -83.24 25.20
N GLY B 20 -23.63 -82.88 24.18
CA GLY B 20 -23.47 -83.71 22.99
C GLY B 20 -24.56 -83.52 21.96
N VAL B 21 -24.15 -83.38 20.70
CA VAL B 21 -25.08 -83.16 19.59
C VAL B 21 -25.20 -84.37 18.65
N GLY B 22 -26.44 -84.65 18.25
CA GLY B 22 -26.72 -85.75 17.33
C GLY B 22 -26.44 -87.10 17.95
N ASP B 23 -25.57 -87.86 17.29
CA ASP B 23 -25.15 -89.16 17.80
C ASP B 23 -23.84 -89.07 18.59
N GLY B 24 -22.87 -88.31 18.08
CA GLY B 24 -21.59 -88.14 18.74
C GLY B 24 -20.43 -88.22 17.79
N THR B 25 -20.72 -88.36 16.49
CA THR B 25 -19.68 -88.44 15.46
C THR B 25 -18.88 -87.15 15.34
N VAL B 26 -19.35 -86.10 16.00
CA VAL B 26 -18.55 -84.89 16.26
C VAL B 26 -18.71 -84.47 17.71
N SER B 27 -17.58 -84.27 18.38
CA SER B 27 -17.57 -83.77 19.76
C SER B 27 -16.38 -82.86 20.02
N TRP B 28 -16.58 -81.91 20.92
CA TRP B 28 -15.55 -80.95 21.32
C TRP B 28 -15.59 -80.71 22.83
N GLY B 29 -14.61 -79.96 23.32
CA GLY B 29 -14.47 -79.68 24.74
C GLY B 29 -13.12 -79.03 24.99
N LEU B 30 -12.96 -78.41 26.15
CA LEU B 30 -11.74 -77.69 26.45
C LEU B 30 -10.59 -78.65 26.68
N GLU B 31 -9.40 -78.25 26.24
CA GLU B 31 -8.19 -79.05 26.42
C GLU B 31 -7.81 -79.11 27.90
N ASP B 32 -8.02 -78.00 28.60
CA ASP B 32 -7.86 -77.94 30.06
C ASP B 32 -9.08 -77.23 30.63
N ASP B 33 -9.75 -77.88 31.58
CA ASP B 33 -10.98 -77.35 32.17
C ASP B 33 -10.74 -76.31 33.28
N GLU B 34 -9.48 -76.04 33.62
CA GLU B 34 -9.13 -74.99 34.56
C GLU B 34 -8.61 -73.76 33.84
N ASP B 35 -8.63 -73.84 32.51
CA ASP B 35 -8.13 -72.78 31.65
C ASP B 35 -9.19 -71.70 31.47
N MET B 36 -9.04 -70.58 32.17
CA MET B 36 -10.01 -69.49 32.11
C MET B 36 -9.97 -68.68 30.81
N THR B 37 -8.95 -68.91 29.99
CA THR B 37 -8.78 -68.19 28.71
C THR B 37 -9.65 -68.76 27.58
N LEU B 38 -10.06 -70.01 27.73
CA LEU B 38 -10.98 -70.69 26.81
C LEU B 38 -10.46 -70.82 25.38
N THR B 39 -9.15 -71.04 25.25
CA THR B 39 -8.51 -70.96 23.94
C THR B 39 -8.31 -72.31 23.24
N ARG B 40 -7.80 -73.30 23.97
CA ARG B 40 -7.51 -74.62 23.38
C ARG B 40 -8.64 -75.63 23.53
N TRP B 41 -9.13 -76.12 22.40
CA TRP B 41 -10.24 -77.06 22.37
C TRP B 41 -9.84 -78.40 21.72
N THR B 42 -10.43 -79.48 22.22
CA THR B 42 -10.16 -80.82 21.71
C THR B 42 -11.34 -81.31 20.89
N GLY B 43 -11.11 -81.51 19.60
CA GLY B 43 -12.14 -81.98 18.69
C GLY B 43 -12.02 -83.47 18.46
N MET B 44 -13.11 -84.08 17.99
CA MET B 44 -13.16 -85.53 17.80
C MET B 44 -14.17 -85.86 16.71
N ILE B 45 -13.68 -86.47 15.62
CA ILE B 45 -14.51 -86.86 14.47
C ILE B 45 -14.43 -88.37 14.25
N ILE B 46 -15.58 -89.03 14.25
CA ILE B 46 -15.69 -90.40 13.74
C ILE B 46 -15.85 -90.32 12.22
N GLY B 47 -15.00 -91.04 11.48
CA GLY B 47 -15.02 -91.04 10.01
C GLY B 47 -16.34 -91.51 9.40
N PRO B 48 -16.80 -90.83 8.34
CA PRO B 48 -18.08 -91.14 7.70
C PRO B 48 -18.08 -92.45 6.89
N PRO B 49 -19.15 -93.27 7.03
CA PRO B 49 -19.21 -94.60 6.43
C PRO B 49 -19.13 -94.58 4.91
N ARG B 50 -18.74 -95.72 4.31
CA ARG B 50 -18.52 -95.87 2.86
C ARG B 50 -17.34 -95.09 2.28
N THR B 51 -16.54 -94.47 3.15
CA THR B 51 -15.35 -93.77 2.73
C THR B 51 -14.14 -94.48 3.34
N ASN B 52 -12.94 -94.12 2.90
CA ASN B 52 -11.71 -94.70 3.45
C ASN B 52 -11.39 -94.21 4.87
N TYR B 53 -12.20 -93.29 5.36
CA TYR B 53 -12.05 -92.77 6.70
C TYR B 53 -12.90 -93.56 7.69
N GLU B 54 -13.78 -94.41 7.19
CA GLU B 54 -14.83 -95.00 8.01
C GLU B 54 -14.31 -95.77 9.23
N ASN B 55 -14.98 -95.54 10.36
CA ASN B 55 -14.68 -96.16 11.67
C ASN B 55 -13.30 -95.86 12.24
N ARG B 56 -12.83 -94.63 12.02
CA ARG B 56 -11.58 -94.17 12.60
C ARG B 56 -11.84 -92.93 13.42
N ILE B 57 -11.28 -92.90 14.62
CA ILE B 57 -11.42 -91.75 15.49
C ILE B 57 -10.30 -90.76 15.20
N TYR B 58 -10.69 -89.55 14.80
CA TYR B 58 -9.74 -88.48 14.45
C TYR B 58 -9.78 -87.39 15.49
N SER B 59 -8.72 -87.30 16.29
CA SER B 59 -8.63 -86.26 17.29
C SER B 59 -8.06 -84.99 16.67
N LEU B 60 -8.66 -83.86 17.02
CA LEU B 60 -8.22 -82.57 16.51
C LEU B 60 -7.94 -81.61 17.64
N LYS B 61 -7.20 -80.55 17.32
CA LYS B 61 -7.01 -79.42 18.21
C LYS B 61 -7.52 -78.17 17.52
N VAL B 62 -8.32 -77.39 18.24
CA VAL B 62 -8.89 -76.17 17.70
C VAL B 62 -8.48 -75.02 18.61
N GLU B 63 -8.06 -73.91 18.01
CA GLU B 63 -7.64 -72.75 18.76
C GLU B 63 -8.46 -71.53 18.38
N CYS B 64 -8.94 -70.81 19.39
CA CYS B 64 -9.79 -69.65 19.17
C CYS B 64 -9.04 -68.38 19.48
N GLY B 65 -8.75 -67.62 18.45
CA GLY B 65 -8.01 -66.36 18.58
C GLY B 65 -8.77 -65.32 19.40
N PRO B 66 -8.07 -64.26 19.83
CA PRO B 66 -8.67 -63.15 20.58
C PRO B 66 -9.87 -62.50 19.87
N LYS B 67 -10.13 -62.90 18.62
CA LYS B 67 -11.17 -62.26 17.80
C LYS B 67 -12.33 -63.17 17.41
N TYR B 68 -12.28 -64.43 17.86
CA TYR B 68 -13.37 -65.38 17.69
C TYR B 68 -14.65 -64.81 18.31
N PRO B 69 -15.81 -64.98 17.65
CA PRO B 69 -16.03 -65.67 16.38
C PRO B 69 -16.15 -64.73 15.17
N GLU B 70 -15.59 -63.53 15.26
CA GLU B 70 -15.58 -62.61 14.12
C GLU B 70 -14.63 -63.09 13.01
N ALA B 71 -13.58 -63.77 13.42
CA ALA B 71 -12.67 -64.46 12.50
C ALA B 71 -12.57 -65.93 12.90
N PRO B 72 -12.41 -66.83 11.91
CA PRO B 72 -12.41 -68.27 12.14
C PRO B 72 -11.36 -68.74 13.16
N PRO B 73 -11.54 -69.94 13.74
CA PRO B 73 -10.49 -70.54 14.56
C PRO B 73 -9.42 -71.14 13.67
N SER B 74 -8.25 -71.42 14.24
CA SER B 74 -7.25 -72.21 13.53
C SER B 74 -7.45 -73.65 13.96
N VAL B 75 -7.52 -74.55 12.99
CA VAL B 75 -7.80 -75.97 13.26
C VAL B 75 -6.64 -76.84 12.80
N ARG B 76 -6.37 -77.91 13.54
CA ARG B 76 -5.26 -78.82 13.24
C ARG B 76 -5.57 -80.25 13.67
N PHE B 77 -5.31 -81.20 12.77
CA PHE B 77 -5.43 -82.63 13.06
C PHE B 77 -4.26 -83.09 13.92
N VAL B 78 -4.56 -83.91 14.92
CA VAL B 78 -3.52 -84.59 15.69
C VAL B 78 -3.31 -85.96 15.06
N THR B 79 -4.41 -86.70 14.87
CA THR B 79 -4.39 -87.98 14.16
C THR B 79 -4.04 -87.71 12.69
N LYS B 80 -3.18 -88.56 12.13
CA LYS B 80 -2.76 -88.46 10.73
C LYS B 80 -3.90 -88.77 9.79
N ILE B 81 -4.00 -87.97 8.73
CA ILE B 81 -5.08 -88.10 7.75
C ILE B 81 -4.60 -87.67 6.37
N ASN B 82 -5.18 -88.27 5.33
CA ASN B 82 -4.93 -87.85 3.96
C ASN B 82 -6.16 -87.17 3.35
N MET B 83 -6.18 -85.85 3.42
CA MET B 83 -7.37 -85.08 3.04
C MET B 83 -7.01 -83.72 2.44
N ASN B 84 -7.69 -83.34 1.36
CA ASN B 84 -7.49 -82.03 0.72
C ASN B 84 -7.67 -80.89 1.72
N GLY B 85 -6.60 -80.14 1.94
CA GLY B 85 -6.62 -79.01 2.87
C GLY B 85 -5.86 -79.24 4.18
N ILE B 86 -5.31 -80.45 4.35
CA ILE B 86 -4.61 -80.84 5.57
C ILE B 86 -3.13 -81.18 5.31
N ASN B 87 -2.24 -80.43 5.94
CA ASN B 87 -0.79 -80.55 5.78
C ASN B 87 -0.21 -81.91 6.24
N ASN B 88 0.67 -82.49 5.43
CA ASN B 88 1.24 -83.82 5.68
C ASN B 88 2.24 -83.90 6.85
N SER B 89 2.84 -82.77 7.19
CA SER B 89 3.83 -82.69 8.26
C SER B 89 3.18 -82.36 9.61
N SER B 90 2.33 -81.33 9.60
CA SER B 90 1.76 -80.75 10.82
C SER B 90 0.34 -81.21 11.11
N GLY B 91 -0.46 -81.37 10.05
CA GLY B 91 -1.87 -81.69 10.19
C GLY B 91 -2.72 -80.43 10.26
N MET B 92 -2.15 -79.32 9.80
CA MET B 92 -2.81 -78.03 9.84
C MET B 92 -3.84 -77.93 8.73
N VAL B 93 -4.98 -77.30 9.02
CA VAL B 93 -6.04 -77.16 8.03
C VAL B 93 -5.98 -75.82 7.32
N ASP B 94 -5.69 -75.87 6.02
CA ASP B 94 -5.60 -74.68 5.16
C ASP B 94 -6.94 -73.94 5.08
N ALA B 95 -6.93 -72.69 5.54
CA ALA B 95 -8.14 -71.88 5.66
C ALA B 95 -8.84 -71.55 4.34
N ARG B 96 -8.08 -71.49 3.24
CA ARG B 96 -8.65 -71.16 1.93
C ARG B 96 -9.49 -72.29 1.35
N SER B 97 -8.99 -73.52 1.48
CA SER B 97 -9.59 -74.69 0.83
C SER B 97 -10.77 -75.31 1.60
N ILE B 98 -11.15 -74.69 2.72
CA ILE B 98 -12.31 -75.14 3.48
C ILE B 98 -13.42 -74.08 3.43
N PRO B 99 -14.57 -74.42 2.78
CA PRO B 99 -15.63 -73.44 2.46
C PRO B 99 -16.26 -72.73 3.66
N VAL B 100 -16.10 -73.31 4.85
CA VAL B 100 -16.66 -72.71 6.07
C VAL B 100 -15.69 -71.72 6.73
N LEU B 101 -14.39 -71.95 6.52
CA LEU B 101 -13.35 -71.08 7.08
C LEU B 101 -13.03 -69.94 6.12
N ALA B 102 -13.05 -70.25 4.81
CA ALA B 102 -12.84 -69.25 3.78
C ALA B 102 -14.04 -68.29 3.73
N LYS B 103 -15.24 -68.85 3.75
CA LYS B 103 -16.48 -68.07 3.74
C LYS B 103 -17.05 -67.95 5.16
N TRP B 104 -16.19 -67.57 6.10
CA TRP B 104 -16.54 -67.53 7.50
C TRP B 104 -17.58 -66.46 7.84
N GLN B 105 -18.68 -66.92 8.45
CA GLN B 105 -19.67 -66.04 9.06
C GLN B 105 -19.48 -66.15 10.56
N ASN B 106 -19.85 -65.09 11.30
CA ASN B 106 -19.70 -65.09 12.75
C ASN B 106 -20.65 -66.03 13.50
N SER B 107 -21.72 -66.45 12.80
CA SER B 107 -22.69 -67.39 13.37
C SER B 107 -22.17 -68.83 13.47
N TYR B 108 -21.10 -69.14 12.73
CA TYR B 108 -20.52 -70.49 12.74
C TYR B 108 -19.86 -70.83 14.08
N SER B 109 -20.01 -72.08 14.50
CA SER B 109 -19.44 -72.52 15.76
C SER B 109 -18.44 -73.63 15.51
N ILE B 110 -17.68 -73.98 16.55
CA ILE B 110 -16.75 -75.12 16.49
C ILE B 110 -17.45 -76.44 16.12
N LYS B 111 -18.74 -76.54 16.43
CA LYS B 111 -19.57 -77.64 15.96
C LYS B 111 -19.63 -77.62 14.43
N VAL B 112 -20.09 -76.49 13.88
CA VAL B 112 -20.28 -76.30 12.44
C VAL B 112 -19.00 -76.62 11.67
N VAL B 113 -17.86 -76.21 12.23
CA VAL B 113 -16.55 -76.46 11.64
C VAL B 113 -16.22 -77.95 11.58
N LEU B 114 -16.53 -78.67 12.65
CA LEU B 114 -16.20 -80.10 12.75
C LEU B 114 -17.07 -80.96 11.83
N GLN B 115 -18.34 -80.59 11.71
CA GLN B 115 -19.23 -81.26 10.79
C GLN B 115 -18.83 -80.97 9.34
N GLU B 116 -18.39 -79.75 9.09
CA GLU B 116 -17.99 -79.35 7.74
C GLU B 116 -16.79 -80.16 7.27
N LEU B 117 -15.87 -80.45 8.19
CA LEU B 117 -14.75 -81.34 7.89
C LEU B 117 -15.25 -82.75 7.67
N ARG B 118 -16.22 -83.18 8.49
CA ARG B 118 -16.79 -84.52 8.38
C ARG B 118 -17.58 -84.71 7.09
N ARG B 119 -18.16 -83.61 6.61
CA ARG B 119 -18.88 -83.61 5.34
C ARG B 119 -17.91 -83.71 4.16
N LEU B 120 -16.79 -82.98 4.25
CA LEU B 120 -15.80 -82.93 3.16
C LEU B 120 -14.99 -84.22 2.99
N MET B 121 -15.03 -85.07 4.02
CA MET B 121 -14.48 -86.43 3.95
C MET B 121 -15.37 -87.35 3.09
N MET B 122 -16.62 -86.94 2.88
CA MET B 122 -17.54 -87.66 2.01
C MET B 122 -17.45 -87.21 0.56
N SER B 123 -16.78 -86.08 0.34
CA SER B 123 -16.58 -85.51 -0.99
C SER B 123 -15.89 -86.53 -1.91
N LYS B 124 -16.18 -86.47 -3.22
CA LYS B 124 -15.64 -87.45 -4.17
C LYS B 124 -14.11 -87.50 -4.26
N GLU B 125 -13.46 -86.36 -4.10
CA GLU B 125 -12.00 -86.30 -4.19
C GLU B 125 -11.29 -86.61 -2.87
N ASN B 126 -12.04 -87.09 -1.87
CA ASN B 126 -11.46 -87.47 -0.57
C ASN B 126 -11.79 -88.88 -0.13
N MET B 127 -13.02 -89.32 -0.42
CA MET B 127 -13.56 -90.57 0.14
C MET B 127 -12.77 -91.83 -0.22
N LYS B 128 -12.02 -91.76 -1.32
CA LYS B 128 -11.32 -92.92 -1.86
C LYS B 128 -9.79 -92.85 -1.70
N LEU B 129 -9.30 -91.73 -1.16
CA LEU B 129 -7.85 -91.53 -0.96
C LEU B 129 -7.26 -92.56 0.01
N PRO B 130 -6.10 -93.15 -0.35
CA PRO B 130 -5.41 -94.10 0.53
C PRO B 130 -4.95 -93.44 1.82
N GLN B 131 -5.17 -94.12 2.94
CA GLN B 131 -4.96 -93.56 4.27
C GLN B 131 -3.69 -94.10 4.93
N PRO B 132 -3.11 -93.32 5.87
CA PRO B 132 -2.02 -93.83 6.71
C PRO B 132 -2.52 -94.87 7.71
N PRO B 133 -1.59 -95.59 8.37
CA PRO B 133 -1.95 -96.55 9.42
C PRO B 133 -2.69 -95.90 10.59
N GLU B 134 -3.61 -96.66 11.19
CA GLU B 134 -4.51 -96.14 12.22
C GLU B 134 -3.80 -95.84 13.54
N GLY B 135 -4.34 -94.85 14.27
CA GLY B 135 -3.84 -94.46 15.59
C GLY B 135 -2.48 -93.78 15.57
N GLN B 136 -2.22 -93.02 14.51
CA GLN B 136 -0.92 -92.42 14.31
C GLN B 136 -1.02 -90.91 14.27
N THR B 137 -0.12 -90.23 14.99
CA THR B 137 -0.16 -88.78 15.09
C THR B 137 1.03 -88.09 14.42
N TYR B 138 0.90 -86.79 14.21
CA TYR B 138 1.98 -85.95 13.70
C TYR B 138 2.96 -85.61 14.84
N LEU C 2 -30.79 -50.77 19.94
CA LEU C 2 -30.55 -50.51 21.40
C LEU C 2 -31.75 -49.87 22.08
N PRO C 3 -32.19 -50.45 23.21
CA PRO C 3 -33.24 -49.85 24.03
C PRO C 3 -32.76 -48.57 24.69
N ARG C 4 -33.70 -47.68 25.01
CA ARG C 4 -33.39 -46.50 25.81
C ARG C 4 -32.89 -46.91 27.18
N ARG C 5 -33.38 -48.06 27.65
CA ARG C 5 -32.93 -48.68 28.89
C ARG C 5 -31.41 -48.87 28.91
N ILE C 6 -30.86 -49.45 27.86
CA ILE C 6 -29.42 -49.76 27.82
C ILE C 6 -28.55 -48.50 27.73
N ILE C 7 -28.92 -47.57 26.86
CA ILE C 7 -28.16 -46.32 26.76
C ILE C 7 -28.24 -45.47 28.03
N LYS C 8 -29.40 -45.44 28.69
CA LYS C 8 -29.54 -44.70 29.95
C LYS C 8 -28.83 -45.36 31.12
N GLU C 9 -28.80 -46.69 31.14
CA GLU C 9 -28.11 -47.44 32.20
C GLU C 9 -26.60 -47.23 32.16
N THR C 10 -26.04 -47.22 30.96
CA THR C 10 -24.62 -46.98 30.78
C THR C 10 -24.24 -45.59 31.28
N GLN C 11 -25.08 -44.61 30.97
CA GLN C 11 -24.80 -43.22 31.33
C GLN C 11 -24.91 -42.97 32.83
N ARG C 12 -25.88 -43.62 33.47
CA ARG C 12 -26.06 -43.52 34.92
C ARG C 12 -24.98 -44.31 35.67
N LEU C 13 -24.53 -45.41 35.09
CA LEU C 13 -23.49 -46.22 35.70
C LEU C 13 -22.16 -45.49 35.70
N LEU C 14 -21.92 -44.71 34.64
CA LEU C 14 -20.71 -43.89 34.54
C LEU C 14 -20.80 -42.59 35.32
N ALA C 15 -22.00 -42.04 35.43
CA ALA C 15 -22.26 -40.80 36.16
C ALA C 15 -22.03 -40.94 37.67
N GLU C 16 -22.33 -42.13 38.20
CA GLU C 16 -22.20 -42.39 39.63
C GLU C 16 -21.56 -43.76 39.89
N PRO C 17 -20.22 -43.77 40.03
CA PRO C 17 -19.50 -45.03 40.14
C PRO C 17 -19.60 -45.63 41.52
N VAL C 18 -19.66 -46.96 41.60
CA VAL C 18 -19.56 -47.66 42.87
C VAL C 18 -18.08 -47.68 43.23
N PRO C 19 -17.74 -47.19 44.44
CA PRO C 19 -16.33 -47.23 44.87
C PRO C 19 -15.79 -48.66 44.96
N GLY C 20 -14.64 -48.89 44.31
CA GLY C 20 -14.02 -50.20 44.25
C GLY C 20 -14.35 -50.97 42.99
N ILE C 21 -14.99 -50.30 42.02
CA ILE C 21 -15.39 -50.93 40.75
C ILE C 21 -15.28 -49.97 39.56
N LYS C 22 -14.36 -50.29 38.65
CA LYS C 22 -14.28 -49.63 37.36
C LYS C 22 -15.09 -50.46 36.36
N ALA C 23 -15.90 -49.82 35.53
CA ALA C 23 -16.74 -50.54 34.56
C ALA C 23 -16.97 -49.77 33.26
N GLU C 24 -16.06 -49.93 32.30
CA GLU C 24 -16.15 -49.21 31.02
C GLU C 24 -16.76 -50.07 29.92
N PRO C 25 -17.80 -49.55 29.25
CA PRO C 25 -18.35 -50.24 28.08
C PRO C 25 -17.39 -50.19 26.90
N ASP C 26 -17.36 -51.26 26.11
CA ASP C 26 -16.56 -51.31 24.91
C ASP C 26 -17.20 -50.46 23.82
N GLU C 27 -16.41 -49.59 23.21
CA GLU C 27 -16.88 -48.68 22.16
C GLU C 27 -17.34 -49.45 20.90
N SER C 28 -16.83 -50.68 20.76
CA SER C 28 -17.15 -51.56 19.64
C SER C 28 -18.45 -52.34 19.85
N ASN C 29 -18.72 -52.71 21.10
CA ASN C 29 -19.92 -53.47 21.46
C ASN C 29 -20.53 -52.90 22.74
N ALA C 30 -21.46 -51.95 22.58
CA ALA C 30 -22.09 -51.24 23.71
C ALA C 30 -22.83 -52.15 24.70
N ARG C 31 -22.90 -53.44 24.39
CA ARG C 31 -23.54 -54.42 25.26
C ARG C 31 -22.53 -55.13 26.15
N TYR C 32 -21.26 -54.99 25.81
CA TYR C 32 -20.17 -55.60 26.55
C TYR C 32 -19.49 -54.57 27.46
N PHE C 33 -19.21 -54.97 28.70
CA PHE C 33 -18.61 -54.10 29.71
C PHE C 33 -17.38 -54.75 30.36
N HIS C 34 -16.24 -54.06 30.30
CA HIS C 34 -15.03 -54.48 31.00
C HIS C 34 -15.13 -54.05 32.46
N VAL C 35 -15.37 -54.98 33.35
CA VAL C 35 -15.52 -54.66 34.78
C VAL C 35 -14.27 -55.07 35.56
N VAL C 36 -13.76 -54.14 36.37
CA VAL C 36 -12.64 -54.45 37.27
C VAL C 36 -13.06 -54.17 38.71
N ILE C 37 -12.78 -55.11 39.61
CA ILE C 37 -13.13 -54.98 41.01
C ILE C 37 -11.91 -55.12 41.89
N ALA C 38 -11.72 -54.16 42.79
CA ALA C 38 -10.68 -54.24 43.81
C ALA C 38 -11.17 -55.19 44.91
N GLY C 39 -10.26 -56.03 45.41
CA GLY C 39 -10.59 -56.96 46.47
C GLY C 39 -10.85 -56.18 47.74
N PRO C 40 -12.07 -56.30 48.31
CA PRO C 40 -12.48 -55.52 49.48
C PRO C 40 -11.44 -55.57 50.60
N GLN C 41 -11.21 -54.43 51.24
CA GLN C 41 -10.36 -54.40 52.41
C GLN C 41 -10.97 -55.32 53.46
N ASP C 42 -10.10 -56.00 54.21
CA ASP C 42 -10.49 -56.90 55.30
C ASP C 42 -11.01 -58.27 54.82
N SER C 43 -10.95 -58.50 53.51
CA SER C 43 -11.35 -59.77 52.92
C SER C 43 -10.12 -60.66 52.63
N PRO C 44 -10.35 -61.93 52.23
CA PRO C 44 -9.21 -62.76 51.85
C PRO C 44 -8.64 -62.35 50.49
N PHE C 45 -9.26 -61.36 49.88
CA PHE C 45 -8.92 -60.93 48.54
C PHE C 45 -8.29 -59.54 48.50
N GLU C 46 -8.00 -58.99 49.68
CA GLU C 46 -7.44 -57.66 49.82
C GLU C 46 -6.17 -57.50 49.00
N GLY C 47 -6.06 -56.37 48.30
CA GLY C 47 -4.87 -56.06 47.51
C GLY C 47 -4.89 -56.61 46.11
N GLY C 48 -5.82 -57.52 45.86
CA GLY C 48 -6.01 -58.08 44.52
C GLY C 48 -6.96 -57.25 43.71
N THR C 49 -6.78 -57.29 42.40
CA THR C 49 -7.69 -56.62 41.46
C THR C 49 -8.22 -57.68 40.50
N PHE C 50 -9.54 -57.81 40.42
CA PHE C 50 -10.15 -58.93 39.71
C PHE C 50 -10.91 -58.48 38.47
N LYS C 51 -10.58 -59.08 37.34
CA LYS C 51 -11.25 -58.78 36.08
C LYS C 51 -12.55 -59.56 35.91
N LEU C 52 -13.60 -58.84 35.52
CA LEU C 52 -14.87 -59.47 35.16
C LEU C 52 -15.34 -58.89 33.82
N GLU C 53 -16.31 -59.59 33.21
CA GLU C 53 -16.95 -59.09 32.00
C GLU C 53 -18.46 -59.22 32.11
N LEU C 54 -19.14 -58.17 31.65
CA LEU C 54 -20.59 -58.13 31.67
C LEU C 54 -21.13 -58.02 30.26
N PHE C 55 -22.13 -58.84 29.95
CA PHE C 55 -22.80 -58.78 28.66
C PHE C 55 -24.31 -58.68 28.85
N LEU C 56 -24.92 -57.75 28.12
CA LEU C 56 -26.37 -57.58 28.13
C LEU C 56 -26.96 -58.28 26.91
N PRO C 57 -27.63 -59.44 27.13
CA PRO C 57 -28.15 -60.32 26.07
C PRO C 57 -29.25 -59.69 25.22
N GLU C 58 -29.56 -60.35 24.12
CA GLU C 58 -30.65 -59.96 23.21
C GLU C 58 -31.89 -59.51 23.98
N GLU C 59 -32.27 -60.32 24.96
CA GLU C 59 -33.52 -60.17 25.68
C GLU C 59 -33.53 -59.06 26.74
N TYR C 60 -32.34 -58.61 27.15
CA TYR C 60 -32.23 -57.59 28.21
C TYR C 60 -33.19 -56.44 27.97
N PRO C 61 -33.89 -55.98 29.03
CA PRO C 61 -33.77 -56.40 30.43
C PRO C 61 -34.70 -57.52 30.86
N MET C 62 -35.27 -58.26 29.92
CA MET C 62 -36.12 -59.40 30.27
C MET C 62 -35.24 -60.53 30.79
N ALA C 63 -34.25 -60.94 30.01
CA ALA C 63 -33.26 -61.92 30.46
C ALA C 63 -32.19 -61.21 31.29
N ALA C 64 -31.62 -61.94 32.24
CA ALA C 64 -30.61 -61.39 33.13
C ALA C 64 -29.31 -61.13 32.39
N PRO C 65 -28.47 -60.23 32.90
CA PRO C 65 -27.14 -60.03 32.33
C PRO C 65 -26.27 -61.28 32.48
N LYS C 66 -25.24 -61.38 31.65
CA LYS C 66 -24.25 -62.44 31.74
C LYS C 66 -22.98 -61.88 32.38
N VAL C 67 -22.52 -62.52 33.47
CA VAL C 67 -21.29 -62.08 34.13
C VAL C 67 -20.39 -63.28 34.43
N ARG C 68 -19.10 -63.04 34.32
CA ARG C 68 -18.07 -64.06 34.51
C ARG C 68 -16.75 -63.43 34.95
N PHE C 69 -16.06 -64.08 35.90
CA PHE C 69 -14.73 -63.69 36.29
C PHE C 69 -13.69 -64.06 35.24
N MET C 70 -12.82 -63.10 34.90
CA MET C 70 -11.70 -63.34 34.01
C MET C 70 -10.51 -63.79 34.83
N THR C 71 -10.44 -63.30 36.06
CA THR C 71 -9.38 -63.65 37.01
C THR C 71 -9.72 -64.90 37.80
N LYS C 72 -8.80 -65.84 37.84
CA LYS C 72 -8.92 -67.02 38.71
C LYS C 72 -9.12 -66.61 40.16
N ILE C 73 -10.09 -67.23 40.83
CA ILE C 73 -10.43 -66.86 42.21
C ILE C 73 -11.00 -68.03 43.03
N TYR C 74 -10.49 -68.19 44.25
CA TYR C 74 -10.97 -69.21 45.18
C TYR C 74 -12.12 -68.65 46.01
N HIS C 75 -13.33 -69.02 45.60
CA HIS C 75 -14.55 -68.49 46.19
C HIS C 75 -15.65 -69.52 45.97
N PRO C 76 -16.54 -69.67 46.96
CA PRO C 76 -17.63 -70.65 46.85
C PRO C 76 -18.52 -70.41 45.64
N ASN C 77 -18.85 -69.16 45.38
CA ASN C 77 -19.79 -68.82 44.33
C ASN C 77 -19.19 -68.78 42.93
N VAL C 78 -17.87 -68.89 42.85
CA VAL C 78 -17.18 -68.85 41.57
C VAL C 78 -16.60 -70.22 41.24
N ASP C 79 -16.71 -70.63 39.98
CA ASP C 79 -16.18 -71.92 39.57
C ASP C 79 -14.83 -71.80 38.84
N LYS C 80 -14.35 -72.93 38.35
CA LYS C 80 -13.02 -73.03 37.72
C LYS C 80 -12.88 -72.24 36.42
N LEU C 81 -14.01 -71.87 35.82
CA LEU C 81 -14.03 -71.08 34.59
C LEU C 81 -14.54 -69.67 34.79
N GLY C 82 -14.88 -69.32 36.03
CA GLY C 82 -15.28 -67.97 36.40
C GLY C 82 -16.78 -67.70 36.42
N ARG C 83 -17.57 -68.76 36.28
CA ARG C 83 -19.03 -68.64 36.22
C ARG C 83 -19.64 -68.42 37.59
N ILE C 84 -20.34 -67.31 37.74
CA ILE C 84 -20.82 -66.86 39.05
C ILE C 84 -22.17 -67.44 39.39
N CYS C 85 -22.20 -68.18 40.48
CA CYS C 85 -23.45 -68.71 41.01
C CYS C 85 -24.03 -67.66 41.95
N LEU C 86 -25.08 -67.00 41.49
CA LEU C 86 -25.74 -65.92 42.22
C LEU C 86 -27.18 -65.83 41.77
N ASP C 87 -28.09 -65.75 42.76
CA ASP C 87 -29.53 -65.83 42.53
C ASP C 87 -30.03 -64.83 41.49
N ILE C 88 -29.61 -63.58 41.63
CA ILE C 88 -30.09 -62.52 40.76
C ILE C 88 -29.49 -62.58 39.35
N LEU C 89 -28.84 -63.68 39.02
CA LEU C 89 -28.30 -63.89 37.68
C LEU C 89 -28.98 -65.06 36.97
N LYS C 90 -29.95 -65.65 37.63
CA LYS C 90 -30.74 -66.74 37.09
C LYS C 90 -32.20 -66.66 37.57
N ASP C 91 -32.57 -67.47 38.55
CA ASP C 91 -33.95 -67.53 39.08
C ASP C 91 -34.51 -66.15 39.44
N LYS C 92 -33.86 -65.50 40.38
CA LYS C 92 -34.41 -64.35 41.07
C LYS C 92 -34.01 -63.02 40.45
N TRP C 93 -33.98 -62.97 39.12
CA TRP C 93 -33.74 -61.72 38.42
C TRP C 93 -35.05 -61.13 37.92
N SER C 94 -35.31 -59.89 38.32
CA SER C 94 -36.46 -59.15 37.79
C SER C 94 -35.98 -58.11 36.78
N PRO C 95 -36.80 -57.83 35.75
CA PRO C 95 -36.47 -56.79 34.75
C PRO C 95 -36.28 -55.40 35.36
N ALA C 96 -36.84 -55.20 36.55
CA ALA C 96 -36.70 -53.94 37.30
C ALA C 96 -35.28 -53.70 37.82
N LEU C 97 -34.58 -54.77 38.21
CA LEU C 97 -33.19 -54.68 38.70
C LEU C 97 -32.28 -54.14 37.60
N GLN C 98 -31.21 -53.45 37.98
CA GLN C 98 -30.27 -52.90 37.01
C GLN C 98 -28.88 -53.55 37.11
N ILE C 99 -27.94 -53.05 36.32
CA ILE C 99 -26.57 -53.57 36.33
C ILE C 99 -25.90 -53.33 37.68
N ARG C 100 -25.91 -52.08 38.16
CA ARG C 100 -25.18 -51.74 39.37
C ARG C 100 -25.61 -52.59 40.58
N THR C 101 -26.81 -53.16 40.52
CA THR C 101 -27.27 -54.09 41.56
C THR C 101 -26.46 -55.37 41.47
N VAL C 102 -26.46 -55.98 40.28
CA VAL C 102 -25.64 -57.14 40.00
C VAL C 102 -24.20 -56.86 40.42
N LEU C 103 -23.71 -55.70 39.98
CA LEU C 103 -22.31 -55.34 40.11
C LEU C 103 -21.81 -55.34 41.56
N LEU C 104 -22.46 -54.59 42.42
CA LEU C 104 -22.04 -54.55 43.81
C LEU C 104 -22.52 -55.76 44.61
N SER C 105 -23.50 -56.48 44.07
CA SER C 105 -23.91 -57.77 44.61
C SER C 105 -22.75 -58.75 44.54
N ILE C 106 -22.04 -58.75 43.41
CA ILE C 106 -20.80 -59.51 43.24
C ILE C 106 -19.75 -59.04 44.24
N GLN C 107 -19.71 -57.74 44.47
CA GLN C 107 -18.74 -57.14 45.38
C GLN C 107 -18.98 -57.57 46.82
N ALA C 108 -20.26 -57.59 47.22
CA ALA C 108 -20.66 -58.06 48.54
C ALA C 108 -20.21 -59.48 48.77
N LEU C 109 -20.40 -60.33 47.76
CA LEU C 109 -19.89 -61.71 47.77
C LEU C 109 -18.40 -61.77 48.16
N LEU C 110 -17.57 -60.99 47.47
CA LEU C 110 -16.13 -60.94 47.75
C LEU C 110 -15.84 -60.46 49.17
N SER C 111 -16.58 -59.46 49.62
CA SER C 111 -16.39 -58.89 50.95
C SER C 111 -16.58 -59.93 52.05
N ALA C 112 -17.67 -60.68 51.98
CA ALA C 112 -17.93 -61.71 52.96
C ALA C 112 -18.48 -62.98 52.32
N PRO C 113 -17.58 -63.91 51.93
CA PRO C 113 -17.92 -65.16 51.22
C PRO C 113 -18.90 -66.02 52.02
N ASN C 114 -19.62 -66.91 51.33
CA ASN C 114 -20.77 -67.66 51.90
C ASN C 114 -20.52 -68.39 53.23
N PRO C 115 -21.53 -69.09 53.78
CA PRO C 115 -22.91 -69.27 53.31
C PRO C 115 -24.02 -68.74 54.21
N ASP C 116 -24.84 -67.85 53.66
CA ASP C 116 -26.20 -67.69 54.16
C ASP C 116 -27.06 -68.56 53.23
N ASP C 117 -27.16 -69.84 53.59
CA ASP C 117 -27.66 -70.92 52.72
C ASP C 117 -26.55 -71.41 51.75
N PRO C 118 -25.95 -72.58 52.04
CA PRO C 118 -24.80 -73.06 51.27
C PRO C 118 -25.18 -73.70 49.93
N LEU C 119 -24.45 -73.33 48.88
CA LEU C 119 -24.56 -73.96 47.56
C LEU C 119 -23.63 -75.17 47.56
N ALA C 120 -23.95 -76.19 46.78
CA ALA C 120 -23.20 -77.44 46.81
C ALA C 120 -22.10 -77.53 45.74
N ASN C 121 -20.86 -77.21 46.12
CA ASN C 121 -19.69 -77.47 45.29
C ASN C 121 -18.43 -77.76 46.11
N ASP C 122 -17.33 -78.08 45.43
CA ASP C 122 -16.10 -78.55 46.08
C ASP C 122 -15.39 -77.44 46.89
N VAL C 123 -15.49 -76.21 46.42
CA VAL C 123 -14.90 -75.05 47.08
C VAL C 123 -15.72 -74.64 48.32
N ALA C 124 -17.05 -74.62 48.16
CA ALA C 124 -17.96 -74.22 49.24
C ALA C 124 -17.92 -75.19 50.40
N GLU C 125 -17.81 -76.48 50.09
CA GLU C 125 -17.62 -77.52 51.11
C GLU C 125 -16.34 -77.29 51.92
N GLN C 126 -15.28 -76.84 51.24
CA GLN C 126 -14.00 -76.51 51.88
C GLN C 126 -14.10 -75.32 52.84
N TRP C 127 -14.98 -74.38 52.51
CA TRP C 127 -15.20 -73.21 53.34
C TRP C 127 -16.09 -73.55 54.53
N LYS C 128 -16.97 -74.52 54.34
CA LYS C 128 -17.95 -74.87 55.36
C LYS C 128 -17.34 -75.60 56.55
N THR C 129 -16.18 -76.20 56.35
CA THR C 129 -15.47 -76.88 57.42
C THR C 129 -14.14 -76.18 57.71
N ASN C 130 -13.18 -76.34 56.81
CA ASN C 130 -11.84 -75.80 57.01
C ASN C 130 -11.75 -74.34 56.57
N GLU C 131 -12.46 -73.46 57.29
CA GLU C 131 -12.57 -72.04 56.90
C GLU C 131 -11.25 -71.28 56.92
N ALA C 132 -10.52 -71.39 58.03
CA ALA C 132 -9.21 -70.73 58.17
C ALA C 132 -8.23 -71.19 57.08
N GLN C 133 -8.31 -72.47 56.73
CA GLN C 133 -7.55 -73.06 55.64
C GLN C 133 -7.99 -72.51 54.31
N ALA C 134 -9.31 -72.36 54.14
CA ALA C 134 -9.89 -71.81 52.92
C ALA C 134 -9.48 -70.36 52.69
N ILE C 135 -9.52 -69.55 53.75
CA ILE C 135 -9.13 -68.13 53.69
C ILE C 135 -7.65 -67.97 53.31
N GLU C 136 -6.80 -68.84 53.82
CA GLU C 136 -5.40 -68.83 53.42
C GLU C 136 -5.18 -69.28 51.97
N THR C 137 -6.07 -70.13 51.46
CA THR C 137 -6.03 -70.55 50.06
C THR C 137 -6.40 -69.39 49.15
N ALA C 138 -7.45 -68.66 49.55
CA ALA C 138 -7.92 -67.50 48.81
C ALA C 138 -6.89 -66.39 48.80
N ARG C 139 -6.19 -66.24 49.93
CA ARG C 139 -5.10 -65.26 50.03
C ARG C 139 -3.97 -65.59 49.05
N ALA C 140 -3.66 -66.88 48.95
CA ALA C 140 -2.60 -67.38 48.07
C ALA C 140 -2.96 -67.24 46.60
N TRP C 141 -4.23 -67.48 46.28
CA TRP C 141 -4.72 -67.38 44.90
C TRP C 141 -4.87 -65.92 44.48
N THR C 142 -5.10 -65.05 45.45
CA THR C 142 -5.09 -63.62 45.21
C THR C 142 -3.69 -63.18 44.78
N ARG C 143 -2.67 -63.76 45.42
CA ARG C 143 -1.27 -63.45 45.11
C ARG C 143 -0.85 -63.82 43.69
N LEU C 144 -1.08 -65.08 43.29
CA LEU C 144 -0.61 -65.57 41.98
C LEU C 144 -1.49 -65.26 40.78
N TYR C 145 -2.71 -64.79 41.02
CA TYR C 145 -3.63 -64.52 39.92
C TYR C 145 -4.13 -63.08 39.85
N ALA C 146 -4.42 -62.49 41.00
CA ALA C 146 -5.02 -61.16 41.05
C ALA C 146 -4.02 -60.03 41.21
N MET C 147 -2.75 -60.34 41.40
CA MET C 147 -1.78 -59.30 41.77
C MET C 147 -0.75 -58.92 40.72
N ASN C 148 -1.14 -59.02 39.45
CA ASN C 148 -0.40 -58.41 38.32
C ASN C 148 -1.26 -58.23 37.07
N VAL D 2 -96.12 -26.83 8.49
CA VAL D 2 -95.03 -26.74 9.50
C VAL D 2 -93.76 -27.50 9.07
N LYS D 3 -92.61 -26.87 9.30
CA LYS D 3 -91.32 -27.51 9.02
C LYS D 3 -90.68 -28.14 10.26
N VAL D 4 -90.08 -29.31 10.05
CA VAL D 4 -89.44 -30.10 11.10
C VAL D 4 -87.91 -29.93 11.03
N PRO D 5 -87.31 -29.38 12.10
CA PRO D 5 -85.86 -29.20 12.19
C PRO D 5 -85.12 -30.53 12.11
N ARG D 6 -83.84 -30.47 11.76
CA ARG D 6 -83.04 -31.66 11.47
C ARG D 6 -83.09 -32.70 12.59
N ASN D 7 -82.65 -32.29 13.77
CA ASN D 7 -82.43 -33.19 14.89
C ASN D 7 -83.68 -33.94 15.32
N PHE D 8 -84.85 -33.36 15.03
CA PHE D 8 -86.13 -34.00 15.31
C PHE D 8 -86.63 -34.86 14.15
N ARG D 9 -86.32 -34.44 12.92
CA ARG D 9 -86.63 -35.22 11.73
C ARG D 9 -85.90 -36.56 11.75
N LEU D 10 -84.64 -36.54 12.14
CA LEU D 10 -83.85 -37.76 12.21
C LEU D 10 -84.32 -38.68 13.34
N LEU D 11 -84.84 -38.09 14.42
CA LEU D 11 -85.43 -38.87 15.50
C LEU D 11 -86.57 -39.73 15.00
N GLU D 12 -87.38 -39.16 14.09
CA GLU D 12 -88.42 -39.91 13.37
C GLU D 12 -87.78 -41.03 12.56
N GLU D 13 -86.80 -40.65 11.74
CA GLU D 13 -86.07 -41.57 10.87
C GLU D 13 -85.57 -42.78 11.62
N LEU D 14 -85.03 -42.55 12.82
CA LEU D 14 -84.53 -43.62 13.66
C LEU D 14 -85.65 -44.53 14.16
N GLU D 15 -86.74 -43.93 14.65
CA GLU D 15 -87.85 -44.69 15.24
C GLU D 15 -88.62 -45.50 14.20
N GLU D 16 -88.71 -44.94 12.99
CA GLU D 16 -89.31 -45.61 11.84
C GLU D 16 -88.46 -46.83 11.43
N GLY D 17 -87.15 -46.63 11.40
CA GLY D 17 -86.21 -47.69 11.04
C GLY D 17 -86.13 -48.80 12.08
N GLN D 18 -86.32 -48.44 13.35
CA GLN D 18 -86.30 -49.41 14.45
C GLN D 18 -87.47 -50.37 14.40
N LYS D 19 -88.67 -49.83 14.21
CA LYS D 19 -89.87 -50.65 14.10
C LYS D 19 -89.87 -51.41 12.77
N GLY D 20 -89.29 -50.78 11.75
CA GLY D 20 -89.21 -51.37 10.42
C GLY D 20 -90.42 -51.04 9.59
N VAL D 21 -90.26 -51.07 8.27
CA VAL D 21 -91.36 -50.88 7.33
C VAL D 21 -91.29 -51.92 6.23
N GLY D 22 -92.43 -52.19 5.60
CA GLY D 22 -92.51 -53.10 4.46
C GLY D 22 -92.00 -54.50 4.72
N ASP D 23 -91.51 -55.13 3.67
CA ASP D 23 -91.09 -56.54 3.70
C ASP D 23 -89.68 -56.77 4.28
N GLY D 24 -89.00 -55.70 4.65
CA GLY D 24 -87.65 -55.81 5.23
C GLY D 24 -86.58 -55.97 4.18
N THR D 25 -86.89 -55.56 2.95
CA THR D 25 -85.95 -55.58 1.83
C THR D 25 -85.04 -54.36 1.83
N VAL D 26 -85.44 -53.35 2.59
CA VAL D 26 -84.65 -52.14 2.81
C VAL D 26 -84.79 -51.75 4.27
N SER D 27 -83.66 -51.53 4.92
CA SER D 27 -83.67 -51.04 6.31
C SER D 27 -82.48 -50.12 6.60
N TRP D 28 -82.66 -49.24 7.57
CA TRP D 28 -81.65 -48.26 7.93
C TRP D 28 -81.58 -48.14 9.45
N GLY D 29 -80.45 -47.62 9.94
CA GLY D 29 -80.23 -47.48 11.37
C GLY D 29 -79.05 -46.59 11.70
N LEU D 30 -78.99 -46.15 12.96
CA LEU D 30 -77.91 -45.30 13.45
C LEU D 30 -76.64 -46.14 13.67
N GLU D 31 -75.51 -45.63 13.21
CA GLU D 31 -74.24 -46.36 13.31
C GLU D 31 -73.70 -46.34 14.74
N ASP D 32 -73.33 -45.17 15.23
CA ASP D 32 -72.87 -45.03 16.59
C ASP D 32 -74.08 -44.73 17.45
N ASP D 33 -74.44 -45.67 18.33
CA ASP D 33 -75.61 -45.53 19.18
C ASP D 33 -75.40 -44.51 20.31
N GLU D 34 -74.23 -43.87 20.30
CA GLU D 34 -73.91 -42.81 21.25
C GLU D 34 -73.70 -41.48 20.58
N ASP D 35 -73.67 -41.49 19.24
CA ASP D 35 -73.55 -40.29 18.44
C ASP D 35 -74.81 -39.43 18.57
N MET D 36 -74.77 -38.45 19.46
CA MET D 36 -75.91 -37.58 19.73
C MET D 36 -76.22 -36.63 18.57
N THR D 37 -75.26 -36.43 17.68
CA THR D 37 -75.43 -35.55 16.53
C THR D 37 -76.18 -36.22 15.38
N LEU D 38 -76.38 -37.54 15.49
CA LEU D 38 -77.14 -38.33 14.52
C LEU D 38 -76.65 -38.17 13.08
N THR D 39 -75.34 -38.23 12.88
CA THR D 39 -74.73 -38.04 11.57
C THR D 39 -74.47 -39.36 10.87
N ARG D 40 -73.75 -40.26 11.54
CA ARG D 40 -73.41 -41.56 10.97
C ARG D 40 -74.58 -42.53 11.01
N TRP D 41 -75.07 -42.89 9.83
CA TRP D 41 -76.12 -43.89 9.68
C TRP D 41 -75.61 -45.14 8.95
N THR D 42 -76.45 -46.17 8.92
CA THR D 42 -76.12 -47.45 8.29
C THR D 42 -77.32 -47.94 7.50
N GLY D 43 -77.11 -48.19 6.22
CA GLY D 43 -78.18 -48.69 5.34
C GLY D 43 -78.03 -50.15 4.97
N MET D 44 -79.15 -50.78 4.61
CA MET D 44 -79.15 -52.16 4.13
C MET D 44 -80.19 -52.37 3.03
N ILE D 45 -79.81 -53.14 2.01
CA ILE D 45 -80.67 -53.44 0.88
C ILE D 45 -80.52 -54.90 0.46
N ILE D 46 -81.61 -55.66 0.51
CA ILE D 46 -81.65 -57.00 -0.07
C ILE D 46 -81.75 -56.81 -1.58
N GLY D 47 -81.01 -57.62 -2.33
CA GLY D 47 -81.11 -57.60 -3.80
C GLY D 47 -82.50 -57.97 -4.28
N PRO D 48 -83.01 -57.25 -5.28
CA PRO D 48 -84.35 -57.54 -5.83
C PRO D 48 -84.34 -58.81 -6.69
N PRO D 49 -85.43 -59.60 -6.65
CA PRO D 49 -85.52 -60.91 -7.32
C PRO D 49 -85.31 -60.86 -8.84
N ARG D 50 -84.76 -61.95 -9.38
CA ARG D 50 -84.50 -62.12 -10.81
C ARG D 50 -83.61 -61.01 -11.40
N THR D 51 -82.63 -60.60 -10.61
CA THR D 51 -81.60 -59.67 -11.06
C THR D 51 -80.26 -60.23 -10.59
N ASN D 52 -79.18 -59.86 -11.26
CA ASN D 52 -77.83 -60.31 -10.86
C ASN D 52 -77.48 -59.95 -9.42
N TYR D 53 -78.40 -59.28 -8.74
CA TYR D 53 -78.20 -58.88 -7.35
C TYR D 53 -79.03 -59.73 -6.38
N GLU D 54 -79.96 -60.52 -6.93
CA GLU D 54 -80.89 -61.35 -6.15
C GLU D 54 -80.30 -62.00 -4.89
N ASN D 55 -81.06 -61.93 -3.80
CA ASN D 55 -80.69 -62.51 -2.51
C ASN D 55 -79.26 -62.20 -2.05
N ARG D 56 -78.91 -60.92 -2.10
CA ARG D 56 -77.60 -60.47 -1.64
C ARG D 56 -77.76 -59.31 -0.69
N ILE D 57 -77.21 -59.45 0.51
CA ILE D 57 -77.23 -58.35 1.47
C ILE D 57 -76.07 -57.39 1.20
N TYR D 58 -76.44 -56.14 0.89
CA TYR D 58 -75.46 -55.08 0.72
C TYR D 58 -75.54 -54.15 1.91
N SER D 59 -74.40 -53.92 2.55
CA SER D 59 -74.32 -52.98 3.65
C SER D 59 -73.86 -51.64 3.11
N LEU D 60 -74.47 -50.56 3.63
CA LEU D 60 -74.14 -49.21 3.18
C LEU D 60 -73.96 -48.27 4.37
N LYS D 61 -73.03 -47.32 4.23
CA LYS D 61 -72.87 -46.28 5.22
C LYS D 61 -73.52 -45.00 4.70
N VAL D 62 -74.17 -44.25 5.59
CA VAL D 62 -74.79 -42.98 5.24
C VAL D 62 -74.38 -41.91 6.26
N GLU D 63 -74.00 -40.73 5.75
CA GLU D 63 -73.75 -39.57 6.60
C GLU D 63 -74.76 -38.45 6.34
N CYS D 64 -75.30 -37.88 7.41
CA CYS D 64 -76.22 -36.75 7.28
C CYS D 64 -75.61 -35.48 7.85
N GLY D 65 -75.18 -34.60 6.95
CA GLY D 65 -74.52 -33.35 7.32
C GLY D 65 -75.44 -32.39 8.07
N PRO D 66 -74.89 -31.27 8.57
CA PRO D 66 -75.69 -30.32 9.35
C PRO D 66 -76.73 -29.56 8.52
N LYS D 67 -76.90 -29.95 7.26
CA LYS D 67 -77.88 -29.32 6.37
C LYS D 67 -79.02 -30.25 5.95
N TYR D 68 -78.95 -31.52 6.39
CA TYR D 68 -80.05 -32.49 6.21
C TYR D 68 -81.28 -32.04 7.00
N PRO D 69 -82.49 -32.25 6.46
CA PRO D 69 -82.84 -32.84 5.18
C PRO D 69 -82.99 -31.81 4.06
N GLU D 70 -82.51 -30.59 4.29
CA GLU D 70 -82.49 -29.56 3.26
C GLU D 70 -81.48 -29.96 2.17
N ALA D 71 -80.35 -30.50 2.60
CA ALA D 71 -79.34 -31.05 1.68
C ALA D 71 -79.36 -32.57 1.72
N PRO D 72 -79.09 -33.23 0.58
CA PRO D 72 -79.08 -34.70 0.53
C PRO D 72 -77.99 -35.33 1.41
N PRO D 73 -78.15 -36.62 1.78
CA PRO D 73 -77.09 -37.27 2.54
C PRO D 73 -75.99 -37.87 1.65
N SER D 74 -74.85 -38.18 2.27
CA SER D 74 -73.70 -38.78 1.59
C SER D 74 -73.75 -40.29 1.72
N VAL D 75 -73.96 -40.98 0.59
CA VAL D 75 -74.15 -42.43 0.58
C VAL D 75 -72.97 -43.13 -0.07
N ARG D 76 -72.49 -44.20 0.57
CA ARG D 76 -71.52 -45.11 -0.04
C ARG D 76 -71.77 -46.57 0.34
N PHE D 77 -71.51 -47.47 -0.60
CA PHE D 77 -71.63 -48.91 -0.36
C PHE D 77 -70.43 -49.41 0.43
N VAL D 78 -70.69 -50.28 1.39
CA VAL D 78 -69.61 -50.95 2.12
C VAL D 78 -69.33 -52.28 1.43
N THR D 79 -70.40 -52.99 1.07
CA THR D 79 -70.31 -54.26 0.35
C THR D 79 -69.98 -54.00 -1.11
N LYS D 80 -69.04 -54.77 -1.66
CA LYS D 80 -68.61 -54.60 -3.05
C LYS D 80 -69.69 -54.93 -4.08
N ILE D 81 -69.93 -53.97 -4.96
CA ILE D 81 -70.99 -54.07 -5.96
C ILE D 81 -70.58 -53.41 -7.28
N ASN D 82 -71.01 -54.01 -8.39
CA ASN D 82 -70.86 -53.41 -9.71
C ASN D 82 -72.17 -52.83 -10.19
N MET D 83 -72.33 -51.52 -9.98
CA MET D 83 -73.56 -50.81 -10.31
C MET D 83 -73.26 -49.34 -10.61
N ASN D 84 -73.84 -48.84 -11.71
CA ASN D 84 -73.63 -47.48 -12.18
C ASN D 84 -73.75 -46.42 -11.09
N GLY D 85 -72.80 -45.48 -11.09
CA GLY D 85 -72.77 -44.41 -10.10
C GLY D 85 -72.19 -44.82 -8.77
N ILE D 86 -71.41 -45.91 -8.77
CA ILE D 86 -70.72 -46.38 -7.57
C ILE D 86 -69.23 -46.57 -7.84
N ASN D 87 -68.44 -45.65 -7.28
CA ASN D 87 -67.00 -45.61 -7.40
C ASN D 87 -66.37 -46.97 -7.08
N ASN D 88 -65.56 -47.47 -8.01
CA ASN D 88 -65.01 -48.81 -7.90
C ASN D 88 -64.05 -49.02 -6.73
N SER D 89 -63.37 -47.96 -6.30
CA SER D 89 -62.45 -48.03 -5.17
C SER D 89 -63.12 -47.60 -3.87
N SER D 90 -63.81 -46.47 -3.94
CA SER D 90 -64.47 -45.89 -2.78
C SER D 90 -65.71 -46.68 -2.38
N GLY D 91 -66.53 -46.99 -3.38
CA GLY D 91 -67.87 -47.55 -3.14
C GLY D 91 -68.90 -46.44 -3.07
N MET D 92 -68.45 -45.21 -3.30
CA MET D 92 -69.27 -44.03 -3.09
C MET D 92 -70.28 -43.81 -4.20
N VAL D 93 -71.53 -43.62 -3.80
CA VAL D 93 -72.61 -43.36 -4.72
C VAL D 93 -72.46 -41.96 -5.31
N ASP D 94 -72.41 -41.89 -6.64
CA ASP D 94 -72.39 -40.62 -7.37
C ASP D 94 -73.81 -40.05 -7.41
N ALA D 95 -74.00 -38.91 -6.75
CA ALA D 95 -75.32 -38.32 -6.51
C ALA D 95 -76.06 -37.96 -7.81
N ARG D 96 -75.33 -37.42 -8.77
CA ARG D 96 -75.92 -36.98 -10.05
C ARG D 96 -76.42 -38.15 -10.92
N SER D 97 -76.02 -39.37 -10.55
CA SER D 97 -76.47 -40.58 -11.25
C SER D 97 -77.78 -41.12 -10.70
N ILE D 98 -78.17 -40.64 -9.51
CA ILE D 98 -79.34 -41.16 -8.79
C ILE D 98 -80.46 -40.10 -8.69
N PRO D 99 -81.64 -40.38 -9.29
CA PRO D 99 -82.73 -39.41 -9.46
C PRO D 99 -83.23 -38.77 -8.16
N VAL D 100 -83.25 -39.54 -7.08
CA VAL D 100 -83.70 -39.04 -5.78
C VAL D 100 -82.67 -38.08 -5.14
N LEU D 101 -81.39 -38.30 -5.45
CA LEU D 101 -80.32 -37.40 -4.98
C LEU D 101 -80.13 -36.21 -5.91
N ALA D 102 -80.33 -36.44 -7.20
CA ALA D 102 -80.21 -35.38 -8.23
C ALA D 102 -81.24 -34.29 -8.03
N LYS D 103 -82.48 -34.68 -7.74
CA LYS D 103 -83.52 -33.74 -7.31
C LYS D 103 -84.01 -34.12 -5.93
N TRP D 104 -83.38 -33.52 -4.93
CA TRP D 104 -83.60 -33.85 -3.53
C TRP D 104 -84.65 -32.96 -2.86
N GLN D 105 -85.55 -33.58 -2.11
CA GLN D 105 -86.62 -32.86 -1.39
C GLN D 105 -86.32 -32.81 0.11
N ASN D 106 -86.86 -31.80 0.78
CA ASN D 106 -86.85 -31.76 2.24
C ASN D 106 -87.86 -32.74 2.83
N SER D 107 -88.70 -33.32 1.95
CA SER D 107 -89.65 -34.35 2.32
C SER D 107 -89.02 -35.73 2.32
N TYR D 108 -87.97 -35.89 1.50
CA TYR D 108 -87.31 -37.19 1.34
C TYR D 108 -86.58 -37.68 2.60
N SER D 109 -86.43 -39.00 2.69
CA SER D 109 -85.83 -39.66 3.83
C SER D 109 -84.84 -40.72 3.39
N ILE D 110 -84.09 -41.25 4.34
CA ILE D 110 -83.16 -42.36 4.08
C ILE D 110 -83.90 -43.51 3.38
N LYS D 111 -85.09 -43.83 3.90
CA LYS D 111 -85.97 -44.85 3.31
C LYS D 111 -86.11 -44.71 1.79
N VAL D 112 -86.40 -43.49 1.33
CA VAL D 112 -86.57 -43.20 -0.10
C VAL D 112 -85.29 -43.49 -0.87
N VAL D 113 -84.14 -43.13 -0.31
CA VAL D 113 -82.84 -43.33 -0.96
C VAL D 113 -82.55 -44.81 -1.16
N LEU D 114 -82.72 -45.59 -0.09
CA LEU D 114 -82.45 -47.02 -0.14
C LEU D 114 -83.45 -47.74 -1.05
N GLN D 115 -84.72 -47.35 -0.98
CA GLN D 115 -85.75 -47.95 -1.82
C GLN D 115 -85.47 -47.70 -3.29
N GLU D 116 -84.95 -46.50 -3.58
CA GLU D 116 -84.65 -46.08 -4.96
C GLU D 116 -83.45 -46.83 -5.53
N LEU D 117 -82.45 -47.10 -4.68
CA LEU D 117 -81.29 -47.89 -5.09
C LEU D 117 -81.71 -49.31 -5.47
N ARG D 118 -82.58 -49.90 -4.65
CA ARG D 118 -83.11 -51.25 -4.90
C ARG D 118 -83.91 -51.35 -6.20
N ARG D 119 -84.60 -50.29 -6.57
CA ARG D 119 -85.32 -50.23 -7.84
C ARG D 119 -84.33 -50.07 -9.00
N LEU D 120 -83.33 -49.21 -8.80
CA LEU D 120 -82.31 -48.96 -9.81
C LEU D 120 -81.46 -50.20 -10.09
N MET D 121 -81.52 -51.18 -9.17
CA MET D 121 -80.90 -52.48 -9.38
C MET D 121 -81.72 -53.35 -10.33
N MET D 122 -83.00 -53.00 -10.50
CA MET D 122 -83.89 -53.69 -11.44
C MET D 122 -83.77 -53.11 -12.86
N SER D 123 -83.01 -52.03 -12.98
CA SER D 123 -82.79 -51.32 -14.24
C SER D 123 -82.01 -52.17 -15.25
N LYS D 124 -82.31 -51.94 -16.53
CA LYS D 124 -81.72 -52.70 -17.64
C LYS D 124 -80.20 -52.64 -17.70
N GLU D 125 -79.65 -51.45 -17.44
CA GLU D 125 -78.21 -51.20 -17.47
C GLU D 125 -77.46 -51.96 -16.38
N ASN D 126 -78.17 -52.28 -15.30
CA ASN D 126 -77.57 -52.80 -14.08
C ASN D 126 -77.81 -54.29 -13.84
N MET D 127 -79.03 -54.75 -14.15
CA MET D 127 -79.47 -56.11 -13.78
C MET D 127 -78.72 -57.28 -14.42
N LYS D 128 -77.85 -56.97 -15.37
CA LYS D 128 -77.12 -57.98 -16.14
C LYS D 128 -75.62 -58.00 -15.84
N LEU D 129 -75.11 -56.89 -15.31
CA LEU D 129 -73.69 -56.73 -14.99
C LEU D 129 -73.13 -57.88 -14.14
N PRO D 130 -71.91 -58.35 -14.46
CA PRO D 130 -71.25 -59.34 -13.62
C PRO D 130 -70.98 -58.79 -12.22
N GLN D 131 -71.08 -59.64 -11.22
CA GLN D 131 -70.90 -59.22 -9.84
C GLN D 131 -69.71 -59.93 -9.18
N PRO D 132 -69.03 -59.24 -8.27
CA PRO D 132 -67.96 -59.88 -7.50
C PRO D 132 -68.52 -60.98 -6.59
N PRO D 133 -67.69 -61.97 -6.22
CA PRO D 133 -68.14 -63.00 -5.27
C PRO D 133 -68.46 -62.43 -3.89
N GLU D 134 -69.44 -63.04 -3.22
CA GLU D 134 -69.89 -62.62 -1.90
C GLU D 134 -68.77 -62.67 -0.85
N GLY D 135 -68.65 -61.59 -0.09
CA GLY D 135 -67.67 -61.51 0.98
C GLY D 135 -67.00 -60.15 1.02
N GLN D 136 -66.33 -59.82 -0.08
CA GLN D 136 -65.48 -58.62 -0.15
C GLN D 136 -66.20 -57.29 0.06
N THR D 137 -65.44 -56.35 0.60
CA THR D 137 -65.91 -55.01 0.94
C THR D 137 -64.83 -54.02 0.52
N TYR D 138 -65.17 -52.73 0.50
CA TYR D 138 -64.22 -51.70 0.09
C TYR D 138 -63.18 -51.38 1.18
N LEU E 2 -99.76 -19.78 12.06
CA LEU E 2 -99.26 -20.21 13.40
C LEU E 2 -100.31 -19.98 14.50
N PRO E 3 -100.76 -21.07 15.16
CA PRO E 3 -101.72 -21.03 16.26
C PRO E 3 -101.47 -19.90 17.27
N ARG E 4 -102.55 -19.27 17.71
CA ARG E 4 -102.49 -18.12 18.63
C ARG E 4 -102.01 -18.53 20.03
N ARG E 5 -102.30 -19.77 20.42
CA ARG E 5 -101.81 -20.31 21.68
C ARG E 5 -100.27 -20.28 21.75
N ILE E 6 -99.62 -20.70 20.66
CA ILE E 6 -98.15 -20.70 20.57
C ILE E 6 -97.56 -19.30 20.69
N ILE E 7 -98.12 -18.36 19.90
CA ILE E 7 -97.68 -16.97 19.94
C ILE E 7 -97.77 -16.42 21.36
N LYS E 8 -98.85 -16.75 22.05
CA LYS E 8 -99.05 -16.29 23.43
C LYS E 8 -98.01 -16.91 24.38
N GLU E 9 -97.74 -18.21 24.21
CA GLU E 9 -96.80 -18.94 25.08
C GLU E 9 -95.37 -18.45 24.99
N THR E 10 -94.90 -18.19 23.78
CA THR E 10 -93.54 -17.70 23.53
C THR E 10 -93.36 -16.30 24.13
N GLN E 11 -94.42 -15.49 24.01
CA GLN E 11 -94.41 -14.13 24.54
C GLN E 11 -94.42 -14.15 26.06
N ARG E 12 -95.15 -15.11 26.62
CA ARG E 12 -95.18 -15.31 28.07
C ARG E 12 -93.84 -15.85 28.57
N LEU E 13 -93.16 -16.63 27.72
CA LEU E 13 -91.85 -17.19 28.06
C LEU E 13 -90.72 -16.17 28.10
N LEU E 14 -90.78 -15.18 27.21
CA LEU E 14 -89.78 -14.10 27.21
C LEU E 14 -90.07 -13.07 28.31
N ALA E 15 -91.35 -12.74 28.50
CA ALA E 15 -91.79 -11.75 29.50
C ALA E 15 -91.47 -12.17 30.93
N GLU E 16 -91.77 -13.42 31.27
CA GLU E 16 -91.45 -13.95 32.60
C GLU E 16 -90.80 -15.33 32.52
N PRO E 17 -89.46 -15.36 32.39
CA PRO E 17 -88.71 -16.62 32.25
C PRO E 17 -88.62 -17.40 33.56
N VAL E 18 -88.48 -18.71 33.43
CA VAL E 18 -88.33 -19.59 34.59
C VAL E 18 -86.89 -19.52 35.13
N PRO E 19 -86.73 -19.16 36.42
CA PRO E 19 -85.39 -19.02 37.02
C PRO E 19 -84.59 -20.30 36.93
N GLY E 20 -83.41 -20.22 36.30
CA GLY E 20 -82.55 -21.39 36.08
C GLY E 20 -82.76 -22.06 34.74
N ILE E 21 -83.77 -21.63 34.00
CA ILE E 21 -84.05 -22.19 32.68
C ILE E 21 -84.13 -21.10 31.61
N LYS E 22 -83.25 -21.21 30.63
CA LYS E 22 -83.26 -20.34 29.46
C LYS E 22 -83.91 -21.08 28.29
N ALA E 23 -84.85 -20.43 27.60
CA ALA E 23 -85.56 -21.04 26.48
C ALA E 23 -86.12 -20.03 25.49
N GLU E 24 -85.40 -19.85 24.38
CA GLU E 24 -85.77 -18.90 23.32
C GLU E 24 -86.20 -19.64 22.05
N PRO E 25 -87.05 -19.02 21.21
CA PRO E 25 -87.40 -19.64 19.93
C PRO E 25 -86.25 -19.58 18.92
N ASP E 26 -86.47 -20.10 17.72
CA ASP E 26 -85.49 -20.02 16.63
C ASP E 26 -85.95 -19.04 15.55
N GLU E 27 -85.02 -18.24 15.04
CA GLU E 27 -85.35 -17.21 14.04
C GLU E 27 -85.80 -17.80 12.69
N SER E 28 -85.56 -19.08 12.48
CA SER E 28 -86.05 -19.76 11.29
C SER E 28 -87.31 -20.60 11.55
N ASN E 29 -87.59 -20.90 12.82
CA ASN E 29 -88.74 -21.72 13.18
C ASN E 29 -89.27 -21.40 14.58
N ALA E 30 -90.51 -20.95 14.65
CA ALA E 30 -91.14 -20.55 15.93
C ALA E 30 -91.62 -21.76 16.72
N ARG E 31 -91.52 -22.94 16.10
CA ARG E 31 -91.91 -24.22 16.69
C ARG E 31 -90.69 -24.88 17.33
N TYR E 32 -89.51 -24.42 16.94
CA TYR E 32 -88.24 -24.97 17.40
C TYR E 32 -87.62 -24.07 18.48
N PHE E 33 -87.33 -24.68 19.63
CA PHE E 33 -86.88 -23.95 20.80
C PHE E 33 -85.54 -24.46 21.31
N HIS E 34 -84.61 -23.53 21.53
CA HIS E 34 -83.31 -23.86 22.12
C HIS E 34 -83.37 -23.61 23.62
N VAL E 35 -83.05 -24.64 24.40
CA VAL E 35 -83.24 -24.58 25.85
C VAL E 35 -81.92 -24.83 26.59
N VAL E 36 -81.71 -24.10 27.67
CA VAL E 36 -80.57 -24.30 28.55
C VAL E 36 -81.05 -24.48 29.99
N ILE E 37 -80.63 -25.57 30.60
CA ILE E 37 -80.96 -25.85 32.00
C ILE E 37 -79.69 -25.97 32.85
N ALA E 38 -79.57 -25.10 33.84
CA ALA E 38 -78.51 -25.22 34.83
C ALA E 38 -78.88 -26.32 35.82
N GLY E 39 -77.90 -27.15 36.17
CA GLY E 39 -78.10 -28.23 37.14
C GLY E 39 -78.47 -27.68 38.51
N PRO E 40 -79.62 -28.12 39.06
CA PRO E 40 -80.21 -27.51 40.27
C PRO E 40 -79.34 -27.70 41.50
N GLN E 41 -79.60 -26.92 42.55
CA GLN E 41 -78.82 -27.01 43.78
C GLN E 41 -78.97 -28.39 44.45
N ASP E 42 -77.90 -28.84 45.09
CA ASP E 42 -77.82 -30.13 45.78
C ASP E 42 -78.09 -31.35 44.88
N SER E 43 -78.21 -31.11 43.58
CA SER E 43 -78.29 -32.17 42.59
C SER E 43 -76.90 -32.73 42.35
N PRO E 44 -76.81 -33.94 41.77
CA PRO E 44 -75.50 -34.42 41.33
C PRO E 44 -75.01 -33.67 40.08
N PHE E 45 -75.87 -32.83 39.51
CA PHE E 45 -75.61 -32.14 38.25
C PHE E 45 -75.32 -30.65 38.43
N GLU E 46 -75.24 -30.20 39.69
CA GLU E 46 -75.03 -28.79 40.00
C GLU E 46 -73.69 -28.31 39.46
N GLY E 47 -73.66 -27.06 39.02
CA GLY E 47 -72.44 -26.44 38.52
C GLY E 47 -72.25 -26.57 37.02
N GLY E 48 -72.87 -27.59 36.44
CA GLY E 48 -72.81 -27.79 35.00
C GLY E 48 -74.15 -27.48 34.37
N THR E 49 -74.11 -26.75 33.26
CA THR E 49 -75.32 -26.38 32.52
C THR E 49 -75.57 -27.36 31.38
N PHE E 50 -76.83 -27.71 31.15
CA PHE E 50 -77.21 -28.69 30.13
C PHE E 50 -78.07 -28.08 29.04
N LYS E 51 -77.66 -28.26 27.78
CA LYS E 51 -78.43 -27.78 26.64
C LYS E 51 -79.39 -28.85 26.12
N LEU E 52 -80.60 -28.42 25.78
CA LEU E 52 -81.59 -29.29 25.12
C LEU E 52 -82.45 -28.54 24.10
N GLU E 53 -83.01 -29.29 23.16
CA GLU E 53 -83.88 -28.71 22.14
C GLU E 53 -85.33 -29.12 22.38
N LEU E 54 -86.27 -28.34 21.82
CA LEU E 54 -87.70 -28.60 21.96
C LEU E 54 -88.41 -28.32 20.64
N PHE E 55 -89.44 -29.09 20.33
CA PHE E 55 -90.22 -28.88 19.12
C PHE E 55 -91.70 -29.07 19.35
N LEU E 56 -92.51 -28.20 18.75
CA LEU E 56 -93.95 -28.31 18.86
C LEU E 56 -94.51 -28.85 17.55
N PRO E 57 -94.97 -30.12 17.54
CA PRO E 57 -95.51 -30.73 16.33
C PRO E 57 -96.79 -30.03 15.89
N GLU E 58 -97.31 -30.43 14.75
CA GLU E 58 -98.51 -29.80 14.20
C GLU E 58 -99.68 -29.89 15.19
N GLU E 59 -99.82 -31.06 15.81
CA GLU E 59 -100.98 -31.37 16.65
C GLU E 59 -101.04 -30.63 18.00
N TYR E 60 -99.89 -30.18 18.49
CA TYR E 60 -99.86 -29.35 19.70
C TYR E 60 -100.94 -28.29 19.62
N PRO E 61 -101.72 -28.09 20.70
CA PRO E 61 -101.56 -28.65 22.04
C PRO E 61 -102.12 -30.06 22.25
N MET E 62 -102.75 -30.63 21.22
CA MET E 62 -103.32 -31.97 21.34
C MET E 62 -102.22 -33.01 21.57
N ALA E 63 -101.16 -32.92 20.80
CA ALA E 63 -99.96 -33.75 21.01
C ALA E 63 -98.97 -33.06 21.94
N ALA E 64 -98.18 -33.86 22.66
CA ALA E 64 -97.13 -33.36 23.53
C ALA E 64 -96.01 -32.71 22.72
N PRO E 65 -95.20 -31.83 23.36
CA PRO E 65 -94.01 -31.36 22.64
C PRO E 65 -92.97 -32.47 22.54
N LYS E 66 -92.06 -32.31 21.58
CA LYS E 66 -90.95 -33.23 21.43
C LYS E 66 -89.73 -32.65 22.14
N VAL E 67 -89.20 -33.37 23.12
CA VAL E 67 -88.03 -32.87 23.88
C VAL E 67 -86.86 -33.87 23.88
N ARG E 68 -85.65 -33.34 23.74
CA ARG E 68 -84.42 -34.12 23.62
C ARG E 68 -83.24 -33.30 24.15
N PHE E 69 -82.31 -33.98 24.83
CA PHE E 69 -81.07 -33.36 25.34
C PHE E 69 -80.02 -33.19 24.24
N MET E 70 -79.09 -32.25 24.46
CA MET E 70 -77.98 -32.00 23.54
C MET E 70 -76.64 -32.32 24.19
N THR E 71 -76.52 -31.98 25.48
CA THR E 71 -75.37 -32.38 26.27
C THR E 71 -75.57 -33.80 26.81
N LYS E 72 -74.48 -34.55 26.84
CA LYS E 72 -74.46 -35.90 27.42
C LYS E 72 -74.71 -35.80 28.92
N ILE E 73 -75.55 -36.69 29.44
CA ILE E 73 -75.91 -36.69 30.85
C ILE E 73 -76.21 -38.10 31.37
N TYR E 74 -75.68 -38.42 32.55
CA TYR E 74 -75.92 -39.70 33.19
C TYR E 74 -77.12 -39.57 34.12
N HIS E 75 -78.27 -40.04 33.64
CA HIS E 75 -79.56 -39.90 34.35
C HIS E 75 -80.41 -41.15 34.08
N PRO E 76 -81.13 -41.65 35.10
CA PRO E 76 -81.88 -42.90 34.90
C PRO E 76 -83.10 -42.74 33.99
N ASN E 77 -83.51 -41.49 33.74
CA ASN E 77 -84.68 -41.20 32.92
C ASN E 77 -84.34 -40.71 31.51
N VAL E 78 -83.04 -40.58 31.22
CA VAL E 78 -82.57 -40.14 29.91
C VAL E 78 -81.75 -41.26 29.26
N ASP E 79 -81.88 -41.42 27.94
CA ASP E 79 -81.17 -42.49 27.23
C ASP E 79 -79.89 -42.02 26.54
N LYS E 80 -79.25 -42.92 25.81
CA LYS E 80 -77.97 -42.66 25.16
C LYS E 80 -78.00 -41.53 24.12
N LEU E 81 -79.17 -41.27 23.54
CA LEU E 81 -79.30 -40.24 22.51
C LEU E 81 -79.99 -38.98 23.01
N GLY E 82 -80.09 -38.84 24.33
CA GLY E 82 -80.64 -37.65 24.97
C GLY E 82 -82.16 -37.58 25.05
N ARG E 83 -82.84 -38.66 24.67
CA ARG E 83 -84.30 -38.72 24.71
C ARG E 83 -84.83 -38.91 26.13
N ILE E 84 -85.75 -38.04 26.53
CA ILE E 84 -86.28 -38.06 27.89
C ILE E 84 -87.39 -39.10 28.04
N CYS E 85 -87.38 -39.81 29.17
CA CYS E 85 -88.49 -40.71 29.55
C CYS E 85 -89.33 -40.12 30.67
N LEU E 86 -90.24 -39.24 30.28
CA LEU E 86 -91.11 -38.53 31.20
C LEU E 86 -92.57 -38.87 30.91
N ASP E 87 -93.39 -38.84 31.95
CA ASP E 87 -94.79 -39.22 31.85
C ASP E 87 -95.55 -38.23 30.99
N ILE E 88 -95.44 -36.96 31.37
CA ILE E 88 -96.19 -35.89 30.72
C ILE E 88 -95.72 -35.62 29.29
N LEU E 89 -94.78 -36.43 28.80
CA LEU E 89 -94.32 -36.32 27.42
C LEU E 89 -95.03 -37.25 26.43
N LYS E 90 -95.91 -38.11 26.91
CA LYS E 90 -96.72 -38.94 26.01
C LYS E 90 -98.11 -39.33 26.52
N ASP E 91 -98.18 -40.01 27.67
CA ASP E 91 -99.45 -40.56 28.15
C ASP E 91 -100.13 -39.76 29.27
N LYS E 92 -99.37 -38.96 30.00
CA LYS E 92 -99.97 -38.08 30.99
C LYS E 92 -100.06 -36.64 30.48
N TRP E 93 -99.81 -36.46 29.19
CA TRP E 93 -99.91 -35.14 28.57
C TRP E 93 -101.35 -34.71 28.39
N SER E 94 -101.65 -33.50 28.83
CA SER E 94 -102.94 -32.85 28.58
C SER E 94 -102.66 -31.47 28.00
N PRO E 95 -103.66 -30.86 27.33
CA PRO E 95 -103.44 -29.54 26.77
C PRO E 95 -103.48 -28.44 27.83
N ALA E 96 -103.82 -28.81 29.07
CA ALA E 96 -103.73 -27.88 30.19
C ALA E 96 -102.28 -27.46 30.43
N LEU E 97 -101.38 -28.42 30.35
CA LEU E 97 -99.94 -28.17 30.51
C LEU E 97 -99.41 -27.41 29.30
N GLN E 98 -98.27 -26.76 29.48
CA GLN E 98 -97.67 -25.96 28.43
C GLN E 98 -96.14 -26.10 28.42
N ILE E 99 -95.46 -25.37 27.53
CA ILE E 99 -94.00 -25.41 27.43
C ILE E 99 -93.35 -25.16 28.79
N ARG E 100 -93.87 -24.19 29.53
CA ARG E 100 -93.42 -23.89 30.89
C ARG E 100 -93.46 -25.12 31.81
N THR E 101 -94.58 -25.84 31.78
CA THR E 101 -94.77 -27.02 32.63
C THR E 101 -93.70 -28.09 32.37
N VAL E 102 -93.53 -28.45 31.10
CA VAL E 102 -92.56 -29.46 30.66
C VAL E 102 -91.14 -29.08 31.06
N LEU E 103 -90.84 -27.80 30.91
CA LEU E 103 -89.51 -27.26 31.12
C LEU E 103 -89.05 -27.38 32.57
N LEU E 104 -89.95 -27.13 33.52
CA LEU E 104 -89.61 -27.36 34.93
C LEU E 104 -90.19 -28.67 35.53
N SER E 105 -90.67 -29.55 34.66
CA SER E 105 -90.87 -30.95 35.01
C SER E 105 -89.55 -31.67 34.82
N ILE E 106 -88.83 -31.28 33.77
CA ILE E 106 -87.51 -31.82 33.47
C ILE E 106 -86.51 -31.39 34.54
N GLN E 107 -86.52 -30.09 34.85
CA GLN E 107 -85.72 -29.54 35.94
C GLN E 107 -85.95 -30.32 37.23
N ALA E 108 -87.19 -30.70 37.49
CA ALA E 108 -87.58 -31.48 38.68
C ALA E 108 -86.93 -32.86 38.69
N LEU E 109 -86.86 -33.48 37.53
CA LEU E 109 -86.19 -34.78 37.36
C LEU E 109 -84.73 -34.77 37.78
N LEU E 110 -84.03 -33.68 37.46
CA LEU E 110 -82.61 -33.52 37.80
C LEU E 110 -82.39 -33.39 39.29
N SER E 111 -83.44 -33.00 40.02
CA SER E 111 -83.36 -32.86 41.47
C SER E 111 -83.83 -34.12 42.18
N ALA E 112 -84.78 -34.82 41.55
CA ALA E 112 -85.27 -36.11 42.06
C ALA E 112 -85.35 -37.13 40.93
N PRO E 113 -84.27 -37.88 40.70
CA PRO E 113 -84.26 -38.95 39.70
C PRO E 113 -85.18 -40.09 40.12
N ASN E 114 -86.04 -40.54 39.21
CA ASN E 114 -86.99 -41.62 39.46
C ASN E 114 -86.51 -42.96 38.87
N PRO E 115 -85.79 -43.77 39.69
CA PRO E 115 -85.38 -45.09 39.22
C PRO E 115 -86.60 -45.98 39.02
N ASP E 116 -87.59 -45.81 39.90
CA ASP E 116 -88.84 -46.58 39.90
C ASP E 116 -89.67 -46.36 38.63
N ASP E 117 -89.60 -45.15 38.08
CA ASP E 117 -90.38 -44.79 36.88
C ASP E 117 -90.36 -45.93 35.88
N PRO E 118 -91.57 -46.47 35.57
CA PRO E 118 -91.79 -47.55 34.60
C PRO E 118 -90.97 -47.40 33.30
N LEU E 119 -90.85 -46.17 32.81
CA LEU E 119 -90.04 -45.87 31.61
C LEU E 119 -88.55 -45.82 31.93
N ALA E 120 -88.04 -46.88 32.57
CA ALA E 120 -86.66 -46.92 33.06
C ALA E 120 -85.62 -47.18 31.97
N ASN E 121 -84.37 -47.31 32.40
CA ASN E 121 -83.22 -47.55 31.51
C ASN E 121 -82.34 -48.69 32.03
N ASP E 122 -81.09 -48.72 31.56
CA ASP E 122 -80.06 -49.53 32.19
C ASP E 122 -79.54 -48.79 33.43
N VAL E 123 -79.35 -47.48 33.28
CA VAL E 123 -78.76 -46.63 34.31
C VAL E 123 -79.53 -46.75 35.63
N ALA E 124 -80.86 -46.90 35.53
CA ALA E 124 -81.72 -47.06 36.71
C ALA E 124 -81.36 -48.30 37.54
N GLU E 125 -81.05 -49.41 36.86
CA GLU E 125 -80.61 -50.64 37.55
C GLU E 125 -79.34 -50.40 38.35
N GLN E 126 -78.41 -49.65 37.76
CA GLN E 126 -77.15 -49.29 38.43
C GLN E 126 -77.39 -48.20 39.48
N TRP E 127 -78.50 -47.46 39.32
CA TRP E 127 -78.87 -46.41 40.26
C TRP E 127 -79.58 -46.96 41.49
N LYS E 128 -80.17 -48.16 41.36
CA LYS E 128 -80.86 -48.81 42.49
C LYS E 128 -79.90 -49.66 43.32
N THR E 129 -79.18 -50.57 42.64
CA THR E 129 -78.26 -51.48 43.31
C THR E 129 -77.09 -50.76 43.99
N ASN E 130 -76.59 -49.71 43.36
CA ASN E 130 -75.49 -48.92 43.91
C ASN E 130 -75.65 -47.44 43.60
N GLU E 131 -76.43 -46.77 44.44
CA GLU E 131 -76.69 -45.34 44.29
C GLU E 131 -75.45 -44.50 44.51
N ALA E 132 -74.58 -44.98 45.41
CA ALA E 132 -73.32 -44.31 45.73
C ALA E 132 -72.49 -44.03 44.48
N GLN E 133 -72.26 -45.07 43.67
CA GLN E 133 -71.48 -44.92 42.43
C GLN E 133 -72.23 -44.12 41.39
N ALA E 134 -73.54 -44.34 41.31
CA ALA E 134 -74.38 -43.63 40.36
C ALA E 134 -74.23 -42.10 40.48
N ILE E 135 -74.41 -41.58 41.69
CA ILE E 135 -74.32 -40.14 41.95
C ILE E 135 -72.96 -39.56 41.53
N GLU E 136 -71.88 -40.24 41.91
CA GLU E 136 -70.53 -39.82 41.53
C GLU E 136 -70.32 -39.87 40.02
N THR E 137 -70.91 -40.87 39.38
CA THR E 137 -70.83 -41.00 37.92
C THR E 137 -71.46 -39.78 37.27
N ALA E 138 -72.64 -39.40 37.74
CA ALA E 138 -73.34 -38.21 37.27
C ALA E 138 -72.49 -36.95 37.51
N ARG E 139 -71.95 -36.86 38.73
CA ARG E 139 -71.05 -35.78 39.13
C ARG E 139 -69.83 -35.68 38.20
N ALA E 140 -69.39 -36.85 37.72
CA ALA E 140 -68.24 -36.93 36.82
C ALA E 140 -68.57 -36.51 35.40
N TRP E 141 -69.77 -36.89 34.94
CA TRP E 141 -70.21 -36.57 33.57
C TRP E 141 -70.58 -35.11 33.42
N THR E 142 -71.05 -34.51 34.52
CA THR E 142 -71.31 -33.08 34.58
C THR E 142 -70.02 -32.30 34.38
N ARG E 143 -68.93 -32.86 34.92
CA ARG E 143 -67.60 -32.26 34.81
C ARG E 143 -67.10 -32.25 33.37
N LEU E 144 -67.23 -33.38 32.68
CA LEU E 144 -66.66 -33.57 31.34
C LEU E 144 -67.46 -32.94 30.21
N TYR E 145 -68.77 -32.80 30.39
CA TYR E 145 -69.68 -32.35 29.32
C TYR E 145 -70.45 -31.06 29.62
N ALA E 146 -70.90 -30.91 30.86
CA ALA E 146 -71.75 -29.78 31.24
C ALA E 146 -70.95 -28.54 31.68
N MET E 147 -69.63 -28.68 31.78
CA MET E 147 -68.80 -27.56 32.22
C MET E 147 -68.46 -26.59 31.10
N ASN E 148 -67.87 -27.10 30.02
CA ASN E 148 -67.53 -26.27 28.87
C ASN E 148 -68.55 -26.44 27.74
N GLY F 1 -38.33 -61.67 59.69
CA GLY F 1 -38.69 -60.25 60.02
C GLY F 1 -37.63 -59.55 60.83
N VAL F 2 -37.29 -58.32 60.42
CA VAL F 2 -36.31 -57.50 61.10
C VAL F 2 -37.00 -56.46 61.98
N LYS F 3 -36.49 -56.25 63.19
CA LYS F 3 -37.10 -55.32 64.14
C LYS F 3 -36.51 -53.90 64.10
N VAL F 4 -37.34 -52.93 63.71
CA VAL F 4 -36.89 -51.54 63.64
C VAL F 4 -37.16 -50.88 64.99
N PRO F 5 -36.15 -50.18 65.54
CA PRO F 5 -36.29 -49.49 66.82
C PRO F 5 -37.07 -48.19 66.68
N ARG F 6 -37.52 -47.65 67.81
CA ARG F 6 -38.36 -46.44 67.85
C ARG F 6 -37.78 -45.27 67.07
N ASN F 7 -36.60 -44.80 67.47
CA ASN F 7 -35.96 -43.65 66.84
C ASN F 7 -35.85 -43.74 65.33
N PHE F 8 -35.64 -44.95 64.81
CA PHE F 8 -35.50 -45.14 63.38
C PHE F 8 -36.85 -45.31 62.69
N ARG F 9 -37.84 -45.80 63.44
CA ARG F 9 -39.20 -45.90 62.94
C ARG F 9 -39.84 -44.51 62.78
N LEU F 10 -39.54 -43.62 63.72
CA LEU F 10 -40.06 -42.25 63.66
C LEU F 10 -39.41 -41.45 62.54
N LEU F 11 -38.11 -41.62 62.38
CA LEU F 11 -37.37 -41.04 61.26
C LEU F 11 -38.01 -41.42 59.93
N GLU F 12 -38.35 -42.70 59.81
CA GLU F 12 -39.03 -43.26 58.66
C GLU F 12 -40.36 -42.55 58.42
N GLU F 13 -41.12 -42.31 59.49
CA GLU F 13 -42.41 -41.62 59.41
C GLU F 13 -42.25 -40.14 59.10
N LEU F 14 -41.10 -39.59 59.47
CA LEU F 14 -40.74 -38.22 59.13
C LEU F 14 -40.55 -38.08 57.62
N GLU F 15 -39.77 -39.00 57.04
CA GLU F 15 -39.44 -38.99 55.62
C GLU F 15 -40.70 -39.13 54.77
N GLU F 16 -41.67 -39.88 55.29
CA GLU F 16 -42.91 -40.15 54.56
C GLU F 16 -43.86 -38.95 54.59
N GLY F 17 -43.72 -38.12 55.62
CA GLY F 17 -44.49 -36.88 55.74
C GLY F 17 -44.04 -35.81 54.78
N GLN F 18 -42.73 -35.69 54.58
CA GLN F 18 -42.14 -34.70 53.68
C GLN F 18 -42.48 -34.95 52.22
N LYS F 19 -42.59 -36.22 51.83
CA LYS F 19 -42.93 -36.59 50.46
C LYS F 19 -44.41 -36.42 50.15
N GLY F 20 -45.27 -36.95 51.01
CA GLY F 20 -46.72 -36.86 50.82
C GLY F 20 -47.33 -38.13 50.27
N VAL F 21 -48.60 -38.34 50.61
CA VAL F 21 -49.30 -39.60 50.33
C VAL F 21 -50.58 -39.47 49.50
N GLY F 22 -50.62 -40.25 48.41
CA GLY F 22 -51.82 -40.40 47.57
C GLY F 22 -52.50 -39.13 47.09
N ASP F 23 -53.64 -38.83 47.70
CA ASP F 23 -54.42 -37.62 47.36
C ASP F 23 -54.16 -36.46 48.34
N GLY F 24 -53.25 -36.68 49.28
CA GLY F 24 -52.82 -35.64 50.21
C GLY F 24 -53.87 -35.22 51.21
N THR F 25 -54.88 -36.06 51.40
CA THR F 25 -55.99 -35.77 52.33
C THR F 25 -55.61 -35.87 53.82
N VAL F 26 -54.59 -36.67 54.13
CA VAL F 26 -53.97 -36.61 55.45
C VAL F 26 -52.49 -36.33 55.34
N SER F 27 -51.99 -35.54 56.29
CA SER F 27 -50.62 -35.04 56.27
C SER F 27 -50.08 -34.95 57.68
N TRP F 28 -48.76 -35.01 57.82
CA TRP F 28 -48.10 -34.99 59.14
C TRP F 28 -46.62 -34.61 59.06
N GLY F 29 -46.13 -34.01 60.14
CA GLY F 29 -44.72 -33.61 60.28
C GLY F 29 -44.33 -33.32 61.74
N LEU F 30 -43.06 -33.04 61.97
CA LEU F 30 -42.58 -32.65 63.29
C LEU F 30 -43.10 -31.29 63.71
N GLU F 31 -43.38 -31.15 65.01
CA GLU F 31 -43.80 -29.87 65.58
C GLU F 31 -42.59 -28.99 65.88
N ASP F 32 -41.65 -29.53 66.65
CA ASP F 32 -40.43 -28.82 67.01
C ASP F 32 -39.29 -29.40 66.19
N ASP F 33 -38.60 -28.53 65.44
CA ASP F 33 -37.56 -29.00 64.51
C ASP F 33 -36.17 -29.18 65.11
N GLU F 34 -36.02 -28.94 66.42
CA GLU F 34 -34.80 -29.33 67.15
C GLU F 34 -35.03 -30.47 68.16
N ASP F 35 -36.27 -30.94 68.24
CA ASP F 35 -36.65 -32.10 69.04
C ASP F 35 -36.04 -33.38 68.46
N MET F 36 -34.89 -33.78 69.01
CA MET F 36 -34.17 -34.98 68.53
C MET F 36 -34.81 -36.30 68.94
N THR F 37 -35.71 -36.25 69.92
CA THR F 37 -36.38 -37.44 70.43
C THR F 37 -37.55 -37.82 69.53
N LEU F 38 -37.91 -36.90 68.64
CA LEU F 38 -38.97 -37.11 67.64
C LEU F 38 -40.28 -37.47 68.33
N THR F 39 -40.70 -36.62 69.26
CA THR F 39 -41.85 -36.91 70.13
C THR F 39 -43.10 -36.13 69.77
N ARG F 40 -42.96 -34.84 69.47
CA ARG F 40 -44.13 -34.00 69.19
C ARG F 40 -44.35 -33.78 67.69
N TRP F 41 -45.54 -34.16 67.22
CA TRP F 41 -45.89 -34.14 65.79
C TRP F 41 -47.18 -33.38 65.55
N THR F 42 -47.30 -32.77 64.36
CA THR F 42 -48.57 -32.17 63.95
C THR F 42 -49.23 -32.96 62.82
N GLY F 43 -50.56 -32.94 62.82
CA GLY F 43 -51.34 -33.63 61.81
C GLY F 43 -52.31 -32.72 61.10
N MET F 44 -52.61 -33.06 59.86
CA MET F 44 -53.51 -32.28 59.02
C MET F 44 -54.53 -33.22 58.38
N ILE F 45 -55.80 -32.82 58.42
CA ILE F 45 -56.88 -33.62 57.85
C ILE F 45 -57.86 -32.79 57.00
N ILE F 46 -58.03 -33.21 55.74
CA ILE F 46 -59.14 -32.73 54.91
C ILE F 46 -60.36 -33.60 55.24
N GLY F 47 -61.49 -32.95 55.54
CA GLY F 47 -62.75 -33.64 55.81
C GLY F 47 -63.32 -34.35 54.58
N PRO F 48 -63.74 -35.62 54.74
CA PRO F 48 -64.18 -36.49 53.63
C PRO F 48 -65.42 -35.97 52.89
N PRO F 49 -65.67 -36.47 51.65
CA PRO F 49 -66.87 -36.11 50.90
C PRO F 49 -68.17 -36.64 51.51
N ARG F 50 -69.29 -36.02 51.13
CA ARG F 50 -70.65 -36.35 51.60
C ARG F 50 -70.87 -36.21 53.11
N THR F 51 -70.15 -35.27 53.75
CA THR F 51 -70.32 -35.00 55.18
C THR F 51 -70.35 -33.50 55.47
N ASN F 52 -70.52 -33.16 56.74
CA ASN F 52 -70.44 -31.77 57.20
C ASN F 52 -69.01 -31.34 57.47
N TYR F 53 -68.12 -32.32 57.52
CA TYR F 53 -66.69 -32.07 57.66
C TYR F 53 -66.09 -31.71 56.32
N GLU F 54 -66.78 -32.08 55.24
CA GLU F 54 -66.27 -31.96 53.88
C GLU F 54 -65.51 -30.66 53.62
N ASN F 55 -64.30 -30.81 53.07
CA ASN F 55 -63.50 -29.69 52.56
C ASN F 55 -62.89 -28.78 53.63
N ARG F 56 -62.87 -29.22 54.88
CA ARG F 56 -62.31 -28.44 55.98
C ARG F 56 -60.92 -28.93 56.37
N ILE F 57 -60.07 -28.00 56.78
CA ILE F 57 -58.71 -28.32 57.22
C ILE F 57 -58.59 -28.37 58.74
N TYR F 58 -58.39 -29.58 59.26
CA TYR F 58 -58.25 -29.83 60.70
C TYR F 58 -56.80 -30.02 61.13
N SER F 59 -56.40 -29.30 62.16
CA SER F 59 -55.07 -29.43 62.74
C SER F 59 -55.10 -30.28 64.00
N LEU F 60 -54.09 -31.13 64.15
CA LEU F 60 -54.01 -32.02 65.30
C LEU F 60 -52.61 -31.97 65.89
N LYS F 61 -52.47 -32.48 67.11
CA LYS F 61 -51.17 -32.72 67.68
C LYS F 61 -51.05 -34.18 68.05
N VAL F 62 -49.99 -34.84 67.59
CA VAL F 62 -49.76 -36.22 67.96
C VAL F 62 -48.47 -36.33 68.75
N GLU F 63 -48.59 -36.86 69.98
CA GLU F 63 -47.46 -37.09 70.86
C GLU F 63 -47.05 -38.56 70.77
N CYS F 64 -45.80 -38.81 70.38
CA CYS F 64 -45.29 -40.17 70.26
C CYS F 64 -44.43 -40.54 71.45
N GLY F 65 -45.05 -41.24 72.39
CA GLY F 65 -44.42 -41.58 73.67
C GLY F 65 -43.13 -42.37 73.57
N PRO F 66 -42.33 -42.36 74.64
CA PRO F 66 -41.07 -43.11 74.62
C PRO F 66 -41.28 -44.61 74.47
N LYS F 67 -42.53 -45.06 74.64
CA LYS F 67 -42.91 -46.47 74.48
C LYS F 67 -43.32 -46.77 73.02
N TYR F 68 -43.70 -45.73 72.27
CA TYR F 68 -44.12 -45.85 70.87
C TYR F 68 -43.08 -46.61 70.06
N PRO F 69 -43.53 -47.47 69.10
CA PRO F 69 -44.89 -47.74 68.68
C PRO F 69 -45.50 -48.95 69.38
N GLU F 70 -44.85 -49.40 70.45
CA GLU F 70 -45.37 -50.50 71.26
C GLU F 70 -46.66 -50.05 71.96
N ALA F 71 -46.67 -48.81 72.42
CA ALA F 71 -47.86 -48.18 72.98
C ALA F 71 -48.43 -47.20 71.96
N PRO F 72 -49.76 -47.00 71.93
CA PRO F 72 -50.35 -46.07 70.98
C PRO F 72 -49.99 -44.62 71.31
N PRO F 73 -49.91 -43.74 70.29
CA PRO F 73 -49.64 -42.33 70.51
C PRO F 73 -50.89 -41.65 71.05
N SER F 74 -50.73 -40.51 71.71
CA SER F 74 -51.88 -39.73 72.13
C SER F 74 -52.20 -38.69 71.06
N VAL F 75 -53.46 -38.27 71.00
CA VAL F 75 -53.90 -37.28 70.02
C VAL F 75 -54.86 -36.25 70.62
N ARG F 76 -54.66 -34.99 70.25
CA ARG F 76 -55.65 -33.95 70.52
C ARG F 76 -55.86 -33.10 69.28
N PHE F 77 -57.10 -32.66 69.07
CA PHE F 77 -57.42 -31.75 67.98
C PHE F 77 -57.14 -30.32 68.41
N VAL F 78 -56.42 -29.58 67.57
CA VAL F 78 -56.24 -28.15 67.78
C VAL F 78 -57.49 -27.42 67.26
N THR F 79 -57.90 -27.77 66.04
CA THR F 79 -59.09 -27.21 65.39
C THR F 79 -60.39 -27.78 65.96
N LYS F 80 -61.26 -26.89 66.43
CA LYS F 80 -62.57 -27.29 66.96
C LYS F 80 -63.33 -28.16 65.98
N ILE F 81 -63.94 -29.20 66.52
CA ILE F 81 -64.68 -30.18 65.73
C ILE F 81 -65.75 -30.86 66.58
N ASN F 82 -66.92 -31.02 65.99
CA ASN F 82 -67.96 -31.84 66.59
C ASN F 82 -67.89 -33.26 66.03
N MET F 83 -67.23 -34.15 66.78
CA MET F 83 -67.13 -35.56 66.43
C MET F 83 -67.14 -36.41 67.69
N ASN F 84 -67.76 -37.59 67.64
CA ASN F 84 -67.74 -38.53 68.77
C ASN F 84 -66.35 -38.96 69.21
N GLY F 85 -66.12 -38.95 70.53
CA GLY F 85 -64.84 -39.36 71.07
C GLY F 85 -63.77 -38.27 71.03
N ILE F 86 -64.03 -37.20 70.30
CA ILE F 86 -63.18 -36.02 70.34
C ILE F 86 -63.71 -35.09 71.44
N ASN F 87 -62.88 -34.82 72.44
CA ASN F 87 -63.32 -34.06 73.61
C ASN F 87 -63.74 -32.66 73.27
N ASN F 88 -65.02 -32.54 72.98
CA ASN F 88 -65.81 -31.32 73.00
C ASN F 88 -65.15 -29.98 73.37
N SER F 89 -64.30 -30.00 74.41
CA SER F 89 -63.78 -28.77 75.06
C SER F 89 -62.25 -28.66 75.20
N SER F 90 -61.52 -29.77 75.04
CA SER F 90 -60.05 -29.74 75.09
C SER F 90 -59.41 -30.31 73.81
N GLY F 91 -60.21 -30.98 72.99
CA GLY F 91 -59.73 -31.56 71.75
C GLY F 91 -59.13 -32.94 71.92
N MET F 92 -58.90 -33.34 73.17
CA MET F 92 -58.26 -34.60 73.48
C MET F 92 -59.06 -35.79 72.97
N VAL F 93 -58.42 -36.63 72.14
CA VAL F 93 -59.07 -37.79 71.51
C VAL F 93 -59.14 -38.97 72.48
N ASP F 94 -60.35 -39.51 72.66
CA ASP F 94 -60.55 -40.67 73.53
C ASP F 94 -60.07 -41.95 72.86
N ALA F 95 -59.03 -42.56 73.43
CA ALA F 95 -58.43 -43.78 72.89
C ALA F 95 -59.43 -44.95 72.81
N ARG F 96 -60.39 -44.97 73.72
CA ARG F 96 -61.44 -45.99 73.72
C ARG F 96 -62.42 -45.81 72.56
N SER F 97 -62.71 -44.55 72.23
CA SER F 97 -63.69 -44.22 71.20
C SER F 97 -63.27 -44.53 69.77
N ILE F 98 -61.97 -44.70 69.55
CA ILE F 98 -61.45 -44.86 68.19
C ILE F 98 -60.85 -46.26 68.02
N PRO F 99 -61.40 -47.05 67.07
CA PRO F 99 -60.98 -48.45 66.85
C PRO F 99 -59.47 -48.61 66.77
N VAL F 100 -58.80 -47.75 66.00
CA VAL F 100 -57.35 -47.85 65.80
C VAL F 100 -56.55 -47.69 67.10
N LEU F 101 -56.92 -46.71 67.93
CA LEU F 101 -56.19 -46.44 69.16
C LEU F 101 -56.49 -47.43 70.28
N ALA F 102 -57.76 -47.88 70.35
CA ALA F 102 -58.17 -48.88 71.32
C ALA F 102 -57.52 -50.21 71.06
N LYS F 103 -57.60 -50.67 69.80
CA LYS F 103 -57.07 -51.98 69.42
C LYS F 103 -55.70 -51.86 68.74
N TRP F 104 -54.86 -50.96 69.26
CA TRP F 104 -53.53 -50.63 68.70
C TRP F 104 -52.61 -51.83 68.38
N GLN F 105 -52.07 -51.85 67.17
CA GLN F 105 -51.01 -52.79 66.76
C GLN F 105 -49.74 -51.99 66.60
N ASN F 106 -48.59 -52.62 66.85
CA ASN F 106 -47.32 -51.90 66.71
C ASN F 106 -46.93 -51.65 65.24
N SER F 107 -47.72 -52.21 64.32
CA SER F 107 -47.49 -51.99 62.89
C SER F 107 -48.17 -50.73 62.38
N TYR F 108 -49.00 -50.09 63.21
CA TYR F 108 -49.67 -48.86 62.83
C TYR F 108 -48.72 -47.67 62.92
N SER F 109 -49.18 -46.51 62.46
CA SER F 109 -48.37 -45.30 62.40
C SER F 109 -49.24 -44.04 62.46
N ILE F 110 -48.60 -42.88 62.50
CA ILE F 110 -49.32 -41.60 62.49
C ILE F 110 -50.30 -41.49 61.31
N LYS F 111 -49.85 -41.83 60.10
CA LYS F 111 -50.73 -41.75 58.93
C LYS F 111 -51.96 -42.65 59.11
N VAL F 112 -51.77 -43.84 59.69
CA VAL F 112 -52.86 -44.78 59.94
C VAL F 112 -53.84 -44.20 60.97
N VAL F 113 -53.31 -43.55 61.99
CA VAL F 113 -54.12 -42.88 63.00
C VAL F 113 -54.93 -41.76 62.34
N LEU F 114 -54.25 -40.89 61.60
CA LEU F 114 -54.91 -39.76 60.96
C LEU F 114 -55.96 -40.23 59.96
N GLN F 115 -55.70 -41.36 59.31
CA GLN F 115 -56.63 -41.90 58.33
C GLN F 115 -57.86 -42.51 58.97
N GLU F 116 -57.68 -43.11 60.15
CA GLU F 116 -58.80 -43.71 60.85
C GLU F 116 -59.79 -42.64 61.28
N LEU F 117 -59.28 -41.53 61.80
CA LEU F 117 -60.12 -40.41 62.20
C LEU F 117 -60.92 -39.88 61.02
N ARG F 118 -60.24 -39.61 59.91
CA ARG F 118 -60.89 -39.13 58.69
C ARG F 118 -62.00 -40.09 58.27
N ARG F 119 -61.73 -41.38 58.39
CA ARG F 119 -62.68 -42.42 57.98
C ARG F 119 -63.87 -42.49 58.93
N LEU F 120 -63.69 -42.05 60.16
CA LEU F 120 -64.77 -42.02 61.14
C LEU F 120 -65.64 -40.78 60.99
N MET F 121 -65.16 -39.83 60.22
CA MET F 121 -65.97 -38.66 59.88
C MET F 121 -67.05 -39.04 58.89
N MET F 122 -66.97 -40.27 58.39
CA MET F 122 -67.94 -40.81 57.43
C MET F 122 -69.04 -41.62 58.12
N SER F 123 -68.82 -41.94 59.39
CA SER F 123 -69.77 -42.70 60.20
C SER F 123 -71.20 -42.14 60.15
N LYS F 124 -72.17 -43.03 60.37
CA LYS F 124 -73.57 -42.68 60.21
C LYS F 124 -74.05 -41.63 61.22
N GLU F 125 -73.46 -41.65 62.41
CA GLU F 125 -73.83 -40.72 63.47
C GLU F 125 -72.90 -39.52 63.56
N ASN F 126 -71.79 -39.57 62.83
CA ASN F 126 -70.85 -38.46 62.81
C ASN F 126 -71.01 -37.52 61.63
N MET F 127 -71.34 -38.07 60.46
CA MET F 127 -71.41 -37.29 59.23
C MET F 127 -72.41 -36.12 59.29
N LYS F 128 -73.54 -36.31 59.97
CA LYS F 128 -74.58 -35.29 60.00
C LYS F 128 -74.67 -34.46 61.30
N LEU F 129 -73.57 -34.45 62.06
CA LEU F 129 -73.45 -33.58 63.24
C LEU F 129 -73.17 -32.14 62.80
N PRO F 130 -73.76 -31.15 63.50
CA PRO F 130 -73.52 -29.75 63.15
C PRO F 130 -72.11 -29.28 63.51
N GLN F 131 -71.47 -28.56 62.59
CA GLN F 131 -70.08 -28.13 62.76
C GLN F 131 -69.95 -26.66 63.16
N PRO F 132 -69.04 -26.36 64.09
CA PRO F 132 -68.80 -24.97 64.53
C PRO F 132 -68.31 -24.10 63.38
N PRO F 133 -68.57 -22.77 63.46
CA PRO F 133 -67.99 -21.84 62.51
C PRO F 133 -66.48 -22.05 62.41
N GLU F 134 -66.00 -22.27 61.18
CA GLU F 134 -64.61 -22.66 60.95
C GLU F 134 -63.63 -21.61 61.44
N GLY F 135 -62.45 -22.06 61.88
CA GLY F 135 -61.38 -21.18 62.31
C GLY F 135 -61.27 -21.03 63.81
N GLN F 136 -61.81 -21.98 64.55
CA GLN F 136 -61.73 -21.94 66.01
C GLN F 136 -60.77 -22.99 66.55
N THR F 137 -60.03 -22.64 67.61
CA THR F 137 -59.21 -23.62 68.31
C THR F 137 -59.82 -23.97 69.66
N TYR F 138 -59.21 -24.95 70.34
CA TYR F 138 -59.63 -25.30 71.68
C TYR F 138 -58.89 -24.48 72.74
N LEU G 2 -29.88 -64.50 61.21
CA LEU G 2 -29.03 -63.28 61.21
C LEU G 2 -27.81 -63.59 60.37
N PRO G 3 -27.59 -62.81 59.28
CA PRO G 3 -26.46 -63.06 58.37
C PRO G 3 -25.12 -63.15 59.09
N ARG G 4 -24.28 -64.10 58.69
CA ARG G 4 -22.97 -64.29 59.31
C ARG G 4 -22.12 -63.04 59.27
N ARG G 5 -22.24 -62.26 58.20
CA ARG G 5 -21.50 -61.02 58.07
C ARG G 5 -21.74 -60.07 59.26
N ILE G 6 -23.00 -59.91 59.68
CA ILE G 6 -23.30 -59.13 60.89
C ILE G 6 -22.74 -59.79 62.16
N ILE G 7 -22.83 -61.12 62.23
CA ILE G 7 -22.23 -61.87 63.34
C ILE G 7 -20.73 -61.65 63.37
N LYS G 8 -20.09 -61.66 62.20
CA LYS G 8 -18.65 -61.43 62.08
C LYS G 8 -18.29 -59.98 62.43
N GLU G 9 -19.09 -59.03 61.95
CA GLU G 9 -18.87 -57.60 62.19
C GLU G 9 -18.87 -57.31 63.68
N THR G 10 -19.88 -57.83 64.37
CA THR G 10 -20.07 -57.57 65.79
C THR G 10 -18.95 -58.24 66.58
N GLN G 11 -18.62 -59.47 66.17
CA GLN G 11 -17.49 -60.22 66.70
C GLN G 11 -16.21 -59.39 66.64
N ARG G 12 -16.00 -58.75 65.48
CA ARG G 12 -14.86 -57.86 65.23
C ARG G 12 -14.92 -56.58 66.06
N LEU G 13 -16.13 -56.07 66.30
CA LEU G 13 -16.28 -54.82 67.05
C LEU G 13 -15.83 -54.98 68.49
N LEU G 14 -16.12 -56.14 69.07
CA LEU G 14 -15.73 -56.44 70.45
C LEU G 14 -14.24 -56.72 70.54
N ALA G 15 -13.73 -57.52 69.61
CA ALA G 15 -12.32 -57.95 69.60
C ALA G 15 -11.35 -56.85 69.18
N GLU G 16 -11.74 -56.04 68.21
CA GLU G 16 -10.91 -54.95 67.70
C GLU G 16 -11.55 -53.59 67.95
N PRO G 17 -11.46 -53.07 69.18
CA PRO G 17 -12.16 -51.81 69.45
C PRO G 17 -11.36 -50.58 69.02
N VAL G 18 -12.04 -49.61 68.42
CA VAL G 18 -11.40 -48.39 67.93
C VAL G 18 -11.26 -47.36 69.05
N PRO G 19 -10.03 -46.89 69.34
CA PRO G 19 -9.83 -45.92 70.43
C PRO G 19 -10.63 -44.66 70.21
N GLY G 20 -11.47 -44.31 71.18
CA GLY G 20 -12.37 -43.17 71.06
C GLY G 20 -13.82 -43.60 70.96
N ILE G 21 -14.09 -44.53 70.06
CA ILE G 21 -15.44 -45.03 69.81
C ILE G 21 -15.72 -46.28 70.63
N LYS G 22 -16.81 -46.28 71.38
CA LYS G 22 -17.34 -47.53 71.93
C LYS G 22 -18.72 -47.84 71.34
N ALA G 23 -18.84 -49.03 70.76
CA ALA G 23 -20.07 -49.45 70.10
C ALA G 23 -20.54 -50.79 70.66
N GLU G 24 -21.85 -50.90 70.85
CA GLU G 24 -22.45 -52.08 71.48
C GLU G 24 -23.82 -52.39 70.89
N PRO G 25 -24.06 -53.66 70.56
CA PRO G 25 -25.40 -54.04 70.12
C PRO G 25 -26.35 -54.12 71.32
N ASP G 26 -27.58 -53.66 71.11
CA ASP G 26 -28.63 -53.72 72.11
C ASP G 26 -28.84 -55.15 72.57
N GLU G 27 -29.08 -55.34 73.86
CA GLU G 27 -29.23 -56.67 74.45
C GLU G 27 -30.40 -57.48 73.87
N SER G 28 -31.33 -56.78 73.21
CA SER G 28 -32.54 -57.40 72.66
C SER G 28 -32.73 -57.13 71.17
N ASN G 29 -31.82 -56.34 70.59
CA ASN G 29 -31.82 -56.08 69.15
C ASN G 29 -30.41 -56.12 68.56
N ALA G 30 -30.10 -57.22 67.87
CA ALA G 30 -28.75 -57.47 67.36
C ALA G 30 -28.35 -56.58 66.19
N ARG G 31 -29.31 -55.84 65.65
CA ARG G 31 -29.07 -54.96 64.52
C ARG G 31 -28.97 -53.49 64.95
N TYR G 32 -29.19 -53.23 66.22
CA TYR G 32 -29.26 -51.87 66.75
C TYR G 32 -28.08 -51.60 67.68
N PHE G 33 -27.18 -50.72 67.26
CA PHE G 33 -25.96 -50.43 68.00
C PHE G 33 -26.00 -49.08 68.70
N HIS G 34 -25.78 -49.10 70.02
CA HIS G 34 -25.57 -47.90 70.79
C HIS G 34 -24.10 -47.55 70.69
N VAL G 35 -23.84 -46.34 70.21
CA VAL G 35 -22.47 -45.91 69.94
C VAL G 35 -22.17 -44.65 70.72
N VAL G 36 -20.95 -44.56 71.25
CA VAL G 36 -20.44 -43.32 71.84
C VAL G 36 -19.08 -42.95 71.25
N ILE G 37 -18.95 -41.71 70.79
CA ILE G 37 -17.70 -41.22 70.20
C ILE G 37 -17.11 -40.07 71.02
N ALA G 38 -15.90 -40.28 71.52
CA ALA G 38 -15.14 -39.25 72.22
C ALA G 38 -14.75 -38.14 71.26
N GLY G 39 -14.92 -36.89 71.69
CA GLY G 39 -14.48 -35.75 70.89
C GLY G 39 -12.97 -35.77 70.77
N PRO G 40 -12.44 -35.65 69.54
CA PRO G 40 -10.99 -35.74 69.29
C PRO G 40 -10.20 -34.60 69.92
N GLN G 41 -8.94 -34.87 70.22
CA GLN G 41 -8.02 -33.85 70.72
C GLN G 41 -7.83 -32.74 69.68
N ASP G 42 -7.68 -31.52 70.16
CA ASP G 42 -7.42 -30.34 69.31
C ASP G 42 -8.61 -29.94 68.45
N SER G 43 -9.68 -30.74 68.48
CA SER G 43 -10.94 -30.39 67.83
C SER G 43 -11.75 -29.47 68.77
N PRO G 44 -12.83 -28.87 68.27
CA PRO G 44 -13.67 -28.07 69.16
C PRO G 44 -14.46 -28.98 70.11
N PHE G 45 -14.49 -30.26 69.77
CA PHE G 45 -15.33 -31.21 70.47
C PHE G 45 -14.59 -31.94 71.58
N GLU G 46 -13.36 -31.48 71.87
CA GLU G 46 -12.58 -31.94 73.01
C GLU G 46 -13.40 -31.85 74.28
N GLY G 47 -13.31 -32.88 75.11
CA GLY G 47 -14.05 -32.94 76.36
C GLY G 47 -15.44 -33.49 76.19
N GLY G 48 -15.99 -33.42 74.99
CA GLY G 48 -17.35 -33.91 74.73
C GLY G 48 -17.40 -35.37 74.33
N THR G 49 -18.42 -36.07 74.82
CA THR G 49 -18.69 -37.45 74.38
C THR G 49 -20.05 -37.45 73.73
N PHE G 50 -20.13 -38.00 72.52
CA PHE G 50 -21.34 -37.89 71.72
C PHE G 50 -22.05 -39.21 71.50
N LYS G 51 -23.32 -39.25 71.85
CA LYS G 51 -24.15 -40.44 71.65
C LYS G 51 -24.56 -40.58 70.17
N LEU G 52 -24.49 -41.81 69.66
CA LEU G 52 -24.94 -42.11 68.29
C LEU G 52 -25.70 -43.43 68.21
N GLU G 53 -26.73 -43.48 67.37
CA GLU G 53 -27.44 -44.73 67.10
C GLU G 53 -27.09 -45.26 65.72
N LEU G 54 -26.85 -46.56 65.65
CA LEU G 54 -26.56 -47.18 64.38
C LEU G 54 -27.45 -48.39 64.21
N PHE G 55 -28.22 -48.40 63.12
CA PHE G 55 -29.10 -49.51 62.82
C PHE G 55 -28.67 -50.15 61.51
N LEU G 56 -28.75 -51.48 61.46
CA LEU G 56 -28.46 -52.25 60.27
C LEU G 56 -29.77 -52.72 59.63
N PRO G 57 -30.21 -52.06 58.54
CA PRO G 57 -31.47 -52.35 57.87
C PRO G 57 -31.46 -53.75 57.27
N GLU G 58 -32.64 -54.27 56.94
CA GLU G 58 -32.73 -55.61 56.36
C GLU G 58 -31.90 -55.75 55.09
N GLU G 59 -31.59 -54.62 54.46
CA GLU G 59 -30.87 -54.59 53.18
C GLU G 59 -29.34 -54.62 53.32
N TYR G 60 -28.84 -54.51 54.55
CA TYR G 60 -27.39 -54.52 54.82
C TYR G 60 -26.77 -55.85 54.44
N PRO G 61 -25.62 -55.83 53.74
CA PRO G 61 -24.74 -54.72 53.41
C PRO G 61 -24.93 -54.12 52.01
N MET G 62 -26.01 -54.49 51.33
CA MET G 62 -26.29 -53.98 49.99
C MET G 62 -26.69 -52.52 50.04
N ALA G 63 -27.32 -52.11 51.14
CA ALA G 63 -27.61 -50.70 51.42
C ALA G 63 -27.00 -50.32 52.76
N ALA G 64 -26.57 -49.07 52.87
CA ALA G 64 -25.79 -48.59 54.02
C ALA G 64 -26.55 -48.66 55.35
N PRO G 65 -25.81 -48.82 56.46
CA PRO G 65 -26.43 -48.74 57.78
C PRO G 65 -26.99 -47.34 58.05
N LYS G 66 -28.15 -47.27 58.69
CA LYS G 66 -28.72 -46.00 59.11
C LYS G 66 -27.98 -45.48 60.37
N VAL G 67 -27.65 -44.19 60.37
CA VAL G 67 -26.92 -43.57 61.49
C VAL G 67 -27.47 -42.20 61.83
N ARG G 68 -27.50 -41.88 63.13
CA ARG G 68 -27.96 -40.58 63.61
C ARG G 68 -27.24 -40.21 64.91
N PHE G 69 -27.06 -38.92 65.15
CA PHE G 69 -26.58 -38.41 66.45
C PHE G 69 -27.73 -38.30 67.44
N MET G 70 -27.44 -38.57 68.71
CA MET G 70 -28.41 -38.40 69.79
C MET G 70 -28.01 -37.23 70.68
N THR G 71 -26.85 -36.66 70.40
CA THR G 71 -26.30 -35.50 71.10
C THR G 71 -26.37 -34.30 70.18
N LYS G 72 -26.87 -33.17 70.69
CA LYS G 72 -26.88 -31.93 69.91
C LYS G 72 -25.43 -31.48 69.65
N ILE G 73 -25.13 -31.15 68.39
CA ILE G 73 -23.77 -30.79 67.98
C ILE G 73 -23.77 -29.76 66.86
N TYR G 74 -22.86 -28.79 66.93
CA TYR G 74 -22.70 -27.77 65.89
C TYR G 74 -21.62 -28.23 64.91
N HIS G 75 -22.05 -28.65 63.72
CA HIS G 75 -21.17 -29.30 62.77
C HIS G 75 -21.77 -29.21 61.37
N PRO G 76 -20.93 -28.90 60.35
CA PRO G 76 -21.40 -28.70 58.98
C PRO G 76 -22.12 -29.91 58.41
N ASN G 77 -21.86 -31.10 58.93
CA ASN G 77 -22.42 -32.32 58.36
C ASN G 77 -23.49 -32.97 59.23
N VAL G 78 -23.78 -32.37 60.38
CA VAL G 78 -24.89 -32.81 61.22
C VAL G 78 -25.96 -31.72 61.29
N ASP G 79 -27.20 -32.08 60.96
CA ASP G 79 -28.31 -31.14 61.04
C ASP G 79 -28.88 -31.12 62.47
N LYS G 80 -29.98 -30.41 62.67
CA LYS G 80 -30.58 -30.24 63.99
C LYS G 80 -31.16 -31.53 64.57
N LEU G 81 -31.58 -32.44 63.68
CA LEU G 81 -32.20 -33.69 64.12
C LEU G 81 -31.20 -34.83 64.34
N GLY G 82 -29.92 -34.51 64.26
CA GLY G 82 -28.86 -35.50 64.46
C GLY G 82 -28.49 -36.25 63.20
N ARG G 83 -29.15 -35.90 62.10
CA ARG G 83 -28.92 -36.58 60.83
C ARG G 83 -27.58 -36.18 60.23
N ILE G 84 -26.89 -37.18 59.67
CA ILE G 84 -25.54 -36.97 59.15
C ILE G 84 -25.51 -36.95 57.63
N CYS G 85 -24.95 -35.88 57.08
CA CYS G 85 -24.65 -35.80 55.67
C CYS G 85 -23.23 -36.28 55.41
N LEU G 86 -23.13 -37.47 54.81
CA LEU G 86 -21.85 -38.15 54.62
C LEU G 86 -21.92 -39.06 53.40
N ASP G 87 -21.02 -38.85 52.46
CA ASP G 87 -20.97 -39.57 51.19
C ASP G 87 -21.32 -41.04 51.31
N ILE G 88 -20.57 -41.72 52.16
CA ILE G 88 -20.65 -43.18 52.30
C ILE G 88 -21.92 -43.68 52.97
N LEU G 89 -22.76 -42.75 53.44
CA LEU G 89 -23.99 -43.14 54.13
C LEU G 89 -25.20 -43.32 53.20
N LYS G 90 -25.05 -42.87 51.95
CA LYS G 90 -26.02 -43.20 50.92
C LYS G 90 -25.42 -43.22 49.52
N ASP G 91 -24.73 -42.15 49.15
CA ASP G 91 -24.32 -41.94 47.78
C ASP G 91 -23.18 -42.86 47.33
N LYS G 92 -22.09 -42.84 48.08
CA LYS G 92 -20.91 -43.66 47.76
C LYS G 92 -20.74 -44.80 48.76
N TRP G 93 -21.85 -45.42 49.15
CA TRP G 93 -21.81 -46.63 49.97
C TRP G 93 -21.56 -47.87 49.11
N SER G 94 -20.81 -48.81 49.65
CA SER G 94 -20.46 -50.04 48.95
C SER G 94 -20.36 -51.19 49.96
N PRO G 95 -20.74 -52.41 49.54
CA PRO G 95 -20.61 -53.58 50.41
C PRO G 95 -19.17 -53.85 50.82
N ALA G 96 -18.21 -53.36 50.05
CA ALA G 96 -16.79 -53.52 50.37
C ALA G 96 -16.37 -52.67 51.57
N LEU G 97 -17.29 -51.84 52.05
CA LEU G 97 -17.08 -51.10 53.29
C LEU G 97 -17.82 -51.79 54.42
N GLN G 98 -17.58 -51.35 55.65
CA GLN G 98 -18.20 -51.98 56.81
C GLN G 98 -18.49 -51.00 57.93
N ILE G 99 -19.30 -51.43 58.89
CA ILE G 99 -19.69 -50.63 60.05
C ILE G 99 -18.52 -49.86 60.64
N ARG G 100 -17.37 -50.51 60.71
CA ARG G 100 -16.13 -49.89 61.17
C ARG G 100 -15.78 -48.62 60.38
N THR G 101 -15.75 -48.75 59.06
CA THR G 101 -15.50 -47.62 58.16
C THR G 101 -16.38 -46.42 58.53
N VAL G 102 -17.68 -46.69 58.71
CA VAL G 102 -18.65 -45.66 59.07
C VAL G 102 -18.25 -44.96 60.37
N LEU G 103 -17.99 -45.75 61.41
CA LEU G 103 -17.55 -45.21 62.70
C LEU G 103 -16.28 -44.38 62.54
N LEU G 104 -15.26 -44.95 61.89
CA LEU G 104 -14.02 -44.24 61.60
C LEU G 104 -14.24 -42.95 60.82
N SER G 105 -15.18 -43.01 59.87
CA SER G 105 -15.53 -41.90 59.00
C SER G 105 -16.16 -40.73 59.77
N ILE G 106 -17.08 -41.04 60.68
CA ILE G 106 -17.70 -40.04 61.53
C ILE G 106 -16.68 -39.45 62.49
N GLN G 107 -15.68 -40.24 62.86
CA GLN G 107 -14.63 -39.79 63.76
C GLN G 107 -13.79 -38.73 63.06
N ALA G 108 -13.39 -39.03 61.82
CA ALA G 108 -12.59 -38.11 61.01
C ALA G 108 -13.32 -36.79 60.85
N LEU G 109 -14.62 -36.92 60.62
CA LEU G 109 -15.50 -35.78 60.44
C LEU G 109 -15.41 -34.81 61.60
N LEU G 110 -15.47 -35.34 62.83
CA LEU G 110 -15.35 -34.52 64.03
C LEU G 110 -13.96 -33.95 64.16
N SER G 111 -12.96 -34.73 63.74
CA SER G 111 -11.57 -34.31 63.86
C SER G 111 -11.25 -33.13 62.94
N ALA G 112 -11.90 -33.10 61.77
CA ALA G 112 -11.78 -31.98 60.84
C ALA G 112 -13.09 -31.77 60.09
N PRO G 113 -13.95 -30.87 60.60
CA PRO G 113 -15.22 -30.52 59.96
C PRO G 113 -15.03 -29.81 58.63
N ASN G 114 -15.68 -30.31 57.59
CA ASN G 114 -15.40 -29.83 56.24
C ASN G 114 -16.64 -29.40 55.43
N PRO G 115 -16.85 -28.07 55.31
CA PRO G 115 -17.98 -27.49 54.60
C PRO G 115 -17.73 -27.21 53.10
N ASP G 116 -16.90 -28.04 52.46
CA ASP G 116 -16.59 -27.90 51.03
C ASP G 116 -17.52 -28.74 50.13
N ASP G 117 -18.41 -29.49 50.77
CA ASP G 117 -19.39 -30.36 50.11
C ASP G 117 -20.51 -29.55 49.42
N PRO G 118 -21.67 -30.19 49.10
CA PRO G 118 -22.78 -29.38 48.57
C PRO G 118 -23.23 -28.30 49.56
N LEU G 119 -22.93 -28.54 50.84
CA LEU G 119 -23.02 -27.56 51.93
C LEU G 119 -24.35 -26.78 52.03
N ALA G 120 -25.44 -27.46 51.68
CA ALA G 120 -26.75 -26.82 51.49
C ALA G 120 -27.43 -26.28 52.76
N ASN G 121 -26.66 -26.08 53.83
CA ASN G 121 -27.19 -25.51 55.07
C ASN G 121 -26.39 -24.33 55.62
N ASP G 122 -26.96 -23.64 56.61
CA ASP G 122 -26.39 -22.40 57.16
C ASP G 122 -25.20 -22.65 58.07
N VAL G 123 -25.10 -23.87 58.60
CA VAL G 123 -23.99 -24.25 59.48
C VAL G 123 -22.72 -24.36 58.65
N ALA G 124 -22.79 -25.17 57.59
CA ALA G 124 -21.65 -25.37 56.69
C ALA G 124 -21.22 -24.06 56.01
N GLU G 125 -22.21 -23.25 55.64
CA GLU G 125 -21.97 -21.93 55.07
C GLU G 125 -21.30 -21.03 56.12
N GLN G 126 -21.80 -21.09 57.35
CA GLN G 126 -21.26 -20.35 58.48
C GLN G 126 -19.82 -20.73 58.73
N TRP G 127 -19.51 -22.00 58.48
CA TRP G 127 -18.21 -22.57 58.80
C TRP G 127 -17.07 -22.15 57.86
N LYS G 128 -17.38 -21.83 56.61
CA LYS G 128 -16.33 -21.32 55.72
C LYS G 128 -16.39 -19.80 55.52
N THR G 129 -17.47 -19.18 55.98
CA THR G 129 -17.58 -17.72 55.98
C THR G 129 -16.99 -17.14 57.26
N ASN G 130 -17.18 -17.85 58.38
CA ASN G 130 -16.58 -17.48 59.64
C ASN G 130 -16.28 -18.72 60.46
N GLU G 131 -15.14 -19.33 60.17
CA GLU G 131 -14.67 -20.51 60.89
C GLU G 131 -14.31 -20.18 62.34
N ALA G 132 -13.72 -19.00 62.52
CA ALA G 132 -13.38 -18.50 63.84
C ALA G 132 -14.58 -18.57 64.77
N GLN G 133 -15.68 -17.95 64.35
CA GLN G 133 -16.92 -17.97 65.12
C GLN G 133 -17.47 -19.38 65.21
N ALA G 134 -17.46 -20.09 64.09
CA ALA G 134 -17.97 -21.46 64.01
C ALA G 134 -17.31 -22.37 65.05
N ILE G 135 -15.99 -22.38 65.07
CA ILE G 135 -15.24 -23.21 66.03
C ILE G 135 -15.55 -22.83 67.48
N GLU G 136 -15.63 -21.51 67.74
CA GLU G 136 -15.93 -20.99 69.08
C GLU G 136 -17.36 -21.34 69.52
N THR G 137 -18.29 -21.37 68.57
CA THR G 137 -19.67 -21.78 68.85
C THR G 137 -19.72 -23.27 69.22
N ALA G 138 -19.09 -24.11 68.39
CA ALA G 138 -19.05 -25.55 68.60
C ALA G 138 -18.49 -25.87 69.97
N ARG G 139 -17.46 -25.13 70.35
CA ARG G 139 -16.86 -25.19 71.68
C ARG G 139 -17.95 -25.08 72.76
N ALA G 140 -18.73 -24.00 72.68
CA ALA G 140 -19.81 -23.71 73.63
C ALA G 140 -20.90 -24.78 73.64
N TRP G 141 -21.38 -25.16 72.46
CA TRP G 141 -22.41 -26.20 72.33
C TRP G 141 -21.95 -27.51 72.95
N THR G 142 -20.66 -27.81 72.80
CA THR G 142 -20.06 -29.00 73.39
C THR G 142 -20.35 -29.04 74.89
N ARG G 143 -20.17 -27.90 75.56
CA ARG G 143 -20.46 -27.81 77.00
C ARG G 143 -21.94 -27.90 77.34
N LEU G 144 -22.80 -27.43 76.44
CA LEU G 144 -24.21 -27.36 76.76
C LEU G 144 -24.95 -28.67 76.61
N TYR G 145 -24.42 -29.57 75.77
CA TYR G 145 -25.15 -30.77 75.38
C TYR G 145 -24.32 -32.06 75.39
N ALA G 146 -23.00 -31.91 75.41
CA ALA G 146 -22.12 -33.07 75.29
C ALA G 146 -21.17 -33.29 76.47
N MET G 147 -21.43 -32.63 77.59
CA MET G 147 -20.60 -32.84 78.77
C MET G 147 -21.37 -33.39 79.96
N ASN G 148 -22.26 -34.34 79.67
CA ASN G 148 -22.82 -35.23 80.65
C ASN G 148 -22.48 -36.67 80.24
N ASN H 2 -32.62 -59.51 -19.22
CA ASN H 2 -32.45 -59.01 -17.82
C ASN H 2 -32.68 -57.50 -17.72
N PRO H 3 -33.89 -57.08 -17.30
CA PRO H 3 -34.16 -55.66 -17.13
C PRO H 3 -33.86 -55.15 -15.72
N LEU H 4 -33.45 -53.88 -15.63
CA LEU H 4 -33.24 -53.22 -14.35
C LEU H 4 -34.58 -52.94 -13.69
N VAL H 5 -35.55 -52.51 -14.50
CA VAL H 5 -36.95 -52.37 -14.10
C VAL H 5 -37.81 -53.02 -15.19
N SER H 6 -38.64 -53.98 -14.80
CA SER H 6 -39.47 -54.73 -15.75
C SER H 6 -40.86 -54.11 -15.93
N GLU H 7 -41.70 -54.75 -16.75
CA GLU H 7 -43.06 -54.30 -17.02
C GLU H 7 -44.01 -54.66 -15.88
N ARG H 8 -45.26 -54.19 -15.95
CA ARG H 8 -46.27 -54.53 -14.94
C ARG H 8 -46.91 -55.90 -15.19
N LEU H 9 -46.34 -56.93 -14.57
CA LEU H 9 -46.91 -58.29 -14.60
C LEU H 9 -47.95 -58.45 -13.50
N GLU H 10 -48.80 -59.47 -13.62
CA GLU H 10 -49.78 -59.78 -12.58
C GLU H 10 -49.14 -60.38 -11.33
N LEU H 11 -49.91 -60.43 -10.25
CA LEU H 11 -49.46 -60.99 -8.98
C LEU H 11 -49.53 -62.53 -9.00
N SER H 12 -50.04 -63.07 -10.11
CA SER H 12 -50.19 -64.51 -10.31
C SER H 12 -48.87 -65.23 -10.57
N VAL H 13 -47.93 -64.52 -11.21
CA VAL H 13 -46.62 -65.09 -11.57
C VAL H 13 -45.71 -65.32 -10.34
N LEU H 14 -46.21 -64.96 -9.16
CA LEU H 14 -45.50 -65.19 -7.90
C LEU H 14 -45.61 -66.64 -7.43
N TYR H 15 -46.65 -67.34 -7.91
CA TYR H 15 -46.84 -68.76 -7.63
C TYR H 15 -45.77 -69.61 -8.30
N LYS H 16 -45.08 -69.02 -9.28
CA LYS H 16 -43.98 -69.66 -10.00
C LYS H 16 -42.70 -69.62 -9.18
N GLU H 17 -42.65 -68.73 -8.20
CA GLU H 17 -41.46 -68.53 -7.36
C GLU H 17 -41.62 -69.21 -6.01
N ASP H 21 -39.71 -75.01 -4.13
CA ASP H 21 -40.96 -75.57 -3.62
C ASP H 21 -41.31 -75.03 -2.23
N ASP H 22 -41.31 -73.70 -2.11
CA ASP H 22 -41.69 -73.02 -0.87
C ASP H 22 -43.21 -73.11 -0.73
N ASN H 23 -43.67 -73.85 0.29
CA ASN H 23 -45.06 -74.28 0.38
C ASN H 23 -46.00 -73.41 1.24
N ILE H 24 -45.53 -73.02 2.43
CA ILE H 24 -46.37 -72.24 3.36
C ILE H 24 -46.36 -70.73 3.05
N TYR H 25 -45.46 -70.31 2.18
CA TYR H 25 -45.42 -68.94 1.67
C TYR H 25 -46.46 -68.69 0.56
N GLN H 26 -47.07 -69.76 0.07
CA GLN H 26 -48.04 -69.71 -1.04
C GLN H 26 -49.39 -69.10 -0.67
N GLN H 27 -49.91 -69.43 0.51
CA GLN H 27 -51.16 -68.84 1.01
C GLN H 27 -50.98 -67.44 1.63
N LYS H 28 -49.73 -66.95 1.62
CA LYS H 28 -49.42 -65.56 2.01
C LYS H 28 -49.57 -64.62 0.82
N ILE H 29 -49.35 -65.15 -0.38
CA ILE H 29 -49.58 -64.42 -1.63
C ILE H 29 -51.09 -64.26 -1.88
N LYS H 30 -51.87 -65.19 -1.32
CA LYS H 30 -53.33 -65.15 -1.41
C LYS H 30 -53.91 -64.00 -0.60
N ASP H 31 -53.19 -63.58 0.45
CA ASP H 31 -53.54 -62.42 1.26
C ASP H 31 -53.20 -61.12 0.54
N LEU H 32 -52.12 -61.15 -0.25
CA LEU H 32 -51.67 -60.01 -1.03
C LEU H 32 -52.56 -59.73 -2.25
N HIS H 33 -53.25 -60.76 -2.74
CA HIS H 33 -54.21 -60.62 -3.83
C HIS H 33 -55.47 -59.92 -3.36
N LYS H 34 -55.79 -60.07 -2.08
CA LYS H 34 -56.99 -59.50 -1.47
C LYS H 34 -56.93 -57.98 -1.38
N LYS H 35 -55.73 -57.42 -1.58
CA LYS H 35 -55.49 -55.98 -1.44
C LYS H 35 -54.77 -55.39 -2.66
N TYR H 36 -53.92 -56.19 -3.29
CA TYR H 36 -53.13 -55.73 -4.44
C TYR H 36 -53.42 -56.55 -5.70
N SER H 37 -53.04 -56.01 -6.86
CA SER H 37 -53.33 -56.64 -8.14
C SER H 37 -52.12 -56.83 -9.06
N TYR H 38 -51.25 -55.82 -9.14
CA TYR H 38 -50.09 -55.84 -10.05
C TYR H 38 -48.73 -55.71 -9.34
N ILE H 39 -47.69 -56.25 -9.98
CA ILE H 39 -46.32 -56.27 -9.42
C ILE H 39 -45.27 -55.80 -10.44
N ARG H 40 -44.15 -55.28 -9.94
CA ARG H 40 -43.06 -54.81 -10.79
C ARG H 40 -41.68 -55.19 -10.22
N LYS H 41 -40.93 -55.96 -11.00
CA LYS H 41 -39.62 -56.49 -10.58
C LYS H 41 -38.45 -55.54 -10.83
N THR H 42 -37.43 -55.64 -9.98
CA THR H 42 -36.15 -54.96 -10.17
C THR H 42 -34.98 -55.94 -10.00
N ARG H 43 -33.79 -55.52 -10.45
CA ARG H 43 -32.57 -56.33 -10.34
C ARG H 43 -32.25 -56.71 -8.90
N PRO H 44 -32.00 -58.00 -8.64
CA PRO H 44 -31.50 -58.42 -7.33
C PRO H 44 -30.01 -58.07 -7.18
N ASP H 45 -29.70 -56.77 -7.14
CA ASP H 45 -28.33 -56.28 -7.13
C ASP H 45 -28.00 -55.38 -5.94
N GLY H 46 -28.96 -55.24 -5.02
CA GLY H 46 -28.76 -54.43 -3.81
C GLY H 46 -29.21 -52.98 -3.88
N ASN H 47 -29.54 -52.52 -5.10
CA ASN H 47 -30.04 -51.16 -5.30
C ASN H 47 -31.57 -51.09 -5.38
N CYS H 48 -32.22 -52.19 -5.00
CA CYS H 48 -33.66 -52.39 -5.16
C CYS H 48 -34.54 -51.23 -4.66
N PHE H 49 -34.39 -50.90 -3.37
CA PHE H 49 -35.21 -49.85 -2.75
C PHE H 49 -35.05 -48.49 -3.44
N TYR H 50 -33.88 -48.24 -4.01
CA TYR H 50 -33.61 -47.00 -4.73
C TYR H 50 -34.04 -47.08 -6.18
N ARG H 51 -34.07 -48.29 -6.73
CA ARG H 51 -34.65 -48.55 -8.05
C ARG H 51 -36.16 -48.37 -8.03
N ALA H 52 -36.79 -48.99 -7.03
CA ALA H 52 -38.24 -49.08 -6.94
C ALA H 52 -38.90 -47.74 -6.57
N PHE H 53 -38.37 -47.09 -5.54
CA PHE H 53 -38.88 -45.78 -5.11
C PHE H 53 -38.76 -44.73 -6.21
N GLY H 54 -37.60 -44.76 -6.90
CA GLY H 54 -37.35 -43.85 -8.01
C GLY H 54 -38.40 -43.95 -9.10
N PHE H 55 -38.83 -45.16 -9.41
CA PHE H 55 -39.81 -45.39 -10.47
C PHE H 55 -41.25 -45.28 -9.97
N SER H 56 -41.54 -45.82 -8.79
CA SER H 56 -42.89 -45.87 -8.24
C SER H 56 -43.47 -44.50 -7.93
N HIS H 57 -42.61 -43.52 -7.63
CA HIS H 57 -43.06 -42.18 -7.31
C HIS H 57 -43.06 -41.22 -8.50
N LEU H 58 -42.16 -41.44 -9.46
CA LEU H 58 -42.15 -40.66 -10.70
C LEU H 58 -43.23 -41.14 -11.68
N GLU H 59 -43.63 -42.40 -11.52
CA GLU H 59 -44.76 -42.97 -12.24
C GLU H 59 -46.06 -42.47 -11.64
N ALA H 60 -46.07 -42.26 -10.32
CA ALA H 60 -47.23 -41.74 -9.60
C ALA H 60 -47.44 -40.25 -9.84
N LEU H 61 -46.35 -39.52 -10.08
CA LEU H 61 -46.41 -38.08 -10.34
C LEU H 61 -46.78 -37.75 -11.78
N LEU H 62 -46.98 -38.80 -12.58
CA LEU H 62 -47.49 -38.66 -13.95
C LEU H 62 -48.87 -38.00 -13.98
N ASP H 63 -49.68 -38.25 -12.95
CA ASP H 63 -51.04 -37.71 -12.87
C ASP H 63 -51.15 -36.54 -11.90
N ASP H 64 -50.48 -36.66 -10.75
CA ASP H 64 -50.53 -35.66 -9.70
C ASP H 64 -49.63 -34.47 -10.03
N SER H 65 -50.21 -33.49 -10.71
CA SER H 65 -49.51 -32.26 -11.08
C SER H 65 -49.22 -31.42 -9.84
N LYS H 66 -50.13 -31.49 -8.86
CA LYS H 66 -50.06 -30.71 -7.62
C LYS H 66 -48.85 -31.10 -6.76
N GLU H 67 -48.59 -32.40 -6.66
CA GLU H 67 -47.44 -32.90 -5.90
C GLU H 67 -46.14 -32.91 -6.72
N LEU H 68 -46.25 -32.97 -8.04
CA LEU H 68 -45.08 -32.92 -8.94
C LEU H 68 -44.25 -31.66 -8.70
N GLN H 69 -44.91 -30.50 -8.71
CA GLN H 69 -44.25 -29.21 -8.48
C GLN H 69 -43.88 -29.04 -7.01
N ARG H 70 -44.69 -29.64 -6.14
CA ARG H 70 -44.42 -29.71 -4.70
C ARG H 70 -43.16 -30.55 -4.43
N PHE H 71 -42.93 -31.55 -5.27
CA PHE H 71 -41.81 -32.49 -5.17
C PHE H 71 -40.51 -31.92 -5.76
N LYS H 72 -40.65 -31.07 -6.78
CA LYS H 72 -39.50 -30.41 -7.42
C LYS H 72 -38.92 -29.33 -6.52
N ALA H 73 -39.78 -28.71 -5.70
CA ALA H 73 -39.38 -27.68 -4.74
C ALA H 73 -38.39 -28.19 -3.68
N VAL H 74 -38.61 -29.42 -3.23
CA VAL H 74 -37.73 -30.07 -2.24
C VAL H 74 -36.47 -30.65 -2.89
N SER H 75 -36.62 -31.15 -4.11
CA SER H 75 -35.53 -31.81 -4.83
C SER H 75 -34.47 -30.85 -5.38
N ALA H 76 -34.87 -29.58 -5.56
CA ALA H 76 -33.94 -28.53 -5.98
C ALA H 76 -33.24 -27.91 -4.77
N LYS H 77 -33.98 -27.82 -3.66
CA LYS H 77 -33.47 -27.26 -2.41
C LYS H 77 -32.56 -28.26 -1.69
N SER H 78 -32.58 -29.52 -2.11
CA SER H 78 -31.77 -30.58 -1.51
C SER H 78 -30.28 -30.42 -1.82
N LYS H 79 -29.95 -29.89 -3.00
CA LYS H 79 -28.58 -29.63 -3.41
C LYS H 79 -27.91 -28.58 -2.52
N GLU H 80 -28.64 -27.50 -2.25
CA GLU H 80 -28.17 -26.42 -1.37
C GLU H 80 -28.06 -26.90 0.06
N ASP H 81 -28.98 -27.79 0.44
CA ASP H 81 -29.05 -28.34 1.79
C ASP H 81 -27.88 -29.29 2.05
N LEU H 82 -27.57 -30.12 1.05
CA LEU H 82 -26.47 -31.10 1.12
C LEU H 82 -25.10 -30.42 1.22
N VAL H 83 -24.86 -29.40 0.40
CA VAL H 83 -23.58 -28.66 0.43
C VAL H 83 -23.44 -27.79 1.69
N SER H 84 -24.59 -27.35 2.23
CA SER H 84 -24.63 -26.59 3.47
C SER H 84 -24.48 -27.51 4.68
N GLN H 85 -24.55 -28.82 4.43
CA GLN H 85 -24.41 -29.82 5.49
C GLN H 85 -22.97 -30.31 5.61
N GLY H 86 -22.29 -30.48 4.47
CA GLY H 86 -20.89 -30.90 4.47
C GLY H 86 -20.35 -31.49 3.18
N PHE H 87 -21.23 -31.83 2.26
CA PHE H 87 -20.85 -32.42 0.98
C PHE H 87 -20.22 -31.37 0.06
N THR H 88 -19.23 -31.78 -0.74
CA THR H 88 -18.58 -30.88 -1.70
C THR H 88 -19.48 -30.71 -2.92
N GLU H 89 -19.49 -29.49 -3.46
CA GLU H 89 -20.37 -29.14 -4.58
C GLU H 89 -20.16 -29.99 -5.83
N PHE H 90 -18.95 -29.95 -6.38
CA PHE H 90 -18.64 -30.63 -7.65
C PHE H 90 -18.79 -32.15 -7.59
N THR H 91 -19.06 -32.67 -6.40
CA THR H 91 -19.19 -34.10 -6.17
C THR H 91 -20.65 -34.56 -6.39
N ILE H 92 -21.59 -33.83 -5.81
CA ILE H 92 -23.01 -34.18 -5.93
C ILE H 92 -23.65 -33.56 -7.19
N GLU H 93 -22.85 -32.74 -7.88
CA GLU H 93 -23.25 -32.01 -9.08
C GLU H 93 -24.04 -32.83 -10.09
N ASP H 94 -23.37 -33.85 -10.65
CA ASP H 94 -23.88 -34.61 -11.80
C ASP H 94 -25.09 -35.47 -11.48
N PHE H 95 -25.11 -35.99 -10.25
CA PHE H 95 -26.19 -36.87 -9.79
C PHE H 95 -27.42 -36.07 -9.41
N HIS H 96 -27.22 -34.79 -9.10
CA HIS H 96 -28.31 -33.85 -8.91
C HIS H 96 -28.90 -33.44 -10.27
N ASN H 97 -28.02 -33.25 -11.26
CA ASN H 97 -28.44 -32.94 -12.63
C ASN H 97 -29.32 -34.03 -13.21
N THR H 98 -28.92 -35.29 -12.99
CA THR H 98 -29.67 -36.46 -13.43
C THR H 98 -31.02 -36.57 -12.72
N PHE H 99 -31.06 -36.15 -11.45
CA PHE H 99 -32.28 -36.19 -10.65
C PHE H 99 -33.28 -35.11 -11.08
N MET H 100 -32.79 -33.91 -11.37
CA MET H 100 -33.63 -32.82 -11.84
C MET H 100 -34.09 -33.07 -13.26
N ASP H 101 -33.32 -33.90 -13.98
CA ASP H 101 -33.64 -34.25 -15.37
C ASP H 101 -34.74 -35.32 -15.46
N LEU H 102 -34.92 -36.09 -14.38
CA LEU H 102 -35.98 -37.10 -14.32
C LEU H 102 -37.24 -36.58 -13.60
N ILE H 103 -37.21 -35.31 -13.19
CA ILE H 103 -38.40 -34.61 -12.74
C ILE H 103 -38.92 -33.71 -13.88
N GLU H 104 -38.02 -33.31 -14.78
CA GLU H 104 -38.39 -32.54 -15.96
C GLU H 104 -38.99 -33.43 -17.06
N GLN H 105 -38.69 -34.73 -17.01
CA GLN H 105 -39.32 -35.72 -17.89
C GLN H 105 -40.78 -35.98 -17.53
N VAL H 106 -41.10 -35.80 -16.25
CA VAL H 106 -42.47 -35.94 -15.75
C VAL H 106 -43.21 -34.60 -15.85
N GLU H 107 -42.44 -33.50 -15.73
CA GLU H 107 -42.91 -32.13 -15.98
C GLU H 107 -43.52 -32.01 -17.38
N LYS H 108 -42.80 -32.55 -18.36
CA LYS H 108 -43.30 -32.66 -19.72
C LYS H 108 -43.83 -34.07 -19.92
N GLN H 109 -45.13 -34.23 -19.68
CA GLN H 109 -45.82 -35.53 -19.58
C GLN H 109 -45.33 -36.63 -20.54
N THR H 110 -44.34 -37.39 -20.08
CA THR H 110 -43.84 -38.53 -20.84
C THR H 110 -44.64 -39.78 -20.46
N SER H 111 -44.73 -40.74 -21.39
CA SER H 111 -45.46 -41.97 -21.13
C SER H 111 -44.66 -42.91 -20.22
N VAL H 112 -45.34 -43.94 -19.70
CA VAL H 112 -44.75 -44.90 -18.76
C VAL H 112 -43.64 -45.74 -19.41
N ALA H 113 -43.74 -45.95 -20.72
CA ALA H 113 -42.74 -46.69 -21.49
C ALA H 113 -41.47 -45.89 -21.75
N ASP H 114 -41.58 -44.55 -21.69
CA ASP H 114 -40.43 -43.65 -21.86
C ASP H 114 -39.69 -43.41 -20.55
N LEU H 115 -40.43 -43.49 -19.44
CA LEU H 115 -39.86 -43.43 -18.10
C LEU H 115 -39.11 -44.74 -17.79
N LEU H 116 -39.55 -45.80 -18.45
CA LEU H 116 -38.90 -47.12 -18.39
C LEU H 116 -37.61 -47.15 -19.21
N ALA H 117 -37.60 -46.45 -20.34
CA ALA H 117 -36.45 -46.41 -21.25
C ALA H 117 -35.25 -45.66 -20.68
N SER H 118 -35.51 -44.75 -19.74
CA SER H 118 -34.45 -44.01 -19.05
C SER H 118 -34.05 -44.70 -17.73
N PHE H 119 -34.97 -45.45 -17.14
CA PHE H 119 -34.73 -46.21 -15.91
C PHE H 119 -34.07 -47.57 -16.13
N ASN H 120 -34.01 -48.01 -17.39
CA ASN H 120 -33.35 -49.26 -17.73
C ASN H 120 -31.98 -48.99 -18.35
N ASP H 121 -31.72 -47.71 -18.64
CA ASP H 121 -30.42 -47.25 -19.08
C ASP H 121 -29.44 -47.30 -17.90
N GLN H 122 -28.29 -47.92 -18.12
CA GLN H 122 -27.32 -48.21 -17.04
C GLN H 122 -26.77 -46.95 -16.35
N SER H 123 -26.35 -45.97 -17.14
CA SER H 123 -25.79 -44.73 -16.60
C SER H 123 -26.81 -43.89 -15.83
N THR H 124 -27.93 -43.58 -16.49
CA THR H 124 -28.96 -42.70 -15.93
C THR H 124 -29.52 -43.20 -14.60
N SER H 125 -29.94 -44.46 -14.58
CA SER H 125 -30.59 -45.05 -13.41
C SER H 125 -29.64 -45.23 -12.22
N ASP H 126 -28.38 -45.50 -12.49
CA ASP H 126 -27.35 -45.55 -11.44
C ASP H 126 -27.13 -44.17 -10.84
N TYR H 127 -26.97 -43.17 -11.71
CA TYR H 127 -26.76 -41.77 -11.31
C TYR H 127 -27.85 -41.23 -10.39
N LEU H 128 -29.07 -41.74 -10.57
CA LEU H 128 -30.20 -41.40 -9.71
C LEU H 128 -30.01 -42.02 -8.33
N VAL H 129 -29.78 -43.33 -8.31
CA VAL H 129 -29.58 -44.11 -7.07
C VAL H 129 -28.56 -43.45 -6.14
N VAL H 130 -27.43 -43.02 -6.71
CA VAL H 130 -26.40 -42.30 -5.98
C VAL H 130 -26.99 -41.10 -5.24
N TYR H 131 -27.75 -40.27 -5.96
CA TYR H 131 -28.36 -39.09 -5.36
C TYR H 131 -29.42 -39.44 -4.30
N LEU H 132 -30.17 -40.51 -4.54
CA LEU H 132 -31.15 -41.01 -3.56
C LEU H 132 -30.45 -41.57 -2.33
N ARG H 133 -29.31 -42.21 -2.55
CA ARG H 133 -28.44 -42.67 -1.47
C ARG H 133 -27.75 -41.50 -0.77
N LEU H 134 -27.61 -40.38 -1.48
CA LEU H 134 -27.04 -39.16 -0.91
C LEU H 134 -28.06 -38.37 -0.11
N LEU H 135 -29.34 -38.51 -0.47
CA LEU H 135 -30.45 -37.90 0.28
C LEU H 135 -30.68 -38.63 1.60
N THR H 136 -30.65 -39.96 1.52
CA THR H 136 -30.80 -40.84 2.67
C THR H 136 -29.66 -40.60 3.67
N SER H 137 -28.43 -40.68 3.18
CA SER H 137 -27.23 -40.44 3.98
C SER H 137 -27.19 -39.00 4.49
N GLY H 138 -27.65 -38.06 3.66
CA GLY H 138 -27.69 -36.64 4.02
C GLY H 138 -28.69 -36.34 5.12
N TYR H 139 -29.79 -37.10 5.14
CA TYR H 139 -30.82 -36.94 6.18
C TYR H 139 -30.41 -37.64 7.47
N LEU H 140 -29.75 -38.79 7.34
CA LEU H 140 -29.32 -39.57 8.51
C LEU H 140 -28.27 -38.84 9.34
N GLN H 141 -27.39 -38.10 8.67
CA GLN H 141 -26.33 -37.34 9.34
C GLN H 141 -26.85 -36.05 9.97
N ARG H 142 -27.87 -35.45 9.36
CA ARG H 142 -28.54 -34.29 9.94
C ARG H 142 -29.19 -34.66 11.26
N GLU H 143 -30.02 -35.69 11.23
CA GLU H 143 -30.73 -36.15 12.42
C GLU H 143 -30.00 -37.30 13.11
N SER H 144 -28.68 -37.19 13.18
CA SER H 144 -27.83 -38.27 13.72
C SER H 144 -28.05 -38.56 15.20
N LYS H 145 -28.51 -37.55 15.93
CA LYS H 145 -28.80 -37.70 17.36
C LYS H 145 -29.96 -38.66 17.61
N PHE H 146 -30.98 -38.60 16.75
CA PHE H 146 -32.17 -39.45 16.88
C PHE H 146 -31.93 -40.88 16.42
N PHE H 147 -31.12 -41.05 15.38
CA PHE H 147 -30.83 -42.35 14.79
C PHE H 147 -29.71 -43.14 15.49
N GLU H 148 -29.07 -42.53 16.48
CA GLU H 148 -27.93 -43.13 17.20
C GLU H 148 -28.17 -44.57 17.67
N HIS H 149 -29.26 -44.78 18.41
CA HIS H 149 -29.57 -46.10 18.98
C HIS H 149 -30.37 -47.00 18.03
N PHE H 150 -30.41 -46.64 16.74
CA PHE H 150 -31.08 -47.44 15.73
C PHE H 150 -30.10 -48.23 14.84
N ILE H 151 -28.82 -48.16 15.17
CA ILE H 151 -27.80 -48.98 14.49
C ILE H 151 -27.08 -49.89 15.48
N GLU H 152 -26.39 -50.91 14.95
CA GLU H 152 -25.73 -51.92 15.77
C GLU H 152 -24.22 -51.98 15.50
N GLY H 153 -23.53 -52.80 16.31
CA GLY H 153 -22.09 -53.01 16.18
C GLY H 153 -21.27 -51.81 16.66
N GLY H 154 -21.85 -51.02 17.56
CA GLY H 154 -21.22 -49.82 18.10
C GLY H 154 -20.94 -48.77 17.03
N ARG H 155 -21.60 -48.92 15.88
CA ARG H 155 -21.35 -48.09 14.71
C ARG H 155 -22.09 -46.75 14.79
N THR H 156 -21.38 -45.67 14.50
CA THR H 156 -21.98 -44.33 14.43
C THR H 156 -22.81 -44.14 13.16
N VAL H 157 -23.62 -43.08 13.14
CA VAL H 157 -24.52 -42.81 12.02
C VAL H 157 -23.75 -42.37 10.76
N LYS H 158 -22.71 -41.56 10.96
CA LYS H 158 -21.86 -41.10 9.87
C LYS H 158 -21.01 -42.23 9.30
N GLU H 159 -20.76 -43.22 10.16
CA GLU H 159 -19.96 -44.39 9.82
C GLU H 159 -20.81 -45.41 9.06
N PHE H 160 -22.03 -45.62 9.52
CA PHE H 160 -23.02 -46.48 8.85
C PHE H 160 -23.37 -45.91 7.48
N CYS H 161 -23.43 -44.58 7.39
CA CYS H 161 -23.69 -43.88 6.14
C CYS H 161 -22.57 -44.07 5.13
N GLN H 162 -21.33 -44.08 5.60
CA GLN H 162 -20.17 -44.27 4.74
C GLN H 162 -19.98 -45.73 4.35
N GLN H 163 -20.53 -46.63 5.15
CA GLN H 163 -20.39 -48.07 4.90
C GLN H 163 -21.53 -48.65 4.06
N GLU H 164 -22.76 -48.40 4.47
CA GLU H 164 -23.91 -49.12 3.92
C GLU H 164 -25.01 -48.26 3.33
N VAL H 165 -24.84 -46.94 3.32
CA VAL H 165 -25.83 -46.05 2.73
C VAL H 165 -25.33 -45.43 1.42
N GLU H 166 -24.20 -44.75 1.47
CA GLU H 166 -23.63 -44.04 0.32
C GLU H 166 -23.09 -44.94 -0.82
N PRO H 167 -22.28 -45.97 -0.48
CA PRO H 167 -21.68 -46.79 -1.54
C PRO H 167 -22.69 -47.64 -2.32
N MET H 168 -22.31 -48.01 -3.54
CA MET H 168 -23.19 -48.78 -4.43
C MET H 168 -23.34 -50.23 -3.99
N CYS H 169 -24.45 -50.85 -4.40
CA CYS H 169 -24.72 -52.29 -4.21
C CYS H 169 -24.80 -52.74 -2.75
N LYS H 170 -25.31 -51.89 -1.87
CA LYS H 170 -25.47 -52.24 -0.46
C LYS H 170 -26.94 -52.35 -0.05
N GLU H 171 -27.27 -53.42 0.67
CA GLU H 171 -28.65 -53.76 1.05
C GLU H 171 -29.37 -52.66 1.85
N SER H 172 -30.69 -52.67 1.77
CA SER H 172 -31.52 -51.60 2.35
C SER H 172 -32.56 -52.14 3.33
N ASP H 173 -32.72 -51.47 4.47
CA ASP H 173 -33.71 -51.85 5.48
C ASP H 173 -34.44 -50.65 6.10
N HIS H 174 -35.18 -50.90 7.18
CA HIS H 174 -36.05 -49.90 7.84
C HIS H 174 -35.38 -48.55 8.16
N ILE H 175 -34.07 -48.57 8.40
CA ILE H 175 -33.32 -47.35 8.69
C ILE H 175 -33.17 -46.49 7.44
N HIS H 176 -33.02 -47.15 6.28
CA HIS H 176 -32.93 -46.46 5.00
C HIS H 176 -34.27 -45.85 4.59
N ILE H 177 -35.34 -46.64 4.76
CA ILE H 177 -36.69 -46.29 4.32
C ILE H 177 -37.23 -45.05 5.05
N ILE H 178 -37.18 -45.10 6.38
CA ILE H 178 -37.57 -43.97 7.24
C ILE H 178 -36.85 -42.68 6.81
N ALA H 179 -35.55 -42.80 6.54
CA ALA H 179 -34.69 -41.65 6.21
C ALA H 179 -34.97 -41.01 4.85
N LEU H 180 -35.24 -41.84 3.83
CA LEU H 180 -35.57 -41.34 2.50
C LEU H 180 -37.01 -40.79 2.44
N ALA H 181 -37.88 -41.41 3.23
CA ALA H 181 -39.28 -41.02 3.32
C ALA H 181 -39.47 -39.61 3.87
N GLN H 182 -38.67 -39.25 4.88
CA GLN H 182 -38.84 -37.96 5.55
C GLN H 182 -38.02 -36.82 4.91
N ALA H 183 -37.01 -37.19 4.12
CA ALA H 183 -36.19 -36.23 3.38
C ALA H 183 -36.94 -35.63 2.20
N LEU H 184 -37.87 -36.39 1.63
CA LEU H 184 -38.65 -35.96 0.48
C LEU H 184 -40.14 -35.82 0.79
N SER H 185 -40.50 -35.99 2.07
CA SER H 185 -41.87 -35.85 2.56
C SER H 185 -42.87 -36.76 1.85
N VAL H 186 -42.47 -38.02 1.65
CA VAL H 186 -43.30 -39.01 0.94
C VAL H 186 -43.42 -40.33 1.70
N SER H 187 -44.63 -40.67 2.09
CA SER H 187 -44.90 -41.85 2.92
C SER H 187 -44.89 -43.15 2.09
N ILE H 188 -44.44 -44.23 2.74
CA ILE H 188 -44.25 -45.53 2.11
C ILE H 188 -44.82 -46.65 2.99
N GLN H 189 -45.25 -47.75 2.36
CA GLN H 189 -45.67 -48.94 3.08
C GLN H 189 -45.02 -50.19 2.49
N VAL H 190 -44.44 -51.01 3.38
CA VAL H 190 -43.71 -52.22 2.97
C VAL H 190 -44.45 -53.49 3.41
N GLU H 191 -44.52 -54.47 2.53
CA GLU H 191 -45.15 -55.77 2.82
C GLU H 191 -44.12 -56.89 2.91
N TYR H 192 -44.32 -57.81 3.85
CA TYR H 192 -43.38 -58.91 4.07
C TYR H 192 -43.99 -60.26 3.73
N ASN H 202 -47.89 -58.67 7.34
CA ASN H 202 -47.25 -57.68 8.20
C ASN H 202 -47.10 -56.32 7.50
N PRO H 203 -47.99 -55.35 7.81
CA PRO H 203 -47.94 -54.02 7.21
C PRO H 203 -47.22 -52.97 8.08
N HIS H 204 -46.27 -52.27 7.47
CA HIS H 204 -45.51 -51.24 8.19
C HIS H 204 -45.55 -49.89 7.45
N ILE H 205 -46.02 -48.87 8.16
CA ILE H 205 -46.12 -47.52 7.60
C ILE H 205 -44.83 -46.76 7.91
N PHE H 206 -44.26 -46.14 6.89
CA PHE H 206 -43.05 -45.30 7.03
C PHE H 206 -43.25 -43.92 6.38
N PRO H 207 -43.34 -42.84 7.19
CA PRO H 207 -43.37 -42.82 8.66
C PRO H 207 -44.75 -43.16 9.22
N GLU H 208 -44.86 -43.25 10.54
CA GLU H 208 -46.08 -43.68 11.20
C GLU H 208 -47.24 -42.70 11.05
N GLY H 209 -48.39 -43.21 10.62
CA GLY H 209 -49.63 -42.44 10.57
C GLY H 209 -49.97 -41.82 9.23
N SER H 210 -48.95 -41.37 8.51
CA SER H 210 -49.13 -40.68 7.23
C SER H 210 -49.56 -41.62 6.11
N GLU H 211 -50.50 -41.16 5.28
CA GLU H 211 -51.03 -41.96 4.17
C GLU H 211 -49.97 -42.21 3.10
N PRO H 212 -49.79 -43.50 2.71
CA PRO H 212 -48.72 -43.89 1.79
C PRO H 212 -49.03 -43.65 0.32
N LYS H 213 -48.02 -43.20 -0.43
CA LYS H 213 -48.13 -42.98 -1.88
C LYS H 213 -47.36 -44.07 -2.62
N VAL H 214 -46.30 -44.57 -1.99
CA VAL H 214 -45.45 -45.61 -2.58
C VAL H 214 -45.69 -46.93 -1.85
N TYR H 215 -46.15 -47.94 -2.60
CA TYR H 215 -46.40 -49.27 -2.05
C TYR H 215 -45.31 -50.23 -2.48
N LEU H 216 -44.79 -50.99 -1.53
CA LEU H 216 -43.70 -51.92 -1.78
C LEU H 216 -43.88 -53.24 -1.02
N LEU H 217 -43.26 -54.30 -1.55
CA LEU H 217 -43.16 -55.56 -0.82
C LEU H 217 -41.71 -56.03 -0.80
N TYR H 218 -41.30 -56.59 0.34
CA TYR H 218 -39.92 -57.00 0.57
C TYR H 218 -39.79 -58.51 0.79
N ARG H 219 -38.99 -59.14 -0.08
CA ARG H 219 -38.59 -60.53 0.07
C ARG H 219 -37.07 -60.56 0.35
N PRO H 220 -36.53 -61.71 0.81
CA PRO H 220 -35.10 -61.79 1.19
C PRO H 220 -34.13 -61.15 0.17
N GLY H 221 -33.78 -59.90 0.40
CA GLY H 221 -32.88 -59.15 -0.49
C GLY H 221 -33.54 -58.51 -1.71
N HIS H 222 -34.87 -58.51 -1.75
CA HIS H 222 -35.63 -57.95 -2.88
C HIS H 222 -36.64 -56.87 -2.45
N TYR H 223 -36.79 -55.86 -3.28
CA TYR H 223 -37.83 -54.83 -3.10
C TYR H 223 -38.61 -54.66 -4.40
N ASP H 224 -39.93 -54.78 -4.33
CA ASP H 224 -40.80 -54.78 -5.51
C ASP H 224 -42.00 -53.83 -5.39
N ILE H 225 -42.33 -53.17 -6.49
CA ILE H 225 -43.44 -52.21 -6.55
C ILE H 225 -44.81 -52.90 -6.53
N LEU H 226 -45.72 -52.37 -5.71
CA LEU H 226 -47.11 -52.83 -5.67
C LEU H 226 -48.06 -51.75 -6.22
N TYR H 227 -49.29 -52.16 -6.56
CA TYR H 227 -50.29 -51.25 -7.14
C TYR H 227 -51.67 -51.42 -6.50
N GLY I 1 -10.78 -42.52 -27.37
CA GLY I 1 -10.30 -43.49 -26.38
C GLY I 1 -9.82 -42.85 -25.10
N VAL I 2 -9.89 -43.61 -24.00
CA VAL I 2 -9.40 -43.19 -22.69
C VAL I 2 -8.29 -44.15 -22.26
N LYS I 3 -7.05 -43.74 -22.50
CA LYS I 3 -5.89 -44.64 -22.38
C LYS I 3 -5.51 -45.02 -20.96
N VAL I 4 -5.08 -46.28 -20.81
CA VAL I 4 -4.64 -46.86 -19.54
C VAL I 4 -3.12 -46.66 -19.42
N PRO I 5 -2.63 -46.26 -18.23
CA PRO I 5 -1.19 -46.15 -18.00
C PRO I 5 -0.54 -47.54 -17.95
N ARG I 6 0.76 -47.60 -18.24
CA ARG I 6 1.49 -48.86 -18.34
C ARG I 6 1.34 -49.77 -17.12
N ASN I 7 1.64 -49.21 -15.95
CA ASN I 7 1.74 -50.01 -14.73
C ASN I 7 0.40 -50.55 -14.21
N PHE I 8 -0.68 -49.82 -14.46
CA PHE I 8 -1.99 -50.24 -13.98
C PHE I 8 -2.59 -51.36 -14.81
N ARG I 9 -2.35 -51.32 -16.12
CA ARG I 9 -2.87 -52.34 -17.00
C ARG I 9 -2.13 -53.66 -16.85
N LEU I 10 -0.86 -53.59 -16.41
CA LEU I 10 -0.08 -54.78 -16.11
C LEU I 10 -0.57 -55.47 -14.84
N LEU I 11 -0.90 -54.68 -13.82
CA LEU I 11 -1.53 -55.20 -12.61
C LEU I 11 -2.77 -56.01 -12.98
N GLU I 12 -3.63 -55.43 -13.81
CA GLU I 12 -4.84 -56.10 -14.32
C GLU I 12 -4.51 -57.41 -15.01
N GLU I 13 -3.44 -57.41 -15.81
CA GLU I 13 -3.01 -58.62 -16.50
C GLU I 13 -2.53 -59.67 -15.51
N LEU I 14 -1.90 -59.21 -14.42
CA LEU I 14 -1.43 -60.10 -13.35
C LEU I 14 -2.61 -60.72 -12.60
N GLU I 15 -3.61 -59.89 -12.28
CA GLU I 15 -4.83 -60.35 -11.63
C GLU I 15 -5.61 -61.33 -12.51
N GLU I 16 -5.64 -61.06 -13.81
CA GLU I 16 -6.34 -61.93 -14.77
C GLU I 16 -5.61 -63.26 -14.93
N GLY I 17 -4.28 -63.20 -14.93
CA GLY I 17 -3.45 -64.39 -14.98
C GLY I 17 -3.44 -65.17 -13.68
N GLN I 18 -4.23 -64.72 -12.70
CA GLN I 18 -4.37 -65.41 -11.42
C GLN I 18 -5.46 -66.47 -11.43
N LYS I 19 -6.64 -66.12 -11.96
CA LYS I 19 -7.72 -67.10 -12.14
C LYS I 19 -7.48 -67.98 -13.37
N GLY I 20 -6.75 -67.44 -14.34
CA GLY I 20 -6.13 -68.25 -15.40
C GLY I 20 -6.84 -68.42 -16.73
N VAL I 21 -7.93 -67.67 -16.92
CA VAL I 21 -8.76 -67.70 -18.15
C VAL I 21 -9.10 -69.07 -18.76
N GLY I 22 -10.32 -69.53 -18.47
CA GLY I 22 -10.89 -70.67 -19.18
C GLY I 22 -10.51 -72.05 -18.69
N ASP I 23 -9.48 -72.62 -19.30
CA ASP I 23 -9.09 -74.01 -19.08
C ASP I 23 -7.59 -74.21 -18.82
N GLY I 24 -6.90 -73.13 -18.46
CA GLY I 24 -5.46 -73.18 -18.20
C GLY I 24 -4.66 -73.59 -19.41
N THR I 25 -5.27 -73.43 -20.59
CA THR I 25 -4.66 -73.72 -21.89
C THR I 25 -3.49 -72.75 -22.17
N VAL I 26 -3.74 -71.47 -21.96
CA VAL I 26 -2.70 -70.45 -21.92
C VAL I 26 -2.68 -69.83 -20.53
N SER I 27 -1.49 -69.44 -20.09
CA SER I 27 -1.29 -68.87 -18.77
C SER I 27 -0.12 -67.90 -18.81
N TRP I 28 -0.07 -67.00 -17.83
CA TRP I 28 1.02 -66.04 -17.72
C TRP I 28 1.09 -65.44 -16.33
N GLY I 29 2.32 -65.31 -15.83
CA GLY I 29 2.57 -64.62 -14.57
C GLY I 29 3.82 -63.78 -14.69
N LEU I 30 4.29 -63.27 -13.54
CA LEU I 30 5.53 -62.52 -13.48
C LEU I 30 6.69 -63.51 -13.47
N GLU I 31 7.90 -63.03 -13.78
CA GLU I 31 9.09 -63.86 -13.64
C GLU I 31 9.59 -63.82 -12.20
N ASP I 32 9.29 -62.71 -11.52
CA ASP I 32 9.50 -62.58 -10.07
C ASP I 32 8.44 -61.67 -9.48
N ASP I 33 7.82 -62.11 -8.37
CA ASP I 33 6.72 -61.38 -7.73
C ASP I 33 7.19 -60.38 -6.67
N GLU I 34 8.50 -60.14 -6.63
CA GLU I 34 9.12 -59.12 -5.76
C GLU I 34 9.55 -57.92 -6.61
N ASP I 35 9.33 -58.04 -7.92
CA ASP I 35 9.73 -57.03 -8.91
C ASP I 35 8.61 -56.03 -9.14
N MET I 36 8.86 -54.77 -8.75
CA MET I 36 7.86 -53.70 -8.88
C MET I 36 7.66 -53.23 -10.33
N THR I 37 8.70 -53.37 -11.15
CA THR I 37 8.71 -52.84 -12.52
C THR I 37 7.76 -53.57 -13.47
N LEU I 38 7.34 -54.77 -13.08
CA LEU I 38 6.38 -55.57 -13.84
C LEU I 38 6.82 -55.78 -15.29
N THR I 39 8.11 -56.06 -15.45
CA THR I 39 8.72 -56.04 -16.78
C THR I 39 8.90 -57.44 -17.35
N ARG I 40 9.52 -58.33 -16.58
CA ARG I 40 9.81 -59.70 -17.02
C ARG I 40 8.69 -60.68 -16.68
N TRP I 41 8.10 -61.27 -17.71
CA TRP I 41 7.00 -62.20 -17.55
C TRP I 41 7.36 -63.56 -18.12
N THR I 42 6.65 -64.59 -17.66
CA THR I 42 6.69 -65.89 -18.30
C THR I 42 5.27 -66.32 -18.64
N GLY I 43 5.04 -66.59 -19.93
CA GLY I 43 3.80 -67.21 -20.37
C GLY I 43 4.04 -68.68 -20.64
N MET I 44 2.97 -69.47 -20.72
CA MET I 44 3.07 -70.85 -21.15
C MET I 44 1.87 -71.30 -21.98
N ILE I 45 2.14 -72.07 -23.03
CA ILE I 45 1.13 -72.57 -23.96
C ILE I 45 1.15 -74.10 -23.97
N ILE I 46 -0.02 -74.71 -23.80
CA ILE I 46 -0.14 -76.15 -24.03
C ILE I 46 -0.57 -76.39 -25.48
N GLY I 47 0.21 -77.20 -26.20
CA GLY I 47 -0.03 -77.48 -27.62
C GLY I 47 -1.45 -77.91 -27.93
N PRO I 48 -2.02 -77.37 -29.04
CA PRO I 48 -3.42 -77.58 -29.38
C PRO I 48 -3.67 -79.03 -29.79
N PRO I 49 -4.86 -79.56 -29.44
CA PRO I 49 -5.21 -80.92 -29.86
C PRO I 49 -5.40 -80.99 -31.38
N ARG I 50 -5.08 -82.15 -31.95
CA ARG I 50 -5.28 -82.43 -33.38
C ARG I 50 -4.10 -81.94 -34.24
N THR I 51 -3.00 -81.55 -33.58
CA THR I 51 -1.81 -81.03 -34.27
C THR I 51 -0.50 -81.60 -33.69
N ASN I 52 0.58 -81.47 -34.46
CA ASN I 52 1.93 -81.93 -34.05
C ASN I 52 2.43 -81.39 -32.71
N TYR I 53 1.89 -80.26 -32.28
CA TYR I 53 2.28 -79.63 -31.02
C TYR I 53 1.53 -80.20 -29.82
N GLU I 54 0.66 -81.18 -30.05
CA GLU I 54 -0.23 -81.71 -29.02
C GLU I 54 0.43 -81.98 -27.68
N ASN I 55 -0.25 -81.54 -26.62
CA ASN I 55 0.06 -81.92 -25.22
C ASN I 55 1.42 -81.52 -24.64
N ARG I 56 2.33 -80.98 -25.45
CA ARG I 56 3.60 -80.50 -24.91
C ARG I 56 3.49 -79.08 -24.38
N ILE I 57 4.10 -78.85 -23.22
CA ILE I 57 4.05 -77.55 -22.57
C ILE I 57 5.18 -76.66 -23.12
N TYR I 58 4.83 -75.42 -23.44
CA TYR I 58 5.78 -74.46 -24.01
C TYR I 58 5.94 -73.25 -23.10
N SER I 59 7.08 -73.17 -22.43
CA SER I 59 7.42 -72.02 -21.62
C SER I 59 7.86 -70.86 -22.53
N LEU I 60 7.55 -69.64 -22.12
CA LEU I 60 7.93 -68.44 -22.87
C LEU I 60 8.38 -67.33 -21.94
N LYS I 61 9.02 -66.31 -22.51
CA LYS I 61 9.47 -65.15 -21.75
C LYS I 61 9.00 -63.91 -22.48
N VAL I 62 8.21 -63.08 -21.79
CA VAL I 62 7.68 -61.86 -22.38
C VAL I 62 8.26 -60.66 -21.63
N GLU I 63 8.58 -59.61 -22.38
CA GLU I 63 9.14 -58.39 -21.80
C GLU I 63 8.37 -57.16 -22.27
N CYS I 64 8.08 -56.26 -21.35
CA CYS I 64 7.26 -55.10 -21.65
C CYS I 64 8.01 -53.80 -21.37
N GLY I 65 8.15 -52.97 -22.41
CA GLY I 65 8.91 -51.72 -22.32
C GLY I 65 8.27 -50.64 -21.47
N PRO I 66 8.95 -49.47 -21.34
CA PRO I 66 8.45 -48.35 -20.54
C PRO I 66 7.15 -47.73 -21.06
N LYS I 67 6.78 -48.01 -22.32
CA LYS I 67 5.61 -47.39 -22.96
C LYS I 67 4.62 -48.44 -23.53
N TYR I 68 4.51 -49.56 -22.83
CA TYR I 68 3.45 -50.55 -23.04
C TYR I 68 2.15 -49.92 -22.53
N PRO I 69 1.00 -50.26 -23.14
CA PRO I 69 0.76 -51.13 -24.29
C PRO I 69 0.65 -50.36 -25.62
N GLU I 70 1.24 -49.19 -25.70
CA GLU I 70 1.39 -48.49 -26.98
C GLU I 70 2.45 -49.21 -27.83
N ALA I 71 3.48 -49.71 -27.15
CA ALA I 71 4.52 -50.52 -27.78
C ALA I 71 4.24 -52.01 -27.58
N PRO I 72 4.42 -52.84 -28.65
CA PRO I 72 4.25 -54.29 -28.53
C PRO I 72 5.31 -54.94 -27.62
N PRO I 73 4.97 -56.10 -27.00
CA PRO I 73 5.89 -56.73 -26.06
C PRO I 73 6.84 -57.74 -26.70
N SER I 74 8.10 -57.75 -26.24
CA SER I 74 9.10 -58.70 -26.71
C SER I 74 8.73 -60.08 -26.19
N VAL I 75 8.70 -61.06 -27.09
CA VAL I 75 8.27 -62.41 -26.72
C VAL I 75 9.23 -63.52 -27.18
N ARG I 76 10.23 -63.80 -26.35
CA ARG I 76 11.17 -64.89 -26.63
C ARG I 76 10.49 -66.22 -26.30
N PHE I 77 10.88 -67.25 -27.03
CA PHE I 77 10.43 -68.60 -26.75
C PHE I 77 11.57 -69.24 -26.00
N VAL I 78 11.33 -69.72 -24.78
CA VAL I 78 12.38 -70.39 -24.02
C VAL I 78 12.42 -71.86 -24.43
N THR I 79 11.30 -72.57 -24.28
CA THR I 79 11.16 -73.93 -24.82
C THR I 79 11.25 -73.82 -26.34
N LYS I 80 12.12 -74.62 -26.94
CA LYS I 80 12.33 -74.54 -28.39
C LYS I 80 11.40 -75.46 -29.18
N ILE I 81 10.97 -74.96 -30.34
CA ILE I 81 10.08 -75.69 -31.26
C ILE I 81 10.08 -75.07 -32.66
N ASN I 82 9.80 -75.89 -33.67
CA ASN I 82 9.78 -75.45 -35.07
C ASN I 82 8.40 -74.92 -35.49
N MET I 83 8.33 -73.63 -35.78
CA MET I 83 7.07 -72.95 -36.10
C MET I 83 7.30 -71.74 -37.01
N ASN I 84 6.51 -71.66 -38.09
CA ASN I 84 6.58 -70.52 -39.01
C ASN I 84 6.26 -69.21 -38.27
N GLY I 85 7.20 -68.27 -38.34
CA GLY I 85 7.10 -67.01 -37.61
C GLY I 85 8.13 -66.92 -36.50
N ILE I 86 8.36 -68.05 -35.83
CA ILE I 86 9.32 -68.13 -34.73
C ILE I 86 10.75 -68.25 -35.26
N ASN I 87 11.71 -67.93 -34.40
CA ASN I 87 13.12 -68.11 -34.70
C ASN I 87 13.52 -69.57 -34.47
N ASN I 88 14.82 -69.84 -34.54
CA ASN I 88 15.36 -71.17 -34.28
C ASN I 88 16.70 -71.05 -33.56
N SER I 89 17.18 -69.80 -33.49
CA SER I 89 18.47 -69.48 -32.87
C SER I 89 18.31 -68.87 -31.48
N SER I 90 17.27 -68.05 -31.30
CA SER I 90 17.04 -67.35 -30.04
C SER I 90 15.58 -67.39 -29.55
N GLY I 91 14.70 -68.00 -30.34
CA GLY I 91 13.27 -68.04 -30.03
C GLY I 91 12.59 -66.71 -30.25
N MET I 92 13.37 -65.75 -30.76
CA MET I 92 12.92 -64.39 -31.05
C MET I 92 11.84 -64.37 -32.13
N VAL I 93 10.58 -64.34 -31.68
CA VAL I 93 9.41 -64.32 -32.56
C VAL I 93 9.36 -63.02 -33.38
N ASP I 94 9.09 -63.13 -34.68
CA ASP I 94 8.99 -61.96 -35.55
C ASP I 94 7.66 -61.24 -35.36
N ALA I 95 7.74 -59.99 -34.91
CA ALA I 95 6.54 -59.17 -34.64
C ALA I 95 5.61 -59.03 -35.85
N ARG I 96 6.18 -58.85 -37.03
CA ARG I 96 5.39 -58.74 -38.26
C ARG I 96 4.83 -60.08 -38.75
N SER I 97 5.49 -61.17 -38.37
CA SER I 97 5.00 -62.52 -38.71
C SER I 97 3.76 -62.95 -37.92
N ILE I 98 3.48 -62.26 -36.82
CA ILE I 98 2.31 -62.55 -35.99
C ILE I 98 1.23 -61.47 -36.15
N PRO I 99 0.08 -61.83 -36.76
CA PRO I 99 -1.02 -60.92 -37.13
C PRO I 99 -1.44 -59.93 -36.04
N VAL I 100 -1.20 -60.26 -34.77
CA VAL I 100 -1.37 -59.28 -33.69
C VAL I 100 -0.20 -58.30 -33.67
N LEU I 101 0.93 -58.70 -33.08
CA LEU I 101 2.12 -57.84 -32.93
C LEU I 101 2.43 -56.93 -34.12
N ALA I 102 2.19 -57.46 -35.32
CA ALA I 102 2.31 -56.71 -36.56
C ALA I 102 1.40 -55.49 -36.52
N LYS I 103 0.15 -55.65 -36.95
CA LYS I 103 -0.84 -54.59 -36.87
C LYS I 103 -1.62 -54.76 -35.57
N TRP I 104 -1.19 -54.05 -34.52
CA TRP I 104 -1.74 -54.23 -33.19
C TRP I 104 -2.16 -52.92 -32.51
N GLN I 105 -3.13 -53.01 -31.61
CA GLN I 105 -3.65 -51.85 -30.90
C GLN I 105 -3.19 -51.82 -29.44
N ASN I 106 -3.56 -50.75 -28.76
CA ASN I 106 -3.29 -50.59 -27.33
C ASN I 106 -4.23 -51.48 -26.51
N SER I 107 -5.23 -52.05 -27.19
CA SER I 107 -6.25 -52.88 -26.55
C SER I 107 -5.81 -54.34 -26.33
N TYR I 108 -4.77 -54.77 -27.03
CA TYR I 108 -4.31 -56.17 -26.93
C TYR I 108 -3.40 -56.43 -25.71
N SER I 109 -3.49 -57.64 -25.17
CA SER I 109 -2.76 -58.03 -23.98
C SER I 109 -1.86 -59.24 -24.24
N ILE I 110 -1.05 -59.61 -23.25
CA ILE I 110 -0.23 -60.82 -23.30
C ILE I 110 -1.09 -62.05 -23.59
N LYS I 111 -2.25 -62.12 -22.93
CA LYS I 111 -3.26 -63.12 -23.23
C LYS I 111 -3.44 -63.19 -24.75
N VAL I 112 -4.04 -62.13 -25.30
CA VAL I 112 -4.27 -61.99 -26.74
C VAL I 112 -3.07 -62.52 -27.54
N VAL I 113 -1.86 -62.17 -27.12
CA VAL I 113 -0.67 -62.61 -27.82
C VAL I 113 -0.49 -64.12 -27.71
N LEU I 114 -0.43 -64.62 -26.47
CA LEU I 114 -0.21 -66.06 -26.20
C LEU I 114 -1.18 -67.00 -26.93
N GLN I 115 -2.47 -66.69 -26.90
CA GLN I 115 -3.47 -67.52 -27.58
C GLN I 115 -3.55 -67.26 -29.08
N GLU I 116 -2.88 -66.20 -29.54
CA GLU I 116 -2.77 -65.95 -30.96
C GLU I 116 -1.69 -66.84 -31.54
N LEU I 117 -0.65 -67.11 -30.75
CA LEU I 117 0.36 -68.09 -31.13
C LEU I 117 -0.24 -69.50 -31.16
N ARG I 118 -1.08 -69.82 -30.17
CA ARG I 118 -1.69 -71.14 -30.08
C ARG I 118 -2.72 -71.42 -31.18
N ARG I 119 -3.44 -70.38 -31.61
CA ARG I 119 -4.43 -70.54 -32.68
C ARG I 119 -3.73 -70.73 -34.02
N LEU I 120 -2.66 -69.97 -34.25
CA LEU I 120 -1.88 -70.09 -35.47
C LEU I 120 -0.88 -71.25 -35.37
N MET I 121 -0.98 -71.99 -34.26
CA MET I 121 -0.21 -73.21 -34.06
C MET I 121 -0.82 -74.38 -34.81
N MET I 122 -1.97 -74.13 -35.45
CA MET I 122 -2.68 -75.15 -36.24
C MET I 122 -3.16 -74.65 -37.61
N SER I 123 -2.45 -73.67 -38.15
CA SER I 123 -2.57 -73.30 -39.55
C SER I 123 -1.83 -74.36 -40.36
N LYS I 124 -2.18 -74.52 -41.63
CA LYS I 124 -1.64 -75.60 -42.45
C LYS I 124 -0.11 -75.76 -42.36
N GLU I 125 0.60 -74.63 -42.44
CA GLU I 125 2.07 -74.64 -42.51
C GLU I 125 2.79 -74.93 -41.19
N ASN I 126 2.00 -75.17 -40.14
CA ASN I 126 2.57 -75.46 -38.81
C ASN I 126 2.11 -76.79 -38.23
N MET I 127 0.83 -77.11 -38.44
CA MET I 127 0.18 -78.27 -37.83
C MET I 127 0.86 -79.62 -38.13
N LYS I 128 1.61 -79.68 -39.23
CA LYS I 128 2.24 -80.92 -39.67
C LYS I 128 3.78 -80.95 -39.50
N LEU I 129 4.36 -79.83 -39.06
CA LEU I 129 5.81 -79.73 -38.87
C LEU I 129 6.30 -80.70 -37.78
N PRO I 130 7.31 -81.53 -38.09
CA PRO I 130 7.88 -82.43 -37.08
C PRO I 130 8.71 -81.67 -36.06
N GLN I 131 8.52 -81.99 -34.79
CA GLN I 131 9.12 -81.20 -33.70
C GLN I 131 10.33 -81.87 -33.04
N PRO I 132 11.29 -81.06 -32.56
CA PRO I 132 12.41 -81.57 -31.76
C PRO I 132 11.92 -82.19 -30.43
N PRO I 133 12.72 -83.13 -29.85
CA PRO I 133 12.36 -83.77 -28.58
C PRO I 133 12.01 -82.78 -27.46
N GLU I 134 11.35 -83.29 -26.41
CA GLU I 134 10.87 -82.43 -25.32
C GLU I 134 11.94 -82.09 -24.29
N GLY I 135 11.77 -80.92 -23.67
CA GLY I 135 12.72 -80.40 -22.69
C GLY I 135 13.61 -79.32 -23.29
N GLN I 136 14.13 -79.61 -24.48
CA GLN I 136 15.14 -78.78 -25.15
C GLN I 136 14.75 -77.30 -25.29
N THR I 137 15.59 -76.44 -24.72
CA THR I 137 15.44 -74.98 -24.81
C THR I 137 16.56 -74.40 -25.66
N TYR I 138 16.51 -73.09 -25.91
CA TYR I 138 17.55 -72.40 -26.65
C TYR I 138 18.76 -72.15 -25.75
N LEU J 2 -14.48 -35.37 -20.49
CA LEU J 2 -14.11 -35.24 -19.06
C LEU J 2 -15.16 -34.41 -18.35
N PRO J 3 -15.72 -34.95 -17.25
CA PRO J 3 -16.75 -34.22 -16.50
C PRO J 3 -16.15 -33.15 -15.57
N ARG J 4 -16.94 -32.11 -15.27
CA ARG J 4 -16.60 -31.08 -14.29
C ARG J 4 -15.89 -31.70 -13.09
N ARG J 5 -16.33 -32.90 -12.75
CA ARG J 5 -15.85 -33.67 -11.61
C ARG J 5 -14.33 -33.91 -11.60
N ILE J 6 -13.73 -34.12 -12.76
CA ILE J 6 -12.30 -34.39 -12.83
C ILE J 6 -11.47 -33.10 -12.91
N ILE J 7 -11.96 -32.13 -13.67
CA ILE J 7 -11.31 -30.83 -13.77
C ILE J 7 -11.27 -30.15 -12.40
N LYS J 8 -12.39 -30.19 -11.69
CA LYS J 8 -12.51 -29.51 -10.39
C LYS J 8 -11.79 -30.22 -9.24
N GLU J 9 -11.70 -31.55 -9.29
CA GLU J 9 -10.97 -32.31 -8.28
C GLU J 9 -9.45 -32.09 -8.38
N THR J 10 -8.97 -31.93 -9.61
CA THR J 10 -7.59 -31.52 -9.85
C THR J 10 -7.38 -30.10 -9.34
N GLN J 11 -8.35 -29.23 -9.62
CA GLN J 11 -8.35 -27.84 -9.12
C GLN J 11 -8.31 -27.78 -7.59
N ARG J 12 -9.16 -28.58 -6.94
CA ARG J 12 -9.21 -28.65 -5.47
C ARG J 12 -7.89 -29.16 -4.88
N LEU J 13 -7.35 -30.24 -5.46
CA LEU J 13 -6.15 -30.90 -4.95
C LEU J 13 -4.88 -30.06 -5.02
N LEU J 14 -4.75 -29.26 -6.07
CA LEU J 14 -3.61 -28.35 -6.20
C LEU J 14 -3.81 -27.06 -5.41
N ALA J 15 -5.06 -26.61 -5.33
CA ALA J 15 -5.42 -25.41 -4.54
C ALA J 15 -5.30 -25.66 -3.04
N GLU J 16 -5.69 -26.86 -2.61
CA GLU J 16 -5.63 -27.25 -1.22
C GLU J 16 -4.67 -28.44 -1.04
N PRO J 17 -3.36 -28.16 -0.88
CA PRO J 17 -2.41 -29.25 -0.71
C PRO J 17 -2.49 -29.84 0.69
N VAL J 18 -2.52 -31.17 0.76
CA VAL J 18 -2.48 -31.89 2.01
C VAL J 18 -1.02 -31.95 2.46
N PRO J 19 -0.73 -31.53 3.70
CA PRO J 19 0.64 -31.52 4.22
C PRO J 19 1.35 -32.87 4.04
N GLY J 20 2.51 -32.84 3.38
CA GLY J 20 3.34 -34.03 3.19
C GLY J 20 2.97 -34.92 2.02
N ILE J 21 2.05 -34.47 1.16
CA ILE J 21 1.66 -35.23 -0.02
C ILE J 21 1.70 -34.38 -1.29
N LYS J 22 2.70 -34.61 -2.13
CA LYS J 22 2.75 -34.01 -3.47
C LYS J 22 1.94 -34.88 -4.43
N ALA J 23 1.04 -34.24 -5.17
CA ALA J 23 0.21 -34.93 -6.16
C ALA J 23 0.10 -34.08 -7.42
N GLU J 24 0.78 -34.51 -8.49
CA GLU J 24 0.74 -33.81 -9.76
C GLU J 24 -0.01 -34.63 -10.80
N PRO J 25 -0.97 -34.01 -11.52
CA PRO J 25 -1.50 -34.71 -12.68
C PRO J 25 -0.47 -34.68 -13.79
N ASP J 26 -0.44 -35.74 -14.60
CA ASP J 26 0.40 -35.75 -15.79
C ASP J 26 -0.25 -34.85 -16.85
N GLU J 27 0.52 -33.95 -17.46
CA GLU J 27 -0.04 -33.03 -18.46
C GLU J 27 -0.41 -33.75 -19.77
N SER J 28 -0.02 -35.02 -19.86
CA SER J 28 -0.38 -35.90 -20.97
C SER J 28 -1.64 -36.75 -20.67
N ASN J 29 -1.64 -37.40 -19.51
CA ASN J 29 -2.79 -38.20 -19.07
C ASN J 29 -3.39 -37.61 -17.78
N ALA J 30 -4.38 -36.74 -17.93
CA ALA J 30 -4.99 -36.03 -16.79
C ALA J 30 -5.69 -36.95 -15.79
N ARG J 31 -5.86 -38.21 -16.15
CA ARG J 31 -6.49 -39.20 -15.27
C ARG J 31 -5.45 -39.94 -14.42
N TYR J 32 -4.17 -39.63 -14.67
CA TYR J 32 -3.06 -40.31 -14.02
C TYR J 32 -2.27 -39.34 -13.13
N PHE J 33 -1.99 -39.78 -11.90
CA PHE J 33 -1.38 -38.92 -10.89
C PHE J 33 -0.08 -39.46 -10.31
N HIS J 34 0.92 -38.59 -10.19
CA HIS J 34 2.17 -38.89 -9.50
C HIS J 34 2.06 -38.40 -8.07
N VAL J 35 1.91 -39.34 -7.14
CA VAL J 35 1.75 -39.01 -5.72
C VAL J 35 3.02 -39.33 -4.94
N VAL J 36 3.49 -38.36 -4.16
CA VAL J 36 4.66 -38.56 -3.29
C VAL J 36 4.26 -38.31 -1.83
N ILE J 37 4.50 -39.30 -1.00
CA ILE J 37 4.10 -39.25 0.41
C ILE J 37 5.32 -39.27 1.34
N ALA J 38 5.43 -38.26 2.18
CA ALA J 38 6.48 -38.22 3.19
C ALA J 38 6.07 -39.09 4.35
N GLY J 39 6.96 -40.02 4.75
CA GLY J 39 6.73 -40.86 5.91
C GLY J 39 6.39 -40.03 7.13
N PRO J 40 5.19 -40.27 7.71
CA PRO J 40 4.70 -39.52 8.87
C PRO J 40 5.69 -39.56 10.03
N GLN J 41 5.90 -38.41 10.66
CA GLN J 41 6.76 -38.37 11.84
C GLN J 41 6.20 -39.23 12.96
N ASP J 42 7.10 -39.77 13.79
CA ASP J 42 6.78 -40.72 14.86
C ASP J 42 6.34 -42.12 14.38
N SER J 43 6.30 -42.31 13.07
CA SER J 43 5.95 -43.61 12.51
C SER J 43 7.23 -44.33 12.07
N PRO J 44 7.14 -45.66 11.87
CA PRO J 44 8.29 -46.46 11.41
C PRO J 44 8.81 -46.11 10.01
N PHE J 45 8.24 -45.07 9.39
CA PHE J 45 8.59 -44.72 8.01
C PHE J 45 9.23 -43.32 7.91
N GLU J 46 9.56 -42.74 9.06
CA GLU J 46 10.16 -41.41 9.16
C GLU J 46 11.41 -41.24 8.34
N GLY J 47 11.57 -40.06 7.73
CA GLY J 47 12.76 -39.76 6.93
C GLY J 47 12.68 -40.27 5.50
N GLY J 48 11.80 -41.24 5.26
CA GLY J 48 11.61 -41.80 3.93
C GLY J 48 10.49 -41.10 3.20
N THR J 49 10.58 -41.07 1.88
CA THR J 49 9.52 -40.52 1.04
C THR J 49 9.05 -41.56 0.01
N PHE J 50 7.75 -41.81 -0.02
CA PHE J 50 7.17 -42.93 -0.77
C PHE J 50 6.31 -42.48 -1.93
N LYS J 51 6.69 -42.88 -3.14
CA LYS J 51 5.89 -42.56 -4.32
C LYS J 51 4.75 -43.56 -4.57
N LEU J 52 3.65 -43.02 -5.08
CA LEU J 52 2.50 -43.80 -5.45
C LEU J 52 1.96 -43.28 -6.78
N GLU J 53 1.23 -44.13 -7.49
CA GLU J 53 0.55 -43.71 -8.71
C GLU J 53 -0.95 -43.94 -8.56
N LEU J 54 -1.73 -42.95 -9.02
CA LEU J 54 -3.18 -42.97 -8.91
C LEU J 54 -3.80 -42.87 -10.29
N PHE J 55 -4.82 -43.69 -10.55
CA PHE J 55 -5.54 -43.65 -11.81
C PHE J 55 -7.04 -43.54 -11.62
N LEU J 56 -7.67 -42.70 -12.44
CA LEU J 56 -9.11 -42.54 -12.46
C LEU J 56 -9.68 -43.27 -13.67
N PRO J 57 -10.22 -44.48 -13.44
CA PRO J 57 -10.76 -45.30 -14.53
C PRO J 57 -11.95 -44.68 -15.25
N GLU J 58 -12.31 -45.24 -16.40
CA GLU J 58 -13.37 -44.69 -17.25
C GLU J 58 -14.71 -44.53 -16.54
N GLU J 59 -14.88 -45.23 -15.42
CA GLU J 59 -16.14 -45.24 -14.69
C GLU J 59 -16.23 -44.18 -13.59
N TYR J 60 -15.07 -43.70 -13.13
CA TYR J 60 -14.99 -42.66 -12.11
C TYR J 60 -15.96 -41.50 -12.41
N PRO J 61 -16.69 -41.01 -11.38
CA PRO J 61 -16.58 -41.32 -9.96
C PRO J 61 -17.41 -42.53 -9.50
N MET J 62 -17.96 -43.27 -10.46
CA MET J 62 -18.78 -44.44 -10.15
C MET J 62 -17.93 -45.62 -9.67
N ALA J 63 -16.87 -45.94 -10.41
CA ALA J 63 -15.92 -46.97 -9.98
C ALA J 63 -14.77 -46.31 -9.22
N ALA J 64 -14.30 -47.01 -8.18
CA ALA J 64 -13.24 -46.50 -7.31
C ALA J 64 -11.93 -46.25 -8.07
N PRO J 65 -11.18 -45.20 -7.66
CA PRO J 65 -9.89 -44.90 -8.26
C PRO J 65 -8.87 -45.99 -7.96
N LYS J 66 -7.94 -46.22 -8.89
CA LYS J 66 -6.91 -47.23 -8.69
C LYS J 66 -5.62 -46.61 -8.16
N VAL J 67 -5.15 -47.09 -7.01
CA VAL J 67 -3.91 -46.62 -6.40
C VAL J 67 -2.95 -47.75 -6.06
N ARG J 68 -1.66 -47.46 -6.18
CA ARG J 68 -0.60 -48.43 -5.92
C ARG J 68 0.67 -47.73 -5.43
N PHE J 69 1.33 -48.33 -4.44
CA PHE J 69 2.64 -47.89 -3.98
C PHE J 69 3.70 -48.24 -5.03
N MET J 70 4.43 -47.23 -5.46
CA MET J 70 5.56 -47.43 -6.38
C MET J 70 6.80 -47.88 -5.60
N THR J 71 6.94 -47.35 -4.39
CA THR J 71 8.07 -47.66 -3.53
C THR J 71 7.76 -48.86 -2.65
N LYS J 72 8.71 -49.79 -2.56
CA LYS J 72 8.61 -50.97 -1.72
C LYS J 72 8.46 -50.55 -0.24
N ILE J 73 7.48 -51.12 0.45
CA ILE J 73 7.19 -50.75 1.84
C ILE J 73 6.68 -51.95 2.66
N TYR J 74 7.11 -52.04 3.91
CA TYR J 74 6.66 -53.08 4.83
C TYR J 74 5.46 -52.56 5.60
N HIS J 75 4.29 -53.12 5.29
CA HIS J 75 3.04 -52.62 5.80
C HIS J 75 1.97 -53.69 5.67
N PRO J 76 1.09 -53.82 6.68
CA PRO J 76 0.01 -54.79 6.57
C PRO J 76 -0.80 -54.59 5.29
N ASN J 77 -1.26 -53.36 5.08
CA ASN J 77 -2.17 -53.02 3.98
C ASN J 77 -1.52 -52.89 2.61
N VAL J 78 -0.22 -53.16 2.53
CA VAL J 78 0.49 -53.17 1.25
C VAL J 78 1.01 -54.59 0.98
N ASP J 79 1.05 -54.97 -0.29
CA ASP J 79 1.61 -56.26 -0.68
C ASP J 79 2.96 -56.12 -1.40
N LYS J 80 3.47 -57.24 -1.89
CA LYS J 80 4.79 -57.32 -2.53
C LYS J 80 4.93 -56.44 -3.78
N LEU J 81 3.81 -56.03 -4.34
CA LEU J 81 3.77 -55.28 -5.60
C LEU J 81 3.18 -53.88 -5.45
N GLY J 82 2.88 -53.49 -4.22
CA GLY J 82 2.41 -52.14 -3.94
C GLY J 82 0.91 -51.97 -3.94
N ARG J 83 0.16 -53.06 -4.16
CA ARG J 83 -1.30 -53.03 -4.08
C ARG J 83 -1.78 -52.68 -2.67
N ILE J 84 -2.84 -51.88 -2.58
CA ILE J 84 -3.29 -51.38 -1.28
C ILE J 84 -4.64 -51.95 -0.89
N CYS J 85 -4.63 -52.78 0.16
CA CYS J 85 -5.86 -53.26 0.76
C CYS J 85 -6.43 -52.19 1.69
N LEU J 86 -7.56 -51.61 1.28
CA LEU J 86 -8.21 -50.52 2.02
C LEU J 86 -9.71 -50.52 1.69
N ASP J 87 -10.52 -50.39 2.73
CA ASP J 87 -11.98 -50.47 2.58
C ASP J 87 -12.51 -49.56 1.48
N ILE J 88 -12.24 -48.27 1.63
CA ILE J 88 -12.80 -47.24 0.74
C ILE J 88 -12.39 -47.40 -0.73
N LEU J 89 -11.49 -48.35 -1.00
CA LEU J 89 -10.99 -48.57 -2.36
C LEU J 89 -11.69 -49.70 -3.12
N LYS J 90 -12.48 -50.49 -2.40
CA LYS J 90 -13.33 -51.48 -3.04
C LYS J 90 -14.80 -51.25 -2.71
N ASP J 91 -15.40 -52.13 -1.91
CA ASP J 91 -16.84 -52.11 -1.67
C ASP J 91 -17.36 -50.90 -0.89
N LYS J 92 -16.52 -50.29 -0.05
CA LYS J 92 -16.94 -49.12 0.74
C LYS J 92 -16.65 -47.77 0.05
N TRP J 93 -16.51 -47.81 -1.26
CA TRP J 93 -16.35 -46.62 -2.08
C TRP J 93 -17.72 -46.04 -2.47
N SER J 94 -17.92 -44.76 -2.17
CA SER J 94 -19.07 -44.03 -2.68
C SER J 94 -18.62 -42.95 -3.67
N PRO J 95 -19.45 -42.66 -4.69
CA PRO J 95 -19.11 -41.66 -5.71
C PRO J 95 -18.99 -40.23 -5.17
N ALA J 96 -19.35 -40.04 -3.89
CA ALA J 96 -19.27 -38.74 -3.22
C ALA J 96 -17.91 -38.46 -2.56
N LEU J 97 -16.99 -39.41 -2.66
CA LEU J 97 -15.66 -39.27 -2.05
C LEU J 97 -14.64 -38.73 -3.06
N GLN J 98 -14.02 -37.59 -2.74
CA GLN J 98 -12.96 -37.06 -3.60
C GLN J 98 -11.66 -37.84 -3.42
N ILE J 99 -10.67 -37.53 -4.25
CA ILE J 99 -9.36 -38.17 -4.21
C ILE J 99 -8.64 -37.89 -2.88
N ARG J 100 -8.72 -36.65 -2.40
CA ARG J 100 -8.02 -36.25 -1.18
C ARG J 100 -8.30 -37.22 -0.02
N THR J 101 -9.55 -37.66 0.11
CA THR J 101 -9.94 -38.58 1.18
C THR J 101 -9.19 -39.89 1.04
N VAL J 102 -9.00 -40.33 -0.20
CA VAL J 102 -8.20 -41.52 -0.50
C VAL J 102 -6.73 -41.29 -0.17
N LEU J 103 -6.22 -40.10 -0.52
CA LEU J 103 -4.86 -39.70 -0.20
C LEU J 103 -4.63 -39.53 1.31
N LEU J 104 -5.68 -39.11 2.01
CA LEU J 104 -5.67 -39.00 3.47
C LEU J 104 -5.68 -40.37 4.12
N SER J 105 -6.52 -41.27 3.61
CA SER J 105 -6.68 -42.61 4.18
C SER J 105 -5.41 -43.46 4.08
N ILE J 106 -4.65 -43.25 3.00
CA ILE J 106 -3.37 -43.95 2.80
C ILE J 106 -2.30 -43.39 3.76
N GLN J 107 -2.37 -42.08 4.02
CA GLN J 107 -1.46 -41.43 4.95
C GLN J 107 -1.78 -41.81 6.40
N ALA J 108 -3.07 -41.97 6.69
CA ALA J 108 -3.52 -42.42 8.00
C ALA J 108 -2.95 -43.79 8.28
N LEU J 109 -2.90 -44.63 7.25
CA LEU J 109 -2.38 -46.00 7.34
C LEU J 109 -0.88 -46.09 7.64
N LEU J 110 -0.11 -45.13 7.15
CA LEU J 110 1.33 -45.08 7.43
C LEU J 110 1.59 -44.54 8.84
N SER J 111 0.83 -43.52 9.24
CA SER J 111 0.98 -42.90 10.55
C SER J 111 0.79 -43.90 11.70
N ALA J 112 -0.25 -44.70 11.61
CA ALA J 112 -0.51 -45.77 12.58
C ALA J 112 -1.05 -47.01 11.87
N PRO J 113 -0.17 -48.01 11.64
CA PRO J 113 -0.65 -49.22 10.98
C PRO J 113 -1.39 -50.13 11.98
N ASN J 114 -2.69 -49.89 12.11
CA ASN J 114 -3.59 -50.74 12.92
C ASN J 114 -3.60 -52.18 12.40
N PRO J 115 -2.97 -53.11 13.15
CA PRO J 115 -2.78 -54.47 12.63
C PRO J 115 -4.08 -55.30 12.58
N ASP J 116 -5.23 -54.62 12.65
CA ASP J 116 -6.54 -55.29 12.68
C ASP J 116 -7.12 -55.47 11.26
N ASP J 117 -6.49 -56.36 10.51
CA ASP J 117 -6.84 -56.69 9.13
C ASP J 117 -7.39 -58.12 9.10
N PRO J 118 -8.72 -58.27 8.90
CA PRO J 118 -9.38 -59.60 8.84
C PRO J 118 -8.90 -60.46 7.66
N LEU J 119 -8.72 -59.84 6.50
CA LEU J 119 -8.04 -60.46 5.35
C LEU J 119 -6.53 -60.26 5.54
N ALA J 120 -5.93 -61.14 6.37
CA ALA J 120 -4.59 -60.93 6.92
C ALA J 120 -3.42 -61.38 6.03
N ASN J 121 -2.52 -60.43 5.77
CA ASN J 121 -1.23 -60.69 5.13
C ASN J 121 -0.36 -61.69 5.89
N ASP J 122 0.84 -61.93 5.37
CA ASP J 122 1.90 -62.56 6.13
C ASP J 122 2.64 -61.47 6.87
N VAL J 123 2.52 -60.24 6.37
CA VAL J 123 3.06 -59.06 7.03
C VAL J 123 2.15 -58.65 8.19
N ALA J 124 0.85 -58.57 7.90
CA ALA J 124 -0.15 -58.11 8.88
C ALA J 124 -0.29 -59.06 10.05
N GLU J 125 -0.22 -60.35 9.76
CA GLU J 125 -0.27 -61.39 10.79
C GLU J 125 1.01 -61.36 11.65
N GLN J 126 2.14 -61.07 10.99
CA GLN J 126 3.43 -60.94 11.65
C GLN J 126 3.50 -59.63 12.46
N TRP J 127 2.68 -58.67 12.06
CA TRP J 127 2.57 -57.39 12.75
C TRP J 127 1.69 -57.50 13.98
N LYS J 128 0.73 -58.43 13.92
CA LYS J 128 -0.25 -58.62 14.99
C LYS J 128 0.41 -59.20 16.25
N THR J 129 1.36 -60.11 16.06
CA THR J 129 2.05 -60.74 17.19
C THR J 129 3.42 -60.10 17.49
N ASN J 130 4.38 -60.31 16.59
CA ASN J 130 5.69 -59.67 16.69
C ASN J 130 5.66 -58.22 16.21
N GLU J 131 5.10 -57.34 17.03
CA GLU J 131 4.89 -55.93 16.66
C GLU J 131 6.19 -55.12 16.64
N ALA J 132 6.87 -55.07 17.78
CA ALA J 132 8.15 -54.36 17.89
C ALA J 132 9.12 -54.86 16.83
N GLN J 133 9.07 -56.17 16.58
CA GLN J 133 9.82 -56.83 15.52
C GLN J 133 9.41 -56.31 14.15
N ALA J 134 8.10 -56.11 13.96
CA ALA J 134 7.57 -55.64 12.69
C ALA J 134 7.97 -54.20 12.40
N ILE J 135 7.85 -53.31 13.39
CA ILE J 135 8.29 -51.91 13.25
C ILE J 135 9.75 -51.83 12.82
N GLU J 136 10.58 -52.71 13.38
CA GLU J 136 12.00 -52.79 13.04
C GLU J 136 12.23 -53.03 11.55
N THR J 137 11.51 -53.99 10.98
CA THR J 137 11.60 -54.30 9.55
C THR J 137 11.15 -53.10 8.71
N ALA J 138 10.11 -52.42 9.16
CA ALA J 138 9.59 -51.25 8.47
C ALA J 138 10.66 -50.17 8.40
N ARG J 139 11.30 -49.92 9.54
CA ARG J 139 12.40 -48.97 9.62
C ARG J 139 13.54 -49.36 8.68
N ALA J 140 13.86 -50.66 8.68
CA ALA J 140 14.94 -51.18 7.85
C ALA J 140 14.63 -51.02 6.37
N TRP J 141 13.39 -51.31 5.97
CA TRP J 141 12.96 -51.20 4.58
C TRP J 141 12.86 -49.74 4.15
N THR J 142 12.47 -48.87 5.09
CA THR J 142 12.38 -47.43 4.83
C THR J 142 13.76 -46.86 4.46
N ARG J 143 14.83 -47.47 4.97
CA ARG J 143 16.18 -47.04 4.61
C ARG J 143 16.69 -47.68 3.33
N LEU J 144 16.20 -48.87 3.01
CA LEU J 144 16.65 -49.60 1.82
C LEU J 144 16.00 -49.09 0.55
N TYR J 145 14.77 -48.60 0.66
CA TYR J 145 13.98 -48.26 -0.53
C TYR J 145 13.44 -46.83 -0.54
N ALA J 146 13.33 -46.22 0.64
CA ALA J 146 12.69 -44.91 0.73
C ALA J 146 13.64 -43.73 0.99
N MET J 147 14.94 -43.99 1.05
CA MET J 147 15.92 -42.94 1.40
C MET J 147 16.58 -42.26 0.20
N ASN J 148 16.46 -42.85 -0.98
CA ASN J 148 16.98 -42.23 -2.20
C ASN J 148 15.90 -41.95 -3.25
N GLY K 1 -81.32 -10.76 -33.73
CA GLY K 1 -79.91 -11.17 -33.55
C GLY K 1 -79.25 -10.64 -32.29
N VAL K 2 -78.41 -11.47 -31.67
CA VAL K 2 -77.62 -11.11 -30.49
C VAL K 2 -76.19 -11.64 -30.66
N LYS K 3 -75.20 -10.77 -30.48
CA LYS K 3 -73.79 -11.15 -30.60
C LYS K 3 -73.30 -12.00 -29.42
N VAL K 4 -72.70 -13.15 -29.72
CA VAL K 4 -72.12 -14.05 -28.73
C VAL K 4 -70.60 -13.79 -28.61
N PRO K 5 -70.12 -13.50 -27.39
CA PRO K 5 -68.69 -13.27 -27.11
C PRO K 5 -67.86 -14.52 -27.33
N ARG K 6 -66.58 -14.34 -27.65
CA ARG K 6 -65.69 -15.44 -28.02
C ARG K 6 -65.79 -16.61 -27.05
N ASN K 7 -65.49 -16.34 -25.79
CA ASN K 7 -65.34 -17.39 -24.79
C ASN K 7 -66.60 -18.23 -24.56
N PHE K 8 -67.76 -17.57 -24.54
CA PHE K 8 -69.02 -18.29 -24.36
C PHE K 8 -69.43 -19.05 -25.62
N ARG K 9 -68.94 -18.59 -26.77
CA ARG K 9 -69.18 -19.25 -28.04
C ARG K 9 -68.38 -20.54 -28.11
N LEU K 10 -67.17 -20.50 -27.56
CA LEU K 10 -66.31 -21.68 -27.48
C LEU K 10 -66.76 -22.60 -26.35
N LEU K 11 -67.32 -22.02 -25.29
CA LEU K 11 -67.95 -22.79 -24.22
C LEU K 11 -69.10 -23.63 -24.76
N GLU K 12 -69.92 -23.04 -25.64
CA GLU K 12 -70.96 -23.75 -26.37
C GLU K 12 -70.34 -24.88 -27.18
N GLU K 13 -69.30 -24.53 -27.94
CA GLU K 13 -68.59 -25.43 -28.83
C GLU K 13 -67.99 -26.63 -28.11
N LEU K 14 -67.79 -26.48 -26.80
CA LEU K 14 -67.30 -27.56 -25.96
C LEU K 14 -68.43 -28.55 -25.64
N GLU K 15 -69.55 -28.04 -25.13
CA GLU K 15 -70.72 -28.85 -24.76
C GLU K 15 -71.12 -29.78 -25.89
N GLU K 16 -71.31 -29.19 -27.06
CA GLU K 16 -71.73 -29.90 -28.26
C GLU K 16 -70.72 -30.98 -28.63
N GLY K 17 -69.43 -30.64 -28.51
CA GLY K 17 -68.36 -31.62 -28.70
C GLY K 17 -68.53 -32.85 -27.82
N GLN K 18 -68.72 -32.62 -26.53
CA GLN K 18 -68.88 -33.69 -25.56
C GLN K 18 -70.09 -34.58 -25.83
N LYS K 19 -71.25 -33.97 -26.05
CA LYS K 19 -72.48 -34.71 -26.29
C LYS K 19 -72.50 -35.36 -27.67
N GLY K 20 -71.73 -34.79 -28.60
CA GLY K 20 -71.64 -35.28 -29.98
C GLY K 20 -72.86 -35.00 -30.83
N VAL K 21 -72.66 -34.80 -32.13
CA VAL K 21 -73.77 -34.63 -33.07
C VAL K 21 -73.62 -35.53 -34.28
N GLY K 22 -74.75 -35.85 -34.91
CA GLY K 22 -74.79 -36.68 -36.11
C GLY K 22 -74.32 -38.10 -35.87
N ASP K 23 -74.04 -38.80 -36.96
CA ASP K 23 -73.51 -40.16 -36.93
C ASP K 23 -72.13 -40.23 -36.28
N GLY K 24 -71.56 -39.06 -36.00
CA GLY K 24 -70.30 -38.95 -35.31
C GLY K 24 -69.08 -39.03 -36.20
N THR K 25 -69.27 -39.05 -37.52
CA THR K 25 -68.16 -39.14 -38.46
C THR K 25 -67.19 -37.97 -38.29
N VAL K 26 -67.65 -36.91 -37.63
CA VAL K 26 -66.76 -35.84 -37.16
C VAL K 26 -66.93 -35.64 -35.66
N SER K 27 -65.81 -35.43 -34.99
CA SER K 27 -65.83 -35.14 -33.57
C SER K 27 -64.71 -34.18 -33.19
N TRP K 28 -64.91 -33.46 -32.09
CA TRP K 28 -63.94 -32.45 -31.64
C TRP K 28 -63.88 -32.33 -30.12
N GLY K 29 -62.87 -31.61 -29.63
CA GLY K 29 -62.65 -31.42 -28.20
C GLY K 29 -61.40 -30.60 -27.94
N LEU K 30 -61.33 -30.02 -26.74
CA LEU K 30 -60.23 -29.17 -26.31
C LEU K 30 -59.01 -30.03 -25.99
N GLU K 31 -57.91 -29.81 -26.70
CA GLU K 31 -56.72 -30.69 -26.57
C GLU K 31 -56.01 -30.60 -25.23
N ASP K 32 -56.08 -29.43 -24.59
CA ASP K 32 -55.61 -29.27 -23.22
C ASP K 32 -56.81 -28.93 -22.35
N ASP K 33 -57.22 -29.89 -21.52
CA ASP K 33 -58.39 -29.73 -20.64
C ASP K 33 -58.21 -28.69 -19.53
N GLU K 34 -57.10 -27.95 -19.59
CA GLU K 34 -56.79 -26.89 -18.64
C GLU K 34 -56.56 -25.54 -19.33
N ASP K 35 -56.56 -25.57 -20.66
CA ASP K 35 -56.40 -24.37 -21.47
C ASP K 35 -57.56 -23.42 -21.22
N MET K 36 -57.34 -22.50 -20.27
CA MET K 36 -58.36 -21.56 -19.87
C MET K 36 -58.62 -20.50 -20.94
N THR K 37 -57.76 -20.46 -21.95
CA THR K 37 -57.92 -19.54 -23.09
C THR K 37 -58.71 -20.19 -24.23
N LEU K 38 -58.96 -21.49 -24.11
CA LEU K 38 -59.78 -22.26 -25.05
C LEU K 38 -59.34 -22.12 -26.52
N THR K 39 -58.03 -22.18 -26.74
CA THR K 39 -57.44 -21.91 -28.04
C THR K 39 -57.17 -23.19 -28.84
N ARG K 40 -56.49 -24.15 -28.22
CA ARG K 40 -56.08 -25.37 -28.91
C ARG K 40 -57.06 -26.53 -28.75
N TRP K 41 -57.65 -26.91 -29.89
CA TRP K 41 -58.61 -28.01 -29.96
C TRP K 41 -58.07 -29.11 -30.85
N THR K 42 -58.62 -30.32 -30.68
CA THR K 42 -58.33 -31.44 -31.57
C THR K 42 -59.60 -31.93 -32.24
N GLY K 43 -59.53 -32.09 -33.56
CA GLY K 43 -60.63 -32.66 -34.34
C GLY K 43 -60.36 -34.08 -34.79
N MET K 44 -61.44 -34.76 -35.19
CA MET K 44 -61.37 -36.11 -35.73
C MET K 44 -62.33 -36.24 -36.91
N ILE K 45 -61.88 -36.95 -37.94
CA ILE K 45 -62.68 -37.21 -39.14
C ILE K 45 -62.57 -38.67 -39.55
N ILE K 46 -63.72 -39.32 -39.77
CA ILE K 46 -63.73 -40.64 -40.36
C ILE K 46 -63.73 -40.46 -41.88
N GLY K 47 -62.80 -41.13 -42.56
CA GLY K 47 -62.77 -41.12 -44.02
C GLY K 47 -64.05 -41.65 -44.62
N PRO K 48 -64.67 -40.88 -45.53
CA PRO K 48 -66.00 -41.17 -46.09
C PRO K 48 -66.03 -42.42 -46.98
N PRO K 49 -67.16 -43.16 -46.98
CA PRO K 49 -67.29 -44.41 -47.74
C PRO K 49 -67.12 -44.24 -49.25
N ARG K 50 -66.73 -45.34 -49.91
CA ARG K 50 -66.50 -45.40 -51.35
C ARG K 50 -65.48 -44.38 -51.87
N THR K 51 -64.48 -44.08 -51.04
CA THR K 51 -63.35 -43.25 -51.43
C THR K 51 -62.05 -43.93 -51.01
N ASN K 52 -60.92 -43.31 -51.33
CA ASN K 52 -59.61 -43.82 -50.90
C ASN K 52 -59.35 -43.54 -49.43
N TYR K 53 -60.15 -42.66 -48.84
CA TYR K 53 -59.99 -42.28 -47.44
C TYR K 53 -60.76 -43.21 -46.51
N GLU K 54 -61.66 -44.02 -47.09
CA GLU K 54 -62.64 -44.82 -46.33
C GLU K 54 -62.05 -45.59 -45.16
N ASN K 55 -62.76 -45.56 -44.03
CA ASN K 55 -62.40 -46.28 -42.81
C ASN K 55 -61.02 -45.92 -42.24
N ARG K 56 -60.72 -44.62 -42.18
CA ARG K 56 -59.45 -44.17 -41.62
C ARG K 56 -59.69 -43.06 -40.63
N ILE K 57 -59.14 -43.19 -39.42
CA ILE K 57 -59.30 -42.13 -38.43
C ILE K 57 -58.23 -41.05 -38.61
N TYR K 58 -58.68 -39.87 -39.01
CA TYR K 58 -57.79 -38.73 -39.20
C TYR K 58 -57.89 -37.80 -38.01
N SER K 59 -56.78 -37.66 -37.30
CA SER K 59 -56.71 -36.72 -36.19
C SER K 59 -56.24 -35.37 -36.70
N LEU K 60 -56.94 -34.31 -36.29
CA LEU K 60 -56.63 -32.96 -36.72
C LEU K 60 -56.36 -32.04 -35.53
N LYS K 61 -55.50 -31.04 -35.74
CA LYS K 61 -55.23 -30.03 -34.73
C LYS K 61 -55.75 -28.67 -35.20
N VAL K 62 -56.66 -28.08 -34.42
CA VAL K 62 -57.30 -26.82 -34.78
C VAL K 62 -57.17 -25.75 -33.70
N GLU K 63 -56.68 -24.58 -34.11
CA GLU K 63 -56.38 -23.45 -33.22
C GLU K 63 -57.46 -22.36 -33.37
N CYS K 64 -57.80 -21.70 -32.27
CA CYS K 64 -58.80 -20.62 -32.30
C CYS K 64 -58.23 -19.27 -31.86
N GLY K 65 -57.91 -18.41 -32.84
CA GLY K 65 -57.31 -17.10 -32.58
C GLY K 65 -58.17 -16.21 -31.70
N PRO K 66 -57.57 -15.12 -31.17
CA PRO K 66 -58.30 -14.17 -30.30
C PRO K 66 -59.42 -13.43 -31.03
N LYS K 67 -59.44 -13.54 -32.35
CA LYS K 67 -60.44 -12.91 -33.21
C LYS K 67 -61.60 -13.87 -33.55
N TYR K 68 -61.59 -15.07 -32.98
CA TYR K 68 -62.64 -16.07 -33.22
C TYR K 68 -63.93 -15.70 -32.48
N PRO K 69 -65.11 -16.00 -33.07
CA PRO K 69 -65.36 -16.60 -34.37
C PRO K 69 -65.55 -15.57 -35.48
N GLU K 70 -65.18 -14.32 -35.22
CA GLU K 70 -65.20 -13.27 -36.23
C GLU K 70 -64.10 -13.52 -37.27
N ALA K 71 -63.11 -14.32 -36.89
CA ALA K 71 -62.07 -14.80 -37.80
C ALA K 71 -62.06 -16.33 -37.87
N PRO K 72 -61.63 -16.91 -39.01
CA PRO K 72 -61.55 -18.38 -39.10
C PRO K 72 -60.43 -18.95 -38.23
N PRO K 73 -60.54 -20.24 -37.85
CA PRO K 73 -59.50 -20.93 -37.09
C PRO K 73 -58.42 -21.54 -37.99
N SER K 74 -57.24 -21.82 -37.43
CA SER K 74 -56.18 -22.50 -38.17
C SER K 74 -56.36 -24.00 -38.04
N VAL K 75 -56.36 -24.71 -39.17
CA VAL K 75 -56.53 -26.16 -39.16
C VAL K 75 -55.33 -26.89 -39.77
N ARG K 76 -54.77 -27.83 -39.03
CA ARG K 76 -53.71 -28.66 -39.57
C ARG K 76 -53.91 -30.16 -39.30
N PHE K 77 -53.49 -30.99 -40.26
CA PHE K 77 -53.59 -32.43 -40.13
C PHE K 77 -52.43 -32.96 -39.31
N VAL K 78 -52.74 -33.91 -38.43
CA VAL K 78 -51.72 -34.64 -37.68
C VAL K 78 -51.46 -35.99 -38.35
N THR K 79 -52.54 -36.71 -38.69
CA THR K 79 -52.46 -37.91 -39.52
C THR K 79 -52.08 -37.54 -40.94
N LYS K 80 -51.13 -38.25 -41.53
CA LYS K 80 -50.72 -37.98 -42.92
C LYS K 80 -51.83 -38.31 -43.93
N ILE K 81 -52.10 -37.36 -44.83
CA ILE K 81 -53.16 -37.49 -45.82
C ILE K 81 -52.74 -36.93 -47.17
N ASN K 82 -53.25 -37.50 -48.24
CA ASN K 82 -53.06 -36.93 -49.58
C ASN K 82 -54.36 -36.31 -50.09
N MET K 83 -54.44 -34.99 -49.96
CA MET K 83 -55.67 -34.26 -50.24
C MET K 83 -55.31 -32.84 -50.66
N ASN K 84 -55.98 -32.37 -51.72
CA ASN K 84 -55.79 -31.00 -52.20
C ASN K 84 -56.08 -29.98 -51.10
N GLY K 85 -55.14 -29.05 -50.92
CA GLY K 85 -55.25 -28.03 -49.89
C GLY K 85 -54.36 -28.27 -48.68
N ILE K 86 -53.97 -29.53 -48.48
CA ILE K 86 -53.16 -29.92 -47.32
C ILE K 86 -51.65 -29.98 -47.65
N ASN K 87 -50.88 -29.11 -46.98
CA ASN K 87 -49.43 -29.01 -47.17
C ASN K 87 -48.75 -30.32 -46.79
N ASN K 88 -47.99 -30.87 -47.73
CA ASN K 88 -47.43 -32.22 -47.58
C ASN K 88 -46.33 -32.36 -46.52
N SER K 89 -45.79 -31.24 -46.06
CA SER K 89 -44.72 -31.29 -45.07
C SER K 89 -45.21 -31.02 -43.64
N SER K 90 -46.01 -29.97 -43.49
CA SER K 90 -46.46 -29.53 -42.17
C SER K 90 -47.84 -30.06 -41.83
N GLY K 91 -48.60 -30.41 -42.87
CA GLY K 91 -49.96 -30.91 -42.73
C GLY K 91 -51.04 -29.85 -42.78
N MET K 92 -50.67 -28.57 -42.66
CA MET K 92 -51.68 -27.51 -42.54
C MET K 92 -52.48 -27.21 -43.79
N VAL K 93 -53.79 -27.08 -43.57
CA VAL K 93 -54.79 -26.77 -44.58
C VAL K 93 -54.60 -25.36 -45.13
N ASP K 94 -54.47 -25.25 -46.44
CA ASP K 94 -54.46 -23.96 -47.13
C ASP K 94 -55.88 -23.40 -47.11
N ALA K 95 -56.09 -22.40 -46.27
CA ALA K 95 -57.41 -21.79 -46.07
C ALA K 95 -58.09 -21.42 -47.39
N ARG K 96 -57.31 -20.85 -48.31
CA ARG K 96 -57.78 -20.45 -49.64
C ARG K 96 -58.52 -21.57 -50.38
N SER K 97 -57.98 -22.79 -50.30
CA SER K 97 -58.54 -23.96 -50.97
C SER K 97 -59.91 -24.35 -50.44
N ILE K 98 -60.18 -23.99 -49.18
CA ILE K 98 -61.37 -24.48 -48.48
C ILE K 98 -62.46 -23.40 -48.42
N PRO K 99 -63.57 -23.61 -49.16
CA PRO K 99 -64.60 -22.58 -49.30
C PRO K 99 -65.23 -22.18 -47.96
N VAL K 100 -65.19 -23.06 -46.97
CA VAL K 100 -65.75 -22.76 -45.64
C VAL K 100 -64.82 -21.84 -44.83
N LEU K 101 -63.54 -21.83 -45.20
CA LEU K 101 -62.54 -20.98 -44.54
C LEU K 101 -62.32 -19.66 -45.30
N ALA K 102 -62.21 -19.75 -46.62
CA ALA K 102 -62.04 -18.56 -47.46
C ALA K 102 -63.24 -17.65 -47.27
N LYS K 103 -64.44 -18.16 -47.55
CA LYS K 103 -65.68 -17.42 -47.32
C LYS K 103 -66.26 -17.77 -45.96
N TRP K 104 -65.57 -17.33 -44.91
CA TRP K 104 -65.90 -17.66 -43.53
C TRP K 104 -66.99 -16.75 -42.96
N GLN K 105 -67.87 -17.36 -42.17
CA GLN K 105 -68.96 -16.66 -41.50
C GLN K 105 -68.71 -16.68 -40.00
N ASN K 106 -69.29 -15.72 -39.27
CA ASN K 106 -69.21 -15.73 -37.81
C ASN K 106 -70.26 -16.66 -37.19
N SER K 107 -71.05 -17.30 -38.05
CA SER K 107 -72.07 -18.25 -37.62
C SER K 107 -71.53 -19.68 -37.60
N TYR K 108 -70.40 -19.90 -38.26
CA TYR K 108 -69.78 -21.23 -38.33
C TYR K 108 -69.12 -21.67 -37.02
N SER K 109 -68.65 -22.92 -37.02
CA SER K 109 -68.10 -23.55 -35.83
C SER K 109 -67.10 -24.60 -36.29
N ILE K 110 -66.37 -25.20 -35.33
CA ILE K 110 -65.44 -26.29 -35.64
C ILE K 110 -66.16 -27.43 -36.36
N LYS K 111 -67.31 -27.84 -35.81
CA LYS K 111 -68.22 -28.77 -36.46
C LYS K 111 -68.27 -28.52 -37.96
N VAL K 112 -68.69 -27.31 -38.34
CA VAL K 112 -68.85 -26.94 -39.76
C VAL K 112 -67.54 -27.09 -40.54
N VAL K 113 -66.41 -26.81 -39.89
CA VAL K 113 -65.10 -26.93 -40.55
C VAL K 113 -64.79 -28.39 -40.89
N LEU K 114 -64.78 -29.23 -39.87
CA LEU K 114 -64.46 -30.65 -40.03
C LEU K 114 -65.38 -31.31 -41.04
N GLN K 115 -66.66 -30.95 -41.00
CA GLN K 115 -67.66 -31.53 -41.89
C GLN K 115 -67.36 -31.23 -43.35
N GLU K 116 -66.91 -30.01 -43.61
CA GLU K 116 -66.57 -29.59 -44.96
C GLU K 116 -65.31 -30.28 -45.46
N LEU K 117 -64.40 -30.60 -44.55
CA LEU K 117 -63.22 -31.37 -44.90
C LEU K 117 -63.57 -32.80 -45.31
N ARG K 118 -64.41 -33.46 -44.51
CA ARG K 118 -64.90 -34.81 -44.82
C ARG K 118 -65.65 -34.76 -46.15
N ARG K 119 -66.41 -33.68 -46.36
CA ARG K 119 -67.13 -33.49 -47.61
C ARG K 119 -66.18 -33.33 -48.79
N LEU K 120 -65.12 -32.55 -48.61
CA LEU K 120 -64.19 -32.29 -49.70
C LEU K 120 -63.30 -33.50 -50.01
N MET K 121 -63.39 -34.53 -49.18
CA MET K 121 -62.75 -35.82 -49.45
C MET K 121 -63.54 -36.59 -50.52
N MET K 122 -64.80 -36.21 -50.69
CA MET K 122 -65.68 -36.89 -51.63
C MET K 122 -65.62 -36.27 -53.03
N SER K 123 -64.75 -35.27 -53.20
CA SER K 123 -64.57 -34.58 -54.47
C SER K 123 -63.83 -35.43 -55.48
N LYS K 124 -64.21 -35.30 -56.75
CA LYS K 124 -63.56 -36.02 -57.84
C LYS K 124 -62.04 -36.02 -57.68
N GLU K 125 -61.46 -34.82 -57.59
CA GLU K 125 -60.01 -34.63 -57.58
C GLU K 125 -59.32 -35.19 -56.33
N ASN K 126 -60.12 -35.72 -55.40
CA ASN K 126 -59.61 -36.25 -54.15
C ASN K 126 -59.84 -37.74 -53.97
N MET K 127 -61.05 -38.21 -54.23
CA MET K 127 -61.48 -39.55 -53.85
C MET K 127 -60.64 -40.70 -54.41
N LYS K 128 -59.92 -40.42 -55.50
CA LYS K 128 -59.14 -41.44 -56.21
C LYS K 128 -57.63 -41.34 -55.96
N LEU K 129 -57.22 -40.34 -55.18
CA LEU K 129 -55.80 -40.11 -54.87
C LEU K 129 -55.22 -41.22 -54.00
N PRO K 130 -54.04 -41.75 -54.39
CA PRO K 130 -53.33 -42.77 -53.61
C PRO K 130 -52.86 -42.23 -52.25
N GLN K 131 -53.27 -42.89 -51.18
CA GLN K 131 -52.96 -42.44 -49.83
C GLN K 131 -51.71 -43.12 -49.26
N PRO K 132 -51.07 -42.51 -48.25
CA PRO K 132 -49.99 -43.20 -47.55
C PRO K 132 -50.56 -44.26 -46.59
N PRO K 133 -49.76 -45.27 -46.23
CA PRO K 133 -50.24 -46.32 -45.31
C PRO K 133 -50.56 -45.79 -43.91
N GLU K 134 -51.62 -46.33 -43.33
CA GLU K 134 -52.15 -45.89 -42.05
C GLU K 134 -51.10 -45.82 -40.95
N GLY K 135 -51.28 -44.87 -40.04
CA GLY K 135 -50.39 -44.70 -38.90
C GLY K 135 -49.55 -43.46 -38.99
N GLN K 136 -49.05 -43.17 -40.20
CA GLN K 136 -48.12 -42.06 -40.44
C GLN K 136 -48.63 -40.71 -39.95
N THR K 137 -47.77 -39.98 -39.25
CA THR K 137 -48.09 -38.63 -38.76
C THR K 137 -47.05 -37.59 -39.15
N TYR K 138 -47.51 -36.37 -39.42
CA TYR K 138 -46.63 -35.24 -39.68
C TYR K 138 -45.84 -34.88 -38.42
N LEU L 2 -82.67 -3.23 -27.56
CA LEU L 2 -82.20 -3.81 -26.28
C LEU L 2 -83.26 -3.63 -25.18
N PRO L 3 -83.76 -4.75 -24.59
CA PRO L 3 -84.79 -4.77 -23.55
C PRO L 3 -84.58 -3.76 -22.42
N ARG L 4 -85.70 -3.17 -21.97
CA ARG L 4 -85.72 -2.17 -20.89
C ARG L 4 -85.06 -2.68 -19.61
N ARG L 5 -85.31 -3.93 -19.26
CA ARG L 5 -84.76 -4.50 -18.04
C ARG L 5 -83.23 -4.39 -17.98
N ILE L 6 -82.56 -4.81 -19.05
CA ILE L 6 -81.10 -4.80 -19.09
C ILE L 6 -80.52 -3.38 -19.00
N ILE L 7 -81.17 -2.43 -19.68
CA ILE L 7 -80.77 -1.01 -19.62
C ILE L 7 -80.79 -0.49 -18.18
N LYS L 8 -81.89 -0.75 -17.49
CA LYS L 8 -82.12 -0.27 -16.13
C LYS L 8 -81.22 -0.98 -15.11
N GLU L 9 -80.87 -2.24 -15.37
CA GLU L 9 -79.97 -2.98 -14.49
C GLU L 9 -78.54 -2.44 -14.55
N THR L 10 -78.10 -2.08 -15.76
CA THR L 10 -76.78 -1.51 -15.99
C THR L 10 -76.65 -0.18 -15.25
N GLN L 11 -77.69 0.64 -15.33
CA GLN L 11 -77.74 1.92 -14.65
C GLN L 11 -77.87 1.80 -13.13
N ARG L 12 -78.48 0.70 -12.69
CA ARG L 12 -78.52 0.35 -11.27
C ARG L 12 -77.12 -0.03 -10.81
N LEU L 13 -76.40 -0.77 -11.65
CA LEU L 13 -75.02 -1.18 -11.35
C LEU L 13 -74.03 -0.01 -11.41
N LEU L 14 -74.19 0.88 -12.38
CA LEU L 14 -73.31 2.03 -12.50
C LEU L 14 -73.52 3.04 -11.38
N ALA L 15 -74.74 3.14 -10.87
CA ALA L 15 -75.08 4.09 -9.81
C ALA L 15 -74.67 3.60 -8.42
N GLU L 16 -75.06 2.37 -8.08
CA GLU L 16 -74.62 1.75 -6.82
C GLU L 16 -73.80 0.47 -7.04
N PRO L 17 -72.46 0.60 -7.02
CA PRO L 17 -71.60 -0.56 -7.20
C PRO L 17 -71.67 -1.48 -5.98
N VAL L 18 -71.64 -2.78 -6.20
CA VAL L 18 -71.56 -3.76 -5.11
C VAL L 18 -70.14 -3.72 -4.53
N PRO L 19 -70.02 -3.42 -3.21
CA PRO L 19 -68.72 -3.28 -2.56
C PRO L 19 -67.77 -4.45 -2.83
N GLY L 20 -66.63 -4.15 -3.44
CA GLY L 20 -65.62 -5.17 -3.77
C GLY L 20 -65.81 -5.81 -5.13
N ILE L 21 -66.88 -5.41 -5.82
CA ILE L 21 -67.17 -5.95 -7.15
C ILE L 21 -67.27 -4.86 -8.22
N LYS L 22 -66.27 -4.85 -9.10
CA LYS L 22 -66.26 -4.06 -10.32
C LYS L 22 -67.09 -4.78 -11.38
N ALA L 23 -67.86 -4.03 -12.15
CA ALA L 23 -68.65 -4.60 -13.24
C ALA L 23 -68.96 -3.53 -14.30
N GLU L 24 -68.53 -3.78 -15.53
CA GLU L 24 -68.74 -2.85 -16.63
C GLU L 24 -69.15 -3.62 -17.88
N PRO L 25 -70.15 -3.07 -18.61
CA PRO L 25 -70.49 -3.66 -19.91
C PRO L 25 -69.38 -3.39 -20.94
N ASP L 26 -69.34 -4.21 -21.99
CA ASP L 26 -68.42 -3.99 -23.10
C ASP L 26 -68.93 -2.87 -24.01
N GLU L 27 -68.00 -2.11 -24.59
CA GLU L 27 -68.35 -1.03 -25.50
C GLU L 27 -68.96 -1.54 -26.81
N SER L 28 -68.65 -2.78 -27.18
CA SER L 28 -69.17 -3.40 -28.40
C SER L 28 -70.37 -4.32 -28.13
N ASN L 29 -70.53 -4.73 -26.88
CA ASN L 29 -71.63 -5.62 -26.49
C ASN L 29 -72.17 -5.28 -25.10
N ALA L 30 -73.35 -4.69 -25.06
CA ALA L 30 -73.99 -4.29 -23.80
C ALA L 30 -74.46 -5.48 -22.97
N ARG L 31 -74.39 -6.68 -23.55
CA ARG L 31 -74.76 -7.91 -22.86
C ARG L 31 -73.53 -8.62 -22.30
N TYR L 32 -72.34 -8.16 -22.71
CA TYR L 32 -71.06 -8.69 -22.22
C TYR L 32 -70.56 -7.85 -21.04
N PHE L 33 -70.26 -8.51 -19.93
CA PHE L 33 -69.84 -7.81 -18.73
C PHE L 33 -68.49 -8.28 -18.20
N HIS L 34 -67.54 -7.34 -18.13
CA HIS L 34 -66.23 -7.59 -17.51
C HIS L 34 -66.38 -7.41 -16.00
N VAL L 35 -66.02 -8.43 -15.24
CA VAL L 35 -66.22 -8.41 -13.80
C VAL L 35 -64.92 -8.74 -13.05
N VAL L 36 -64.64 -7.95 -12.00
CA VAL L 36 -63.50 -8.20 -11.12
C VAL L 36 -63.97 -8.31 -9.66
N ILE L 37 -63.67 -9.45 -9.04
CA ILE L 37 -64.06 -9.69 -7.64
C ILE L 37 -62.84 -9.91 -6.75
N ALA L 38 -62.68 -9.06 -5.73
CA ALA L 38 -61.62 -9.20 -4.75
C ALA L 38 -61.96 -10.31 -3.75
N GLY L 39 -60.96 -11.10 -3.39
CA GLY L 39 -61.13 -12.18 -2.41
C GLY L 39 -61.55 -11.62 -1.06
N PRO L 40 -62.72 -12.07 -0.54
CA PRO L 40 -63.30 -11.54 0.70
C PRO L 40 -62.44 -11.85 1.93
N GLN L 41 -62.57 -11.01 2.95
CA GLN L 41 -61.80 -11.15 4.19
C GLN L 41 -62.02 -12.50 4.85
N ASP L 42 -60.98 -13.01 5.50
CA ASP L 42 -61.00 -14.28 6.24
C ASP L 42 -61.12 -15.54 5.36
N SER L 43 -61.27 -15.35 4.06
CA SER L 43 -61.24 -16.45 3.10
C SER L 43 -59.80 -16.66 2.62
N PRO L 44 -59.48 -17.86 2.08
CA PRO L 44 -58.12 -18.12 1.59
C PRO L 44 -57.77 -17.35 0.31
N PHE L 45 -58.74 -16.60 -0.21
CA PHE L 45 -58.58 -15.88 -1.48
C PHE L 45 -58.32 -14.39 -1.24
N GLU L 46 -58.47 -13.97 0.02
CA GLU L 46 -58.26 -12.60 0.44
C GLU L 46 -56.94 -12.03 -0.08
N GLY L 47 -56.97 -10.78 -0.51
CA GLY L 47 -55.76 -10.07 -0.96
C GLY L 47 -55.45 -10.19 -2.44
N GLY L 48 -56.13 -11.11 -3.12
CA GLY L 48 -55.94 -11.32 -4.55
C GLY L 48 -57.26 -11.16 -5.27
N THR L 49 -57.26 -10.35 -6.33
CA THR L 49 -58.49 -10.07 -7.09
C THR L 49 -58.69 -11.04 -8.26
N PHE L 50 -59.94 -11.44 -8.48
CA PHE L 50 -60.28 -12.41 -9.52
C PHE L 50 -61.15 -11.81 -10.61
N LYS L 51 -60.75 -11.99 -11.86
CA LYS L 51 -61.51 -11.53 -13.02
C LYS L 51 -62.52 -12.58 -13.49
N LEU L 52 -63.68 -12.09 -13.95
CA LEU L 52 -64.76 -12.94 -14.45
C LEU L 52 -65.40 -12.31 -15.68
N GLU L 53 -66.15 -13.11 -16.41
CA GLU L 53 -66.98 -12.61 -17.52
C GLU L 53 -68.42 -13.08 -17.36
N LEU L 54 -69.36 -12.16 -17.63
CA LEU L 54 -70.78 -12.43 -17.49
C LEU L 54 -71.52 -12.09 -18.78
N PHE L 55 -72.29 -13.05 -19.29
CA PHE L 55 -73.05 -12.84 -20.51
C PHE L 55 -74.54 -13.04 -20.28
N LEU L 56 -75.34 -12.18 -20.90
CA LEU L 56 -76.79 -12.27 -20.83
C LEU L 56 -77.35 -12.69 -22.19
N PRO L 57 -77.72 -13.97 -22.34
CA PRO L 57 -78.20 -14.49 -23.63
C PRO L 57 -79.54 -13.88 -24.04
N GLU L 58 -79.96 -14.14 -25.27
CA GLU L 58 -81.19 -13.57 -25.84
C GLU L 58 -82.41 -13.81 -24.94
N GLU L 59 -82.42 -14.94 -24.25
CA GLU L 59 -83.56 -15.37 -23.43
C GLU L 59 -83.72 -14.63 -22.09
N TYR L 60 -82.67 -13.95 -21.63
CA TYR L 60 -82.70 -13.23 -20.35
C TYR L 60 -83.88 -12.26 -20.30
N PRO L 61 -84.57 -12.16 -19.14
CA PRO L 61 -84.30 -12.78 -17.85
C PRO L 61 -84.95 -14.16 -17.70
N MET L 62 -85.56 -14.65 -18.77
CA MET L 62 -86.25 -15.92 -18.74
C MET L 62 -85.26 -17.06 -18.54
N ALA L 63 -84.06 -16.89 -19.08
CA ALA L 63 -82.93 -17.77 -18.85
C ALA L 63 -81.85 -17.04 -18.03
N ALA L 64 -81.04 -17.80 -17.30
CA ALA L 64 -79.99 -17.26 -16.43
C ALA L 64 -78.84 -16.59 -17.20
N PRO L 65 -78.03 -15.76 -16.51
CA PRO L 65 -76.81 -15.28 -17.15
C PRO L 65 -75.77 -16.39 -17.20
N LYS L 66 -74.94 -16.39 -18.25
CA LYS L 66 -73.79 -17.28 -18.33
C LYS L 66 -72.59 -16.59 -17.65
N VAL L 67 -72.07 -17.20 -16.58
CA VAL L 67 -70.97 -16.62 -15.79
C VAL L 67 -69.82 -17.61 -15.58
N ARG L 68 -68.60 -17.11 -15.71
CA ARG L 68 -67.39 -17.93 -15.70
C ARG L 68 -66.24 -17.11 -15.13
N PHE L 69 -65.19 -17.80 -14.67
CA PHE L 69 -63.97 -17.15 -14.20
C PHE L 69 -62.94 -16.95 -15.33
N MET L 70 -62.03 -15.99 -15.16
CA MET L 70 -60.91 -15.80 -16.10
C MET L 70 -59.57 -15.97 -15.41
N THR L 71 -59.56 -15.80 -14.08
CA THR L 71 -58.36 -16.09 -13.28
C THR L 71 -58.43 -17.53 -12.81
N LYS L 72 -57.28 -18.18 -12.70
CA LYS L 72 -57.24 -19.56 -12.23
C LYS L 72 -57.46 -19.60 -10.73
N ILE L 73 -58.31 -20.51 -10.28
CA ILE L 73 -58.73 -20.55 -8.88
C ILE L 73 -58.93 -21.98 -8.37
N TYR L 74 -58.57 -22.20 -7.11
CA TYR L 74 -58.77 -23.49 -6.46
C TYR L 74 -59.97 -23.39 -5.53
N HIS L 75 -61.11 -23.91 -6.00
CA HIS L 75 -62.39 -23.80 -5.32
C HIS L 75 -63.22 -25.06 -5.61
N PRO L 76 -64.01 -25.54 -4.64
CA PRO L 76 -64.83 -26.74 -4.85
C PRO L 76 -65.89 -26.53 -5.94
N ASN L 77 -66.44 -25.32 -5.99
CA ASN L 77 -67.53 -25.00 -6.90
C ASN L 77 -67.09 -24.52 -8.29
N VAL L 78 -65.78 -24.41 -8.51
CA VAL L 78 -65.24 -23.94 -9.79
C VAL L 78 -64.35 -25.01 -10.41
N ASP L 79 -64.57 -25.34 -11.69
CA ASP L 79 -63.78 -26.38 -12.37
C ASP L 79 -62.58 -25.86 -13.19
N LYS L 80 -61.85 -26.78 -13.81
CA LYS L 80 -60.61 -26.49 -14.54
C LYS L 80 -60.70 -25.32 -15.53
N LEU L 81 -61.86 -25.18 -16.17
CA LEU L 81 -62.07 -24.15 -17.18
C LEU L 81 -62.85 -22.94 -16.62
N GLY L 82 -62.81 -22.80 -15.29
CA GLY L 82 -63.39 -21.64 -14.63
C GLY L 82 -64.91 -21.59 -14.58
N ARG L 83 -65.56 -22.70 -14.92
CA ARG L 83 -67.02 -22.77 -14.89
C ARG L 83 -67.53 -22.91 -13.47
N ILE L 84 -68.38 -21.98 -13.07
CA ILE L 84 -68.91 -21.94 -11.72
C ILE L 84 -70.08 -22.89 -11.55
N CYS L 85 -70.04 -23.69 -10.48
CA CYS L 85 -71.10 -24.65 -10.18
C CYS L 85 -72.01 -24.12 -9.07
N LEU L 86 -72.88 -23.18 -9.45
CA LEU L 86 -73.81 -22.54 -8.53
C LEU L 86 -75.26 -22.87 -8.91
N ASP L 87 -76.05 -23.22 -7.89
CA ASP L 87 -77.43 -23.65 -8.09
C ASP L 87 -78.29 -22.61 -8.81
N ILE L 88 -78.18 -21.36 -8.40
CA ILE L 88 -79.01 -20.29 -8.96
C ILE L 88 -78.55 -19.83 -10.35
N LEU L 89 -77.63 -20.58 -10.96
CA LEU L 89 -77.20 -20.32 -12.34
C LEU L 89 -77.87 -21.26 -13.37
N LYS L 90 -78.66 -22.21 -12.88
CA LYS L 90 -79.39 -23.15 -13.75
C LYS L 90 -80.73 -23.63 -13.18
N ASP L 91 -80.69 -24.36 -12.07
CA ASP L 91 -81.88 -24.99 -11.48
C ASP L 91 -82.76 -24.02 -10.71
N LYS L 92 -82.13 -23.11 -9.97
CA LYS L 92 -82.84 -22.19 -9.08
C LYS L 92 -82.87 -20.75 -9.58
N TRP L 93 -82.66 -20.56 -10.87
CA TRP L 93 -82.78 -19.23 -11.48
C TRP L 93 -84.24 -18.82 -11.64
N SER L 94 -84.54 -17.58 -11.28
CA SER L 94 -85.83 -16.98 -11.60
C SER L 94 -85.61 -15.53 -12.00
N PRO L 95 -86.51 -14.98 -12.85
CA PRO L 95 -86.38 -13.58 -13.25
C PRO L 95 -86.51 -12.58 -12.09
N ALA L 96 -86.87 -13.06 -10.90
CA ALA L 96 -86.89 -12.21 -9.70
C ALA L 96 -85.49 -11.76 -9.32
N LEU L 97 -84.50 -12.58 -9.68
CA LEU L 97 -83.10 -12.28 -9.40
C LEU L 97 -82.49 -11.48 -10.55
N GLN L 98 -81.43 -10.74 -10.25
CA GLN L 98 -80.75 -9.93 -11.26
C GLN L 98 -79.24 -10.15 -11.23
N ILE L 99 -78.50 -9.45 -12.11
CA ILE L 99 -77.03 -9.54 -12.15
C ILE L 99 -76.47 -9.37 -10.74
N ARG L 100 -76.86 -8.27 -10.09
CA ARG L 100 -76.50 -8.01 -8.69
C ARG L 100 -76.54 -9.27 -7.83
N THR L 101 -77.66 -9.99 -7.87
CA THR L 101 -77.88 -11.20 -7.07
C THR L 101 -76.89 -12.32 -7.41
N VAL L 102 -76.59 -12.49 -8.69
CA VAL L 102 -75.61 -13.48 -9.14
C VAL L 102 -74.23 -13.13 -8.61
N LEU L 103 -73.79 -11.90 -8.88
CA LEU L 103 -72.47 -11.41 -8.47
C LEU L 103 -72.18 -11.53 -6.96
N LEU L 104 -73.09 -11.05 -6.12
CA LEU L 104 -72.82 -11.08 -4.69
C LEU L 104 -73.16 -12.42 -4.03
N SER L 105 -73.60 -13.38 -4.84
CA SER L 105 -73.67 -14.77 -4.42
C SER L 105 -72.35 -15.48 -4.72
N ILE L 106 -71.67 -15.00 -5.75
CA ILE L 106 -70.37 -15.53 -6.14
C ILE L 106 -69.30 -15.13 -5.11
N GLN L 107 -69.40 -13.93 -4.58
CA GLN L 107 -68.50 -13.50 -3.51
C GLN L 107 -68.85 -14.16 -2.16
N ALA L 108 -70.13 -14.50 -2.00
CA ALA L 108 -70.61 -15.25 -0.85
C ALA L 108 -70.13 -16.70 -0.90
N LEU L 109 -69.87 -17.17 -2.11
CA LEU L 109 -69.37 -18.52 -2.36
C LEU L 109 -67.85 -18.60 -2.16
N LEU L 110 -67.18 -17.45 -2.17
CA LEU L 110 -65.74 -17.40 -1.90
C LEU L 110 -65.43 -17.39 -0.39
N SER L 111 -66.39 -16.90 0.40
CA SER L 111 -66.29 -16.95 1.85
C SER L 111 -66.95 -18.21 2.40
N ALA L 112 -67.93 -18.73 1.65
CA ALA L 112 -68.58 -19.98 2.01
C ALA L 112 -68.42 -21.02 0.90
N PRO L 113 -67.26 -21.72 0.90
CA PRO L 113 -67.01 -22.76 -0.10
C PRO L 113 -67.88 -23.99 0.18
N ASN L 114 -68.57 -24.47 -0.85
CA ASN L 114 -69.61 -25.49 -0.68
C ASN L 114 -69.24 -26.88 -1.22
N PRO L 115 -68.74 -27.77 -0.35
CA PRO L 115 -68.52 -29.17 -0.75
C PRO L 115 -69.83 -29.96 -0.84
N ASP L 116 -70.87 -29.45 -0.18
CA ASP L 116 -72.17 -30.13 -0.12
C ASP L 116 -72.98 -30.01 -1.42
N ASP L 117 -72.36 -29.44 -2.44
CA ASP L 117 -73.00 -29.19 -3.74
C ASP L 117 -73.35 -30.51 -4.47
N PRO L 118 -74.44 -30.48 -5.28
CA PRO L 118 -74.77 -31.58 -6.19
C PRO L 118 -73.55 -32.13 -6.94
N LEU L 119 -72.78 -31.25 -7.59
CA LEU L 119 -71.67 -31.64 -8.45
C LEU L 119 -70.33 -31.62 -7.69
N ALA L 120 -69.76 -32.80 -7.47
CA ALA L 120 -68.52 -32.95 -6.71
C ALA L 120 -67.32 -33.32 -7.57
N ASN L 121 -66.42 -32.36 -7.80
CA ASN L 121 -65.15 -32.59 -8.47
C ASN L 121 -64.22 -33.35 -7.53
N ASP L 122 -62.94 -33.45 -7.88
CA ASP L 122 -61.95 -34.02 -6.95
C ASP L 122 -61.43 -32.92 -6.02
N VAL L 123 -61.75 -31.67 -6.36
CA VAL L 123 -61.39 -30.50 -5.56
C VAL L 123 -62.22 -30.43 -4.28
N ALA L 124 -63.54 -30.63 -4.42
CA ALA L 124 -64.44 -30.74 -3.26
C ALA L 124 -64.18 -32.04 -2.49
N GLU L 125 -63.80 -33.07 -3.24
CA GLU L 125 -63.39 -34.37 -2.70
C GLU L 125 -62.12 -34.25 -1.83
N GLN L 126 -61.23 -33.35 -2.25
CA GLN L 126 -60.01 -33.07 -1.49
C GLN L 126 -60.29 -32.04 -0.39
N TRP L 127 -61.37 -31.29 -0.56
CA TRP L 127 -61.79 -30.29 0.42
C TRP L 127 -62.44 -30.94 1.64
N LYS L 128 -63.21 -32.01 1.40
CA LYS L 128 -63.84 -32.78 2.48
C LYS L 128 -62.82 -33.58 3.29
N THR L 129 -62.06 -34.42 2.60
CA THR L 129 -61.12 -35.34 3.28
C THR L 129 -59.91 -34.64 3.92
N ASN L 130 -59.43 -33.58 3.28
CA ASN L 130 -58.31 -32.81 3.82
C ASN L 130 -58.55 -31.31 3.71
N GLU L 131 -59.24 -30.77 4.72
CA GLU L 131 -59.55 -29.34 4.82
C GLU L 131 -58.28 -28.48 4.78
N ALA L 132 -57.26 -28.93 5.51
CA ALA L 132 -55.98 -28.23 5.61
C ALA L 132 -55.30 -28.10 4.25
N GLN L 133 -55.00 -29.25 3.63
CA GLN L 133 -54.36 -29.29 2.31
C GLN L 133 -55.00 -28.33 1.31
N ALA L 134 -56.33 -28.38 1.24
CA ALA L 134 -57.10 -27.59 0.30
C ALA L 134 -56.94 -26.08 0.52
N ILE L 135 -57.27 -25.60 1.72
CA ILE L 135 -57.21 -24.17 2.03
C ILE L 135 -55.82 -23.59 1.79
N GLU L 136 -54.81 -24.44 1.93
CA GLU L 136 -53.41 -24.09 1.73
C GLU L 136 -53.08 -23.96 0.24
N THR L 137 -53.66 -24.85 -0.55
CA THR L 137 -53.46 -24.85 -1.99
C THR L 137 -54.14 -23.62 -2.61
N ALA L 138 -55.34 -23.31 -2.14
CA ALA L 138 -56.09 -22.13 -2.58
C ALA L 138 -55.35 -20.86 -2.17
N ARG L 139 -54.78 -20.88 -0.97
CA ARG L 139 -53.89 -19.82 -0.49
C ARG L 139 -52.79 -19.56 -1.51
N ALA L 140 -52.14 -20.63 -1.96
CA ALA L 140 -50.99 -20.55 -2.87
C ALA L 140 -51.37 -20.15 -4.30
N TRP L 141 -52.51 -20.65 -4.77
CA TRP L 141 -53.00 -20.37 -6.12
C TRP L 141 -53.42 -18.91 -6.29
N THR L 142 -53.88 -18.30 -5.19
CA THR L 142 -54.19 -16.88 -5.15
C THR L 142 -52.92 -16.06 -5.43
N ARG L 143 -51.83 -16.44 -4.77
CA ARG L 143 -50.54 -15.78 -4.92
C ARG L 143 -49.99 -15.85 -6.34
N LEU L 144 -50.04 -17.05 -6.93
CA LEU L 144 -49.47 -17.30 -8.25
C LEU L 144 -50.32 -16.75 -9.39
N TYR L 145 -51.63 -16.63 -9.18
CA TYR L 145 -52.56 -16.29 -10.28
C TYR L 145 -53.40 -15.02 -10.09
N ALA L 146 -53.73 -14.68 -8.85
CA ALA L 146 -54.65 -13.57 -8.60
C ALA L 146 -54.02 -12.28 -8.05
N MET L 147 -52.69 -12.23 -8.05
CA MET L 147 -51.98 -11.04 -7.53
C MET L 147 -51.60 -10.08 -8.65
N ASN L 148 -51.31 -10.63 -9.83
CA ASN L 148 -51.02 -9.84 -11.02
C ASN L 148 -52.20 -9.84 -11.98
N GLY M 1 -20.49 -46.84 19.98
CA GLY M 1 -20.86 -45.40 19.80
C GLY M 1 -19.83 -44.43 20.36
N VAL M 2 -19.94 -43.18 19.94
CA VAL M 2 -19.05 -42.11 20.42
C VAL M 2 -19.85 -41.09 21.24
N LYS M 3 -19.36 -40.83 22.45
CA LYS M 3 -20.01 -39.91 23.38
C LYS M 3 -19.38 -38.52 23.30
N VAL M 4 -20.22 -37.50 23.17
CA VAL M 4 -19.79 -36.11 23.05
C VAL M 4 -20.05 -35.35 24.35
N PRO M 5 -18.98 -34.80 24.96
CA PRO M 5 -19.06 -34.13 26.26
C PRO M 5 -19.87 -32.83 26.19
N ARG M 6 -20.44 -32.43 27.33
CA ARG M 6 -21.28 -31.23 27.41
C ARG M 6 -20.73 -30.04 26.62
N ASN M 7 -19.49 -29.65 26.92
CA ASN M 7 -18.93 -28.44 26.34
C ASN M 7 -18.81 -28.44 24.82
N PHE M 8 -18.55 -29.62 24.25
CA PHE M 8 -18.43 -29.74 22.80
C PHE M 8 -19.76 -29.93 22.09
N ARG M 9 -20.71 -30.57 22.77
CA ARG M 9 -22.07 -30.70 22.27
C ARG M 9 -22.73 -29.33 22.17
N LEU M 10 -22.51 -28.48 23.17
CA LEU M 10 -23.03 -27.12 23.17
C LEU M 10 -22.35 -26.25 22.11
N LEU M 11 -21.09 -26.56 21.80
CA LEU M 11 -20.35 -25.85 20.75
C LEU M 11 -20.94 -26.03 19.36
N GLU M 12 -21.39 -27.25 19.06
CA GLU M 12 -22.01 -27.55 17.76
C GLU M 12 -23.44 -26.99 17.66
N GLU M 13 -24.11 -26.81 18.80
CA GLU M 13 -25.42 -26.17 18.84
C GLU M 13 -25.29 -24.67 18.59
N LEU M 14 -24.21 -24.10 19.09
CA LEU M 14 -23.84 -22.72 18.80
C LEU M 14 -23.56 -22.55 17.32
N GLU M 15 -22.73 -23.43 16.77
CA GLU M 15 -22.32 -23.42 15.37
C GLU M 15 -23.51 -23.57 14.41
N GLU M 16 -24.45 -24.45 14.76
CA GLU M 16 -25.69 -24.61 14.00
C GLU M 16 -26.62 -23.40 14.17
N GLY M 17 -26.56 -22.77 15.34
CA GLY M 17 -27.36 -21.58 15.64
C GLY M 17 -27.01 -20.35 14.83
N GLN M 18 -25.81 -20.35 14.24
CA GLN M 18 -25.36 -19.24 13.38
C GLN M 18 -25.70 -19.46 11.92
N LYS M 19 -25.55 -20.69 11.44
CA LYS M 19 -25.89 -21.04 10.05
C LYS M 19 -27.36 -20.79 9.79
N GLY M 20 -28.19 -21.16 10.78
CA GLY M 20 -29.64 -21.14 10.64
C GLY M 20 -30.18 -22.54 10.38
N VAL M 21 -31.48 -22.72 10.60
CA VAL M 21 -32.14 -24.01 10.36
C VAL M 21 -33.41 -23.89 9.52
N GLY M 22 -33.60 -24.85 8.62
CA GLY M 22 -34.78 -24.95 7.76
C GLY M 22 -35.31 -23.63 7.24
N ASP M 23 -36.42 -23.19 7.82
CA ASP M 23 -37.14 -22.00 7.36
C ASP M 23 -36.98 -20.79 8.30
N GLY M 24 -36.07 -20.92 9.27
CA GLY M 24 -35.79 -19.83 10.20
C GLY M 24 -36.94 -19.43 11.10
N THR M 25 -37.86 -20.36 11.34
CA THR M 25 -38.99 -20.10 12.24
C THR M 25 -38.65 -20.46 13.71
N VAL M 26 -37.44 -21.01 13.91
CA VAL M 26 -36.81 -21.05 15.23
C VAL M 26 -35.33 -20.67 15.10
N SER M 27 -34.82 -19.90 16.05
CA SER M 27 -33.43 -19.49 16.06
C SER M 27 -32.90 -19.40 17.49
N TRP M 28 -31.59 -19.59 17.65
CA TRP M 28 -30.96 -19.56 18.97
C TRP M 28 -29.48 -19.20 18.92
N GLY M 29 -28.98 -18.69 20.04
CA GLY M 29 -27.58 -18.30 20.19
C GLY M 29 -27.28 -17.85 21.61
N LEU M 30 -26.00 -17.67 21.91
CA LEU M 30 -25.58 -17.28 23.26
C LEU M 30 -26.13 -15.93 23.67
N GLU M 31 -26.52 -15.83 24.94
CA GLU M 31 -27.01 -14.59 25.51
C GLU M 31 -25.84 -13.71 25.92
N ASP M 32 -24.84 -14.33 26.54
CA ASP M 32 -23.62 -13.65 26.95
C ASP M 32 -22.49 -14.15 26.06
N ASP M 33 -21.95 -13.25 25.24
CA ASP M 33 -20.91 -13.61 24.27
C ASP M 33 -19.55 -13.85 24.91
N GLU M 34 -19.52 -13.81 26.25
CA GLU M 34 -18.29 -13.98 27.00
C GLU M 34 -18.38 -15.18 27.92
N ASP M 35 -19.58 -15.72 28.06
CA ASP M 35 -19.85 -16.89 28.91
C ASP M 35 -19.22 -18.15 28.31
N MET M 36 -18.06 -18.53 28.85
CA MET M 36 -17.29 -19.67 28.34
C MET M 36 -17.87 -21.02 28.74
N THR M 37 -18.89 -21.00 29.60
CA THR M 37 -19.56 -22.21 30.06
C THR M 37 -20.75 -22.57 29.17
N LEU M 38 -21.07 -21.65 28.25
CA LEU M 38 -22.11 -21.85 27.24
C LEU M 38 -23.45 -22.23 27.88
N THR M 39 -23.79 -21.56 28.97
CA THR M 39 -24.93 -21.93 29.80
C THR M 39 -26.22 -21.18 29.43
N ARG M 40 -26.11 -19.85 29.35
CA ARG M 40 -27.27 -18.98 29.12
C ARG M 40 -27.48 -18.68 27.63
N TRP M 41 -28.61 -19.13 27.10
CA TRP M 41 -28.93 -18.96 25.68
C TRP M 41 -30.19 -18.15 25.49
N THR M 42 -30.32 -17.51 24.33
CA THR M 42 -31.52 -16.79 23.95
C THR M 42 -32.14 -17.53 22.77
N GLY M 43 -33.47 -17.62 22.76
CA GLY M 43 -34.18 -18.29 21.71
C GLY M 43 -35.19 -17.37 21.06
N MET M 44 -35.60 -17.71 19.85
CA MET M 44 -36.66 -16.99 19.17
C MET M 44 -37.60 -17.95 18.46
N ILE M 45 -38.89 -17.66 18.54
CA ILE M 45 -39.90 -18.42 17.81
C ILE M 45 -40.83 -17.50 17.02
N ILE M 46 -40.84 -17.66 15.69
CA ILE M 46 -41.89 -17.07 14.86
C ILE M 46 -43.12 -17.94 15.05
N GLY M 47 -44.25 -17.32 15.39
CA GLY M 47 -45.51 -18.04 15.57
C GLY M 47 -45.97 -18.77 14.31
N PRO M 48 -46.63 -19.92 14.48
CA PRO M 48 -47.04 -20.77 13.35
C PRO M 48 -48.36 -20.32 12.71
N PRO M 49 -48.50 -20.50 11.37
CA PRO M 49 -49.70 -20.12 10.62
C PRO M 49 -51.01 -20.71 11.17
N ARG M 50 -52.13 -20.03 10.87
CA ARG M 50 -53.49 -20.42 11.30
C ARG M 50 -53.67 -20.52 12.82
N THR M 51 -53.07 -19.57 13.53
CA THR M 51 -53.18 -19.45 14.98
C THR M 51 -53.30 -17.98 15.35
N ASN M 52 -53.53 -17.68 16.63
CA ASN M 52 -53.48 -16.31 17.12
C ASN M 52 -52.05 -15.86 17.42
N TYR M 53 -51.13 -16.83 17.39
CA TYR M 53 -49.70 -16.59 17.58
C TYR M 53 -49.03 -16.21 16.26
N GLU M 54 -49.72 -16.47 15.15
CA GLU M 54 -49.07 -16.51 13.84
C GLU M 54 -48.32 -15.24 13.51
N ASN M 55 -47.11 -15.43 12.99
CA ASN M 55 -46.21 -14.35 12.56
C ASN M 55 -45.81 -13.37 13.68
N ARG M 56 -45.75 -13.86 14.91
CA ARG M 56 -45.30 -13.06 16.05
C ARG M 56 -43.91 -13.50 16.50
N ILE M 57 -43.07 -12.53 16.84
CA ILE M 57 -41.71 -12.80 17.28
C ILE M 57 -41.70 -12.98 18.80
N TYR M 58 -41.29 -14.17 19.24
CA TYR M 58 -41.22 -14.50 20.66
C TYR M 58 -39.78 -14.75 21.09
N SER M 59 -39.41 -14.18 22.23
CA SER M 59 -38.04 -14.24 22.71
C SER M 59 -37.99 -15.02 24.02
N LEU M 60 -36.96 -15.84 24.17
CA LEU M 60 -36.86 -16.76 25.31
C LEU M 60 -35.48 -16.76 25.98
N LYS M 61 -35.43 -17.28 27.21
CA LYS M 61 -34.18 -17.60 27.88
C LYS M 61 -34.08 -19.11 28.03
N VAL M 62 -32.90 -19.65 27.76
CA VAL M 62 -32.66 -21.07 27.93
C VAL M 62 -31.40 -21.30 28.77
N GLU M 63 -31.58 -21.83 29.97
CA GLU M 63 -30.48 -22.16 30.86
C GLU M 63 -30.03 -23.59 30.58
N CYS M 64 -28.76 -23.77 30.26
CA CYS M 64 -28.20 -25.11 30.06
C CYS M 64 -27.30 -25.51 31.22
N GLY M 65 -27.94 -26.10 32.25
CA GLY M 65 -27.29 -26.47 33.50
C GLY M 65 -26.06 -27.33 33.30
N PRO M 66 -25.16 -27.34 34.29
CA PRO M 66 -23.92 -28.10 34.15
C PRO M 66 -24.19 -29.58 33.90
N LYS M 67 -25.44 -30.01 34.12
CA LYS M 67 -25.87 -31.40 33.97
C LYS M 67 -26.40 -31.72 32.57
N TYR M 68 -26.83 -30.68 31.85
CA TYR M 68 -27.22 -30.79 30.43
C TYR M 68 -26.08 -31.41 29.62
N PRO M 69 -26.40 -32.26 28.61
CA PRO M 69 -27.70 -32.61 28.05
C PRO M 69 -28.35 -33.84 28.67
N GLU M 70 -27.85 -34.27 29.82
CA GLU M 70 -28.45 -35.40 30.54
C GLU M 70 -29.71 -34.93 31.25
N ALA M 71 -29.64 -33.73 31.83
CA ALA M 71 -30.79 -33.09 32.45
C ALA M 71 -31.31 -32.01 31.52
N PRO M 72 -32.65 -31.90 31.41
CA PRO M 72 -33.27 -30.95 30.49
C PRO M 72 -33.05 -29.49 30.90
N PRO M 73 -32.99 -28.56 29.92
CA PRO M 73 -32.73 -27.14 30.14
C PRO M 73 -33.93 -26.37 30.71
N SER M 74 -33.66 -25.26 31.38
CA SER M 74 -34.70 -24.35 31.86
C SER M 74 -35.12 -23.41 30.75
N VAL M 75 -36.43 -23.28 30.55
CA VAL M 75 -36.95 -22.39 29.52
C VAL M 75 -37.99 -21.42 30.09
N ARG M 76 -37.75 -20.13 29.86
CA ARG M 76 -38.75 -19.12 30.20
C ARG M 76 -38.94 -18.15 29.05
N PHE M 77 -40.18 -17.71 28.85
CA PHE M 77 -40.50 -16.72 27.83
C PHE M 77 -40.21 -15.33 28.35
N VAL M 78 -39.57 -14.51 27.51
CA VAL M 78 -39.37 -13.11 27.82
C VAL M 78 -40.59 -12.33 27.35
N THR M 79 -40.95 -12.50 26.07
CA THR M 79 -42.11 -11.82 25.50
C THR M 79 -43.40 -12.45 25.99
N LYS M 80 -44.38 -11.62 26.33
CA LYS M 80 -45.66 -12.10 26.87
C LYS M 80 -46.43 -12.99 25.90
N ILE M 81 -47.06 -14.02 26.44
CA ILE M 81 -47.77 -15.00 25.63
C ILE M 81 -48.87 -15.69 26.43
N ASN M 82 -49.98 -15.98 25.76
CA ASN M 82 -51.04 -16.76 26.33
C ASN M 82 -50.99 -18.16 25.74
N MET M 83 -50.50 -19.11 26.54
CA MET M 83 -50.30 -20.48 26.10
C MET M 83 -50.30 -21.39 27.32
N ASN M 84 -50.92 -22.56 27.19
CA ASN M 84 -50.94 -23.55 28.25
C ASN M 84 -49.55 -24.05 28.62
N GLY M 85 -49.32 -24.25 29.91
CA GLY M 85 -48.01 -24.67 30.41
C GLY M 85 -47.08 -23.50 30.75
N ILE M 86 -47.17 -22.44 29.95
CA ILE M 86 -46.39 -21.23 30.19
C ILE M 86 -46.92 -20.46 31.41
N ASN M 87 -46.09 -20.35 32.44
CA ASN M 87 -46.44 -19.59 33.63
C ASN M 87 -46.87 -18.19 33.25
N ASN M 88 -48.11 -17.91 33.61
CA ASN M 88 -48.83 -16.71 33.23
C ASN M 88 -48.16 -15.38 33.56
N SER M 89 -47.46 -15.32 34.70
CA SER M 89 -46.96 -14.07 35.25
C SER M 89 -45.42 -13.99 35.42
N SER M 90 -44.71 -15.03 35.03
CA SER M 90 -43.24 -15.04 35.11
C SER M 90 -42.57 -15.44 33.79
N GLY M 91 -43.33 -16.13 32.93
CA GLY M 91 -42.79 -16.57 31.64
C GLY M 91 -42.28 -17.99 31.67
N MET M 92 -42.05 -18.52 32.87
CA MET M 92 -41.53 -19.87 33.06
C MET M 92 -42.38 -20.92 32.33
N VAL M 93 -41.71 -21.84 31.66
CA VAL M 93 -42.36 -22.95 30.98
C VAL M 93 -42.45 -24.15 31.93
N ASP M 94 -43.67 -24.61 32.20
CA ASP M 94 -43.88 -25.78 33.05
C ASP M 94 -43.44 -27.04 32.31
N ALA M 95 -42.42 -27.71 32.86
CA ALA M 95 -41.76 -28.85 32.20
C ALA M 95 -42.67 -30.06 31.98
N ARG M 96 -43.62 -30.29 32.90
CA ARG M 96 -44.52 -31.43 32.78
C ARG M 96 -45.42 -31.28 31.56
N SER M 97 -45.81 -30.05 31.26
CA SER M 97 -46.78 -29.77 30.21
C SER M 97 -46.20 -29.90 28.81
N ILE M 98 -44.88 -29.92 28.69
CA ILE M 98 -44.25 -29.97 27.37
C ILE M 98 -43.54 -31.31 27.15
N PRO M 99 -44.11 -32.18 26.29
CA PRO M 99 -43.68 -33.57 26.08
C PRO M 99 -42.19 -33.76 25.84
N VAL M 100 -41.54 -32.80 25.18
CA VAL M 100 -40.11 -32.89 24.91
C VAL M 100 -39.27 -32.60 26.16
N LEU M 101 -39.87 -31.95 27.15
CA LEU M 101 -39.18 -31.63 28.42
C LEU M 101 -39.59 -32.56 29.57
N ALA M 102 -40.84 -33.03 29.53
CA ALA M 102 -41.32 -34.02 30.49
C ALA M 102 -40.70 -35.38 30.24
N LYS M 103 -40.54 -35.74 28.96
CA LYS M 103 -39.92 -37.02 28.58
C LYS M 103 -38.59 -36.80 27.85
N TRP M 104 -37.75 -35.95 28.45
CA TRP M 104 -36.46 -35.53 27.90
C TRP M 104 -35.47 -36.68 27.69
N GLN M 105 -34.74 -36.60 26.59
CA GLN M 105 -33.66 -37.53 26.25
C GLN M 105 -32.38 -36.75 26.02
N ASN M 106 -31.24 -37.40 26.26
CA ASN M 106 -29.94 -36.79 25.93
C ASN M 106 -29.77 -36.61 24.43
N SER M 107 -30.70 -37.20 23.68
CA SER M 107 -30.77 -37.09 22.24
C SER M 107 -31.19 -35.69 21.75
N TYR M 108 -32.06 -35.03 22.51
CA TYR M 108 -32.62 -33.73 22.09
C TYR M 108 -31.62 -32.58 22.19
N SER M 109 -32.07 -31.38 21.83
CA SER M 109 -31.23 -30.17 21.82
C SER M 109 -32.09 -28.92 21.86
N ILE M 110 -31.46 -27.76 22.04
CA ILE M 110 -32.19 -26.49 22.15
C ILE M 110 -33.18 -26.33 21.00
N LYS M 111 -32.73 -26.60 19.77
CA LYS M 111 -33.57 -26.55 18.57
C LYS M 111 -34.86 -27.33 18.79
N VAL M 112 -34.72 -28.59 19.22
CA VAL M 112 -35.85 -29.52 19.42
C VAL M 112 -36.85 -29.01 20.46
N VAL M 113 -36.38 -28.26 21.46
CA VAL M 113 -37.24 -27.65 22.46
C VAL M 113 -38.07 -26.53 21.83
N LEU M 114 -37.41 -25.61 21.15
CA LEU M 114 -38.10 -24.48 20.53
C LEU M 114 -39.10 -24.96 19.49
N GLN M 115 -38.72 -25.96 18.71
CA GLN M 115 -39.58 -26.54 17.69
C GLN M 115 -40.81 -27.23 18.26
N GLU M 116 -40.64 -27.90 19.41
CA GLU M 116 -41.75 -28.54 20.12
C GLU M 116 -42.69 -27.47 20.67
N LEU M 117 -42.13 -26.33 21.07
CA LEU M 117 -42.93 -25.22 21.56
C LEU M 117 -43.71 -24.57 20.44
N ARG M 118 -43.06 -24.40 19.29
CA ARG M 118 -43.72 -23.83 18.10
C ARG M 118 -44.85 -24.71 17.62
N ARG M 119 -44.67 -26.03 17.74
CA ARG M 119 -45.69 -26.98 17.34
C ARG M 119 -46.90 -26.94 18.28
N LEU M 120 -46.66 -26.86 19.58
CA LEU M 120 -47.75 -26.85 20.56
C LEU M 120 -48.55 -25.56 20.51
N MET M 121 -48.03 -24.57 19.79
CA MET M 121 -48.78 -23.37 19.47
C MET M 121 -49.89 -23.64 18.45
N MET M 122 -49.85 -24.82 17.81
CA MET M 122 -50.89 -25.28 16.88
C MET M 122 -51.84 -26.27 17.55
N SER M 123 -51.69 -26.43 18.86
CA SER M 123 -52.52 -27.35 19.64
C SER M 123 -53.99 -26.95 19.60
N LYS M 124 -54.87 -27.90 19.92
CA LYS M 124 -56.31 -27.70 19.80
C LYS M 124 -56.83 -26.56 20.68
N GLU M 125 -56.34 -26.48 21.92
CA GLU M 125 -56.81 -25.50 22.88
C GLU M 125 -55.93 -24.26 22.96
N ASN M 126 -54.82 -24.27 22.22
CA ASN M 126 -53.90 -23.15 22.21
C ASN M 126 -54.08 -22.22 21.03
N MET M 127 -54.36 -22.78 19.87
CA MET M 127 -54.48 -21.98 18.64
C MET M 127 -55.54 -20.88 18.71
N LYS M 128 -56.59 -21.10 19.50
CA LYS M 128 -57.71 -20.16 19.57
C LYS M 128 -57.65 -19.18 20.74
N LEU M 129 -56.65 -19.35 21.62
CA LEU M 129 -56.48 -18.48 22.79
C LEU M 129 -56.17 -17.02 22.41
N PRO M 130 -56.84 -16.06 23.08
CA PRO M 130 -56.62 -14.64 22.81
C PRO M 130 -55.26 -14.14 23.31
N GLN M 131 -54.46 -13.58 22.40
CA GLN M 131 -53.11 -13.10 22.73
C GLN M 131 -53.08 -11.64 23.20
N PRO M 132 -52.12 -11.30 24.08
CA PRO M 132 -51.99 -9.93 24.58
C PRO M 132 -51.49 -8.96 23.51
N PRO M 133 -51.65 -7.64 23.73
CA PRO M 133 -51.04 -6.63 22.88
C PRO M 133 -49.56 -6.88 22.67
N GLU M 134 -49.10 -6.61 21.45
CA GLU M 134 -47.74 -6.89 21.02
C GLU M 134 -46.71 -6.07 21.80
N GLY M 135 -45.60 -6.72 22.14
CA GLY M 135 -44.44 -6.02 22.67
C GLY M 135 -44.41 -5.82 24.18
N GLN M 136 -44.80 -6.85 24.92
CA GLN M 136 -44.74 -6.83 26.37
C GLN M 136 -43.83 -7.95 26.89
N THR M 137 -43.15 -7.68 28.00
CA THR M 137 -42.33 -8.69 28.65
C THR M 137 -42.87 -8.95 30.06
N TYR M 138 -42.31 -9.95 30.73
CA TYR M 138 -42.75 -10.28 32.08
C TYR M 138 -41.93 -9.50 33.10
N LEU N 2 -12.03 -48.95 21.26
CA LEU N 2 -11.43 -47.66 20.81
C LEU N 2 -10.38 -47.91 19.73
N PRO N 3 -10.33 -47.05 18.68
CA PRO N 3 -9.36 -47.23 17.61
C PRO N 3 -7.94 -47.34 18.14
N ARG N 4 -7.24 -48.38 17.70
CA ARG N 4 -5.88 -48.66 18.14
C ARG N 4 -4.99 -47.41 18.25
N ARG N 5 -5.08 -46.53 17.26
CA ARG N 5 -4.28 -45.31 17.24
C ARG N 5 -4.45 -44.46 18.51
N ILE N 6 -5.69 -44.31 18.97
CA ILE N 6 -5.99 -43.50 20.16
C ILE N 6 -5.47 -44.12 21.45
N ILE N 7 -5.53 -45.46 21.55
CA ILE N 7 -4.92 -46.16 22.69
C ILE N 7 -3.45 -45.78 22.77
N LYS N 8 -2.73 -45.98 21.67
CA LYS N 8 -1.30 -45.71 21.58
C LYS N 8 -0.94 -44.24 21.83
N GLU N 9 -1.85 -43.33 21.44
CA GLU N 9 -1.68 -41.89 21.66
C GLU N 9 -1.76 -41.53 23.15
N THR N 10 -2.70 -42.16 23.85
CA THR N 10 -2.90 -41.90 25.28
C THR N 10 -1.76 -42.51 26.10
N GLN N 11 -1.36 -43.72 25.72
CA GLN N 11 -0.21 -44.39 26.32
C GLN N 11 1.03 -43.50 26.23
N ARG N 12 1.16 -42.84 25.10
CA ARG N 12 2.28 -41.96 24.79
C ARG N 12 2.27 -40.69 25.63
N LEU N 13 1.07 -40.22 25.97
CA LEU N 13 0.90 -39.02 26.79
C LEU N 13 1.34 -39.21 28.23
N LEU N 14 1.16 -40.43 28.74
CA LEU N 14 1.63 -40.75 30.09
C LEU N 14 3.12 -41.04 30.11
N ALA N 15 3.58 -41.78 29.10
CA ALA N 15 4.99 -42.16 28.98
C ALA N 15 5.93 -41.00 28.65
N GLU N 16 5.49 -40.09 27.79
CA GLU N 16 6.29 -38.95 27.37
C GLU N 16 5.59 -37.62 27.69
N PRO N 17 5.47 -37.25 28.98
CA PRO N 17 4.79 -35.98 29.23
C PRO N 17 5.66 -34.81 28.76
N VAL N 18 5.03 -33.76 28.25
CA VAL N 18 5.77 -32.58 27.79
C VAL N 18 5.86 -31.55 28.91
N PRO N 19 7.07 -31.02 29.18
CA PRO N 19 7.24 -30.01 30.22
C PRO N 19 6.44 -28.74 29.90
N GLY N 20 5.48 -28.42 30.75
CA GLY N 20 4.57 -27.29 30.52
C GLY N 20 3.13 -27.73 30.31
N ILE N 21 2.95 -28.79 29.52
CA ILE N 21 1.60 -29.33 29.26
C ILE N 21 1.33 -30.57 30.12
N LYS N 22 0.33 -30.47 30.98
CA LYS N 22 -0.17 -31.61 31.72
C LYS N 22 -1.53 -31.97 31.15
N ALA N 23 -1.67 -33.18 30.63
CA ALA N 23 -2.87 -33.59 29.91
C ALA N 23 -3.24 -35.03 30.20
N GLU N 24 -4.51 -35.26 30.52
CA GLU N 24 -4.99 -36.59 30.91
C GLU N 24 -6.44 -36.85 30.45
N PRO N 25 -6.75 -38.10 30.07
CA PRO N 25 -8.11 -38.46 29.64
C PRO N 25 -9.11 -38.43 30.80
N ASP N 26 -10.35 -38.08 30.50
CA ASP N 26 -11.43 -38.04 31.49
C ASP N 26 -11.75 -39.45 31.99
N GLU N 27 -12.11 -39.55 33.27
CA GLU N 27 -12.39 -40.82 33.93
C GLU N 27 -13.50 -41.63 33.22
N SER N 28 -14.50 -40.94 32.70
CA SER N 28 -15.67 -41.58 32.09
C SER N 28 -15.75 -41.47 30.56
N ASN N 29 -14.82 -40.72 29.97
CA ASN N 29 -14.76 -40.59 28.51
C ASN N 29 -13.31 -40.67 28.02
N ALA N 30 -13.03 -41.72 27.24
CA ALA N 30 -11.68 -42.02 26.79
C ALA N 30 -11.21 -41.08 25.68
N ARG N 31 -12.14 -40.37 25.06
CA ARG N 31 -11.84 -39.42 23.99
C ARG N 31 -11.76 -37.96 24.47
N TYR N 32 -12.14 -37.74 25.72
CA TYR N 32 -12.16 -36.42 26.34
C TYR N 32 -10.88 -36.19 27.15
N PHE N 33 -10.22 -35.05 26.93
CA PHE N 33 -8.94 -34.75 27.56
C PHE N 33 -8.95 -33.41 28.30
N HIS N 34 -8.58 -33.46 29.57
CA HIS N 34 -8.38 -32.24 30.36
C HIS N 34 -6.93 -31.83 30.28
N VAL N 35 -6.70 -30.69 29.65
CA VAL N 35 -5.35 -30.18 29.40
C VAL N 35 -5.12 -28.93 30.24
N VAL N 36 -3.90 -28.80 30.75
CA VAL N 36 -3.46 -27.59 31.42
C VAL N 36 -2.08 -27.22 30.88
N ILE N 37 -2.00 -26.07 30.22
CA ILE N 37 -0.74 -25.55 29.74
C ILE N 37 -0.29 -24.38 30.61
N ALA N 38 0.90 -24.52 31.20
CA ALA N 38 1.54 -23.44 31.93
C ALA N 38 2.05 -22.40 30.93
N GLY N 39 1.69 -21.14 31.15
CA GLY N 39 2.13 -20.04 30.29
C GLY N 39 3.62 -19.82 30.43
N PRO N 40 4.35 -19.82 29.29
CA PRO N 40 5.82 -19.94 29.23
C PRO N 40 6.59 -18.78 29.86
N GLN N 41 7.88 -19.00 30.13
CA GLN N 41 8.76 -17.97 30.67
C GLN N 41 8.94 -16.85 29.64
N ASP N 42 9.40 -15.69 30.10
CA ASP N 42 9.62 -14.50 29.25
C ASP N 42 8.37 -14.04 28.49
N SER N 43 7.31 -14.85 28.56
CA SER N 43 6.06 -14.62 27.86
C SER N 43 5.13 -13.66 28.62
N PRO N 44 4.06 -13.16 27.95
CA PRO N 44 3.08 -12.30 28.63
C PRO N 44 2.13 -13.11 29.51
N PHE N 45 2.23 -14.43 29.42
CA PHE N 45 1.38 -15.33 30.19
C PHE N 45 2.21 -16.09 31.22
N GLU N 46 3.39 -15.56 31.53
CA GLU N 46 4.26 -16.10 32.56
C GLU N 46 3.50 -16.20 33.87
N GLY N 47 3.60 -17.35 34.51
CA GLY N 47 2.92 -17.62 35.77
C GLY N 47 1.42 -17.80 35.60
N GLY N 48 1.00 -18.09 34.38
CA GLY N 48 -0.38 -18.43 34.11
C GLY N 48 -0.54 -19.92 33.92
N THR N 49 -1.73 -20.42 34.26
CA THR N 49 -2.08 -21.81 33.99
C THR N 49 -3.41 -21.81 33.29
N PHE N 50 -3.41 -22.30 32.06
CA PHE N 50 -4.56 -22.20 31.17
C PHE N 50 -5.20 -23.55 30.96
N LYS N 51 -6.44 -23.67 31.42
CA LYS N 51 -7.19 -24.90 31.30
C LYS N 51 -7.70 -25.03 29.87
N LEU N 52 -7.19 -26.01 29.13
CA LEU N 52 -7.71 -26.32 27.80
C LEU N 52 -8.42 -27.67 27.82
N GLU N 53 -9.30 -27.90 26.85
CA GLU N 53 -9.92 -29.21 26.71
C GLU N 53 -10.00 -29.69 25.27
N LEU N 54 -9.80 -30.99 25.13
CA LEU N 54 -9.63 -31.59 23.83
C LEU N 54 -10.56 -32.77 23.72
N PHE N 55 -11.22 -32.88 22.56
CA PHE N 55 -12.04 -34.02 22.24
C PHE N 55 -11.58 -34.58 20.91
N LEU N 56 -11.55 -35.90 20.82
CA LEU N 56 -11.25 -36.60 19.57
C LEU N 56 -12.56 -37.11 18.97
N PRO N 57 -13.09 -36.40 17.95
CA PRO N 57 -14.39 -36.78 17.41
C PRO N 57 -14.31 -38.10 16.68
N GLU N 58 -15.46 -38.69 16.33
CA GLU N 58 -15.52 -39.96 15.62
C GLU N 58 -14.54 -40.03 14.43
N GLU N 59 -14.32 -38.87 13.81
CA GLU N 59 -13.57 -38.75 12.56
C GLU N 59 -12.04 -38.87 12.70
N TYR N 60 -11.52 -38.67 13.92
CA TYR N 60 -10.07 -38.77 14.18
C TYR N 60 -9.54 -40.15 13.77
N PRO N 61 -8.39 -40.19 13.07
CA PRO N 61 -7.45 -39.10 12.72
C PRO N 61 -7.73 -38.40 11.40
N MET N 62 -8.82 -38.77 10.75
CA MET N 62 -9.18 -38.21 9.44
C MET N 62 -9.60 -36.74 9.53
N ALA N 63 -10.20 -36.38 10.66
CA ALA N 63 -10.46 -34.97 11.00
C ALA N 63 -9.62 -34.60 12.21
N ALA N 64 -9.35 -33.31 12.37
CA ALA N 64 -8.56 -32.81 13.49
C ALA N 64 -9.30 -32.90 14.83
N PRO N 65 -8.54 -32.92 15.95
CA PRO N 65 -9.12 -32.83 17.29
C PRO N 65 -9.80 -31.49 17.51
N LYS N 66 -10.88 -31.48 18.27
CA LYS N 66 -11.53 -30.23 18.66
C LYS N 66 -10.87 -29.74 19.95
N VAL N 67 -10.49 -28.47 20.00
CA VAL N 67 -9.81 -27.93 21.17
C VAL N 67 -10.37 -26.56 21.56
N ARG N 68 -10.53 -26.35 22.87
CA ARG N 68 -10.99 -25.06 23.38
C ARG N 68 -10.28 -24.62 24.65
N PHE N 69 -10.16 -23.31 24.81
CA PHE N 69 -9.73 -22.71 26.07
C PHE N 69 -10.91 -22.61 27.05
N MET N 70 -10.65 -22.93 28.31
CA MET N 70 -11.63 -22.79 29.39
C MET N 70 -11.21 -21.69 30.35
N THR N 71 -10.11 -21.01 30.00
CA THR N 71 -9.63 -19.84 30.72
C THR N 71 -9.64 -18.65 29.77
N LYS N 72 -10.01 -17.49 30.31
CA LYS N 72 -9.99 -16.24 29.54
C LYS N 72 -8.56 -15.82 29.20
N ILE N 73 -8.35 -15.43 27.94
CA ILE N 73 -7.01 -15.07 27.46
C ILE N 73 -7.06 -14.02 26.34
N TYR N 74 -6.28 -12.95 26.50
CA TYR N 74 -6.11 -11.96 25.46
C TYR N 74 -5.02 -12.47 24.52
N HIS N 75 -5.41 -12.90 23.33
CA HIS N 75 -4.50 -13.55 22.40
C HIS N 75 -5.00 -13.39 20.96
N PRO N 76 -4.08 -13.16 19.99
CA PRO N 76 -4.48 -13.02 18.59
C PRO N 76 -5.25 -14.23 18.03
N ASN N 77 -4.91 -15.42 18.50
CA ASN N 77 -5.47 -16.65 17.95
C ASN N 77 -6.64 -17.25 18.75
N VAL N 78 -7.04 -16.59 19.82
CA VAL N 78 -8.11 -17.10 20.66
C VAL N 78 -9.21 -16.06 20.84
N ASP N 79 -10.44 -16.45 20.53
CA ASP N 79 -11.58 -15.56 20.66
C ASP N 79 -12.13 -15.52 22.09
N LYS N 80 -13.27 -14.85 22.27
CA LYS N 80 -13.90 -14.68 23.58
C LYS N 80 -14.41 -15.97 24.19
N LEU N 81 -14.73 -16.95 23.34
CA LEU N 81 -15.29 -18.21 23.79
C LEU N 81 -14.24 -19.30 23.93
N GLY N 82 -12.99 -18.94 23.68
CA GLY N 82 -11.87 -19.86 23.90
C GLY N 82 -11.53 -20.69 22.67
N ARG N 83 -12.25 -20.47 21.58
CA ARG N 83 -11.98 -21.16 20.32
C ARG N 83 -10.68 -20.66 19.73
N ILE N 84 -9.88 -21.59 19.23
CA ILE N 84 -8.51 -21.29 18.81
C ILE N 84 -8.38 -21.26 17.30
N CYS N 85 -7.99 -20.10 16.77
CA CYS N 85 -7.76 -19.95 15.33
C CYS N 85 -6.37 -20.45 14.99
N LEU N 86 -6.27 -21.77 14.81
CA LEU N 86 -5.01 -22.45 14.59
C LEU N 86 -5.08 -23.19 13.27
N ASP N 87 -4.00 -23.11 12.51
CA ASP N 87 -3.96 -23.58 11.12
C ASP N 87 -4.20 -25.08 10.95
N ILE N 88 -3.50 -25.89 11.76
CA ILE N 88 -3.57 -27.34 11.66
C ILE N 88 -4.88 -27.90 12.24
N LEU N 89 -5.65 -27.07 12.94
CA LEU N 89 -6.90 -27.52 13.56
C LEU N 89 -8.05 -27.66 12.57
N LYS N 90 -7.93 -27.05 11.40
CA LYS N 90 -8.98 -27.13 10.40
C LYS N 90 -8.47 -27.16 8.96
N ASP N 91 -7.47 -26.34 8.67
CA ASP N 91 -7.01 -26.13 7.30
C ASP N 91 -5.89 -27.09 6.91
N LYS N 92 -4.82 -27.08 7.70
CA LYS N 92 -3.65 -27.89 7.39
C LYS N 92 -3.50 -29.11 8.33
N TRP N 93 -4.64 -29.71 8.67
CA TRP N 93 -4.64 -30.97 9.40
C TRP N 93 -4.31 -32.15 8.47
N SER N 94 -3.60 -33.12 9.01
CA SER N 94 -3.22 -34.34 8.32
C SER N 94 -3.18 -35.47 9.35
N PRO N 95 -3.58 -36.69 8.95
CA PRO N 95 -3.46 -37.84 9.85
C PRO N 95 -2.02 -38.12 10.25
N ALA N 96 -1.07 -37.54 9.51
CA ALA N 96 0.37 -37.66 9.80
C ALA N 96 0.79 -36.74 10.95
N LEU N 97 -0.16 -36.01 11.51
CA LEU N 97 0.04 -35.27 12.73
C LEU N 97 -0.72 -35.96 13.84
N GLN N 98 -0.50 -35.54 15.08
CA GLN N 98 -1.11 -36.21 16.22
C GLN N 98 -1.39 -35.24 17.36
N ILE N 99 -2.17 -35.69 18.33
CA ILE N 99 -2.53 -34.89 19.50
C ILE N 99 -1.32 -34.13 20.04
N ARG N 100 -0.20 -34.84 20.19
CA ARG N 100 1.04 -34.25 20.68
C ARG N 100 1.45 -33.02 19.90
N THR N 101 1.36 -33.08 18.58
CA THR N 101 1.65 -31.94 17.72
C THR N 101 0.77 -30.75 18.09
N VAL N 102 -0.52 -31.03 18.27
CA VAL N 102 -1.50 -30.00 18.60
C VAL N 102 -1.10 -29.20 19.85
N LEU N 103 -0.83 -29.91 20.95
CA LEU N 103 -0.50 -29.24 22.21
C LEU N 103 0.78 -28.40 22.10
N LEU N 104 1.81 -28.97 21.47
CA LEU N 104 3.06 -28.26 21.20
C LEU N 104 2.84 -26.97 20.41
N SER N 105 1.93 -27.02 19.44
CA SER N 105 1.59 -25.87 18.62
C SER N 105 0.98 -24.75 19.44
N ILE N 106 0.12 -25.10 20.39
CA ILE N 106 -0.48 -24.11 21.29
C ILE N 106 0.58 -23.54 22.23
N GLN N 107 1.46 -24.42 22.72
CA GLN N 107 2.63 -24.00 23.50
C GLN N 107 3.39 -22.89 22.77
N ALA N 108 3.74 -23.15 21.51
CA ALA N 108 4.48 -22.21 20.68
C ALA N 108 3.71 -20.93 20.44
N LEU N 109 2.40 -21.07 20.38
CA LEU N 109 1.49 -19.94 20.17
C LEU N 109 1.51 -19.00 21.37
N LEU N 110 1.51 -19.57 22.58
CA LEU N 110 1.58 -18.78 23.81
C LEU N 110 2.92 -18.09 23.95
N SER N 111 3.97 -18.83 23.60
CA SER N 111 5.33 -18.34 23.73
C SER N 111 5.58 -17.13 22.81
N ALA N 112 5.09 -17.21 21.58
CA ALA N 112 5.20 -16.10 20.62
C ALA N 112 3.97 -16.00 19.69
N PRO N 113 2.96 -15.18 20.09
CA PRO N 113 1.78 -14.90 19.27
C PRO N 113 2.09 -13.98 18.10
N ASN N 114 1.85 -14.45 16.88
CA ASN N 114 2.18 -13.67 15.67
C ASN N 114 0.98 -13.01 14.99
N PRO N 115 1.02 -11.67 14.86
CA PRO N 115 0.07 -10.93 14.01
C PRO N 115 0.35 -11.07 12.49
N ASP N 116 0.71 -12.29 12.06
CA ASP N 116 0.60 -12.70 10.66
C ASP N 116 -0.84 -13.16 10.49
N ASP N 117 -1.73 -12.18 10.32
CA ASP N 117 -3.16 -12.38 10.45
C ASP N 117 -3.76 -13.09 9.23
N PRO N 118 -4.48 -14.21 9.47
CA PRO N 118 -5.19 -14.91 8.40
C PRO N 118 -6.68 -14.52 8.26
N LEU N 119 -7.38 -14.40 9.39
CA LEU N 119 -8.85 -14.30 9.41
C LEU N 119 -9.39 -12.87 9.65
N ALA N 120 -8.50 -11.93 9.95
CA ALA N 120 -8.86 -10.55 10.33
C ALA N 120 -9.57 -10.51 11.68
N ASN N 121 -8.79 -10.67 12.75
CA ASN N 121 -9.30 -10.62 14.11
C ASN N 121 -9.05 -9.25 14.77
N ASP N 122 -9.94 -8.86 15.67
CA ASP N 122 -9.89 -7.56 16.33
C ASP N 122 -8.80 -7.47 17.39
N VAL N 123 -8.51 -8.58 18.04
CA VAL N 123 -7.43 -8.67 19.02
C VAL N 123 -6.08 -8.70 18.30
N ALA N 124 -6.02 -9.49 17.22
CA ALA N 124 -4.81 -9.66 16.41
C ALA N 124 -4.34 -8.35 15.75
N GLU N 125 -5.29 -7.46 15.48
CA GLU N 125 -4.99 -6.17 14.88
C GLU N 125 -4.56 -5.15 15.94
N GLN N 126 -5.10 -5.31 17.15
CA GLN N 126 -4.68 -4.53 18.31
C GLN N 126 -3.25 -4.92 18.66
N TRP N 127 -2.93 -6.19 18.42
CA TRP N 127 -1.60 -6.75 18.59
C TRP N 127 -0.64 -6.27 17.50
N LYS N 128 -1.14 -6.13 16.28
CA LYS N 128 -0.34 -5.66 15.14
C LYS N 128 -0.03 -4.17 15.26
N THR N 129 -1.03 -3.39 15.64
CA THR N 129 -0.88 -1.94 15.74
C THR N 129 -0.14 -1.50 17.00
N ASN N 130 -0.57 -1.99 18.15
CA ASN N 130 0.07 -1.67 19.41
C ASN N 130 0.40 -2.92 20.23
N GLU N 131 1.51 -3.55 19.86
CA GLU N 131 1.99 -4.76 20.54
C GLU N 131 2.45 -4.47 21.96
N ALA N 132 3.04 -3.29 22.17
CA ALA N 132 3.49 -2.88 23.50
C ALA N 132 2.32 -2.87 24.47
N GLN N 133 1.23 -2.23 24.05
CA GLN N 133 0.00 -2.14 24.83
C GLN N 133 -0.65 -3.52 24.99
N ALA N 134 -0.65 -4.30 23.92
CA ALA N 134 -1.23 -5.64 23.91
C ALA N 134 -0.59 -6.54 24.98
N ILE N 135 0.74 -6.67 24.95
CA ILE N 135 1.47 -7.49 25.90
C ILE N 135 1.13 -7.11 27.36
N GLU N 136 1.11 -5.81 27.65
CA GLU N 136 0.77 -5.30 28.97
C GLU N 136 -0.71 -5.52 29.33
N THR N 137 -1.56 -5.76 28.33
CA THR N 137 -2.97 -6.10 28.58
C THR N 137 -3.14 -7.62 28.76
N ALA N 138 -2.32 -8.40 28.06
CA ALA N 138 -2.28 -9.86 28.24
C ALA N 138 -1.71 -10.20 29.61
N ARG N 139 -0.72 -9.40 30.03
CA ARG N 139 -0.12 -9.41 31.35
C ARG N 139 -1.17 -9.31 32.46
N ALA N 140 -2.10 -8.38 32.28
CA ALA N 140 -3.11 -8.06 33.28
C ALA N 140 -4.24 -9.09 33.30
N TRP N 141 -4.60 -9.61 32.12
CA TRP N 141 -5.64 -10.62 31.99
C TRP N 141 -5.22 -11.95 32.58
N THR N 142 -3.95 -12.30 32.37
CA THR N 142 -3.38 -13.53 32.94
C THR N 142 -3.57 -13.53 34.46
N ARG N 143 -3.29 -12.39 35.10
CA ARG N 143 -3.49 -12.25 36.53
C ARG N 143 -4.96 -12.29 36.91
N LEU N 144 -5.82 -11.77 36.03
CA LEU N 144 -7.22 -11.58 36.34
C LEU N 144 -8.01 -12.90 36.30
N TYR N 145 -7.52 -13.85 35.50
CA TYR N 145 -8.25 -15.09 35.21
C TYR N 145 -7.41 -16.38 35.27
N ALA N 146 -6.15 -16.30 34.84
CA ALA N 146 -5.31 -17.50 34.66
C ALA N 146 -4.41 -17.88 35.84
N MET N 147 -4.51 -17.12 36.95
CA MET N 147 -3.66 -17.35 38.11
C MET N 147 -4.39 -18.02 39.27
N ASN N 148 -4.98 -19.17 38.95
CA ASN N 148 -5.59 -20.09 39.92
C ASN N 148 -4.88 -21.44 39.86
N ASN O 2 -18.08 -43.53 -54.03
CA ASN O 2 -17.83 -42.72 -52.80
C ASN O 2 -17.55 -41.24 -53.10
N PRO O 3 -18.60 -40.46 -53.45
CA PRO O 3 -18.36 -39.05 -53.72
C PRO O 3 -18.22 -38.28 -52.39
N LEU O 4 -17.78 -37.02 -52.47
CA LEU O 4 -17.69 -36.16 -51.30
C LEU O 4 -19.07 -35.96 -50.64
N VAL O 5 -20.07 -35.69 -51.48
CA VAL O 5 -21.48 -35.62 -51.06
C VAL O 5 -22.36 -36.29 -52.13
N SER O 6 -23.07 -37.36 -51.76
CA SER O 6 -23.86 -38.15 -52.72
C SER O 6 -25.22 -37.53 -53.04
N GLU O 7 -25.95 -38.14 -53.97
CA GLU O 7 -27.31 -37.73 -54.31
C GLU O 7 -28.27 -38.12 -53.19
N ARG O 8 -29.44 -37.48 -53.14
CA ARG O 8 -30.46 -37.89 -52.17
C ARG O 8 -30.94 -39.32 -52.39
N LEU O 9 -30.66 -40.17 -51.42
CA LEU O 9 -30.98 -41.60 -51.50
C LEU O 9 -32.17 -41.98 -50.62
N GLU O 10 -32.70 -43.18 -50.85
CA GLU O 10 -33.76 -43.73 -50.01
C GLU O 10 -33.22 -44.02 -48.62
N LEU O 11 -34.08 -43.94 -47.62
CA LEU O 11 -33.69 -44.32 -46.26
C LEU O 11 -33.65 -45.85 -46.10
N SER O 12 -34.11 -46.56 -47.13
CA SER O 12 -34.13 -48.02 -47.14
C SER O 12 -32.79 -48.64 -47.55
N VAL O 13 -31.91 -47.83 -48.16
CA VAL O 13 -30.59 -48.29 -48.60
C VAL O 13 -29.70 -48.69 -47.41
N LEU O 14 -30.15 -48.36 -46.20
CA LEU O 14 -29.45 -48.66 -44.96
C LEU O 14 -29.65 -50.10 -44.47
N TYR O 15 -30.59 -50.81 -45.09
CA TYR O 15 -30.80 -52.22 -44.80
C TYR O 15 -29.75 -53.07 -45.52
N LYS O 16 -29.24 -52.54 -46.63
CA LYS O 16 -28.08 -53.11 -47.32
C LYS O 16 -26.83 -52.94 -46.46
N GLU O 17 -26.72 -51.78 -45.82
CA GLU O 17 -25.56 -51.40 -45.01
C GLU O 17 -25.30 -52.33 -43.82
N TYR O 18 -26.36 -52.78 -43.16
CA TYR O 18 -26.22 -53.61 -41.97
C TYR O 18 -26.64 -55.06 -42.23
N ALA O 19 -25.66 -55.96 -42.18
CA ALA O 19 -25.86 -57.38 -42.46
C ALA O 19 -26.56 -58.09 -41.32
N ASN O 23 -29.02 -57.42 -37.30
CA ASN O 23 -30.43 -57.57 -36.96
C ASN O 23 -30.83 -56.72 -35.75
N ILE O 24 -29.90 -56.56 -34.81
CA ILE O 24 -30.14 -55.74 -33.61
C ILE O 24 -30.14 -54.24 -33.94
N TYR O 25 -29.45 -53.89 -35.02
CA TYR O 25 -29.44 -52.53 -35.57
C TYR O 25 -30.61 -52.31 -36.52
N GLN O 26 -31.23 -53.41 -36.95
CA GLN O 26 -32.26 -53.38 -37.99
C GLN O 26 -33.54 -52.68 -37.54
N GLN O 27 -33.93 -52.88 -36.28
CA GLN O 27 -35.14 -52.24 -35.75
C GLN O 27 -34.98 -50.73 -35.61
N LYS O 28 -33.73 -50.26 -35.52
CA LYS O 28 -33.45 -48.84 -35.32
C LYS O 28 -33.55 -48.00 -36.60
N ILE O 29 -33.57 -48.66 -37.76
CA ILE O 29 -33.87 -47.99 -39.04
C ILE O 29 -35.38 -47.84 -39.21
N LYS O 30 -36.14 -48.76 -38.63
CA LYS O 30 -37.61 -48.68 -38.66
C LYS O 30 -38.14 -47.50 -37.83
N ASP O 31 -37.47 -47.19 -36.72
CA ASP O 31 -37.80 -46.01 -35.91
C ASP O 31 -37.43 -44.72 -36.63
N LEU O 32 -36.38 -44.81 -37.45
CA LEU O 32 -35.86 -43.68 -38.21
C LEU O 32 -36.75 -43.34 -39.39
N HIS O 33 -37.51 -44.32 -39.86
CA HIS O 33 -38.49 -44.14 -40.93
C HIS O 33 -39.73 -43.39 -40.48
N LYS O 34 -40.07 -43.51 -39.20
CA LYS O 34 -41.25 -42.86 -38.61
C LYS O 34 -41.16 -41.32 -38.66
N LYS O 35 -39.93 -40.81 -38.74
CA LYS O 35 -39.66 -39.36 -38.70
C LYS O 35 -39.01 -38.85 -39.99
N TYR O 36 -38.13 -39.67 -40.57
CA TYR O 36 -37.35 -39.28 -41.75
C TYR O 36 -37.68 -40.14 -42.96
N SER O 37 -37.28 -39.69 -44.15
CA SER O 37 -37.58 -40.40 -45.40
C SER O 37 -36.42 -40.51 -46.40
N TYR O 38 -35.48 -39.55 -46.35
CA TYR O 38 -34.31 -39.53 -47.24
C TYR O 38 -33.00 -39.40 -46.46
N ILE O 39 -31.91 -39.88 -47.08
CA ILE O 39 -30.56 -39.74 -46.53
C ILE O 39 -29.55 -39.32 -47.61
N ARG O 40 -28.55 -38.53 -47.19
CA ARG O 40 -27.49 -38.07 -48.08
C ARG O 40 -26.11 -38.39 -47.50
N LYS O 41 -25.40 -39.29 -48.18
CA LYS O 41 -24.08 -39.76 -47.73
C LYS O 41 -22.95 -38.77 -47.99
N THR O 42 -22.02 -38.68 -47.04
CA THR O 42 -20.77 -37.95 -47.21
C THR O 42 -19.58 -38.90 -46.99
N ARG O 43 -18.50 -38.67 -47.73
CA ARG O 43 -17.28 -39.49 -47.65
C ARG O 43 -16.79 -39.60 -46.21
N PRO O 44 -16.50 -40.83 -45.74
CA PRO O 44 -16.04 -41.06 -44.36
C PRO O 44 -14.56 -40.70 -44.16
N ASP O 45 -14.18 -39.48 -44.55
CA ASP O 45 -12.79 -39.05 -44.51
C ASP O 45 -12.42 -38.23 -43.26
N GLY O 46 -13.38 -38.06 -42.34
CA GLY O 46 -13.15 -37.34 -41.10
C GLY O 46 -13.64 -35.91 -41.12
N ASN O 47 -13.94 -35.40 -42.32
CA ASN O 47 -14.46 -34.04 -42.51
C ASN O 47 -15.98 -34.03 -42.74
N CYS O 48 -16.59 -35.20 -42.53
CA CYS O 48 -18.00 -35.43 -42.88
C CYS O 48 -19.03 -34.58 -42.11
N PHE O 49 -18.73 -34.20 -40.88
CA PHE O 49 -19.65 -33.33 -40.12
C PHE O 49 -19.70 -31.92 -40.69
N TYR O 50 -18.53 -31.34 -40.96
CA TYR O 50 -18.44 -30.00 -41.52
C TYR O 50 -18.94 -29.98 -42.96
N ARG O 51 -18.69 -31.06 -43.71
CA ARG O 51 -19.11 -31.14 -45.09
C ARG O 51 -20.62 -31.33 -45.21
N ALA O 52 -21.19 -32.07 -44.24
CA ALA O 52 -22.64 -32.37 -44.19
C ALA O 52 -23.46 -31.14 -43.82
N PHE O 53 -23.18 -30.58 -42.64
CA PHE O 53 -23.79 -29.35 -42.17
C PHE O 53 -23.68 -28.20 -43.20
N GLY O 54 -22.49 -28.05 -43.78
CA GLY O 54 -22.25 -27.10 -44.86
C GLY O 54 -23.27 -27.22 -45.98
N PHE O 55 -23.43 -28.43 -46.52
CA PHE O 55 -24.41 -28.66 -47.58
C PHE O 55 -25.84 -28.56 -47.06
N SER O 56 -26.14 -29.29 -45.99
CA SER O 56 -27.45 -29.33 -45.34
C SER O 56 -28.06 -27.96 -45.05
N HIS O 57 -27.27 -27.04 -44.52
CA HIS O 57 -27.77 -25.72 -44.16
C HIS O 57 -27.89 -24.79 -45.36
N LEU O 58 -26.93 -24.86 -46.28
CA LEU O 58 -26.98 -24.05 -47.51
C LEU O 58 -28.08 -24.51 -48.48
N GLU O 59 -28.36 -25.82 -48.49
CA GLU O 59 -29.42 -26.40 -49.34
C GLU O 59 -30.82 -26.00 -48.86
N ALA O 60 -30.98 -25.82 -47.56
CA ALA O 60 -32.23 -25.37 -46.97
C ALA O 60 -32.40 -23.85 -47.07
N LEU O 61 -31.31 -23.14 -47.39
CA LEU O 61 -31.34 -21.69 -47.58
C LEU O 61 -31.83 -21.28 -48.96
N LEU O 62 -31.91 -22.23 -49.88
CA LEU O 62 -32.45 -21.98 -51.22
C LEU O 62 -33.93 -21.63 -51.17
N ASP O 63 -34.59 -21.96 -50.06
CA ASP O 63 -36.00 -21.65 -49.84
C ASP O 63 -36.17 -20.34 -49.07
N ASP O 64 -35.37 -20.18 -48.01
CA ASP O 64 -35.50 -19.07 -47.08
C ASP O 64 -34.53 -17.93 -47.40
N SER O 65 -35.03 -16.88 -48.05
CA SER O 65 -34.22 -15.70 -48.36
C SER O 65 -34.00 -14.82 -47.14
N LYS O 66 -34.96 -14.86 -46.20
CA LYS O 66 -34.85 -14.18 -44.92
C LYS O 66 -33.65 -14.70 -44.11
N GLU O 67 -33.54 -16.01 -43.97
CA GLU O 67 -32.44 -16.63 -43.23
C GLU O 67 -31.11 -16.58 -44.00
N LEU O 68 -31.19 -16.61 -45.33
CA LEU O 68 -30.02 -16.48 -46.20
C LEU O 68 -29.31 -15.15 -45.95
N GLN O 69 -30.09 -14.07 -45.90
CA GLN O 69 -29.57 -12.73 -45.66
C GLN O 69 -29.10 -12.56 -44.22
N ARG O 70 -29.66 -13.35 -43.31
CA ARG O 70 -29.28 -13.30 -41.91
C ARG O 70 -28.03 -14.15 -41.66
N PHE O 71 -27.81 -15.15 -42.51
CA PHE O 71 -26.66 -16.03 -42.45
C PHE O 71 -25.46 -15.38 -43.17
N LYS O 72 -25.74 -14.70 -44.27
CA LYS O 72 -24.73 -13.94 -45.00
C LYS O 72 -24.20 -12.80 -44.13
N ALA O 73 -25.10 -12.14 -43.41
CA ALA O 73 -24.75 -11.08 -42.47
C ALA O 73 -23.74 -11.54 -41.40
N VAL O 74 -23.95 -12.76 -40.88
CA VAL O 74 -23.06 -13.34 -39.87
C VAL O 74 -21.74 -13.79 -40.50
N SER O 75 -21.83 -14.55 -41.59
CA SER O 75 -20.68 -15.13 -42.26
C SER O 75 -19.66 -14.10 -42.72
N ALA O 76 -20.14 -12.95 -43.18
CA ALA O 76 -19.28 -11.87 -43.66
C ALA O 76 -18.53 -11.22 -42.50
N LYS O 77 -19.22 -11.08 -41.37
CA LYS O 77 -18.65 -10.41 -40.19
C LYS O 77 -17.67 -11.31 -39.44
N SER O 78 -17.73 -12.61 -39.73
CA SER O 78 -16.89 -13.62 -39.09
C SER O 78 -15.39 -13.37 -39.28
N LYS O 79 -15.01 -12.99 -40.49
CA LYS O 79 -13.60 -12.77 -40.84
C LYS O 79 -12.99 -11.74 -39.90
N GLU O 80 -13.58 -10.55 -39.82
CA GLU O 80 -13.09 -9.50 -38.92
C GLU O 80 -13.21 -9.94 -37.45
N ASP O 81 -14.25 -10.70 -37.14
CA ASP O 81 -14.50 -11.23 -35.81
C ASP O 81 -13.33 -12.09 -35.32
N LEU O 82 -12.83 -12.96 -36.20
CA LEU O 82 -11.73 -13.86 -35.87
C LEU O 82 -10.37 -13.17 -35.87
N VAL O 83 -10.19 -12.17 -36.75
CA VAL O 83 -8.93 -11.42 -36.84
C VAL O 83 -8.61 -10.65 -35.55
N SER O 84 -9.62 -9.97 -35.01
CA SER O 84 -9.47 -9.25 -33.75
C SER O 84 -9.35 -10.20 -32.55
N GLN O 85 -9.78 -11.45 -32.74
CA GLN O 85 -9.72 -12.47 -31.69
C GLN O 85 -8.35 -13.15 -31.57
N GLY O 86 -7.57 -13.09 -32.64
CA GLY O 86 -6.21 -13.63 -32.61
C GLY O 86 -5.67 -14.15 -33.92
N PHE O 87 -6.56 -14.57 -34.82
CA PHE O 87 -6.16 -15.13 -36.10
C PHE O 87 -5.52 -14.07 -37.01
N THR O 88 -4.50 -14.48 -37.76
CA THR O 88 -3.89 -13.60 -38.75
C THR O 88 -4.81 -13.55 -39.97
N GLU O 89 -4.98 -12.35 -40.53
CA GLU O 89 -5.96 -12.13 -41.59
C GLU O 89 -5.65 -12.88 -42.88
N PHE O 90 -4.42 -12.74 -43.38
CA PHE O 90 -4.01 -13.34 -44.66
C PHE O 90 -4.05 -14.87 -44.65
N THR O 91 -4.37 -15.43 -43.49
CA THR O 91 -4.38 -16.87 -43.29
C THR O 91 -5.79 -17.45 -43.44
N ILE O 92 -6.80 -16.63 -43.14
CA ILE O 92 -8.19 -17.09 -43.21
C ILE O 92 -8.95 -16.55 -44.43
N GLU O 93 -8.34 -15.59 -45.14
CA GLU O 93 -8.96 -14.88 -46.27
C GLU O 93 -9.56 -15.80 -47.33
N ASP O 94 -8.73 -16.72 -47.83
CA ASP O 94 -9.07 -17.53 -49.00
C ASP O 94 -10.20 -18.51 -48.76
N PHE O 95 -10.26 -19.01 -47.53
CA PHE O 95 -11.30 -19.94 -47.10
C PHE O 95 -12.59 -19.20 -46.82
N HIS O 96 -12.46 -17.92 -46.44
CA HIS O 96 -13.59 -17.04 -46.25
C HIS O 96 -14.13 -16.57 -47.60
N ASN O 97 -13.24 -16.29 -48.55
CA ASN O 97 -13.64 -15.96 -49.92
C ASN O 97 -14.47 -17.08 -50.50
N THR O 98 -14.01 -18.30 -50.30
CA THR O 98 -14.70 -19.50 -50.77
C THR O 98 -16.02 -19.73 -50.03
N PHE O 99 -16.05 -19.40 -48.74
CA PHE O 99 -17.27 -19.51 -47.93
C PHE O 99 -18.33 -18.48 -48.34
N MET O 100 -17.90 -17.27 -48.69
CA MET O 100 -18.81 -16.22 -49.14
C MET O 100 -19.23 -16.43 -50.59
N ASP O 101 -18.43 -17.16 -51.35
CA ASP O 101 -18.75 -17.51 -52.73
C ASP O 101 -19.87 -18.54 -52.81
N LEU O 102 -19.93 -19.42 -51.81
CA LEU O 102 -20.99 -20.43 -51.74
C LEU O 102 -22.34 -19.88 -51.28
N ILE O 103 -22.33 -18.84 -50.45
CA ILE O 103 -23.58 -18.16 -50.07
C ILE O 103 -24.06 -17.27 -51.21
N GLU O 104 -23.11 -16.75 -52.00
CA GLU O 104 -23.46 -15.90 -53.13
C GLU O 104 -24.02 -16.70 -54.30
N GLN O 105 -23.66 -17.98 -54.37
CA GLN O 105 -24.21 -18.86 -55.37
C GLN O 105 -25.62 -19.30 -54.98
N VAL O 106 -25.90 -19.33 -53.67
CA VAL O 106 -27.23 -19.66 -53.15
C VAL O 106 -28.15 -18.45 -53.25
N GLU O 107 -27.59 -17.26 -52.98
CA GLU O 107 -28.30 -16.00 -53.15
C GLU O 107 -28.74 -15.80 -54.60
N LYS O 108 -27.80 -15.90 -55.53
CA LYS O 108 -28.10 -15.95 -56.96
C LYS O 108 -28.69 -17.33 -57.21
N GLN O 109 -29.96 -17.51 -56.84
CA GLN O 109 -30.59 -18.84 -56.70
C GLN O 109 -30.19 -19.93 -57.71
N THR O 110 -29.37 -20.86 -57.25
CA THR O 110 -28.88 -21.96 -58.07
C THR O 110 -29.65 -23.24 -57.76
N SER O 111 -29.58 -24.22 -58.66
CA SER O 111 -30.20 -25.52 -58.44
C SER O 111 -29.38 -26.34 -57.45
N VAL O 112 -30.00 -27.37 -56.88
CA VAL O 112 -29.34 -28.28 -55.93
C VAL O 112 -28.28 -29.13 -56.63
N ALA O 113 -28.47 -29.34 -57.94
CA ALA O 113 -27.56 -30.11 -58.78
C ALA O 113 -26.22 -29.40 -59.03
N ASP O 114 -26.25 -28.07 -59.03
CA ASP O 114 -25.04 -27.24 -59.15
C ASP O 114 -24.39 -27.02 -57.78
N LEU O 115 -25.23 -26.99 -56.74
CA LEU O 115 -24.75 -26.82 -55.37
C LEU O 115 -23.94 -28.04 -54.93
N LEU O 116 -24.38 -29.21 -55.38
CA LEU O 116 -23.66 -30.45 -55.15
C LEU O 116 -22.40 -30.51 -56.01
N ALA O 117 -22.46 -29.90 -57.19
CA ALA O 117 -21.31 -29.88 -58.12
C ALA O 117 -20.05 -29.28 -57.52
N SER O 118 -20.19 -28.16 -56.79
CA SER O 118 -19.04 -27.53 -56.15
C SER O 118 -18.76 -28.08 -54.75
N PHE O 119 -19.76 -28.74 -54.17
CA PHE O 119 -19.57 -29.54 -52.95
C PHE O 119 -18.98 -30.92 -53.24
N ASN O 120 -18.76 -31.21 -54.51
CA ASN O 120 -18.03 -32.40 -54.93
C ASN O 120 -16.72 -32.04 -55.63
N ASP O 121 -16.45 -30.74 -55.73
CA ASP O 121 -15.14 -30.25 -56.16
C ASP O 121 -14.20 -30.30 -54.95
N GLN O 122 -13.11 -31.06 -55.09
CA GLN O 122 -12.17 -31.27 -54.00
C GLN O 122 -11.63 -29.96 -53.47
N SER O 123 -11.14 -29.11 -54.37
CA SER O 123 -10.51 -27.84 -54.00
C SER O 123 -11.46 -26.90 -53.25
N THR O 124 -12.68 -26.75 -53.75
CA THR O 124 -13.69 -25.89 -53.14
C THR O 124 -14.20 -26.45 -51.81
N SER O 125 -14.58 -27.72 -51.81
CA SER O 125 -15.25 -28.36 -50.67
C SER O 125 -14.37 -28.38 -49.42
N ASP O 126 -13.09 -28.68 -49.61
CA ASP O 126 -12.12 -28.66 -48.51
C ASP O 126 -11.98 -27.24 -47.97
N TYR O 127 -11.84 -26.27 -48.88
CA TYR O 127 -11.70 -24.87 -48.50
C TYR O 127 -12.80 -24.38 -47.56
N LEU O 128 -14.01 -24.94 -47.70
CA LEU O 128 -15.12 -24.61 -46.80
C LEU O 128 -14.99 -25.32 -45.45
N VAL O 129 -14.63 -26.60 -45.47
CA VAL O 129 -14.38 -27.35 -44.24
C VAL O 129 -13.35 -26.60 -43.39
N VAL O 130 -12.28 -26.13 -44.03
CA VAL O 130 -11.24 -25.35 -43.36
C VAL O 130 -11.83 -24.18 -42.56
N TYR O 131 -12.66 -23.37 -43.23
CA TYR O 131 -13.27 -22.22 -42.58
C TYR O 131 -14.25 -22.65 -41.49
N LEU O 132 -15.07 -23.66 -41.77
CA LEU O 132 -16.01 -24.18 -40.78
C LEU O 132 -15.31 -24.75 -39.55
N ARG O 133 -14.09 -25.26 -39.75
CA ARG O 133 -13.25 -25.71 -38.65
C ARG O 133 -12.67 -24.53 -37.89
N LEU O 134 -12.31 -23.47 -38.62
CA LEU O 134 -11.79 -22.23 -38.03
C LEU O 134 -12.83 -21.45 -37.23
N LEU O 135 -14.09 -21.52 -37.69
CA LEU O 135 -15.20 -20.91 -36.97
C LEU O 135 -15.50 -21.66 -35.67
N THR O 136 -15.38 -22.99 -35.73
CA THR O 136 -15.51 -23.85 -34.55
C THR O 136 -14.34 -23.61 -33.60
N SER O 137 -13.15 -23.47 -34.16
CA SER O 137 -11.96 -23.14 -33.41
C SER O 137 -12.05 -21.73 -32.81
N GLY O 138 -12.52 -20.79 -33.61
CA GLY O 138 -12.69 -19.41 -33.17
C GLY O 138 -13.68 -19.26 -32.02
N TYR O 139 -14.79 -19.99 -32.08
CA TYR O 139 -15.82 -19.91 -31.05
C TYR O 139 -15.45 -20.60 -29.73
N LEU O 140 -14.72 -21.71 -29.83
CA LEU O 140 -14.25 -22.43 -28.64
C LEU O 140 -13.24 -21.60 -27.85
N GLN O 141 -12.38 -20.87 -28.56
CA GLN O 141 -11.37 -20.03 -27.93
C GLN O 141 -11.99 -18.78 -27.31
N ARG O 142 -13.04 -18.26 -27.95
CA ARG O 142 -13.76 -17.08 -27.47
C ARG O 142 -14.49 -17.34 -26.16
N GLU O 143 -15.11 -18.51 -26.05
CA GLU O 143 -15.72 -18.96 -24.80
C GLU O 143 -14.94 -20.12 -24.19
N SER O 144 -13.61 -19.96 -24.12
CA SER O 144 -12.71 -20.98 -23.60
C SER O 144 -12.93 -21.27 -22.12
N LYS O 145 -13.47 -20.29 -21.41
CA LYS O 145 -13.74 -20.41 -19.98
C LYS O 145 -14.97 -21.28 -19.71
N PHE O 146 -15.89 -21.35 -20.68
CA PHE O 146 -17.09 -22.19 -20.57
C PHE O 146 -16.85 -23.64 -20.97
N PHE O 147 -16.08 -23.83 -22.04
CA PHE O 147 -15.76 -25.16 -22.57
C PHE O 147 -14.59 -25.82 -21.86
N GLU O 148 -13.90 -25.04 -21.03
CA GLU O 148 -12.71 -25.49 -20.31
C GLU O 148 -12.90 -26.88 -19.70
N HIS O 149 -13.99 -27.06 -18.96
CA HIS O 149 -14.30 -28.37 -18.35
C HIS O 149 -15.26 -29.24 -19.17
N PHE O 150 -14.96 -29.38 -20.45
CA PHE O 150 -15.68 -30.29 -21.34
C PHE O 150 -14.69 -31.08 -22.21
N ILE O 151 -13.41 -30.78 -22.05
CA ILE O 151 -12.34 -31.41 -22.81
C ILE O 151 -11.57 -32.37 -21.91
N GLU O 152 -11.07 -33.46 -22.50
CA GLU O 152 -10.34 -34.47 -21.74
C GLU O 152 -8.86 -34.56 -22.09
N GLY O 153 -8.11 -35.25 -21.25
CA GLY O 153 -6.68 -35.48 -21.45
C GLY O 153 -5.79 -34.40 -20.88
N GLY O 154 -6.39 -33.46 -20.14
CA GLY O 154 -5.66 -32.38 -19.49
C GLY O 154 -5.20 -31.29 -20.45
N ARG O 155 -5.81 -31.27 -21.62
CA ARG O 155 -5.52 -30.29 -22.66
C ARG O 155 -6.23 -28.97 -22.36
N THR O 156 -5.68 -27.87 -22.84
CA THR O 156 -6.35 -26.57 -22.78
C THR O 156 -7.26 -26.44 -23.99
N VAL O 157 -8.06 -25.38 -24.01
CA VAL O 157 -9.02 -25.17 -25.09
C VAL O 157 -8.29 -24.83 -26.38
N LYS O 158 -7.27 -24.00 -26.28
CA LYS O 158 -6.48 -23.59 -27.43
C LYS O 158 -5.68 -24.74 -28.04
N GLU O 159 -5.24 -25.66 -27.18
CA GLU O 159 -4.53 -26.86 -27.64
C GLU O 159 -5.47 -27.88 -28.27
N PHE O 160 -6.64 -28.06 -27.66
CA PHE O 160 -7.68 -28.93 -28.22
C PHE O 160 -8.03 -28.44 -29.62
N CYS O 161 -8.12 -27.12 -29.76
CA CYS O 161 -8.35 -26.47 -31.06
C CYS O 161 -7.26 -26.83 -32.06
N GLN O 162 -6.02 -26.92 -31.59
CA GLN O 162 -4.87 -27.11 -32.47
C GLN O 162 -4.60 -28.57 -32.79
N GLN O 163 -5.28 -29.47 -32.09
CA GLN O 163 -5.09 -30.90 -32.28
C GLN O 163 -6.28 -31.60 -32.93
N GLU O 164 -7.50 -31.16 -32.62
CA GLU O 164 -8.69 -31.88 -33.02
C GLU O 164 -9.66 -31.07 -33.89
N VAL O 165 -9.53 -29.75 -33.87
CA VAL O 165 -10.50 -28.86 -34.53
C VAL O 165 -9.99 -28.29 -35.87
N GLU O 166 -8.92 -27.52 -35.83
CA GLU O 166 -8.37 -26.84 -37.01
C GLU O 166 -7.78 -27.78 -38.07
N PRO O 167 -6.99 -28.81 -37.67
CA PRO O 167 -6.37 -29.67 -38.66
C PRO O 167 -7.40 -30.47 -39.45
N MET O 168 -7.09 -30.74 -40.71
CA MET O 168 -8.00 -31.48 -41.59
C MET O 168 -8.05 -32.96 -41.22
N CYS O 169 -9.15 -33.61 -41.61
CA CYS O 169 -9.37 -35.05 -41.44
C CYS O 169 -9.51 -35.45 -39.98
N LYS O 170 -9.84 -34.51 -39.11
CA LYS O 170 -10.02 -34.82 -37.69
C LYS O 170 -11.49 -34.98 -37.33
N GLU O 171 -11.82 -36.04 -36.60
CA GLU O 171 -13.19 -36.39 -36.23
C GLU O 171 -13.91 -35.29 -35.42
N SER O 172 -15.24 -35.36 -35.37
CA SER O 172 -16.04 -34.40 -34.63
C SER O 172 -17.02 -35.09 -33.66
N ASP O 173 -17.07 -34.61 -32.42
CA ASP O 173 -18.12 -35.00 -31.47
C ASP O 173 -18.92 -33.77 -31.01
N HIS O 174 -19.69 -33.89 -29.94
CA HIS O 174 -20.61 -32.81 -29.53
C HIS O 174 -19.94 -31.45 -29.24
N ILE O 175 -18.65 -31.49 -28.87
CA ILE O 175 -17.90 -30.26 -28.55
C ILE O 175 -17.72 -29.42 -29.82
N HIS O 176 -17.60 -30.10 -30.96
CA HIS O 176 -17.53 -29.44 -32.26
C HIS O 176 -18.89 -28.87 -32.64
N ILE O 177 -19.93 -29.70 -32.45
CA ILE O 177 -21.29 -29.37 -32.85
C ILE O 177 -21.84 -28.15 -32.11
N ILE O 178 -21.80 -28.17 -30.77
CA ILE O 178 -22.25 -27.03 -29.94
C ILE O 178 -21.54 -25.73 -30.33
N ALA O 179 -20.26 -25.85 -30.69
CA ALA O 179 -19.44 -24.71 -31.07
C ALA O 179 -19.85 -24.10 -32.41
N LEU O 180 -20.01 -24.93 -33.43
CA LEU O 180 -20.38 -24.44 -34.76
C LEU O 180 -21.83 -23.98 -34.83
N ALA O 181 -22.69 -24.64 -34.08
CA ALA O 181 -24.12 -24.34 -34.05
C ALA O 181 -24.41 -22.96 -33.44
N GLN O 182 -23.55 -22.51 -32.53
CA GLN O 182 -23.72 -21.23 -31.86
C GLN O 182 -22.91 -20.09 -32.50
N ALA O 183 -21.88 -20.45 -33.27
CA ALA O 183 -21.08 -19.49 -33.99
C ALA O 183 -21.83 -18.91 -35.19
N LEU O 184 -22.68 -19.73 -35.81
CA LEU O 184 -23.45 -19.32 -36.97
C LEU O 184 -24.94 -19.16 -36.65
N SER O 185 -25.29 -19.41 -35.39
CA SER O 185 -26.66 -19.29 -34.88
C SER O 185 -27.60 -20.21 -35.65
N VAL O 186 -27.25 -21.49 -35.71
CA VAL O 186 -27.98 -22.48 -36.51
C VAL O 186 -28.21 -23.77 -35.73
N SER O 187 -29.46 -24.00 -35.33
CA SER O 187 -29.83 -25.16 -34.50
C SER O 187 -29.75 -26.47 -35.28
N ILE O 188 -29.01 -27.43 -34.71
CA ILE O 188 -28.78 -28.74 -35.33
C ILE O 188 -29.37 -29.86 -34.48
N GLN O 189 -29.82 -30.93 -35.15
CA GLN O 189 -30.28 -32.14 -34.47
C GLN O 189 -29.52 -33.37 -34.98
N VAL O 190 -28.99 -34.15 -34.05
CA VAL O 190 -28.23 -35.36 -34.36
C VAL O 190 -29.01 -36.59 -33.88
N GLU O 191 -29.19 -37.55 -34.77
CA GLU O 191 -29.79 -38.83 -34.43
C GLU O 191 -28.70 -39.89 -34.34
N TYR O 192 -28.52 -40.45 -33.15
CA TYR O 192 -27.46 -41.41 -32.89
C TYR O 192 -27.93 -42.84 -33.16
N MET O 193 -26.98 -43.70 -33.52
CA MET O 193 -27.29 -45.08 -33.81
C MET O 193 -26.38 -46.03 -33.02
N ASP O 194 -26.76 -46.29 -31.78
CA ASP O 194 -26.00 -47.14 -30.87
C ASP O 194 -26.90 -48.11 -30.10
N PRO O 203 -30.92 -38.88 -29.57
CA PRO O 203 -31.78 -37.98 -30.33
C PRO O 203 -31.62 -36.52 -29.87
N HIS O 204 -30.41 -35.99 -30.01
CA HIS O 204 -30.01 -34.74 -29.34
C HIS O 204 -30.20 -33.47 -30.19
N ILE O 205 -30.56 -32.38 -29.52
CA ILE O 205 -30.66 -31.06 -30.14
C ILE O 205 -29.48 -30.21 -29.71
N PHE O 206 -28.98 -29.37 -30.62
CA PHE O 206 -27.85 -28.50 -30.35
C PHE O 206 -28.07 -27.08 -30.89
N PRO O 207 -28.18 -26.07 -29.99
CA PRO O 207 -28.14 -26.20 -28.53
C PRO O 207 -29.49 -26.60 -27.95
N GLU O 208 -29.54 -26.78 -26.64
CA GLU O 208 -30.71 -27.26 -25.92
C GLU O 208 -31.91 -26.30 -26.03
N GLY O 209 -33.02 -26.81 -26.55
CA GLY O 209 -34.28 -26.06 -26.59
C GLY O 209 -34.65 -25.39 -27.90
N SER O 210 -33.66 -24.94 -28.65
CA SER O 210 -33.89 -24.26 -29.94
C SER O 210 -34.34 -25.25 -31.02
N GLU O 211 -35.29 -24.82 -31.84
CA GLU O 211 -35.85 -25.64 -32.92
C GLU O 211 -34.84 -25.82 -34.07
N PRO O 212 -34.62 -27.09 -34.49
CA PRO O 212 -33.55 -27.45 -35.42
C PRO O 212 -33.85 -27.16 -36.89
N LYS O 213 -32.79 -26.93 -37.66
CA LYS O 213 -32.90 -26.71 -39.11
C LYS O 213 -32.01 -27.69 -39.91
N VAL O 214 -30.94 -28.18 -39.27
CA VAL O 214 -30.04 -29.16 -39.88
C VAL O 214 -30.23 -30.51 -39.18
N TYR O 215 -30.59 -31.53 -39.96
CA TYR O 215 -30.77 -32.89 -39.42
C TYR O 215 -29.59 -33.78 -39.81
N LEU O 216 -29.05 -34.50 -38.82
CA LEU O 216 -27.89 -35.38 -39.03
C LEU O 216 -28.01 -36.76 -38.38
N LEU O 217 -27.41 -37.77 -39.02
CA LEU O 217 -27.33 -39.11 -38.45
C LEU O 217 -25.89 -39.50 -38.12
N TYR O 218 -25.62 -39.74 -36.85
CA TYR O 218 -24.32 -40.23 -36.42
C TYR O 218 -24.28 -41.76 -36.35
N ARG O 219 -23.43 -42.33 -37.18
CA ARG O 219 -23.00 -43.72 -37.05
C ARG O 219 -21.50 -43.65 -36.79
N PRO O 220 -20.93 -44.64 -36.07
CA PRO O 220 -19.51 -44.56 -35.70
C PRO O 220 -18.62 -44.17 -36.88
N GLY O 221 -18.04 -42.97 -36.82
CA GLY O 221 -17.16 -42.47 -37.88
C GLY O 221 -17.80 -41.68 -39.02
N HIS O 222 -19.11 -41.80 -39.18
CA HIS O 222 -19.83 -41.12 -40.26
C HIS O 222 -20.75 -40.01 -39.74
N TYR O 223 -20.97 -39.01 -40.58
CA TYR O 223 -22.04 -38.03 -40.37
C TYR O 223 -22.84 -37.87 -41.67
N ASP O 224 -24.15 -38.09 -41.60
CA ASP O 224 -25.01 -38.04 -42.79
C ASP O 224 -26.21 -37.11 -42.64
N ILE O 225 -26.61 -36.49 -43.74
CA ILE O 225 -27.75 -35.56 -43.78
C ILE O 225 -29.07 -36.33 -43.84
N LEU O 226 -29.94 -36.09 -42.86
CA LEU O 226 -31.26 -36.71 -42.82
C LEU O 226 -32.31 -35.75 -43.36
N TYR O 227 -33.32 -36.30 -44.02
CA TYR O 227 -34.41 -35.50 -44.57
C TYR O 227 -35.77 -35.91 -44.03
N LYS O 228 -36.55 -34.91 -43.62
CA LYS O 228 -37.90 -35.10 -43.11
C LYS O 228 -38.84 -35.53 -44.23
N GLY P 1 5.65 -26.13 -64.85
CA GLY P 1 4.63 -26.18 -63.76
C GLY P 1 5.09 -25.51 -62.48
N VAL P 2 5.38 -26.31 -61.46
CA VAL P 2 5.91 -25.83 -60.18
C VAL P 2 7.28 -26.48 -59.90
N LYS P 3 8.29 -25.64 -59.80
CA LYS P 3 9.70 -26.04 -59.69
C LYS P 3 10.01 -26.76 -58.37
N VAL P 4 10.39 -28.04 -58.47
CA VAL P 4 10.67 -28.89 -57.30
C VAL P 4 12.19 -29.00 -57.08
N PRO P 5 12.65 -28.60 -55.87
CA PRO P 5 14.08 -28.54 -55.53
C PRO P 5 14.77 -29.91 -55.50
N ARG P 6 16.05 -29.89 -55.88
CA ARG P 6 16.92 -31.05 -55.93
C ARG P 6 16.77 -32.01 -54.75
N ASN P 7 16.99 -31.50 -53.54
CA ASN P 7 17.01 -32.34 -52.34
C ASN P 7 15.67 -32.97 -52.00
N PHE P 8 14.60 -32.20 -52.16
CA PHE P 8 13.26 -32.70 -51.89
C PHE P 8 12.81 -33.71 -52.95
N ARG P 9 13.25 -33.52 -54.19
CA ARG P 9 12.94 -34.46 -55.27
C ARG P 9 13.70 -35.78 -55.10
N LEU P 10 14.96 -35.71 -54.70
CA LEU P 10 15.77 -36.90 -54.51
C LEU P 10 15.31 -37.78 -53.36
N LEU P 11 14.84 -37.15 -52.28
CA LEU P 11 14.23 -37.86 -51.16
C LEU P 11 12.98 -38.62 -51.56
N GLU P 12 12.22 -38.05 -52.50
CA GLU P 12 11.02 -38.69 -53.02
C GLU P 12 11.36 -39.98 -53.77
N GLU P 13 12.34 -39.91 -54.67
CA GLU P 13 12.72 -41.08 -55.47
C GLU P 13 13.78 -41.94 -54.79
N LEU P 14 14.08 -41.60 -53.54
CA LEU P 14 14.76 -42.54 -52.66
C LEU P 14 13.71 -43.46 -52.05
N GLU P 15 12.57 -42.89 -51.67
CA GLU P 15 11.46 -43.62 -51.08
C GLU P 15 10.84 -44.62 -52.06
N GLU P 16 10.76 -44.20 -53.33
CA GLU P 16 10.24 -45.06 -54.38
C GLU P 16 11.19 -46.23 -54.60
N GLY P 17 12.48 -45.92 -54.74
CA GLY P 17 13.52 -46.94 -54.88
C GLY P 17 13.63 -47.90 -53.72
N GLN P 18 12.90 -47.61 -52.64
CA GLN P 18 12.92 -48.47 -51.44
C GLN P 18 11.84 -49.54 -51.46
N LYS P 19 10.58 -49.15 -51.63
CA LYS P 19 9.49 -50.13 -51.64
C LYS P 19 9.36 -50.89 -52.96
N GLY P 20 9.97 -50.35 -54.02
CA GLY P 20 10.07 -51.05 -55.29
C GLY P 20 9.00 -50.72 -56.32
N VAL P 21 9.38 -50.86 -57.59
CA VAL P 21 8.49 -50.58 -58.72
C VAL P 21 8.19 -51.84 -59.53
N GLY P 22 6.96 -51.92 -60.04
CA GLY P 22 6.52 -53.04 -60.87
C GLY P 22 6.83 -54.39 -60.29
N ASP P 23 7.92 -54.99 -60.77
CA ASP P 23 8.40 -56.29 -60.29
C ASP P 23 9.76 -56.16 -59.62
N GLY P 24 10.70 -55.53 -60.30
CA GLY P 24 12.05 -55.32 -59.79
C GLY P 24 13.14 -55.59 -60.80
N THR P 25 12.87 -55.27 -62.07
CA THR P 25 13.90 -55.35 -63.10
C THR P 25 14.79 -54.10 -63.11
N VAL P 26 14.29 -53.01 -62.54
CA VAL P 26 15.06 -51.78 -62.36
C VAL P 26 14.94 -51.25 -60.92
N SER P 27 16.08 -51.20 -60.22
CA SER P 27 16.11 -50.81 -58.82
C SER P 27 17.26 -49.87 -58.52
N TRP P 28 16.95 -48.81 -57.77
CA TRP P 28 17.96 -47.83 -57.39
C TRP P 28 17.97 -47.58 -55.88
N GLY P 29 18.99 -46.86 -55.43
CA GLY P 29 19.16 -46.53 -54.02
C GLY P 29 20.43 -45.73 -53.81
N LEU P 30 20.66 -45.29 -52.58
CA LEU P 30 21.84 -44.50 -52.24
C LEU P 30 23.10 -45.37 -52.13
N GLU P 31 24.24 -44.76 -52.39
CA GLU P 31 25.52 -45.44 -52.23
C GLU P 31 25.88 -45.53 -50.73
N ASP P 32 25.64 -44.43 -50.01
CA ASP P 32 25.75 -44.40 -48.56
C ASP P 32 24.46 -43.80 -48.00
N ASP P 33 23.81 -44.51 -47.08
CA ASP P 33 22.53 -44.07 -46.52
C ASP P 33 22.70 -42.95 -45.47
N GLU P 34 23.95 -42.74 -45.04
CA GLU P 34 24.28 -41.62 -44.16
C GLU P 34 24.75 -40.39 -44.96
N ASP P 35 24.87 -40.56 -46.27
CA ASP P 35 25.25 -39.47 -47.18
C ASP P 35 24.14 -38.44 -47.27
N MET P 36 24.31 -37.35 -46.53
CA MET P 36 23.31 -36.28 -46.47
C MET P 36 23.17 -35.47 -47.75
N THR P 37 24.24 -35.44 -48.56
CA THR P 37 24.26 -34.68 -49.81
C THR P 37 23.47 -35.34 -50.95
N LEU P 38 23.21 -36.64 -50.81
CA LEU P 38 22.47 -37.46 -51.79
C LEU P 38 22.96 -37.29 -53.23
N THR P 39 24.22 -37.64 -53.47
CA THR P 39 24.81 -37.43 -54.78
C THR P 39 25.14 -38.72 -55.50
N ARG P 40 25.64 -39.71 -54.76
CA ARG P 40 26.03 -40.99 -55.36
C ARG P 40 24.99 -42.07 -55.17
N TRP P 41 24.54 -42.63 -56.30
CA TRP P 41 23.48 -43.62 -56.30
C TRP P 41 23.92 -44.88 -57.04
N THR P 42 23.31 -46.01 -56.68
CA THR P 42 23.60 -47.29 -57.30
C THR P 42 22.34 -47.89 -57.89
N GLY P 43 22.38 -48.14 -59.19
CA GLY P 43 21.26 -48.73 -59.91
C GLY P 43 21.51 -50.18 -60.28
N MET P 44 20.44 -50.88 -60.62
CA MET P 44 20.51 -52.27 -61.03
C MET P 44 19.53 -52.50 -62.18
N ILE P 45 19.99 -53.15 -63.25
CA ILE P 45 19.13 -53.49 -64.40
C ILE P 45 19.20 -54.99 -64.73
N ILE P 46 18.03 -55.62 -64.78
CA ILE P 46 17.89 -56.97 -65.30
C ILE P 46 17.69 -56.87 -66.83
N GLY P 47 18.44 -57.68 -67.58
CA GLY P 47 18.47 -57.57 -69.04
C GLY P 47 17.20 -57.97 -69.77
N PRO P 48 16.88 -57.28 -70.88
CA PRO P 48 15.71 -57.48 -71.75
C PRO P 48 15.57 -58.90 -72.30
N PRO P 49 14.36 -59.28 -72.76
CA PRO P 49 14.05 -60.66 -73.16
C PRO P 49 14.82 -61.24 -74.35
N ARG P 50 14.63 -60.71 -75.56
CA ARG P 50 15.21 -61.32 -76.78
C ARG P 50 16.69 -61.04 -76.99
N THR P 51 17.20 -60.03 -76.28
CA THR P 51 18.54 -59.48 -76.50
C THR P 51 19.66 -60.37 -75.97
N ASN P 52 20.91 -60.02 -76.32
CA ASN P 52 22.10 -60.70 -75.80
C ASN P 52 22.39 -60.38 -74.34
N TYR P 53 21.59 -59.50 -73.76
CA TYR P 53 21.73 -59.04 -72.38
C TYR P 53 20.82 -59.83 -71.43
N GLU P 54 20.16 -60.86 -71.96
CA GLU P 54 19.08 -61.58 -71.26
C GLU P 54 19.50 -62.32 -69.98
N ASN P 55 18.78 -62.05 -68.90
CA ASN P 55 19.00 -62.67 -67.57
C ASN P 55 20.26 -62.24 -66.82
N ARG P 56 20.81 -61.09 -67.18
CA ARG P 56 22.03 -60.59 -66.56
C ARG P 56 21.69 -59.45 -65.61
N ILE P 57 22.47 -59.35 -64.53
CA ILE P 57 22.37 -58.22 -63.59
C ILE P 57 23.43 -57.19 -63.95
N TYR P 58 23.00 -55.95 -64.17
CA TYR P 58 23.92 -54.86 -64.46
C TYR P 58 23.85 -53.79 -63.38
N SER P 59 24.87 -53.72 -62.54
CA SER P 59 24.96 -52.66 -61.55
C SER P 59 25.53 -51.39 -62.16
N LEU P 60 25.04 -50.25 -61.69
CA LEU P 60 25.45 -48.95 -62.20
C LEU P 60 25.75 -47.97 -61.09
N LYS P 61 26.37 -46.86 -61.48
CA LYS P 61 26.48 -45.70 -60.62
C LYS P 61 25.91 -44.49 -61.36
N VAL P 62 25.02 -43.79 -60.68
CA VAL P 62 24.42 -42.57 -61.21
C VAL P 62 24.71 -41.43 -60.24
N GLU P 63 25.34 -40.37 -60.73
CA GLU P 63 25.68 -39.21 -59.90
C GLU P 63 24.80 -38.00 -60.24
N CYS P 64 24.26 -37.38 -59.19
CA CYS P 64 23.32 -36.27 -59.36
C CYS P 64 23.94 -34.90 -59.09
N GLY P 65 24.09 -34.12 -60.16
CA GLY P 65 24.71 -32.81 -60.11
C GLY P 65 23.95 -31.83 -59.22
N PRO P 66 24.64 -30.77 -58.78
CA PRO P 66 24.09 -29.72 -57.92
C PRO P 66 22.75 -29.14 -58.38
N LYS P 67 22.50 -29.17 -59.70
CA LYS P 67 21.28 -28.60 -60.27
C LYS P 67 20.42 -29.59 -61.08
N TYR P 68 20.53 -30.88 -60.74
CA TYR P 68 19.57 -31.89 -61.16
C TYR P 68 18.26 -31.57 -60.44
N PRO P 69 17.11 -31.73 -61.10
CA PRO P 69 16.86 -32.30 -62.42
C PRO P 69 16.71 -31.28 -63.56
N GLU P 70 17.29 -30.10 -63.38
CA GLU P 70 17.35 -29.10 -64.46
C GLU P 70 18.35 -29.59 -65.50
N ALA P 71 19.38 -30.27 -65.03
CA ALA P 71 20.35 -30.96 -65.87
C ALA P 71 20.30 -32.45 -65.58
N PRO P 72 20.56 -33.30 -66.60
CA PRO P 72 20.58 -34.76 -66.43
C PRO P 72 21.68 -35.23 -65.46
N PRO P 73 21.53 -36.44 -64.90
CA PRO P 73 22.60 -37.01 -64.09
C PRO P 73 23.59 -37.82 -64.92
N SER P 74 24.84 -37.86 -64.50
CA SER P 74 25.85 -38.68 -65.18
C SER P 74 25.69 -40.14 -64.78
N VAL P 75 25.74 -41.03 -65.77
CA VAL P 75 25.48 -42.46 -65.58
C VAL P 75 26.68 -43.27 -66.07
N ARG P 76 27.09 -44.26 -65.29
CA ARG P 76 28.13 -45.19 -65.72
C ARG P 76 27.87 -46.63 -65.28
N PHE P 77 28.35 -47.57 -66.08
CA PHE P 77 28.24 -48.98 -65.77
C PHE P 77 29.41 -49.44 -64.93
N VAL P 78 29.13 -50.32 -63.98
CA VAL P 78 30.19 -51.00 -63.26
C VAL P 78 30.41 -52.36 -63.92
N THR P 79 29.32 -53.08 -64.21
CA THR P 79 29.40 -54.33 -64.97
C THR P 79 29.68 -54.03 -66.43
N LYS P 80 30.56 -54.83 -67.04
CA LYS P 80 30.97 -54.68 -68.44
C LYS P 80 29.87 -54.99 -69.44
N ILE P 81 29.68 -54.08 -70.39
CA ILE P 81 28.57 -54.14 -71.36
C ILE P 81 28.99 -53.61 -72.73
N ASN P 82 28.48 -54.25 -73.79
CA ASN P 82 28.70 -53.79 -75.16
C ASN P 82 27.45 -53.19 -75.77
N MET P 83 27.41 -51.86 -75.78
CA MET P 83 26.22 -51.11 -76.18
C MET P 83 26.63 -49.76 -76.77
N ASN P 84 25.92 -49.36 -77.83
CA ASN P 84 26.08 -48.02 -78.41
C ASN P 84 25.83 -46.95 -77.34
N GLY P 85 26.87 -46.17 -77.03
CA GLY P 85 26.78 -45.10 -76.05
C GLY P 85 27.57 -45.33 -74.78
N ILE P 86 28.07 -46.56 -74.61
CA ILE P 86 28.83 -46.94 -73.42
C ILE P 86 30.29 -47.22 -73.78
N ASN P 87 31.19 -46.40 -73.25
CA ASN P 87 32.64 -46.57 -73.44
C ASN P 87 33.12 -47.93 -72.96
N ASN P 88 33.98 -48.57 -73.76
CA ASN P 88 34.51 -49.90 -73.44
C ASN P 88 35.58 -49.88 -72.33
N SER P 89 36.17 -48.71 -72.12
CA SER P 89 37.28 -48.53 -71.20
C SER P 89 36.85 -48.15 -69.78
N SER P 90 35.66 -47.57 -69.65
CA SER P 90 35.19 -47.02 -68.37
C SER P 90 33.72 -47.33 -68.03
N GLY P 91 32.92 -47.61 -69.06
CA GLY P 91 31.51 -47.93 -68.89
C GLY P 91 30.61 -46.72 -68.80
N MET P 92 31.23 -45.55 -68.86
CA MET P 92 30.52 -44.27 -68.72
C MET P 92 29.69 -43.95 -69.96
N VAL P 93 28.42 -43.64 -69.74
CA VAL P 93 27.45 -43.44 -70.81
C VAL P 93 27.54 -42.04 -71.40
N ASP P 94 27.32 -41.94 -72.70
CA ASP P 94 27.43 -40.69 -73.42
C ASP P 94 26.10 -39.93 -73.42
N ALA P 95 26.18 -38.62 -73.20
CA ALA P 95 25.00 -37.76 -73.02
C ALA P 95 24.13 -37.63 -74.27
N ARG P 96 24.74 -37.16 -75.36
CA ARG P 96 23.99 -36.93 -76.60
C ARG P 96 23.79 -38.21 -77.43
N SER P 97 24.13 -39.35 -76.82
CA SER P 97 23.99 -40.66 -77.47
C SER P 97 22.68 -41.34 -77.10
N ILE P 98 22.10 -40.93 -75.97
CA ILE P 98 20.86 -41.50 -75.47
C ILE P 98 19.77 -40.43 -75.43
N PRO P 99 18.65 -40.66 -76.16
CA PRO P 99 17.61 -39.65 -76.41
C PRO P 99 17.00 -38.99 -75.16
N VAL P 100 17.12 -39.65 -74.01
CA VAL P 100 16.58 -39.11 -72.77
C VAL P 100 17.53 -38.07 -72.14
N LEU P 101 18.83 -38.28 -72.35
CA LEU P 101 19.85 -37.38 -71.84
C LEU P 101 20.20 -36.32 -72.87
N ALA P 102 20.08 -36.70 -74.14
CA ALA P 102 20.27 -35.78 -75.27
C ALA P 102 19.15 -34.75 -75.30
N LYS P 103 17.95 -35.18 -74.93
CA LYS P 103 16.79 -34.29 -74.81
C LYS P 103 16.15 -34.49 -73.43
N TRP P 104 16.68 -33.77 -72.45
CA TRP P 104 16.33 -33.94 -71.05
C TRP P 104 15.22 -32.97 -70.61
N GLN P 105 14.42 -33.41 -69.65
CA GLN P 105 13.34 -32.62 -69.04
C GLN P 105 13.41 -32.73 -67.53
N ASN P 106 12.69 -31.85 -66.84
CA ASN P 106 12.58 -31.88 -65.37
C ASN P 106 11.85 -33.12 -64.86
N SER P 107 10.88 -33.59 -65.65
CA SER P 107 10.01 -34.70 -65.27
C SER P 107 10.71 -36.06 -65.23
N TYR P 108 11.84 -36.18 -65.92
CA TYR P 108 12.59 -37.43 -65.95
C TYR P 108 13.26 -37.68 -64.60
N SER P 109 12.97 -38.83 -64.01
CA SER P 109 13.59 -39.23 -62.75
C SER P 109 14.87 -40.04 -63.04
N ILE P 110 15.34 -40.76 -62.03
CA ILE P 110 16.45 -41.70 -62.21
C ILE P 110 15.91 -43.04 -62.73
N LYS P 111 14.78 -43.47 -62.20
CA LYS P 111 14.07 -44.65 -62.67
C LYS P 111 13.91 -44.57 -64.19
N VAL P 112 13.52 -43.40 -64.67
CA VAL P 112 13.25 -43.15 -66.09
C VAL P 112 14.45 -43.47 -66.98
N VAL P 113 15.65 -43.10 -66.52
CA VAL P 113 16.87 -43.32 -67.29
C VAL P 113 17.30 -44.80 -67.27
N LEU P 114 16.79 -45.54 -66.29
CA LEU P 114 17.06 -46.96 -66.18
C LEU P 114 16.15 -47.75 -67.12
N GLN P 115 14.90 -47.32 -67.24
CA GLN P 115 14.01 -47.90 -68.24
C GLN P 115 14.46 -47.58 -69.65
N GLU P 116 15.00 -46.37 -69.85
CA GLU P 116 15.40 -45.92 -71.18
C GLU P 116 16.63 -46.67 -71.70
N LEU P 117 17.54 -47.05 -70.80
CA LEU P 117 18.68 -47.89 -71.17
C LEU P 117 18.20 -49.32 -71.42
N ARG P 118 17.36 -49.81 -70.51
CA ARG P 118 16.71 -51.11 -70.64
C ARG P 118 15.98 -51.22 -71.98
N ARG P 119 15.37 -50.11 -72.39
CA ARG P 119 14.60 -50.03 -73.63
C ARG P 119 15.49 -49.98 -74.86
N LEU P 120 16.59 -49.23 -74.76
CA LEU P 120 17.54 -49.06 -75.88
C LEU P 120 18.33 -50.33 -76.21
N MET P 121 18.44 -51.23 -75.23
CA MET P 121 19.07 -52.53 -75.43
C MET P 121 18.25 -53.40 -76.39
N MET P 122 16.93 -53.17 -76.40
CA MET P 122 15.99 -53.89 -77.26
C MET P 122 16.08 -53.45 -78.73
N SER P 123 16.87 -52.40 -78.98
CA SER P 123 17.05 -51.84 -80.32
C SER P 123 17.83 -52.77 -81.26
N LYS P 124 17.55 -52.65 -82.57
CA LYS P 124 18.13 -53.52 -83.61
C LYS P 124 19.66 -53.60 -83.58
N GLU P 125 20.32 -52.45 -83.62
CA GLU P 125 21.79 -52.37 -83.68
C GLU P 125 22.46 -52.62 -82.33
N ASN P 126 21.68 -53.08 -81.36
CA ASN P 126 22.13 -53.23 -79.99
C ASN P 126 21.83 -54.62 -79.43
N MET P 127 20.72 -55.19 -79.88
CA MET P 127 20.21 -56.47 -79.37
C MET P 127 21.06 -57.68 -79.75
N LYS P 128 21.72 -57.59 -80.90
CA LYS P 128 22.47 -58.73 -81.45
C LYS P 128 24.00 -58.58 -81.37
N LEU P 129 24.48 -57.71 -80.48
CA LEU P 129 25.92 -57.50 -80.29
C LEU P 129 26.52 -58.57 -79.36
N PRO P 130 27.75 -59.04 -79.67
CA PRO P 130 28.42 -60.03 -78.81
C PRO P 130 28.80 -59.46 -77.45
N GLN P 131 28.68 -60.26 -76.40
CA GLN P 131 28.85 -59.78 -75.03
C GLN P 131 30.07 -60.36 -74.29
N PRO P 132 30.68 -59.57 -73.37
CA PRO P 132 31.78 -60.04 -72.52
C PRO P 132 31.27 -60.94 -71.39
N PRO P 133 32.17 -61.73 -70.78
CA PRO P 133 31.77 -62.67 -69.72
C PRO P 133 31.11 -61.98 -68.52
N GLU P 134 30.01 -62.58 -68.05
CA GLU P 134 29.19 -62.00 -66.98
C GLU P 134 29.91 -61.88 -65.64
N GLY P 135 29.40 -60.99 -64.80
CA GLY P 135 29.94 -60.75 -63.46
C GLY P 135 31.34 -60.17 -63.48
N GLN P 136 31.57 -59.25 -64.41
CA GLN P 136 32.88 -58.63 -64.58
C GLN P 136 32.75 -57.11 -64.65
N THR P 137 33.71 -56.42 -64.04
CA THR P 137 33.66 -54.96 -63.90
C THR P 137 34.79 -54.27 -64.68
N TYR P 138 34.76 -52.94 -64.69
CA TYR P 138 35.84 -52.13 -65.28
C TYR P 138 36.87 -51.76 -64.22
N LEU Q 2 1.38 -17.73 -58.60
CA LEU Q 2 1.75 -17.90 -57.16
C LEU Q 2 0.67 -17.30 -56.24
N PRO Q 3 0.13 -18.13 -55.31
CA PRO Q 3 -0.95 -17.70 -54.42
C PRO Q 3 -0.62 -16.46 -53.59
N ARG Q 4 -1.62 -15.61 -53.36
CA ARG Q 4 -1.44 -14.40 -52.56
C ARG Q 4 -1.11 -14.75 -51.11
N ARG Q 5 -1.24 -16.03 -50.79
CA ARG Q 5 -0.87 -16.56 -49.50
C ARG Q 5 0.66 -16.65 -49.35
N ILE Q 6 1.34 -17.17 -50.37
CA ILE Q 6 2.80 -17.34 -50.35
C ILE Q 6 3.48 -15.97 -50.29
N ILE Q 7 2.94 -15.02 -51.06
CA ILE Q 7 3.50 -13.68 -51.14
C ILE Q 7 3.43 -12.96 -49.80
N LYS Q 8 2.33 -13.17 -49.07
CA LYS Q 8 2.14 -12.52 -47.78
C LYS Q 8 2.87 -13.16 -46.60
N GLU Q 9 3.15 -14.45 -46.67
CA GLU Q 9 3.96 -15.10 -45.64
C GLU Q 9 5.44 -14.77 -45.78
N THR Q 10 5.91 -14.66 -47.02
CA THR Q 10 7.28 -14.25 -47.31
C THR Q 10 7.52 -12.84 -46.77
N GLN Q 11 6.50 -11.99 -46.91
CA GLN Q 11 6.53 -10.62 -46.42
C GLN Q 11 6.59 -10.55 -44.90
N ARG Q 12 5.71 -11.32 -44.25
CA ARG Q 12 5.71 -11.43 -42.79
C ARG Q 12 7.04 -11.92 -42.23
N LEU Q 13 7.56 -13.00 -42.81
CA LEU Q 13 8.80 -13.62 -42.36
C LEU Q 13 9.99 -12.69 -42.52
N LEU Q 14 10.12 -12.10 -43.70
CA LEU Q 14 11.24 -11.21 -44.01
C LEU Q 14 11.12 -9.85 -43.30
N ALA Q 15 9.94 -9.56 -42.75
CA ALA Q 15 9.73 -8.34 -41.98
C ALA Q 15 9.81 -8.58 -40.48
N GLU Q 16 9.47 -9.79 -40.04
CA GLU Q 16 9.52 -10.16 -38.62
C GLU Q 16 10.48 -11.31 -38.39
N PRO Q 17 11.80 -11.04 -38.38
CA PRO Q 17 12.71 -12.16 -38.16
C PRO Q 17 12.56 -12.73 -36.75
N VAL Q 18 12.76 -14.04 -36.63
CA VAL Q 18 12.76 -14.73 -35.34
C VAL Q 18 14.22 -14.82 -34.90
N PRO Q 19 14.54 -14.23 -33.73
CA PRO Q 19 15.93 -14.12 -33.26
C PRO Q 19 16.67 -15.44 -33.26
N GLY Q 20 17.69 -15.54 -34.12
CA GLY Q 20 18.48 -16.76 -34.25
C GLY Q 20 18.12 -17.60 -35.46
N ILE Q 21 17.19 -17.11 -36.28
CA ILE Q 21 16.77 -17.80 -37.50
C ILE Q 21 16.77 -16.89 -38.73
N LYS Q 22 17.80 -17.05 -39.56
CA LYS Q 22 17.86 -16.41 -40.88
C LYS Q 22 17.07 -17.27 -41.87
N ALA Q 23 16.20 -16.63 -42.65
CA ALA Q 23 15.39 -17.35 -43.64
C ALA Q 23 15.18 -16.54 -44.93
N GLU Q 24 15.79 -17.02 -46.01
CA GLU Q 24 15.73 -16.37 -47.32
C GLU Q 24 14.97 -17.24 -48.33
N PRO Q 25 14.04 -16.64 -49.11
CA PRO Q 25 13.54 -17.33 -50.30
C PRO Q 25 14.57 -17.27 -51.44
N ASP Q 26 14.66 -18.35 -52.21
CA ASP Q 26 15.60 -18.40 -53.34
C ASP Q 26 15.08 -17.55 -54.49
N GLU Q 27 15.96 -16.73 -55.06
CA GLU Q 27 15.60 -15.81 -56.13
C GLU Q 27 14.94 -16.51 -57.33
N SER Q 28 15.33 -17.76 -57.57
CA SER Q 28 14.77 -18.56 -58.66
C SER Q 28 13.48 -19.27 -58.26
N ASN Q 29 13.52 -20.03 -57.18
CA ASN Q 29 12.33 -20.77 -56.73
C ASN Q 29 11.74 -20.15 -55.46
N ALA Q 30 10.80 -19.23 -55.65
CA ALA Q 30 10.18 -18.48 -54.55
C ALA Q 30 9.30 -19.34 -53.61
N ARG Q 31 9.32 -20.65 -53.80
CA ARG Q 31 8.68 -21.58 -52.87
C ARG Q 31 9.72 -22.20 -51.93
N TYR Q 32 10.98 -22.11 -52.33
CA TYR Q 32 12.10 -22.73 -51.63
C TYR Q 32 12.81 -21.72 -50.73
N PHE Q 33 13.07 -22.14 -49.49
CA PHE Q 33 13.62 -21.28 -48.47
C PHE Q 33 14.93 -21.81 -47.88
N HIS Q 34 16.00 -21.02 -47.99
CA HIS Q 34 17.24 -21.28 -47.27
C HIS Q 34 17.03 -20.87 -45.81
N VAL Q 35 17.27 -21.80 -44.88
CA VAL Q 35 17.10 -21.50 -43.45
C VAL Q 35 18.39 -21.78 -42.67
N VAL Q 36 18.73 -20.89 -41.75
CA VAL Q 36 19.88 -21.08 -40.88
C VAL Q 36 19.44 -20.89 -39.44
N ILE Q 37 19.69 -21.90 -38.59
CA ILE Q 37 19.34 -21.83 -37.16
C ILE Q 37 20.59 -21.77 -36.31
N ALA Q 38 20.69 -20.74 -35.46
CA ALA Q 38 21.75 -20.70 -34.48
C ALA Q 38 21.45 -21.69 -33.38
N GLY Q 39 22.41 -22.56 -33.08
CA GLY Q 39 22.26 -23.51 -31.99
C GLY Q 39 22.03 -22.76 -30.70
N PRO Q 40 20.87 -22.99 -30.03
CA PRO Q 40 20.47 -22.27 -28.83
C PRO Q 40 21.50 -22.39 -27.72
N GLN Q 41 21.65 -21.35 -26.91
CA GLN Q 41 22.59 -21.43 -25.79
C GLN Q 41 22.03 -22.37 -24.72
N ASP Q 42 22.93 -22.84 -23.85
CA ASP Q 42 22.58 -23.77 -22.76
C ASP Q 42 22.06 -25.12 -23.27
N SER Q 43 22.16 -25.34 -24.57
CA SER Q 43 21.73 -26.59 -25.19
C SER Q 43 22.93 -27.28 -25.86
N PRO Q 44 22.86 -28.62 -26.03
CA PRO Q 44 23.97 -29.38 -26.63
C PRO Q 44 24.43 -28.87 -28.00
N PHE Q 45 23.67 -27.94 -28.58
CA PHE Q 45 23.96 -27.47 -29.94
C PHE Q 45 24.54 -26.06 -29.95
N GLU Q 46 24.79 -25.53 -28.76
CA GLU Q 46 25.42 -24.22 -28.60
C GLU Q 46 26.69 -24.15 -29.42
N GLY Q 47 26.89 -23.02 -30.10
CA GLY Q 47 28.09 -22.79 -30.87
C GLY Q 47 27.89 -23.00 -32.36
N GLY Q 48 27.33 -24.15 -32.71
CA GLY Q 48 27.18 -24.52 -34.12
C GLY Q 48 26.01 -23.84 -34.79
N THR Q 49 26.10 -23.69 -36.11
CA THR Q 49 25.01 -23.16 -36.93
C THR Q 49 24.49 -24.24 -37.87
N PHE Q 50 23.17 -24.42 -37.86
CA PHE Q 50 22.56 -25.51 -38.57
C PHE Q 50 21.75 -25.02 -39.76
N LYS Q 51 22.03 -25.63 -40.91
CA LYS Q 51 21.41 -25.24 -42.16
C LYS Q 51 20.20 -26.12 -42.42
N LEU Q 52 19.10 -25.48 -42.82
CA LEU Q 52 17.87 -26.16 -43.17
C LEU Q 52 17.34 -25.66 -44.50
N GLU Q 53 16.47 -26.45 -45.12
CA GLU Q 53 15.77 -26.06 -46.34
C GLU Q 53 14.29 -26.34 -46.19
N LEU Q 54 13.47 -25.45 -46.76
CA LEU Q 54 12.02 -25.51 -46.59
C LEU Q 54 11.30 -25.29 -47.91
N PHE Q 55 10.41 -26.22 -48.27
CA PHE Q 55 9.67 -26.15 -49.53
C PHE Q 55 8.16 -26.09 -49.28
N LEU Q 56 7.46 -25.28 -50.08
CA LEU Q 56 6.01 -25.18 -49.99
C LEU Q 56 5.39 -25.87 -51.21
N PRO Q 57 4.90 -27.11 -51.02
CA PRO Q 57 4.36 -27.95 -52.10
C PRO Q 57 3.24 -27.30 -52.90
N GLU Q 58 2.96 -27.86 -54.08
CA GLU Q 58 1.90 -27.37 -54.96
C GLU Q 58 0.61 -26.99 -54.23
N GLU Q 59 0.23 -27.82 -53.27
CA GLU Q 59 -1.05 -27.67 -52.57
C GLU Q 59 -0.92 -27.10 -51.17
N TYR Q 60 0.15 -26.33 -50.94
CA TYR Q 60 0.24 -25.49 -49.76
C TYR Q 60 -0.82 -24.39 -49.93
N PRO Q 61 -1.52 -24.02 -48.84
CA PRO Q 61 -1.38 -24.41 -47.44
C PRO Q 61 -2.19 -25.64 -47.01
N MET Q 62 -2.90 -26.26 -47.95
CA MET Q 62 -3.67 -27.47 -47.66
C MET Q 62 -2.75 -28.64 -47.35
N ALA Q 63 -1.63 -28.70 -48.06
CA ALA Q 63 -0.55 -29.65 -47.79
C ALA Q 63 0.49 -28.96 -46.94
N ALA Q 64 0.99 -29.65 -45.92
CA ALA Q 64 2.02 -29.11 -45.03
C ALA Q 64 3.34 -28.88 -45.78
N PRO Q 65 4.11 -27.87 -45.37
CA PRO Q 65 5.42 -27.64 -45.99
C PRO Q 65 6.38 -28.79 -45.68
N LYS Q 66 7.27 -29.10 -46.63
CA LYS Q 66 8.33 -30.08 -46.40
C LYS Q 66 9.57 -29.36 -45.86
N VAL Q 67 10.14 -29.90 -44.78
CA VAL Q 67 11.35 -29.33 -44.16
C VAL Q 67 12.39 -30.42 -43.89
N ARG Q 68 13.66 -30.02 -43.86
CA ARG Q 68 14.79 -30.94 -43.73
C ARG Q 68 16.07 -30.24 -43.31
N PHE Q 69 16.76 -30.82 -42.32
CA PHE Q 69 18.10 -30.37 -41.90
C PHE Q 69 19.10 -30.68 -42.98
N MET Q 70 19.93 -29.70 -43.33
CA MET Q 70 21.02 -29.92 -44.30
C MET Q 70 22.33 -30.25 -43.59
N THR Q 71 22.37 -29.96 -42.29
CA THR Q 71 23.52 -30.21 -41.45
C THR Q 71 23.31 -31.44 -40.56
N LYS Q 72 24.27 -32.36 -40.54
CA LYS Q 72 24.18 -33.51 -39.64
C LYS Q 72 23.94 -33.04 -38.21
N ILE Q 73 23.08 -33.78 -37.50
CA ILE Q 73 22.67 -33.43 -36.14
C ILE Q 73 22.16 -34.64 -35.34
N TYR Q 74 22.77 -34.87 -34.18
CA TYR Q 74 22.35 -35.94 -33.27
C TYR Q 74 21.17 -35.41 -32.47
N HIS Q 75 19.98 -35.91 -32.82
CA HIS Q 75 18.73 -35.42 -32.24
C HIS Q 75 17.68 -36.50 -32.39
N PRO Q 76 16.78 -36.64 -31.39
CA PRO Q 76 15.71 -37.63 -31.48
C PRO Q 76 14.76 -37.37 -32.65
N ASN Q 77 14.43 -36.10 -32.86
CA ASN Q 77 13.45 -35.71 -33.85
C ASN Q 77 14.01 -35.57 -35.27
N VAL Q 78 15.31 -35.84 -35.43
CA VAL Q 78 15.94 -35.86 -36.75
C VAL Q 78 16.52 -37.24 -37.01
N ASP Q 79 16.50 -37.67 -38.27
CA ASP Q 79 17.10 -38.95 -38.67
C ASP Q 79 18.44 -38.74 -39.40
N LYS Q 80 19.04 -39.83 -39.86
CA LYS Q 80 20.36 -39.80 -40.50
C LYS Q 80 20.42 -39.01 -41.80
N LEU Q 81 19.29 -38.91 -42.50
CA LEU Q 81 19.22 -38.18 -43.77
C LEU Q 81 18.67 -36.77 -43.65
N GLY Q 82 18.41 -36.33 -42.42
CA GLY Q 82 18.01 -34.94 -42.16
C GLY Q 82 16.53 -34.66 -42.07
N ARG Q 83 15.70 -35.70 -42.24
CA ARG Q 83 14.25 -35.56 -42.14
C ARG Q 83 13.81 -35.17 -40.73
N ILE Q 84 12.75 -34.36 -40.64
CA ILE Q 84 12.26 -33.88 -39.34
C ILE Q 84 10.96 -34.54 -38.93
N CYS Q 85 10.96 -35.20 -37.79
CA CYS Q 85 9.75 -35.76 -37.22
C CYS Q 85 9.07 -34.74 -36.30
N LEU Q 86 7.97 -34.16 -36.77
CA LEU Q 86 7.30 -33.08 -36.05
C LEU Q 86 5.81 -33.09 -36.33
N ASP Q 87 5.02 -32.95 -35.26
CA ASP Q 87 3.56 -33.05 -35.31
C ASP Q 87 2.93 -32.13 -36.33
N ILE Q 88 3.36 -30.88 -36.33
CA ILE Q 88 2.77 -29.87 -37.20
C ILE Q 88 3.16 -30.07 -38.66
N LEU Q 89 4.16 -30.92 -38.91
CA LEU Q 89 4.65 -31.15 -40.27
C LEU Q 89 3.93 -32.28 -40.99
N LYS Q 90 3.01 -32.94 -40.29
CA LYS Q 90 2.21 -33.98 -40.91
C LYS Q 90 0.82 -34.06 -40.30
N ASP Q 91 0.70 -34.82 -39.21
CA ASP Q 91 -0.58 -35.16 -38.62
C ASP Q 91 -1.42 -33.97 -38.14
N LYS Q 92 -0.77 -32.97 -37.54
CA LYS Q 92 -1.50 -31.88 -36.89
C LYS Q 92 -1.32 -30.52 -37.57
N TRP Q 93 -1.19 -30.56 -38.90
CA TRP Q 93 -1.08 -29.36 -39.70
C TRP Q 93 -2.45 -28.84 -40.10
N SER Q 94 -2.73 -27.59 -39.72
CA SER Q 94 -3.91 -26.89 -40.22
C SER Q 94 -3.43 -25.86 -41.22
N PRO Q 95 -4.24 -25.56 -42.25
CA PRO Q 95 -3.84 -24.57 -43.25
C PRO Q 95 -3.74 -23.15 -42.66
N ALA Q 96 -4.23 -22.99 -41.44
CA ALA Q 96 -4.15 -21.72 -40.71
C ALA Q 96 -2.76 -21.45 -40.13
N LEU Q 97 -1.93 -22.49 -40.02
CA LEU Q 97 -0.56 -22.33 -39.51
C LEU Q 97 0.36 -21.73 -40.57
N GLN Q 98 1.35 -20.95 -40.13
CA GLN Q 98 2.26 -20.32 -41.06
C GLN Q 98 3.70 -20.81 -40.87
N ILE Q 99 4.58 -20.40 -41.80
CA ILE Q 99 5.96 -20.83 -41.81
C ILE Q 99 6.70 -20.51 -40.51
N ARG Q 100 6.55 -19.29 -39.99
CA ARG Q 100 7.26 -18.90 -38.77
C ARG Q 100 6.89 -19.76 -37.57
N THR Q 101 5.65 -20.26 -37.54
CA THR Q 101 5.19 -21.20 -36.52
C THR Q 101 5.89 -22.56 -36.68
N VAL Q 102 6.07 -22.98 -37.93
CA VAL Q 102 6.84 -24.18 -38.24
C VAL Q 102 8.28 -23.98 -37.84
N LEU Q 103 8.80 -22.81 -38.23
CA LEU Q 103 10.21 -22.51 -38.11
C LEU Q 103 10.67 -22.36 -36.66
N LEU Q 104 9.85 -21.71 -35.83
CA LEU Q 104 10.23 -21.57 -34.43
C LEU Q 104 9.71 -22.73 -33.57
N SER Q 105 9.09 -23.72 -34.21
CA SER Q 105 8.82 -25.00 -33.57
C SER Q 105 10.05 -25.88 -33.63
N ILE Q 106 10.74 -25.80 -34.76
CA ILE Q 106 11.99 -26.52 -34.98
C ILE Q 106 13.05 -26.01 -33.99
N GLN Q 107 13.09 -24.70 -33.79
CA GLN Q 107 13.98 -24.07 -32.83
C GLN Q 107 13.68 -24.47 -31.38
N ALA Q 108 12.44 -24.86 -31.11
CA ALA Q 108 12.02 -25.30 -29.78
C ALA Q 108 12.50 -26.71 -29.49
N LEU Q 109 12.68 -27.48 -30.56
CA LEU Q 109 13.21 -28.84 -30.46
C LEU Q 109 14.71 -28.85 -30.13
N LEU Q 110 15.48 -27.95 -30.75
CA LEU Q 110 16.91 -27.83 -30.47
C LEU Q 110 17.22 -27.34 -29.07
N SER Q 111 16.41 -26.41 -28.58
CA SER Q 111 16.64 -25.79 -27.28
C SER Q 111 16.25 -26.70 -26.11
N ALA Q 112 15.27 -27.57 -26.35
CA ALA Q 112 14.88 -28.56 -25.34
C ALA Q 112 14.39 -29.83 -26.03
N PRO Q 113 15.34 -30.64 -26.53
CA PRO Q 113 14.99 -31.86 -27.28
C PRO Q 113 14.17 -32.85 -26.44
N ASN Q 114 12.92 -33.09 -26.86
CA ASN Q 114 12.07 -34.03 -26.14
C ASN Q 114 12.20 -35.46 -26.68
N PRO Q 115 12.77 -36.36 -25.86
CA PRO Q 115 13.07 -37.73 -26.29
C PRO Q 115 11.82 -38.62 -26.40
N ASP Q 116 10.71 -38.19 -25.82
CA ASP Q 116 9.53 -39.04 -25.63
C ASP Q 116 8.52 -39.02 -26.79
N ASP Q 117 8.85 -39.72 -27.88
CA ASP Q 117 7.93 -39.99 -28.99
C ASP Q 117 8.29 -41.33 -29.67
N PRO Q 118 7.37 -42.32 -29.63
CA PRO Q 118 7.70 -43.68 -30.13
C PRO Q 118 8.04 -43.71 -31.63
N LEU Q 119 7.40 -42.80 -32.38
CA LEU Q 119 7.59 -42.65 -33.83
C LEU Q 119 9.04 -42.31 -34.20
N ALA Q 120 9.94 -42.39 -33.22
CA ALA Q 120 11.34 -42.00 -33.42
C ALA Q 120 12.37 -43.14 -33.38
N ASN Q 121 13.60 -42.77 -33.74
CA ASN Q 121 14.69 -43.69 -34.09
C ASN Q 121 15.41 -44.37 -32.92
N ASP Q 122 16.69 -44.68 -33.14
CA ASP Q 122 17.57 -45.21 -32.10
C ASP Q 122 18.16 -44.11 -31.25
N VAL Q 123 18.26 -42.92 -31.83
CA VAL Q 123 18.70 -41.72 -31.14
C VAL Q 123 17.75 -41.41 -29.98
N ALA Q 124 16.46 -41.55 -30.25
CA ALA Q 124 15.40 -41.22 -29.28
C ALA Q 124 15.41 -42.10 -28.04
N GLU Q 125 15.56 -43.41 -28.21
CA GLU Q 125 15.61 -44.32 -27.07
C GLU Q 125 16.98 -44.31 -26.38
N GLN Q 126 18.01 -43.87 -27.11
CA GLN Q 126 19.33 -43.64 -26.54
C GLN Q 126 19.31 -42.45 -25.60
N TRP Q 127 18.65 -41.39 -26.04
CA TRP Q 127 18.44 -40.17 -25.25
C TRP Q 127 17.53 -40.42 -24.06
N LYS Q 128 16.68 -41.45 -24.16
CA LYS Q 128 15.64 -41.73 -23.17
C LYS Q 128 16.19 -42.39 -21.91
N THR Q 129 17.30 -43.12 -22.04
CA THR Q 129 17.90 -43.83 -20.90
C THR Q 129 19.30 -43.31 -20.57
N ASN Q 130 20.08 -43.04 -21.61
CA ASN Q 130 21.42 -42.48 -21.46
C ASN Q 130 21.46 -41.00 -21.83
N GLU Q 131 20.74 -40.18 -21.08
CA GLU Q 131 20.60 -38.77 -21.41
C GLU Q 131 21.95 -38.05 -21.46
N ALA Q 132 22.64 -37.96 -20.33
CA ALA Q 132 23.94 -37.29 -20.26
C ALA Q 132 24.93 -37.80 -21.31
N GLN Q 133 24.88 -39.10 -21.59
CA GLN Q 133 25.66 -39.74 -22.66
C GLN Q 133 25.28 -39.20 -24.04
N ALA Q 134 23.99 -38.96 -24.25
CA ALA Q 134 23.49 -38.44 -25.51
C ALA Q 134 23.80 -36.95 -25.69
N ILE Q 135 23.69 -36.15 -24.62
CA ILE Q 135 24.01 -34.72 -24.70
C ILE Q 135 25.46 -34.49 -25.13
N GLU Q 136 26.38 -35.29 -24.59
CA GLU Q 136 27.77 -35.27 -24.99
C GLU Q 136 27.95 -35.63 -26.47
N THR Q 137 27.24 -36.67 -26.92
CA THR Q 137 27.31 -37.10 -28.33
C THR Q 137 26.86 -35.97 -29.27
N ALA Q 138 25.78 -35.29 -28.91
CA ALA Q 138 25.24 -34.18 -29.70
C ALA Q 138 26.18 -32.99 -29.68
N ARG Q 139 26.76 -32.74 -28.50
CA ARG Q 139 27.81 -31.74 -28.30
C ARG Q 139 29.00 -32.00 -29.23
N ALA Q 140 29.39 -33.28 -29.32
CA ALA Q 140 30.47 -33.72 -30.19
C ALA Q 140 30.11 -33.52 -31.66
N TRP Q 141 28.90 -33.91 -32.05
CA TRP Q 141 28.45 -33.79 -33.43
C TRP Q 141 28.29 -32.32 -33.84
N THR Q 142 28.00 -31.45 -32.87
CA THR Q 142 27.89 -30.02 -33.14
C THR Q 142 29.24 -29.42 -33.54
N ARG Q 143 30.31 -29.88 -32.88
CA ARG Q 143 31.67 -29.41 -33.15
C ARG Q 143 32.23 -29.96 -34.48
N LEU Q 144 31.69 -31.10 -34.89
CA LEU Q 144 32.21 -31.84 -36.03
C LEU Q 144 31.52 -31.47 -37.34
N TYR Q 145 30.22 -31.18 -37.28
CA TYR Q 145 29.41 -30.94 -38.48
C TYR Q 145 28.79 -29.55 -38.59
N ALA Q 146 28.77 -28.80 -37.51
CA ALA Q 146 28.13 -27.48 -37.55
C ALA Q 146 29.06 -26.32 -37.20
N MET Q 147 30.35 -26.63 -36.99
CA MET Q 147 31.31 -25.63 -36.53
C MET Q 147 32.06 -24.95 -37.66
N ASN Q 148 32.16 -25.62 -38.81
CA ASN Q 148 32.85 -25.07 -39.97
C ASN Q 148 31.97 -25.06 -41.22
N VAL R 2 -62.60 6.11 -69.31
CA VAL R 2 -61.66 5.91 -68.17
C VAL R 2 -60.34 5.31 -68.66
N LYS R 3 -59.25 6.02 -68.41
CA LYS R 3 -57.89 5.54 -68.72
C LYS R 3 -57.30 4.79 -67.52
N VAL R 4 -56.80 3.59 -67.79
CA VAL R 4 -56.13 2.78 -66.76
C VAL R 4 -54.65 3.15 -66.71
N PRO R 5 -54.15 3.56 -65.52
CA PRO R 5 -52.71 3.86 -65.38
C PRO R 5 -51.88 2.59 -65.41
N ARG R 6 -50.63 2.71 -65.84
CA ARG R 6 -49.73 1.58 -66.08
C ARG R 6 -49.79 0.49 -65.02
N ASN R 7 -49.45 0.87 -63.80
CA ASN R 7 -49.34 -0.08 -62.69
C ASN R 7 -50.58 -0.94 -62.49
N PHE R 8 -51.75 -0.28 -62.43
CA PHE R 8 -53.01 -0.99 -62.22
C PHE R 8 -53.41 -1.81 -63.43
N ARG R 9 -53.06 -1.32 -64.61
CA ARG R 9 -53.27 -2.03 -65.86
C ARG R 9 -52.55 -3.37 -65.85
N LEU R 10 -51.30 -3.35 -65.38
CA LEU R 10 -50.47 -4.54 -65.28
C LEU R 10 -50.96 -5.49 -64.20
N LEU R 11 -51.43 -4.94 -63.07
CA LEU R 11 -52.04 -5.75 -62.00
C LEU R 11 -53.22 -6.60 -62.49
N GLU R 12 -54.02 -6.05 -63.40
CA GLU R 12 -55.05 -6.81 -64.09
C GLU R 12 -54.42 -7.94 -64.89
N GLU R 13 -53.47 -7.59 -65.76
CA GLU R 13 -52.81 -8.56 -66.64
C GLU R 13 -52.10 -9.64 -65.85
N LEU R 14 -51.83 -9.37 -64.58
CA LEU R 14 -51.29 -10.37 -63.70
C LEU R 14 -52.37 -11.40 -63.30
N GLU R 15 -53.58 -10.94 -62.98
CA GLU R 15 -54.69 -11.82 -62.58
C GLU R 15 -55.21 -12.59 -63.79
N GLU R 16 -55.51 -11.85 -64.85
CA GLU R 16 -55.86 -12.41 -66.14
C GLU R 16 -54.89 -13.54 -66.45
N GLY R 17 -53.60 -13.25 -66.36
CA GLY R 17 -52.56 -14.21 -66.63
C GLY R 17 -52.71 -15.51 -65.88
N GLN R 18 -52.70 -15.42 -64.55
CA GLN R 18 -52.67 -16.61 -63.71
C GLN R 18 -54.01 -17.35 -63.63
N LYS R 19 -55.07 -16.72 -64.11
CA LYS R 19 -56.36 -17.39 -64.23
C LYS R 19 -56.45 -18.07 -65.58
N GLY R 20 -55.72 -17.54 -66.55
CA GLY R 20 -55.62 -18.12 -67.89
C GLY R 20 -56.85 -17.90 -68.74
N VAL R 21 -56.63 -17.66 -70.04
CA VAL R 21 -57.73 -17.38 -70.96
C VAL R 21 -57.73 -18.31 -72.16
N GLY R 22 -58.92 -18.52 -72.72
CA GLY R 22 -59.10 -19.40 -73.87
C GLY R 22 -58.67 -20.81 -73.55
N ASP R 23 -58.14 -21.50 -74.55
CA ASP R 23 -57.64 -22.86 -74.40
C ASP R 23 -56.19 -22.87 -73.91
N GLY R 24 -55.73 -21.73 -73.42
CA GLY R 24 -54.41 -21.60 -72.82
C GLY R 24 -53.21 -21.83 -73.73
N THR R 25 -53.43 -21.79 -75.05
CA THR R 25 -52.33 -21.97 -76.00
C THR R 25 -51.36 -20.80 -75.96
N VAL R 26 -51.78 -19.73 -75.28
CA VAL R 26 -50.85 -18.69 -74.85
C VAL R 26 -51.01 -18.48 -73.36
N SER R 27 -49.89 -18.19 -72.70
CA SER R 27 -49.89 -17.93 -71.27
C SER R 27 -48.74 -17.03 -70.87
N TRP R 28 -48.98 -16.22 -69.85
CA TRP R 28 -47.98 -15.27 -69.35
C TRP R 28 -48.00 -15.17 -67.82
N GLY R 29 -46.96 -14.56 -67.26
CA GLY R 29 -46.84 -14.37 -65.82
C GLY R 29 -45.62 -13.55 -65.47
N LEU R 30 -45.59 -13.03 -64.24
CA LEU R 30 -44.48 -12.20 -63.78
C LEU R 30 -43.23 -13.03 -63.63
N GLU R 31 -42.16 -12.61 -64.30
CA GLU R 31 -40.90 -13.34 -64.28
C GLU R 31 -40.30 -13.36 -62.87
N ASP R 32 -40.14 -12.18 -62.30
CA ASP R 32 -39.64 -12.03 -60.93
C ASP R 32 -40.81 -11.72 -60.02
N ASP R 33 -41.23 -12.72 -59.25
CA ASP R 33 -42.41 -12.59 -58.36
C ASP R 33 -42.20 -11.62 -57.17
N GLU R 34 -41.13 -10.84 -57.22
CA GLU R 34 -40.87 -9.77 -56.26
C GLU R 34 -40.79 -8.40 -56.94
N ASP R 35 -40.75 -8.42 -58.26
CA ASP R 35 -40.63 -7.21 -59.07
C ASP R 35 -41.83 -6.30 -58.85
N MET R 36 -41.67 -5.33 -57.96
CA MET R 36 -42.72 -4.35 -57.66
C MET R 36 -42.99 -3.43 -58.85
N THR R 37 -41.96 -3.19 -59.66
CA THR R 37 -42.08 -2.36 -60.86
C THR R 37 -42.90 -3.04 -61.97
N LEU R 38 -43.14 -4.34 -61.84
CA LEU R 38 -43.96 -5.16 -62.77
C LEU R 38 -43.49 -5.07 -64.21
N THR R 39 -42.17 -5.09 -64.43
CA THR R 39 -41.60 -4.83 -65.75
C THR R 39 -41.25 -6.10 -66.51
N ARG R 40 -40.74 -7.11 -65.80
CA ARG R 40 -40.26 -8.33 -66.43
C ARG R 40 -41.28 -9.45 -66.33
N TRP R 41 -41.79 -9.83 -67.50
CA TRP R 41 -42.81 -10.88 -67.62
C TRP R 41 -42.30 -12.05 -68.46
N THR R 42 -42.85 -13.23 -68.21
CA THR R 42 -42.57 -14.41 -69.01
C THR R 42 -43.80 -14.75 -69.82
N GLY R 43 -43.60 -14.99 -71.12
CA GLY R 43 -44.67 -15.42 -72.02
C GLY R 43 -44.49 -16.87 -72.44
N MET R 44 -45.54 -17.47 -73.01
CA MET R 44 -45.50 -18.84 -73.51
C MET R 44 -46.46 -19.07 -74.66
N ILE R 45 -46.01 -19.87 -75.64
CA ILE R 45 -46.79 -20.19 -76.83
C ILE R 45 -46.79 -21.70 -77.05
N ILE R 46 -47.95 -22.24 -77.40
CA ILE R 46 -48.02 -23.58 -77.98
C ILE R 46 -48.11 -23.39 -79.50
N GLY R 47 -47.14 -23.97 -80.23
CA GLY R 47 -47.16 -23.96 -81.68
C GLY R 47 -48.48 -24.50 -82.20
N PRO R 48 -49.12 -23.79 -83.13
CA PRO R 48 -50.44 -24.19 -83.64
C PRO R 48 -50.39 -25.48 -84.48
N PRO R 49 -51.49 -26.26 -84.50
CA PRO R 49 -51.56 -27.51 -85.26
C PRO R 49 -51.30 -27.38 -86.76
N ARG R 50 -50.81 -28.45 -87.37
CA ARG R 50 -50.49 -28.54 -88.81
C ARG R 50 -49.55 -27.43 -89.30
N THR R 51 -48.52 -27.14 -88.49
CA THR R 51 -47.41 -26.28 -88.88
C THR R 51 -46.14 -26.99 -88.44
N ASN R 52 -44.98 -26.46 -88.82
CA ASN R 52 -43.72 -27.03 -88.35
C ASN R 52 -43.41 -26.65 -86.91
N TYR R 53 -44.32 -25.87 -86.31
CA TYR R 53 -44.23 -25.43 -84.92
C TYR R 53 -45.09 -26.32 -84.02
N GLU R 54 -45.90 -27.19 -84.63
CA GLU R 54 -46.93 -27.97 -83.94
C GLU R 54 -46.40 -28.69 -82.71
N ASN R 55 -47.17 -28.57 -81.63
CA ASN R 55 -46.82 -29.15 -80.33
C ASN R 55 -45.37 -28.86 -79.95
N ARG R 56 -45.08 -27.60 -79.66
CA ARG R 56 -43.75 -27.15 -79.22
C ARG R 56 -43.89 -25.96 -78.30
N ILE R 57 -43.39 -26.10 -77.06
CA ILE R 57 -43.49 -25.01 -76.10
C ILE R 57 -42.36 -23.99 -76.27
N TYR R 58 -42.75 -22.78 -76.63
CA TYR R 58 -41.83 -21.68 -76.79
C TYR R 58 -42.04 -20.70 -75.65
N SER R 59 -40.98 -20.40 -74.91
CA SER R 59 -41.08 -19.41 -73.84
C SER R 59 -40.45 -18.09 -74.24
N LEU R 60 -41.04 -17.00 -73.78
CA LEU R 60 -40.63 -15.67 -74.18
C LEU R 60 -40.37 -14.77 -72.99
N LYS R 61 -39.63 -13.69 -73.23
CA LYS R 61 -39.38 -12.68 -72.24
C LYS R 61 -40.06 -11.41 -72.71
N VAL R 62 -41.00 -10.92 -71.92
CA VAL R 62 -41.75 -9.72 -72.25
C VAL R 62 -41.45 -8.64 -71.23
N GLU R 63 -40.97 -7.49 -71.71
CA GLU R 63 -40.61 -6.37 -70.85
C GLU R 63 -41.50 -5.16 -71.15
N CYS R 64 -42.06 -4.58 -70.10
CA CYS R 64 -42.93 -3.42 -70.23
C CYS R 64 -42.24 -2.13 -69.78
N GLY R 65 -41.94 -1.26 -70.74
CA GLY R 65 -41.35 0.04 -70.45
C GLY R 65 -42.20 0.89 -69.52
N PRO R 66 -41.61 1.99 -69.00
CA PRO R 66 -42.35 2.88 -68.09
C PRO R 66 -43.48 3.63 -68.80
N LYS R 67 -43.58 3.48 -70.12
CA LYS R 67 -44.62 4.12 -70.91
C LYS R 67 -45.76 3.17 -71.32
N TYR R 68 -45.60 1.88 -71.01
CA TYR R 68 -46.63 0.87 -71.27
C TYR R 68 -47.91 1.17 -70.46
N PRO R 69 -49.12 0.99 -71.06
CA PRO R 69 -49.42 0.46 -72.39
C PRO R 69 -49.59 1.50 -73.50
N GLU R 70 -49.14 2.74 -73.25
CA GLU R 70 -49.12 3.77 -74.30
C GLU R 70 -48.06 3.43 -75.35
N ALA R 71 -46.96 2.85 -74.90
CA ALA R 71 -45.92 2.32 -75.77
C ALA R 71 -46.01 0.79 -75.77
N PRO R 72 -45.57 0.14 -76.86
CA PRO R 72 -45.62 -1.33 -76.88
C PRO R 72 -44.61 -1.94 -75.90
N PRO R 73 -44.70 -3.26 -75.64
CA PRO R 73 -43.63 -3.92 -74.88
C PRO R 73 -42.51 -4.33 -75.82
N SER R 74 -41.41 -4.83 -75.27
CA SER R 74 -40.32 -5.37 -76.09
C SER R 74 -40.17 -6.87 -75.84
N VAL R 75 -40.47 -7.63 -76.87
CA VAL R 75 -40.64 -9.09 -76.75
C VAL R 75 -39.48 -9.80 -77.39
N ARG R 76 -38.92 -10.79 -76.69
CA ARG R 76 -37.93 -11.69 -77.29
C ARG R 76 -38.13 -13.16 -76.94
N PHE R 77 -37.78 -14.04 -77.87
CA PHE R 77 -37.88 -15.47 -77.65
C PHE R 77 -36.67 -15.96 -76.88
N VAL R 78 -36.87 -17.00 -76.09
CA VAL R 78 -35.77 -17.67 -75.43
C VAL R 78 -35.58 -19.07 -75.98
N THR R 79 -36.68 -19.75 -76.31
CA THR R 79 -36.63 -21.01 -77.06
C THR R 79 -36.23 -20.70 -78.49
N LYS R 80 -35.22 -21.39 -79.00
CA LYS R 80 -34.75 -21.18 -80.37
C LYS R 80 -35.83 -21.47 -81.39
N ILE R 81 -36.05 -20.50 -82.27
CA ILE R 81 -37.14 -20.56 -83.25
C ILE R 81 -36.71 -20.00 -84.59
N ASN R 82 -37.15 -20.65 -85.67
CA ASN R 82 -37.04 -20.09 -87.00
C ASN R 82 -38.36 -19.46 -87.39
N MET R 83 -38.36 -18.12 -87.41
CA MET R 83 -39.58 -17.36 -87.67
C MET R 83 -39.20 -15.96 -88.13
N ASN R 84 -39.85 -15.50 -89.18
CA ASN R 84 -39.60 -14.16 -89.71
C ASN R 84 -39.89 -13.09 -88.67
N GLY R 85 -38.96 -12.14 -88.54
CA GLY R 85 -39.07 -11.07 -87.56
C GLY R 85 -38.38 -11.38 -86.25
N ILE R 86 -37.94 -12.62 -86.09
CA ILE R 86 -37.17 -13.00 -84.91
C ILE R 86 -35.68 -13.02 -85.24
N ASN R 87 -34.95 -12.15 -84.55
CA ASN R 87 -33.50 -12.08 -84.62
C ASN R 87 -32.88 -13.42 -84.28
N ASN R 88 -32.14 -13.98 -85.23
CA ASN R 88 -31.57 -15.32 -85.08
C ASN R 88 -30.50 -15.44 -83.98
N SER R 89 -29.85 -14.32 -83.64
CA SER R 89 -28.79 -14.29 -82.64
C SER R 89 -29.29 -13.98 -81.23
N SER R 90 -30.30 -13.11 -81.14
CA SER R 90 -30.75 -12.57 -79.85
C SER R 90 -32.07 -13.15 -79.39
N GLY R 91 -32.90 -13.56 -80.35
CA GLY R 91 -34.26 -14.01 -80.08
C GLY R 91 -35.24 -12.84 -80.21
N MET R 92 -34.70 -11.66 -80.48
CA MET R 92 -35.45 -10.40 -80.52
C MET R 92 -36.54 -10.36 -81.59
N VAL R 93 -37.71 -9.85 -81.20
CA VAL R 93 -38.83 -9.75 -82.10
C VAL R 93 -38.89 -8.36 -82.72
N ASP R 94 -38.63 -8.30 -84.03
CA ASP R 94 -38.65 -7.07 -84.80
C ASP R 94 -40.07 -6.54 -84.90
N ALA R 95 -40.32 -5.44 -84.18
CA ALA R 95 -41.64 -4.80 -84.10
C ALA R 95 -42.28 -4.48 -85.46
N ARG R 96 -41.45 -4.08 -86.43
CA ARG R 96 -41.90 -3.73 -87.79
C ARG R 96 -42.65 -4.86 -88.48
N SER R 97 -42.19 -6.10 -88.26
CA SER R 97 -42.77 -7.28 -88.89
C SER R 97 -44.01 -7.80 -88.14
N ILE R 98 -44.39 -7.12 -87.06
CA ILE R 98 -45.50 -7.59 -86.19
C ILE R 98 -46.63 -6.56 -86.09
N PRO R 99 -47.76 -6.80 -86.79
CA PRO R 99 -48.82 -5.80 -86.99
C PRO R 99 -49.41 -5.26 -85.69
N VAL R 100 -49.41 -6.08 -84.65
CA VAL R 100 -49.95 -5.69 -83.35
C VAL R 100 -49.00 -4.73 -82.61
N LEU R 101 -47.70 -4.86 -82.90
CA LEU R 101 -46.68 -3.99 -82.32
C LEU R 101 -46.40 -2.77 -83.20
N ALA R 102 -46.47 -2.97 -84.51
CA ALA R 102 -46.28 -1.89 -85.48
C ALA R 102 -47.39 -0.85 -85.37
N LYS R 103 -48.62 -1.32 -85.20
CA LYS R 103 -49.78 -0.43 -84.98
C LYS R 103 -50.35 -0.64 -83.59
N TRP R 104 -49.51 -0.41 -82.58
CA TRP R 104 -49.85 -0.67 -81.18
C TRP R 104 -50.99 0.22 -80.65
N GLN R 105 -51.84 -0.38 -79.82
CA GLN R 105 -52.97 0.30 -79.18
C GLN R 105 -52.85 0.24 -77.66
N ASN R 106 -53.35 1.27 -76.99
CA ASN R 106 -53.33 1.28 -75.53
C ASN R 106 -54.41 0.38 -74.91
N SER R 107 -55.12 -0.33 -75.78
CA SER R 107 -56.10 -1.34 -75.37
C SER R 107 -55.49 -2.74 -75.39
N TYR R 108 -54.38 -2.88 -76.10
CA TYR R 108 -53.70 -4.17 -76.25
C TYR R 108 -52.96 -4.57 -74.98
N SER R 109 -52.79 -5.88 -74.81
CA SER R 109 -52.14 -6.43 -73.63
C SER R 109 -51.09 -7.45 -74.07
N ILE R 110 -50.39 -8.05 -73.12
CA ILE R 110 -49.48 -9.17 -73.38
C ILE R 110 -50.25 -10.33 -74.04
N LYS R 111 -51.48 -10.55 -73.60
CA LYS R 111 -52.36 -11.55 -74.20
C LYS R 111 -52.45 -11.41 -75.71
N VAL R 112 -52.74 -10.19 -76.18
CA VAL R 112 -52.89 -9.91 -77.61
C VAL R 112 -51.58 -10.14 -78.38
N VAL R 113 -50.45 -9.79 -77.76
CA VAL R 113 -49.14 -9.92 -78.39
C VAL R 113 -48.78 -11.37 -78.66
N LEU R 114 -48.88 -12.19 -77.62
CA LEU R 114 -48.57 -13.61 -77.72
C LEU R 114 -49.55 -14.32 -78.68
N GLN R 115 -50.81 -13.88 -78.68
CA GLN R 115 -51.83 -14.46 -79.54
C GLN R 115 -51.57 -14.18 -81.00
N GLU R 116 -51.03 -12.99 -81.29
CA GLU R 116 -50.68 -12.61 -82.66
C GLU R 116 -49.40 -13.31 -83.11
N LEU R 117 -48.49 -13.52 -82.17
CA LEU R 117 -47.28 -14.30 -82.42
C LEU R 117 -47.61 -15.74 -82.76
N ARG R 118 -48.56 -16.33 -82.04
CA ARG R 118 -49.04 -17.68 -82.33
C ARG R 118 -49.76 -17.70 -83.68
N ARG R 119 -50.46 -16.61 -83.99
CA ARG R 119 -51.16 -16.48 -85.27
C ARG R 119 -50.17 -16.48 -86.42
N LEU R 120 -49.12 -15.67 -86.30
CA LEU R 120 -48.16 -15.50 -87.38
C LEU R 120 -47.31 -16.76 -87.62
N MET R 121 -47.44 -17.72 -86.70
CA MET R 121 -46.86 -19.05 -86.88
C MET R 121 -47.71 -19.86 -87.86
N MET R 122 -48.96 -19.45 -88.04
CA MET R 122 -49.84 -20.08 -89.04
C MET R 122 -49.62 -19.48 -90.43
N SER R 123 -48.82 -18.42 -90.51
CA SER R 123 -48.53 -17.73 -91.78
C SER R 123 -47.90 -18.65 -92.79
N LYS R 124 -48.30 -18.47 -94.05
CA LYS R 124 -47.80 -19.28 -95.16
C LYS R 124 -46.27 -19.24 -95.27
N GLU R 125 -45.70 -18.07 -95.03
CA GLU R 125 -44.24 -17.88 -95.09
C GLU R 125 -43.50 -18.53 -93.92
N ASN R 126 -44.21 -18.77 -92.82
CA ASN R 126 -43.59 -19.29 -91.59
C ASN R 126 -43.81 -20.78 -91.31
N MET R 127 -44.98 -21.31 -91.72
CA MET R 127 -45.39 -22.68 -91.38
C MET R 127 -44.52 -23.78 -91.99
N LYS R 128 -43.86 -23.47 -93.10
CA LYS R 128 -43.03 -24.41 -93.84
C LYS R 128 -41.56 -24.35 -93.41
N LEU R 129 -41.19 -23.37 -92.61
CA LEU R 129 -39.79 -23.17 -92.21
C LEU R 129 -39.25 -24.32 -91.37
N PRO R 130 -38.12 -24.92 -91.80
CA PRO R 130 -37.44 -25.95 -90.99
C PRO R 130 -37.11 -25.43 -89.60
N GLN R 131 -37.34 -26.25 -88.58
CA GLN R 131 -37.15 -25.83 -87.21
C GLN R 131 -35.93 -26.49 -86.55
N PRO R 132 -35.27 -25.80 -85.61
CA PRO R 132 -34.15 -26.38 -84.87
C PRO R 132 -34.60 -27.49 -83.91
N PRO R 133 -33.69 -28.47 -83.63
CA PRO R 133 -33.92 -29.50 -82.63
C PRO R 133 -34.38 -28.93 -81.29
N GLU R 134 -35.42 -29.54 -80.74
CA GLU R 134 -36.08 -29.11 -79.50
C GLU R 134 -35.11 -29.08 -78.32
N GLY R 135 -35.21 -28.04 -77.51
CA GLY R 135 -34.33 -27.88 -76.35
C GLY R 135 -33.45 -26.65 -76.38
N GLN R 136 -33.03 -26.24 -77.58
CA GLN R 136 -32.12 -25.10 -77.75
C GLN R 136 -32.68 -23.77 -77.25
N THR R 137 -31.79 -22.89 -76.81
CA THR R 137 -32.14 -21.56 -76.31
C THR R 137 -31.25 -20.48 -76.93
N TYR R 138 -31.45 -19.23 -76.53
CA TYR R 138 -30.66 -18.13 -77.06
C TYR R 138 -29.53 -17.72 -76.10
N GLY S 1 -66.30 14.84 -67.60
CA GLY S 1 -67.19 13.65 -67.58
C GLY S 1 -67.12 12.85 -66.28
N LEU S 2 -66.40 13.40 -65.29
CA LEU S 2 -66.27 12.79 -63.96
C LEU S 2 -67.55 12.83 -63.15
N PRO S 3 -67.87 11.72 -62.44
CA PRO S 3 -68.91 11.76 -61.41
C PRO S 3 -68.62 12.83 -60.38
N ARG S 4 -69.67 13.56 -59.98
CA ARG S 4 -69.56 14.68 -59.04
C ARG S 4 -68.97 14.27 -57.69
N ARG S 5 -69.30 13.06 -57.25
CA ARG S 5 -68.80 12.54 -55.97
C ARG S 5 -67.28 12.58 -55.89
N ILE S 6 -66.63 12.21 -56.99
CA ILE S 6 -65.17 12.19 -57.07
C ILE S 6 -64.59 13.61 -56.99
N ILE S 7 -65.27 14.56 -57.64
CA ILE S 7 -64.86 15.97 -57.61
C ILE S 7 -64.94 16.56 -56.19
N LYS S 8 -66.04 16.26 -55.49
CA LYS S 8 -66.22 16.71 -54.11
C LYS S 8 -65.26 15.97 -53.17
N GLU S 9 -64.94 14.72 -53.49
CA GLU S 9 -64.10 13.87 -52.65
C GLU S 9 -62.62 14.24 -52.73
N THR S 10 -62.13 14.48 -53.95
CA THR S 10 -60.76 14.94 -54.16
C THR S 10 -60.54 16.24 -53.39
N GLN S 11 -61.52 17.14 -53.51
CA GLN S 11 -61.46 18.45 -52.88
C GLN S 11 -61.57 18.43 -51.37
N ARG S 12 -62.25 17.42 -50.84
CA ARG S 12 -62.30 17.20 -49.41
C ARG S 12 -60.93 16.76 -48.90
N LEU S 13 -60.22 15.97 -49.71
CA LEU S 13 -58.89 15.47 -49.37
C LEU S 13 -57.85 16.58 -49.26
N LEU S 14 -57.86 17.49 -50.23
CA LEU S 14 -56.89 18.59 -50.30
C LEU S 14 -57.12 19.66 -49.24
N ALA S 15 -58.38 19.89 -48.89
CA ALA S 15 -58.76 20.84 -47.84
C ALA S 15 -58.70 20.22 -46.45
N GLU S 16 -59.08 18.95 -46.34
CA GLU S 16 -59.06 18.21 -45.08
C GLU S 16 -57.99 17.10 -45.15
N PRO S 17 -56.71 17.47 -44.92
CA PRO S 17 -55.67 16.45 -45.00
C PRO S 17 -55.71 15.54 -43.79
N VAL S 18 -55.57 14.24 -44.02
CA VAL S 18 -55.56 13.26 -42.93
C VAL S 18 -54.19 13.30 -42.24
N PRO S 19 -54.16 13.58 -40.92
CA PRO S 19 -52.91 13.68 -40.16
C PRO S 19 -52.10 12.40 -40.24
N GLY S 20 -51.02 12.43 -41.00
CA GLY S 20 -50.16 11.26 -41.22
C GLY S 20 -50.20 10.73 -42.64
N ILE S 21 -51.12 11.25 -43.44
CA ILE S 21 -51.36 10.76 -44.79
C ILE S 21 -51.34 11.87 -45.84
N LYS S 22 -50.44 11.75 -46.82
CA LYS S 22 -50.49 12.55 -48.05
C LYS S 22 -51.36 11.85 -49.09
N ALA S 23 -52.05 12.65 -49.92
CA ALA S 23 -52.81 12.12 -51.06
C ALA S 23 -53.00 13.22 -52.10
N GLU S 24 -52.58 12.95 -53.33
CA GLU S 24 -52.73 13.91 -54.44
C GLU S 24 -53.16 13.20 -55.73
N PRO S 25 -54.13 13.76 -56.45
CA PRO S 25 -54.43 13.19 -57.77
C PRO S 25 -53.29 13.43 -58.75
N ASP S 26 -53.13 12.55 -59.73
CA ASP S 26 -52.22 12.79 -60.84
C ASP S 26 -52.84 13.81 -61.80
N GLU S 27 -52.02 14.65 -62.43
CA GLU S 27 -52.55 15.67 -63.34
C GLU S 27 -52.84 15.16 -64.76
N SER S 28 -52.63 13.86 -64.97
CA SER S 28 -53.04 13.22 -66.22
C SER S 28 -54.18 12.23 -66.00
N ASN S 29 -54.52 11.97 -64.74
CA ASN S 29 -55.64 11.10 -64.41
C ASN S 29 -56.27 11.49 -63.08
N ALA S 30 -57.53 11.90 -63.11
CA ALA S 30 -58.24 12.36 -61.91
C ALA S 30 -58.68 11.20 -61.01
N ARG S 31 -58.80 10.02 -61.60
CA ARG S 31 -59.19 8.80 -60.88
C ARG S 31 -58.00 8.08 -60.26
N TYR S 32 -56.80 8.65 -60.43
CA TYR S 32 -55.55 8.04 -59.97
C TYR S 32 -54.81 8.91 -58.95
N PHE S 33 -54.48 8.32 -57.81
CA PHE S 33 -53.97 9.06 -56.67
C PHE S 33 -52.63 8.54 -56.19
N HIS S 34 -51.74 9.46 -55.81
CA HIS S 34 -50.50 9.11 -55.15
C HIS S 34 -50.67 9.33 -53.66
N VAL S 35 -50.39 8.29 -52.87
CA VAL S 35 -50.58 8.33 -51.43
C VAL S 35 -49.24 8.09 -50.73
N VAL S 36 -49.03 8.75 -49.59
CA VAL S 36 -47.86 8.50 -48.74
C VAL S 36 -48.28 8.41 -47.27
N ILE S 37 -48.07 7.23 -46.68
CA ILE S 37 -48.38 6.99 -45.28
C ILE S 37 -47.09 6.89 -44.49
N ALA S 38 -46.94 7.71 -43.46
CA ALA S 38 -45.80 7.60 -42.55
C ALA S 38 -46.09 6.54 -41.49
N GLY S 39 -45.09 5.71 -41.21
CA GLY S 39 -45.22 4.61 -40.25
C GLY S 39 -45.70 5.06 -38.88
N PRO S 40 -46.79 4.45 -38.37
CA PRO S 40 -47.48 4.88 -37.14
C PRO S 40 -46.67 4.75 -35.86
N GLN S 41 -47.07 5.52 -34.84
CA GLN S 41 -46.45 5.49 -33.52
C GLN S 41 -46.54 4.12 -32.88
N ASP S 42 -45.49 3.74 -32.17
CA ASP S 42 -45.38 2.44 -31.47
C ASP S 42 -45.55 1.21 -32.37
N SER S 43 -45.34 1.39 -33.67
CA SER S 43 -45.36 0.29 -34.61
C SER S 43 -43.95 0.01 -35.11
N PRO S 44 -43.69 -1.23 -35.58
CA PRO S 44 -42.40 -1.58 -36.16
C PRO S 44 -42.10 -0.89 -37.50
N PHE S 45 -43.00 -0.02 -37.95
CA PHE S 45 -42.84 0.65 -39.23
C PHE S 45 -42.58 2.15 -39.09
N GLU S 46 -42.66 2.67 -37.87
CA GLU S 46 -42.48 4.09 -37.64
C GLU S 46 -41.08 4.57 -37.97
N GLY S 47 -40.97 5.83 -38.35
CA GLY S 47 -39.68 6.42 -38.73
C GLY S 47 -39.48 6.48 -40.23
N GLY S 48 -40.23 5.68 -40.97
CA GLY S 48 -40.15 5.63 -42.42
C GLY S 48 -41.48 5.90 -43.09
N THR S 49 -41.43 6.40 -44.33
CA THR S 49 -42.64 6.66 -45.10
C THR S 49 -42.88 5.61 -46.19
N PHE S 50 -44.14 5.21 -46.35
CA PHE S 50 -44.53 4.21 -47.33
C PHE S 50 -45.42 4.83 -48.39
N LYS S 51 -44.94 4.79 -49.63
CA LYS S 51 -45.70 5.32 -50.77
C LYS S 51 -46.71 4.29 -51.28
N LEU S 52 -47.93 4.76 -51.55
CA LEU S 52 -48.97 3.91 -52.09
C LEU S 52 -49.56 4.55 -53.33
N GLU S 53 -50.31 3.78 -54.10
CA GLU S 53 -51.08 4.35 -55.20
C GLU S 53 -52.53 3.87 -55.18
N LEU S 54 -53.43 4.75 -55.59
CA LEU S 54 -54.87 4.48 -55.52
C LEU S 54 -55.53 4.72 -56.85
N PHE S 55 -56.49 3.85 -57.17
CA PHE S 55 -57.27 3.98 -58.39
C PHE S 55 -58.75 3.74 -58.13
N LEU S 56 -59.58 4.49 -58.85
CA LEU S 56 -61.02 4.33 -58.78
C LEU S 56 -61.50 3.77 -60.13
N PRO S 57 -61.95 2.50 -60.13
CA PRO S 57 -62.45 1.92 -61.38
C PRO S 57 -63.76 2.59 -61.77
N GLU S 58 -64.12 2.53 -63.04
CA GLU S 58 -65.36 3.15 -63.52
C GLU S 58 -66.52 2.96 -62.52
N GLU S 59 -66.71 1.71 -62.07
CA GLU S 59 -67.82 1.34 -61.19
C GLU S 59 -67.85 2.00 -59.80
N TYR S 60 -66.77 2.68 -59.42
CA TYR S 60 -66.77 3.46 -58.18
C TYR S 60 -67.96 4.42 -58.20
N PRO S 61 -68.69 4.54 -57.08
CA PRO S 61 -68.44 3.97 -55.76
C PRO S 61 -69.10 2.61 -55.52
N MET S 62 -69.79 2.09 -56.53
CA MET S 62 -70.40 0.77 -56.42
C MET S 62 -69.31 -0.29 -56.35
N ALA S 63 -68.22 -0.04 -57.07
CA ALA S 63 -67.00 -0.84 -56.96
C ALA S 63 -66.04 -0.25 -55.92
N ALA S 64 -65.33 -1.13 -55.23
CA ALA S 64 -64.29 -0.71 -54.30
C ALA S 64 -63.14 0.00 -55.03
N PRO S 65 -62.45 0.93 -54.35
CA PRO S 65 -61.22 1.47 -54.96
C PRO S 65 -60.11 0.42 -54.94
N LYS S 66 -59.08 0.64 -55.76
CA LYS S 66 -57.97 -0.29 -55.85
C LYS S 66 -56.70 0.33 -55.25
N VAL S 67 -56.14 -0.32 -54.25
CA VAL S 67 -54.99 0.22 -53.52
C VAL S 67 -53.79 -0.74 -53.56
N ARG S 68 -52.58 -0.18 -53.56
CA ARG S 68 -51.35 -0.95 -53.65
C ARG S 68 -50.18 -0.16 -53.04
N PHE S 69 -49.25 -0.87 -52.40
CA PHE S 69 -48.02 -0.26 -51.89
C PHE S 69 -46.98 -0.12 -53.00
N MET S 70 -46.10 0.87 -52.86
CA MET S 70 -45.06 1.14 -53.85
C MET S 70 -43.67 0.96 -53.28
N THR S 71 -43.55 1.09 -51.95
CA THR S 71 -42.34 0.72 -51.22
C THR S 71 -42.54 -0.63 -50.55
N LYS S 72 -41.46 -1.42 -50.49
CA LYS S 72 -41.50 -2.77 -49.91
C LYS S 72 -41.70 -2.74 -48.40
N ILE S 73 -42.47 -3.71 -47.89
CA ILE S 73 -42.89 -3.72 -46.49
C ILE S 73 -43.20 -5.15 -45.99
N TYR S 74 -42.69 -5.49 -44.80
CA TYR S 74 -42.92 -6.80 -44.19
C TYR S 74 -44.14 -6.77 -43.27
N HIS S 75 -45.29 -7.12 -43.84
CA HIS S 75 -46.59 -7.02 -43.16
C HIS S 75 -47.44 -8.26 -43.47
N PRO S 76 -48.25 -8.74 -42.49
CA PRO S 76 -49.06 -9.95 -42.70
C PRO S 76 -50.21 -9.74 -43.68
N ASN S 77 -50.59 -8.48 -43.88
CA ASN S 77 -51.69 -8.13 -44.77
C ASN S 77 -51.23 -7.46 -46.07
N VAL S 78 -49.96 -7.64 -46.41
CA VAL S 78 -49.41 -7.11 -47.67
C VAL S 78 -48.55 -8.16 -48.34
N ASP S 79 -48.89 -8.53 -49.58
CA ASP S 79 -48.12 -9.55 -50.30
C ASP S 79 -46.89 -8.97 -51.00
N LYS S 80 -46.22 -9.80 -51.79
CA LYS S 80 -44.95 -9.47 -52.43
C LYS S 80 -44.97 -8.22 -53.33
N LEU S 81 -46.11 -7.97 -53.96
CA LEU S 81 -46.22 -6.91 -54.95
C LEU S 81 -46.95 -5.68 -54.42
N GLY S 82 -47.17 -5.65 -53.11
CA GLY S 82 -47.79 -4.51 -52.46
C GLY S 82 -49.30 -4.57 -52.35
N ARG S 83 -49.89 -5.69 -52.76
CA ARG S 83 -51.34 -5.85 -52.68
C ARG S 83 -51.81 -6.06 -51.25
N ILE S 84 -52.89 -5.38 -50.91
CA ILE S 84 -53.39 -5.36 -49.53
C ILE S 84 -54.55 -6.33 -49.32
N CYS S 85 -54.41 -7.18 -48.29
CA CYS S 85 -55.49 -8.06 -47.84
C CYS S 85 -56.34 -7.36 -46.78
N LEU S 86 -57.10 -6.36 -47.22
CA LEU S 86 -58.04 -5.64 -46.37
C LEU S 86 -59.47 -6.00 -46.75
N ASP S 87 -60.32 -6.12 -45.73
CA ASP S 87 -61.68 -6.65 -45.89
C ASP S 87 -62.57 -5.66 -46.62
N ILE S 88 -62.45 -4.39 -46.23
CA ILE S 88 -63.26 -3.34 -46.83
C ILE S 88 -62.80 -3.05 -48.25
N LEU S 89 -61.74 -3.72 -48.69
CA LEU S 89 -61.25 -3.56 -50.05
C LEU S 89 -61.89 -4.50 -51.09
N LYS S 90 -62.68 -5.46 -50.63
CA LYS S 90 -63.53 -6.24 -51.54
C LYS S 90 -64.88 -6.66 -50.95
N ASP S 91 -64.87 -7.53 -49.94
CA ASP S 91 -66.11 -8.03 -49.33
C ASP S 91 -66.90 -6.92 -48.66
N LYS S 92 -66.29 -6.26 -47.69
CA LYS S 92 -66.98 -5.32 -46.81
C LYS S 92 -67.08 -3.89 -47.35
N TRP S 93 -66.81 -3.72 -48.64
CA TRP S 93 -66.93 -2.42 -49.26
C TRP S 93 -68.39 -2.04 -49.40
N SER S 94 -68.73 -0.83 -48.97
CA SER S 94 -70.02 -0.24 -49.27
C SER S 94 -69.79 1.19 -49.76
N PRO S 95 -70.68 1.69 -50.65
CA PRO S 95 -70.51 3.05 -51.16
C PRO S 95 -70.60 4.16 -50.09
N ALA S 96 -71.00 3.79 -48.86
CA ALA S 96 -71.02 4.74 -47.73
C ALA S 96 -69.59 5.19 -47.39
N LEU S 97 -68.66 4.25 -47.44
CA LEU S 97 -67.25 4.54 -47.18
C LEU S 97 -66.67 5.30 -48.36
N GLN S 98 -65.43 5.75 -48.23
CA GLN S 98 -64.79 6.57 -49.26
C GLN S 98 -63.26 6.53 -49.15
N ILE S 99 -62.58 7.24 -50.06
CA ILE S 99 -61.11 7.27 -50.11
C ILE S 99 -60.50 7.48 -48.72
N ARG S 100 -60.98 8.50 -48.02
CA ARG S 100 -60.53 8.83 -46.66
C ARG S 100 -60.65 7.63 -45.72
N THR S 101 -61.79 6.93 -45.78
CA THR S 101 -62.04 5.76 -44.92
C THR S 101 -61.10 4.60 -45.24
N VAL S 102 -60.74 4.47 -46.52
CA VAL S 102 -59.81 3.43 -46.98
C VAL S 102 -58.39 3.71 -46.48
N LEU S 103 -57.98 4.97 -46.58
CA LEU S 103 -56.64 5.39 -46.21
C LEU S 103 -56.43 5.36 -44.70
N LEU S 104 -57.47 5.71 -43.96
CA LEU S 104 -57.42 5.78 -42.51
C LEU S 104 -57.53 4.38 -41.93
N SER S 105 -57.94 3.44 -42.77
CA SER S 105 -58.08 2.04 -42.43
C SER S 105 -56.78 1.28 -42.67
N ILE S 106 -56.06 1.69 -43.70
CA ILE S 106 -54.76 1.08 -44.04
C ILE S 106 -53.67 1.42 -43.01
N GLN S 107 -53.63 2.67 -42.55
CA GLN S 107 -52.66 3.06 -41.53
C GLN S 107 -52.97 2.45 -40.16
N ALA S 108 -54.25 2.22 -39.89
CA ALA S 108 -54.70 1.59 -38.65
C ALA S 108 -54.33 0.11 -38.66
N LEU S 109 -54.13 -0.42 -39.86
CA LEU S 109 -53.69 -1.79 -40.06
C LEU S 109 -52.18 -1.93 -39.81
N LEU S 110 -51.45 -0.82 -39.93
CA LEU S 110 -50.01 -0.84 -39.68
C LEU S 110 -49.72 -0.82 -38.18
N SER S 111 -50.61 -0.19 -37.42
CA SER S 111 -50.53 -0.20 -35.95
C SER S 111 -51.15 -1.47 -35.36
N ALA S 112 -51.98 -2.13 -36.17
CA ALA S 112 -52.60 -3.38 -35.78
C ALA S 112 -52.68 -4.35 -36.97
N PRO S 113 -51.62 -5.15 -37.18
CA PRO S 113 -51.61 -6.15 -38.25
C PRO S 113 -52.59 -7.28 -37.96
N ASN S 114 -53.17 -7.85 -39.01
CA ASN S 114 -54.18 -8.91 -38.89
C ASN S 114 -53.71 -10.28 -39.44
N PRO S 115 -52.96 -11.06 -38.63
CA PRO S 115 -52.45 -12.35 -39.06
C PRO S 115 -53.55 -13.40 -39.26
N ASP S 116 -54.78 -13.06 -38.86
CA ASP S 116 -55.89 -14.01 -38.92
C ASP S 116 -56.69 -14.04 -40.22
N ASP S 117 -56.42 -13.08 -41.12
CA ASP S 117 -57.06 -13.04 -42.44
C ASP S 117 -56.86 -14.39 -43.16
N PRO S 118 -57.96 -15.02 -43.62
CA PRO S 118 -57.89 -16.34 -44.26
C PRO S 118 -57.21 -16.32 -45.63
N LEU S 119 -57.10 -15.13 -46.22
CA LEU S 119 -56.48 -14.96 -47.52
C LEU S 119 -55.01 -14.53 -47.38
N ALA S 120 -54.54 -14.37 -46.15
CA ALA S 120 -53.18 -13.90 -45.88
C ALA S 120 -52.09 -14.93 -46.23
N ASN S 121 -50.88 -14.41 -46.43
CA ASN S 121 -49.74 -15.14 -46.97
C ASN S 121 -48.95 -15.97 -45.95
N ASP S 122 -47.62 -15.85 -46.01
CA ASP S 122 -46.73 -16.64 -45.18
C ASP S 122 -46.05 -15.77 -44.14
N VAL S 123 -46.15 -14.46 -44.34
CA VAL S 123 -45.67 -13.46 -43.39
C VAL S 123 -46.56 -13.54 -42.15
N ALA S 124 -47.86 -13.70 -42.37
CA ALA S 124 -48.83 -13.91 -41.29
C ALA S 124 -48.52 -15.20 -40.51
N GLU S 125 -48.02 -16.21 -41.23
CA GLU S 125 -47.61 -17.47 -40.62
C GLU S 125 -46.41 -17.28 -39.69
N GLN S 126 -45.41 -16.55 -40.17
CA GLN S 126 -44.24 -16.20 -39.36
C GLN S 126 -44.63 -15.29 -38.18
N TRP S 127 -45.60 -14.42 -38.41
CA TRP S 127 -46.05 -13.44 -37.43
C TRP S 127 -46.73 -14.08 -36.23
N LYS S 128 -47.40 -15.21 -36.44
CA LYS S 128 -48.08 -15.91 -35.35
C LYS S 128 -47.10 -16.74 -34.50
N THR S 129 -46.36 -17.63 -35.16
CA THR S 129 -45.48 -18.58 -34.47
C THR S 129 -44.28 -17.89 -33.82
N ASN S 130 -43.79 -16.82 -34.44
CA ASN S 130 -42.65 -16.08 -33.94
C ASN S 130 -42.76 -14.59 -34.26
N GLU S 131 -43.52 -13.86 -33.45
CA GLU S 131 -43.77 -12.44 -33.72
C GLU S 131 -42.60 -11.52 -33.38
N ALA S 132 -41.78 -11.94 -32.42
CA ALA S 132 -40.60 -11.18 -32.02
C ALA S 132 -39.60 -11.03 -33.17
N GLN S 133 -39.37 -12.12 -33.91
CA GLN S 133 -38.49 -12.10 -35.08
C GLN S 133 -39.18 -11.41 -36.26
N ALA S 134 -40.49 -11.56 -36.34
CA ALA S 134 -41.30 -10.92 -37.36
C ALA S 134 -41.23 -9.39 -37.24
N ILE S 135 -41.54 -8.87 -36.05
CA ILE S 135 -41.50 -7.42 -35.79
C ILE S 135 -40.13 -6.80 -36.09
N GLU S 136 -39.07 -7.54 -35.78
CA GLU S 136 -37.71 -7.04 -36.05
C GLU S 136 -37.36 -7.15 -37.53
N THR S 137 -38.02 -8.06 -38.24
CA THR S 137 -37.88 -8.14 -39.69
C THR S 137 -38.58 -6.94 -40.32
N ALA S 138 -39.68 -6.50 -39.70
CA ALA S 138 -40.37 -5.28 -40.11
C ALA S 138 -39.52 -4.05 -39.84
N ARG S 139 -38.91 -3.99 -38.65
CA ARG S 139 -37.95 -2.95 -38.28
C ARG S 139 -36.91 -2.74 -39.38
N ALA S 140 -36.24 -3.83 -39.75
CA ALA S 140 -35.14 -3.80 -40.72
C ALA S 140 -35.60 -3.42 -42.13
N TRP S 141 -36.79 -3.89 -42.51
CA TRP S 141 -37.34 -3.58 -43.83
C TRP S 141 -37.74 -2.12 -43.97
N THR S 142 -38.26 -1.55 -42.88
CA THR S 142 -38.52 -0.11 -42.80
C THR S 142 -37.22 0.66 -43.05
N ARG S 143 -36.14 0.17 -42.46
CA ARG S 143 -34.85 0.87 -42.50
C ARG S 143 -34.07 0.63 -43.79
N LEU S 144 -34.46 -0.37 -44.56
CA LEU S 144 -33.81 -0.64 -45.84
C LEU S 144 -34.56 -0.03 -47.03
N TYR S 145 -35.87 0.22 -46.86
CA TYR S 145 -36.72 0.59 -47.99
C TYR S 145 -37.57 1.86 -47.82
N ALA S 146 -37.99 2.14 -46.58
CA ALA S 146 -38.87 3.28 -46.31
C ALA S 146 -38.18 4.54 -45.76
N MET S 147 -36.86 4.65 -45.98
CA MET S 147 -36.08 5.75 -45.40
C MET S 147 -35.68 6.84 -46.40
N ASN S 148 -35.33 6.43 -47.61
CA ASN S 148 -35.16 7.35 -48.74
C ASN S 148 -35.55 6.72 -50.09
N GLY T 1 -4.42 -29.07 -18.00
CA GLY T 1 -4.97 -27.68 -18.01
C GLY T 1 -4.04 -26.69 -17.31
N VAL T 2 -4.22 -25.41 -17.63
CA VAL T 2 -3.39 -24.35 -17.06
C VAL T 2 -4.22 -23.41 -16.19
N LYS T 3 -3.70 -23.10 -15.00
CA LYS T 3 -4.37 -22.22 -14.05
C LYS T 3 -3.67 -20.86 -14.00
N VAL T 4 -4.43 -19.81 -14.32
CA VAL T 4 -3.92 -18.44 -14.35
C VAL T 4 -4.13 -17.79 -12.98
N PRO T 5 -3.08 -17.17 -12.43
CA PRO T 5 -3.19 -16.48 -11.14
C PRO T 5 -3.98 -15.18 -11.27
N ARG T 6 -4.55 -14.73 -10.16
CA ARG T 6 -5.41 -13.54 -10.14
C ARG T 6 -4.84 -12.36 -10.91
N ASN T 7 -3.62 -11.96 -10.54
CA ASN T 7 -2.97 -10.79 -11.10
C ASN T 7 -2.79 -10.85 -12.62
N PHE T 8 -2.78 -12.06 -13.16
CA PHE T 8 -2.61 -12.23 -14.59
C PHE T 8 -3.93 -12.40 -15.32
N ARG T 9 -4.92 -12.99 -14.63
CA ARG T 9 -6.28 -13.08 -15.15
C ARG T 9 -6.92 -11.70 -15.29
N LEU T 10 -6.69 -10.84 -14.30
CA LEU T 10 -7.16 -9.47 -14.36
C LEU T 10 -6.45 -8.68 -15.45
N LEU T 11 -5.18 -9.02 -15.71
CA LEU T 11 -4.43 -8.39 -16.78
C LEU T 11 -5.00 -8.74 -18.16
N GLU T 12 -5.50 -9.97 -18.30
CA GLU T 12 -6.23 -10.39 -19.51
C GLU T 12 -7.45 -9.51 -19.72
N GLU T 13 -8.20 -9.29 -18.64
CA GLU T 13 -9.46 -8.56 -18.70
C GLU T 13 -9.24 -7.09 -19.05
N LEU T 14 -8.11 -6.55 -18.62
CA LEU T 14 -7.72 -5.18 -18.95
C LEU T 14 -7.43 -5.06 -20.45
N GLU T 15 -6.74 -6.05 -21.00
CA GLU T 15 -6.48 -6.16 -22.43
C GLU T 15 -7.76 -6.23 -23.24
N GLU T 16 -8.70 -7.07 -22.80
CA GLU T 16 -9.98 -7.23 -23.50
C GLU T 16 -10.86 -5.98 -23.33
N GLY T 17 -10.54 -5.16 -22.33
CA GLY T 17 -11.23 -3.90 -22.11
C GLY T 17 -10.80 -2.83 -23.10
N GLN T 18 -9.56 -2.92 -23.57
CA GLN T 18 -9.05 -1.98 -24.57
C GLN T 18 -9.59 -2.26 -25.97
N LYS T 19 -9.43 -3.50 -26.45
CA LYS T 19 -9.93 -3.89 -27.79
C LYS T 19 -11.43 -3.65 -27.92
N GLY T 20 -12.19 -4.08 -26.91
CA GLY T 20 -13.64 -4.01 -26.94
C GLY T 20 -14.22 -5.24 -27.62
N VAL T 21 -15.36 -5.71 -27.09
CA VAL T 21 -15.98 -6.96 -27.54
C VAL T 21 -17.15 -6.71 -28.49
N GLY T 22 -17.31 -7.61 -29.46
CA GLY T 22 -18.44 -7.62 -30.39
C GLY T 22 -19.10 -6.29 -30.69
N ASP T 23 -20.39 -6.20 -30.37
CA ASP T 23 -21.17 -4.99 -30.63
C ASP T 23 -20.86 -3.86 -29.67
N GLY T 24 -20.16 -4.18 -28.58
CA GLY T 24 -19.75 -3.20 -27.58
C GLY T 24 -20.91 -2.62 -26.82
N THR T 25 -21.85 -3.47 -26.42
CA THR T 25 -22.97 -3.05 -25.58
C THR T 25 -22.61 -3.16 -24.09
N VAL T 26 -21.55 -3.92 -23.82
CA VAL T 26 -20.94 -3.94 -22.50
C VAL T 26 -19.48 -3.51 -22.62
N SER T 27 -19.03 -2.70 -21.67
CA SER T 27 -17.67 -2.19 -21.67
C SER T 27 -17.14 -2.11 -20.25
N TRP T 28 -15.82 -2.27 -20.09
CA TRP T 28 -15.18 -2.23 -18.77
C TRP T 28 -13.70 -1.84 -18.83
N GLY T 29 -13.26 -1.09 -17.83
CA GLY T 29 -11.87 -0.64 -17.72
C GLY T 29 -11.48 -0.32 -16.29
N LEU T 30 -10.19 -0.10 -16.07
CA LEU T 30 -9.66 0.16 -14.75
C LEU T 30 -10.03 1.56 -14.28
N GLU T 31 -10.46 1.66 -13.02
CA GLU T 31 -10.91 2.92 -12.43
C GLU T 31 -9.72 3.82 -12.04
N ASP T 32 -8.70 3.21 -11.47
CA ASP T 32 -7.50 3.90 -11.01
C ASP T 32 -6.31 3.42 -11.82
N ASP T 33 -5.65 4.35 -12.52
CA ASP T 33 -4.52 4.02 -13.39
C ASP T 33 -3.18 3.83 -12.67
N GLU T 34 -3.19 3.96 -11.33
CA GLU T 34 -2.04 3.62 -10.49
C GLU T 34 -2.28 2.33 -9.72
N ASP T 35 -3.53 1.84 -9.72
CA ASP T 35 -3.94 0.65 -8.98
C ASP T 35 -3.25 -0.62 -9.50
N MET T 36 -2.07 -0.90 -8.95
CA MET T 36 -1.25 -2.02 -9.41
C MET T 36 -1.87 -3.38 -9.04
N THR T 37 -2.78 -3.37 -8.07
CA THR T 37 -3.43 -4.58 -7.61
C THR T 37 -4.67 -4.91 -8.42
N LEU T 38 -5.03 -3.99 -9.33
CA LEU T 38 -6.12 -4.18 -10.29
C LEU T 38 -7.42 -4.60 -9.60
N THR T 39 -7.84 -3.81 -8.60
CA THR T 39 -9.01 -4.16 -7.82
C THR T 39 -10.25 -3.38 -8.26
N ARG T 40 -10.11 -2.06 -8.35
CA ARG T 40 -11.24 -1.19 -8.66
C ARG T 40 -11.43 -0.99 -10.17
N TRP T 41 -12.57 -1.45 -10.68
CA TRP T 41 -12.92 -1.35 -12.10
C TRP T 41 -14.19 -0.52 -12.27
N THR T 42 -14.34 0.07 -13.46
CA THR T 42 -15.62 0.67 -13.87
C THR T 42 -16.24 -0.11 -15.02
N GLY T 43 -17.57 -0.11 -15.06
CA GLY T 43 -18.33 -0.78 -16.11
C GLY T 43 -19.21 0.16 -16.89
N MET T 44 -19.77 -0.34 -17.99
CA MET T 44 -20.59 0.46 -18.89
C MET T 44 -21.58 -0.45 -19.61
N ILE T 45 -22.86 -0.11 -19.53
CA ILE T 45 -23.92 -0.89 -20.15
C ILE T 45 -24.79 -0.03 -21.07
N ILE T 46 -25.03 -0.52 -22.28
CA ILE T 46 -26.06 0.01 -23.18
C ILE T 46 -27.30 -0.85 -23.00
N GLY T 47 -28.43 -0.21 -22.73
CA GLY T 47 -29.70 -0.91 -22.48
C GLY T 47 -30.19 -1.70 -23.68
N PRO T 48 -30.66 -2.94 -23.45
CA PRO T 48 -31.07 -3.87 -24.50
C PRO T 48 -32.31 -3.39 -25.26
N PRO T 49 -32.57 -3.96 -26.46
CA PRO T 49 -33.73 -3.54 -27.26
C PRO T 49 -35.07 -3.93 -26.63
N ARG T 50 -36.12 -3.20 -27.01
CA ARG T 50 -37.51 -3.42 -26.56
C ARG T 50 -37.73 -3.36 -25.04
N THR T 51 -37.02 -2.46 -24.36
CA THR T 51 -37.20 -2.22 -22.93
C THR T 51 -37.20 -0.73 -22.63
N ASN T 52 -37.55 -0.35 -21.39
CA ASN T 52 -37.43 1.03 -20.93
C ASN T 52 -35.97 1.44 -20.70
N TYR T 53 -35.10 0.43 -20.66
CA TYR T 53 -33.67 0.65 -20.54
C TYR T 53 -33.05 1.05 -21.88
N GLU T 54 -33.78 0.79 -22.96
CA GLU T 54 -33.30 1.03 -24.33
C GLU T 54 -32.40 2.23 -24.51
N ASN T 55 -31.19 1.95 -25.00
CA ASN T 55 -30.18 2.97 -25.33
C ASN T 55 -29.81 3.93 -24.20
N ARG T 56 -29.79 3.43 -22.97
CA ARG T 56 -29.32 4.23 -21.86
C ARG T 56 -27.91 3.77 -21.48
N ILE T 57 -27.04 4.74 -21.21
CA ILE T 57 -25.67 4.45 -20.82
C ILE T 57 -25.62 4.32 -19.31
N TYR T 58 -25.35 3.11 -18.82
CA TYR T 58 -25.26 2.86 -17.38
C TYR T 58 -23.83 2.73 -16.89
N SER T 59 -23.50 3.52 -15.88
CA SER T 59 -22.19 3.49 -15.27
C SER T 59 -22.21 2.61 -14.02
N LEU T 60 -21.18 1.76 -13.89
CA LEU T 60 -21.07 0.86 -12.75
C LEU T 60 -19.66 0.88 -12.14
N LYS T 61 -19.54 0.23 -10.98
CA LYS T 61 -18.23 -0.01 -10.38
C LYS T 61 -18.14 -1.49 -10.04
N VAL T 62 -17.00 -2.10 -10.36
CA VAL T 62 -16.78 -3.51 -10.07
C VAL T 62 -15.52 -3.68 -9.22
N GLU T 63 -15.69 -4.22 -8.02
CA GLU T 63 -14.57 -4.51 -7.13
C GLU T 63 -14.17 -5.97 -7.29
N CYS T 64 -12.88 -6.22 -7.41
CA CYS T 64 -12.36 -7.58 -7.48
C CYS T 64 -11.40 -7.84 -6.33
N GLY T 65 -11.96 -8.30 -5.21
CA GLY T 65 -11.21 -8.56 -4.00
C GLY T 65 -10.07 -9.54 -4.24
N PRO T 66 -9.12 -9.61 -3.29
CA PRO T 66 -7.95 -10.46 -3.43
C PRO T 66 -8.28 -11.92 -3.75
N LYS T 67 -9.51 -12.32 -3.47
CA LYS T 67 -9.93 -13.71 -3.69
C LYS T 67 -10.58 -13.95 -5.06
N TYR T 68 -10.67 -12.90 -5.87
CA TYR T 68 -11.08 -13.01 -7.27
C TYR T 68 -10.07 -13.92 -7.98
N PRO T 69 -10.52 -14.75 -8.93
CA PRO T 69 -11.90 -14.97 -9.37
C PRO T 69 -12.57 -16.18 -8.71
N GLU T 70 -12.00 -16.66 -7.61
CA GLU T 70 -12.56 -17.81 -6.90
C GLU T 70 -13.86 -17.40 -6.21
N ALA T 71 -13.85 -16.21 -5.62
CA ALA T 71 -15.06 -15.60 -5.08
C ALA T 71 -15.52 -14.51 -6.05
N PRO T 72 -16.84 -14.30 -6.16
CA PRO T 72 -17.39 -13.33 -7.11
C PRO T 72 -17.02 -11.87 -6.78
N PRO T 73 -16.96 -11.00 -7.80
CA PRO T 73 -16.67 -9.59 -7.62
C PRO T 73 -17.89 -8.79 -7.18
N SER T 74 -17.67 -7.71 -6.42
CA SER T 74 -18.74 -6.84 -5.99
C SER T 74 -19.12 -5.86 -7.11
N VAL T 75 -20.42 -5.66 -7.30
CA VAL T 75 -20.93 -4.79 -8.37
C VAL T 75 -21.92 -3.77 -7.82
N ARG T 76 -21.76 -2.51 -8.23
CA ARG T 76 -22.68 -1.45 -7.84
C ARG T 76 -22.94 -0.51 -9.01
N PHE T 77 -24.21 -0.18 -9.22
CA PHE T 77 -24.58 0.83 -10.23
C PHE T 77 -24.29 2.22 -9.73
N VAL T 78 -23.56 2.98 -10.54
CA VAL T 78 -23.34 4.40 -10.28
C VAL T 78 -24.59 5.18 -10.71
N THR T 79 -24.98 5.06 -11.98
CA THR T 79 -26.17 5.77 -12.48
C THR T 79 -27.45 5.06 -12.04
N LYS T 80 -28.42 5.83 -11.57
CA LYS T 80 -29.71 5.31 -11.09
C LYS T 80 -30.34 4.37 -12.10
N ILE T 81 -31.02 3.35 -11.60
CA ILE T 81 -31.74 2.39 -12.43
C ILE T 81 -32.84 1.75 -11.60
N ASN T 82 -33.97 1.49 -12.24
CA ASN T 82 -35.05 0.77 -11.60
C ASN T 82 -35.07 -0.68 -12.08
N MET T 83 -34.53 -1.55 -11.25
CA MET T 83 -34.38 -2.95 -11.61
C MET T 83 -34.40 -3.84 -10.36
N ASN T 84 -34.86 -5.08 -10.53
CA ASN T 84 -34.91 -6.04 -9.43
C ASN T 84 -33.52 -6.48 -9.00
N GLY T 85 -33.28 -6.46 -7.68
CA GLY T 85 -32.01 -6.90 -7.12
C GLY T 85 -30.93 -5.84 -7.10
N ILE T 86 -31.21 -4.68 -7.69
CA ILE T 86 -30.28 -3.55 -7.63
C ILE T 86 -30.76 -2.59 -6.55
N ASN T 87 -29.95 -2.43 -5.50
CA ASN T 87 -30.33 -1.61 -4.37
C ASN T 87 -30.81 -0.24 -4.81
N ASN T 88 -32.12 -0.15 -4.83
CA ASN T 88 -32.90 1.08 -4.91
C ASN T 88 -32.20 2.42 -4.64
N SER T 89 -31.42 2.48 -3.56
CA SER T 89 -30.89 3.75 -3.02
C SER T 89 -29.36 3.87 -2.93
N SER T 90 -28.66 2.73 -2.87
CA SER T 90 -27.19 2.73 -2.87
C SER T 90 -26.62 2.31 -4.22
N GLY T 91 -27.40 1.52 -4.96
CA GLY T 91 -26.96 1.01 -6.26
C GLY T 91 -26.30 -0.34 -6.21
N MET T 92 -26.05 -0.84 -5.01
CA MET T 92 -25.41 -2.13 -4.82
C MET T 92 -26.22 -3.25 -5.46
N VAL T 93 -25.54 -4.10 -6.23
CA VAL T 93 -26.17 -5.25 -6.86
C VAL T 93 -26.16 -6.41 -5.90
N ASP T 94 -27.35 -6.85 -5.49
CA ASP T 94 -27.50 -7.99 -4.58
C ASP T 94 -27.14 -9.28 -5.30
N ALA T 95 -26.17 -10.00 -4.73
CA ALA T 95 -25.63 -11.23 -5.31
C ALA T 95 -26.71 -12.30 -5.49
N ARG T 96 -27.59 -12.41 -4.51
CA ARG T 96 -28.60 -13.46 -4.46
C ARG T 96 -29.60 -13.39 -5.63
N SER T 97 -29.93 -12.17 -6.06
CA SER T 97 -30.92 -11.96 -7.11
C SER T 97 -30.37 -12.17 -8.53
N ILE T 98 -29.04 -12.13 -8.67
CA ILE T 98 -28.42 -12.28 -9.98
C ILE T 98 -27.77 -13.65 -10.11
N PRO T 99 -28.25 -14.47 -11.08
CA PRO T 99 -27.84 -15.87 -11.31
C PRO T 99 -26.33 -16.10 -11.42
N VAL T 100 -25.63 -15.16 -12.05
CA VAL T 100 -24.20 -15.30 -12.30
C VAL T 100 -23.33 -14.84 -11.12
N LEU T 101 -23.96 -14.27 -10.08
CA LEU T 101 -23.26 -13.90 -8.85
C LEU T 101 -23.62 -14.84 -7.71
N ALA T 102 -24.86 -15.32 -7.69
CA ALA T 102 -25.34 -16.27 -6.69
C ALA T 102 -24.74 -17.66 -6.91
N LYS T 103 -24.63 -18.08 -8.17
CA LYS T 103 -24.02 -19.36 -8.52
C LYS T 103 -22.74 -19.12 -9.32
N TRP T 104 -21.80 -18.39 -8.70
CA TRP T 104 -20.54 -18.00 -9.32
C TRP T 104 -19.58 -19.16 -9.56
N GLN T 105 -19.06 -19.24 -10.78
CA GLN T 105 -17.99 -20.18 -11.15
C GLN T 105 -16.72 -19.38 -11.38
N ASN T 106 -15.57 -19.93 -11.03
CA ASN T 106 -14.30 -19.21 -11.18
C ASN T 106 -13.88 -19.01 -12.64
N SER T 107 -14.71 -19.48 -13.57
CA SER T 107 -14.45 -19.30 -15.00
C SER T 107 -15.09 -18.02 -15.55
N TYR T 108 -16.05 -17.47 -14.81
CA TYR T 108 -16.70 -16.22 -15.20
C TYR T 108 -15.74 -15.02 -15.11
N SER T 109 -16.23 -13.85 -15.52
CA SER T 109 -15.42 -12.63 -15.56
C SER T 109 -16.32 -11.39 -15.55
N ILE T 110 -15.71 -10.20 -15.50
CA ILE T 110 -16.45 -8.93 -15.48
C ILE T 110 -17.36 -8.82 -16.72
N LYS T 111 -16.86 -9.23 -17.88
CA LYS T 111 -17.64 -9.23 -19.12
C LYS T 111 -18.93 -10.05 -18.97
N VAL T 112 -18.78 -11.28 -18.48
CA VAL T 112 -19.91 -12.18 -18.27
C VAL T 112 -20.93 -11.55 -17.33
N VAL T 113 -20.44 -10.81 -16.34
CA VAL T 113 -21.27 -10.18 -15.31
C VAL T 113 -22.07 -8.99 -15.86
N LEU T 114 -21.45 -8.18 -16.70
CA LEU T 114 -22.16 -7.06 -17.32
C LEU T 114 -23.18 -7.54 -18.35
N GLN T 115 -22.85 -8.64 -19.03
CA GLN T 115 -23.76 -9.24 -20.02
C GLN T 115 -24.97 -9.87 -19.37
N GLU T 116 -24.77 -10.53 -18.24
CA GLU T 116 -25.86 -11.14 -17.49
C GLU T 116 -26.84 -10.08 -16.95
N LEU T 117 -26.31 -8.96 -16.48
CA LEU T 117 -27.14 -7.85 -16.00
C LEU T 117 -27.98 -7.27 -17.15
N ARG T 118 -27.31 -6.97 -18.27
CA ARG T 118 -27.96 -6.43 -19.47
C ARG T 118 -29.11 -7.33 -19.95
N ARG T 119 -28.91 -8.63 -19.83
CA ARG T 119 -29.91 -9.61 -20.21
C ARG T 119 -31.10 -9.62 -19.25
N LEU T 120 -30.82 -9.44 -17.96
CA LEU T 120 -31.88 -9.39 -16.95
C LEU T 120 -32.72 -8.12 -17.02
N MET T 121 -32.35 -7.23 -17.94
CA MET T 121 -33.16 -6.05 -18.27
C MET T 121 -34.26 -6.43 -19.24
N MET T 122 -34.09 -7.57 -19.91
CA MET T 122 -35.08 -8.10 -20.85
C MET T 122 -36.09 -8.99 -20.11
N SER T 123 -35.76 -9.32 -18.86
CA SER T 123 -36.58 -10.16 -18.00
C SER T 123 -38.03 -9.70 -17.91
N LYS T 124 -38.91 -10.66 -17.64
CA LYS T 124 -40.35 -10.45 -17.60
C LYS T 124 -40.76 -9.23 -16.77
N GLU T 125 -40.35 -9.23 -15.49
CA GLU T 125 -40.78 -8.21 -14.54
C GLU T 125 -39.94 -6.93 -14.61
N ASN T 126 -38.74 -7.04 -15.16
CA ASN T 126 -37.82 -5.90 -15.22
C ASN T 126 -38.05 -4.96 -16.40
N MET T 127 -38.37 -5.53 -17.56
CA MET T 127 -38.50 -4.75 -18.79
C MET T 127 -39.64 -3.74 -18.78
N LYS T 128 -40.59 -3.94 -17.86
CA LYS T 128 -41.83 -3.16 -17.80
C LYS T 128 -41.82 -2.06 -16.72
N LEU T 129 -40.71 -1.96 -15.99
CA LEU T 129 -40.58 -1.01 -14.89
C LEU T 129 -40.32 0.42 -15.39
N PRO T 130 -40.91 1.42 -14.71
CA PRO T 130 -40.66 2.84 -15.01
C PRO T 130 -39.26 3.29 -14.56
N GLN T 131 -38.60 4.11 -15.38
CA GLN T 131 -37.22 4.54 -15.13
C GLN T 131 -37.10 5.99 -14.67
N PRO T 132 -36.06 6.33 -13.90
CA PRO T 132 -35.82 7.71 -13.46
C PRO T 132 -35.31 8.62 -14.59
N PRO T 133 -35.59 9.95 -14.50
CA PRO T 133 -35.05 10.90 -15.47
C PRO T 133 -33.53 10.79 -15.50
N GLU T 134 -33.02 10.29 -16.63
CA GLU T 134 -31.61 9.98 -16.81
C GLU T 134 -30.70 11.13 -16.41
N GLY T 135 -29.53 10.79 -15.88
CA GLY T 135 -28.55 11.79 -15.47
C GLY T 135 -28.30 11.81 -13.98
N GLN T 136 -29.03 10.97 -13.25
CA GLN T 136 -28.87 10.87 -11.81
C GLN T 136 -27.87 9.79 -11.44
N THR T 137 -27.24 9.95 -10.28
CA THR T 137 -26.37 8.91 -9.72
C THR T 137 -26.93 8.46 -8.38
N TYR T 138 -26.09 7.84 -7.55
CA TYR T 138 -26.50 7.49 -6.20
C TYR T 138 -25.68 8.25 -5.16
N LEU U 2 3.01 -30.78 -16.13
CA LEU U 2 3.57 -29.73 -17.03
C LEU U 2 4.89 -30.19 -17.68
N PRO U 3 5.24 -29.60 -18.85
CA PRO U 3 6.32 -30.06 -19.74
C PRO U 3 7.69 -30.23 -19.10
N ARG U 4 8.49 -31.11 -19.68
CA ARG U 4 9.86 -31.37 -19.24
C ARG U 4 10.66 -30.07 -19.07
N ARG U 5 10.64 -29.25 -20.12
CA ARG U 5 11.41 -28.01 -20.15
C ARG U 5 11.17 -27.13 -18.94
N ILE U 6 9.90 -26.99 -18.55
CA ILE U 6 9.52 -26.20 -17.37
C ILE U 6 10.08 -26.78 -16.07
N ILE U 7 10.04 -28.11 -15.92
CA ILE U 7 10.64 -28.76 -14.75
C ILE U 7 12.15 -28.48 -14.76
N LYS U 8 12.79 -28.81 -15.87
CA LYS U 8 14.21 -28.56 -16.10
C LYS U 8 14.63 -27.13 -15.71
N GLU U 9 13.88 -26.15 -16.21
CA GLU U 9 14.17 -24.73 -15.95
C GLU U 9 13.92 -24.31 -14.50
N THR U 10 12.98 -24.97 -13.83
CA THR U 10 12.71 -24.66 -12.43
C THR U 10 13.84 -25.20 -11.55
N GLN U 11 14.37 -26.35 -11.93
CA GLN U 11 15.48 -26.98 -11.22
C GLN U 11 16.76 -26.17 -11.37
N ARG U 12 16.96 -25.64 -12.59
CA ARG U 12 18.01 -24.68 -12.90
C ARG U 12 18.02 -23.51 -11.92
N LEU U 13 16.85 -22.92 -11.67
CA LEU U 13 16.73 -21.73 -10.82
C LEU U 13 17.09 -21.99 -9.38
N LEU U 14 16.73 -23.16 -8.87
CA LEU U 14 17.15 -23.58 -7.53
C LEU U 14 18.64 -23.90 -7.50
N ALA U 15 19.10 -24.64 -8.51
CA ALA U 15 20.49 -25.11 -8.58
C ALA U 15 21.52 -24.01 -8.90
N GLU U 16 21.12 -23.00 -9.66
CA GLU U 16 22.02 -21.91 -10.06
C GLU U 16 21.38 -20.53 -9.86
N PRO U 17 21.15 -20.11 -8.61
CA PRO U 17 20.50 -18.81 -8.44
C PRO U 17 21.43 -17.68 -8.87
N VAL U 18 20.91 -16.68 -9.57
CA VAL U 18 21.71 -15.52 -9.95
C VAL U 18 21.69 -14.43 -8.88
N PRO U 19 22.88 -14.04 -8.38
CA PRO U 19 22.99 -13.08 -7.28
C PRO U 19 22.26 -11.78 -7.57
N GLY U 20 21.32 -11.44 -6.68
CA GLY U 20 20.48 -10.25 -6.85
C GLY U 20 19.04 -10.60 -7.15
N ILE U 21 18.82 -11.75 -7.77
CA ILE U 21 17.48 -12.15 -8.18
C ILE U 21 17.04 -13.42 -7.45
N LYS U 22 16.01 -13.28 -6.61
CA LYS U 22 15.35 -14.42 -5.96
C LYS U 22 14.10 -14.78 -6.74
N ALA U 23 13.99 -16.04 -7.16
CA ALA U 23 12.87 -16.51 -7.99
C ALA U 23 12.40 -17.90 -7.59
N GLU U 24 11.19 -17.96 -7.04
CA GLU U 24 10.59 -19.21 -6.58
C GLU U 24 9.21 -19.42 -7.21
N PRO U 25 8.90 -20.67 -7.58
CA PRO U 25 7.54 -20.96 -8.01
C PRO U 25 6.58 -21.06 -6.82
N ASP U 26 5.30 -20.75 -7.08
CA ASP U 26 4.23 -20.83 -6.08
C ASP U 26 4.04 -22.27 -5.61
N GLU U 27 3.72 -22.43 -4.32
CA GLU U 27 3.48 -23.75 -3.76
C GLU U 27 2.17 -24.36 -4.29
N SER U 28 1.33 -23.52 -4.88
CA SER U 28 0.02 -23.93 -5.39
C SER U 28 -0.07 -23.86 -6.91
N ASN U 29 1.02 -23.48 -7.56
CA ASN U 29 1.07 -23.35 -9.02
C ASN U 29 2.50 -23.44 -9.53
N ALA U 30 2.75 -24.43 -10.38
CA ALA U 30 4.09 -24.65 -10.91
C ALA U 30 4.43 -23.67 -12.03
N ARG U 31 3.46 -22.89 -12.47
CA ARG U 31 3.65 -21.97 -13.59
C ARG U 31 3.77 -20.51 -13.15
N TYR U 32 3.50 -20.28 -11.86
CA TYR U 32 3.53 -18.94 -11.29
C TYR U 32 4.75 -18.74 -10.40
N PHE U 33 5.65 -17.85 -10.84
CA PHE U 33 6.86 -17.58 -10.09
C PHE U 33 6.80 -16.23 -9.41
N HIS U 34 7.18 -16.21 -8.14
CA HIS U 34 7.39 -14.95 -7.42
C HIS U 34 8.83 -14.55 -7.60
N VAL U 35 9.05 -13.31 -8.00
CA VAL U 35 10.39 -12.82 -8.27
C VAL U 35 10.69 -11.63 -7.36
N VAL U 36 11.95 -11.55 -6.93
CA VAL U 36 12.47 -10.39 -6.19
C VAL U 36 13.84 -10.00 -6.75
N ILE U 37 13.90 -8.86 -7.42
CA ILE U 37 15.18 -8.32 -7.91
C ILE U 37 15.61 -7.16 -7.05
N ALA U 38 16.80 -7.27 -6.45
CA ALA U 38 17.40 -6.17 -5.73
C ALA U 38 18.01 -5.22 -6.75
N GLY U 39 17.74 -3.92 -6.57
CA GLY U 39 18.29 -2.88 -7.43
C GLY U 39 19.80 -2.81 -7.31
N PRO U 40 20.51 -2.82 -8.45
CA PRO U 40 21.97 -2.95 -8.47
C PRO U 40 22.66 -1.73 -7.87
N GLN U 41 23.92 -1.89 -7.47
CA GLN U 41 24.69 -0.78 -6.93
C GLN U 41 25.12 0.19 -8.04
N ASP U 42 25.27 1.47 -7.68
CA ASP U 42 25.55 2.56 -8.63
C ASP U 42 24.36 2.92 -9.51
N SER U 43 23.31 2.11 -9.45
CA SER U 43 22.02 2.40 -10.09
C SER U 43 21.28 3.43 -9.27
N PRO U 44 20.27 4.09 -9.87
CA PRO U 44 19.38 4.92 -9.06
C PRO U 44 18.47 4.07 -8.16
N PHE U 45 18.40 2.76 -8.43
CA PHE U 45 17.52 1.87 -7.68
C PHE U 45 18.27 1.10 -6.61
N GLU U 46 19.50 1.53 -6.33
CA GLU U 46 20.34 0.99 -5.27
C GLU U 46 19.57 0.98 -3.94
N GLY U 47 19.74 -0.11 -3.19
CA GLY U 47 19.13 -0.24 -1.87
C GLY U 47 17.63 -0.50 -1.87
N GLY U 48 17.08 -0.79 -3.04
CA GLY U 48 15.67 -1.12 -3.15
C GLY U 48 15.45 -2.53 -3.67
N THR U 49 14.50 -3.25 -3.05
CA THR U 49 14.13 -4.58 -3.51
C THR U 49 12.79 -4.50 -4.25
N PHE U 50 12.73 -5.10 -5.43
CA PHE U 50 11.55 -4.98 -6.29
C PHE U 50 10.86 -6.32 -6.51
N LYS U 51 9.56 -6.33 -6.25
CA LYS U 51 8.71 -7.51 -6.40
C LYS U 51 8.28 -7.65 -7.86
N LEU U 52 8.41 -8.87 -8.39
CA LEU U 52 7.93 -9.16 -9.73
C LEU U 52 7.18 -10.48 -9.74
N GLU U 53 6.21 -10.60 -10.64
CA GLU U 53 5.53 -11.85 -10.83
C GLU U 53 5.69 -12.32 -12.26
N LEU U 54 5.92 -13.61 -12.42
CA LEU U 54 6.23 -14.19 -13.71
C LEU U 54 5.36 -15.41 -13.96
N PHE U 55 4.59 -15.35 -15.04
CA PHE U 55 3.73 -16.46 -15.42
C PHE U 55 4.15 -17.04 -16.75
N LEU U 56 4.16 -18.37 -16.81
CA LEU U 56 4.41 -19.09 -18.05
C LEU U 56 3.07 -19.50 -18.64
N PRO U 57 2.66 -18.86 -19.75
CA PRO U 57 1.37 -19.19 -20.33
C PRO U 57 1.39 -20.59 -20.91
N GLU U 58 0.22 -21.11 -21.26
CA GLU U 58 0.10 -22.45 -21.84
C GLU U 58 1.07 -22.65 -22.99
N GLU U 59 1.30 -21.57 -23.73
CA GLU U 59 2.06 -21.61 -24.98
C GLU U 59 3.59 -21.51 -24.83
N TYR U 60 4.08 -21.36 -23.60
CA TYR U 60 5.52 -21.39 -23.34
C TYR U 60 6.10 -22.74 -23.82
N PRO U 61 7.23 -22.74 -24.54
CA PRO U 61 8.12 -21.62 -24.87
C PRO U 61 7.96 -21.07 -26.29
N MET U 62 6.85 -21.39 -26.94
CA MET U 62 6.52 -20.77 -28.22
C MET U 62 6.21 -19.31 -27.97
N ALA U 63 5.36 -19.04 -26.97
CA ALA U 63 5.08 -17.68 -26.52
C ALA U 63 5.91 -17.31 -25.30
N ALA U 64 6.21 -16.02 -25.17
CA ALA U 64 7.04 -15.50 -24.10
C ALA U 64 6.32 -15.59 -22.76
N PRO U 65 7.08 -15.58 -21.64
CA PRO U 65 6.44 -15.51 -20.33
C PRO U 65 5.83 -14.14 -20.11
N LYS U 66 4.78 -14.09 -19.29
CA LYS U 66 4.20 -12.83 -18.87
C LYS U 66 4.96 -12.40 -17.63
N VAL U 67 5.35 -11.12 -17.58
CA VAL U 67 6.10 -10.56 -16.45
C VAL U 67 5.57 -9.17 -16.12
N ARG U 68 5.33 -8.92 -14.83
CA ARG U 68 4.87 -7.62 -14.35
C ARG U 68 5.53 -7.27 -13.03
N PHE U 69 5.76 -5.97 -12.81
CA PHE U 69 6.25 -5.46 -11.53
C PHE U 69 5.11 -5.37 -10.53
N MET U 70 5.41 -5.71 -9.28
CA MET U 70 4.45 -5.50 -8.19
C MET U 70 4.84 -4.28 -7.37
N THR U 71 5.92 -3.61 -7.78
CA THR U 71 6.42 -2.44 -7.08
C THR U 71 6.46 -1.25 -8.02
N LYS U 72 5.87 -0.14 -7.57
CA LYS U 72 5.97 1.15 -8.25
C LYS U 72 7.45 1.45 -8.56
N ILE U 73 7.73 1.92 -9.78
CA ILE U 73 9.12 2.19 -10.21
C ILE U 73 9.22 3.21 -11.35
N TYR U 74 10.08 4.21 -11.17
CA TYR U 74 10.28 5.24 -12.20
C TYR U 74 11.32 4.73 -13.20
N HIS U 75 10.84 4.21 -14.32
CA HIS U 75 11.70 3.54 -15.29
C HIS U 75 11.13 3.70 -16.69
N PRO U 76 12.00 4.02 -17.68
CA PRO U 76 11.56 4.24 -19.05
C PRO U 76 10.88 3.01 -19.66
N ASN U 77 11.21 1.83 -19.16
CA ASN U 77 10.70 0.60 -19.74
C ASN U 77 9.56 -0.04 -18.94
N VAL U 78 9.13 0.63 -17.87
CA VAL U 78 8.02 0.15 -17.03
C VAL U 78 6.92 1.20 -16.93
N ASP U 79 5.68 0.81 -17.24
CA ASP U 79 4.54 1.71 -17.13
C ASP U 79 4.02 1.81 -15.68
N LYS U 80 2.97 2.59 -15.46
CA LYS U 80 2.42 2.84 -14.11
C LYS U 80 1.87 1.60 -13.41
N LEU U 81 1.44 0.62 -14.21
CA LEU U 81 0.86 -0.64 -13.71
C LEU U 81 1.89 -1.77 -13.64
N GLY U 82 3.14 -1.45 -13.93
CA GLY U 82 4.23 -2.40 -13.80
C GLY U 82 4.45 -3.32 -14.98
N ARG U 83 3.83 -3.00 -16.12
CA ARG U 83 4.04 -3.80 -17.33
C ARG U 83 5.34 -3.39 -17.98
N ILE U 84 6.19 -4.38 -18.25
CA ILE U 84 7.54 -4.11 -18.76
C ILE U 84 7.57 -4.02 -20.28
N CYS U 85 8.10 -2.92 -20.78
CA CYS U 85 8.31 -2.74 -22.21
C CYS U 85 9.70 -3.21 -22.54
N LEU U 86 9.79 -4.42 -23.11
CA LEU U 86 11.08 -5.08 -23.36
C LEU U 86 11.04 -6.04 -24.54
N ASP U 87 11.90 -5.77 -25.52
CA ASP U 87 12.02 -6.55 -26.76
C ASP U 87 11.65 -8.01 -26.67
N ILE U 88 12.37 -8.73 -25.82
CA ILE U 88 12.29 -10.18 -25.77
C ILE U 88 10.97 -10.72 -25.22
N LEU U 89 10.17 -9.84 -24.64
CA LEU U 89 8.89 -10.24 -24.06
C LEU U 89 7.76 -10.22 -25.07
N LYS U 90 8.06 -9.83 -26.29
CA LYS U 90 7.06 -9.76 -27.35
C LYS U 90 7.69 -10.06 -28.71
N ASP U 91 8.15 -9.00 -29.39
CA ASP U 91 8.63 -9.11 -30.77
C ASP U 91 9.87 -9.97 -30.98
N LYS U 92 10.77 -9.98 -30.01
CA LYS U 92 12.03 -10.72 -30.14
C LYS U 92 12.17 -11.89 -29.18
N TRP U 93 11.05 -12.52 -28.84
CA TRP U 93 11.07 -13.78 -28.11
C TRP U 93 11.33 -14.91 -29.09
N SER U 94 11.98 -15.95 -28.59
CA SER U 94 12.11 -17.22 -29.31
C SER U 94 12.28 -18.33 -28.28
N PRO U 95 12.00 -19.59 -28.67
CA PRO U 95 12.20 -20.71 -27.75
C PRO U 95 13.66 -20.93 -27.35
N ALA U 96 14.60 -20.39 -28.15
CA ALA U 96 16.03 -20.49 -27.87
C ALA U 96 16.47 -19.57 -26.73
N LEU U 97 15.50 -18.92 -26.10
CA LEU U 97 15.73 -18.16 -24.87
C LEU U 97 14.98 -18.85 -23.75
N GLN U 98 15.34 -18.55 -22.51
CA GLN U 98 14.64 -19.15 -21.36
C GLN U 98 14.32 -18.13 -20.27
N ILE U 99 13.56 -18.56 -19.27
CA ILE U 99 13.21 -17.71 -18.11
C ILE U 99 14.44 -16.97 -17.56
N ARG U 100 15.55 -17.70 -17.40
CA ARG U 100 16.79 -17.11 -16.92
C ARG U 100 17.22 -15.90 -17.74
N THR U 101 17.14 -16.01 -19.07
CA THR U 101 17.47 -14.90 -19.97
C THR U 101 16.60 -13.68 -19.66
N VAL U 102 15.32 -13.94 -19.39
CA VAL U 102 14.38 -12.88 -19.04
C VAL U 102 14.81 -12.17 -17.75
N LEU U 103 15.05 -12.93 -16.67
CA LEU U 103 15.39 -12.34 -15.37
C LEU U 103 16.64 -11.46 -15.44
N LEU U 104 17.63 -11.90 -16.22
CA LEU U 104 18.86 -11.14 -16.41
C LEU U 104 18.61 -9.88 -17.22
N SER U 105 17.76 -9.97 -18.23
CA SER U 105 17.44 -8.82 -19.07
C SER U 105 16.83 -7.69 -18.24
N ILE U 106 15.88 -8.06 -17.38
CA ILE U 106 15.22 -7.11 -16.48
C ILE U 106 16.23 -6.51 -15.50
N GLN U 107 17.20 -7.31 -15.07
CA GLN U 107 18.25 -6.81 -14.18
C GLN U 107 19.16 -5.84 -14.91
N ALA U 108 19.52 -6.18 -16.15
CA ALA U 108 20.39 -5.34 -16.98
C ALA U 108 19.72 -4.00 -17.22
N LEU U 109 18.39 -4.05 -17.31
CA LEU U 109 17.56 -2.88 -17.54
C LEU U 109 17.62 -1.92 -16.36
N LEU U 110 17.50 -2.47 -15.14
CA LEU U 110 17.62 -1.68 -13.90
C LEU U 110 19.03 -1.14 -13.71
N SER U 111 20.00 -1.83 -14.31
CA SER U 111 21.39 -1.40 -14.23
C SER U 111 21.67 -0.23 -15.18
N ALA U 112 21.02 -0.23 -16.33
CA ALA U 112 21.16 0.86 -17.30
C ALA U 112 19.92 1.05 -18.19
N PRO U 113 19.05 2.01 -17.81
CA PRO U 113 17.84 2.32 -18.58
C PRO U 113 18.07 3.19 -19.82
N ASN U 114 17.78 2.66 -21.00
CA ASN U 114 17.82 3.44 -22.25
C ASN U 114 16.42 3.81 -22.73
N PRO U 115 16.23 5.09 -23.14
CA PRO U 115 14.90 5.57 -23.50
C PRO U 115 14.60 5.63 -25.02
N ASP U 116 15.57 5.23 -25.84
CA ASP U 116 15.50 5.37 -27.32
C ASP U 116 14.36 4.61 -28.01
N ASP U 117 13.84 3.57 -27.34
CA ASP U 117 12.73 2.74 -27.82
C ASP U 117 11.54 3.60 -28.26
N PRO U 118 11.15 3.51 -29.55
CA PRO U 118 10.08 4.32 -30.18
C PRO U 118 8.76 4.37 -29.38
N LEU U 119 8.46 3.30 -28.63
CA LEU U 119 7.37 3.29 -27.66
C LEU U 119 7.75 4.18 -26.47
N ALA U 120 7.85 5.48 -26.72
CA ALA U 120 8.37 6.44 -25.76
C ALA U 120 7.26 7.21 -25.03
N ASN U 121 6.97 6.77 -23.81
CA ASN U 121 6.06 7.45 -22.90
C ASN U 121 6.75 8.59 -22.15
N ASP U 122 6.02 9.21 -21.22
CA ASP U 122 6.53 10.38 -20.49
C ASP U 122 7.78 10.11 -19.61
N VAL U 123 7.99 8.85 -19.23
CA VAL U 123 9.18 8.47 -18.46
C VAL U 123 10.43 8.30 -19.33
N ALA U 124 10.26 7.72 -20.51
CA ALA U 124 11.34 7.62 -21.50
C ALA U 124 11.69 9.00 -22.06
N GLU U 125 10.67 9.82 -22.32
CA GLU U 125 10.86 11.19 -22.80
C GLU U 125 11.57 12.05 -21.76
N GLN U 126 11.18 11.88 -20.49
CA GLN U 126 11.83 12.51 -19.35
C GLN U 126 13.32 12.19 -19.29
N TRP U 127 13.63 10.90 -19.43
CA TRP U 127 14.99 10.38 -19.30
C TRP U 127 15.96 11.00 -20.30
N LYS U 128 15.44 11.37 -21.47
CA LYS U 128 16.23 12.04 -22.50
C LYS U 128 16.42 13.52 -22.19
N THR U 129 15.31 14.22 -21.96
CA THR U 129 15.31 15.68 -21.83
C THR U 129 16.02 16.17 -20.57
N ASN U 130 15.82 15.43 -19.47
CA ASN U 130 16.42 15.78 -18.19
C ASN U 130 16.74 14.53 -17.38
N GLU U 131 17.85 13.90 -17.74
CA GLU U 131 18.30 12.67 -17.12
C GLU U 131 18.76 12.90 -15.70
N ALA U 132 19.35 14.07 -15.45
CA ALA U 132 19.79 14.46 -14.12
C ALA U 132 18.65 14.33 -13.11
N GLN U 133 17.49 14.89 -13.47
CA GLN U 133 16.31 14.81 -12.63
C GLN U 133 15.68 13.42 -12.68
N ALA U 134 15.67 12.82 -13.86
CA ALA U 134 15.17 11.46 -14.04
C ALA U 134 15.76 10.51 -12.99
N ILE U 135 17.09 10.52 -12.87
CA ILE U 135 17.80 9.72 -11.87
C ILE U 135 17.40 10.06 -10.43
N GLU U 136 17.29 11.36 -10.14
CA GLU U 136 16.94 11.83 -8.80
C GLU U 136 15.51 11.44 -8.42
N THR U 137 14.60 11.49 -9.37
CA THR U 137 13.21 11.07 -9.17
C THR U 137 13.16 9.56 -8.92
N ALA U 138 13.88 8.80 -9.76
CA ALA U 138 13.96 7.34 -9.65
C ALA U 138 14.49 6.92 -8.28
N ARG U 139 15.46 7.68 -7.78
CA ARG U 139 16.03 7.47 -6.45
C ARG U 139 15.00 7.72 -5.35
N ALA U 140 14.26 8.82 -5.46
CA ALA U 140 13.22 9.14 -4.48
C ALA U 140 12.14 8.08 -4.45
N TRP U 141 11.75 7.59 -5.62
CA TRP U 141 10.71 6.58 -5.75
C TRP U 141 11.10 5.24 -5.14
N THR U 142 12.39 4.92 -5.19
CA THR U 142 12.93 3.72 -4.57
C THR U 142 12.66 3.76 -3.06
N ARG U 143 12.96 4.88 -2.43
CA ARG U 143 12.82 5.03 -0.98
C ARG U 143 11.37 5.18 -0.52
N LEU U 144 10.46 5.43 -1.46
CA LEU U 144 9.04 5.62 -1.13
C LEU U 144 8.19 4.39 -1.38
N TYR U 145 8.68 3.47 -2.21
CA TYR U 145 7.88 2.34 -2.65
C TYR U 145 8.62 1.01 -2.67
N ALA U 146 9.95 1.06 -2.68
CA ALA U 146 10.75 -0.15 -2.92
C ALA U 146 11.69 -0.57 -1.79
N MET U 147 11.60 0.11 -0.65
CA MET U 147 12.48 -0.21 0.48
C MET U 147 11.76 -0.97 1.60
N ASN U 148 10.92 -1.91 1.18
CA ASN U 148 10.27 -2.88 2.06
C ASN U 148 10.83 -4.28 1.85
N ASN V 2 40.85 76.46 -27.67
CA ASN V 2 41.52 75.70 -28.77
C ASN V 2 41.23 74.19 -28.72
N PRO V 3 40.15 73.74 -29.40
CA PRO V 3 39.80 72.32 -29.36
C PRO V 3 40.72 71.48 -30.25
N LEU V 4 40.72 70.17 -30.01
CA LEU V 4 41.46 69.21 -30.86
C LEU V 4 40.94 69.25 -32.30
N VAL V 5 39.61 69.16 -32.44
CA VAL V 5 38.91 69.37 -33.71
C VAL V 5 37.73 70.31 -33.45
N SER V 6 37.65 71.40 -34.23
CA SER V 6 36.66 72.47 -33.97
C SER V 6 35.31 72.23 -34.66
N GLU V 7 34.35 73.12 -34.40
CA GLU V 7 33.03 73.04 -35.04
C GLU V 7 33.11 73.37 -36.53
N ARG V 8 32.13 72.92 -37.29
CA ARG V 8 32.09 73.21 -38.72
C ARG V 8 31.79 74.70 -38.94
N LEU V 9 32.87 75.48 -39.11
CA LEU V 9 32.81 76.94 -39.18
C LEU V 9 32.56 77.47 -40.59
N GLU V 10 32.25 78.77 -40.67
CA GLU V 10 32.14 79.48 -41.93
C GLU V 10 33.51 79.53 -42.61
N LEU V 11 33.53 79.77 -43.92
CA LEU V 11 34.79 79.94 -44.63
C LEU V 11 35.25 81.40 -44.60
N SER V 12 34.37 82.27 -44.14
CA SER V 12 34.66 83.70 -44.02
C SER V 12 35.54 84.04 -42.82
N VAL V 13 35.60 83.13 -41.85
CA VAL V 13 36.42 83.31 -40.64
C VAL V 13 37.93 83.25 -40.95
N LEU V 14 38.26 83.04 -42.22
CA LEU V 14 39.63 83.07 -42.72
C LEU V 14 40.13 84.48 -42.99
N TYR V 15 39.21 85.43 -43.14
CA TYR V 15 39.56 86.82 -43.44
C TYR V 15 40.16 87.57 -42.24
N LYS V 16 39.99 87.00 -41.05
CA LYS V 16 40.53 87.56 -39.80
C LYS V 16 41.91 86.99 -39.46
N GLU V 17 42.51 86.26 -40.40
CA GLU V 17 43.80 85.60 -40.20
C GLU V 17 44.94 86.41 -40.82
N ASN V 23 47.36 90.70 -47.38
CA ASN V 23 46.64 91.45 -48.40
C ASN V 23 46.64 90.74 -49.75
N ILE V 24 47.69 89.97 -50.02
CA ILE V 24 47.80 89.16 -51.23
C ILE V 24 47.20 87.75 -51.01
N TYR V 25 47.02 87.38 -49.74
CA TYR V 25 46.37 86.12 -49.36
C TYR V 25 44.85 86.29 -49.31
N GLN V 26 44.39 87.54 -49.43
CA GLN V 26 42.98 87.87 -49.37
C GLN V 26 42.19 87.37 -50.57
N GLN V 27 42.76 87.56 -51.78
CA GLN V 27 42.09 87.15 -53.01
C GLN V 27 42.09 85.63 -53.21
N LYS V 28 42.99 84.94 -52.52
CA LYS V 28 43.06 83.47 -52.60
C LYS V 28 41.94 82.78 -51.82
N ILE V 29 41.34 83.51 -50.88
CA ILE V 29 40.20 83.02 -50.11
C ILE V 29 38.91 83.14 -50.93
N LYS V 30 38.84 84.16 -51.79
CA LYS V 30 37.70 84.32 -52.70
C LYS V 30 37.64 83.16 -53.71
N ASP V 31 38.81 82.71 -54.16
CA ASP V 31 38.91 81.59 -55.11
C ASP V 31 38.57 80.27 -54.42
N LEU V 32 38.75 80.22 -53.11
CA LEU V 32 38.46 79.06 -52.30
C LEU V 32 36.96 78.95 -52.02
N HIS V 33 36.29 80.09 -52.05
CA HIS V 33 34.84 80.17 -51.80
C HIS V 33 34.00 79.62 -52.94
N LYS V 34 34.48 79.79 -54.17
CA LYS V 34 33.75 79.33 -55.37
C LYS V 34 33.67 77.80 -55.45
N LYS V 35 34.54 77.12 -54.70
CA LYS V 35 34.57 75.66 -54.61
C LYS V 35 34.05 75.15 -53.28
N TYR V 36 34.45 75.82 -52.20
CA TYR V 36 34.18 75.35 -50.83
C TYR V 36 33.35 76.36 -50.03
N SER V 37 32.68 75.89 -48.99
CA SER V 37 31.79 76.75 -48.20
C SER V 37 32.00 76.67 -46.67
N TYR V 38 32.55 75.55 -46.19
CA TYR V 38 32.80 75.35 -44.75
C TYR V 38 34.23 74.89 -44.46
N ILE V 39 34.74 75.24 -43.29
CA ILE V 39 36.06 74.81 -42.83
C ILE V 39 36.05 74.25 -41.40
N ARG V 40 36.85 73.21 -41.16
CA ARG V 40 36.96 72.59 -39.85
C ARG V 40 38.40 72.52 -39.37
N LYS V 41 38.67 73.24 -38.28
CA LYS V 41 40.02 73.40 -37.72
C LYS V 41 40.46 72.22 -36.85
N THR V 42 41.77 71.96 -36.85
CA THR V 42 42.41 71.03 -35.92
C THR V 42 43.59 71.72 -35.24
N ARG V 43 43.84 71.38 -33.97
CA ARG V 43 44.94 72.00 -33.21
C ARG V 43 46.26 71.90 -33.95
N PRO V 44 46.99 73.03 -34.06
CA PRO V 44 48.29 73.03 -34.75
C PRO V 44 49.41 72.38 -33.92
N ASP V 45 49.24 71.12 -33.56
CA ASP V 45 50.21 70.38 -32.74
C ASP V 45 51.09 69.41 -33.56
N GLY V 46 51.03 69.53 -34.88
CA GLY V 46 51.82 68.69 -35.78
C GLY V 46 51.13 67.42 -36.20
N ASN V 47 50.01 67.10 -35.54
CA ASN V 47 49.22 65.88 -35.81
C ASN V 47 48.01 66.17 -36.69
N CYS V 48 47.93 67.41 -37.17
CA CYS V 48 46.79 67.96 -37.91
C CYS V 48 46.28 67.06 -39.03
N PHE V 49 47.20 66.59 -39.89
CA PHE V 49 46.83 65.82 -41.07
C PHE V 49 46.18 64.47 -40.74
N TYR V 50 46.64 63.84 -39.66
CA TYR V 50 46.09 62.56 -39.27
C TYR V 50 44.77 62.70 -38.52
N ARG V 51 44.62 63.80 -37.77
CA ARG V 51 43.34 64.08 -37.11
C ARG V 51 42.26 64.57 -38.08
N ALA V 52 42.68 65.40 -39.04
CA ALA V 52 41.78 65.95 -40.06
C ALA V 52 41.27 64.87 -41.01
N PHE V 53 42.18 64.12 -41.63
CA PHE V 53 41.83 62.99 -42.50
C PHE V 53 41.01 61.91 -41.77
N GLY V 54 41.41 61.60 -40.54
CA GLY V 54 40.68 60.67 -39.68
C GLY V 54 39.24 61.08 -39.44
N PHE V 55 39.01 62.35 -39.09
CA PHE V 55 37.65 62.85 -38.86
C PHE V 55 36.88 62.94 -40.17
N SER V 56 37.46 63.66 -41.13
CA SER V 56 36.86 63.92 -42.45
C SER V 56 36.32 62.67 -43.14
N HIS V 57 37.13 61.60 -43.14
CA HIS V 57 36.72 60.37 -43.81
C HIS V 57 35.70 59.58 -43.00
N LEU V 58 35.83 59.60 -41.67
CA LEU V 58 34.85 58.91 -40.83
C LEU V 58 33.50 59.63 -40.80
N GLU V 59 33.53 60.95 -40.91
CA GLU V 59 32.31 61.78 -40.93
C GLU V 59 31.57 61.67 -42.26
N ALA V 60 32.30 61.40 -43.34
CA ALA V 60 31.70 61.17 -44.66
C ALA V 60 31.06 59.79 -44.74
N LEU V 61 31.65 58.84 -44.01
CA LEU V 61 31.18 57.45 -44.00
C LEU V 61 29.84 57.24 -43.28
N LEU V 62 29.33 58.30 -42.64
CA LEU V 62 28.03 58.21 -41.96
C LEU V 62 26.89 58.17 -42.96
N ASP V 63 27.15 58.65 -44.18
CA ASP V 63 26.21 58.54 -45.29
C ASP V 63 26.38 57.19 -45.98
N ASP V 64 27.63 56.86 -46.30
CA ASP V 64 27.97 55.69 -47.12
C ASP V 64 28.13 54.41 -46.29
N SER V 65 27.15 53.52 -46.37
CA SER V 65 27.26 52.21 -45.72
C SER V 65 28.13 51.27 -46.54
N LYS V 66 28.10 51.43 -47.86
CA LYS V 66 28.90 50.62 -48.79
C LYS V 66 30.40 50.82 -48.60
N GLU V 67 30.83 52.08 -48.60
CA GLU V 67 32.24 52.44 -48.40
C GLU V 67 32.69 52.15 -46.96
N LEU V 68 31.76 52.20 -46.02
CA LEU V 68 32.05 51.86 -44.61
C LEU V 68 32.46 50.40 -44.42
N GLN V 69 31.70 49.48 -45.00
CA GLN V 69 32.02 48.05 -44.91
C GLN V 69 33.24 47.70 -45.75
N ARG V 70 33.50 48.52 -46.76
CA ARG V 70 34.73 48.47 -47.55
C ARG V 70 35.92 48.91 -46.70
N PHE V 71 35.73 49.96 -45.92
CA PHE V 71 36.78 50.58 -45.11
C PHE V 71 37.09 49.76 -43.86
N LYS V 72 36.05 49.15 -43.29
CA LYS V 72 36.21 48.27 -42.13
C LYS V 72 37.02 47.04 -42.52
N ALA V 73 36.68 46.45 -43.68
CA ALA V 73 37.38 45.29 -44.20
C ALA V 73 38.89 45.51 -44.40
N VAL V 74 39.26 46.72 -44.83
CA VAL V 74 40.66 47.11 -45.03
C VAL V 74 41.37 47.30 -43.69
N SER V 75 40.68 47.95 -42.76
CA SER V 75 41.22 48.31 -41.45
C SER V 75 41.41 47.12 -40.52
N ALA V 76 40.61 46.07 -40.71
CA ALA V 76 40.73 44.86 -39.91
C ALA V 76 41.94 44.03 -40.36
N LYS V 77 42.15 43.92 -41.67
CA LYS V 77 43.27 43.17 -42.25
C LYS V 77 44.62 43.80 -41.93
N SER V 78 44.61 45.13 -41.78
CA SER V 78 45.82 45.90 -41.63
C SER V 78 46.68 45.48 -40.43
N LYS V 79 46.06 45.21 -39.28
CA LYS V 79 46.82 44.73 -38.12
C LYS V 79 47.52 43.41 -38.44
N GLU V 80 46.78 42.47 -39.03
CA GLU V 80 47.35 41.18 -39.42
C GLU V 80 48.51 41.35 -40.37
N ASP V 81 48.38 42.29 -41.31
CA ASP V 81 49.39 42.43 -42.37
C ASP V 81 50.50 43.46 -42.09
N LEU V 82 50.38 44.22 -40.99
CA LEU V 82 51.51 45.01 -40.50
C LEU V 82 52.41 44.12 -39.65
N VAL V 83 51.79 43.20 -38.90
CA VAL V 83 52.53 42.24 -38.08
C VAL V 83 53.32 41.25 -38.95
N SER V 84 52.86 41.05 -40.18
CA SER V 84 53.49 40.12 -41.10
C SER V 84 54.60 40.77 -41.93
N GLN V 85 54.78 42.08 -41.77
CA GLN V 85 55.86 42.79 -42.47
C GLN V 85 56.95 43.28 -41.52
N GLY V 86 56.75 43.11 -40.21
CA GLY V 86 57.81 43.42 -39.25
C GLY V 86 57.42 43.99 -37.90
N PHE V 87 56.21 44.55 -37.79
CA PHE V 87 55.75 45.16 -36.54
C PHE V 87 55.39 44.10 -35.50
N THR V 88 55.65 44.38 -34.22
CA THR V 88 55.27 43.46 -33.15
C THR V 88 53.78 43.64 -32.86
N GLU V 89 53.09 42.54 -32.55
CA GLU V 89 51.63 42.59 -32.41
C GLU V 89 51.16 43.41 -31.20
N PHE V 90 51.67 43.08 -30.01
CA PHE V 90 51.30 43.78 -28.75
C PHE V 90 51.71 45.25 -28.75
N THR V 91 52.52 45.62 -29.74
CA THR V 91 52.97 46.98 -29.95
C THR V 91 51.84 47.83 -30.56
N ILE V 92 51.10 47.26 -31.50
CA ILE V 92 50.11 48.01 -32.27
C ILE V 92 48.65 47.69 -31.91
N GLU V 93 48.44 46.64 -31.12
CA GLU V 93 47.09 46.17 -30.73
C GLU V 93 46.13 47.26 -30.29
N ASP V 94 46.55 48.04 -29.30
CA ASP V 94 45.67 48.97 -28.59
C ASP V 94 45.23 50.15 -29.45
N PHE V 95 46.12 50.58 -30.34
CA PHE V 95 45.83 51.67 -31.27
C PHE V 95 44.94 51.21 -32.40
N HIS V 96 45.00 49.91 -32.71
CA HIS V 96 44.11 49.28 -33.67
C HIS V 96 42.72 49.09 -33.08
N ASN V 97 42.68 48.63 -31.82
CA ASN V 97 41.42 48.45 -31.10
C ASN V 97 40.61 49.73 -31.09
N THR V 98 41.28 50.84 -30.79
CA THR V 98 40.68 52.16 -30.82
C THR V 98 40.22 52.51 -32.25
N PHE V 99 41.07 52.24 -33.24
CA PHE V 99 40.75 52.50 -34.64
C PHE V 99 39.51 51.75 -35.11
N MET V 100 39.34 50.50 -34.66
CA MET V 100 38.18 49.70 -35.01
C MET V 100 36.95 50.13 -34.20
N ASP V 101 37.18 50.76 -33.06
CA ASP V 101 36.10 51.31 -32.24
C ASP V 101 35.40 52.45 -32.96
N LEU V 102 36.19 53.36 -33.53
CA LEU V 102 35.66 54.54 -34.22
C LEU V 102 34.98 54.24 -35.55
N ILE V 103 35.25 53.07 -36.13
CA ILE V 103 34.48 52.60 -37.29
C ILE V 103 33.20 51.94 -36.79
N GLU V 104 33.28 51.26 -35.64
CA GLU V 104 32.11 50.62 -35.04
C GLU V 104 31.13 51.64 -34.50
N GLN V 105 31.63 52.82 -34.16
CA GLN V 105 30.77 53.91 -33.71
C GLN V 105 30.01 54.50 -34.88
N VAL V 106 30.64 54.53 -36.05
CA VAL V 106 30.04 55.07 -37.26
C VAL V 106 29.02 54.09 -37.85
N GLU V 107 29.29 52.79 -37.70
CA GLU V 107 28.34 51.77 -38.16
C GLU V 107 27.10 51.70 -37.26
N LYS V 108 27.28 51.97 -35.97
CA LYS V 108 26.14 52.15 -35.05
C LYS V 108 25.70 53.61 -35.20
N GLN V 109 25.22 53.95 -36.40
CA GLN V 109 25.08 55.34 -36.88
C GLN V 109 24.97 56.45 -35.82
N THR V 110 26.11 56.96 -35.39
CA THR V 110 26.19 57.97 -34.35
C THR V 110 26.14 59.37 -34.97
N SER V 111 25.68 60.35 -34.20
CA SER V 111 25.63 61.74 -34.68
C SER V 111 27.04 62.33 -34.80
N VAL V 112 27.17 63.38 -35.62
CA VAL V 112 28.46 64.05 -35.86
C VAL V 112 28.94 64.76 -34.58
N ALA V 113 28.00 65.05 -33.68
CA ALA V 113 28.30 65.67 -32.39
C ALA V 113 28.97 64.71 -31.41
N ASP V 114 28.65 63.42 -31.51
CA ASP V 114 29.27 62.38 -30.68
C ASP V 114 30.60 61.92 -31.25
N LEU V 115 30.71 61.97 -32.58
CA LEU V 115 31.94 61.63 -33.27
C LEU V 115 33.01 62.70 -33.02
N LEU V 116 32.57 63.95 -32.88
CA LEU V 116 33.45 65.05 -32.51
C LEU V 116 33.80 64.96 -31.03
N ALA V 117 32.87 64.44 -30.23
CA ALA V 117 33.06 64.25 -28.80
C ALA V 117 34.23 63.30 -28.49
N SER V 118 34.44 62.29 -29.34
CA SER V 118 35.53 61.33 -29.13
C SER V 118 36.80 61.67 -29.92
N PHE V 119 36.68 62.60 -30.87
CA PHE V 119 37.86 63.17 -31.55
C PHE V 119 38.46 64.34 -30.74
N ASN V 120 37.74 64.77 -29.70
CA ASN V 120 38.23 65.77 -28.76
C ASN V 120 38.61 65.15 -27.42
N ASP V 121 38.62 63.82 -27.36
CA ASP V 121 39.16 63.08 -26.21
C ASP V 121 40.66 62.91 -26.44
N GLN V 122 41.46 63.37 -25.49
CA GLN V 122 42.92 63.32 -25.62
C GLN V 122 43.42 61.90 -25.81
N SER V 123 42.94 60.96 -24.97
CA SER V 123 43.32 59.55 -25.07
C SER V 123 42.93 58.92 -26.41
N THR V 124 41.66 59.07 -26.78
CA THR V 124 41.10 58.45 -27.98
C THR V 124 41.72 58.99 -29.29
N SER V 125 41.77 60.32 -29.39
CA SER V 125 42.20 61.00 -30.62
C SER V 125 43.67 60.74 -30.94
N ASP V 126 44.51 60.74 -29.92
CA ASP V 126 45.92 60.47 -30.08
C ASP V 126 46.12 59.02 -30.53
N TYR V 127 45.43 58.09 -29.87
CA TYR V 127 45.49 56.68 -30.22
C TYR V 127 45.20 56.37 -31.70
N LEU V 128 44.32 57.15 -32.31
CA LEU V 128 44.01 57.00 -33.74
C LEU V 128 45.11 57.59 -34.64
N VAL V 129 45.64 58.76 -34.25
CA VAL V 129 46.77 59.35 -34.96
C VAL V 129 47.98 58.40 -34.93
N VAL V 130 48.19 57.75 -33.80
CA VAL V 130 49.27 56.76 -33.66
C VAL V 130 49.16 55.68 -34.73
N TYR V 131 47.99 55.06 -34.83
CA TYR V 131 47.76 53.99 -35.79
C TYR V 131 47.82 54.49 -37.23
N LEU V 132 47.29 55.69 -37.47
CA LEU V 132 47.34 56.29 -38.81
C LEU V 132 48.78 56.60 -39.24
N ARG V 133 49.65 56.91 -38.29
CA ARG V 133 51.07 57.06 -38.55
C ARG V 133 51.73 55.71 -38.84
N LEU V 134 51.26 54.67 -38.16
CA LEU V 134 51.78 53.31 -38.33
C LEU V 134 51.36 52.68 -39.65
N LEU V 135 50.15 53.02 -40.12
CA LEU V 135 49.68 52.60 -41.43
C LEU V 135 50.47 53.28 -42.55
N THR V 136 50.78 54.56 -42.34
CA THR V 136 51.61 55.35 -43.25
C THR V 136 53.02 54.78 -43.25
N SER V 137 53.51 54.46 -42.05
CA SER V 137 54.83 53.87 -41.86
C SER V 137 54.93 52.52 -42.55
N GLY V 138 53.97 51.64 -42.26
CA GLY V 138 53.95 50.29 -42.80
C GLY V 138 53.84 50.23 -44.31
N TYR V 139 53.12 51.19 -44.90
CA TYR V 139 52.98 51.24 -46.35
C TYR V 139 54.27 51.75 -47.03
N LEU V 140 54.88 52.78 -46.47
CA LEU V 140 56.15 53.32 -46.99
C LEU V 140 57.25 52.26 -46.99
N GLN V 141 57.18 51.35 -46.02
CA GLN V 141 58.15 50.26 -45.92
C GLN V 141 57.87 49.12 -46.91
N ARG V 142 56.59 48.82 -47.15
CA ARG V 142 56.19 47.80 -48.14
C ARG V 142 56.63 48.16 -49.54
N GLU V 143 56.46 49.43 -49.89
CA GLU V 143 56.88 49.94 -51.18
C GLU V 143 58.09 50.88 -51.02
N SER V 144 59.02 50.46 -50.16
CA SER V 144 60.22 51.24 -49.85
C SER V 144 61.10 51.49 -51.07
N LYS V 145 61.11 50.53 -52.00
CA LYS V 145 61.87 50.66 -53.24
C LYS V 145 61.32 51.75 -54.16
N PHE V 146 60.00 52.00 -54.08
CA PHE V 146 59.35 53.07 -54.84
C PHE V 146 59.57 54.46 -54.23
N PHE V 147 59.51 54.53 -52.91
CA PHE V 147 59.65 55.80 -52.18
C PHE V 147 61.10 56.21 -51.92
N GLU V 148 62.04 55.34 -52.30
CA GLU V 148 63.47 55.60 -52.11
C GLU V 148 63.93 56.96 -52.63
N HIS V 149 63.50 57.31 -53.84
CA HIS V 149 63.95 58.54 -54.51
C HIS V 149 63.22 59.81 -54.03
N PHE V 150 62.24 59.63 -53.15
CA PHE V 150 61.43 60.76 -52.69
C PHE V 150 61.78 61.20 -51.26
N ILE V 151 62.83 60.60 -50.70
CA ILE V 151 63.31 60.97 -49.35
C ILE V 151 64.59 61.79 -49.46
N GLU V 152 64.70 62.81 -48.61
CA GLU V 152 65.82 63.75 -48.64
C GLU V 152 66.82 63.52 -47.51
N GLY V 153 68.02 64.07 -47.68
CA GLY V 153 69.03 64.07 -46.63
C GLY V 153 69.81 62.78 -46.47
N GLY V 154 69.66 61.87 -47.44
CA GLY V 154 70.46 60.64 -47.48
C GLY V 154 70.03 59.55 -46.53
N ARG V 155 68.97 59.83 -45.76
CA ARG V 155 68.41 58.84 -44.85
C ARG V 155 67.56 57.86 -45.67
N THR V 156 67.38 56.64 -45.14
CA THR V 156 66.63 55.60 -45.85
C THR V 156 65.13 55.71 -45.60
N VAL V 157 64.36 54.80 -46.21
CA VAL V 157 62.91 54.79 -46.09
C VAL V 157 62.50 54.39 -44.68
N LYS V 158 63.24 53.46 -44.08
CA LYS V 158 62.94 52.96 -42.74
C LYS V 158 63.42 53.91 -41.64
N GLU V 159 64.42 54.73 -41.95
CA GLU V 159 64.89 55.74 -41.02
C GLU V 159 63.99 56.97 -41.04
N PHE V 160 63.43 57.27 -42.22
CA PHE V 160 62.47 58.35 -42.40
C PHE V 160 61.22 58.08 -41.58
N CYS V 161 60.77 56.82 -41.62
CA CYS V 161 59.63 56.35 -40.83
C CYS V 161 59.88 56.54 -39.33
N GLN V 162 61.10 56.27 -38.90
CA GLN V 162 61.46 56.33 -37.48
C GLN V 162 61.78 57.74 -36.98
N GLN V 163 61.87 58.68 -37.92
CA GLN V 163 62.18 60.06 -37.56
C GLN V 163 61.02 61.02 -37.76
N GLU V 164 60.29 60.86 -38.87
CA GLU V 164 59.30 61.87 -39.28
C GLU V 164 57.86 61.36 -39.34
N VAL V 165 57.69 60.04 -39.35
CA VAL V 165 56.38 59.43 -39.56
C VAL V 165 55.78 58.87 -38.26
N GLU V 166 56.46 57.90 -37.67
CA GLU V 166 55.95 57.18 -36.48
C GLU V 166 55.87 58.02 -35.20
N PRO V 167 56.92 58.82 -34.90
CA PRO V 167 56.82 59.63 -33.67
C PRO V 167 55.72 60.68 -33.75
N MET V 168 55.19 61.06 -32.59
CA MET V 168 54.11 62.03 -32.50
C MET V 168 54.63 63.45 -32.67
N CYS V 169 53.71 64.38 -32.95
CA CYS V 169 54.01 65.80 -33.10
C CYS V 169 54.95 66.08 -34.26
N LYS V 170 54.97 65.16 -35.23
CA LYS V 170 55.78 65.32 -36.43
C LYS V 170 54.91 65.72 -37.62
N GLU V 171 55.27 66.84 -38.26
CA GLU V 171 54.54 67.39 -39.41
C GLU V 171 54.40 66.40 -40.57
N SER V 172 53.53 66.73 -41.52
CA SER V 172 53.30 65.89 -42.69
C SER V 172 53.40 66.69 -44.00
N ASP V 173 53.92 66.04 -45.04
CA ASP V 173 53.84 66.55 -46.41
C ASP V 173 53.44 65.42 -47.37
N HIS V 174 53.53 65.66 -48.68
CA HIS V 174 53.01 64.73 -49.70
C HIS V 174 53.52 63.30 -49.60
N ILE V 175 54.73 63.12 -49.07
CA ILE V 175 55.29 61.78 -48.83
C ILE V 175 54.41 61.01 -47.82
N HIS V 176 53.83 61.72 -46.87
CA HIS V 176 52.90 61.13 -45.90
C HIS V 176 51.55 60.86 -46.56
N ILE V 177 51.03 61.88 -47.24
CA ILE V 177 49.68 61.85 -47.79
C ILE V 177 49.50 60.70 -48.79
N ILE V 178 50.41 60.61 -49.78
CA ILE V 178 50.36 59.52 -50.77
C ILE V 178 50.35 58.15 -50.09
N ALA V 179 51.11 58.02 -49.01
CA ALA V 179 51.25 56.76 -48.29
C ALA V 179 49.99 56.32 -47.54
N LEU V 180 49.32 57.26 -46.90
CA LEU V 180 48.09 56.94 -46.18
C LEU V 180 46.90 56.79 -47.13
N ALA V 181 46.90 57.59 -48.20
CA ALA V 181 45.87 57.53 -49.23
C ALA V 181 45.83 56.17 -49.92
N GLN V 182 47.01 55.60 -50.11
CA GLN V 182 47.16 54.32 -50.81
C GLN V 182 46.97 53.13 -49.87
N ALA V 183 47.18 53.36 -48.58
CA ALA V 183 47.04 52.31 -47.56
C ALA V 183 45.58 52.00 -47.24
N LEU V 184 44.74 53.03 -47.24
CA LEU V 184 43.33 52.85 -46.89
C LEU V 184 42.40 52.99 -48.10
N SER V 185 43.00 53.05 -49.29
CA SER V 185 42.29 53.17 -50.57
C SER V 185 41.36 54.39 -50.58
N VAL V 186 41.88 55.52 -50.08
CA VAL V 186 41.10 56.74 -49.91
C VAL V 186 41.73 57.96 -50.61
N SER V 187 41.05 58.45 -51.65
CA SER V 187 41.54 59.58 -52.43
C SER V 187 41.41 60.89 -51.66
N ILE V 188 42.49 61.65 -51.61
CA ILE V 188 42.52 62.94 -50.91
C ILE V 188 42.86 64.08 -51.86
N GLN V 189 42.25 65.23 -51.65
CA GLN V 189 42.61 66.45 -52.36
C GLN V 189 43.06 67.54 -51.40
N VAL V 190 44.21 68.14 -51.69
CA VAL V 190 44.76 69.22 -50.86
C VAL V 190 44.79 70.53 -51.65
N GLU V 191 44.28 71.58 -51.04
CA GLU V 191 44.32 72.93 -51.60
C GLU V 191 45.37 73.75 -50.84
N TYR V 192 46.24 74.41 -51.58
CA TYR V 192 47.34 75.17 -50.99
C TYR V 192 47.07 76.66 -50.97
N MET V 193 47.59 77.33 -49.96
CA MET V 193 47.45 78.78 -49.87
C MET V 193 48.76 79.47 -50.24
N ASP V 194 49.30 79.09 -51.41
CA ASP V 194 50.55 79.67 -51.93
C ASP V 194 50.31 80.35 -53.27
N ASN V 202 46.85 75.74 -55.86
CA ASN V 202 47.17 74.46 -56.49
C ASN V 202 46.29 73.32 -55.99
N PRO V 203 45.36 72.84 -56.84
CA PRO V 203 44.58 71.65 -56.48
C PRO V 203 45.38 70.38 -56.76
N HIS V 204 45.83 69.70 -55.70
CA HIS V 204 46.61 68.47 -55.83
C HIS V 204 45.83 67.25 -55.36
N ILE V 205 45.76 66.24 -56.22
CA ILE V 205 45.03 65.00 -55.93
C ILE V 205 46.01 63.93 -55.48
N PHE V 206 45.61 63.14 -54.49
CA PHE V 206 46.44 62.04 -53.98
C PHE V 206 45.61 60.74 -53.83
N PRO V 207 45.91 59.72 -54.65
CA PRO V 207 46.87 59.72 -55.77
C PRO V 207 46.28 60.36 -57.01
N GLU V 208 47.10 60.57 -58.02
CA GLU V 208 46.69 61.28 -59.23
C GLU V 208 45.66 60.51 -60.04
N GLY V 209 44.61 61.21 -60.48
CA GLY V 209 43.57 60.63 -61.33
C GLY V 209 42.31 60.20 -60.60
N SER V 210 42.48 59.72 -59.37
CA SER V 210 41.35 59.27 -58.55
C SER V 210 40.42 60.42 -58.15
N GLU V 211 39.17 60.10 -57.86
CA GLU V 211 38.19 61.08 -57.42
C GLU V 211 38.17 61.19 -55.90
N PRO V 212 38.35 62.41 -55.37
CA PRO V 212 38.56 62.66 -53.94
C PRO V 212 37.38 62.24 -53.06
N LYS V 213 37.71 61.87 -51.83
CA LYS V 213 36.71 61.59 -50.80
C LYS V 213 36.95 62.49 -49.59
N VAL V 214 38.19 62.96 -49.45
CA VAL V 214 38.58 63.85 -48.35
C VAL V 214 39.23 65.11 -48.92
N TYR V 215 38.64 66.26 -48.62
CA TYR V 215 39.18 67.56 -49.05
C TYR V 215 39.87 68.24 -47.88
N LEU V 216 41.09 68.75 -48.12
CA LEU V 216 41.89 69.41 -47.08
C LEU V 216 42.54 70.70 -47.55
N LEU V 217 42.68 71.66 -46.63
CA LEU V 217 43.40 72.90 -46.90
C LEU V 217 44.74 72.88 -46.17
N TYR V 218 45.80 73.19 -46.90
CA TYR V 218 47.12 73.33 -46.30
C TYR V 218 47.53 74.79 -46.17
N ARG V 219 47.94 75.15 -44.96
CA ARG V 219 48.59 76.42 -44.65
C ARG V 219 49.81 76.08 -43.81
N PRO V 220 50.90 76.88 -43.91
CA PRO V 220 52.14 76.56 -43.19
C PRO V 220 51.89 76.09 -41.75
N GLY V 221 52.13 74.81 -41.50
CA GLY V 221 51.87 74.21 -40.19
C GLY V 221 50.51 73.56 -40.03
N HIS V 222 49.48 74.17 -40.59
CA HIS V 222 48.09 73.73 -40.42
C HIS V 222 47.60 72.74 -41.49
N TYR V 223 46.70 71.86 -41.09
CA TYR V 223 45.92 71.02 -42.00
C TYR V 223 44.45 71.10 -41.58
N ASP V 224 43.58 71.49 -42.51
CA ASP V 224 42.17 71.73 -42.19
C ASP V 224 41.23 71.01 -43.15
N ILE V 225 40.06 70.62 -42.64
CA ILE V 225 39.02 69.95 -43.44
C ILE V 225 38.20 70.98 -44.23
N LEU V 226 38.07 70.75 -45.54
CA LEU V 226 37.30 71.63 -46.41
C LEU V 226 36.00 70.96 -46.85
N TYR V 227 34.92 71.73 -46.88
CA TYR V 227 33.61 71.22 -47.28
C TYR V 227 33.10 71.94 -48.52
N LYS V 228 32.57 71.15 -49.45
CA LYS V 228 31.95 71.65 -50.69
C LYS V 228 30.66 72.43 -50.42
N VAL W 2 49.63 55.06 -9.07
CA VAL W 2 50.93 54.70 -9.72
C VAL W 2 52.11 55.27 -8.92
N LYS W 3 52.94 54.38 -8.39
CA LYS W 3 54.07 54.77 -7.55
C LYS W 3 55.25 55.27 -8.39
N VAL W 4 55.82 56.40 -7.98
CA VAL W 4 57.00 56.96 -8.63
C VAL W 4 58.23 56.63 -7.78
N PRO W 5 59.26 56.03 -8.41
CA PRO W 5 60.49 55.65 -7.71
C PRO W 5 61.27 56.83 -7.15
N ARG W 6 62.01 56.58 -6.08
CA ARG W 6 62.78 57.58 -5.35
C ARG W 6 63.62 58.49 -6.25
N ASN W 7 64.42 57.88 -7.12
CA ASN W 7 65.39 58.61 -7.91
C ASN W 7 64.80 59.44 -9.05
N PHE W 8 63.70 58.96 -9.62
CA PHE W 8 63.02 59.72 -10.66
C PHE W 8 62.18 60.86 -10.10
N ARG W 9 61.61 60.65 -8.90
CA ARG W 9 60.88 61.70 -8.20
C ARG W 9 61.81 62.82 -7.76
N LEU W 10 62.97 62.46 -7.23
CA LEU W 10 63.92 63.46 -6.76
C LEU W 10 64.51 64.32 -7.87
N LEU W 11 64.66 63.75 -9.05
CA LEU W 11 65.12 64.50 -10.22
C LEU W 11 64.12 65.54 -10.72
N GLU W 12 62.83 65.23 -10.56
CA GLU W 12 61.77 66.20 -10.84
C GLU W 12 61.85 67.35 -9.86
N GLU W 13 62.12 67.03 -8.60
CA GLU W 13 62.22 68.02 -7.53
C GLU W 13 63.46 68.88 -7.65
N LEU W 14 64.51 68.32 -8.24
CA LEU W 14 65.73 69.08 -8.49
C LEU W 14 65.51 70.13 -9.59
N GLU W 15 64.75 69.77 -10.62
CA GLU W 15 64.48 70.70 -11.72
C GLU W 15 63.48 71.77 -11.32
N GLU W 16 62.54 71.42 -10.44
CA GLU W 16 61.60 72.39 -9.89
C GLU W 16 62.34 73.37 -8.96
N GLY W 17 63.29 72.84 -8.19
CA GLY W 17 64.16 73.65 -7.34
C GLY W 17 65.01 74.63 -8.14
N GLN W 18 65.44 74.21 -9.33
CA GLN W 18 66.22 75.07 -10.22
C GLN W 18 65.43 76.29 -10.71
N LYS W 19 64.31 76.06 -11.39
CA LYS W 19 63.52 77.15 -11.96
C LYS W 19 62.80 77.98 -10.89
N GLY W 20 62.61 77.39 -9.71
CA GLY W 20 62.09 78.11 -8.55
C GLY W 20 60.59 78.28 -8.53
N VAL W 21 60.03 78.28 -7.31
CA VAL W 21 58.59 78.42 -7.12
C VAL W 21 58.16 79.80 -6.63
N GLY W 22 56.94 80.20 -6.98
CA GLY W 22 56.36 81.47 -6.56
C GLY W 22 57.33 82.65 -6.64
N ASP W 23 57.63 83.22 -5.48
CA ASP W 23 58.58 84.33 -5.38
C ASP W 23 59.98 83.85 -5.01
N GLY W 24 60.08 83.11 -3.90
CA GLY W 24 61.35 82.59 -3.42
C GLY W 24 61.47 82.59 -1.91
N THR W 25 60.34 82.39 -1.23
CA THR W 25 60.34 82.25 0.24
C THR W 25 60.68 80.81 0.67
N VAL W 26 60.77 79.91 -0.31
CA VAL W 26 61.25 78.54 -0.11
C VAL W 26 62.07 78.11 -1.33
N SER W 27 63.31 77.65 -1.10
CA SER W 27 64.20 77.23 -2.19
C SER W 27 65.02 76.02 -1.82
N TRP W 28 65.05 75.04 -2.71
CA TRP W 28 65.80 73.80 -2.48
C TRP W 28 66.70 73.41 -3.64
N GLY W 29 67.77 72.69 -3.29
CA GLY W 29 68.73 72.16 -4.25
C GLY W 29 69.61 71.13 -3.56
N LEU W 30 70.56 70.58 -4.31
CA LEU W 30 71.47 69.54 -3.77
C LEU W 30 72.67 70.14 -3.05
N GLU W 31 73.15 69.45 -2.01
CA GLU W 31 74.39 69.82 -1.32
C GLU W 31 75.59 69.64 -2.24
N ASP W 32 75.63 68.51 -2.94
CA ASP W 32 76.60 68.28 -3.99
C ASP W 32 75.84 67.92 -5.26
N ASP W 33 76.09 68.68 -6.33
CA ASP W 33 75.43 68.45 -7.61
C ASP W 33 76.09 67.33 -8.40
N GLU W 34 77.19 66.81 -7.86
CA GLU W 34 77.82 65.59 -8.37
C GLU W 34 77.39 64.37 -7.54
N ASP W 35 76.67 64.63 -6.45
CA ASP W 35 76.07 63.59 -5.60
C ASP W 35 75.03 62.81 -6.40
N MET W 36 75.45 61.67 -6.95
CA MET W 36 74.59 60.82 -7.75
C MET W 36 73.50 60.10 -6.94
N THR W 37 73.75 59.91 -5.65
CA THR W 37 72.79 59.25 -4.74
C THR W 37 71.59 60.13 -4.37
N LEU W 38 71.72 61.44 -4.61
CA LEU W 38 70.63 62.41 -4.41
C LEU W 38 70.06 62.34 -2.98
N THR W 39 70.93 62.54 -1.99
CA THR W 39 70.51 62.32 -0.61
C THR W 39 70.55 63.58 0.26
N ARG W 40 71.59 64.37 0.13
CA ARG W 40 71.73 65.58 0.96
C ARG W 40 71.30 66.85 0.23
N TRP W 41 70.30 67.52 0.77
CA TRP W 41 69.69 68.68 0.13
C TRP W 41 69.78 69.93 1.01
N THR W 42 69.78 71.10 0.38
CA THR W 42 69.85 72.37 1.10
C THR W 42 68.61 73.22 0.85
N GLY W 43 67.82 73.38 1.91
CA GLY W 43 66.64 74.24 1.88
C GLY W 43 66.96 75.64 2.37
N MET W 44 66.06 76.57 2.06
CA MET W 44 66.21 77.96 2.45
C MET W 44 64.82 78.54 2.72
N ILE W 45 64.61 79.09 3.91
CA ILE W 45 63.32 79.68 4.30
C ILE W 45 63.44 81.16 4.67
N ILE W 46 62.62 81.98 4.03
CA ILE W 46 62.41 83.37 4.43
C ILE W 46 61.18 83.41 5.34
N GLY W 47 61.36 83.86 6.57
CA GLY W 47 60.31 83.81 7.59
C GLY W 47 59.10 84.69 7.32
N PRO W 48 57.90 84.24 7.75
CA PRO W 48 56.62 84.93 7.53
C PRO W 48 56.53 86.32 8.19
N PRO W 49 55.67 87.22 7.63
CA PRO W 49 55.46 88.54 8.23
C PRO W 49 54.68 88.47 9.55
N ARG W 50 54.79 89.54 10.35
CA ARG W 50 54.18 89.65 11.69
C ARG W 50 54.91 88.90 12.80
N THR W 51 55.26 87.64 12.54
CA THR W 51 55.92 86.78 13.53
C THR W 51 57.34 87.25 13.86
N ASN W 52 57.89 86.75 14.97
CA ASN W 52 59.25 87.07 15.37
C ASN W 52 60.33 86.61 14.38
N TYR W 53 59.93 85.77 13.43
CA TYR W 53 60.80 85.33 12.35
C TYR W 53 60.55 86.17 11.08
N GLU W 54 60.76 87.48 11.16
CA GLU W 54 60.50 88.33 10.00
C GLU W 54 61.76 88.77 9.26
N ASN W 55 61.78 88.54 7.94
CA ASN W 55 62.92 88.88 7.07
C ASN W 55 64.23 88.19 7.41
N ARG W 56 64.14 86.95 7.91
CA ARG W 56 65.31 86.17 8.27
C ARG W 56 65.51 85.03 7.28
N ILE W 57 66.77 84.80 6.90
CA ILE W 57 67.13 83.71 6.00
C ILE W 57 67.50 82.47 6.81
N TYR W 58 66.57 81.53 6.90
CA TYR W 58 66.81 80.28 7.62
C TYR W 58 67.20 79.15 6.68
N SER W 59 68.50 78.87 6.59
CA SER W 59 68.96 77.74 5.76
C SER W 59 68.85 76.41 6.47
N LEU W 60 68.46 75.38 5.72
CA LEU W 60 68.25 74.06 6.27
C LEU W 60 69.09 73.00 5.61
N LYS W 61 68.98 71.78 6.15
CA LYS W 61 69.51 70.59 5.53
C LYS W 61 68.46 69.50 5.60
N VAL W 62 68.16 68.92 4.44
CA VAL W 62 67.15 67.87 4.32
C VAL W 62 67.82 66.62 3.77
N GLU W 63 67.64 65.51 4.47
CA GLU W 63 68.15 64.21 4.03
C GLU W 63 67.02 63.27 3.62
N CYS W 64 67.16 62.66 2.45
CA CYS W 64 66.17 61.74 1.90
C CYS W 64 66.62 60.28 1.98
N GLY W 65 65.95 59.53 2.86
CA GLY W 65 66.25 58.13 3.09
C GLY W 65 65.97 57.27 1.86
N PRO W 66 66.42 56.00 1.90
CA PRO W 66 66.32 55.09 0.76
C PRO W 66 64.87 54.78 0.37
N LYS W 67 63.95 55.08 1.27
CA LYS W 67 62.54 54.73 1.08
C LYS W 67 61.63 55.92 0.77
N TYR W 68 62.19 57.13 0.82
CA TYR W 68 61.50 58.34 0.35
C TYR W 68 61.00 58.10 -1.08
N PRO W 69 59.76 58.57 -1.40
CA PRO W 69 58.85 59.36 -0.58
C PRO W 69 57.82 58.54 0.21
N GLU W 70 58.00 57.22 0.28
CA GLU W 70 57.10 56.37 1.06
C GLU W 70 57.22 56.68 2.56
N ALA W 71 58.45 57.00 2.97
CA ALA W 71 58.71 57.52 4.31
C ALA W 71 59.09 59.01 4.20
N PRO W 72 58.93 59.77 5.30
CA PRO W 72 59.30 61.20 5.30
C PRO W 72 60.83 61.42 5.33
N PRO W 73 61.29 62.63 4.96
CA PRO W 73 62.73 62.96 5.05
C PRO W 73 63.13 63.58 6.39
N SER W 74 64.43 63.60 6.68
CA SER W 74 64.97 64.25 7.87
C SER W 74 65.23 65.73 7.62
N VAL W 75 64.59 66.58 8.41
CA VAL W 75 64.83 68.03 8.34
C VAL W 75 65.64 68.52 9.53
N ARG W 76 66.55 69.46 9.26
CA ARG W 76 67.38 70.05 10.31
C ARG W 76 67.74 71.49 9.98
N PHE W 77 67.48 72.39 10.93
CA PHE W 77 67.87 73.77 10.80
C PHE W 77 69.36 73.93 11.01
N VAL W 78 69.98 74.71 10.12
CA VAL W 78 71.36 75.11 10.33
C VAL W 78 71.39 76.42 11.12
N THR W 79 70.52 77.34 10.77
CA THR W 79 70.38 78.62 11.47
C THR W 79 69.56 78.45 12.76
N LYS W 80 70.01 79.08 13.84
CA LYS W 80 69.33 79.01 15.15
C LYS W 80 67.90 79.57 15.14
N ILE W 81 66.97 78.73 15.56
CA ILE W 81 65.54 79.05 15.57
C ILE W 81 64.96 78.79 16.96
N ASN W 82 63.88 79.48 17.28
CA ASN W 82 63.09 79.15 18.47
C ASN W 82 61.67 78.81 18.06
N MET W 83 61.38 77.50 18.04
CA MET W 83 60.15 76.99 17.49
C MET W 83 59.81 75.64 18.14
N ASN W 84 58.52 75.40 18.32
CA ASN W 84 58.03 74.12 18.84
C ASN W 84 58.31 73.00 17.84
N GLY W 85 59.05 71.99 18.28
CA GLY W 85 59.39 70.85 17.43
C GLY W 85 60.83 70.82 16.99
N ILE W 86 61.57 71.90 17.24
CA ILE W 86 62.98 72.00 16.86
C ILE W 86 63.89 72.04 18.08
N ASN W 87 64.76 71.03 18.18
CA ASN W 87 65.77 70.93 19.23
C ASN W 87 66.67 72.17 19.27
N ASN W 88 67.08 72.56 20.48
CA ASN W 88 67.90 73.76 20.66
C ASN W 88 69.41 73.51 20.53
N SER W 89 69.81 72.26 20.64
CA SER W 89 71.22 71.87 20.52
C SER W 89 71.61 71.54 19.08
N SER W 90 70.76 70.77 18.40
CA SER W 90 71.06 70.22 17.08
C SER W 90 70.30 70.91 15.94
N GLY W 91 69.14 71.47 16.27
CA GLY W 91 68.30 72.15 15.28
C GLY W 91 67.43 71.20 14.49
N MET W 92 67.43 69.94 14.89
CA MET W 92 66.70 68.89 14.19
C MET W 92 65.23 68.92 14.57
N VAL W 93 64.36 68.80 13.56
CA VAL W 93 62.91 68.82 13.76
C VAL W 93 62.44 67.40 14.05
N ASP W 94 61.40 67.26 14.87
CA ASP W 94 60.89 65.92 15.19
C ASP W 94 59.50 65.62 14.58
N ALA W 95 59.31 64.36 14.20
CA ALA W 95 58.22 63.90 13.32
C ALA W 95 56.80 64.09 13.85
N ARG W 96 56.56 63.73 15.11
CA ARG W 96 55.22 63.75 15.69
C ARG W 96 54.65 65.15 15.84
N SER W 97 55.50 66.12 16.18
CA SER W 97 55.08 67.49 16.47
C SER W 97 54.70 68.29 15.22
N ILE W 98 55.20 67.87 14.07
CA ILE W 98 54.85 68.52 12.81
C ILE W 98 53.85 67.63 12.03
N PRO W 99 52.63 68.17 11.82
CA PRO W 99 51.48 67.40 11.29
C PRO W 99 51.63 66.87 9.87
N VAL W 100 52.68 67.30 9.16
CA VAL W 100 52.94 66.81 7.82
C VAL W 100 53.83 65.56 7.86
N LEU W 101 54.66 65.47 8.90
CA LEU W 101 55.59 64.36 9.07
C LEU W 101 54.99 63.24 9.92
N ALA W 102 54.16 63.60 10.89
CA ALA W 102 53.46 62.61 11.71
C ALA W 102 52.48 61.83 10.84
N LYS W 103 51.64 62.57 10.10
CA LYS W 103 50.75 61.97 9.11
C LYS W 103 51.20 62.32 7.69
N TRP W 104 52.10 61.48 7.18
CA TRP W 104 52.78 61.72 5.91
C TRP W 104 52.15 60.92 4.78
N GLN W 105 51.93 61.59 3.65
CA GLN W 105 51.58 60.94 2.39
C GLN W 105 52.79 60.99 1.47
N ASN W 106 52.91 59.99 0.59
CA ASN W 106 53.98 60.00 -0.41
C ASN W 106 53.78 61.06 -1.50
N SER W 107 52.62 61.72 -1.46
CA SER W 107 52.31 62.82 -2.36
C SER W 107 52.98 64.13 -1.92
N TYR W 108 53.57 64.12 -0.72
CA TYR W 108 54.28 65.29 -0.21
C TYR W 108 55.67 65.35 -0.84
N SER W 109 56.25 66.54 -0.90
CA SER W 109 57.58 66.73 -1.46
C SER W 109 58.51 67.37 -0.43
N ILE W 110 59.68 67.82 -0.89
CA ILE W 110 60.57 68.65 -0.06
C ILE W 110 60.00 70.06 0.07
N LYS W 111 59.44 70.56 -1.03
CA LYS W 111 58.77 71.87 -1.06
C LYS W 111 57.65 71.92 -0.04
N VAL W 112 56.83 70.87 -0.02
CA VAL W 112 55.67 70.76 0.87
C VAL W 112 56.05 70.88 2.34
N VAL W 113 57.19 70.27 2.71
CA VAL W 113 57.67 70.32 4.08
C VAL W 113 58.31 71.68 4.41
N LEU W 114 58.67 72.44 3.38
CA LEU W 114 59.26 73.76 3.57
C LEU W 114 58.20 74.83 3.80
N GLN W 115 57.07 74.74 3.10
CA GLN W 115 55.95 75.63 3.38
C GLN W 115 55.27 75.28 4.69
N GLU W 116 55.15 73.98 4.98
CA GLU W 116 54.52 73.53 6.22
C GLU W 116 55.26 74.05 7.47
N LEU W 117 56.58 74.13 7.38
CA LEU W 117 57.39 74.74 8.44
C LEU W 117 57.18 76.26 8.48
N ARG W 118 57.04 76.86 7.31
CA ARG W 118 56.83 78.30 7.20
C ARG W 118 55.49 78.70 7.78
N ARG W 119 54.48 77.84 7.59
CA ARG W 119 53.11 78.12 8.03
C ARG W 119 52.81 77.70 9.47
N LEU W 120 53.62 76.77 10.01
CA LEU W 120 53.56 76.45 11.45
C LEU W 120 54.26 77.54 12.27
N MET W 121 55.11 78.32 11.59
CA MET W 121 55.74 79.50 12.20
C MET W 121 54.73 80.65 12.40
N MET W 122 53.63 80.60 11.64
CA MET W 122 52.57 81.59 11.69
C MET W 122 51.56 81.37 12.84
N SER W 123 51.60 80.19 13.45
CA SER W 123 50.66 79.83 14.52
C SER W 123 50.97 80.54 15.83
N LYS W 124 49.93 80.70 16.67
CA LYS W 124 50.00 81.48 17.91
C LYS W 124 51.19 81.19 18.83
N GLU W 125 51.44 79.90 19.07
CA GLU W 125 52.47 79.46 20.02
C GLU W 125 53.92 79.72 19.58
N ASN W 126 54.16 79.67 18.27
CA ASN W 126 55.48 79.94 17.69
C ASN W 126 55.66 81.40 17.32
N MET W 127 54.55 82.06 17.06
CA MET W 127 54.49 83.43 16.53
C MET W 127 55.25 84.45 17.37
N LYS W 128 54.90 84.52 18.65
CA LYS W 128 55.46 85.54 19.53
C LYS W 128 56.54 85.02 20.51
N LEU W 129 57.33 84.06 20.05
CA LEU W 129 58.46 83.53 20.84
C LEU W 129 59.70 84.41 20.66
N PRO W 130 60.49 84.61 21.74
CA PRO W 130 61.73 85.36 21.63
C PRO W 130 62.79 84.59 20.82
N GLN W 131 63.58 85.31 20.03
CA GLN W 131 64.47 84.66 19.06
C GLN W 131 65.97 84.85 19.37
N PRO W 132 66.82 83.90 18.89
CA PRO W 132 68.27 83.99 19.06
C PRO W 132 68.89 85.04 18.14
N PRO W 133 70.17 85.41 18.38
CA PRO W 133 70.87 86.38 17.52
C PRO W 133 70.89 85.94 16.06
N GLU W 134 70.65 86.91 15.16
CA GLU W 134 70.54 86.66 13.72
C GLU W 134 71.84 86.14 13.11
N GLY W 135 71.70 85.35 12.05
CA GLY W 135 72.83 84.78 11.30
C GLY W 135 73.74 83.91 12.14
N GLN W 136 73.13 83.09 13.00
CA GLN W 136 73.87 82.19 13.88
C GLN W 136 73.50 80.73 13.64
N THR W 137 74.50 79.87 13.75
CA THR W 137 74.36 78.45 13.42
C THR W 137 74.63 77.56 14.63
N TYR W 138 74.15 76.31 14.56
CA TYR W 138 74.36 75.32 15.63
C TYR W 138 75.77 74.73 15.57
N LEU X 2 47.37 47.94 -14.28
CA LEU X 2 48.43 47.81 -15.33
C LEU X 2 47.83 47.56 -16.71
N PRO X 3 48.35 48.27 -17.73
CA PRO X 3 47.96 48.04 -19.13
C PRO X 3 48.44 46.69 -19.68
N ARG X 4 47.69 46.14 -20.62
CA ARG X 4 48.04 44.91 -21.32
C ARG X 4 49.43 44.99 -21.97
N ARG X 5 49.85 46.19 -22.34
CA ARG X 5 51.13 46.35 -23.01
C ARG X 5 52.33 46.15 -22.08
N ILE X 6 52.22 46.66 -20.85
CA ILE X 6 53.33 46.57 -19.90
C ILE X 6 53.61 45.12 -19.50
N ILE X 7 52.54 44.34 -19.30
CA ILE X 7 52.66 42.91 -19.00
C ILE X 7 53.44 42.17 -20.09
N LYS X 8 53.06 42.44 -21.35
CA LYS X 8 53.69 41.80 -22.50
C LYS X 8 55.07 42.36 -22.87
N GLU X 9 55.39 43.56 -22.39
CA GLU X 9 56.74 44.10 -22.54
C GLU X 9 57.70 43.38 -21.60
N THR X 10 57.23 43.09 -20.37
CA THR X 10 58.05 42.43 -19.36
C THR X 10 58.29 40.96 -19.72
N GLN X 11 57.33 40.38 -20.42
CA GLN X 11 57.41 38.99 -20.83
C GLN X 11 58.51 38.82 -21.87
N ARG X 12 58.49 39.65 -22.91
CA ARG X 12 59.51 39.67 -23.96
C ARG X 12 60.90 39.94 -23.39
N LEU X 13 61.01 40.95 -22.53
CA LEU X 13 62.26 41.35 -21.89
C LEU X 13 62.94 40.20 -21.13
N LEU X 14 62.18 39.53 -20.28
CA LEU X 14 62.74 38.44 -19.47
C LEU X 14 62.83 37.13 -20.27
N ALA X 15 62.07 37.03 -21.35
CA ALA X 15 62.11 35.85 -22.22
C ALA X 15 63.20 35.94 -23.29
N GLU X 16 63.52 37.16 -23.72
CA GLU X 16 64.54 37.41 -24.74
C GLU X 16 65.66 38.29 -24.19
N PRO X 17 66.55 37.72 -23.35
CA PRO X 17 67.61 38.57 -22.79
C PRO X 17 68.58 39.03 -23.87
N VAL X 18 68.95 40.31 -23.82
CA VAL X 18 69.97 40.87 -24.69
C VAL X 18 71.32 40.63 -24.04
N PRO X 19 72.23 39.91 -24.75
CA PRO X 19 73.53 39.55 -24.18
C PRO X 19 74.30 40.78 -23.69
N GLY X 20 74.57 40.80 -22.39
CA GLY X 20 75.28 41.92 -21.76
C GLY X 20 74.38 42.86 -20.98
N ILE X 21 73.09 42.52 -20.89
CA ILE X 21 72.11 43.33 -20.16
C ILE X 21 71.14 42.47 -19.34
N LYS X 22 71.27 42.54 -18.02
CA LYS X 22 70.22 42.05 -17.11
C LYS X 22 69.21 43.17 -16.86
N ALA X 23 67.93 42.84 -16.95
CA ALA X 23 66.84 43.79 -16.72
C ALA X 23 65.68 43.16 -15.95
N GLU X 24 65.72 43.34 -14.63
CA GLU X 24 64.73 42.76 -13.72
C GLU X 24 63.70 43.81 -13.32
N PRO X 25 62.39 43.50 -13.45
CA PRO X 25 61.41 44.37 -12.82
C PRO X 25 61.46 44.20 -11.31
N ASP X 26 61.24 45.28 -10.58
CA ASP X 26 61.11 45.22 -9.14
C ASP X 26 59.74 44.63 -8.81
N GLU X 27 59.68 43.72 -7.85
CA GLU X 27 58.43 43.05 -7.54
C GLU X 27 57.44 43.93 -6.77
N SER X 28 57.94 45.00 -6.16
CA SER X 28 57.10 45.97 -5.44
C SER X 28 56.63 47.11 -6.34
N ASN X 29 57.20 47.19 -7.53
CA ASN X 29 56.83 48.22 -8.50
C ASN X 29 57.05 47.71 -9.93
N ALA X 30 56.01 47.07 -10.47
CA ALA X 30 56.06 46.45 -11.80
C ALA X 30 56.31 47.46 -12.94
N ARG X 31 56.47 48.73 -12.60
CA ARG X 31 56.79 49.78 -13.57
C ARG X 31 58.29 50.12 -13.56
N TYR X 32 59.01 49.57 -12.59
CA TYR X 32 60.40 49.93 -12.35
C TYR X 32 61.36 48.77 -12.62
N PHE X 33 62.39 49.05 -13.40
CA PHE X 33 63.33 48.04 -13.84
C PHE X 33 64.77 48.32 -13.41
N HIS X 34 65.33 47.40 -12.63
CA HIS X 34 66.76 47.41 -12.34
C HIS X 34 67.48 46.91 -13.58
N VAL X 35 68.34 47.76 -14.14
CA VAL X 35 69.06 47.39 -15.35
C VAL X 35 70.57 47.40 -15.09
N VAL X 36 71.23 46.29 -15.43
CA VAL X 36 72.68 46.20 -15.28
C VAL X 36 73.27 45.94 -16.66
N ILE X 37 74.28 46.71 -17.03
CA ILE X 37 74.84 46.64 -18.39
C ILE X 37 76.36 46.42 -18.37
N ALA X 38 76.82 45.32 -18.96
CA ALA X 38 78.24 45.01 -18.99
C ALA X 38 78.95 45.91 -20.01
N GLY X 39 79.95 46.64 -19.53
CA GLY X 39 80.74 47.52 -20.39
C GLY X 39 81.23 46.76 -21.59
N PRO X 40 80.87 47.20 -22.81
CA PRO X 40 81.21 46.53 -24.05
C PRO X 40 82.70 46.28 -24.18
N GLN X 41 83.06 45.14 -24.73
CA GLN X 41 84.47 44.81 -24.97
C GLN X 41 85.04 45.70 -26.07
N ASP X 42 86.35 45.93 -26.03
CA ASP X 42 87.06 46.83 -26.95
C ASP X 42 86.68 48.32 -26.81
N SER X 43 85.82 48.63 -25.83
CA SER X 43 85.46 50.01 -25.54
C SER X 43 86.18 50.49 -24.27
N PRO X 44 86.14 51.82 -23.99
CA PRO X 44 86.77 52.35 -22.77
C PRO X 44 86.07 51.91 -21.49
N PHE X 45 85.04 51.07 -21.64
CA PHE X 45 84.25 50.63 -20.49
C PHE X 45 84.42 49.13 -20.23
N GLU X 46 85.32 48.53 -21.01
CA GLU X 46 85.75 47.13 -20.86
C GLU X 46 85.86 46.75 -19.38
N GLY X 47 85.30 45.59 -19.04
CA GLY X 47 85.46 45.04 -17.69
C GLY X 47 84.47 45.53 -16.65
N GLY X 48 84.23 46.83 -16.63
CA GLY X 48 83.32 47.43 -15.66
C GLY X 48 81.86 47.16 -15.95
N THR X 49 81.06 47.12 -14.89
CA THR X 49 79.63 46.86 -15.01
C THR X 49 78.83 48.06 -14.51
N PHE X 50 77.95 48.57 -15.38
CA PHE X 50 77.24 49.83 -15.14
C PHE X 50 75.76 49.63 -14.84
N LYS X 51 75.32 50.21 -13.73
CA LYS X 51 73.96 50.06 -13.23
C LYS X 51 73.07 51.15 -13.80
N LEU X 52 71.89 50.73 -14.25
CA LEU X 52 70.88 51.64 -14.76
C LEU X 52 69.54 51.34 -14.09
N GLU X 53 68.61 52.27 -14.26
CA GLU X 53 67.31 52.20 -13.63
C GLU X 53 66.29 52.82 -14.57
N LEU X 54 65.24 52.07 -14.87
CA LEU X 54 64.26 52.46 -15.88
C LEU X 54 62.84 52.50 -15.32
N PHE X 55 62.11 53.56 -15.68
CA PHE X 55 60.72 53.75 -15.24
C PHE X 55 59.78 54.01 -16.42
N LEU X 56 58.60 53.40 -16.37
CA LEU X 56 57.56 53.60 -17.39
C LEU X 56 56.46 54.48 -16.82
N PRO X 57 56.43 55.77 -17.21
CA PRO X 57 55.52 56.79 -16.71
C PRO X 57 54.05 56.43 -16.84
N GLU X 58 53.21 57.19 -16.12
CA GLU X 58 51.75 57.00 -16.12
C GLU X 58 51.14 56.77 -17.51
N GLU X 59 51.68 57.46 -18.51
CA GLU X 59 51.12 57.40 -19.87
C GLU X 59 52.09 56.81 -20.89
N TYR X 60 52.84 55.80 -20.47
CA TYR X 60 53.52 54.91 -21.41
C TYR X 60 52.42 54.13 -22.14
N PRO X 61 52.55 53.93 -23.47
CA PRO X 61 53.65 54.21 -24.39
C PRO X 61 53.60 55.58 -25.07
N MET X 62 52.62 56.40 -24.70
CA MET X 62 52.51 57.76 -25.25
C MET X 62 53.69 58.60 -24.78
N ALA X 63 54.05 58.45 -23.51
CA ALA X 63 55.22 59.09 -22.94
C ALA X 63 56.37 58.11 -22.96
N ALA X 64 57.54 58.56 -23.41
CA ALA X 64 58.73 57.71 -23.47
C ALA X 64 59.18 57.26 -22.07
N PRO X 65 59.73 56.03 -21.95
CA PRO X 65 60.23 55.56 -20.66
C PRO X 65 61.40 56.42 -20.20
N LYS X 66 61.53 56.60 -18.88
CA LYS X 66 62.64 57.36 -18.31
C LYS X 66 63.78 56.43 -17.89
N VAL X 67 64.99 56.74 -18.35
CA VAL X 67 66.18 55.96 -18.01
C VAL X 67 67.22 56.86 -17.34
N ARG X 68 68.07 56.23 -16.53
CA ARG X 68 69.10 56.95 -15.79
C ARG X 68 70.22 55.99 -15.40
N PHE X 69 71.46 56.42 -15.62
CA PHE X 69 72.62 55.73 -15.08
C PHE X 69 72.70 55.93 -13.58
N MET X 70 72.97 54.85 -12.85
CA MET X 70 73.20 54.93 -11.41
C MET X 70 74.69 54.95 -11.14
N THR X 71 75.44 54.30 -12.02
CA THR X 71 76.90 54.29 -11.99
C THR X 71 77.46 55.51 -12.70
N LYS X 72 78.31 56.27 -12.00
CA LYS X 72 79.03 57.40 -12.58
C LYS X 72 79.82 56.93 -13.81
N ILE X 73 79.89 57.78 -14.84
CA ILE X 73 80.51 57.40 -16.10
C ILE X 73 80.86 58.59 -17.00
N TYR X 74 82.13 58.69 -17.40
CA TYR X 74 82.61 59.74 -18.30
C TYR X 74 82.22 59.39 -19.73
N HIS X 75 81.13 59.99 -20.19
CA HIS X 75 80.55 59.69 -21.49
C HIS X 75 79.79 60.91 -21.99
N PRO X 76 79.84 61.16 -23.32
CA PRO X 76 79.16 62.34 -23.88
C PRO X 76 77.67 62.36 -23.60
N ASN X 77 77.01 61.24 -23.86
CA ASN X 77 75.55 61.15 -23.77
C ASN X 77 75.01 61.04 -22.33
N VAL X 78 75.90 61.05 -21.35
CA VAL X 78 75.51 61.02 -19.94
C VAL X 78 76.05 62.26 -19.22
N ASP X 79 75.30 62.76 -18.24
CA ASP X 79 75.74 63.93 -17.48
C ASP X 79 76.25 63.59 -16.07
N LYS X 80 76.49 64.63 -15.27
CA LYS X 80 77.02 64.48 -13.91
C LYS X 80 76.10 63.66 -13.00
N LEU X 81 74.80 63.80 -13.20
CA LEU X 81 73.79 63.13 -12.37
C LEU X 81 73.29 61.82 -12.95
N GLY X 82 73.72 61.49 -14.17
CA GLY X 82 73.40 60.20 -14.77
C GLY X 82 72.21 60.19 -15.70
N ARG X 83 71.71 61.38 -16.05
CA ARG X 83 70.66 61.51 -17.05
C ARG X 83 71.19 61.13 -18.43
N ILE X 84 70.35 60.53 -19.26
CA ILE X 84 70.78 60.07 -20.57
C ILE X 84 70.22 60.94 -21.69
N CYS X 85 71.10 61.45 -22.53
CA CYS X 85 70.70 62.22 -23.70
C CYS X 85 70.57 61.29 -24.91
N LEU X 86 69.34 60.98 -25.30
CA LEU X 86 69.11 60.02 -26.37
C LEU X 86 67.90 60.39 -27.22
N ASP X 87 68.07 60.29 -28.53
CA ASP X 87 67.05 60.67 -29.52
C ASP X 87 65.71 60.00 -29.27
N ILE X 88 65.75 58.68 -29.04
CA ILE X 88 64.52 57.92 -28.87
C ILE X 88 63.89 58.10 -27.49
N LEU X 89 64.56 58.82 -26.58
CA LEU X 89 64.01 59.06 -25.25
C LEU X 89 63.19 60.33 -25.13
N LYS X 90 63.32 61.23 -26.10
CA LYS X 90 62.46 62.41 -26.14
C LYS X 90 61.83 62.53 -27.51
N ASP X 91 62.48 63.32 -28.35
CA ASP X 91 61.96 63.75 -29.65
C ASP X 91 61.48 62.62 -30.58
N LYS X 92 62.34 61.63 -30.79
CA LYS X 92 62.09 60.58 -31.78
C LYS X 92 61.43 59.32 -31.20
N TRP X 93 60.66 59.48 -30.13
CA TRP X 93 59.96 58.36 -29.53
C TRP X 93 58.60 58.17 -30.16
N SER X 94 58.32 56.95 -30.60
CA SER X 94 56.99 56.57 -31.03
C SER X 94 56.51 55.48 -30.08
N PRO X 95 55.17 55.37 -29.88
CA PRO X 95 54.61 54.33 -29.02
C PRO X 95 54.87 52.90 -29.52
N ALA X 96 55.37 52.77 -30.74
CA ALA X 96 55.67 51.48 -31.35
C ALA X 96 57.02 50.89 -30.93
N LEU X 97 57.86 51.70 -30.29
CA LEU X 97 59.16 51.23 -29.79
C LEU X 97 58.99 50.56 -28.42
N GLN X 98 59.76 49.49 -28.19
CA GLN X 98 59.70 48.78 -26.90
C GLN X 98 60.94 49.04 -26.04
N ILE X 99 60.89 48.58 -24.79
CA ILE X 99 61.97 48.75 -23.83
C ILE X 99 63.28 48.13 -24.33
N ARG X 100 63.18 47.00 -25.00
CA ARG X 100 64.35 46.31 -25.53
C ARG X 100 65.11 47.19 -26.52
N THR X 101 64.38 47.95 -27.33
CA THR X 101 64.96 48.88 -28.31
C THR X 101 65.71 50.01 -27.61
N VAL X 102 65.14 50.51 -26.52
CA VAL X 102 65.79 51.52 -25.68
C VAL X 102 67.10 50.97 -25.13
N LEU X 103 67.00 49.81 -24.46
CA LEU X 103 68.14 49.12 -23.88
C LEU X 103 69.24 48.81 -24.89
N LEU X 104 68.82 48.29 -26.05
CA LEU X 104 69.72 48.01 -27.16
C LEU X 104 70.42 49.29 -27.64
N SER X 105 69.73 50.42 -27.55
CA SER X 105 70.27 51.72 -27.99
C SER X 105 71.27 52.34 -27.01
N ILE X 106 71.06 52.10 -25.72
CA ILE X 106 72.00 52.54 -24.68
C ILE X 106 73.29 51.73 -24.75
N GLN X 107 73.16 50.44 -25.04
CA GLN X 107 74.33 49.59 -25.18
C GLN X 107 75.22 49.96 -26.38
N ALA X 108 74.58 50.42 -27.46
CA ALA X 108 75.31 50.86 -28.65
C ALA X 108 76.03 52.17 -28.41
N LEU X 109 75.47 52.97 -27.51
CA LEU X 109 76.02 54.26 -27.12
C LEU X 109 77.34 54.11 -26.34
N LEU X 110 77.45 53.03 -25.56
CA LEU X 110 78.67 52.71 -24.81
C LEU X 110 79.71 52.05 -25.70
N SER X 111 79.24 51.20 -26.60
CA SER X 111 80.08 50.45 -27.54
C SER X 111 80.83 51.37 -28.50
N ALA X 112 80.16 52.44 -28.93
CA ALA X 112 80.79 53.44 -29.79
C ALA X 112 80.21 54.83 -29.51
N PRO X 113 80.73 55.51 -28.48
CA PRO X 113 80.31 56.88 -28.16
C PRO X 113 80.47 57.85 -29.36
N ASN X 114 79.42 58.60 -29.65
CA ASN X 114 79.44 59.62 -30.70
C ASN X 114 79.67 61.02 -30.12
N PRO X 115 80.84 61.62 -30.42
CA PRO X 115 81.27 62.94 -29.94
C PRO X 115 80.29 64.09 -30.19
N ASP X 116 79.93 64.34 -31.45
CA ASP X 116 79.17 65.56 -31.80
C ASP X 116 77.70 65.55 -31.37
N ASP X 117 77.45 66.19 -30.23
CA ASP X 117 76.10 66.33 -29.67
C ASP X 117 75.92 67.77 -29.13
N PRO X 118 75.28 68.65 -29.93
CA PRO X 118 75.21 70.13 -29.75
C PRO X 118 74.69 70.65 -28.39
N LEU X 119 74.70 69.79 -27.35
CA LEU X 119 74.43 70.22 -25.98
C LEU X 119 75.71 70.86 -25.44
N ALA X 120 75.56 71.72 -24.42
CA ALA X 120 76.71 72.36 -23.76
C ALA X 120 77.60 71.35 -23.01
N ASN X 121 77.48 70.08 -23.41
CA ASN X 121 78.28 68.97 -22.86
C ASN X 121 79.78 69.20 -22.94
N ASP X 122 80.40 69.41 -21.78
CA ASP X 122 81.85 69.56 -21.69
C ASP X 122 82.57 68.25 -21.94
N VAL X 123 81.90 67.15 -21.63
CA VAL X 123 82.41 65.82 -21.94
C VAL X 123 82.53 65.66 -23.45
N ALA X 124 81.42 65.92 -24.15
CA ALA X 124 81.36 65.80 -25.62
C ALA X 124 82.23 66.83 -26.33
N GLU X 125 82.39 68.00 -25.70
CA GLU X 125 83.30 69.05 -26.17
C GLU X 125 84.73 68.53 -26.14
N GLN X 126 85.07 67.89 -25.03
CA GLN X 126 86.41 67.35 -24.77
C GLN X 126 86.68 66.13 -25.64
N TRP X 127 85.63 65.34 -25.89
CA TRP X 127 85.72 64.12 -26.68
C TRP X 127 85.92 64.37 -28.17
N LYS X 128 85.40 65.49 -28.66
CA LYS X 128 85.38 65.78 -30.08
C LYS X 128 86.75 66.14 -30.64
N THR X 129 87.60 66.74 -29.80
CA THR X 129 88.95 67.13 -30.22
C THR X 129 90.03 66.24 -29.61
N ASN X 130 90.00 66.10 -28.28
CA ASN X 130 90.93 65.24 -27.57
C ASN X 130 90.34 63.86 -27.30
N GLU X 131 90.19 63.07 -28.37
CA GLU X 131 89.55 61.76 -28.26
C GLU X 131 90.36 60.79 -27.40
N ALA X 132 91.61 60.53 -27.78
CA ALA X 132 92.48 59.59 -27.06
C ALA X 132 92.68 60.00 -25.60
N GLN X 133 92.58 61.29 -25.32
CA GLN X 133 92.63 61.85 -23.97
C GLN X 133 91.35 61.52 -23.19
N ALA X 134 90.20 61.64 -23.85
CA ALA X 134 88.92 61.37 -23.22
C ALA X 134 88.63 59.88 -23.06
N ILE X 135 89.22 59.05 -23.94
CA ILE X 135 89.04 57.59 -23.86
C ILE X 135 89.79 57.06 -22.63
N GLU X 136 90.95 57.66 -22.36
CA GLU X 136 91.73 57.33 -21.18
C GLU X 136 91.05 57.81 -19.89
N THR X 137 90.40 58.97 -19.95
CA THR X 137 89.66 59.49 -18.78
C THR X 137 88.44 58.62 -18.47
N ALA X 138 87.80 58.09 -19.52
CA ALA X 138 86.67 57.19 -19.38
C ALA X 138 87.09 55.86 -18.78
N ARG X 139 88.23 55.35 -19.27
CA ARG X 139 88.83 54.11 -18.80
C ARG X 139 89.21 54.18 -17.32
N ALA X 140 89.62 55.37 -16.88
CA ALA X 140 89.97 55.60 -15.49
C ALA X 140 88.72 55.65 -14.62
N TRP X 141 87.66 56.28 -15.13
CA TRP X 141 86.39 56.39 -14.41
C TRP X 141 85.69 55.05 -14.33
N THR X 142 85.94 54.19 -15.32
CA THR X 142 85.43 52.83 -15.30
C THR X 142 86.03 52.05 -14.12
N ARG X 143 87.30 52.31 -13.80
CA ARG X 143 87.97 51.62 -12.70
C ARG X 143 87.72 52.22 -11.32
N LEU X 144 87.25 53.46 -11.28
CA LEU X 144 86.89 54.12 -10.03
C LEU X 144 85.47 53.81 -9.60
N TYR X 145 84.56 53.75 -10.56
CA TYR X 145 83.13 53.71 -10.26
C TYR X 145 82.38 52.46 -10.75
N ALA X 146 83.00 51.66 -11.60
CA ALA X 146 82.28 50.53 -12.18
C ALA X 146 82.90 49.15 -11.85
N MET X 147 84.04 49.15 -11.18
CA MET X 147 84.75 47.90 -10.88
C MET X 147 84.28 47.22 -9.59
N ASN X 148 83.91 48.02 -8.60
CA ASN X 148 83.37 47.51 -7.35
C ASN X 148 81.97 48.06 -7.08
N VAL Y 2 -11.51 38.25 -50.00
CA VAL Y 2 -10.04 38.07 -50.28
C VAL Y 2 -9.19 38.45 -49.07
N LYS Y 3 -8.49 37.44 -48.52
CA LYS Y 3 -7.56 37.62 -47.39
C LYS Y 3 -6.21 38.11 -47.89
N VAL Y 4 -5.70 39.17 -47.25
CA VAL Y 4 -4.40 39.75 -47.60
C VAL Y 4 -3.31 39.19 -46.68
N PRO Y 5 -2.27 38.54 -47.25
CA PRO Y 5 -1.18 37.98 -46.45
C PRO Y 5 -0.30 39.06 -45.81
N ARG Y 6 0.32 38.71 -44.68
CA ARG Y 6 1.04 39.65 -43.81
C ARG Y 6 1.88 40.68 -44.54
N ASN Y 7 2.92 40.21 -45.22
CA ASN Y 7 3.89 41.09 -45.88
C ASN Y 7 3.25 42.12 -46.81
N PHE Y 8 2.31 41.67 -47.65
CA PHE Y 8 1.65 42.55 -48.61
C PHE Y 8 0.71 43.57 -47.96
N ARG Y 9 0.10 43.16 -46.86
CA ARG Y 9 -0.70 44.06 -46.02
C ARG Y 9 0.16 45.19 -45.46
N LEU Y 10 1.40 44.86 -45.10
CA LEU Y 10 2.33 45.81 -44.51
C LEU Y 10 2.87 46.79 -45.55
N LEU Y 11 3.02 46.33 -46.79
CA LEU Y 11 3.43 47.20 -47.90
C LEU Y 11 2.39 48.30 -48.13
N GLU Y 12 1.12 47.90 -48.19
CA GLU Y 12 0.01 48.85 -48.18
C GLU Y 12 0.21 49.86 -47.06
N GLU Y 13 0.31 49.37 -45.83
CA GLU Y 13 0.39 50.22 -44.64
C GLU Y 13 1.59 51.13 -44.62
N LEU Y 14 2.67 50.72 -45.29
CA LEU Y 14 3.81 51.59 -45.46
C LEU Y 14 3.47 52.76 -46.37
N GLU Y 15 2.89 52.45 -47.53
CA GLU Y 15 2.58 53.46 -48.55
C GLU Y 15 1.47 54.42 -48.11
N GLU Y 16 0.50 53.89 -47.38
CA GLU Y 16 -0.53 54.72 -46.78
C GLU Y 16 0.10 55.67 -45.78
N GLY Y 17 1.02 55.15 -44.97
CA GLY Y 17 1.74 55.94 -43.99
C GLY Y 17 2.35 57.19 -44.58
N GLN Y 18 3.18 57.00 -45.60
CA GLN Y 18 3.91 58.10 -46.22
C GLN Y 18 3.04 59.00 -47.08
N LYS Y 19 1.89 58.49 -47.52
CA LYS Y 19 0.89 59.33 -48.19
C LYS Y 19 0.11 60.14 -47.18
N GLY Y 20 0.06 59.64 -45.94
CA GLY Y 20 -0.66 60.30 -44.85
C GLY Y 20 -2.17 60.18 -44.98
N VAL Y 21 -2.86 60.21 -43.85
CA VAL Y 21 -4.33 60.17 -43.84
C VAL Y 21 -4.93 61.18 -42.87
N GLY Y 22 -6.08 61.73 -43.25
CA GLY Y 22 -6.78 62.72 -42.44
C GLY Y 22 -5.92 63.95 -42.25
N ASP Y 23 -6.18 64.65 -41.15
CA ASP Y 23 -5.45 65.87 -40.82
C ASP Y 23 -4.02 65.60 -40.33
N GLY Y 24 -3.62 64.32 -40.36
CA GLY Y 24 -2.25 63.93 -40.04
C GLY Y 24 -1.89 64.03 -38.56
N THR Y 25 -2.88 64.01 -37.69
CA THR Y 25 -2.67 64.01 -36.25
C THR Y 25 -2.11 62.66 -35.79
N VAL Y 26 -2.24 61.65 -36.66
CA VAL Y 26 -1.62 60.34 -36.47
C VAL Y 26 -0.78 59.98 -37.68
N SER Y 27 0.50 59.68 -37.46
CA SER Y 27 1.39 59.31 -38.54
C SER Y 27 2.27 58.15 -38.14
N TRP Y 28 2.55 57.28 -39.10
CA TRP Y 28 3.41 56.11 -38.88
C TRP Y 28 4.41 55.92 -40.03
N GLY Y 29 5.32 54.97 -39.87
CA GLY Y 29 6.31 54.64 -40.89
C GLY Y 29 7.36 53.70 -40.36
N LEU Y 30 8.00 52.95 -41.26
CA LEU Y 30 9.06 52.02 -40.89
C LEU Y 30 10.19 52.69 -40.14
N GLU Y 31 10.66 52.02 -39.09
CA GLU Y 31 11.75 52.55 -38.28
C GLU Y 31 13.08 52.33 -39.00
N ASP Y 32 13.28 51.09 -39.43
CA ASP Y 32 14.49 50.66 -40.12
C ASP Y 32 14.18 50.61 -41.61
N ASP Y 33 14.66 51.60 -42.36
CA ASP Y 33 14.37 51.72 -43.79
C ASP Y 33 15.00 50.60 -44.64
N GLU Y 34 15.55 49.59 -43.95
CA GLU Y 34 16.24 48.47 -44.58
C GLU Y 34 15.59 47.15 -44.15
N ASP Y 35 14.84 47.20 -43.04
CA ASP Y 35 14.16 46.05 -42.44
C ASP Y 35 13.17 45.37 -43.39
N MET Y 36 13.64 44.31 -44.06
CA MET Y 36 12.81 43.55 -45.00
C MET Y 36 11.69 42.75 -44.34
N THR Y 37 11.86 42.44 -43.06
CA THR Y 37 10.85 41.71 -42.28
C THR Y 37 9.69 42.60 -41.83
N LEU Y 38 9.80 43.90 -42.11
CA LEU Y 38 8.72 44.89 -41.88
C LEU Y 38 8.08 44.78 -40.50
N THR Y 39 8.90 44.80 -39.45
CA THR Y 39 8.41 44.56 -38.10
C THR Y 39 8.42 45.81 -37.23
N ARG Y 40 9.58 46.47 -37.19
CA ARG Y 40 9.74 47.66 -36.36
C ARG Y 40 9.21 48.91 -37.07
N TRP Y 41 8.06 49.38 -36.60
CA TRP Y 41 7.45 50.62 -37.10
C TRP Y 41 7.54 51.72 -36.05
N THR Y 42 7.54 52.96 -36.53
CA THR Y 42 7.51 54.14 -35.68
C THR Y 42 6.14 54.77 -35.75
N GLY Y 43 5.58 55.09 -34.58
CA GLY Y 43 4.26 55.71 -34.51
C GLY Y 43 4.34 57.14 -33.99
N MET Y 44 3.36 57.96 -34.37
CA MET Y 44 3.33 59.36 -33.95
C MET Y 44 1.90 59.86 -33.76
N ILE Y 45 1.72 60.60 -32.68
CA ILE Y 45 0.41 61.10 -32.28
C ILE Y 45 0.55 62.55 -31.81
N ILE Y 46 -0.41 63.37 -32.22
CA ILE Y 46 -0.50 64.74 -31.70
C ILE Y 46 -1.64 64.77 -30.70
N GLY Y 47 -1.31 65.05 -29.44
CA GLY Y 47 -2.30 65.18 -28.38
C GLY Y 47 -3.43 66.11 -28.80
N PRO Y 48 -4.69 65.68 -28.59
CA PRO Y 48 -5.88 66.44 -29.00
C PRO Y 48 -6.06 67.76 -28.23
N PRO Y 49 -6.67 68.77 -28.86
CA PRO Y 49 -6.92 70.05 -28.18
C PRO Y 49 -7.89 69.95 -27.01
N ARG Y 50 -7.86 70.93 -26.11
CA ARG Y 50 -8.69 70.96 -24.89
C ARG Y 50 -8.46 69.79 -23.91
N THR Y 51 -7.29 69.16 -24.00
CA THR Y 51 -6.87 68.15 -23.01
C THR Y 51 -5.46 68.48 -22.55
N ASN Y 52 -5.00 67.82 -21.49
CA ASN Y 52 -3.64 68.05 -20.99
C ASN Y 52 -2.54 67.52 -21.91
N TYR Y 53 -2.95 66.94 -23.03
CA TYR Y 53 -2.01 66.42 -24.03
C TYR Y 53 -1.89 67.40 -25.22
N GLU Y 54 -2.69 68.46 -25.20
CA GLU Y 54 -2.77 69.40 -26.33
C GLU Y 54 -1.40 69.84 -26.81
N ASN Y 55 -1.23 69.79 -28.13
CA ASN Y 55 0.01 70.21 -28.80
C ASN Y 55 1.24 69.56 -28.18
N ARG Y 56 1.27 68.24 -28.25
CA ARG Y 56 2.40 67.46 -27.73
C ARG Y 56 2.67 66.38 -28.77
N ILE Y 57 3.92 66.20 -29.16
CA ILE Y 57 4.25 65.13 -30.12
C ILE Y 57 4.76 63.89 -29.40
N TYR Y 58 4.04 62.79 -29.59
CA TYR Y 58 4.36 61.54 -28.92
C TYR Y 58 4.87 60.49 -29.90
N SER Y 59 6.12 60.10 -29.72
CA SER Y 59 6.73 59.05 -30.52
C SER Y 59 6.38 57.70 -29.93
N LEU Y 60 6.05 56.76 -30.80
CA LEU Y 60 5.75 55.40 -30.39
C LEU Y 60 6.55 54.39 -31.20
N LYS Y 61 6.68 53.19 -30.64
CA LYS Y 61 7.30 52.07 -31.31
C LYS Y 61 6.21 51.03 -31.51
N VAL Y 62 6.12 50.51 -32.73
CA VAL Y 62 5.11 49.50 -33.05
C VAL Y 62 5.76 48.27 -33.70
N GLU Y 63 5.74 47.16 -32.96
CA GLU Y 63 6.25 45.88 -33.44
C GLU Y 63 5.10 45.11 -34.08
N CYS Y 64 5.32 44.60 -35.28
CA CYS Y 64 4.34 43.74 -35.94
C CYS Y 64 4.80 42.28 -35.94
N GLY Y 65 4.33 41.52 -34.96
CA GLY Y 65 4.67 40.10 -34.83
C GLY Y 65 4.43 39.30 -36.10
N PRO Y 66 5.09 38.14 -36.23
CA PRO Y 66 4.90 37.31 -37.42
C PRO Y 66 3.48 36.74 -37.56
N LYS Y 67 2.60 37.07 -36.62
CA LYS Y 67 1.19 36.66 -36.67
C LYS Y 67 0.24 37.76 -37.15
N TYR Y 68 0.75 38.98 -37.19
CA TYR Y 68 0.00 40.16 -37.67
C TYR Y 68 -0.41 40.00 -39.14
N PRO Y 69 -1.63 40.44 -39.53
CA PRO Y 69 -2.64 41.14 -38.73
C PRO Y 69 -3.70 40.25 -38.07
N GLU Y 70 -3.49 38.93 -38.06
CA GLU Y 70 -4.38 38.02 -37.32
C GLU Y 70 -4.26 38.25 -35.82
N ALA Y 71 -3.03 38.50 -35.38
CA ALA Y 71 -2.75 38.88 -34.01
C ALA Y 71 -2.50 40.38 -33.96
N PRO Y 72 -2.78 41.03 -32.80
CA PRO Y 72 -2.51 42.46 -32.65
C PRO Y 72 -1.01 42.77 -32.67
N PRO Y 73 -0.65 44.03 -32.96
CA PRO Y 73 0.74 44.45 -32.81
C PRO Y 73 0.99 45.03 -31.43
N SER Y 74 2.16 44.75 -30.86
CA SER Y 74 2.54 45.33 -29.57
C SER Y 74 3.00 46.77 -29.75
N VAL Y 75 2.65 47.63 -28.78
CA VAL Y 75 2.86 49.07 -28.90
C VAL Y 75 3.49 49.61 -27.63
N ARG Y 76 4.52 50.43 -27.77
CA ARG Y 76 5.06 51.15 -26.63
C ARG Y 76 5.42 52.61 -26.92
N PHE Y 77 5.14 53.48 -25.96
CA PHE Y 77 5.52 54.89 -26.05
C PHE Y 77 7.00 55.05 -25.80
N VAL Y 78 7.58 56.03 -26.45
CA VAL Y 78 8.97 56.38 -26.24
C VAL Y 78 9.04 57.70 -25.51
N THR Y 79 8.18 58.63 -25.90
CA THR Y 79 7.96 59.90 -25.21
C THR Y 79 7.23 59.63 -23.90
N LYS Y 80 7.71 60.21 -22.80
CA LYS Y 80 7.11 60.02 -21.49
C LYS Y 80 5.69 60.56 -21.41
N ILE Y 81 4.80 59.78 -20.82
CA ILE Y 81 3.37 60.06 -20.80
C ILE Y 81 2.67 59.46 -19.58
N ASN Y 82 1.71 60.20 -19.04
CA ASN Y 82 0.80 59.70 -18.02
C ASN Y 82 -0.56 59.39 -18.61
N MET Y 83 -0.83 58.11 -18.79
CA MET Y 83 -2.06 57.65 -19.42
C MET Y 83 -2.39 56.26 -18.94
N ASN Y 84 -3.62 56.07 -18.46
CA ASN Y 84 -4.12 54.75 -18.09
C ASN Y 84 -3.85 53.72 -19.19
N GLY Y 85 -3.16 52.65 -18.82
CA GLY Y 85 -2.79 51.60 -19.77
C GLY Y 85 -1.35 51.68 -20.23
N ILE Y 86 -0.70 52.81 -19.96
CA ILE Y 86 0.73 52.93 -20.25
C ILE Y 86 1.58 52.68 -19.01
N ASN Y 87 2.36 51.60 -19.08
CA ASN Y 87 3.32 51.24 -18.05
C ASN Y 87 4.29 52.39 -17.85
N ASN Y 88 4.37 52.86 -16.61
CA ASN Y 88 5.14 54.06 -16.29
C ASN Y 88 6.66 53.88 -16.35
N SER Y 89 7.10 52.63 -16.41
CA SER Y 89 8.52 52.31 -16.33
C SER Y 89 9.14 51.96 -17.69
N SER Y 90 8.37 51.39 -18.59
CA SER Y 90 8.88 50.92 -19.88
C SER Y 90 8.16 51.54 -21.08
N GLY Y 91 7.10 52.28 -20.82
CA GLY Y 91 6.33 52.92 -21.88
C GLY Y 91 5.32 52.01 -22.56
N MET Y 92 5.25 50.76 -22.11
CA MET Y 92 4.39 49.71 -22.69
C MET Y 92 2.90 50.02 -22.61
N VAL Y 93 2.15 49.55 -23.60
CA VAL Y 93 0.70 49.73 -23.63
C VAL Y 93 0.02 48.43 -23.19
N ASP Y 94 -0.76 48.51 -22.11
CA ASP Y 94 -1.51 47.36 -21.59
C ASP Y 94 -2.66 47.04 -22.54
N ALA Y 95 -2.53 45.89 -23.21
CA ALA Y 95 -3.46 45.46 -24.26
C ALA Y 95 -4.91 45.27 -23.78
N ARG Y 96 -5.10 44.97 -22.50
CA ARG Y 96 -6.43 44.73 -21.94
C ARG Y 96 -7.19 46.02 -21.63
N SER Y 97 -6.47 47.15 -21.68
CA SER Y 97 -7.06 48.45 -21.41
C SER Y 97 -7.39 49.24 -22.68
N ILE Y 98 -7.07 48.66 -23.84
CA ILE Y 98 -7.24 49.33 -25.13
C ILE Y 98 -8.15 48.50 -26.06
N PRO Y 99 -9.42 48.92 -26.20
CA PRO Y 99 -10.48 48.09 -26.81
C PRO Y 99 -10.21 47.64 -28.25
N VAL Y 100 -9.44 48.44 -28.98
CA VAL Y 100 -9.07 48.11 -30.36
C VAL Y 100 -8.04 46.96 -30.39
N LEU Y 101 -7.22 46.87 -29.34
CA LEU Y 101 -6.24 45.81 -29.19
C LEU Y 101 -6.84 44.62 -28.45
N ALA Y 102 -7.72 44.90 -27.49
CA ALA Y 102 -8.40 43.87 -26.70
C ALA Y 102 -9.37 43.05 -27.54
N LYS Y 103 -10.10 43.72 -28.42
CA LYS Y 103 -11.04 43.05 -29.34
C LYS Y 103 -10.55 43.18 -30.78
N TRP Y 104 -9.31 42.78 -31.02
CA TRP Y 104 -8.62 43.00 -32.29
C TRP Y 104 -9.26 42.30 -33.48
N GLN Y 105 -9.23 42.98 -34.63
CA GLN Y 105 -9.75 42.47 -35.90
C GLN Y 105 -8.65 42.49 -36.96
N ASN Y 106 -8.69 41.54 -37.88
CA ASN Y 106 -7.73 41.53 -38.98
C ASN Y 106 -7.97 42.63 -40.03
N SER Y 107 -9.06 43.38 -39.87
CA SER Y 107 -9.35 44.55 -40.70
C SER Y 107 -8.48 45.71 -40.25
N TYR Y 108 -8.11 45.69 -38.98
CA TYR Y 108 -7.39 46.80 -38.35
C TYR Y 108 -5.95 46.94 -38.84
N SER Y 109 -5.38 48.11 -38.56
CA SER Y 109 -4.02 48.46 -38.97
C SER Y 109 -3.38 49.36 -37.92
N ILE Y 110 -2.14 49.77 -38.16
CA ILE Y 110 -1.45 50.73 -37.29
C ILE Y 110 -2.17 52.08 -37.30
N LYS Y 111 -2.72 52.45 -38.46
CA LYS Y 111 -3.55 53.64 -38.59
C LYS Y 111 -4.64 53.67 -37.51
N VAL Y 112 -5.37 52.56 -37.37
CA VAL Y 112 -6.48 52.45 -36.43
C VAL Y 112 -6.01 52.48 -34.97
N VAL Y 113 -4.88 51.84 -34.69
CA VAL Y 113 -4.34 51.75 -33.32
C VAL Y 113 -4.02 53.12 -32.74
N LEU Y 114 -3.20 53.90 -33.47
CA LEU Y 114 -2.76 55.23 -33.03
C LEU Y 114 -3.95 56.18 -32.90
N GLN Y 115 -4.91 56.02 -33.82
CA GLN Y 115 -6.14 56.81 -33.82
C GLN Y 115 -6.95 56.61 -32.55
N GLU Y 116 -7.08 55.36 -32.13
CA GLU Y 116 -7.79 55.02 -30.89
C GLU Y 116 -7.01 55.49 -29.67
N LEU Y 117 -5.68 55.42 -29.75
CA LEU Y 117 -4.82 55.93 -28.70
C LEU Y 117 -4.97 57.44 -28.54
N ARG Y 118 -5.17 58.14 -29.66
CA ARG Y 118 -5.45 59.57 -29.62
C ARG Y 118 -6.81 59.80 -28.99
N ARG Y 119 -7.77 58.93 -29.32
CA ARG Y 119 -9.13 59.05 -28.80
C ARG Y 119 -9.18 58.85 -27.30
N LEU Y 120 -8.44 57.86 -26.81
CA LEU Y 120 -8.44 57.54 -25.39
C LEU Y 120 -7.73 58.63 -24.58
N MET Y 121 -7.00 59.48 -25.28
CA MET Y 121 -6.43 60.69 -24.70
C MET Y 121 -7.52 61.74 -24.43
N MET Y 122 -8.68 61.58 -25.08
CA MET Y 122 -9.81 62.48 -24.86
C MET Y 122 -10.73 61.99 -23.74
N SER Y 123 -10.43 60.79 -23.20
CA SER Y 123 -11.20 60.21 -22.10
C SER Y 123 -11.16 61.08 -20.87
N LYS Y 124 -12.31 61.20 -20.20
CA LYS Y 124 -12.45 61.98 -18.97
C LYS Y 124 -11.36 61.64 -17.94
N GLU Y 125 -11.01 60.36 -17.88
CA GLU Y 125 -10.02 59.82 -16.95
C GLU Y 125 -8.59 60.29 -17.25
N ASN Y 126 -8.36 60.73 -18.48
CA ASN Y 126 -7.00 61.05 -18.95
C ASN Y 126 -6.75 62.52 -19.30
N MET Y 127 -7.76 63.18 -19.87
CA MET Y 127 -7.66 64.58 -20.27
C MET Y 127 -7.22 65.49 -19.11
N LYS Y 128 -7.51 65.02 -17.91
CA LYS Y 128 -7.19 65.72 -16.67
C LYS Y 128 -5.74 65.49 -16.23
N LEU Y 129 -5.23 64.27 -16.39
CA LEU Y 129 -3.94 63.83 -15.79
C LEU Y 129 -2.78 64.80 -15.98
N PRO Y 130 -2.06 65.10 -14.88
CA PRO Y 130 -0.85 65.95 -14.93
C PRO Y 130 0.24 65.31 -15.78
N GLN Y 131 0.86 66.11 -16.64
CA GLN Y 131 1.80 65.59 -17.64
C GLN Y 131 3.25 65.93 -17.36
N PRO Y 132 4.19 65.03 -17.73
CA PRO Y 132 5.61 65.24 -17.49
C PRO Y 132 6.22 66.37 -18.35
N PRO Y 133 7.12 67.17 -17.75
CA PRO Y 133 7.82 68.22 -18.48
C PRO Y 133 8.45 67.66 -19.75
N GLU Y 134 8.18 68.34 -20.86
CA GLU Y 134 8.43 67.82 -22.21
C GLU Y 134 9.90 67.53 -22.52
N GLY Y 135 10.14 66.46 -23.28
CA GLY Y 135 11.48 66.06 -23.66
C GLY Y 135 11.92 64.73 -23.09
N GLN Y 136 11.34 64.34 -21.96
CA GLN Y 136 11.65 63.07 -21.30
C GLN Y 136 11.28 61.86 -22.17
N THR Y 137 12.11 60.83 -22.09
CA THR Y 137 11.86 59.55 -22.78
C THR Y 137 11.82 58.37 -21.80
N TYR Y 138 11.55 57.18 -22.32
CA TYR Y 138 11.59 55.96 -21.51
C TYR Y 138 12.94 55.27 -21.66
N GLY Z 1 -13.70 29.64 -53.95
CA GLY Z 1 -14.56 30.38 -54.93
C GLY Z 1 -13.79 31.37 -55.77
N LEU Z 2 -12.57 30.98 -56.18
CA LEU Z 2 -11.70 31.80 -57.00
C LEU Z 2 -12.23 31.98 -58.43
N PRO Z 3 -11.78 33.05 -59.13
CA PRO Z 3 -11.98 33.16 -60.56
C PRO Z 3 -11.25 32.07 -61.32
N ARG Z 4 -11.93 31.51 -62.33
CA ARG Z 4 -11.45 30.38 -63.13
C ARG Z 4 -10.01 30.54 -63.64
N ARG Z 5 -9.68 31.75 -64.12
CA ARG Z 5 -8.36 32.04 -64.66
C ARG Z 5 -7.24 31.69 -63.68
N ILE Z 6 -7.46 32.00 -62.41
CA ILE Z 6 -6.49 31.71 -61.37
C ILE Z 6 -6.21 30.21 -61.25
N ILE Z 7 -7.27 29.40 -61.22
CA ILE Z 7 -7.12 27.94 -61.15
C ILE Z 7 -6.33 27.43 -62.36
N LYS Z 8 -6.80 27.76 -63.56
CA LYS Z 8 -6.14 27.43 -64.84
C LYS Z 8 -4.65 27.84 -64.85
N GLU Z 9 -4.36 29.00 -64.27
CA GLU Z 9 -3.00 29.56 -64.27
C GLU Z 9 -2.10 28.89 -63.23
N THR Z 10 -2.59 28.79 -61.99
CA THR Z 10 -1.89 28.09 -60.93
C THR Z 10 -1.53 26.67 -61.37
N GLN Z 11 -2.45 26.03 -62.08
CA GLN Z 11 -2.27 24.66 -62.52
C GLN Z 11 -1.23 24.43 -63.59
N ARG Z 12 -1.12 25.36 -64.55
CA ARG Z 12 -0.10 25.23 -65.59
C ARG Z 12 1.29 25.63 -65.10
N LEU Z 13 1.35 26.35 -63.96
CA LEU Z 13 2.63 26.63 -63.30
C LEU Z 13 3.28 25.36 -62.76
N LEU Z 14 2.44 24.47 -62.23
CA LEU Z 14 2.89 23.22 -61.64
C LEU Z 14 3.22 22.17 -62.71
N ALA Z 15 2.35 22.03 -63.70
CA ALA Z 15 2.55 21.09 -64.81
C ALA Z 15 3.62 21.56 -65.80
N GLU Z 16 3.67 22.87 -66.05
CA GLU Z 16 4.65 23.46 -66.95
C GLU Z 16 5.56 24.41 -66.15
N PRO Z 17 6.62 23.87 -65.52
CA PRO Z 17 7.50 24.73 -64.73
C PRO Z 17 8.35 25.62 -65.64
N VAL Z 18 8.71 26.80 -65.14
CA VAL Z 18 9.60 27.71 -65.85
C VAL Z 18 11.05 27.48 -65.42
N PRO Z 19 11.90 26.98 -66.34
CA PRO Z 19 13.29 26.65 -66.02
C PRO Z 19 14.01 27.78 -65.26
N GLY Z 20 14.49 27.46 -64.07
CA GLY Z 20 15.16 28.42 -63.21
C GLY Z 20 14.26 29.10 -62.20
N ILE Z 21 12.96 28.83 -62.29
CA ILE Z 21 11.96 29.49 -61.42
C ILE Z 21 11.00 28.49 -60.76
N LYS Z 22 11.07 28.41 -59.43
CA LYS Z 22 10.09 27.64 -58.65
C LYS Z 22 9.00 28.56 -58.11
N ALA Z 23 7.75 28.18 -58.32
CA ALA Z 23 6.60 28.94 -57.81
C ALA Z 23 5.52 27.99 -57.30
N GLU Z 24 5.09 28.20 -56.05
CA GLU Z 24 4.09 27.33 -55.41
C GLU Z 24 3.06 28.15 -54.66
N PRO Z 25 1.77 27.78 -54.78
CA PRO Z 25 0.76 28.45 -53.96
C PRO Z 25 0.96 28.10 -52.50
N ASP Z 26 0.63 29.04 -51.62
CA ASP Z 26 0.56 28.76 -50.20
C ASP Z 26 -0.74 28.01 -49.93
N GLU Z 27 -0.70 26.99 -49.08
CA GLU Z 27 -1.91 26.17 -48.86
C GLU Z 27 -2.95 26.85 -47.96
N SER Z 28 -2.60 28.02 -47.42
CA SER Z 28 -3.53 28.83 -46.64
C SER Z 28 -4.07 30.03 -47.41
N ASN Z 29 -3.49 30.31 -48.58
CA ASN Z 29 -3.97 31.37 -49.45
C ASN Z 29 -3.72 31.07 -50.93
N ALA Z 30 -4.78 31.01 -51.72
CA ALA Z 30 -4.70 30.58 -53.11
C ALA Z 30 -4.18 31.68 -54.04
N ARG Z 31 -4.30 32.93 -53.59
CA ARG Z 31 -3.82 34.07 -54.36
C ARG Z 31 -2.37 34.43 -54.01
N TYR Z 32 -1.75 33.65 -53.13
CA TYR Z 32 -0.41 33.96 -52.60
C TYR Z 32 0.63 32.91 -52.96
N PHE Z 33 1.74 33.36 -53.54
CA PHE Z 33 2.73 32.43 -54.10
C PHE Z 33 4.12 32.64 -53.53
N HIS Z 34 4.77 31.55 -53.14
CA HIS Z 34 6.18 31.59 -52.73
C HIS Z 34 7.02 31.28 -53.97
N VAL Z 35 7.90 32.21 -54.32
CA VAL Z 35 8.69 32.09 -55.54
C VAL Z 35 10.18 32.00 -55.20
N VAL Z 36 10.94 31.26 -56.02
CA VAL Z 36 12.40 31.25 -55.96
C VAL Z 36 12.98 31.35 -57.37
N ILE Z 37 13.79 32.37 -57.61
CA ILE Z 37 14.48 32.55 -58.89
C ILE Z 37 15.96 32.32 -58.68
N ALA Z 38 16.55 31.44 -59.50
CA ALA Z 38 17.99 31.20 -59.47
C ALA Z 38 18.72 32.33 -60.18
N GLY Z 39 19.95 32.61 -59.76
CA GLY Z 39 20.76 33.65 -60.37
C GLY Z 39 21.18 33.28 -61.78
N PRO Z 40 20.81 34.12 -62.77
CA PRO Z 40 21.02 33.84 -64.19
C PRO Z 40 22.46 33.63 -64.64
N GLN Z 41 22.63 32.80 -65.68
CA GLN Z 41 23.92 32.54 -66.31
C GLN Z 41 24.50 33.83 -66.89
N ASP Z 42 25.80 34.02 -66.70
CA ASP Z 42 26.53 35.23 -67.12
C ASP Z 42 25.92 36.52 -66.56
N SER Z 43 25.66 36.51 -65.25
CA SER Z 43 25.18 37.68 -64.53
C SER Z 43 25.89 37.75 -63.19
N PRO Z 44 25.98 38.96 -62.59
CA PRO Z 44 26.60 39.10 -61.27
C PRO Z 44 25.87 38.40 -60.12
N PHE Z 45 24.70 37.83 -60.39
CA PHE Z 45 23.90 37.17 -59.35
C PHE Z 45 23.96 35.65 -59.44
N GLU Z 46 24.76 35.15 -60.38
CA GLU Z 46 24.84 33.73 -60.70
C GLU Z 46 25.28 32.89 -59.51
N GLY Z 47 24.69 31.70 -59.40
CA GLY Z 47 25.03 30.74 -58.34
C GLY Z 47 24.34 30.96 -57.01
N GLY Z 48 23.39 31.91 -56.98
CA GLY Z 48 22.63 32.21 -55.78
C GLY Z 48 21.14 32.26 -56.05
N THR Z 49 20.36 31.68 -55.14
CA THR Z 49 18.90 31.67 -55.28
C THR Z 49 18.26 32.82 -54.51
N PHE Z 50 17.31 33.49 -55.16
CA PHE Z 50 16.60 34.63 -54.60
C PHE Z 50 15.13 34.27 -54.45
N LYS Z 51 14.64 34.36 -53.22
CA LYS Z 51 13.23 34.08 -52.95
C LYS Z 51 12.36 35.32 -53.11
N LEU Z 52 11.21 35.13 -53.74
CA LEU Z 52 10.26 36.21 -53.95
C LEU Z 52 8.92 35.84 -53.33
N GLU Z 53 7.99 36.79 -53.38
CA GLU Z 53 6.60 36.49 -53.05
C GLU Z 53 5.68 37.25 -54.00
N LEU Z 54 4.57 36.63 -54.36
CA LEU Z 54 3.67 37.19 -55.35
C LEU Z 54 2.24 37.09 -54.84
N PHE Z 55 1.52 38.20 -54.96
CA PHE Z 55 0.12 38.26 -54.57
C PHE Z 55 -0.75 38.76 -55.71
N LEU Z 56 -1.97 38.26 -55.76
CA LEU Z 56 -2.94 38.69 -56.74
C LEU Z 56 -4.03 39.48 -56.03
N PRO Z 57 -4.18 40.79 -56.36
CA PRO Z 57 -5.23 41.60 -55.75
C PRO Z 57 -6.61 41.07 -56.15
N GLU Z 58 -7.66 41.64 -55.58
CA GLU Z 58 -9.01 41.21 -55.92
C GLU Z 58 -9.29 41.40 -57.42
N GLU Z 59 -8.90 42.55 -57.97
CA GLU Z 59 -9.20 42.86 -59.37
C GLU Z 59 -8.24 42.28 -60.42
N TYR Z 60 -7.33 41.41 -60.00
CA TYR Z 60 -6.57 40.62 -60.96
C TYR Z 60 -7.61 39.85 -61.78
N PRO Z 61 -7.45 39.81 -63.12
CA PRO Z 61 -6.31 40.23 -63.94
C PRO Z 61 -6.35 41.66 -64.46
N MET Z 62 -7.40 42.40 -64.11
CA MET Z 62 -7.49 43.82 -64.48
C MET Z 62 -6.38 44.58 -63.77
N ALA Z 63 -6.19 44.27 -62.50
CA ALA Z 63 -5.08 44.80 -61.72
C ALA Z 63 -3.85 43.91 -61.80
N ALA Z 64 -2.68 44.54 -61.88
CA ALA Z 64 -1.40 43.84 -61.92
C ALA Z 64 -1.12 43.03 -60.64
N PRO Z 65 -0.35 41.92 -60.75
CA PRO Z 65 0.08 41.20 -59.55
C PRO Z 65 1.06 42.05 -58.76
N LYS Z 66 1.15 41.79 -57.46
CA LYS Z 66 2.13 42.45 -56.61
C LYS Z 66 3.26 41.50 -56.27
N VAL Z 67 4.49 41.87 -56.61
CA VAL Z 67 5.64 40.99 -56.43
C VAL Z 67 6.73 41.69 -55.62
N ARG Z 68 7.49 40.91 -54.85
CA ARG Z 68 8.52 41.46 -53.99
C ARG Z 68 9.64 40.44 -53.75
N PHE Z 69 10.88 40.93 -53.63
CA PHE Z 69 12.02 40.11 -53.23
C PHE Z 69 12.07 39.94 -51.72
N MET Z 70 12.34 38.71 -51.28
CA MET Z 70 12.46 38.39 -49.85
C MET Z 70 13.91 38.40 -49.38
N THR Z 71 14.82 37.95 -50.25
CA THR Z 71 16.24 37.98 -49.98
C THR Z 71 16.87 39.24 -50.57
N LYS Z 72 17.68 39.92 -49.76
CA LYS Z 72 18.31 41.20 -50.10
C LYS Z 72 19.27 41.09 -51.29
N ILE Z 73 19.17 42.05 -52.21
CA ILE Z 73 19.84 41.98 -53.52
C ILE Z 73 20.26 43.38 -54.01
N TYR Z 74 21.44 43.49 -54.61
CA TYR Z 74 21.95 44.78 -55.10
C TYR Z 74 21.64 44.98 -56.59
N HIS Z 75 20.48 45.57 -56.87
CA HIS Z 75 19.98 45.72 -58.22
C HIS Z 75 19.39 47.12 -58.43
N PRO Z 76 19.62 47.74 -59.61
CA PRO Z 76 19.10 49.09 -59.88
C PRO Z 76 17.58 49.15 -60.04
N ASN Z 77 16.95 48.01 -60.30
CA ASN Z 77 15.50 47.94 -60.40
C ASN Z 77 14.83 47.32 -59.16
N VAL Z 78 15.54 47.37 -58.03
CA VAL Z 78 15.02 46.89 -56.74
C VAL Z 78 15.43 47.87 -55.66
N ASP Z 79 14.46 48.34 -54.87
CA ASP Z 79 14.78 49.21 -53.73
C ASP Z 79 15.14 48.42 -52.49
N LYS Z 80 15.28 49.10 -51.35
CA LYS Z 80 15.81 48.49 -50.12
C LYS Z 80 14.93 47.42 -49.49
N LEU Z 81 13.65 47.44 -49.83
CA LEU Z 81 12.67 46.55 -49.21
C LEU Z 81 12.21 45.44 -50.15
N GLY Z 82 12.95 45.25 -51.23
CA GLY Z 82 12.67 44.19 -52.20
C GLY Z 82 11.61 44.53 -53.24
N ARG Z 83 11.17 45.79 -53.27
CA ARG Z 83 10.17 46.22 -54.25
C ARG Z 83 10.76 46.42 -55.63
N ILE Z 84 10.00 45.98 -56.64
CA ILE Z 84 10.50 45.89 -58.01
C ILE Z 84 10.00 47.03 -58.90
N CYS Z 85 10.93 47.77 -59.50
CA CYS Z 85 10.62 48.85 -60.44
C CYS Z 85 10.55 48.31 -61.87
N LEU Z 86 9.52 47.51 -62.14
CA LEU Z 86 9.30 46.95 -63.48
C LEU Z 86 8.04 47.51 -64.14
N ASP Z 87 8.14 47.82 -65.43
CA ASP Z 87 7.11 48.57 -66.15
C ASP Z 87 5.80 47.80 -66.24
N ILE Z 88 5.92 46.52 -66.55
CA ILE Z 88 4.76 45.67 -66.74
C ILE Z 88 4.06 45.38 -65.41
N LEU Z 89 4.68 45.79 -64.30
CA LEU Z 89 4.10 45.61 -62.98
C LEU Z 89 3.17 46.74 -62.57
N LYS Z 90 3.01 47.72 -63.45
CA LYS Z 90 2.24 48.91 -63.10
C LYS Z 90 1.56 49.55 -64.30
N ASP Z 91 2.34 50.17 -65.18
CA ASP Z 91 1.78 50.91 -66.31
C ASP Z 91 1.43 49.96 -67.45
N LYS Z 92 2.40 49.16 -67.87
CA LYS Z 92 2.23 48.34 -69.07
C LYS Z 92 1.59 46.99 -68.82
N TRP Z 93 0.88 46.90 -67.69
CA TRP Z 93 0.17 45.67 -67.38
C TRP Z 93 -1.04 45.50 -68.27
N SER Z 94 -1.21 44.31 -68.81
CA SER Z 94 -2.39 43.97 -69.59
C SER Z 94 -2.90 42.60 -69.18
N PRO Z 95 -4.22 42.40 -69.21
CA PRO Z 95 -4.81 41.12 -68.84
C PRO Z 95 -4.39 39.96 -69.76
N ALA Z 96 -3.67 40.29 -70.84
CA ALA Z 96 -3.11 39.29 -71.74
C ALA Z 96 -1.92 38.59 -71.09
N LEU Z 97 -1.23 39.31 -70.20
CA LEU Z 97 -0.06 38.78 -69.52
C LEU Z 97 -0.49 37.92 -68.35
N GLN Z 98 0.44 37.12 -67.84
CA GLN Z 98 0.14 36.18 -66.77
C GLN Z 98 1.22 36.19 -65.70
N ILE Z 99 1.02 35.39 -64.65
CA ILE Z 99 2.01 35.18 -63.60
C ILE Z 99 3.33 34.73 -64.22
N ARG Z 100 3.25 33.75 -65.12
CA ARG Z 100 4.41 33.26 -65.86
C ARG Z 100 5.16 34.39 -66.58
N THR Z 101 4.40 35.31 -67.18
CA THR Z 101 4.96 36.46 -67.91
C THR Z 101 5.75 37.38 -67.00
N VAL Z 102 5.25 37.58 -65.77
CA VAL Z 102 5.89 38.41 -64.76
C VAL Z 102 7.18 37.76 -64.26
N LEU Z 103 7.08 36.48 -63.91
CA LEU Z 103 8.21 35.70 -63.43
C LEU Z 103 9.36 35.62 -64.44
N LEU Z 104 9.01 35.36 -65.70
CA LEU Z 104 9.99 35.26 -66.77
C LEU Z 104 10.51 36.63 -67.19
N SER Z 105 9.86 37.68 -66.70
CA SER Z 105 10.25 39.06 -66.97
C SER Z 105 11.24 39.58 -65.93
N ILE Z 106 11.00 39.23 -64.67
CA ILE Z 106 11.89 39.54 -63.54
C ILE Z 106 13.23 38.80 -63.68
N GLN Z 107 13.17 37.56 -64.15
CA GLN Z 107 14.36 36.74 -64.38
C GLN Z 107 15.24 37.31 -65.50
N ALA Z 108 14.62 37.89 -66.52
CA ALA Z 108 15.36 38.52 -67.63
C ALA Z 108 15.98 39.85 -67.19
N LEU Z 109 15.35 40.49 -66.21
CA LEU Z 109 15.83 41.74 -65.62
C LEU Z 109 17.12 41.53 -64.84
N LEU Z 110 17.33 40.31 -64.33
CA LEU Z 110 18.54 39.99 -63.59
C LEU Z 110 19.74 39.78 -64.51
N SER Z 111 19.48 39.40 -65.75
CA SER Z 111 20.52 39.25 -66.77
C SER Z 111 20.75 40.54 -67.56
N ALA Z 112 19.74 41.42 -67.51
CA ALA Z 112 19.83 42.73 -68.14
C ALA Z 112 19.22 43.79 -67.21
N PRO Z 113 20.04 44.38 -66.33
CA PRO Z 113 19.57 45.44 -65.43
C PRO Z 113 19.23 46.70 -66.22
N ASN Z 114 18.26 47.48 -65.72
CA ASN Z 114 17.77 48.68 -66.42
C ASN Z 114 18.00 49.99 -65.64
N PRO Z 115 19.24 50.54 -65.68
CA PRO Z 115 19.57 51.72 -64.87
C PRO Z 115 18.88 52.99 -65.35
N ASP Z 116 18.14 52.89 -66.45
CA ASP Z 116 17.50 54.05 -67.08
C ASP Z 116 16.05 54.28 -66.64
N ASP Z 117 15.55 53.44 -65.74
CA ASP Z 117 14.21 53.60 -65.19
C ASP Z 117 14.11 54.93 -64.41
N PRO Z 118 13.17 55.82 -64.81
CA PRO Z 118 13.01 57.13 -64.16
C PRO Z 118 12.53 57.08 -62.70
N LEU Z 119 11.89 55.97 -62.30
CA LEU Z 119 11.57 55.71 -60.89
C LEU Z 119 12.88 55.27 -60.23
N ALA Z 120 13.79 56.23 -60.11
CA ALA Z 120 15.23 55.97 -60.01
C ALA Z 120 15.75 55.63 -58.62
N ASN Z 121 16.45 54.50 -58.54
CA ASN Z 121 17.22 54.13 -57.36
C ASN Z 121 18.38 55.09 -57.08
N ASP Z 122 19.00 54.91 -55.91
CA ASP Z 122 20.32 55.45 -55.66
C ASP Z 122 21.32 54.42 -56.22
N VAL Z 123 20.86 53.18 -56.32
CA VAL Z 123 21.63 52.07 -56.88
C VAL Z 123 21.93 52.29 -58.37
N ALA Z 124 20.91 52.70 -59.12
CA ALA Z 124 21.05 52.99 -60.55
C ALA Z 124 22.03 54.15 -60.84
N GLU Z 125 22.19 55.05 -59.86
CA GLU Z 125 23.21 56.09 -59.93
C GLU Z 125 24.61 55.48 -59.86
N GLN Z 126 24.78 54.51 -58.98
CA GLN Z 126 26.06 53.82 -58.82
C GLN Z 126 26.38 52.95 -60.04
N TRP Z 127 25.34 52.42 -60.67
CA TRP Z 127 25.48 51.50 -61.79
C TRP Z 127 25.91 52.18 -63.09
N LYS Z 128 25.47 53.43 -63.27
CA LYS Z 128 25.83 54.22 -64.46
C LYS Z 128 27.25 54.77 -64.39
N THR Z 129 27.55 55.49 -63.30
CA THR Z 129 28.84 56.16 -63.12
C THR Z 129 29.97 55.18 -62.84
N ASN Z 130 29.69 54.14 -62.06
CA ASN Z 130 30.68 53.11 -61.78
C ASN Z 130 30.10 51.71 -61.86
N GLU Z 131 30.02 51.19 -63.09
CA GLU Z 131 29.43 49.88 -63.37
C GLU Z 131 30.20 48.72 -62.76
N ALA Z 132 31.53 48.75 -62.91
CA ALA Z 132 32.41 47.71 -62.39
C ALA Z 132 32.38 47.61 -60.87
N GLN Z 133 32.31 48.76 -60.20
CA GLN Z 133 32.19 48.83 -58.74
C GLN Z 133 30.84 48.25 -58.30
N ALA Z 134 29.79 48.59 -59.04
CA ALA Z 134 28.45 48.12 -58.78
C ALA Z 134 28.30 46.61 -59.02
N ILE Z 135 28.86 46.12 -60.12
CA ILE Z 135 28.82 44.69 -60.47
C ILE Z 135 29.52 43.81 -59.42
N GLU Z 136 30.62 44.32 -58.88
CA GLU Z 136 31.35 43.63 -57.81
C GLU Z 136 30.62 43.72 -56.47
N THR Z 137 29.73 44.70 -56.35
CA THR Z 137 28.89 44.85 -55.16
C THR Z 137 27.70 43.90 -55.24
N ALA Z 138 27.16 43.72 -56.46
CA ALA Z 138 26.13 42.72 -56.72
C ALA Z 138 26.70 41.33 -56.47
N ARG Z 139 27.90 41.10 -56.99
CA ARG Z 139 28.66 39.86 -56.79
C ARG Z 139 28.74 39.54 -55.29
N ALA Z 140 29.25 40.50 -54.51
CA ALA Z 140 29.41 40.33 -53.08
C ALA Z 140 28.08 40.03 -52.39
N TRP Z 141 27.06 40.79 -52.75
CA TRP Z 141 25.74 40.67 -52.12
C TRP Z 141 25.07 39.32 -52.35
N THR Z 142 25.38 38.67 -53.48
CA THR Z 142 24.87 37.33 -53.76
C THR Z 142 25.45 36.32 -52.77
N ARG Z 143 26.74 36.49 -52.46
CA ARG Z 143 27.45 35.62 -51.54
C ARG Z 143 26.96 35.81 -50.11
N LEU Z 144 26.71 37.07 -49.75
CA LEU Z 144 26.35 37.43 -48.37
C LEU Z 144 24.90 37.15 -48.00
N TYR Z 145 24.02 36.96 -48.99
CA TYR Z 145 22.59 36.85 -48.72
C TYR Z 145 21.82 35.78 -49.48
N ALA Z 146 22.29 35.45 -50.68
CA ALA Z 146 21.55 34.54 -51.57
C ALA Z 146 22.20 33.17 -51.76
N MET Z 147 22.83 32.64 -50.72
CA MET Z 147 23.51 31.34 -50.80
C MET Z 147 23.20 30.35 -49.68
N ASN Z 148 23.07 30.84 -48.45
CA ASN Z 148 22.55 30.04 -47.36
C ASN Z 148 21.08 30.38 -47.05
N GLY AA 1 72.07 56.97 -47.95
CA GLY AA 1 71.31 55.78 -48.45
C GLY AA 1 72.15 54.52 -48.48
N VAL AA 2 71.50 53.37 -48.36
CA VAL AA 2 72.19 52.08 -48.35
C VAL AA 2 72.01 51.37 -49.69
N LYS AA 3 73.12 50.87 -50.23
CA LYS AA 3 73.12 50.15 -51.50
C LYS AA 3 73.26 48.65 -51.22
N VAL AA 4 72.19 47.90 -51.46
CA VAL AA 4 72.18 46.45 -51.17
C VAL AA 4 72.73 45.69 -52.38
N PRO AA 5 73.83 44.92 -52.18
CA PRO AA 5 74.42 44.17 -53.27
C PRO AA 5 73.54 43.00 -53.70
N ARG AA 6 73.71 42.58 -54.96
CA ARG AA 6 72.89 41.57 -55.61
C ARG AA 6 72.57 40.37 -54.75
N ASN AA 7 73.63 39.76 -54.21
CA ASN AA 7 73.51 38.53 -53.44
C ASN AA 7 72.62 38.65 -52.20
N PHE AA 8 72.54 39.84 -51.63
CA PHE AA 8 71.71 40.05 -50.46
C PHE AA 8 70.35 40.63 -50.82
N ARG AA 9 70.29 41.28 -51.98
CA ARG AA 9 69.04 41.71 -52.56
C ARG AA 9 68.21 40.50 -53.00
N LEU AA 10 68.88 39.46 -53.46
CA LEU AA 10 68.20 38.22 -53.84
C LEU AA 10 67.78 37.41 -52.64
N LEU AA 11 68.56 37.44 -51.57
CA LEU AA 11 68.21 36.75 -50.32
C LEU AA 11 66.92 37.27 -49.71
N GLU AA 12 66.76 38.60 -49.70
CA GLU AA 12 65.52 39.25 -49.27
C GLU AA 12 64.33 38.68 -50.02
N GLU AA 13 64.47 38.60 -51.34
CA GLU AA 13 63.40 38.17 -52.22
C GLU AA 13 63.04 36.71 -52.00
N LEU AA 14 64.03 35.89 -51.67
CA LEU AA 14 63.78 34.50 -51.32
C LEU AA 14 62.94 34.42 -50.05
N GLU AA 15 63.28 35.26 -49.08
CA GLU AA 15 62.58 35.33 -47.80
C GLU AA 15 61.13 35.73 -47.96
N GLU AA 16 60.88 36.77 -48.77
CA GLU AA 16 59.53 37.25 -49.02
C GLU AA 16 58.66 36.22 -49.75
N GLY AA 17 59.30 35.46 -50.65
CA GLY AA 17 58.63 34.39 -51.38
C GLY AA 17 58.32 33.17 -50.53
N GLN AA 18 58.97 33.08 -49.36
CA GLN AA 18 58.74 31.97 -48.44
C GLN AA 18 57.50 32.16 -47.56
N LYS AA 19 57.33 33.35 -47.00
CA LYS AA 19 56.14 33.65 -46.19
C LYS AA 19 54.96 34.12 -47.04
N GLY AA 20 55.24 34.47 -48.31
CA GLY AA 20 54.21 34.87 -49.26
C GLY AA 20 53.87 36.35 -49.24
N VAL AA 21 52.89 36.74 -50.03
CA VAL AA 21 52.47 38.14 -50.15
C VAL AA 21 50.95 38.32 -50.01
N GLY AA 22 50.56 39.54 -49.66
CA GLY AA 22 49.15 39.96 -49.53
C GLY AA 22 48.08 38.91 -49.70
N ASP AA 23 47.52 38.82 -50.91
CA ASP AA 23 46.47 37.86 -51.21
C ASP AA 23 47.02 36.60 -51.90
N GLY AA 24 48.33 36.59 -52.13
CA GLY AA 24 49.02 35.46 -52.75
C GLY AA 24 48.56 35.12 -54.15
N THR AA 25 48.32 36.15 -54.96
CA THR AA 25 47.95 35.95 -56.37
C THR AA 25 49.20 35.83 -57.24
N VAL AA 26 50.32 36.33 -56.74
CA VAL AA 26 51.63 36.03 -57.32
C VAL AA 26 52.48 35.29 -56.28
N SER AA 27 53.32 34.39 -56.78
CA SER AA 27 54.19 33.59 -55.93
C SER AA 27 55.51 33.34 -56.64
N TRP AA 28 56.59 33.22 -55.86
CA TRP AA 28 57.93 33.03 -56.43
C TRP AA 28 58.92 32.40 -55.45
N GLY AA 29 59.71 31.45 -55.94
CA GLY AA 29 60.76 30.78 -55.17
C GLY AA 29 61.94 30.38 -56.03
N LEU AA 30 62.95 29.79 -55.41
CA LEU AA 30 64.16 29.37 -56.14
C LEU AA 30 63.94 28.03 -56.81
N GLU AA 31 64.33 27.93 -58.08
CA GLU AA 31 64.19 26.70 -58.85
C GLU AA 31 65.11 25.61 -58.31
N ASP AA 32 66.41 25.91 -58.25
CA ASP AA 32 67.42 24.98 -57.74
C ASP AA 32 67.75 25.30 -56.28
N ASP AA 33 67.47 24.34 -55.40
CA ASP AA 33 67.67 24.52 -53.95
C ASP AA 33 69.14 24.50 -53.53
N GLU AA 34 70.03 24.17 -54.45
CA GLU AA 34 71.47 24.30 -54.21
C GLU AA 34 72.16 25.17 -55.27
N ASP AA 35 71.48 26.26 -55.66
CA ASP AA 35 72.03 27.29 -56.54
C ASP AA 35 72.46 28.48 -55.67
N MET AA 36 73.72 28.44 -55.23
CA MET AA 36 74.24 29.42 -54.27
C MET AA 36 74.37 30.83 -54.83
N THR AA 37 74.22 30.96 -56.15
CA THR AA 37 74.28 32.25 -56.81
C THR AA 37 72.87 32.87 -56.94
N LEU AA 38 71.87 32.08 -56.56
CA LEU AA 38 70.45 32.51 -56.54
C LEU AA 38 70.03 33.14 -57.86
N THR AA 39 70.21 32.40 -58.94
CA THR AA 39 70.00 32.93 -60.29
C THR AA 39 68.69 32.42 -60.92
N ARG AA 40 68.41 31.13 -60.79
CA ARG AA 40 67.21 30.55 -61.40
C ARG AA 40 66.01 30.47 -60.45
N TRP AA 41 64.95 31.18 -60.81
CA TRP AA 41 63.74 31.29 -59.99
C TRP AA 41 62.50 30.78 -60.71
N THR AA 42 61.61 30.12 -59.97
CA THR AA 42 60.27 29.81 -60.47
C THR AA 42 59.26 30.82 -59.97
N GLY AA 43 58.30 31.16 -60.84
CA GLY AA 43 57.22 32.07 -60.51
C GLY AA 43 55.86 31.40 -60.65
N MET AA 44 54.82 32.09 -60.20
CA MET AA 44 53.47 31.54 -60.20
C MET AA 44 52.44 32.67 -60.16
N ILE AA 45 51.53 32.66 -61.12
CA ILE AA 45 50.49 33.67 -61.22
C ILE AA 45 49.09 33.06 -61.17
N ILE AA 46 48.21 33.65 -60.35
CA ILE AA 46 46.78 33.38 -60.40
C ILE AA 46 46.15 34.43 -61.32
N GLY AA 47 45.43 33.96 -62.34
CA GLY AA 47 44.80 34.84 -63.33
C GLY AA 47 43.77 35.77 -62.69
N PRO AA 48 43.76 37.04 -63.11
CA PRO AA 48 42.94 38.08 -62.47
C PRO AA 48 41.44 37.87 -62.72
N PRO AA 49 40.58 38.41 -61.83
CA PRO AA 49 39.13 38.31 -62.02
C PRO AA 49 38.62 39.05 -63.28
N ARG AA 50 37.48 38.60 -63.81
CA ARG AA 50 36.81 39.21 -64.96
C ARG AA 50 37.55 39.08 -66.30
N THR AA 51 38.40 38.07 -66.40
CA THR AA 51 39.14 37.80 -67.64
C THR AA 51 38.92 36.34 -68.07
N ASN AA 52 39.58 35.94 -69.14
CA ASN AA 52 39.62 34.52 -69.54
C ASN AA 52 40.72 33.78 -68.76
N TYR AA 53 41.76 34.52 -68.39
CA TYR AA 53 42.84 34.03 -67.54
C TYR AA 53 42.33 33.68 -66.16
N GLU AA 54 41.16 34.23 -65.82
CA GLU AA 54 40.60 34.17 -64.48
C GLU AA 54 40.82 32.84 -63.78
N ASN AA 55 41.46 32.92 -62.61
CA ASN AA 55 41.56 31.81 -61.66
C ASN AA 55 42.46 30.64 -62.12
N ARG AA 56 43.13 30.81 -63.27
CA ARG AA 56 44.09 29.82 -63.77
C ARG AA 56 45.43 29.93 -63.05
N ILE AA 57 46.13 28.81 -62.93
CA ILE AA 57 47.46 28.79 -62.33
C ILE AA 57 48.54 28.82 -63.41
N TYR AA 58 49.31 29.89 -63.41
CA TYR AA 58 50.35 30.08 -64.41
C TYR AA 58 51.75 29.94 -63.83
N SER AA 59 52.51 29.02 -64.43
CA SER AA 59 53.87 28.74 -64.00
C SER AA 59 54.85 29.44 -64.91
N LEU AA 60 55.83 30.11 -64.30
CA LEU AA 60 56.85 30.89 -65.03
C LEU AA 60 58.26 30.55 -64.57
N LYS AA 61 59.25 31.07 -65.30
CA LYS AA 61 60.64 30.99 -64.88
C LYS AA 61 61.28 32.37 -64.99
N VAL AA 62 62.03 32.73 -63.96
CA VAL AA 62 62.69 34.04 -63.88
C VAL AA 62 64.19 33.85 -63.74
N GLU AA 63 64.93 34.36 -64.71
CA GLU AA 63 66.38 34.34 -64.69
C GLU AA 63 66.86 35.67 -64.13
N CYS AA 64 67.70 35.63 -63.10
CA CYS AA 64 68.31 36.83 -62.54
C CYS AA 64 69.81 36.86 -62.80
N GLY AA 65 70.16 37.33 -63.99
CA GLY AA 65 71.55 37.38 -64.46
C GLY AA 65 72.52 38.03 -63.49
N PRO AA 66 73.83 37.90 -63.77
CA PRO AA 66 74.86 38.48 -62.91
C PRO AA 66 74.71 39.99 -62.72
N LYS AA 67 74.01 40.65 -63.64
CA LYS AA 67 73.88 42.10 -63.64
C LYS AA 67 72.69 42.62 -62.81
N TYR AA 68 71.78 41.71 -62.45
CA TYR AA 68 70.62 42.00 -61.61
C TYR AA 68 71.05 42.67 -60.29
N PRO AA 69 70.25 43.63 -59.76
CA PRO AA 69 69.00 44.20 -60.29
C PRO AA 69 69.18 45.51 -61.07
N GLU AA 70 70.41 45.79 -61.50
CA GLU AA 70 70.68 46.98 -62.30
C GLU AA 70 70.14 46.77 -63.71
N ALA AA 71 70.19 45.51 -64.16
CA ALA AA 71 69.65 45.10 -65.45
C ALA AA 71 68.51 44.10 -65.23
N PRO AA 72 67.45 44.19 -66.07
CA PRO AA 72 66.20 43.43 -65.84
C PRO AA 72 66.37 41.91 -66.02
N PRO AA 73 65.65 41.12 -65.21
CA PRO AA 73 65.63 39.67 -65.32
C PRO AA 73 64.98 39.17 -66.60
N SER AA 74 65.33 37.95 -66.99
CA SER AA 74 64.69 37.26 -68.10
C SER AA 74 63.48 36.49 -67.58
N VAL AA 75 62.43 36.41 -68.39
CA VAL AA 75 61.19 35.74 -67.99
C VAL AA 75 60.66 34.85 -69.12
N ARG AA 76 60.24 33.65 -68.75
CA ARG AA 76 59.57 32.75 -69.69
C ARG AA 76 58.39 32.07 -69.01
N PHE AA 77 57.26 32.01 -69.70
CA PHE AA 77 56.12 31.22 -69.23
C PHE AA 77 56.36 29.74 -69.50
N VAL AA 78 56.17 28.93 -68.46
CA VAL AA 78 56.21 27.47 -68.62
C VAL AA 78 54.85 27.01 -69.13
N THR AA 79 53.79 27.30 -68.38
CA THR AA 79 52.43 26.93 -68.79
C THR AA 79 51.92 27.84 -69.91
N LYS AA 80 51.40 27.23 -70.98
CA LYS AA 80 50.90 27.95 -72.15
C LYS AA 80 49.90 29.05 -71.82
N ILE AA 81 49.93 30.11 -72.60
CA ILE AA 81 49.06 31.27 -72.42
C ILE AA 81 48.93 32.02 -73.73
N ASN AA 82 47.76 32.61 -73.95
CA ASN AA 82 47.57 33.50 -75.07
C ASN AA 82 47.51 34.93 -74.55
N MET AA 83 48.62 35.64 -74.70
CA MET AA 83 48.74 36.98 -74.16
C MET AA 83 49.76 37.77 -74.97
N ASN AA 84 49.48 39.05 -75.19
CA ASN AA 84 50.38 39.92 -75.94
C ASN AA 84 51.74 40.09 -75.29
N GLY AA 85 52.80 39.94 -76.08
CA GLY AA 85 54.17 40.06 -75.60
C GLY AA 85 54.77 38.77 -75.07
N ILE AA 86 54.00 37.69 -75.08
CA ILE AA 86 54.49 36.38 -74.65
C ILE AA 86 54.70 35.50 -75.87
N ASN AA 87 55.96 35.22 -76.21
CA ASN AA 87 56.24 34.40 -77.37
C ASN AA 87 55.34 33.17 -77.41
N ASN AA 88 54.40 33.28 -78.33
CA ASN AA 88 53.49 32.24 -78.78
C ASN AA 88 53.93 30.76 -78.65
N SER AA 89 55.22 30.49 -78.89
CA SER AA 89 55.73 29.11 -79.03
C SER AA 89 56.84 28.72 -78.07
N SER AA 90 57.72 29.66 -77.71
CA SER AA 90 58.80 29.38 -76.76
C SER AA 90 58.44 29.76 -75.32
N GLY AA 91 57.41 30.59 -75.16
CA GLY AA 91 56.99 31.06 -73.84
C GLY AA 91 57.75 32.25 -73.30
N MET AA 92 58.83 32.64 -73.98
CA MET AA 92 59.63 33.80 -73.62
C MET AA 92 58.78 35.06 -73.53
N VAL AA 93 59.10 35.92 -72.56
CA VAL AA 93 58.41 37.21 -72.41
C VAL AA 93 59.22 38.32 -73.07
N ASP AA 94 58.62 39.00 -74.03
CA ASP AA 94 59.29 40.07 -74.77
C ASP AA 94 59.41 41.34 -73.94
N ALA AA 95 60.62 41.62 -73.49
CA ALA AA 95 60.93 42.77 -72.64
C ALA AA 95 60.30 44.07 -73.15
N ARG AA 96 60.57 44.39 -74.41
CA ARG AA 96 60.11 45.62 -75.04
C ARG AA 96 58.60 45.84 -74.92
N SER AA 97 57.85 44.75 -74.86
CA SER AA 97 56.40 44.81 -74.79
C SER AA 97 55.86 45.08 -73.39
N ILE AA 98 56.53 44.56 -72.37
CA ILE AA 98 56.07 44.72 -70.99
C ILE AA 98 56.72 45.95 -70.36
N PRO AA 99 55.90 46.93 -69.94
CA PRO AA 99 56.34 48.23 -69.40
C PRO AA 99 57.38 48.18 -68.27
N VAL AA 100 57.23 47.20 -67.37
CA VAL AA 100 58.12 47.09 -66.21
C VAL AA 100 59.51 46.49 -66.54
N LEU AA 101 59.63 45.85 -67.70
CA LEU AA 101 60.91 45.31 -68.16
C LEU AA 101 61.57 46.26 -69.16
N ALA AA 102 60.76 46.78 -70.08
CA ALA AA 102 61.22 47.76 -71.08
C ALA AA 102 61.73 49.06 -70.46
N LYS AA 103 61.12 49.49 -69.35
CA LYS AA 103 61.57 50.68 -68.63
C LYS AA 103 62.01 50.32 -67.21
N TRP AA 104 62.87 49.29 -67.12
CA TRP AA 104 63.33 48.73 -65.85
C TRP AA 104 64.10 49.73 -64.99
N GLN AA 105 63.73 49.77 -63.71
CA GLN AA 105 64.43 50.54 -62.68
C GLN AA 105 65.08 49.54 -61.72
N ASN AA 106 66.24 49.90 -61.20
CA ASN AA 106 66.95 49.00 -60.28
C ASN AA 106 66.32 48.93 -58.89
N SER AA 107 65.05 49.32 -58.79
CA SER AA 107 64.30 49.24 -57.55
C SER AA 107 63.10 48.31 -57.68
N TYR AA 108 63.03 47.61 -58.82
CA TYR AA 108 61.99 46.61 -59.01
C TYR AA 108 62.48 45.23 -58.56
N SER AA 109 61.58 44.25 -58.55
CA SER AA 109 61.93 42.88 -58.14
C SER AA 109 61.12 41.84 -58.91
N ILE AA 110 61.28 40.57 -58.52
CA ILE AA 110 60.52 39.47 -59.12
C ILE AA 110 59.03 39.60 -58.81
N LYS AA 111 58.72 39.95 -57.56
CA LYS AA 111 57.35 40.22 -57.11
C LYS AA 111 56.69 41.26 -58.01
N VAL AA 112 57.38 42.39 -58.22
CA VAL AA 112 56.90 43.47 -59.08
C VAL AA 112 56.63 42.99 -60.51
N VAL AA 113 57.55 42.18 -61.03
CA VAL AA 113 57.45 41.65 -62.40
C VAL AA 113 56.23 40.76 -62.60
N LEU AA 114 56.02 39.82 -61.67
CA LEU AA 114 54.85 38.94 -61.73
C LEU AA 114 53.55 39.70 -61.54
N GLN AA 115 53.57 40.72 -60.67
CA GLN AA 115 52.42 41.59 -60.46
C GLN AA 115 52.04 42.43 -61.69
N GLU AA 116 53.04 42.82 -62.47
CA GLU AA 116 52.82 43.61 -63.67
C GLU AA 116 52.24 42.77 -64.79
N LEU AA 117 52.78 41.57 -64.98
CA LEU AA 117 52.25 40.63 -65.97
C LEU AA 117 50.78 40.33 -65.69
N ARG AA 118 50.47 40.04 -64.42
CA ARG AA 118 49.11 39.76 -63.98
C ARG AA 118 48.16 40.91 -64.30
N ARG AA 119 48.61 42.14 -64.06
CA ARG AA 119 47.80 43.34 -64.30
C ARG AA 119 47.60 43.60 -65.80
N LEU AA 120 48.56 43.16 -66.61
CA LEU AA 120 48.40 43.26 -68.07
C LEU AA 120 47.43 42.22 -68.61
N MET AA 121 47.12 41.21 -67.79
CA MET AA 121 46.13 40.20 -68.16
C MET AA 121 44.72 40.79 -68.17
N MET AA 122 44.53 41.91 -67.48
CA MET AA 122 43.26 42.63 -67.48
C MET AA 122 43.25 43.79 -68.49
N SER AA 123 44.33 43.91 -69.25
CA SER AA 123 44.45 44.92 -70.31
C SER AA 123 43.40 44.78 -71.40
N LYS AA 124 43.09 45.88 -72.08
CA LYS AA 124 42.01 45.95 -73.07
C LYS AA 124 42.00 44.79 -74.08
N GLU AA 125 43.11 44.62 -74.81
CA GLU AA 125 43.16 43.64 -75.89
C GLU AA 125 43.67 42.27 -75.45
N ASN AA 126 43.86 42.09 -74.15
CA ASN AA 126 44.33 40.83 -73.60
C ASN AA 126 43.25 40.00 -72.91
N MET AA 127 42.37 40.67 -72.18
CA MET AA 127 41.36 40.01 -71.34
C MET AA 127 40.31 39.20 -72.10
N LYS AA 128 40.18 39.49 -73.39
CA LYS AA 128 39.15 38.86 -74.23
C LYS AA 128 39.74 37.82 -75.21
N LEU AA 129 41.04 37.56 -75.10
CA LEU AA 129 41.72 36.59 -75.96
C LEU AA 129 41.40 35.16 -75.54
N PRO AA 130 41.18 34.25 -76.52
CA PRO AA 130 40.90 32.84 -76.25
C PRO AA 130 42.12 32.07 -75.74
N GLN AA 131 41.92 31.27 -74.69
CA GLN AA 131 43.00 30.56 -74.01
C GLN AA 131 43.03 29.08 -74.37
N PRO AA 132 44.22 28.45 -74.32
CA PRO AA 132 44.40 27.01 -74.60
C PRO AA 132 43.83 26.12 -73.50
N PRO AA 133 43.48 24.86 -73.83
CA PRO AA 133 43.09 23.90 -72.80
C PRO AA 133 44.19 23.83 -71.75
N GLU AA 134 43.87 24.24 -70.53
CA GLU AA 134 44.82 24.35 -69.45
C GLU AA 134 45.53 23.01 -69.19
N GLY AA 135 46.84 23.07 -69.03
CA GLY AA 135 47.63 21.88 -68.72
C GLY AA 135 48.82 21.66 -69.64
N GLN AA 136 48.89 22.45 -70.70
CA GLN AA 136 50.00 22.37 -71.65
C GLN AA 136 51.17 23.19 -71.17
N THR AA 137 52.38 22.81 -71.58
CA THR AA 137 53.56 23.65 -71.41
C THR AA 137 54.12 24.02 -72.77
N TYR AA 138 55.36 24.50 -72.81
CA TYR AA 138 56.00 24.80 -74.08
C TYR AA 138 57.10 23.80 -74.42
N LEU BA 2 78.45 57.23 -44.31
CA LEU BA 2 78.53 56.09 -43.35
C LEU BA 2 78.78 56.57 -41.93
N PRO BA 3 78.23 55.86 -40.94
CA PRO BA 3 78.44 56.17 -39.52
C PRO BA 3 79.89 55.97 -39.13
N ARG BA 4 80.37 56.77 -38.19
CA ARG BA 4 81.76 56.72 -37.73
C ARG BA 4 82.17 55.31 -37.27
N ARG BA 5 81.24 54.59 -36.66
CA ARG BA 5 81.52 53.25 -36.16
C ARG BA 5 82.05 52.32 -37.24
N ILE BA 6 81.36 52.29 -38.39
CA ILE BA 6 81.76 51.43 -39.53
C ILE BA 6 83.13 51.82 -40.09
N ILE BA 7 83.35 53.12 -40.24
CA ILE BA 7 84.67 53.65 -40.64
C ILE BA 7 85.74 53.12 -39.69
N LYS BA 8 85.48 53.26 -38.39
CA LYS BA 8 86.40 52.80 -37.35
C LYS BA 8 86.68 51.30 -37.44
N GLU BA 9 85.63 50.52 -37.71
CA GLU BA 9 85.77 49.06 -37.82
C GLU BA 9 86.48 48.62 -39.09
N THR BA 10 86.35 49.39 -40.17
CA THR BA 10 87.01 49.05 -41.42
C THR BA 10 88.51 49.37 -41.33
N GLN BA 11 88.85 50.36 -40.51
CA GLN BA 11 90.26 50.67 -40.26
C GLN BA 11 90.91 49.62 -39.36
N ARG BA 12 90.17 49.19 -38.34
CA ARG BA 12 90.56 48.08 -37.48
C ARG BA 12 90.95 46.84 -38.29
N LEU BA 13 90.09 46.45 -39.23
CA LEU BA 13 90.28 45.25 -40.03
C LEU BA 13 91.53 45.28 -40.90
N LEU BA 14 91.92 46.48 -41.34
CA LEU BA 14 93.20 46.65 -42.02
C LEU BA 14 94.35 46.64 -41.03
N ALA BA 15 94.18 47.36 -39.92
CA ALA BA 15 95.24 47.51 -38.91
C ALA BA 15 95.51 46.24 -38.11
N GLU BA 16 94.49 45.42 -37.90
CA GLU BA 16 94.62 44.21 -37.09
C GLU BA 16 94.02 42.98 -37.77
N PRO BA 17 94.60 42.55 -38.91
CA PRO BA 17 94.01 41.43 -39.62
C PRO BA 17 94.21 40.13 -38.84
N VAL BA 18 93.14 39.36 -38.64
CA VAL BA 18 93.24 38.08 -37.94
C VAL BA 18 93.73 36.96 -38.85
N PRO BA 19 94.81 36.26 -38.46
CA PRO BA 19 95.41 35.24 -39.31
C PRO BA 19 94.38 34.20 -39.72
N GLY BA 20 94.30 33.92 -41.02
CA GLY BA 20 93.35 32.95 -41.54
C GLY BA 20 92.11 33.59 -42.15
N ILE BA 21 91.84 34.83 -41.76
CA ILE BA 21 90.69 35.56 -42.27
C ILE BA 21 91.11 36.89 -42.87
N LYS BA 22 91.02 36.98 -44.21
CA LYS BA 22 91.17 38.26 -44.90
C LYS BA 22 89.80 38.84 -45.31
N ALA BA 23 89.59 40.10 -44.95
CA ALA BA 23 88.31 40.78 -45.18
C ALA BA 23 88.53 42.08 -45.93
N GLU BA 24 87.91 42.19 -47.11
CA GLU BA 24 88.02 43.39 -47.94
C GLU BA 24 86.67 44.07 -48.12
N PRO BA 25 86.61 45.39 -47.89
CA PRO BA 25 85.42 46.11 -48.32
C PRO BA 25 85.42 46.27 -49.85
N ASP BA 26 84.25 46.19 -50.45
CA ASP BA 26 84.08 46.37 -51.88
C ASP BA 26 84.46 47.80 -52.27
N GLU BA 27 85.24 47.92 -53.35
CA GLU BA 27 85.66 49.21 -53.87
C GLU BA 27 84.47 50.09 -54.27
N SER BA 28 83.30 49.48 -54.39
CA SER BA 28 82.11 50.13 -54.93
C SER BA 28 80.99 50.29 -53.90
N ASN BA 29 81.23 49.78 -52.69
CA ASN BA 29 80.24 49.82 -51.61
C ASN BA 29 80.92 49.53 -50.28
N ALA BA 30 81.09 50.57 -49.46
CA ALA BA 30 81.81 50.44 -48.20
C ALA BA 30 81.08 49.62 -47.12
N ARG BA 31 79.89 49.11 -47.45
CA ARG BA 31 79.07 48.33 -46.52
C ARG BA 31 79.13 46.83 -46.81
N TYR BA 32 79.68 46.48 -47.97
CA TYR BA 32 79.72 45.11 -48.44
C TYR BA 32 81.15 44.57 -48.39
N PHE BA 33 81.35 43.47 -47.66
CA PHE BA 33 82.69 42.92 -47.44
C PHE BA 33 82.92 41.57 -48.12
N HIS BA 34 84.01 41.47 -48.88
CA HIS BA 34 84.48 40.19 -49.41
C HIS BA 34 85.33 39.53 -48.34
N VAL BA 35 84.96 38.31 -47.97
CA VAL BA 35 85.68 37.57 -46.93
C VAL BA 35 86.22 36.26 -47.50
N VAL BA 36 87.39 35.87 -47.03
CA VAL BA 36 87.98 34.55 -47.34
C VAL BA 36 88.53 33.93 -46.04
N ILE BA 37 87.90 32.84 -45.59
CA ILE BA 37 88.35 32.13 -44.39
C ILE BA 37 89.02 30.81 -44.76
N ALA BA 38 90.33 30.73 -44.54
CA ALA BA 38 91.06 29.49 -44.74
C ALA BA 38 90.71 28.51 -43.63
N GLY BA 39 90.31 27.30 -44.01
CA GLY BA 39 89.91 26.26 -43.07
C GLY BA 39 91.05 25.84 -42.18
N PRO BA 40 90.81 25.77 -40.86
CA PRO BA 40 91.87 25.60 -39.87
C PRO BA 40 92.55 24.24 -40.00
N GLN BA 41 93.74 24.11 -39.43
CA GLN BA 41 94.46 22.84 -39.43
C GLN BA 41 93.93 21.88 -38.35
N ASP BA 42 94.02 20.58 -38.64
CA ASP BA 42 93.41 19.52 -37.82
C ASP BA 42 91.89 19.43 -38.00
N SER BA 43 91.34 20.42 -38.71
CA SER BA 43 89.94 20.42 -39.11
C SER BA 43 89.70 19.48 -40.27
N PRO BA 44 88.43 19.14 -40.54
CA PRO BA 44 88.12 18.46 -41.80
C PRO BA 44 88.18 19.43 -42.99
N PHE BA 45 88.27 20.73 -42.68
CA PHE BA 45 88.28 21.78 -43.70
C PHE BA 45 89.70 22.30 -43.94
N GLU BA 46 90.68 21.56 -43.46
CA GLU BA 46 92.09 21.85 -43.66
C GLU BA 46 92.42 21.97 -45.14
N GLY BA 47 93.26 22.95 -45.47
CA GLY BA 47 93.71 23.15 -46.84
C GLY BA 47 92.63 23.62 -47.80
N GLY BA 48 91.53 24.11 -47.25
CA GLY BA 48 90.48 24.73 -48.05
C GLY BA 48 90.41 26.23 -47.78
N THR BA 49 90.02 26.99 -48.79
CA THR BA 49 89.72 28.41 -48.60
C THR BA 49 88.26 28.64 -48.93
N PHE BA 50 87.57 29.32 -48.02
CA PHE BA 50 86.12 29.48 -48.14
C PHE BA 50 85.74 30.94 -48.31
N LYS BA 51 84.92 31.19 -49.32
CA LYS BA 51 84.42 32.52 -49.59
C LYS BA 51 83.17 32.82 -48.76
N LEU BA 52 83.15 34.02 -48.19
CA LEU BA 52 81.98 34.52 -47.51
C LEU BA 52 81.77 35.95 -47.96
N GLU BA 53 80.51 36.38 -47.96
CA GLU BA 53 80.21 37.78 -48.12
C GLU BA 53 79.52 38.26 -46.87
N LEU BA 54 79.83 39.49 -46.48
CA LEU BA 54 79.25 40.10 -45.31
C LEU BA 54 78.66 41.44 -45.70
N PHE BA 55 77.44 41.69 -45.24
CA PHE BA 55 76.78 42.96 -45.49
C PHE BA 55 76.31 43.57 -44.19
N LEU BA 56 76.56 44.86 -44.05
CA LEU BA 56 76.10 45.63 -42.91
C LEU BA 56 74.86 46.40 -43.34
N PRO BA 57 73.67 45.93 -42.90
CA PRO BA 57 72.45 46.60 -43.30
C PRO BA 57 72.27 47.90 -42.54
N GLU BA 58 71.36 48.74 -43.03
CA GLU BA 58 71.11 50.06 -42.45
C GLU BA 58 71.06 50.04 -40.93
N GLU BA 59 70.48 48.97 -40.39
CA GLU BA 59 70.24 48.87 -38.95
C GLU BA 59 71.45 48.44 -38.12
N TYR BA 60 72.60 48.23 -38.75
CA TYR BA 60 73.84 48.00 -38.00
C TYR BA 60 74.20 49.26 -37.19
N PRO BA 61 74.51 49.11 -35.89
CA PRO BA 61 74.72 47.90 -35.10
C PRO BA 61 73.53 47.43 -34.25
N MET BA 62 72.37 48.05 -34.44
CA MET BA 62 71.16 47.60 -33.77
C MET BA 62 70.84 46.17 -34.20
N ALA BA 63 70.81 45.96 -35.52
CA ALA BA 63 70.66 44.62 -36.08
C ALA BA 63 72.01 44.06 -36.51
N ALA BA 64 72.08 42.73 -36.59
CA ALA BA 64 73.30 42.01 -36.89
C ALA BA 64 73.69 42.15 -38.35
N PRO BA 65 74.97 41.85 -38.70
CA PRO BA 65 75.37 41.81 -40.10
C PRO BA 65 74.85 40.55 -40.77
N LYS BA 66 74.72 40.59 -42.09
CA LYS BA 66 74.28 39.43 -42.84
C LYS BA 66 75.49 38.74 -43.44
N VAL BA 67 75.63 37.45 -43.13
CA VAL BA 67 76.75 36.63 -43.60
C VAL BA 67 76.23 35.37 -44.29
N ARG BA 68 76.76 35.10 -45.47
CA ARG BA 68 76.44 33.87 -46.22
C ARG BA 68 77.74 33.29 -46.76
N PHE BA 69 77.80 31.96 -46.87
CA PHE BA 69 78.91 31.30 -47.54
C PHE BA 69 78.72 31.35 -49.04
N MET BA 70 79.83 31.47 -49.77
CA MET BA 70 79.81 31.44 -51.21
C MET BA 70 80.41 30.14 -51.73
N THR BA 71 81.04 29.39 -50.82
CA THR BA 71 81.62 28.09 -51.14
C THR BA 71 80.75 27.01 -50.52
N LYS BA 72 80.55 25.92 -51.25
CA LYS BA 72 79.78 24.79 -50.76
C LYS BA 72 80.59 24.11 -49.66
N ILE BA 73 79.88 23.69 -48.60
CA ILE BA 73 80.53 23.18 -47.40
C ILE BA 73 79.60 22.28 -46.58
N TYR BA 74 80.12 21.14 -46.15
CA TYR BA 74 79.38 20.19 -45.32
C TYR BA 74 79.60 20.53 -43.84
N HIS BA 75 78.63 21.22 -43.25
CA HIS BA 75 78.78 21.77 -41.91
C HIS BA 75 77.41 21.83 -41.23
N PRO BA 76 77.35 21.49 -39.93
CA PRO BA 76 76.07 21.43 -39.21
C PRO BA 76 75.41 22.80 -39.03
N ASN BA 77 76.17 23.87 -39.20
CA ASN BA 77 75.64 25.20 -39.00
C ASN BA 77 75.47 25.97 -40.30
N VAL BA 78 75.86 25.36 -41.42
CA VAL BA 78 75.75 25.98 -42.75
C VAL BA 78 74.73 25.22 -43.60
N ASP BA 79 73.72 25.91 -44.09
CA ASP BA 79 72.71 25.26 -44.93
C ASP BA 79 73.20 25.08 -46.38
N LYS BA 80 72.35 24.50 -47.23
CA LYS BA 80 72.68 24.24 -48.64
C LYS BA 80 73.05 25.50 -49.43
N LEU BA 81 72.33 26.59 -49.19
CA LEU BA 81 72.55 27.86 -49.89
C LEU BA 81 73.61 28.74 -49.21
N GLY BA 82 74.27 28.20 -48.21
CA GLY BA 82 75.39 28.88 -47.57
C GLY BA 82 74.99 29.81 -46.44
N ARG BA 83 73.71 29.82 -46.08
CA ARG BA 83 73.24 30.63 -44.95
C ARG BA 83 73.70 30.03 -43.63
N ILE BA 84 74.16 30.88 -42.72
CA ILE BA 84 74.79 30.40 -41.49
C ILE BA 84 73.85 30.43 -40.28
N CYS BA 85 73.56 29.25 -39.75
CA CYS BA 85 72.82 29.10 -38.51
C CYS BA 85 73.77 29.33 -37.34
N LEU BA 86 73.81 30.56 -36.85
CA LEU BA 86 74.67 30.95 -35.73
C LEU BA 86 74.02 31.94 -34.78
N ASP BA 87 74.06 31.61 -33.49
CA ASP BA 87 73.41 32.37 -32.40
C ASP BA 87 73.50 33.87 -32.54
N ILE BA 88 74.72 34.37 -32.69
CA ILE BA 88 74.98 35.80 -32.63
C ILE BA 88 74.51 36.55 -33.89
N LEU BA 89 74.26 35.80 -34.96
CA LEU BA 89 73.84 36.40 -36.22
C LEU BA 89 72.37 36.82 -36.28
N LYS BA 90 71.59 36.40 -35.29
CA LYS BA 90 70.20 36.86 -35.17
C LYS BA 90 69.78 37.02 -33.71
N ASP BA 91 69.73 35.91 -32.98
CA ASP BA 91 69.03 35.88 -31.70
C ASP BA 91 69.83 36.51 -30.55
N LYS BA 92 71.12 36.16 -30.46
CA LYS BA 92 71.96 36.71 -29.41
C LYS BA 92 72.95 37.76 -29.93
N TRP BA 93 72.46 38.63 -30.82
CA TRP BA 93 73.24 39.75 -31.33
C TRP BA 93 73.13 40.94 -30.41
N SER BA 94 74.24 41.66 -30.28
CA SER BA 94 74.31 42.84 -29.43
C SER BA 94 75.19 43.87 -30.11
N PRO BA 95 74.84 45.16 -29.98
CA PRO BA 95 75.76 46.19 -30.48
C PRO BA 95 77.08 46.19 -29.73
N ALA BA 96 77.15 45.49 -28.61
CA ALA BA 96 78.37 45.33 -27.83
C ALA BA 96 79.29 44.27 -28.45
N LEU BA 97 78.94 43.84 -29.65
CA LEU BA 97 79.77 42.94 -30.43
C LEU BA 97 79.99 43.56 -31.80
N GLN BA 98 81.14 43.29 -32.40
CA GLN BA 98 81.48 43.87 -33.70
C GLN BA 98 81.75 42.82 -34.76
N ILE BA 99 81.99 43.26 -35.99
CA ILE BA 99 82.30 42.35 -37.11
C ILE BA 99 83.41 41.35 -36.76
N ARG BA 100 84.42 41.83 -36.03
CA ARG BA 100 85.52 40.98 -35.61
C ARG BA 100 85.01 39.75 -34.86
N THR BA 101 84.11 39.98 -33.91
CA THR BA 101 83.51 38.89 -33.12
C THR BA 101 82.76 37.94 -34.04
N VAL BA 102 82.14 38.49 -35.07
CA VAL BA 102 81.40 37.71 -36.05
C VAL BA 102 82.35 36.80 -36.85
N LEU BA 103 83.41 37.38 -37.40
CA LEU BA 103 84.42 36.65 -38.19
C LEU BA 103 85.08 35.52 -37.41
N LEU BA 104 85.48 35.83 -36.17
CA LEU BA 104 86.10 34.87 -35.28
C LEU BA 104 85.19 33.70 -34.92
N SER BA 105 83.90 33.99 -34.71
CA SER BA 105 82.93 32.95 -34.41
C SER BA 105 82.87 31.92 -35.54
N ILE BA 106 82.91 32.40 -36.77
CA ILE BA 106 82.86 31.56 -37.97
C ILE BA 106 84.12 30.70 -38.11
N GLN BA 107 85.24 31.20 -37.59
CA GLN BA 107 86.46 30.41 -37.51
C GLN BA 107 86.34 29.30 -36.48
N ALA BA 108 85.83 29.64 -35.30
CA ALA BA 108 85.64 28.66 -34.23
C ALA BA 108 84.71 27.57 -34.71
N LEU BA 109 83.71 28.00 -35.48
CA LEU BA 109 82.71 27.11 -36.06
C LEU BA 109 83.34 26.06 -36.97
N LEU BA 110 84.24 26.49 -37.85
CA LEU BA 110 84.96 25.56 -38.73
C LEU BA 110 85.92 24.67 -37.95
N SER BA 111 86.56 25.24 -36.94
CA SER BA 111 87.55 24.55 -36.13
C SER BA 111 86.91 23.44 -35.28
N ALA BA 112 85.71 23.68 -34.78
CA ALA BA 112 84.99 22.71 -33.97
C ALA BA 112 83.47 22.83 -34.13
N PRO BA 113 82.90 22.17 -35.16
CA PRO BA 113 81.46 22.18 -35.40
C PRO BA 113 80.63 21.56 -34.26
N ASN BA 114 79.87 22.41 -33.56
CA ASN BA 114 78.95 22.00 -32.50
C ASN BA 114 77.54 21.78 -33.05
N PRO BA 115 77.13 20.50 -33.21
CA PRO BA 115 75.81 20.19 -33.75
C PRO BA 115 74.73 19.99 -32.68
N ASP BA 116 74.58 20.97 -31.79
CA ASP BA 116 73.59 20.93 -30.70
C ASP BA 116 72.38 21.85 -30.93
N ASP BA 117 72.36 22.49 -32.11
CA ASP BA 117 71.34 23.47 -32.49
C ASP BA 117 69.97 22.82 -32.71
N PRO BA 118 68.90 23.41 -32.11
CA PRO BA 118 67.51 22.97 -32.33
C PRO BA 118 67.04 23.09 -33.79
N LEU BA 119 67.60 24.06 -34.52
CA LEU BA 119 67.45 24.12 -35.98
C LEU BA 119 68.29 23.03 -36.65
N ALA BA 120 68.07 21.78 -36.20
CA ALA BA 120 68.86 20.64 -36.64
C ALA BA 120 68.34 20.07 -37.96
N ASN BA 121 69.11 20.34 -39.01
CA ASN BA 121 68.88 19.74 -40.33
C ASN BA 121 69.51 18.35 -40.41
N ASP BA 122 69.33 17.70 -41.56
CA ASP BA 122 69.89 16.36 -41.80
C ASP BA 122 71.42 16.36 -41.80
N VAL BA 123 72.02 17.54 -41.63
CA VAL BA 123 73.48 17.67 -41.55
C VAL BA 123 73.95 17.59 -40.10
N ALA BA 124 73.30 18.36 -39.22
CA ALA BA 124 73.60 18.32 -37.78
C ALA BA 124 73.25 16.96 -37.17
N GLU BA 125 72.09 16.44 -37.57
CA GLU BA 125 71.62 15.11 -37.16
C GLU BA 125 72.59 14.02 -37.60
N GLN BA 126 73.25 14.25 -38.73
CA GLN BA 126 74.22 13.32 -39.29
C GLN BA 126 75.51 13.35 -38.46
N TRP BA 127 75.81 14.52 -37.92
CA TRP BA 127 77.03 14.74 -37.14
C TRP BA 127 76.97 14.09 -35.76
N LYS BA 128 75.75 13.89 -35.23
CA LYS BA 128 75.58 13.11 -34.00
C LYS BA 128 75.70 11.63 -34.29
N THR BA 129 74.86 11.15 -35.19
CA THR BA 129 74.68 9.72 -35.44
C THR BA 129 75.91 9.02 -36.02
N ASN BA 130 76.61 9.70 -36.94
CA ASN BA 130 77.81 9.14 -37.55
C ASN BA 130 78.85 10.23 -37.82
N GLU BA 131 79.47 10.70 -36.75
CA GLU BA 131 80.48 11.75 -36.80
C GLU BA 131 81.71 11.34 -37.60
N ALA BA 132 82.02 10.06 -37.59
CA ALA BA 132 83.15 9.51 -38.33
C ALA BA 132 82.98 9.72 -39.83
N GLN BA 133 81.76 9.50 -40.31
CA GLN BA 133 81.48 9.62 -41.73
C GLN BA 133 81.23 11.07 -42.13
N ALA BA 134 80.67 11.85 -41.22
CA ALA BA 134 80.45 13.28 -41.44
C ALA BA 134 81.78 14.03 -41.56
N ILE BA 135 82.77 13.61 -40.77
CA ILE BA 135 84.11 14.18 -40.80
C ILE BA 135 84.76 13.89 -42.15
N GLU BA 136 84.54 12.68 -42.67
CA GLU BA 136 85.09 12.24 -43.95
C GLU BA 136 84.37 12.91 -45.12
N THR BA 137 83.07 13.15 -44.96
CA THR BA 137 82.27 13.79 -46.01
C THR BA 137 82.69 15.25 -46.14
N ALA BA 138 82.90 15.91 -45.00
CA ALA BA 138 83.40 17.28 -44.98
C ALA BA 138 84.78 17.35 -45.64
N ARG BA 139 85.58 16.30 -45.40
CA ARG BA 139 86.93 16.15 -45.94
C ARG BA 139 86.91 16.09 -47.47
N ALA BA 140 86.02 15.26 -48.01
CA ALA BA 140 85.87 15.13 -49.46
C ALA BA 140 85.26 16.38 -50.09
N TRP BA 141 84.33 17.03 -49.39
CA TRP BA 141 83.67 18.24 -49.88
C TRP BA 141 84.61 19.43 -49.93
N THR BA 142 85.62 19.42 -49.06
CA THR BA 142 86.67 20.44 -49.07
C THR BA 142 87.44 20.44 -50.40
N ARG BA 143 87.79 19.24 -50.89
CA ARG BA 143 88.49 19.11 -52.16
C ARG BA 143 87.63 19.38 -53.38
N LEU BA 144 86.33 19.11 -53.25
CA LEU BA 144 85.44 19.20 -54.39
C LEU BA 144 85.00 20.63 -54.69
N TYR BA 145 84.98 21.48 -53.66
CA TYR BA 145 84.43 22.82 -53.81
C TYR BA 145 85.26 23.94 -53.21
N ALA BA 146 86.11 23.61 -52.24
CA ALA BA 146 86.80 24.64 -51.45
C ALA BA 146 88.32 24.68 -51.64
N MET BA 147 88.82 23.94 -52.63
CA MET BA 147 90.25 23.91 -52.88
C MET BA 147 90.60 24.75 -54.13
N ASN BA 148 89.99 25.94 -54.20
CA ASN BA 148 90.24 26.93 -55.25
C ASN BA 148 90.96 28.17 -54.72
N ASN CA 2 22.18 58.71 13.59
CA ASN CA 2 22.74 57.87 12.49
C ASN CA 2 22.55 56.36 12.76
N PRO CA 3 21.78 55.67 11.90
CA PRO CA 3 21.58 54.23 12.02
C PRO CA 3 22.57 53.45 11.15
N LEU CA 4 22.67 52.14 11.40
CA LEU CA 4 23.45 51.24 10.55
C LEU CA 4 22.84 51.21 9.14
N VAL CA 5 21.59 50.77 9.06
CA VAL CA 5 20.80 50.85 7.82
C VAL CA 5 19.54 51.68 8.11
N SER CA 6 19.24 52.66 7.25
CA SER CA 6 18.17 53.62 7.48
C SER CA 6 16.83 53.26 6.80
N GLU CA 7 15.79 54.00 7.16
CA GLU CA 7 14.47 53.87 6.54
C GLU CA 7 14.53 54.27 5.06
N ARG CA 8 13.55 53.83 4.29
CA ARG CA 8 13.47 54.15 2.87
C ARG CA 8 13.10 55.63 2.71
N LEU CA 9 14.12 56.47 2.62
CA LEU CA 9 13.93 57.90 2.58
C LEU CA 9 13.76 58.42 1.17
N GLU CA 10 13.34 59.68 1.06
CA GLU CA 10 13.19 60.34 -0.23
C GLU CA 10 14.54 60.59 -0.88
N LEU CA 11 14.56 60.63 -2.21
CA LEU CA 11 15.78 61.00 -2.95
C LEU CA 11 15.92 62.52 -2.99
N SER CA 12 14.93 63.22 -2.45
CA SER CA 12 14.95 64.67 -2.33
C SER CA 12 15.64 65.16 -1.05
N VAL CA 13 16.08 64.21 -0.21
CA VAL CA 13 16.81 64.54 1.03
C VAL CA 13 18.32 64.71 0.78
N LEU CA 14 18.73 64.51 -0.47
CA LEU CA 14 20.12 64.69 -0.87
C LEU CA 14 20.44 66.14 -1.26
N TYR CA 15 19.40 66.97 -1.38
CA TYR CA 15 19.56 68.41 -1.57
C TYR CA 15 19.84 69.09 -0.23
N LYS CA 16 19.78 68.31 0.84
CA LYS CA 16 20.08 68.76 2.21
C LYS CA 16 21.57 68.63 2.52
N GLU CA 17 22.33 68.12 1.56
CA GLU CA 17 23.76 67.92 1.71
C GLU CA 17 24.52 68.57 0.56
N ASN CA 23 26.38 74.00 -5.74
CA ASN CA 23 25.25 74.16 -6.68
C ASN CA 23 25.44 73.37 -7.98
N ILE CA 24 26.68 72.93 -8.23
CA ILE CA 24 26.98 72.08 -9.38
C ILE CA 24 26.48 70.66 -9.12
N TYR CA 25 26.53 70.25 -7.86
CA TYR CA 25 26.11 68.90 -7.44
C TYR CA 25 24.59 68.74 -7.34
N GLN CA 26 23.88 69.83 -7.13
CA GLN CA 26 22.41 69.80 -7.04
C GLN CA 26 21.74 69.49 -8.38
N GLN CA 27 22.41 69.89 -9.46
CA GLN CA 27 21.97 69.59 -10.83
C GLN CA 27 22.21 68.12 -11.21
N LYS CA 28 23.14 67.46 -10.51
CA LYS CA 28 23.43 66.03 -10.68
C LYS CA 28 22.42 65.10 -10.01
N ILE CA 29 21.71 65.62 -9.01
CA ILE CA 29 20.65 64.86 -8.33
C ILE CA 29 19.36 64.92 -9.14
N LYS CA 30 19.19 66.01 -9.88
CA LYS CA 30 18.05 66.18 -10.80
C LYS CA 30 18.11 65.20 -11.97
N ASP CA 31 19.34 64.89 -12.40
CA ASP CA 31 19.56 63.88 -13.44
C ASP CA 31 19.26 62.49 -12.89
N LEU CA 32 19.60 62.28 -11.62
CA LEU CA 32 19.44 61.01 -10.92
C LEU CA 32 17.96 60.66 -10.70
N HIS CA 33 17.15 61.69 -10.44
CA HIS CA 33 15.71 61.54 -10.18
C HIS CA 33 14.94 60.95 -11.35
N LYS CA 34 15.32 61.31 -12.57
CA LYS CA 34 14.64 60.84 -13.79
C LYS CA 34 14.90 59.35 -14.03
N LYS CA 35 15.35 58.65 -12.98
CA LYS CA 35 15.79 57.27 -13.09
C LYS CA 35 15.44 56.48 -11.82
N TYR CA 36 15.49 57.14 -10.67
CA TYR CA 36 15.23 56.51 -9.37
C TYR CA 36 14.26 57.33 -8.51
N SER CA 37 13.84 56.80 -7.37
CA SER CA 37 12.86 57.48 -6.52
C SER CA 37 13.20 57.49 -5.03
N TYR CA 38 13.76 56.38 -4.52
CA TYR CA 38 14.03 56.23 -3.08
C TYR CA 38 15.47 55.85 -2.79
N ILE CA 39 15.97 56.29 -1.64
CA ILE CA 39 17.33 56.04 -1.18
C ILE CA 39 17.39 55.44 0.23
N ARG CA 40 18.31 54.51 0.43
CA ARG CA 40 18.61 53.96 1.77
C ARG CA 40 20.02 54.29 2.22
N LYS CA 41 20.13 55.15 3.22
CA LYS CA 41 21.41 55.51 3.81
C LYS CA 41 21.99 54.37 4.67
N THR CA 42 23.31 54.28 4.68
CA THR CA 42 24.03 53.36 5.56
C THR CA 42 25.13 54.13 6.27
N ARG CA 43 25.47 53.68 7.49
CA ARG CA 43 26.55 54.30 8.27
C ARG CA 43 27.84 54.34 7.43
N PRO CA 44 28.45 55.56 7.30
CA PRO CA 44 29.67 55.72 6.51
C PRO CA 44 30.95 55.29 7.25
N ASP CA 45 31.01 54.01 7.61
CA ASP CA 45 32.11 53.47 8.44
C ASP CA 45 33.09 52.60 7.65
N GLY CA 46 33.06 52.70 6.33
CA GLY CA 46 33.95 51.93 5.47
C GLY CA 46 33.47 50.51 5.21
N ASN CA 47 32.27 50.20 5.72
CA ASN CA 47 31.65 48.90 5.47
C ASN CA 47 30.35 49.08 4.70
N CYS CA 48 30.25 50.23 4.03
CA CYS CA 48 29.06 50.64 3.29
C CYS CA 48 28.60 49.59 2.30
N PHE CA 49 29.48 49.28 1.34
CA PHE CA 49 29.14 48.40 0.23
C PHE CA 49 28.51 47.07 0.63
N TYR CA 50 29.09 46.42 1.63
CA TYR CA 50 28.66 45.08 2.04
C TYR CA 50 27.33 45.11 2.79
N ARG CA 51 27.10 46.17 3.58
CA ARG CA 51 25.81 46.37 4.23
C ARG CA 51 24.70 46.77 3.26
N ALA CA 52 25.04 47.59 2.27
CA ALA CA 52 24.08 48.08 1.27
C ALA CA 52 23.63 46.96 0.32
N PHE CA 53 24.60 46.22 -0.19
CA PHE CA 53 24.32 45.06 -1.06
C PHE CA 53 23.60 43.96 -0.29
N GLY CA 54 24.00 43.77 0.96
CA GLY CA 54 23.43 42.73 1.83
C GLY CA 54 21.96 42.93 2.12
N PHE CA 55 21.53 44.18 2.25
CA PHE CA 55 20.12 44.49 2.42
C PHE CA 55 19.38 44.54 1.07
N SER CA 56 19.93 45.30 0.11
CA SER CA 56 19.31 45.47 -1.21
C SER CA 56 18.88 44.17 -1.89
N HIS CA 57 19.64 43.09 -1.67
CA HIS CA 57 19.37 41.82 -2.32
C HIS CA 57 18.43 40.92 -1.50
N LEU CA 58 18.66 40.83 -0.19
CA LEU CA 58 17.79 40.03 0.69
C LEU CA 58 16.37 40.59 0.78
N GLU CA 59 16.25 41.92 0.70
CA GLU CA 59 14.97 42.62 0.67
C GLU CA 59 14.22 42.36 -0.66
N ALA CA 60 15.00 42.24 -1.74
CA ALA CA 60 14.43 41.95 -3.06
C ALA CA 60 14.10 40.48 -3.27
N LEU CA 61 14.54 39.62 -2.35
CA LEU CA 61 14.25 38.18 -2.42
C LEU CA 61 12.96 37.78 -1.69
N LEU CA 62 12.37 38.73 -0.97
CA LEU CA 62 11.13 38.46 -0.22
C LEU CA 62 9.92 38.27 -1.14
N ASP CA 63 9.99 38.84 -2.34
CA ASP CA 63 8.93 38.66 -3.35
C ASP CA 63 9.37 37.78 -4.54
N ASP CA 64 10.66 37.47 -4.59
CA ASP CA 64 11.23 36.64 -5.65
C ASP CA 64 11.75 35.31 -5.09
N SER CA 65 10.87 34.31 -5.03
CA SER CA 65 11.17 32.98 -4.47
C SER CA 65 12.10 32.14 -5.33
N LYS CA 66 12.15 32.44 -6.62
CA LYS CA 66 13.01 31.72 -7.57
C LYS CA 66 14.48 32.03 -7.33
N GLU CA 67 14.82 33.31 -7.34
CA GLU CA 67 16.19 33.77 -7.09
C GLU CA 67 16.60 33.50 -5.65
N LEU CA 68 15.62 33.35 -4.76
CA LEU CA 68 15.86 33.01 -3.35
C LEU CA 68 16.46 31.61 -3.19
N GLN CA 69 15.77 30.61 -3.75
CA GLN CA 69 16.22 29.22 -3.69
C GLN CA 69 17.49 28.98 -4.52
N ARG CA 70 17.70 29.85 -5.51
CA ARG CA 70 18.91 29.85 -6.32
C ARG CA 70 20.06 30.48 -5.53
N PHE CA 71 19.74 31.51 -4.75
CA PHE CA 71 20.69 32.23 -3.90
C PHE CA 71 21.19 31.34 -2.77
N LYS CA 72 20.26 30.66 -2.11
CA LYS CA 72 20.56 29.79 -0.97
C LYS CA 72 21.47 28.62 -1.35
N ALA CA 73 21.28 28.09 -2.56
CA ALA CA 73 22.06 26.96 -3.07
C ALA CA 73 23.54 27.32 -3.26
N VAL CA 74 23.81 28.57 -3.67
CA VAL CA 74 25.18 29.06 -3.85
C VAL CA 74 25.82 29.37 -2.50
N SER CA 75 25.04 29.96 -1.60
CA SER CA 75 25.51 30.36 -0.27
C SER CA 75 25.88 29.19 0.63
N ALA CA 76 25.20 28.06 0.46
CA ALA CA 76 25.49 26.84 1.22
C ALA CA 76 26.77 26.16 0.71
N LYS CA 77 26.84 25.96 -0.61
CA LYS CA 77 28.02 25.40 -1.27
C LYS CA 77 29.22 26.34 -1.15
N SER CA 78 28.91 27.61 -0.83
CA SER CA 78 29.91 28.65 -0.65
C SER CA 78 30.85 28.38 0.52
N LYS CA 79 30.35 27.71 1.57
CA LYS CA 79 31.17 27.41 2.73
C LYS CA 79 32.25 26.35 2.43
N GLU CA 80 31.81 25.17 1.97
CA GLU CA 80 32.74 24.09 1.60
C GLU CA 80 33.69 24.50 0.48
N ASP CA 81 33.29 25.52 -0.26
CA ASP CA 81 34.07 26.12 -1.35
C ASP CA 81 35.31 26.83 -0.80
N LEU CA 82 35.09 27.71 0.18
CA LEU CA 82 36.18 28.44 0.82
C LEU CA 82 37.13 27.52 1.58
N VAL CA 83 36.58 26.48 2.21
CA VAL CA 83 37.38 25.51 2.95
C VAL CA 83 38.22 24.65 2.01
N SER CA 84 37.68 24.35 0.82
CA SER CA 84 38.44 23.71 -0.25
C SER CA 84 39.51 24.64 -0.80
N GLN CA 85 39.34 25.94 -0.54
CA GLN CA 85 40.21 26.95 -1.11
C GLN CA 85 41.29 27.50 -0.16
N GLY CA 86 41.27 27.05 1.09
CA GLY CA 86 42.35 27.38 2.03
C GLY CA 86 41.96 28.01 3.37
N PHE CA 87 40.70 28.36 3.52
CA PHE CA 87 40.18 28.96 4.77
C PHE CA 87 39.88 27.90 5.81
N THR CA 88 40.45 28.04 7.00
CA THR CA 88 40.16 27.14 8.11
C THR CA 88 38.68 27.21 8.47
N GLU CA 89 38.07 26.04 8.67
CA GLU CA 89 36.62 25.93 8.73
C GLU CA 89 36.00 26.57 9.96
N PHE CA 90 36.57 26.26 11.13
CA PHE CA 90 36.06 26.77 12.40
C PHE CA 90 36.26 28.29 12.51
N THR CA 91 37.07 28.83 11.61
CA THR CA 91 37.36 30.25 11.57
C THR CA 91 36.22 31.04 10.92
N ILE CA 92 35.52 30.40 9.98
CA ILE CA 92 34.48 31.08 9.18
C ILE CA 92 33.07 30.56 9.45
N GLU CA 93 32.97 29.51 10.28
CA GLU CA 93 31.69 28.89 10.61
C GLU CA 93 30.64 29.89 11.07
N ASP CA 94 30.97 30.67 12.10
CA ASP CA 94 30.02 31.54 12.78
C ASP CA 94 29.44 32.66 11.90
N PHE CA 95 30.14 33.01 10.83
CA PHE CA 95 29.70 34.07 9.91
C PHE CA 95 28.83 33.50 8.79
N HIS CA 96 29.15 32.27 8.39
CA HIS CA 96 28.31 31.50 7.48
C HIS CA 96 26.96 31.26 8.17
N ASN CA 97 27.01 30.80 9.42
CA ASN CA 97 25.83 30.57 10.24
C ASN CA 97 24.91 31.78 10.32
N THR CA 98 25.50 32.96 10.49
CA THR CA 98 24.74 34.20 10.57
C THR CA 98 24.15 34.57 9.20
N PHE CA 99 24.93 34.35 8.15
CA PHE CA 99 24.49 34.62 6.79
C PHE CA 99 23.31 33.73 6.41
N MET CA 100 23.43 32.44 6.70
CA MET CA 100 22.41 31.44 6.39
C MET CA 100 21.17 31.61 7.26
N ASP CA 101 21.36 32.15 8.47
CA ASP CA 101 20.25 32.48 9.37
C ASP CA 101 19.43 33.67 8.87
N LEU CA 102 19.99 34.42 7.93
CA LEU CA 102 19.28 35.54 7.30
C LEU CA 102 18.53 35.10 6.05
N ILE CA 103 19.08 34.13 5.32
CA ILE CA 103 18.40 33.55 4.16
C ILE CA 103 17.21 32.72 4.64
N GLU CA 104 17.40 32.02 5.76
CA GLU CA 104 16.35 31.26 6.40
C GLU CA 104 15.28 32.18 6.99
N GLN CA 105 15.65 33.44 7.24
CA GLN CA 105 14.70 34.44 7.73
C GLN CA 105 13.87 35.03 6.59
N VAL CA 106 14.50 35.28 5.44
CA VAL CA 106 13.81 35.77 4.24
C VAL CA 106 12.83 34.70 3.73
N GLU CA 107 13.25 33.44 3.79
CA GLU CA 107 12.44 32.29 3.37
C GLU CA 107 11.14 32.17 4.15
N LYS CA 108 11.22 32.31 5.47
CA LYS CA 108 10.03 32.36 6.31
C LYS CA 108 9.50 33.79 6.30
N GLN CA 109 8.64 34.08 5.32
CA GLN CA 109 8.21 35.44 4.98
C GLN CA 109 8.21 36.45 6.13
N THR CA 110 9.30 37.22 6.24
CA THR CA 110 9.38 38.30 7.22
C THR CA 110 9.23 39.67 6.57
N SER CA 111 8.59 40.57 7.30
CA SER CA 111 8.41 41.95 6.86
C SER CA 111 9.74 42.64 6.64
N VAL CA 112 9.72 43.70 5.83
CA VAL CA 112 10.89 44.53 5.60
C VAL CA 112 11.34 45.21 6.90
N ALA CA 113 10.36 45.53 7.76
CA ALA CA 113 10.60 46.23 9.03
C ALA CA 113 11.46 45.45 10.02
N ASP CA 114 11.22 44.14 10.12
CA ASP CA 114 11.98 43.28 11.04
C ASP CA 114 13.22 42.64 10.41
N LEU CA 115 13.32 42.71 9.08
CA LEU CA 115 14.56 42.36 8.40
C LEU CA 115 15.55 43.52 8.58
N LEU CA 116 15.02 44.74 8.56
CA LEU CA 116 15.80 45.95 8.84
C LEU CA 116 16.29 45.96 10.28
N ALA CA 117 15.46 45.46 11.20
CA ALA CA 117 15.78 45.42 12.63
C ALA CA 117 16.90 44.42 12.97
N SER CA 118 17.23 43.56 12.00
CA SER CA 118 18.29 42.56 12.16
C SER CA 118 19.63 43.07 11.60
N PHE CA 119 19.54 44.00 10.65
CA PHE CA 119 20.71 44.67 10.06
C PHE CA 119 21.19 45.83 10.93
N ASN CA 120 20.45 46.13 11.98
CA ASN CA 120 20.81 47.22 12.89
C ASN CA 120 21.29 46.72 14.25
N ASP CA 121 21.30 45.40 14.41
CA ASP CA 121 22.01 44.75 15.51
C ASP CA 121 23.46 44.65 15.10
N GLN CA 122 24.34 45.28 15.86
CA GLN CA 122 25.77 45.30 15.55
C GLN CA 122 26.27 43.92 15.14
N SER CA 123 26.25 42.99 16.09
CA SER CA 123 26.74 41.62 15.90
C SER CA 123 26.22 40.96 14.62
N THR CA 124 24.89 40.89 14.49
CA THR CA 124 24.24 40.22 13.35
C THR CA 124 24.57 40.89 12.01
N SER CA 125 24.63 42.22 12.01
CA SER CA 125 24.95 42.98 10.81
C SER CA 125 26.40 42.78 10.40
N ASP CA 126 27.30 43.06 11.34
CA ASP CA 126 28.73 42.94 11.09
C ASP CA 126 29.12 41.53 10.67
N TYR CA 127 28.62 40.53 11.38
CA TYR CA 127 28.92 39.12 11.08
C TYR CA 127 28.64 38.76 9.62
N LEU CA 128 27.61 39.39 9.04
CA LEU CA 128 27.28 39.21 7.63
C LEU CA 128 28.30 39.91 6.73
N VAL CA 129 28.62 41.16 7.05
CA VAL CA 129 29.65 41.91 6.32
C VAL CA 129 30.92 41.06 6.21
N VAL CA 130 31.37 40.52 7.34
CA VAL CA 130 32.54 39.62 7.41
C VAL CA 130 32.45 38.50 6.38
N TYR CA 131 31.32 37.81 6.33
CA TYR CA 131 31.16 36.72 5.38
C TYR CA 131 31.10 37.21 3.94
N LEU CA 132 30.57 38.42 3.75
CA LEU CA 132 30.54 39.00 2.42
C LEU CA 132 31.95 39.37 1.98
N ARG CA 133 32.77 39.82 2.93
CA ARG CA 133 34.17 40.14 2.67
C ARG CA 133 34.99 38.88 2.41
N LEU CA 134 34.64 37.79 3.08
CA LEU CA 134 35.34 36.52 2.91
C LEU CA 134 34.98 35.88 1.57
N LEU CA 135 33.77 36.17 1.09
CA LEU CA 135 33.29 35.70 -0.20
C LEU CA 135 33.97 36.46 -1.35
N THR CA 136 34.09 37.78 -1.15
CA THR CA 136 34.83 38.66 -2.06
C THR CA 136 36.30 38.27 -2.11
N SER CA 137 36.89 38.07 -0.94
CA SER CA 137 38.30 37.72 -0.81
C SER CA 137 38.58 36.31 -1.34
N GLY CA 138 37.62 35.41 -1.14
CA GLY CA 138 37.74 34.05 -1.63
C GLY CA 138 37.72 34.00 -3.14
N TYR CA 139 36.85 34.81 -3.74
CA TYR CA 139 36.72 34.83 -5.19
C TYR CA 139 37.94 35.47 -5.88
N LEU CA 140 38.42 36.57 -5.31
CA LEU CA 140 39.60 37.26 -5.84
C LEU CA 140 40.83 36.38 -5.87
N GLN CA 141 40.89 35.42 -4.94
CA GLN CA 141 42.04 34.52 -4.84
C GLN CA 141 41.92 33.26 -5.70
N ARG CA 142 40.69 32.85 -6.01
CA ARG CA 142 40.45 31.78 -6.98
C ARG CA 142 40.82 32.29 -8.38
N GLU CA 143 40.45 33.52 -8.66
CA GLU CA 143 40.76 34.15 -9.94
C GLU CA 143 41.96 35.09 -9.81
N SER CA 144 42.92 34.65 -9.00
CA SER CA 144 44.15 35.38 -8.71
C SER CA 144 44.89 35.81 -9.97
N LYS CA 145 45.04 34.87 -10.91
CA LYS CA 145 45.71 35.14 -12.17
C LYS CA 145 45.02 36.23 -13.00
N PHE CA 146 43.70 36.30 -12.95
CA PHE CA 146 42.93 37.30 -13.69
C PHE CA 146 43.04 38.70 -13.09
N PHE CA 147 43.02 38.77 -11.76
CA PHE CA 147 43.00 40.05 -11.05
C PHE CA 147 44.38 40.65 -10.75
N GLU CA 148 45.45 39.95 -11.14
CA GLU CA 148 46.82 40.38 -10.85
C GLU CA 148 47.12 41.83 -11.25
N HIS CA 149 46.73 42.19 -12.47
CA HIS CA 149 47.10 43.48 -13.05
C HIS CA 149 46.04 44.56 -12.78
N PHE CA 150 45.02 44.19 -12.02
CA PHE CA 150 43.96 45.12 -11.62
C PHE CA 150 44.23 45.74 -10.23
N ILE CA 151 45.33 45.34 -9.60
CA ILE CA 151 45.77 45.91 -8.32
C ILE CA 151 46.93 46.87 -8.54
N GLU CA 152 46.98 47.94 -7.74
CA GLU CA 152 47.97 49.01 -7.90
C GLU CA 152 48.95 49.02 -6.71
N GLY CA 153 50.22 49.30 -7.01
CA GLY CA 153 51.24 49.45 -5.97
C GLY CA 153 52.02 48.19 -5.63
N GLY CA 154 52.26 47.35 -6.63
CA GLY CA 154 53.08 46.14 -6.49
C GLY CA 154 52.49 45.10 -5.56
N ARG CA 155 51.33 45.43 -4.99
CA ARG CA 155 50.61 44.56 -4.07
C ARG CA 155 50.08 43.35 -4.83
N THR CA 156 50.26 42.16 -4.26
CA THR CA 156 49.70 40.94 -4.84
C THR CA 156 48.20 40.86 -4.56
N VAL CA 157 47.53 39.93 -5.23
CA VAL CA 157 46.09 39.74 -5.04
C VAL CA 157 45.80 39.31 -3.61
N LYS CA 158 46.59 38.37 -3.10
CA LYS CA 158 46.42 37.83 -1.75
C LYS CA 158 46.73 38.87 -0.68
N GLU CA 159 47.73 39.72 -0.93
CA GLU CA 159 48.06 40.84 -0.04
C GLU CA 159 46.94 41.86 0.02
N PHE CA 160 46.45 42.27 -1.16
CA PHE CA 160 45.31 43.17 -1.29
C PHE CA 160 44.12 42.66 -0.50
N CYS CA 161 43.84 41.36 -0.60
CA CYS CA 161 42.78 40.73 0.15
C CYS CA 161 42.96 40.84 1.67
N GLN CA 162 44.20 40.63 2.11
CA GLN CA 162 44.53 40.63 3.53
C GLN CA 162 44.61 42.04 4.09
N GLN CA 163 44.65 43.04 3.20
CA GLN CA 163 44.84 44.44 3.58
C GLN CA 163 43.63 45.33 3.33
N GLU CA 164 42.85 45.01 2.29
CA GLU CA 164 41.77 45.90 1.82
C GLU CA 164 40.41 45.22 1.75
N VAL CA 165 40.38 43.90 1.64
CA VAL CA 165 39.13 43.16 1.48
C VAL CA 165 38.64 42.54 2.78
N GLU CA 166 39.51 41.75 3.42
CA GLU CA 166 39.11 40.95 4.59
C GLU CA 166 38.93 41.72 5.90
N PRO CA 167 39.79 42.73 6.19
CA PRO CA 167 39.62 43.44 7.46
C PRO CA 167 38.44 44.40 7.44
N MET CA 168 37.85 44.64 8.61
CA MET CA 168 36.71 45.54 8.75
C MET CA 168 37.11 47.01 8.64
N CYS CA 169 36.14 47.85 8.28
CA CYS CA 169 36.32 49.30 8.13
C CYS CA 169 37.31 49.67 7.02
N LYS CA 170 37.35 48.84 5.98
CA LYS CA 170 38.23 49.04 4.84
C LYS CA 170 37.42 49.25 3.55
N GLU CA 171 37.62 50.42 2.93
CA GLU CA 171 36.78 50.93 1.83
C GLU CA 171 36.78 50.08 0.57
N SER CA 172 35.60 50.03 -0.08
CA SER CA 172 35.40 49.27 -1.30
C SER CA 172 35.55 50.11 -2.58
N ASP CA 173 36.00 49.44 -3.65
CA ASP CA 173 35.97 49.99 -5.00
C ASP CA 173 35.62 48.88 -6.01
N HIS CA 174 35.77 49.16 -7.29
CA HIS CA 174 35.38 48.24 -8.38
C HIS CA 174 35.96 46.82 -8.30
N ILE CA 175 37.15 46.71 -7.71
CA ILE CA 175 37.81 45.41 -7.55
C ILE CA 175 37.07 44.53 -6.54
N HIS CA 176 36.40 45.16 -5.57
CA HIS CA 176 35.54 44.45 -4.63
C HIS CA 176 34.21 44.11 -5.30
N ILE CA 177 33.61 45.10 -5.98
CA ILE CA 177 32.27 45.00 -6.56
C ILE CA 177 32.18 43.91 -7.64
N ILE CA 178 33.10 43.95 -8.60
CA ILE CA 178 33.17 42.92 -9.63
C ILE CA 178 33.26 41.55 -8.95
N ALA CA 179 34.15 41.44 -7.96
CA ALA CA 179 34.41 40.19 -7.26
C ALA CA 179 33.18 39.55 -6.62
N LEU CA 180 32.52 40.28 -5.71
CA LEU CA 180 31.33 39.77 -5.01
C LEU CA 180 30.17 39.48 -5.96
N ALA CA 181 30.03 40.32 -6.99
CA ALA CA 181 29.01 40.16 -8.01
C ALA CA 181 29.16 38.81 -8.68
N GLN CA 182 30.38 38.47 -9.07
CA GLN CA 182 30.68 37.22 -9.78
C GLN CA 182 30.54 35.99 -8.87
N ALA CA 183 30.96 36.14 -7.62
CA ALA CA 183 30.92 35.05 -6.62
C ALA CA 183 29.52 34.53 -6.33
N LEU CA 184 28.56 35.45 -6.19
CA LEU CA 184 27.15 35.11 -5.95
C LEU CA 184 26.33 35.08 -7.25
N SER CA 185 26.97 35.46 -8.36
CA SER CA 185 26.34 35.57 -9.67
C SER CA 185 25.12 36.49 -9.64
N VAL CA 186 25.32 37.66 -9.04
CA VAL CA 186 24.28 38.69 -8.94
C VAL CA 186 24.82 40.04 -9.41
N SER CA 187 24.20 40.59 -10.45
CA SER CA 187 24.66 41.85 -11.04
C SER CA 187 24.29 43.06 -10.20
N ILE CA 188 25.23 44.00 -10.16
CA ILE CA 188 25.04 45.27 -9.47
C ILE CA 188 25.27 46.41 -10.46
N GLN CA 189 24.55 47.51 -10.29
CA GLN CA 189 24.82 48.73 -11.04
C GLN CA 189 25.13 49.85 -10.06
N VAL CA 190 26.19 50.60 -10.34
CA VAL CA 190 26.60 51.69 -9.46
C VAL CA 190 26.51 53.03 -10.18
N GLU CA 191 25.90 53.99 -9.49
CA GLU CA 191 25.79 55.36 -9.98
C GLU CA 191 26.76 56.24 -9.20
N TYR CA 192 27.63 56.94 -9.93
CA TYR CA 192 28.74 57.70 -9.32
C TYR CA 192 28.50 59.21 -9.31
N MET CA 193 28.79 59.83 -8.17
CA MET CA 193 28.72 61.28 -8.04
C MET CA 193 30.12 61.88 -8.11
N ASP CA 194 30.51 62.25 -9.32
CA ASP CA 194 31.85 62.72 -9.62
C ASP CA 194 31.81 64.18 -10.06
N GLY CA 199 28.74 66.30 -15.82
CA GLY CA 199 27.40 66.44 -16.40
C GLY CA 199 26.44 65.33 -16.02
N THR CA 200 26.80 64.10 -16.34
CA THR CA 200 25.94 62.93 -16.14
C THR CA 200 26.41 62.03 -14.99
N THR CA 201 25.45 61.47 -14.26
CA THR CA 201 25.73 60.47 -13.22
C THR CA 201 26.23 59.18 -13.90
N ASN CA 202 27.43 58.74 -13.52
CA ASN CA 202 28.13 57.65 -14.22
C ASN CA 202 27.44 56.28 -14.12
N PRO CA 203 27.10 55.67 -15.27
CA PRO CA 203 26.46 54.35 -15.28
C PRO CA 203 27.46 53.19 -15.50
N HIS CA 204 27.63 52.34 -14.48
CA HIS CA 204 28.52 51.18 -14.59
C HIS CA 204 27.88 49.90 -14.04
N ILE CA 205 27.85 48.87 -14.88
CA ILE CA 205 27.28 47.56 -14.54
C ILE CA 205 28.38 46.57 -14.20
N PHE CA 206 28.20 45.79 -13.14
CA PHE CA 206 29.18 44.78 -12.72
C PHE CA 206 28.51 43.41 -12.53
N PRO CA 207 28.81 42.44 -13.41
CA PRO CA 207 29.66 42.58 -14.61
C PRO CA 207 28.89 43.20 -15.78
N GLU CA 208 29.61 43.75 -16.75
CA GLU CA 208 28.96 44.47 -17.86
C GLU CA 208 28.27 43.55 -18.86
N GLY CA 209 27.04 43.89 -19.19
CA GLY CA 209 26.22 43.09 -20.08
C GLY CA 209 24.98 42.55 -19.39
N SER CA 210 25.16 42.08 -18.16
CA SER CA 210 24.07 41.46 -17.38
C SER CA 210 23.06 42.49 -16.89
N GLU CA 211 21.84 42.01 -16.63
CA GLU CA 211 20.77 42.86 -16.10
C GLU CA 211 21.02 43.12 -14.61
N PRO CA 212 21.01 44.40 -14.19
CA PRO CA 212 21.26 44.73 -12.79
C PRO CA 212 20.12 44.29 -11.86
N LYS CA 213 20.50 43.66 -10.76
CA LYS CA 213 19.57 43.29 -9.69
C LYS CA 213 19.59 44.35 -8.59
N VAL CA 214 20.80 44.69 -8.15
CA VAL CA 214 21.02 45.62 -7.04
C VAL CA 214 21.51 46.97 -7.53
N TYR CA 215 20.77 48.03 -7.19
CA TYR CA 215 21.13 49.39 -7.56
C TYR CA 215 21.76 50.13 -6.39
N LEU CA 216 22.89 50.79 -6.64
CA LEU CA 216 23.65 51.48 -5.60
C LEU CA 216 24.12 52.89 -6.01
N LEU CA 217 24.27 53.78 -5.02
CA LEU CA 217 24.75 55.13 -5.26
C LEU CA 217 26.06 55.40 -4.53
N TYR CA 218 27.13 55.63 -5.28
CA TYR CA 218 28.43 55.94 -4.70
C TYR CA 218 28.70 57.43 -4.57
N ARG CA 219 29.11 57.84 -3.37
CA ARG CA 219 29.67 59.15 -3.09
C ARG CA 219 30.97 58.90 -2.33
N PRO CA 220 31.95 59.83 -2.41
CA PRO CA 220 33.23 59.63 -1.73
C PRO CA 220 33.08 59.21 -0.26
N GLY CA 221 33.14 57.91 -0.01
CA GLY CA 221 33.01 57.35 1.35
C GLY CA 221 31.64 56.84 1.76
N HIS CA 222 30.69 56.81 0.82
CA HIS CA 222 29.31 56.37 1.07
C HIS CA 222 28.76 55.46 -0.05
N TYR CA 223 28.14 54.35 0.33
CA TYR CA 223 27.39 53.47 -0.60
C TYR CA 223 25.93 53.36 -0.17
N ASP CA 224 25.01 53.77 -1.03
CA ASP CA 224 23.57 53.80 -0.71
C ASP CA 224 22.73 52.89 -1.60
N ILE CA 225 21.62 52.38 -1.07
CA ILE CA 225 20.67 51.60 -1.88
C ILE CA 225 19.73 52.54 -2.63
N LEU CA 226 19.67 52.36 -3.94
CA LEU CA 226 18.73 53.09 -4.79
C LEU CA 226 17.48 52.24 -5.02
N TYR CA 227 16.37 52.91 -5.35
CA TYR CA 227 15.13 52.24 -5.72
C TYR CA 227 14.53 52.87 -6.96
N GLY DA 1 31.58 40.75 34.15
CA GLY DA 1 31.16 39.72 33.20
C GLY DA 1 32.32 39.03 32.53
N VAL DA 2 33.15 39.82 31.84
CA VAL DA 2 34.38 39.34 31.23
C VAL DA 2 35.57 39.94 31.97
N LYS DA 3 36.41 39.06 32.51
CA LYS DA 3 37.55 39.46 33.31
C LYS DA 3 38.74 39.84 32.44
N VAL DA 4 39.38 40.95 32.80
CA VAL DA 4 40.52 41.50 32.09
C VAL DA 4 41.77 41.29 32.97
N PRO DA 5 42.90 40.86 32.35
CA PRO DA 5 44.15 40.59 33.07
C PRO DA 5 44.80 41.85 33.61
N ARG DA 6 45.84 41.66 34.42
CA ARG DA 6 46.58 42.75 35.04
C ARG DA 6 47.26 43.66 34.02
N ASN DA 7 48.11 43.08 33.18
CA ASN DA 7 49.00 43.85 32.33
C ASN DA 7 48.30 44.59 31.21
N PHE DA 8 47.19 44.02 30.74
CA PHE DA 8 46.43 44.66 29.68
C PHE DA 8 45.54 45.76 30.21
N ARG DA 9 45.09 45.63 31.45
CA ARG DA 9 44.38 46.71 32.11
C ARG DA 9 45.35 47.85 32.39
N LEU DA 10 46.50 47.51 32.98
CA LEU DA 10 47.45 48.51 33.41
C LEU DA 10 48.00 49.37 32.28
N LEU DA 11 48.01 48.82 31.07
CA LEU DA 11 48.47 49.55 29.89
C LEU DA 11 47.44 50.58 29.44
N GLU DA 12 46.16 50.23 29.58
CA GLU DA 12 45.07 51.15 29.31
C GLU DA 12 45.10 52.27 30.31
N GLU DA 13 45.33 51.93 31.58
CA GLU DA 13 45.50 52.92 32.64
C GLU DA 13 46.59 53.91 32.24
N LEU DA 14 47.72 53.37 31.78
CA LEU DA 14 48.87 54.16 31.39
C LEU DA 14 48.58 55.15 30.26
N GLU DA 15 47.88 54.66 29.23
CA GLU DA 15 47.51 55.49 28.09
C GLU DA 15 46.60 56.64 28.51
N GLU DA 16 45.64 56.34 29.39
CA GLU DA 16 44.72 57.34 29.89
C GLU DA 16 45.45 58.32 30.79
N GLY DA 17 46.45 57.82 31.51
CA GLY DA 17 47.32 58.63 32.36
C GLY DA 17 48.16 59.63 31.56
N GLN DA 18 48.50 59.26 30.33
CA GLN DA 18 49.25 60.15 29.43
C GLN DA 18 48.32 61.20 28.84
N LYS DA 19 47.15 60.77 28.38
CA LYS DA 19 46.12 61.67 27.84
C LYS DA 19 45.58 62.65 28.88
N GLY DA 20 45.52 62.23 30.14
CA GLY DA 20 45.06 63.07 31.24
C GLY DA 20 43.55 63.17 31.31
N VAL DA 21 43.00 63.06 32.51
CA VAL DA 21 41.54 63.09 32.69
C VAL DA 21 41.06 64.38 33.37
N GLY DA 22 39.87 64.82 32.98
CA GLY DA 22 39.24 66.00 33.58
C GLY DA 22 40.08 67.24 33.38
N ASP DA 23 40.40 67.92 34.48
CA ASP DA 23 41.28 69.08 34.41
C ASP DA 23 42.75 68.68 34.59
N GLY DA 24 43.06 68.06 35.72
CA GLY DA 24 44.42 67.62 36.00
C GLY DA 24 44.69 67.55 37.49
N THR DA 25 43.63 67.73 38.28
CA THR DA 25 43.72 67.70 39.74
C THR DA 25 44.00 66.29 40.28
N VAL DA 26 43.89 65.29 39.41
CA VAL DA 26 44.49 63.96 39.63
C VAL DA 26 45.17 63.50 38.36
N SER DA 27 46.37 62.92 38.50
CA SER DA 27 47.06 62.27 37.38
C SER DA 27 48.00 61.17 37.87
N TRP DA 28 48.31 60.25 36.97
CA TRP DA 28 49.16 59.11 37.29
C TRP DA 28 50.18 58.82 36.20
N GLY DA 29 51.06 57.85 36.43
CA GLY DA 29 52.10 57.49 35.49
C GLY DA 29 53.01 56.45 36.12
N LEU DA 30 53.84 55.81 35.30
CA LEU DA 30 54.76 54.80 35.83
C LEU DA 30 55.96 55.44 36.48
N GLU DA 31 56.39 54.87 37.60
CA GLU DA 31 57.57 55.32 38.31
C GLU DA 31 58.79 55.25 37.40
N ASP DA 32 58.94 54.11 36.72
CA ASP DA 32 59.95 53.92 35.70
C ASP DA 32 59.27 53.44 34.42
N ASP DA 33 59.58 54.10 33.31
CA ASP DA 33 58.92 53.86 32.02
C ASP DA 33 59.50 52.67 31.24
N GLU DA 34 60.57 52.05 31.77
CA GLU DA 34 61.18 50.86 31.18
C GLU DA 34 60.90 49.67 32.08
N ASP DA 35 60.03 49.86 33.06
CA ASP DA 35 59.65 48.84 34.02
C ASP DA 35 58.56 47.93 33.42
N MET DA 36 58.98 46.84 32.79
CA MET DA 36 58.05 45.95 32.08
C MET DA 36 57.00 45.29 32.96
N THR DA 37 57.27 45.24 34.27
CA THR DA 37 56.36 44.59 35.24
C THR DA 37 55.17 45.47 35.63
N LEU DA 38 55.26 46.76 35.34
CA LEU DA 38 54.16 47.71 35.52
C LEU DA 38 53.64 47.77 36.96
N THR DA 39 54.55 47.77 37.93
CA THR DA 39 54.15 47.66 39.33
C THR DA 39 53.99 49.01 40.03
N ARG DA 40 55.03 49.84 39.99
CA ARG DA 40 55.03 51.09 40.73
C ARG DA 40 54.54 52.28 39.91
N TRP DA 41 53.64 53.05 40.51
CA TRP DA 41 53.02 54.18 39.86
C TRP DA 41 53.14 55.43 40.72
N THR DA 42 53.09 56.59 40.06
CA THR DA 42 53.16 57.87 40.75
C THR DA 42 51.86 58.62 40.61
N GLY DA 43 51.17 58.80 41.73
CA GLY DA 43 49.95 59.60 41.78
C GLY DA 43 50.30 61.05 42.08
N MET DA 44 49.36 61.94 41.79
CA MET DA 44 49.56 63.37 41.95
C MET DA 44 48.20 64.03 42.16
N ILE DA 45 47.92 64.42 43.40
CA ILE DA 45 46.63 65.07 43.74
C ILE DA 45 46.81 66.56 44.13
N ILE DA 46 46.17 67.45 43.37
CA ILE DA 46 46.01 68.85 43.79
C ILE DA 46 44.86 68.89 44.76
N GLY DA 47 45.07 69.49 45.93
CA GLY DA 47 44.06 69.56 46.99
C GLY DA 47 42.82 70.38 46.61
N PRO DA 48 41.64 69.97 47.13
CA PRO DA 48 40.38 70.64 46.78
C PRO DA 48 40.18 71.96 47.53
N PRO DA 49 39.72 73.01 46.81
CA PRO DA 49 39.52 74.35 47.40
C PRO DA 49 38.52 74.36 48.56
N ARG DA 50 38.63 75.40 49.40
CA ARG DA 50 37.85 75.56 50.65
C ARG DA 50 38.22 74.63 51.82
N THR DA 51 39.17 73.73 51.58
CA THR DA 51 39.66 72.84 52.61
C THR DA 51 41.07 73.29 53.00
N ASN DA 52 41.60 72.75 54.08
CA ASN DA 52 42.99 73.02 54.48
C ASN DA 52 44.03 72.40 53.53
N TYR DA 53 43.55 71.60 52.58
CA TYR DA 53 44.43 70.92 51.63
C TYR DA 53 44.62 71.72 50.35
N GLU DA 54 43.94 72.87 50.26
CA GLU DA 54 43.82 73.56 48.98
C GLU DA 54 45.12 74.13 48.44
N ASN DA 55 45.27 74.03 47.11
CA ASN DA 55 46.42 74.55 46.35
C ASN DA 55 47.77 73.93 46.73
N ARG DA 56 47.73 72.68 47.16
CA ARG DA 56 48.92 71.99 47.62
C ARG DA 56 49.02 70.68 46.85
N ILE DA 57 50.21 70.40 46.34
CA ILE DA 57 50.42 69.23 45.50
C ILE DA 57 50.89 68.04 46.35
N TYR DA 58 50.13 66.94 46.24
CA TYR DA 58 50.37 65.72 47.00
C TYR DA 58 50.78 64.60 46.08
N SER DA 59 52.08 64.32 46.03
CA SER DA 59 52.58 63.20 45.25
C SER DA 59 52.37 61.91 46.03
N LEU DA 60 51.89 60.88 45.34
CA LEU DA 60 51.67 59.58 45.96
C LEU DA 60 52.43 58.50 45.23
N LYS DA 61 52.51 57.33 45.87
CA LYS DA 61 53.00 56.10 45.24
C LYS DA 61 51.92 55.02 45.36
N VAL DA 62 51.62 54.39 44.24
CA VAL DA 62 50.61 53.34 44.20
C VAL DA 62 51.28 52.09 43.65
N GLU DA 63 51.12 50.98 44.36
CA GLU DA 63 51.69 49.72 43.94
C GLU DA 63 50.57 48.73 43.62
N CYS DA 64 50.61 48.19 42.40
CA CYS DA 64 49.63 47.21 41.96
C CYS DA 64 50.17 45.81 42.13
N GLY DA 65 49.58 45.07 43.08
CA GLY DA 65 49.95 43.69 43.33
C GLY DA 65 49.74 42.80 42.11
N PRO DA 66 50.20 41.55 42.18
CA PRO DA 66 50.03 40.59 41.09
C PRO DA 66 48.56 40.25 40.81
N LYS DA 67 47.69 40.53 41.77
CA LYS DA 67 46.26 40.18 41.67
C LYS DA 67 45.37 41.30 41.12
N TYR DA 68 45.92 42.51 41.01
CA TYR DA 68 45.20 43.68 40.48
C TYR DA 68 44.61 43.41 39.09
N PRO DA 69 43.36 43.82 38.83
CA PRO DA 69 42.47 44.62 39.68
C PRO DA 69 41.39 43.82 40.43
N GLU DA 70 41.61 42.53 40.66
CA GLU DA 70 40.72 41.73 41.51
C GLU DA 70 40.88 42.11 42.97
N ALA DA 71 42.11 42.49 43.34
CA ALA DA 71 42.43 43.02 44.65
C ALA DA 71 42.86 44.49 44.52
N PRO DA 72 42.54 45.32 45.54
CA PRO DA 72 42.93 46.72 45.50
C PRO DA 72 44.46 46.89 45.52
N PRO DA 73 44.96 48.04 45.03
CA PRO DA 73 46.40 48.31 45.11
C PRO DA 73 46.82 48.79 46.50
N SER DA 74 48.13 48.81 46.76
CA SER DA 74 48.67 49.52 47.92
C SER DA 74 48.89 50.98 47.53
N VAL DA 75 48.40 51.89 48.37
CA VAL DA 75 48.54 53.32 48.11
C VAL DA 75 49.23 53.98 49.30
N ARG DA 76 50.22 54.83 49.02
CA ARG DA 76 51.01 55.50 50.03
C ARG DA 76 51.34 56.93 49.61
N PHE DA 77 51.03 57.89 50.48
CA PHE DA 77 51.43 59.28 50.28
C PHE DA 77 52.93 59.44 50.51
N VAL DA 78 53.57 60.15 49.59
CA VAL DA 78 54.95 60.58 49.76
C VAL DA 78 54.94 61.89 50.55
N THR DA 79 54.14 62.86 50.10
CA THR DA 79 53.99 64.15 50.76
C THR DA 79 53.24 64.00 52.08
N LYS DA 80 53.67 64.74 53.10
CA LYS DA 80 53.01 64.72 54.40
C LYS DA 80 51.61 65.31 54.36
N ILE DA 81 50.69 64.65 55.04
CA ILE DA 81 49.28 65.05 55.08
C ILE DA 81 48.65 64.59 56.39
N ASN DA 82 47.74 65.40 56.91
CA ASN DA 82 46.93 64.97 58.04
C ASN DA 82 45.55 64.60 57.54
N MET DA 83 45.30 63.29 57.47
CA MET DA 83 44.05 62.79 56.92
C MET DA 83 43.68 61.47 57.57
N ASN DA 84 42.40 61.32 57.95
CA ASN DA 84 41.86 60.05 58.44
C ASN DA 84 42.09 58.97 57.38
N GLY DA 85 42.77 57.89 57.78
CA GLY DA 85 43.13 56.83 56.85
C GLY DA 85 44.61 56.81 56.47
N ILE DA 86 45.29 57.93 56.67
CA ILE DA 86 46.71 58.07 56.36
C ILE DA 86 47.58 58.09 57.62
N ASN DA 87 48.50 57.12 57.70
CA ASN DA 87 49.44 56.97 58.81
C ASN DA 87 50.38 58.17 58.92
N ASN DA 88 50.84 58.48 60.13
CA ASN DA 88 51.66 59.67 60.36
C ASN DA 88 53.17 59.46 60.15
N SER DA 89 53.62 58.22 60.32
CA SER DA 89 55.04 57.88 60.19
C SER DA 89 55.42 57.66 58.73
N SER DA 90 54.60 56.87 58.03
CA SER DA 90 54.90 56.42 56.66
C SER DA 90 54.09 57.15 55.60
N GLY DA 91 52.85 57.47 55.91
CA GLY DA 91 51.93 58.09 54.97
C GLY DA 91 51.19 57.06 54.13
N MET DA 92 50.92 55.91 54.74
CA MET DA 92 50.24 54.83 54.04
C MET DA 92 48.75 54.88 54.26
N VAL DA 93 48.01 54.59 53.19
CA VAL DA 93 46.56 54.64 53.25
C VAL DA 93 46.00 53.33 53.77
N ASP DA 94 45.31 53.41 54.91
CA ASP DA 94 44.65 52.27 55.52
C ASP DA 94 43.50 51.82 54.62
N ALA DA 95 43.49 50.53 54.29
CA ALA DA 95 42.51 49.96 53.36
C ALA DA 95 41.06 50.04 53.85
N ARG DA 96 40.80 49.70 55.11
CA ARG DA 96 39.45 49.69 55.66
C ARG DA 96 38.84 51.10 55.77
N SER DA 97 39.70 52.07 56.04
CA SER DA 97 39.29 53.48 56.19
C SER DA 97 38.72 54.10 54.93
N ILE DA 98 39.14 53.59 53.77
CA ILE DA 98 38.74 54.14 52.48
C ILE DA 98 37.66 53.27 51.83
N PRO DA 99 36.44 53.81 51.62
CA PRO DA 99 35.28 53.00 51.21
C PRO DA 99 35.36 52.48 49.77
N VAL DA 100 36.41 52.88 49.06
CA VAL DA 100 36.70 52.34 47.73
C VAL DA 100 37.64 51.14 47.83
N LEU DA 101 38.50 51.14 48.86
CA LEU DA 101 39.48 50.07 49.06
C LEU DA 101 38.93 48.95 49.93
N ALA DA 102 38.11 49.33 50.93
CA ALA DA 102 37.41 48.36 51.74
C ALA DA 102 36.37 47.65 50.89
N LYS DA 103 35.61 48.45 50.13
CA LYS DA 103 34.57 47.91 49.24
C LYS DA 103 35.06 47.95 47.79
N TRP DA 104 36.13 47.19 47.54
CA TRP DA 104 36.78 47.17 46.25
C TRP DA 104 36.03 46.32 45.22
N GLN DA 105 35.81 46.92 44.06
CA GLN DA 105 35.24 46.24 42.90
C GLN DA 105 36.30 46.21 41.81
N ASN DA 106 36.28 45.18 40.96
CA ASN DA 106 37.32 45.00 39.95
C ASN DA 106 37.26 45.96 38.77
N SER DA 107 36.22 46.79 38.72
CA SER DA 107 36.09 47.82 37.70
C SER DA 107 36.77 49.14 38.10
N TYR DA 108 37.16 49.25 39.37
CA TYR DA 108 37.84 50.45 39.85
C TYR DA 108 39.26 50.54 39.29
N SER DA 109 39.78 51.76 39.23
CA SER DA 109 41.12 52.01 38.69
C SER DA 109 41.95 52.87 39.63
N ILE DA 110 43.20 53.15 39.21
CA ILE DA 110 44.07 54.10 39.92
C ILE DA 110 43.51 55.51 39.85
N LYS DA 111 42.84 55.83 38.74
CA LYS DA 111 42.08 57.07 38.60
C LYS DA 111 41.01 57.14 39.69
N VAL DA 112 40.15 56.12 39.71
CA VAL DA 112 39.05 56.02 40.68
C VAL DA 112 39.55 56.20 42.10
N VAL DA 113 40.60 55.45 42.45
CA VAL DA 113 41.23 55.53 43.77
C VAL DA 113 41.72 56.94 44.11
N LEU DA 114 42.38 57.61 43.15
CA LEU DA 114 42.91 58.95 43.39
C LEU DA 114 41.83 59.99 43.62
N GLN DA 115 40.73 59.85 42.88
CA GLN DA 115 39.60 60.75 43.06
C GLN DA 115 38.88 60.53 44.38
N GLU DA 116 38.82 59.27 44.83
CA GLU DA 116 38.23 58.94 46.13
C GLU DA 116 38.96 59.65 47.26
N LEU DA 117 40.28 59.71 47.16
CA LEU DA 117 41.11 60.45 48.11
C LEU DA 117 40.87 61.96 47.98
N ARG DA 118 40.76 62.43 46.74
CA ARG DA 118 40.45 63.82 46.44
C ARG DA 118 39.10 64.22 47.03
N ARG DA 119 38.15 63.29 47.00
CA ARG DA 119 36.79 63.51 47.48
C ARG DA 119 36.73 63.50 49.02
N LEU DA 120 37.40 62.52 49.62
CA LEU DA 120 37.42 62.37 51.09
C LEU DA 120 38.17 63.50 51.80
N MET DA 121 38.93 64.26 51.03
CA MET DA 121 39.61 65.46 51.51
C MET DA 121 38.61 66.62 51.74
N MET DA 122 37.41 66.47 51.19
CA MET DA 122 36.33 67.44 51.36
C MET DA 122 35.35 67.04 52.46
N SER DA 123 35.56 65.83 52.99
CA SER DA 123 34.75 65.29 54.09
C SER DA 123 34.88 66.22 55.31
N LYS DA 124 33.79 66.37 56.05
CA LYS DA 124 33.74 67.32 57.17
C LYS DA 124 34.86 67.17 58.19
N GLU DA 125 35.19 65.93 58.52
CA GLU DA 125 36.21 65.64 59.53
C GLU DA 125 37.64 65.87 59.04
N ASN DA 126 37.81 65.96 57.73
CA ASN DA 126 39.12 66.16 57.13
C ASN DA 126 39.42 67.59 56.71
N MET DA 127 38.43 68.28 56.14
CA MET DA 127 38.62 69.55 55.45
C MET DA 127 39.23 70.67 56.29
N LYS DA 128 39.01 70.62 57.60
CA LYS DA 128 39.46 71.69 58.50
C LYS DA 128 40.68 71.30 59.38
N LEU DA 129 41.19 70.08 59.20
CA LEU DA 129 42.33 69.58 59.97
C LEU DA 129 43.58 70.44 59.78
N PRO DA 130 44.35 70.67 60.86
CA PRO DA 130 45.61 71.39 60.72
C PRO DA 130 46.66 70.55 59.98
N GLN DA 131 47.34 71.17 59.01
CA GLN DA 131 48.27 70.46 58.14
C GLN DA 131 49.74 70.74 58.46
N PRO DA 132 50.64 69.79 58.16
CA PRO DA 132 52.08 70.00 58.26
C PRO DA 132 52.60 71.04 57.24
N PRO DA 133 53.83 71.56 57.45
CA PRO DA 133 54.39 72.55 56.54
C PRO DA 133 54.50 72.03 55.11
N GLU DA 134 54.29 72.93 54.13
CA GLU DA 134 54.21 72.53 52.73
C GLU DA 134 55.52 71.97 52.16
N GLY DA 135 55.38 71.01 51.25
CA GLY DA 135 56.51 70.39 50.55
C GLY DA 135 57.41 69.55 51.43
N GLN DA 136 56.80 68.65 52.21
CA GLN DA 136 57.52 67.85 53.20
C GLN DA 136 57.12 66.40 53.09
N THR DA 137 58.10 65.51 53.07
CA THR DA 137 57.86 64.09 52.85
C THR DA 137 58.20 63.22 54.06
N TYR DA 138 57.58 62.03 54.09
CA TYR DA 138 57.84 61.04 55.13
C TYR DA 138 59.21 60.39 54.96
N LEU EA 2 31.07 32.65 26.31
CA LEU EA 2 32.14 32.37 25.31
C LEU EA 2 31.55 32.06 23.95
N PRO EA 3 32.16 32.62 22.88
CA PRO EA 3 31.79 32.26 21.51
C PRO EA 3 32.37 30.89 21.12
N ARG EA 4 31.60 30.12 20.35
CA ARG EA 4 32.01 28.83 19.83
C ARG EA 4 33.39 28.91 19.17
N ARG EA 5 33.64 30.07 18.57
CA ARG EA 5 34.93 30.42 17.97
C ARG EA 5 36.11 30.24 18.92
N ILE EA 6 35.98 30.80 20.13
CA ILE EA 6 37.09 30.79 21.10
C ILE EA 6 37.44 29.39 21.63
N ILE EA 7 36.43 28.56 21.86
CA ILE EA 7 36.66 27.17 22.29
C ILE EA 7 37.36 26.32 21.24
N LYS EA 8 36.98 26.50 19.98
CA LYS EA 8 37.56 25.74 18.87
C LYS EA 8 38.95 26.24 18.52
N GLU EA 9 39.19 27.54 18.75
CA GLU EA 9 40.48 28.16 18.52
C GLU EA 9 41.56 27.63 19.47
N THR EA 10 41.21 27.51 20.75
CA THR EA 10 42.12 26.94 21.75
C THR EA 10 42.34 25.45 21.48
N GLN EA 11 41.29 24.81 20.98
CA GLN EA 11 41.30 23.38 20.62
C GLN EA 11 42.34 23.05 19.56
N ARG EA 12 42.23 23.69 18.39
CA ARG EA 12 43.17 23.53 17.29
C ARG EA 12 44.58 24.03 17.64
N LEU EA 13 44.66 25.08 18.46
CA LEU EA 13 45.94 25.69 18.84
C LEU EA 13 46.80 24.80 19.75
N LEU EA 14 46.15 23.96 20.56
CA LEU EA 14 46.87 23.00 21.39
C LEU EA 14 47.09 21.70 20.64
N ALA EA 15 46.17 21.38 19.73
CA ALA EA 15 46.19 20.12 18.97
C ALA EA 15 47.28 20.03 17.92
N GLU EA 16 47.64 21.17 17.32
CA GLU EA 16 48.81 21.26 16.44
C GLU EA 16 49.68 22.47 16.77
N PRO EA 17 50.71 22.27 17.60
CA PRO EA 17 51.54 23.36 18.09
C PRO EA 17 52.52 23.83 17.05
N VAL EA 18 52.67 25.15 16.92
CA VAL EA 18 53.71 25.76 16.12
C VAL EA 18 55.04 25.45 16.81
N PRO EA 19 55.97 24.78 16.11
CA PRO EA 19 57.26 24.47 16.78
C PRO EA 19 58.06 25.72 17.15
N GLY EA 20 58.43 25.81 18.42
CA GLY EA 20 59.18 26.97 18.94
C GLY EA 20 58.32 27.87 19.80
N ILE EA 21 57.08 27.47 20.04
CA ILE EA 21 56.12 28.26 20.81
C ILE EA 21 55.20 27.40 21.67
N LYS EA 22 55.31 27.54 22.99
CA LYS EA 22 54.31 27.02 23.93
C LYS EA 22 53.23 28.08 24.10
N ALA EA 23 51.97 27.67 24.20
CA ALA EA 23 50.86 28.60 24.37
C ALA EA 23 49.69 27.99 25.16
N GLU EA 24 49.73 28.12 26.49
CA GLU EA 24 48.70 27.50 27.34
C GLU EA 24 47.67 28.51 27.86
N PRO EA 25 46.38 28.21 27.69
CA PRO EA 25 45.35 29.09 28.25
C PRO EA 25 45.30 28.95 29.76
N ASP EA 26 45.07 30.06 30.45
CA ASP EA 26 44.92 30.05 31.88
C ASP EA 26 43.57 29.44 32.25
N GLU EA 27 43.56 28.58 33.26
CA GLU EA 27 42.31 27.97 33.73
C GLU EA 27 41.32 29.00 34.28
N SER EA 28 41.86 30.03 34.95
CA SER EA 28 41.06 31.06 35.62
C SER EA 28 40.45 32.05 34.63
N ASN EA 29 41.08 32.19 33.47
CA ASN EA 29 40.62 33.09 32.42
C ASN EA 29 40.91 32.48 31.05
N ALA EA 30 39.93 31.79 30.49
CA ALA EA 30 40.06 31.13 29.18
C ALA EA 30 40.42 32.08 28.03
N ARG EA 31 40.42 33.38 28.31
CA ARG EA 31 40.77 34.40 27.33
C ARG EA 31 42.25 34.78 27.40
N TYR EA 32 42.89 34.39 28.50
CA TYR EA 32 44.29 34.74 28.73
C TYR EA 32 45.22 33.55 28.43
N PHE EA 33 46.31 33.85 27.72
CA PHE EA 33 47.24 32.84 27.22
C PHE EA 33 48.70 33.14 27.53
N HIS EA 34 49.34 32.27 28.31
CA HIS EA 34 50.78 32.36 28.56
C HIS EA 34 51.56 31.82 27.35
N VAL EA 35 52.04 32.74 26.51
CA VAL EA 35 52.80 32.35 25.34
C VAL EA 35 54.30 32.39 25.63
N VAL EA 36 55.01 31.35 25.20
CA VAL EA 36 56.46 31.29 25.35
C VAL EA 36 57.11 31.00 23.99
N ILE EA 37 57.94 31.93 23.52
CA ILE EA 37 58.65 31.76 22.24
C ILE EA 37 60.14 31.58 22.47
N ALA EA 38 60.69 30.52 21.88
CA ALA EA 38 62.14 30.33 21.83
C ALA EA 38 62.70 31.22 20.71
N GLY EA 39 63.75 31.96 21.03
CA GLY EA 39 64.40 32.80 20.04
C GLY EA 39 64.90 31.92 18.91
N PRO EA 40 64.48 32.22 17.67
CA PRO EA 40 64.83 31.42 16.50
C PRO EA 40 66.33 31.31 16.27
N GLN EA 41 66.79 30.15 15.82
CA GLN EA 41 68.19 29.95 15.54
C GLN EA 41 68.64 30.82 14.36
N ASP EA 42 69.92 31.19 14.37
CA ASP EA 42 70.52 32.13 13.38
C ASP EA 42 70.03 33.57 13.50
N SER EA 43 69.25 33.85 14.53
CA SER EA 43 68.82 35.21 14.83
C SER EA 43 69.67 35.79 15.97
N PRO EA 44 69.52 37.10 16.26
CA PRO EA 44 70.23 37.69 17.39
C PRO EA 44 69.66 37.23 18.74
N PHE EA 45 68.62 36.41 18.67
CA PHE EA 45 67.89 36.01 19.86
C PHE EA 45 68.04 34.52 20.16
N GLU EA 46 68.93 33.86 19.43
CA GLU EA 46 69.14 32.43 19.56
C GLU EA 46 69.42 32.04 21.00
N GLY EA 47 68.78 30.96 21.45
CA GLY EA 47 69.02 30.42 22.78
C GLY EA 47 68.23 31.10 23.89
N GLY EA 48 67.65 32.25 23.58
CA GLY EA 48 66.82 32.95 24.53
C GLY EA 48 65.40 32.43 24.50
N THR EA 49 64.73 32.54 25.64
CA THR EA 49 63.31 32.22 25.75
C THR EA 49 62.54 33.46 26.19
N PHE EA 50 61.53 33.83 25.41
CA PHE EA 50 60.80 35.08 25.58
C PHE EA 50 59.35 34.86 25.98
N LYS EA 51 58.97 35.38 27.14
CA LYS EA 51 57.60 35.31 27.61
C LYS EA 51 56.73 36.36 26.91
N LEU EA 52 55.60 35.91 26.39
CA LEU EA 52 54.57 36.80 25.89
C LEU EA 52 53.22 36.43 26.53
N GLU EA 53 52.27 37.36 26.44
CA GLU EA 53 50.91 37.13 26.92
C GLU EA 53 49.88 37.54 25.87
N LEU EA 54 48.83 36.74 25.76
CA LEU EA 54 47.79 36.99 24.78
C LEU EA 54 46.43 37.02 25.46
N PHE EA 55 45.69 38.08 25.18
CA PHE EA 55 44.34 38.23 25.68
C PHE EA 55 43.36 38.36 24.52
N LEU EA 56 42.21 37.72 24.67
CA LEU EA 56 41.15 37.79 23.67
C LEU EA 56 40.03 38.70 24.18
N PRO EA 57 39.93 39.93 23.63
CA PRO EA 57 39.02 40.96 24.12
C PRO EA 57 37.55 40.56 24.04
N GLU EA 58 36.70 41.32 24.71
CA GLU EA 58 35.26 41.10 24.68
C GLU EA 58 34.77 41.08 23.25
N GLU EA 59 35.46 41.82 22.40
CA GLU EA 59 35.08 42.01 21.02
C GLU EA 59 35.48 40.86 20.07
N TYR EA 60 36.43 40.03 20.49
CA TYR EA 60 37.00 38.97 19.63
C TYR EA 60 35.91 38.07 19.02
N PRO EA 61 36.04 37.72 17.72
CA PRO EA 61 37.15 38.00 16.80
C PRO EA 61 37.01 39.29 15.99
N MET EA 62 36.14 40.19 16.42
CA MET EA 62 35.91 41.43 15.68
C MET EA 62 37.00 42.47 15.94
N ALA EA 63 37.41 42.59 17.21
CA ALA EA 63 38.61 43.34 17.54
C ALA EA 63 39.79 42.37 17.65
N ALA EA 64 40.98 42.87 17.35
CA ALA EA 64 42.18 42.05 17.31
C ALA EA 64 42.57 41.55 18.70
N PRO EA 65 43.35 40.44 18.76
CA PRO EA 65 43.95 40.03 20.01
C PRO EA 65 44.88 41.09 20.59
N LYS EA 66 44.96 41.13 21.92
CA LYS EA 66 45.95 41.94 22.62
C LYS EA 66 47.14 41.04 22.98
N VAL EA 67 48.34 41.48 22.61
CA VAL EA 67 49.56 40.70 22.91
C VAL EA 67 50.73 41.64 23.22
N ARG EA 68 51.64 41.16 24.05
CA ARG EA 68 52.73 41.97 24.60
C ARG EA 68 53.86 41.08 25.11
N PHE EA 69 55.09 41.54 25.00
CA PHE EA 69 56.22 40.84 25.58
C PHE EA 69 56.34 41.07 27.08
N MET EA 70 56.47 39.98 27.82
CA MET EA 70 56.79 40.05 29.24
C MET EA 70 58.30 40.21 29.36
N THR EA 71 59.04 39.60 28.43
CA THR EA 71 60.50 39.61 28.42
C THR EA 71 61.06 40.79 27.61
N LYS EA 72 61.87 41.63 28.27
CA LYS EA 72 62.59 42.73 27.63
C LYS EA 72 63.35 42.23 26.41
N ILE EA 73 63.25 42.96 25.30
CA ILE EA 73 63.87 42.55 24.05
C ILE EA 73 64.19 43.75 23.16
N TYR EA 74 65.41 43.75 22.60
CA TYR EA 74 65.83 44.82 21.68
C TYR EA 74 65.42 44.48 20.26
N HIS EA 75 64.38 45.17 19.78
CA HIS EA 75 63.73 44.85 18.51
C HIS EA 75 63.02 46.08 17.98
N PRO EA 76 63.05 46.30 16.66
CA PRO EA 76 62.39 47.46 16.06
C PRO EA 76 60.88 47.50 16.30
N ASN EA 77 60.25 46.34 16.35
CA ASN EA 77 58.80 46.26 16.51
C ASN EA 77 58.33 46.13 17.96
N VAL EA 78 59.26 46.11 18.90
CA VAL EA 78 58.90 46.02 20.31
C VAL EA 78 59.33 47.28 21.02
N ASP EA 79 58.52 47.73 21.97
CA ASP EA 79 58.83 48.93 22.73
C ASP EA 79 59.35 48.65 24.13
N LYS EA 80 59.56 49.71 24.90
CA LYS EA 80 60.17 49.61 26.22
C LYS EA 80 59.24 48.92 27.23
N LEU EA 81 57.96 48.80 26.88
CA LEU EA 81 56.98 48.15 27.76
C LEU EA 81 56.42 46.85 27.19
N GLY EA 82 56.98 46.40 26.06
CA GLY EA 82 56.60 45.13 25.45
C GLY EA 82 55.58 45.20 24.33
N ARG EA 83 54.90 46.34 24.19
CA ARG EA 83 53.86 46.52 23.18
C ARG EA 83 54.39 46.31 21.77
N ILE EA 84 53.80 45.34 21.08
CA ILE EA 84 54.26 44.92 19.76
C ILE EA 84 53.60 45.78 18.70
N CYS EA 85 54.43 46.35 17.83
CA CYS EA 85 53.96 47.10 16.68
C CYS EA 85 53.92 46.17 15.47
N LEU EA 86 52.72 45.69 15.15
CA LEU EA 86 52.53 44.71 14.09
C LEU EA 86 51.21 44.98 13.37
N ASP EA 87 51.26 45.01 12.04
CA ASP EA 87 50.13 45.44 11.23
C ASP EA 87 48.83 44.72 11.52
N ILE EA 88 48.90 43.41 11.68
CA ILE EA 88 47.72 42.58 11.85
C ILE EA 88 47.17 42.63 13.27
N LEU EA 89 47.79 43.43 14.14
CA LEU EA 89 47.29 43.63 15.50
C LEU EA 89 46.49 44.93 15.65
N LYS EA 90 46.53 45.77 14.63
CA LYS EA 90 45.72 46.99 14.59
C LYS EA 90 44.86 47.01 13.32
N ASP EA 91 45.09 47.97 12.45
CA ASP EA 91 44.20 48.21 11.29
C ASP EA 91 44.04 47.04 10.32
N LYS EA 92 45.09 46.25 10.11
CA LYS EA 92 45.05 45.18 9.13
C LYS EA 92 44.59 43.84 9.71
N TRP EA 93 43.78 43.91 10.76
CA TRP EA 93 43.25 42.71 11.38
C TRP EA 93 41.91 42.30 10.80
N SER EA 94 41.88 41.06 10.31
CA SER EA 94 40.67 40.47 9.77
C SER EA 94 40.13 39.48 10.79
N PRO EA 95 38.80 39.39 10.94
CA PRO EA 95 38.18 38.42 11.85
C PRO EA 95 38.42 36.96 11.46
N ALA EA 96 38.73 36.75 10.18
CA ALA EA 96 39.03 35.41 9.65
C ALA EA 96 40.45 34.94 10.00
N LEU EA 97 41.29 35.86 10.47
CA LEU EA 97 42.64 35.51 10.95
C LEU EA 97 42.55 34.94 12.36
N GLN EA 98 43.43 33.98 12.67
CA GLN EA 98 43.38 33.30 13.97
C GLN EA 98 44.57 33.61 14.87
N ILE EA 99 44.52 33.15 16.11
CA ILE EA 99 45.62 33.31 17.06
C ILE EA 99 46.94 32.82 16.46
N ARG EA 100 46.92 31.61 15.91
CA ARG EA 100 48.12 31.03 15.32
C ARG EA 100 48.80 31.97 14.32
N THR EA 101 48.01 32.61 13.47
CA THR EA 101 48.54 33.54 12.46
C THR EA 101 49.30 34.68 13.13
N VAL EA 102 48.68 35.29 14.13
CA VAL EA 102 49.33 36.31 14.95
C VAL EA 102 50.61 35.75 15.54
N LEU EA 103 50.50 34.55 16.11
CA LEU EA 103 51.58 33.93 16.88
C LEU EA 103 52.86 33.70 16.06
N LEU EA 104 52.74 33.03 14.93
CA LEU EA 104 53.94 32.82 14.10
C LEU EA 104 54.30 34.05 13.24
N SER EA 105 53.38 34.99 13.14
CA SER EA 105 53.67 36.33 12.61
C SER EA 105 54.68 37.04 13.51
N ILE EA 106 54.50 36.92 14.82
CA ILE EA 106 55.43 37.45 15.82
C ILE EA 106 56.76 36.71 15.77
N GLN EA 107 56.71 35.41 15.46
CA GLN EA 107 57.91 34.60 15.43
C GLN EA 107 58.75 34.90 14.19
N ALA EA 108 58.09 35.30 13.11
CA ALA EA 108 58.78 35.73 11.90
C ALA EA 108 59.50 37.05 12.16
N LEU EA 109 58.93 37.86 13.06
CA LEU EA 109 59.57 39.10 13.50
C LEU EA 109 60.92 38.85 14.19
N LEU EA 110 60.92 37.90 15.14
CA LEU EA 110 62.14 37.55 15.87
C LEU EA 110 63.20 36.89 14.98
N SER EA 111 62.76 36.25 13.91
CA SER EA 111 63.67 35.59 12.99
C SER EA 111 64.40 36.58 12.09
N ALA EA 112 63.69 37.57 11.57
CA ALA EA 112 64.29 38.56 10.66
C ALA EA 112 63.75 39.98 10.83
N PRO EA 113 64.24 40.73 11.85
CA PRO EA 113 63.84 42.12 12.12
C PRO EA 113 64.16 43.09 10.97
N ASN EA 114 63.18 43.91 10.61
CA ASN EA 114 63.29 44.83 9.46
C ASN EA 114 62.88 46.26 9.79
N PRO EA 115 63.85 47.20 9.74
CA PRO EA 115 63.66 48.65 9.96
C PRO EA 115 62.83 49.39 8.88
N ASP EA 116 61.51 49.21 8.92
CA ASP EA 116 60.58 49.87 7.99
C ASP EA 116 59.75 51.00 8.62
N ASP EA 117 59.49 50.87 9.92
CA ASP EA 117 58.58 51.75 10.68
C ASP EA 117 59.28 52.97 11.28
N PRO EA 118 58.82 54.18 10.91
CA PRO EA 118 59.46 55.39 11.44
C PRO EA 118 59.10 55.62 12.91
N LEU EA 119 57.80 55.77 13.18
CA LEU EA 119 57.27 56.09 14.52
C LEU EA 119 57.83 55.16 15.59
N ALA EA 120 58.40 54.04 15.16
CA ALA EA 120 59.14 53.16 16.05
C ALA EA 120 60.42 53.83 16.58
N ASN EA 121 61.04 53.13 17.51
CA ASN EA 121 62.05 53.69 18.40
C ASN EA 121 63.33 54.23 17.76
N ASP EA 122 64.29 54.55 18.62
CA ASP EA 122 65.65 54.78 18.22
C ASP EA 122 66.30 53.41 18.05
N VAL EA 123 65.45 52.38 18.03
CA VAL EA 123 65.89 51.00 17.83
C VAL EA 123 65.78 50.69 16.34
N ALA EA 124 64.64 51.02 15.74
CA ALA EA 124 64.43 50.87 14.31
C ALA EA 124 65.33 51.84 13.55
N GLU EA 125 65.48 53.02 14.13
CA GLU EA 125 66.42 54.03 13.65
C GLU EA 125 67.86 53.50 13.70
N GLN EA 126 68.22 52.83 14.78
CA GLN EA 126 69.56 52.22 14.93
C GLN EA 126 69.78 51.01 14.04
N TRP EA 127 68.70 50.31 13.71
CA TRP EA 127 68.81 49.09 12.92
C TRP EA 127 68.96 49.39 11.44
N LYS EA 128 68.43 50.53 10.99
CA LYS EA 128 68.53 50.91 9.57
C LYS EA 128 69.93 51.39 9.19
N THR EA 129 70.63 52.03 10.14
CA THR EA 129 72.02 52.42 9.91
C THR EA 129 72.99 51.43 10.54
N ASN EA 130 73.04 51.42 11.87
CA ASN EA 130 74.06 50.65 12.58
C ASN EA 130 73.61 49.21 12.89
N GLU EA 131 73.37 48.44 11.82
CA GLU EA 131 72.83 47.09 11.94
C GLU EA 131 73.70 46.13 12.78
N ALA EA 132 74.97 46.00 12.40
CA ALA EA 132 75.91 45.14 13.12
C ALA EA 132 75.98 45.47 14.60
N GLN EA 133 75.85 46.76 14.92
CA GLN EA 133 75.82 47.25 16.30
C GLN EA 133 74.52 46.88 17.00
N ALA EA 134 73.41 47.01 16.27
CA ALA EA 134 72.09 46.67 16.80
C ALA EA 134 71.97 45.18 17.13
N ILE EA 135 72.60 44.33 16.32
CA ILE EA 135 72.60 42.88 16.55
C ILE EA 135 73.44 42.53 17.78
N GLU EA 136 74.59 43.20 17.91
CA GLU EA 136 75.42 43.06 19.11
C GLU EA 136 74.63 43.39 20.36
N THR EA 137 73.73 44.36 20.25
CA THR EA 137 72.94 44.86 21.36
C THR EA 137 71.80 43.89 21.68
N ALA EA 138 71.14 43.40 20.63
CA ALA EA 138 70.05 42.44 20.77
C ALA EA 138 70.56 41.13 21.36
N ARG EA 139 71.77 40.75 20.94
CA ARG EA 139 72.45 39.55 21.42
C ARG EA 139 72.73 39.64 22.92
N ALA EA 140 73.19 40.81 23.35
CA ALA EA 140 73.52 41.08 24.75
C ALA EA 140 72.27 41.19 25.61
N TRP EA 141 71.22 41.74 25.04
CA TRP EA 141 69.94 41.85 25.74
C TRP EA 141 69.24 40.50 25.84
N THR EA 142 69.52 39.61 24.91
CA THR EA 142 69.00 38.24 24.95
C THR EA 142 69.59 37.49 26.15
N ARG EA 143 70.90 37.58 26.34
CA ARG EA 143 71.55 36.88 27.44
C ARG EA 143 71.42 37.55 28.81
N LEU EA 144 70.78 38.71 28.88
CA LEU EA 144 70.63 39.36 30.18
C LEU EA 144 69.18 39.50 30.65
N TYR EA 145 68.23 39.34 29.74
CA TYR EA 145 66.82 39.34 30.09
C TYR EA 145 66.14 38.03 29.76
N ALA EA 146 66.55 37.40 28.66
CA ALA EA 146 65.85 36.23 28.13
C ALA EA 146 66.56 34.90 28.36
N MET EA 147 67.45 34.83 29.35
CA MET EA 147 68.17 33.58 29.60
C MET EA 147 68.26 33.15 31.06
N ASN EA 148 67.09 33.09 31.72
CA ASN EA 148 66.92 32.47 33.03
C ASN EA 148 65.45 32.22 33.38
N VAL FA 2 -28.75 22.26 -9.29
CA VAL FA 2 -27.32 22.47 -9.63
C VAL FA 2 -26.53 22.96 -8.41
N LYS FA 3 -25.49 22.21 -8.04
CA LYS FA 3 -24.57 22.61 -6.95
C LYS FA 3 -23.28 23.20 -7.50
N VAL FA 4 -22.78 24.23 -6.82
CA VAL FA 4 -21.46 24.81 -7.11
C VAL FA 4 -20.48 24.34 -6.02
N PRO FA 5 -19.45 23.56 -6.41
CA PRO FA 5 -18.46 23.04 -5.47
C PRO FA 5 -17.66 24.17 -4.82
N ARG FA 6 -16.89 23.83 -3.79
CA ARG FA 6 -16.19 24.83 -2.96
C ARG FA 6 -15.38 25.86 -3.75
N ASN FA 7 -14.34 25.37 -4.42
CA ASN FA 7 -13.34 26.22 -5.06
C ASN FA 7 -13.90 27.23 -6.06
N PHE FA 8 -14.97 26.84 -6.75
CA PHE FA 8 -15.59 27.71 -7.73
C PHE FA 8 -16.54 28.72 -7.11
N ARG FA 9 -17.13 28.36 -5.97
CA ARG FA 9 -17.96 29.29 -5.23
C ARG FA 9 -17.13 30.46 -4.71
N LEU FA 10 -15.96 30.15 -4.14
CA LEU FA 10 -15.06 31.17 -3.62
C LEU FA 10 -14.46 32.03 -4.73
N LEU FA 11 -14.34 31.45 -5.91
CA LEU FA 11 -13.92 32.21 -7.09
C LEU FA 11 -14.91 33.33 -7.34
N GLU FA 12 -16.21 33.04 -7.20
CA GLU FA 12 -17.26 34.06 -7.28
C GLU FA 12 -17.13 35.09 -6.16
N GLU FA 13 -16.96 34.59 -4.93
CA GLU FA 13 -16.83 35.42 -3.73
C GLU FA 13 -15.73 36.46 -3.90
N LEU FA 14 -14.67 36.08 -4.58
CA LEU FA 14 -13.58 37.00 -4.89
C LEU FA 14 -14.01 37.99 -5.98
N GLU FA 15 -14.69 37.50 -7.01
CA GLU FA 15 -15.09 38.34 -8.15
C GLU FA 15 -15.95 39.51 -7.71
N GLU FA 16 -16.95 39.26 -6.88
CA GLU FA 16 -17.83 40.33 -6.41
C GLU FA 16 -17.24 41.07 -5.21
N GLY FA 17 -16.24 40.47 -4.57
CA GLY FA 17 -15.45 41.14 -3.56
C GLY FA 17 -14.59 42.23 -4.18
N GLN FA 18 -13.94 41.90 -5.29
CA GLN FA 18 -13.10 42.84 -6.05
C GLN FA 18 -13.88 44.00 -6.64
N LYS FA 19 -14.87 43.68 -7.48
CA LYS FA 19 -15.74 44.70 -8.10
C LYS FA 19 -16.55 45.45 -7.04
N GLY FA 20 -16.87 44.75 -5.95
CA GLY FA 20 -17.61 45.32 -4.85
C GLY FA 20 -19.11 45.32 -5.06
N VAL FA 21 -19.83 45.54 -3.98
CA VAL FA 21 -21.28 45.70 -4.01
C VAL FA 21 -21.69 46.82 -3.07
N GLY FA 22 -22.82 47.45 -3.36
CA GLY FA 22 -23.43 48.42 -2.48
C GLY FA 22 -22.60 49.66 -2.19
N ASP FA 23 -22.81 50.22 -1.00
CA ASP FA 23 -22.26 51.50 -0.59
C ASP FA 23 -20.79 51.50 -0.16
N GLY FA 24 -20.22 50.31 0.05
CA GLY FA 24 -18.82 50.18 0.48
C GLY FA 24 -18.67 49.92 1.97
N THR FA 25 -19.81 49.85 2.66
CA THR FA 25 -19.87 49.67 4.11
C THR FA 25 -19.42 48.28 4.57
N VAL FA 26 -19.55 47.31 3.68
CA VAL FA 26 -19.00 45.96 3.90
C VAL FA 26 -18.17 45.53 2.69
N SER FA 27 -16.94 45.11 2.95
CA SER FA 27 -16.10 44.56 1.89
C SER FA 27 -15.34 43.33 2.38
N TRP FA 28 -14.89 42.52 1.43
CA TRP FA 28 -14.17 41.28 1.73
C TRP FA 28 -13.21 40.95 0.61
N GLY FA 29 -12.20 40.16 0.93
CA GLY FA 29 -11.16 39.79 -0.02
C GLY FA 29 -10.26 38.69 0.49
N LEU FA 30 -9.52 38.08 -0.44
CA LEU FA 30 -8.57 37.03 -0.10
C LEU FA 30 -7.37 37.66 0.59
N GLU FA 31 -6.83 36.99 1.62
CA GLU FA 31 -5.72 37.55 2.38
C GLU FA 31 -4.37 37.34 1.70
N ASP FA 32 -3.99 36.08 1.55
CA ASP FA 32 -2.75 35.74 0.84
C ASP FA 32 -3.11 35.56 -0.64
N ASP FA 33 -2.65 36.49 -1.47
CA ASP FA 33 -3.01 36.48 -2.89
C ASP FA 33 -2.33 35.35 -3.68
N GLU FA 34 -1.44 34.62 -3.00
CA GLU FA 34 -0.76 33.48 -3.59
C GLU FA 34 -1.32 32.16 -3.05
N ASP FA 35 -2.13 32.26 -2.01
CA ASP FA 35 -2.81 31.11 -1.41
C ASP FA 35 -3.84 30.54 -2.38
N MET FA 36 -3.48 29.42 -3.02
CA MET FA 36 -4.33 28.80 -4.03
C MET FA 36 -5.53 28.06 -3.45
N THR FA 37 -5.48 27.76 -2.16
CA THR FA 37 -6.54 27.00 -1.50
C THR FA 37 -7.75 27.88 -1.16
N LEU FA 38 -7.55 29.19 -1.21
CA LEU FA 38 -8.60 30.19 -0.95
C LEU FA 38 -9.24 30.03 0.43
N THR FA 39 -8.39 29.90 1.45
CA THR FA 39 -8.85 29.62 2.81
C THR FA 39 -8.89 30.89 3.66
N ARG FA 40 -7.81 31.65 3.65
CA ARG FA 40 -7.72 32.87 4.44
C ARG FA 40 -8.34 34.04 3.71
N TRP FA 41 -9.33 34.66 4.34
CA TRP FA 41 -9.98 35.86 3.82
C TRP FA 41 -9.84 37.04 4.79
N THR FA 42 -10.04 38.25 4.26
CA THR FA 42 -10.00 39.47 5.06
C THR FA 42 -11.29 40.25 4.84
N GLY FA 43 -12.06 40.44 5.90
CA GLY FA 43 -13.32 41.17 5.82
C GLY FA 43 -13.26 42.54 6.48
N MET FA 44 -14.03 43.50 5.95
CA MET FA 44 -14.09 44.84 6.52
C MET FA 44 -15.52 45.32 6.70
N ILE FA 45 -15.77 46.00 7.82
CA ILE FA 45 -17.10 46.52 8.17
C ILE FA 45 -17.01 47.96 8.68
N ILE FA 46 -17.68 48.89 8.00
CA ILE FA 46 -17.79 50.27 8.50
C ILE FA 46 -18.93 50.31 9.50
N GLY FA 47 -18.68 50.92 10.66
CA GLY FA 47 -19.70 51.08 11.69
C GLY FA 47 -20.89 51.86 11.20
N PRO FA 48 -22.11 51.38 11.49
CA PRO FA 48 -23.34 52.07 11.05
C PRO FA 48 -23.55 53.38 11.81
N PRO FA 49 -24.25 54.36 11.19
CA PRO FA 49 -24.43 55.68 11.82
C PRO FA 49 -25.26 55.62 13.11
N ARG FA 50 -25.16 56.67 13.92
CA ARG FA 50 -25.95 56.82 15.15
C ARG FA 50 -25.94 55.57 16.04
N THR FA 51 -24.75 54.96 16.15
CA THR FA 51 -24.49 53.87 17.07
C THR FA 51 -23.10 54.11 17.65
N ASN FA 52 -22.81 53.55 18.82
CA ASN FA 52 -21.47 53.68 19.41
C ASN FA 52 -20.35 53.14 18.53
N TYR FA 53 -20.70 52.77 17.31
CA TYR FA 53 -19.78 52.17 16.36
C TYR FA 53 -19.50 53.08 15.16
N GLU FA 54 -20.27 54.15 15.01
CA GLU FA 54 -20.25 54.96 13.79
C GLU FA 54 -18.86 55.39 13.30
N ASN FA 55 -18.73 55.46 11.96
CA ASN FA 55 -17.51 55.90 11.27
C ASN FA 55 -16.20 55.20 11.68
N ARG FA 56 -16.33 53.97 12.18
CA ARG FA 56 -15.18 53.15 12.54
C ARG FA 56 -14.98 52.02 11.54
N ILE FA 57 -13.72 51.70 11.26
CA ILE FA 57 -13.37 50.61 10.37
C ILE FA 57 -12.85 49.43 11.18
N TYR FA 58 -13.42 48.25 10.93
CA TYR FA 58 -13.03 47.04 11.64
C TYR FA 58 -12.46 46.01 10.68
N SER FA 59 -11.26 45.53 10.98
CA SER FA 59 -10.63 44.45 10.22
C SER FA 59 -11.05 43.11 10.77
N LEU FA 60 -11.35 42.18 9.87
CA LEU FA 60 -11.77 40.84 10.26
C LEU FA 60 -11.02 39.78 9.48
N LYS FA 61 -10.64 38.71 10.17
CA LYS FA 61 -10.07 37.54 9.53
C LYS FA 61 -11.16 36.49 9.42
N VAL FA 62 -11.30 35.93 8.22
CA VAL FA 62 -12.27 34.88 7.96
C VAL FA 62 -11.55 33.68 7.35
N GLU FA 63 -11.71 32.53 8.00
CA GLU FA 63 -11.15 31.28 7.52
C GLU FA 63 -12.25 30.45 6.88
N CYS FA 64 -12.01 29.94 5.67
CA CYS FA 64 -12.98 29.08 5.01
C CYS FA 64 -12.42 27.66 4.88
N GLY FA 65 -12.84 26.78 5.80
CA GLY FA 65 -12.35 25.41 5.89
C GLY FA 65 -12.68 24.55 4.68
N PRO FA 66 -12.19 23.29 4.67
CA PRO FA 66 -12.38 22.42 3.51
C PRO FA 66 -13.84 22.08 3.20
N LYS FA 67 -14.74 22.36 4.14
CA LYS FA 67 -16.15 22.00 3.97
C LYS FA 67 -17.07 23.21 3.72
N TYR FA 68 -16.49 24.40 3.59
CA TYR FA 68 -17.20 25.58 3.11
C TYR FA 68 -17.61 25.33 1.65
N PRO FA 69 -18.81 25.79 1.23
CA PRO FA 69 -19.82 26.54 1.98
C PRO FA 69 -20.89 25.65 2.62
N GLU FA 70 -20.61 24.35 2.71
CA GLU FA 70 -21.51 23.43 3.40
C GLU FA 70 -21.46 23.63 4.91
N ALA FA 71 -20.26 23.93 5.41
CA ALA FA 71 -20.05 24.30 6.79
C ALA FA 71 -19.72 25.79 6.89
N PRO FA 72 -20.09 26.45 8.02
CA PRO FA 72 -19.83 27.88 8.23
C PRO FA 72 -18.35 28.28 8.11
N PRO FA 73 -18.07 29.59 8.01
CA PRO FA 73 -16.69 30.07 8.10
C PRO FA 73 -16.30 30.49 9.52
N SER FA 74 -15.00 30.53 9.80
CA SER FA 74 -14.50 30.85 11.14
C SER FA 74 -14.15 32.33 11.23
N VAL FA 75 -15.07 33.12 11.77
CA VAL FA 75 -14.94 34.58 11.81
C VAL FA 75 -14.30 35.06 13.12
N ARG FA 76 -13.46 36.08 13.00
CA ARG FA 76 -12.68 36.62 14.10
C ARG FA 76 -12.34 38.07 13.79
N PHE FA 77 -12.49 38.93 14.80
CA PHE FA 77 -12.14 40.35 14.67
C PHE FA 77 -10.65 40.59 14.91
N VAL FA 78 -10.06 41.37 14.02
CA VAL FA 78 -8.68 41.83 14.23
C VAL FA 78 -8.74 43.13 15.02
N THR FA 79 -9.62 44.05 14.61
CA THR FA 79 -9.82 45.32 15.31
C THR FA 79 -10.51 45.09 16.65
N LYS FA 80 -10.07 45.83 17.66
CA LYS FA 80 -10.58 45.68 19.03
C LYS FA 80 -11.96 46.31 19.18
N ILE FA 81 -12.95 45.46 19.46
CA ILE FA 81 -14.35 45.86 19.54
C ILE FA 81 -15.06 45.29 20.78
N ASN FA 82 -15.96 46.08 21.35
CA ASN FA 82 -16.81 45.62 22.44
C ASN FA 82 -18.24 45.36 21.97
N MET FA 83 -18.56 44.09 21.76
CA MET FA 83 -19.93 43.66 21.45
C MET FA 83 -20.12 42.17 21.69
N ASN FA 84 -21.39 41.76 21.76
CA ASN FA 84 -21.77 40.39 22.11
C ASN FA 84 -21.29 39.33 21.13
N GLY FA 85 -20.84 38.19 21.68
CA GLY FA 85 -20.32 37.09 20.88
C GLY FA 85 -18.92 37.33 20.34
N ILE FA 86 -18.17 38.21 21.01
CA ILE FA 86 -16.79 38.50 20.62
C ILE FA 86 -15.84 38.29 21.80
N ASN FA 87 -15.08 37.19 21.74
CA ASN FA 87 -14.06 36.86 22.74
C ASN FA 87 -13.10 38.01 22.98
N ASN FA 88 -12.85 38.33 24.23
CA ASN FA 88 -12.02 39.48 24.58
C ASN FA 88 -10.51 39.34 24.33
N SER FA 89 -9.98 38.13 24.52
CA SER FA 89 -8.54 37.88 24.32
C SER FA 89 -8.18 37.81 22.84
N SER FA 90 -8.93 37.01 22.09
CA SER FA 90 -8.61 36.70 20.71
C SER FA 90 -9.40 37.55 19.71
N GLY FA 91 -10.60 37.96 20.12
CA GLY FA 91 -11.49 38.73 19.26
C GLY FA 91 -12.44 37.87 18.44
N MET FA 92 -12.42 36.57 18.71
CA MET FA 92 -13.14 35.59 17.89
C MET FA 92 -14.64 35.56 18.15
N VAL FA 93 -15.39 35.53 17.07
CA VAL FA 93 -16.85 35.52 17.10
C VAL FA 93 -17.34 34.20 17.66
N ASP FA 94 -18.31 34.27 18.56
CA ASP FA 94 -19.01 33.08 19.04
C ASP FA 94 -20.20 32.81 18.11
N ALA FA 95 -20.10 31.74 17.32
CA ALA FA 95 -21.05 31.43 16.26
C ALA FA 95 -22.48 31.20 16.76
N ARG FA 96 -22.61 30.60 17.95
CA ARG FA 96 -23.92 30.33 18.55
C ARG FA 96 -24.69 31.61 18.87
N SER FA 97 -23.98 32.75 18.89
CA SER FA 97 -24.58 34.05 19.19
C SER FA 97 -24.95 34.85 17.94
N ILE FA 98 -24.63 34.32 16.76
CA ILE FA 98 -24.87 35.01 15.47
C ILE FA 98 -25.79 34.18 14.56
N PRO FA 99 -27.03 34.68 14.31
CA PRO FA 99 -28.14 33.93 13.69
C PRO FA 99 -27.84 33.38 12.29
N VAL FA 100 -27.09 34.14 11.49
CA VAL FA 100 -26.68 33.70 10.15
C VAL FA 100 -25.71 32.50 10.23
N LEU FA 101 -24.95 32.41 11.30
CA LEU FA 101 -23.97 31.34 11.49
C LEU FA 101 -24.53 30.13 12.25
N ALA FA 102 -25.42 30.40 13.21
CA ALA FA 102 -26.09 29.34 13.97
C ALA FA 102 -27.07 28.58 13.06
N LYS FA 103 -27.68 29.31 12.12
CA LYS FA 103 -28.51 28.72 11.09
C LYS FA 103 -27.89 28.98 9.72
N TRP FA 104 -26.87 28.19 9.38
CA TRP FA 104 -26.07 28.43 8.18
C TRP FA 104 -26.60 27.72 6.92
N GLN FA 105 -26.62 28.45 5.80
CA GLN FA 105 -27.01 27.90 4.50
C GLN FA 105 -25.85 27.83 3.51
N ASN FA 106 -25.88 26.83 2.63
CA ASN FA 106 -24.93 26.75 1.53
C ASN FA 106 -25.22 27.80 0.45
N SER FA 107 -26.33 28.50 0.62
CA SER FA 107 -26.69 29.63 -0.23
C SER FA 107 -26.10 30.93 0.29
N TYR FA 108 -25.50 30.89 1.48
CA TYR FA 108 -24.88 32.08 2.06
C TYR FA 108 -23.45 32.31 1.57
N SER FA 109 -22.88 33.42 2.00
CA SER FA 109 -21.56 33.85 1.56
C SER FA 109 -20.93 34.76 2.61
N ILE FA 110 -19.66 35.09 2.40
CA ILE FA 110 -18.96 36.05 3.25
C ILE FA 110 -19.74 37.36 3.33
N LYS FA 111 -20.18 37.86 2.17
CA LYS FA 111 -21.00 39.07 2.08
C LYS FA 111 -22.14 39.12 3.11
N VAL FA 112 -22.97 38.08 3.14
CA VAL FA 112 -24.10 38.03 4.09
C VAL FA 112 -23.70 37.92 5.56
N VAL FA 113 -22.53 37.34 5.85
CA VAL FA 113 -22.04 37.27 7.23
C VAL FA 113 -21.65 38.66 7.73
N LEU FA 114 -20.75 39.32 6.99
CA LEU FA 114 -20.29 40.66 7.34
C LEU FA 114 -21.46 41.64 7.41
N GLN FA 115 -22.30 41.62 6.37
CA GLN FA 115 -23.47 42.46 6.27
C GLN FA 115 -24.35 42.32 7.51
N GLU FA 116 -24.45 41.09 8.03
CA GLU FA 116 -25.27 40.77 9.21
C GLU FA 116 -24.64 41.30 10.49
N LEU FA 117 -23.32 41.24 10.58
CA LEU FA 117 -22.60 41.79 11.72
C LEU FA 117 -22.82 43.30 11.85
N ARG FA 118 -22.87 43.99 10.71
CA ARG FA 118 -23.09 45.44 10.67
C ARG FA 118 -24.51 45.78 11.08
N ARG FA 119 -25.44 44.88 10.77
CA ARG FA 119 -26.83 45.07 11.12
C ARG FA 119 -27.07 44.70 12.59
N LEU FA 120 -26.26 43.76 13.08
CA LEU FA 120 -26.32 43.32 14.48
C LEU FA 120 -25.63 44.35 15.36
N MET FA 121 -24.95 45.30 14.73
CA MET FA 121 -24.24 46.38 15.41
C MET FA 121 -25.23 47.47 15.79
N MET FA 122 -26.35 47.53 15.06
CA MET FA 122 -27.44 48.47 15.31
C MET FA 122 -28.32 47.99 16.49
N SER FA 123 -28.01 46.79 16.99
CA SER FA 123 -28.79 46.13 18.04
C SER FA 123 -28.75 46.87 19.36
N LYS FA 124 -29.87 46.83 20.09
CA LYS FA 124 -30.05 47.56 21.35
C LYS FA 124 -28.98 47.24 22.40
N GLU FA 125 -28.66 45.96 22.55
CA GLU FA 125 -27.67 45.51 23.53
C GLU FA 125 -26.24 45.89 23.14
N ASN FA 126 -26.08 46.28 21.87
CA ASN FA 126 -24.78 46.57 21.31
C ASN FA 126 -24.51 48.07 21.11
N MET FA 127 -25.48 48.79 20.54
CA MET FA 127 -25.28 50.18 20.10
C MET FA 127 -24.95 51.20 21.21
N LYS FA 128 -24.95 50.74 22.46
CA LYS FA 128 -24.71 51.59 23.62
C LYS FA 128 -23.40 51.28 24.34
N LEU FA 129 -22.89 50.07 24.12
CA LEU FA 129 -21.68 49.60 24.80
C LEU FA 129 -20.47 50.53 24.60
N PRO FA 130 -19.75 50.87 25.71
CA PRO FA 130 -18.53 51.67 25.61
C PRO FA 130 -17.50 51.00 24.72
N GLN FA 131 -16.80 51.79 23.91
CA GLN FA 131 -15.85 51.24 22.95
C GLN FA 131 -14.43 51.66 23.28
N PRO FA 132 -13.46 50.76 23.05
CA PRO FA 132 -12.04 51.10 23.22
C PRO FA 132 -11.59 52.15 22.20
N PRO FA 133 -10.60 53.00 22.57
CA PRO FA 133 -10.07 54.02 21.66
C PRO FA 133 -9.47 53.41 20.39
N GLU FA 134 -9.54 54.17 19.29
CA GLU FA 134 -9.12 53.69 17.97
C GLU FA 134 -7.61 53.44 17.86
N GLY FA 135 -7.26 52.32 17.22
CA GLY FA 135 -5.86 51.92 17.04
C GLY FA 135 -5.62 50.50 17.52
N GLN FA 136 -6.38 50.11 18.54
CA GLN FA 136 -6.19 48.83 19.22
C GLN FA 136 -6.62 47.62 18.39
N THR FA 137 -5.75 46.62 18.36
CA THR FA 137 -6.02 45.33 17.75
C THR FA 137 -5.71 44.26 18.80
N TYR FA 138 -6.19 43.04 18.57
CA TYR FA 138 -5.88 41.92 19.46
C TYR FA 138 -4.47 41.39 19.19
N GLY GA 1 -33.42 17.02 -16.45
CA GLY GA 1 -32.53 17.39 -15.30
C GLY GA 1 -31.13 17.72 -15.78
N LEU GA 2 -30.21 16.78 -15.57
CA LEU GA 2 -28.86 16.86 -16.13
C LEU GA 2 -28.97 16.70 -17.65
N PRO GA 3 -28.68 17.78 -18.40
CA PRO GA 3 -28.82 17.77 -19.86
C PRO GA 3 -28.11 16.61 -20.54
N ARG GA 4 -28.70 16.11 -21.62
CA ARG GA 4 -28.19 14.94 -22.35
C ARG GA 4 -26.84 15.24 -23.01
N ARG GA 5 -26.63 16.50 -23.38
CA ARG GA 5 -25.34 16.95 -23.87
C ARG GA 5 -24.20 16.63 -22.89
N ILE GA 6 -24.43 16.87 -21.60
CA ILE GA 6 -23.44 16.61 -20.56
C ILE GA 6 -23.20 15.11 -20.37
N ILE GA 7 -24.29 14.36 -20.25
CA ILE GA 7 -24.22 12.91 -20.11
C ILE GA 7 -23.40 12.32 -21.26
N LYS GA 8 -23.74 12.72 -22.48
CA LYS GA 8 -23.04 12.27 -23.69
C LYS GA 8 -21.54 12.61 -23.62
N GLU GA 9 -21.22 13.85 -23.24
CA GLU GA 9 -19.83 14.33 -23.22
C GLU GA 9 -18.92 13.61 -22.22
N THR GA 10 -19.44 13.36 -21.01
CA THR GA 10 -18.71 12.65 -19.98
C THR GA 10 -18.37 11.23 -20.43
N GLN GA 11 -19.34 10.58 -21.06
CA GLN GA 11 -19.18 9.21 -21.56
C GLN GA 11 -18.20 9.13 -22.72
N ARG GA 12 -18.27 10.11 -23.62
CA ARG GA 12 -17.31 10.24 -24.72
C ARG GA 12 -15.91 10.48 -24.18
N LEU GA 13 -15.82 11.14 -23.03
CA LEU GA 13 -14.55 11.38 -22.35
C LEU GA 13 -13.98 10.12 -21.70
N LEU GA 14 -14.87 9.30 -21.13
CA LEU GA 14 -14.44 8.03 -20.51
C LEU GA 14 -14.06 6.97 -21.56
N ALA GA 15 -14.82 6.92 -22.65
CA ALA GA 15 -14.57 5.96 -23.73
C ALA GA 15 -13.39 6.35 -24.62
N GLU GA 16 -13.34 7.60 -25.03
CA GLU GA 16 -12.26 8.11 -25.87
C GLU GA 16 -11.46 9.16 -25.11
N PRO GA 17 -10.44 8.73 -24.34
CA PRO GA 17 -9.66 9.69 -23.56
C PRO GA 17 -8.66 10.45 -24.42
N VAL GA 18 -8.40 11.70 -24.04
CA VAL GA 18 -7.41 12.53 -24.71
C VAL GA 18 -6.00 12.13 -24.24
N PRO GA 19 -5.11 11.74 -25.19
CA PRO GA 19 -3.74 11.33 -24.86
C PRO GA 19 -2.95 12.43 -24.17
N GLY GA 20 -2.63 12.21 -22.89
CA GLY GA 20 -1.88 13.18 -22.08
C GLY GA 20 -2.74 13.96 -21.10
N ILE GA 21 -4.05 13.71 -21.12
CA ILE GA 21 -4.99 14.40 -20.26
C ILE GA 21 -5.99 13.44 -19.63
N LYS GA 22 -5.92 13.31 -18.30
CA LYS GA 22 -6.92 12.57 -17.56
C LYS GA 22 -8.00 13.54 -17.07
N ALA GA 23 -9.26 13.11 -17.16
CA ALA GA 23 -10.40 13.93 -16.70
C ALA GA 23 -11.63 13.08 -16.39
N GLU GA 24 -11.92 12.93 -15.10
CA GLU GA 24 -13.07 12.13 -14.64
C GLU GA 24 -14.04 12.99 -13.82
N PRO GA 25 -15.34 12.63 -13.81
CA PRO GA 25 -16.29 13.39 -13.01
C PRO GA 25 -16.21 13.05 -11.52
N ASP GA 26 -16.66 13.98 -10.66
CA ASP GA 26 -16.71 13.77 -9.21
C ASP GA 26 -17.87 12.83 -8.82
N GLU GA 27 -17.69 12.12 -7.71
CA GLU GA 27 -18.72 11.21 -7.21
C GLU GA 27 -19.95 11.96 -6.73
N SER GA 28 -19.76 13.15 -6.20
CA SER GA 28 -20.84 13.94 -5.61
C SER GA 28 -21.42 15.00 -6.56
N ASN GA 29 -20.70 15.32 -7.62
CA ASN GA 29 -21.18 16.30 -8.59
C ASN GA 29 -20.84 15.88 -10.02
N ALA GA 30 -21.84 15.89 -10.90
CA ALA GA 30 -21.65 15.49 -12.29
C ALA GA 30 -21.06 16.62 -13.13
N ARG GA 31 -21.18 17.85 -12.62
CA ARG GA 31 -20.70 19.05 -13.32
C ARG GA 31 -19.28 19.43 -12.93
N TYR GA 32 -18.76 18.80 -11.88
CA TYR GA 32 -17.40 19.04 -11.39
C TYR GA 32 -16.43 17.97 -11.91
N PHE GA 33 -15.29 18.40 -12.44
CA PHE GA 33 -14.34 17.49 -13.10
C PHE GA 33 -12.92 17.69 -12.60
N HIS GA 34 -12.31 16.60 -12.13
CA HIS GA 34 -10.91 16.61 -11.71
C HIS GA 34 -10.00 16.29 -12.90
N VAL GA 35 -9.18 17.26 -13.30
CA VAL GA 35 -8.37 17.16 -14.51
C VAL GA 35 -6.87 17.10 -14.20
N VAL GA 36 -6.16 16.25 -14.94
CA VAL GA 36 -4.70 16.15 -14.85
C VAL GA 36 -4.06 16.35 -16.23
N ILE GA 37 -3.21 17.37 -16.33
CA ILE GA 37 -2.51 17.69 -17.57
C ILE GA 37 -1.01 17.43 -17.44
N ALA GA 38 -0.52 16.43 -18.16
CA ALA GA 38 0.91 16.16 -18.21
C ALA GA 38 1.59 17.18 -19.13
N GLY GA 39 2.74 17.67 -18.71
CA GLY GA 39 3.48 18.69 -19.46
C GLY GA 39 3.98 18.18 -20.80
N PRO GA 40 3.64 18.90 -21.89
CA PRO GA 40 3.93 18.44 -23.26
C PRO GA 40 5.43 18.31 -23.53
N GLN GA 41 5.81 17.47 -24.48
CA GLN GA 41 7.21 17.29 -24.82
C GLN GA 41 7.82 18.56 -25.41
N ASP GA 42 9.12 18.74 -25.18
CA ASP GA 42 9.89 19.90 -25.66
C ASP GA 42 9.49 21.24 -25.02
N SER GA 43 8.34 21.26 -24.35
CA SER GA 43 7.90 22.44 -23.62
C SER GA 43 8.71 22.58 -22.33
N PRO GA 44 8.64 23.76 -21.67
CA PRO GA 44 9.35 23.96 -20.41
C PRO GA 44 8.78 23.15 -19.24
N PHE GA 45 7.54 22.69 -19.37
CA PHE GA 45 6.83 22.03 -18.28
C PHE GA 45 6.88 20.51 -18.38
N GLU GA 46 7.71 19.99 -19.29
CA GLU GA 46 7.79 18.56 -19.55
C GLU GA 46 8.31 17.81 -18.33
N GLY GA 47 7.72 16.66 -18.06
CA GLY GA 47 8.13 15.81 -16.95
C GLY GA 47 7.38 16.08 -15.65
N GLY GA 48 6.63 17.17 -15.63
CA GLY GA 48 5.79 17.49 -14.49
C GLY GA 48 4.33 17.47 -14.87
N THR GA 49 3.51 16.85 -14.03
CA THR GA 49 2.08 16.79 -14.26
C THR GA 49 1.36 17.85 -13.43
N PHE GA 50 0.27 18.40 -13.97
CA PHE GA 50 -0.42 19.53 -13.33
C PHE GA 50 -1.88 19.23 -13.01
N LYS GA 51 -2.36 19.74 -11.88
CA LYS GA 51 -3.73 19.49 -11.41
C LYS GA 51 -4.67 20.62 -11.82
N LEU GA 52 -5.82 20.27 -12.38
CA LEU GA 52 -6.84 21.26 -12.75
C LEU GA 52 -8.23 20.86 -12.26
N GLU GA 53 -9.13 21.84 -12.22
CA GLU GA 53 -10.53 21.58 -11.91
C GLU GA 53 -11.43 22.27 -12.94
N LEU GA 54 -12.54 21.62 -13.26
CA LEU GA 54 -13.46 22.14 -14.28
C LEU GA 54 -14.89 22.09 -13.77
N PHE GA 55 -15.63 23.18 -13.96
CA PHE GA 55 -17.05 23.22 -13.61
C PHE GA 55 -17.90 23.65 -14.78
N LEU GA 56 -19.09 23.07 -14.89
CA LEU GA 56 -20.05 23.44 -15.93
C LEU GA 56 -21.24 24.13 -15.29
N PRO GA 57 -21.41 25.44 -15.55
CA PRO GA 57 -22.51 26.22 -14.97
C PRO GA 57 -23.86 25.76 -15.50
N GLU GA 58 -24.95 26.30 -14.96
CA GLU GA 58 -26.28 25.98 -15.45
C GLU GA 58 -26.40 26.30 -16.94
N GLU GA 59 -25.85 27.45 -17.32
CA GLU GA 59 -25.96 28.00 -18.67
C GLU GA 59 -25.35 27.11 -19.77
N TYR GA 60 -24.31 26.36 -19.43
CA TYR GA 60 -23.66 25.43 -20.36
C TYR GA 60 -24.70 24.69 -21.19
N PRO GA 61 -24.47 24.60 -22.51
CA PRO GA 61 -23.28 25.02 -23.25
C PRO GA 61 -23.31 26.47 -23.73
N MET GA 62 -24.33 27.23 -23.34
CA MET GA 62 -24.42 28.63 -23.71
C MET GA 62 -23.29 29.42 -23.08
N ALA GA 63 -23.01 29.13 -21.82
CA ALA GA 63 -21.82 29.67 -21.14
C ALA GA 63 -20.67 28.69 -21.23
N ALA GA 64 -19.44 29.23 -21.20
CA ALA GA 64 -18.22 28.45 -21.22
C ALA GA 64 -18.03 27.67 -19.91
N PRO GA 65 -17.22 26.59 -19.95
CA PRO GA 65 -16.88 25.93 -18.69
C PRO GA 65 -16.00 26.82 -17.82
N LYS GA 66 -15.94 26.49 -16.53
CA LYS GA 66 -15.10 27.20 -15.60
C LYS GA 66 -13.89 26.31 -15.32
N VAL GA 67 -12.70 26.78 -15.70
CA VAL GA 67 -11.48 26.00 -15.52
C VAL GA 67 -10.47 26.74 -14.64
N ARG GA 68 -9.76 26.00 -13.79
CA ARG GA 68 -8.75 26.57 -12.90
C ARG GA 68 -7.63 25.57 -12.67
N PHE GA 69 -6.42 26.09 -12.44
CA PHE GA 69 -5.27 25.28 -12.04
C PHE GA 69 -5.26 25.07 -10.52
N MET GA 70 -4.67 23.96 -10.10
CA MET GA 70 -4.57 23.61 -8.69
C MET GA 70 -3.11 23.57 -8.26
N THR GA 71 -2.25 23.09 -9.15
CA THR GA 71 -0.81 23.18 -8.97
C THR GA 71 -0.31 24.55 -9.42
N LYS GA 72 0.64 25.09 -8.66
CA LYS GA 72 1.28 26.35 -9.01
C LYS GA 72 2.07 26.15 -10.30
N ILE GA 73 1.98 27.15 -11.18
CA ILE GA 73 2.64 27.09 -12.49
C ILE GA 73 3.04 28.49 -12.99
N TYR GA 74 4.24 28.58 -13.55
CA TYR GA 74 4.75 29.82 -14.11
C TYR GA 74 4.45 29.87 -15.60
N HIS GA 75 3.37 30.57 -15.96
CA HIS GA 75 2.88 30.63 -17.34
C HIS GA 75 2.29 32.01 -17.61
N PRO GA 76 2.64 32.62 -18.78
CA PRO GA 76 2.20 33.99 -19.05
C PRO GA 76 0.68 34.14 -19.13
N ASN GA 77 -0.04 33.02 -19.25
CA ASN GA 77 -1.48 33.03 -19.40
C ASN GA 77 -2.23 32.45 -18.19
N VAL GA 78 -1.51 32.24 -17.10
CA VAL GA 78 -2.10 31.77 -15.85
C VAL GA 78 -1.68 32.72 -14.74
N ASP GA 79 -2.60 33.06 -13.84
CA ASP GA 79 -2.32 34.05 -12.79
C ASP GA 79 -1.99 33.39 -11.45
N LYS GA 80 -1.74 34.23 -10.46
CA LYS GA 80 -1.37 33.80 -9.10
C LYS GA 80 -2.27 32.71 -8.51
N LEU GA 81 -3.55 32.72 -8.87
CA LEU GA 81 -4.51 31.80 -8.30
C LEU GA 81 -4.93 30.67 -9.25
N GLY GA 82 -4.17 30.50 -10.33
CA GLY GA 82 -4.41 29.41 -11.28
C GLY GA 82 -5.58 29.61 -12.24
N ARG GA 83 -6.08 30.84 -12.32
CA ARG GA 83 -7.13 31.19 -13.29
C ARG GA 83 -6.53 31.37 -14.68
N ILE GA 84 -7.09 30.65 -15.65
CA ILE GA 84 -6.56 30.63 -17.01
C ILE GA 84 -7.07 31.83 -17.81
N CYS GA 85 -6.18 32.46 -18.55
CA CYS GA 85 -6.52 33.61 -19.39
C CYS GA 85 -6.54 33.18 -20.85
N LEU GA 86 -7.59 32.43 -21.19
CA LEU GA 86 -7.74 31.82 -22.51
C LEU GA 86 -8.92 32.41 -23.26
N ASP GA 87 -8.80 32.46 -24.58
CA ASP GA 87 -9.78 33.11 -25.45
C ASP GA 87 -11.13 32.42 -25.35
N ILE GA 88 -11.11 31.11 -25.52
CA ILE GA 88 -12.33 30.33 -25.62
C ILE GA 88 -12.98 30.07 -24.27
N LEU GA 89 -12.38 30.58 -23.20
CA LEU GA 89 -12.96 30.45 -21.86
C LEU GA 89 -13.91 31.58 -21.52
N LYS GA 90 -13.98 32.60 -22.37
CA LYS GA 90 -14.94 33.69 -22.13
C LYS GA 90 -15.64 34.21 -23.38
N ASP GA 91 -14.94 34.99 -24.20
CA ASP GA 91 -15.57 35.72 -25.31
C ASP GA 91 -15.38 35.10 -26.70
N LYS GA 92 -14.57 34.05 -26.77
CA LYS GA 92 -14.41 33.30 -28.02
C LYS GA 92 -15.03 31.91 -27.89
N TRP GA 93 -15.98 31.80 -26.97
CA TRP GA 93 -16.69 30.56 -26.72
C TRP GA 93 -17.88 30.40 -27.64
N SER GA 94 -18.09 29.17 -28.13
CA SER GA 94 -19.29 28.82 -28.87
C SER GA 94 -19.69 27.43 -28.43
N PRO GA 95 -21.00 27.11 -28.50
CA PRO GA 95 -21.46 25.79 -28.07
C PRO GA 95 -21.00 24.65 -28.97
N ALA GA 96 -20.44 24.97 -30.14
CA ALA GA 96 -19.79 23.97 -30.97
C ALA GA 96 -18.61 23.32 -30.25
N LEU GA 97 -17.91 24.10 -29.43
CA LEU GA 97 -16.79 23.60 -28.64
C LEU GA 97 -17.32 22.80 -27.46
N GLN GA 98 -16.45 21.98 -26.87
CA GLN GA 98 -16.83 21.14 -25.74
C GLN GA 98 -15.64 20.87 -24.80
N ILE GA 99 -15.92 20.20 -23.68
CA ILE GA 99 -14.90 19.92 -22.66
C ILE GA 99 -13.60 19.39 -23.28
N ARG GA 100 -13.72 18.43 -24.19
CA ARG GA 100 -12.57 17.90 -24.93
C ARG GA 100 -11.74 19.00 -25.60
N THR GA 101 -12.43 19.93 -26.25
CA THR GA 101 -11.77 21.05 -26.95
C THR GA 101 -11.06 22.02 -25.99
N VAL GA 102 -11.70 22.33 -24.87
CA VAL GA 102 -11.14 23.22 -23.85
C VAL GA 102 -9.89 22.62 -23.22
N LEU GA 103 -9.96 21.32 -22.91
CA LEU GA 103 -8.83 20.56 -22.39
C LEU GA 103 -7.67 20.54 -23.38
N LEU GA 104 -7.98 20.25 -24.64
CA LEU GA 104 -6.99 20.27 -25.74
C LEU GA 104 -6.39 21.66 -25.97
N SER GA 105 -7.22 22.69 -25.85
CA SER GA 105 -6.77 24.06 -26.02
C SER GA 105 -5.78 24.48 -24.92
N ILE GA 106 -6.07 24.09 -23.68
CA ILE GA 106 -5.19 24.36 -22.54
C ILE GA 106 -3.85 23.65 -22.67
N GLN GA 107 -3.88 22.37 -23.03
CA GLN GA 107 -2.67 21.59 -23.26
C GLN GA 107 -1.81 22.25 -24.33
N ALA GA 108 -2.47 22.74 -25.38
CA ALA GA 108 -1.80 23.43 -26.48
C ALA GA 108 -1.16 24.74 -26.03
N LEU GA 109 -1.75 25.35 -25.01
CA LEU GA 109 -1.24 26.60 -24.46
C LEU GA 109 0.09 26.41 -23.72
N LEU GA 110 0.35 25.19 -23.26
CA LEU GA 110 1.56 24.88 -22.50
C LEU GA 110 2.77 24.66 -23.40
N SER GA 111 2.54 24.00 -24.54
CA SER GA 111 3.60 23.77 -25.51
C SER GA 111 3.76 24.96 -26.46
N ALA GA 112 2.83 25.91 -26.36
CA ALA GA 112 2.92 27.17 -27.09
C ALA GA 112 2.40 28.31 -26.22
N PRO GA 113 3.30 28.90 -25.39
CA PRO GA 113 2.90 30.02 -24.53
C PRO GA 113 2.76 31.29 -25.37
N ASN GA 114 1.60 31.95 -25.24
CA ASN GA 114 1.35 33.22 -25.93
C ASN GA 114 1.66 34.43 -25.05
N PRO GA 115 2.89 34.98 -25.16
CA PRO GA 115 3.34 36.09 -24.31
C PRO GA 115 2.56 37.38 -24.58
N ASP GA 116 2.40 37.72 -25.86
CA ASP GA 116 1.64 38.91 -26.25
C ASP GA 116 0.14 38.62 -26.37
N ASP GA 117 -0.45 38.11 -25.30
CA ASP GA 117 -1.89 37.88 -25.22
C ASP GA 117 -2.62 39.22 -25.11
N PRO GA 118 -3.87 39.27 -25.61
CA PRO GA 118 -4.77 40.39 -25.29
C PRO GA 118 -4.97 40.55 -23.78
N LEU GA 119 -5.49 39.52 -23.11
CA LEU GA 119 -5.63 39.52 -21.66
C LEU GA 119 -4.47 38.72 -21.05
N ALA GA 120 -3.30 39.37 -20.94
CA ALA GA 120 -2.09 38.73 -20.44
C ALA GA 120 -1.95 38.90 -18.93
N ASN GA 121 -0.76 38.55 -18.42
CA ASN GA 121 -0.43 38.71 -17.00
C ASN GA 121 0.90 39.45 -16.84
N ASP GA 122 1.36 39.61 -15.60
CA ASP GA 122 2.66 40.20 -15.33
C ASP GA 122 3.79 39.30 -15.81
N VAL GA 123 3.63 37.99 -15.60
CA VAL GA 123 4.60 36.96 -16.03
C VAL GA 123 5.00 37.16 -17.50
N ALA GA 124 4.03 37.54 -18.31
CA ALA GA 124 4.21 37.78 -19.75
C ALA GA 124 5.23 38.89 -20.05
N GLU GA 125 5.26 39.91 -19.20
CA GLU GA 125 6.21 41.02 -19.34
C GLU GA 125 7.66 40.52 -19.18
N GLN GA 126 7.89 39.69 -18.17
CA GLN GA 126 9.20 39.11 -17.93
C GLN GA 126 9.53 38.03 -18.95
N TRP GA 127 8.49 37.54 -19.63
CA TRP GA 127 8.61 36.48 -20.64
C TRP GA 127 9.07 37.02 -22.00
N LYS GA 128 8.67 38.25 -22.33
CA LYS GA 128 9.11 38.91 -23.57
C LYS GA 128 10.50 39.49 -23.40
N THR GA 129 10.70 40.19 -22.28
CA THR GA 129 11.99 40.83 -21.97
C THR GA 129 13.11 39.81 -21.91
N ASN GA 130 12.83 38.67 -21.29
CA ASN GA 130 13.81 37.60 -21.17
C ASN GA 130 13.17 36.22 -21.29
N GLU GA 131 13.20 35.68 -22.50
CA GLU GA 131 12.74 34.33 -22.78
C GLU GA 131 13.49 33.32 -21.93
N ALA GA 132 14.83 33.37 -22.03
CA ALA GA 132 15.72 32.44 -21.34
C ALA GA 132 15.48 32.39 -19.83
N GLN GA 133 15.38 33.55 -19.20
CA GLN GA 133 15.11 33.65 -17.77
C GLN GA 133 13.79 32.97 -17.44
N ALA GA 134 12.75 33.37 -18.16
CA ALA GA 134 11.40 32.87 -17.93
C ALA GA 134 11.29 31.37 -18.17
N ILE GA 135 11.91 30.89 -19.25
CA ILE GA 135 11.86 29.47 -19.61
C ILE GA 135 12.54 28.60 -18.56
N GLU GA 136 13.59 29.14 -17.95
CA GLU GA 136 14.29 28.45 -16.86
C GLU GA 136 13.53 28.60 -15.55
N THR GA 137 12.76 29.68 -15.43
CA THR GA 137 11.88 29.89 -14.27
C THR GA 137 10.77 28.84 -14.28
N ALA GA 138 10.12 28.71 -15.42
CA ALA GA 138 9.04 27.74 -15.61
C ALA GA 138 9.54 26.32 -15.35
N ARG GA 139 10.67 25.97 -15.95
CA ARG GA 139 11.27 24.65 -15.79
C ARG GA 139 11.60 24.35 -14.32
N ALA GA 140 12.00 25.39 -13.59
CA ALA GA 140 12.31 25.29 -12.17
C ALA GA 140 11.06 25.12 -11.30
N TRP GA 141 9.97 25.76 -11.71
CA TRP GA 141 8.70 25.69 -10.97
C TRP GA 141 8.01 24.34 -11.18
N THR GA 142 8.31 23.71 -12.31
CA THR GA 142 7.83 22.36 -12.60
C THR GA 142 8.40 21.38 -11.57
N ARG GA 143 9.69 21.51 -11.28
CA ARG GA 143 10.41 20.62 -10.37
C ARG GA 143 9.87 20.70 -8.93
N LEU GA 144 9.41 21.88 -8.53
CA LEU GA 144 8.97 22.13 -7.15
C LEU GA 144 7.52 21.72 -6.88
N TYR GA 145 6.66 21.80 -7.90
CA TYR GA 145 5.22 21.62 -7.70
C TYR GA 145 4.59 20.50 -8.53
N ALA GA 146 5.11 20.28 -9.73
CA ALA GA 146 4.52 19.32 -10.63
C ALA GA 146 5.16 17.93 -10.55
N MET GA 147 6.04 17.73 -9.58
CA MET GA 147 6.74 16.45 -9.44
C MET GA 147 6.07 15.50 -8.46
N ASN GA 148 5.80 15.99 -7.26
CA ASN GA 148 5.12 15.19 -6.23
C ASN GA 148 3.74 15.73 -5.89
N GLY HA 1 54.18 41.91 -7.64
CA GLY HA 1 53.74 40.64 -8.29
C GLY HA 1 54.83 39.59 -8.38
N VAL HA 2 54.55 38.41 -7.82
CA VAL HA 2 55.49 37.30 -7.83
C VAL HA 2 55.32 36.47 -9.10
N LYS HA 3 56.42 36.03 -9.69
CA LYS HA 3 56.41 35.17 -10.87
C LYS HA 3 56.59 33.67 -10.53
N VAL HA 4 55.60 32.86 -10.89
CA VAL HA 4 55.65 31.42 -10.62
C VAL HA 4 56.18 30.70 -11.86
N PRO HA 5 57.19 29.82 -11.66
CA PRO HA 5 57.73 29.00 -12.76
C PRO HA 5 56.78 27.88 -13.20
N ARG HA 6 57.00 27.38 -14.41
CA ARG HA 6 56.13 26.40 -15.07
C ARG HA 6 55.79 25.18 -14.22
N ASN HA 7 56.81 24.47 -13.77
CA ASN HA 7 56.65 23.23 -13.03
C ASN HA 7 55.79 23.41 -11.78
N PHE HA 8 55.91 24.56 -11.13
CA PHE HA 8 55.11 24.85 -9.95
C PHE HA 8 53.69 25.29 -10.30
N ARG HA 9 53.56 26.01 -11.41
CA ARG HA 9 52.26 26.39 -11.91
C ARG HA 9 51.43 25.15 -12.29
N LEU HA 10 52.08 24.16 -12.90
CA LEU HA 10 51.38 22.92 -13.26
C LEU HA 10 50.99 22.09 -12.05
N LEU HA 11 51.86 22.03 -11.04
CA LEU HA 11 51.55 21.39 -9.76
C LEU HA 11 50.27 21.96 -9.19
N GLU HA 12 50.17 23.28 -9.26
CA GLU HA 12 49.00 24.04 -8.82
C GLU HA 12 47.74 23.58 -9.56
N GLU HA 13 47.86 23.46 -10.89
CA GLU HA 13 46.75 23.01 -11.73
C GLU HA 13 46.38 21.55 -11.49
N LEU HA 14 47.38 20.75 -11.12
CA LEU HA 14 47.15 19.36 -10.75
C LEU HA 14 46.29 19.25 -9.49
N GLU HA 15 46.63 20.06 -8.48
CA GLU HA 15 45.92 20.06 -7.21
C GLU HA 15 44.49 20.55 -7.37
N GLU HA 16 44.28 21.51 -8.28
CA GLU HA 16 42.95 22.08 -8.51
C GLU HA 16 42.05 21.09 -9.26
N GLY HA 17 42.67 20.19 -10.02
CA GLY HA 17 41.95 19.10 -10.70
C GLY HA 17 41.45 18.04 -9.74
N GLN HA 18 42.33 17.58 -8.84
CA GLN HA 18 41.98 16.58 -7.83
C GLN HA 18 40.83 17.05 -6.95
N LYS HA 19 40.74 18.37 -6.77
CA LYS HA 19 39.81 18.98 -5.84
C LYS HA 19 38.40 19.11 -6.44
N GLY HA 20 38.32 19.63 -7.67
CA GLY HA 20 37.03 19.86 -8.33
C GLY HA 20 36.65 21.34 -8.38
N VAL HA 21 35.99 21.74 -9.47
CA VAL HA 21 35.61 23.14 -9.69
C VAL HA 21 34.11 23.37 -9.82
N GLY HA 22 33.63 24.44 -9.20
CA GLY HA 22 32.23 24.88 -9.29
C GLY HA 22 31.17 23.80 -9.36
N ASP HA 23 30.60 23.64 -10.55
CA ASP HA 23 29.55 22.65 -10.81
C ASP HA 23 30.12 21.36 -11.42
N GLY HA 24 31.41 21.40 -11.78
CA GLY HA 24 32.11 20.22 -12.28
C GLY HA 24 31.75 19.87 -13.71
N THR HA 25 31.40 20.87 -14.50
CA THR HA 25 31.09 20.67 -15.92
C THR HA 25 32.37 20.49 -16.73
N VAL HA 26 33.47 21.11 -16.29
CA VAL HA 26 34.80 20.76 -16.81
C VAL HA 26 35.70 20.18 -15.72
N SER HA 27 36.55 19.26 -16.13
CA SER HA 27 37.36 18.46 -15.23
C SER HA 27 38.69 18.13 -15.92
N TRP HA 28 39.78 18.06 -15.16
CA TRP HA 28 41.11 17.81 -15.74
C TRP HA 28 42.07 17.10 -14.77
N GLY HA 29 43.07 16.42 -15.32
CA GLY HA 29 44.05 15.67 -14.53
C GLY HA 29 45.21 15.13 -15.35
N LEU HA 30 46.22 14.57 -14.68
CA LEU HA 30 47.39 14.00 -15.34
C LEU HA 30 47.12 12.68 -16.06
N GLU HA 31 47.67 12.56 -17.27
CA GLU HA 31 47.48 11.36 -18.06
C GLU HA 31 48.36 10.25 -17.51
N ASP HA 32 49.67 10.49 -17.51
CA ASP HA 32 50.64 9.50 -17.03
C ASP HA 32 51.14 9.89 -15.63
N ASP HA 33 50.73 9.11 -14.62
CA ASP HA 33 51.02 9.44 -13.22
C ASP HA 33 52.50 9.27 -12.82
N GLU HA 34 53.36 9.10 -13.82
CA GLU HA 34 54.81 9.02 -13.60
C GLU HA 34 55.59 10.09 -14.37
N ASP HA 35 54.87 10.86 -15.19
CA ASP HA 35 55.43 12.00 -15.93
C ASP HA 35 55.77 13.15 -14.98
N MET HA 36 57.05 13.30 -14.68
CA MET HA 36 57.53 14.34 -13.75
C MET HA 36 57.66 15.73 -14.35
N THR HA 37 57.51 15.81 -15.67
CA THR HA 37 57.57 17.08 -16.38
C THR HA 37 56.17 17.68 -16.49
N LEU HA 38 55.17 16.90 -16.08
CA LEU HA 38 53.77 17.36 -16.04
C LEU HA 38 53.35 17.93 -17.39
N THR HA 39 53.36 17.09 -18.41
CA THR HA 39 53.17 17.54 -19.78
C THR HA 39 51.87 17.05 -20.43
N ARG HA 40 51.56 15.77 -20.27
CA ARG HA 40 50.34 15.19 -20.86
C ARG HA 40 49.14 15.14 -19.88
N TRP HA 41 48.06 15.80 -20.26
CA TRP HA 41 46.88 15.95 -19.40
C TRP HA 41 45.61 15.43 -20.07
N THR HA 42 44.70 14.89 -19.26
CA THR HA 42 43.38 14.52 -19.75
C THR HA 42 42.34 15.56 -19.32
N GLY HA 43 41.44 15.87 -20.24
CA GLY HA 43 40.35 16.82 -19.99
C GLY HA 43 39.01 16.13 -20.12
N MET HA 44 37.98 16.75 -19.55
CA MET HA 44 36.63 16.20 -19.58
C MET HA 44 35.61 17.34 -19.61
N ILE HA 45 34.64 17.24 -20.51
CA ILE HA 45 33.62 18.28 -20.68
C ILE HA 45 32.19 17.71 -20.77
N ILE HA 46 31.31 18.17 -19.87
CA ILE HA 46 29.88 17.96 -20.01
C ILE HA 46 29.35 19.00 -21.01
N GLY HA 47 28.56 18.56 -21.97
CA GLY HA 47 27.94 19.45 -22.94
C GLY HA 47 26.89 20.38 -22.33
N PRO HA 48 26.99 21.70 -22.62
CA PRO HA 48 26.17 22.77 -22.01
C PRO HA 48 24.66 22.60 -22.27
N PRO HA 49 23.81 23.31 -21.49
CA PRO HA 49 22.36 23.15 -21.69
C PRO HA 49 21.86 23.80 -22.99
N ARG HA 50 20.72 23.30 -23.49
CA ARG HA 50 20.04 23.85 -24.68
C ARG HA 50 20.85 23.76 -25.98
N THR HA 51 21.64 22.70 -26.11
CA THR HA 51 22.39 22.43 -27.34
C THR HA 51 22.23 20.95 -27.74
N ASN HA 52 22.86 20.56 -28.85
CA ASN HA 52 22.94 19.16 -29.23
C ASN HA 52 24.06 18.44 -28.49
N TYR HA 53 24.96 19.23 -27.91
CA TYR HA 53 26.05 18.73 -27.08
C TYR HA 53 25.55 18.38 -25.68
N GLU HA 54 24.40 18.96 -25.33
CA GLU HA 54 23.89 18.91 -23.96
C GLU HA 54 23.95 17.52 -23.32
N ASN HA 55 24.73 17.47 -22.23
CA ASN HA 55 24.94 16.28 -21.41
C ASN HA 55 25.52 15.05 -22.11
N ARG HA 56 26.53 15.32 -22.93
CA ARG HA 56 27.40 14.29 -23.45
C ARG HA 56 28.73 14.46 -22.75
N ILE HA 57 29.45 13.36 -22.57
CA ILE HA 57 30.74 13.40 -21.87
C ILE HA 57 31.86 13.36 -22.90
N TYR HA 58 32.62 14.46 -22.99
CA TYR HA 58 33.72 14.60 -23.95
C TYR HA 58 35.09 14.47 -23.29
N SER HA 59 35.89 13.53 -23.82
CA SER HA 59 37.26 13.33 -23.35
C SER HA 59 38.26 14.03 -24.27
N LEU HA 60 39.27 14.65 -23.67
CA LEU HA 60 40.26 15.44 -24.40
C LEU HA 60 41.68 15.12 -23.95
N LYS HA 61 42.65 15.39 -24.82
CA LYS HA 61 44.06 15.36 -24.42
C LYS HA 61 44.63 16.76 -24.51
N VAL HA 62 45.36 17.17 -23.47
CA VAL HA 62 45.95 18.50 -23.45
C VAL HA 62 47.44 18.40 -23.15
N GLU HA 63 48.26 18.88 -24.07
CA GLU HA 63 49.70 18.85 -23.90
C GLU HA 63 50.25 20.25 -23.57
N CYS HA 64 50.77 20.39 -22.35
CA CYS HA 64 51.40 21.63 -21.91
C CYS HA 64 52.89 21.61 -22.16
N GLY HA 65 53.29 22.30 -23.23
CA GLY HA 65 54.68 22.30 -23.70
C GLY HA 65 55.69 22.81 -22.70
N PRO HA 66 56.99 22.71 -23.04
CA PRO HA 66 58.03 23.20 -22.13
C PRO HA 66 58.04 24.72 -22.05
N LYS HA 67 57.32 25.36 -22.97
CA LYS HA 67 57.21 26.82 -23.05
C LYS HA 67 56.04 27.34 -22.24
N TYR HA 68 55.04 26.47 -22.01
CA TYR HA 68 53.88 26.75 -21.15
C TYR HA 68 54.31 27.37 -19.82
N PRO HA 69 53.55 28.36 -19.32
CA PRO HA 69 52.29 28.88 -19.83
C PRO HA 69 52.44 30.13 -20.69
N GLU HA 70 53.67 30.48 -21.07
CA GLU HA 70 53.90 31.64 -21.91
C GLU HA 70 53.35 31.37 -23.30
N ALA HA 71 53.52 30.14 -23.76
CA ALA HA 71 52.91 29.67 -25.00
C ALA HA 71 51.68 28.81 -24.66
N PRO HA 72 50.63 28.86 -25.52
CA PRO HA 72 49.42 28.07 -25.28
C PRO HA 72 49.68 26.57 -25.41
N PRO HA 73 48.83 25.74 -24.77
CA PRO HA 73 48.92 24.28 -24.89
C PRO HA 73 48.18 23.75 -26.10
N SER HA 74 48.52 22.51 -26.49
CA SER HA 74 47.81 21.80 -27.57
C SER HA 74 46.56 21.17 -27.01
N VAL HA 75 45.52 21.12 -27.83
CA VAL HA 75 44.33 20.38 -27.46
C VAL HA 75 43.90 19.50 -28.64
N ARG HA 76 43.42 18.30 -28.33
CA ARG HA 76 42.71 17.50 -29.32
C ARG HA 76 41.63 16.71 -28.62
N PHE HA 77 40.46 16.65 -29.24
CA PHE HA 77 39.35 15.85 -28.72
C PHE HA 77 39.61 14.37 -28.99
N VAL HA 78 39.45 13.55 -27.96
CA VAL HA 78 39.43 12.10 -28.13
C VAL HA 78 38.04 11.68 -28.58
N THR HA 79 37.02 12.11 -27.82
CA THR HA 79 35.62 11.82 -28.11
C THR HA 79 35.18 12.59 -29.36
N LYS HA 80 34.66 11.84 -30.34
CA LYS HA 80 34.13 12.41 -31.58
C LYS HA 80 33.15 13.54 -31.30
N ILE HA 81 33.28 14.63 -32.05
CA ILE HA 81 32.44 15.80 -31.86
C ILE HA 81 32.35 16.62 -33.14
N ASN HA 82 31.13 17.02 -33.47
CA ASN HA 82 30.91 17.96 -34.54
C ASN HA 82 30.92 19.38 -34.00
N MET HA 83 32.03 20.08 -34.15
CA MET HA 83 32.17 21.45 -33.66
C MET HA 83 33.18 22.26 -34.48
N ASN HA 84 32.81 23.47 -34.85
CA ASN HA 84 33.69 24.38 -35.60
C ASN HA 84 35.04 24.60 -34.94
N GLY HA 85 36.11 24.35 -35.68
CA GLY HA 85 37.46 24.51 -35.16
C GLY HA 85 38.04 23.25 -34.55
N ILE HA 86 37.25 22.19 -34.54
CA ILE HA 86 37.74 20.87 -34.16
C ILE HA 86 37.80 19.97 -35.40
N ASN HA 87 39.03 19.68 -35.85
CA ASN HA 87 39.27 18.84 -37.00
C ASN HA 87 38.64 17.47 -36.83
N ASN HA 88 37.71 17.14 -37.70
CA ASN HA 88 36.96 15.90 -37.55
C ASN HA 88 37.73 14.61 -37.85
N SER HA 89 38.95 14.73 -38.35
CA SER HA 89 39.77 13.56 -38.66
C SER HA 89 40.63 13.15 -37.48
N SER HA 90 41.25 14.14 -36.83
CA SER HA 90 42.21 13.90 -35.76
C SER HA 90 41.72 14.30 -34.36
N GLY HA 91 40.76 15.22 -34.30
CA GLY HA 91 40.33 15.78 -33.03
C GLY HA 91 41.10 17.05 -32.70
N MET HA 92 42.20 17.29 -33.40
CA MET HA 92 43.02 18.48 -33.18
C MET HA 92 42.18 19.74 -33.16
N VAL HA 93 42.42 20.58 -32.15
CA VAL HA 93 41.68 21.83 -31.95
C VAL HA 93 42.46 22.99 -32.55
N ASP HA 94 41.88 23.61 -33.58
CA ASP HA 94 42.51 24.72 -34.30
C ASP HA 94 42.70 25.94 -33.38
N ALA HA 95 43.96 26.23 -33.07
CA ALA HA 95 44.32 27.37 -32.21
C ALA HA 95 43.69 28.68 -32.69
N ARG HA 96 43.57 28.87 -34.00
CA ARG HA 96 43.02 30.11 -34.54
C ARG HA 96 41.51 30.25 -34.30
N SER HA 97 40.78 29.15 -34.43
CA SER HA 97 39.33 29.17 -34.27
C SER HA 97 38.89 29.51 -32.85
N ILE HA 98 39.64 29.04 -31.86
CA ILE HA 98 39.28 29.25 -30.47
C ILE HA 98 39.95 30.52 -29.98
N PRO HA 99 39.17 31.49 -29.48
CA PRO HA 99 39.71 32.79 -29.08
C PRO HA 99 40.71 32.69 -27.95
N VAL HA 100 40.42 31.85 -26.96
CA VAL HA 100 41.30 31.72 -25.79
C VAL HA 100 42.72 31.28 -26.20
N LEU HA 101 42.80 30.40 -27.21
CA LEU HA 101 44.09 29.84 -27.67
C LEU HA 101 44.83 30.72 -28.68
N ALA HA 102 44.08 31.44 -29.50
CA ALA HA 102 44.68 32.32 -30.50
C ALA HA 102 45.25 33.56 -29.83
N LYS HA 103 44.49 34.14 -28.92
CA LYS HA 103 44.95 35.33 -28.20
C LYS HA 103 45.33 34.97 -26.76
N TRP HA 104 46.20 33.97 -26.63
CA TRP HA 104 46.61 33.41 -25.32
C TRP HA 104 47.35 34.39 -24.39
N GLN HA 105 46.96 34.37 -23.12
CA GLN HA 105 47.64 35.11 -22.04
C GLN HA 105 48.31 34.09 -21.14
N ASN HA 106 49.47 34.43 -20.59
CA ASN HA 106 50.12 33.55 -19.62
C ASN HA 106 49.34 33.44 -18.30
N SER HA 107 48.29 34.24 -18.21
CA SER HA 107 47.37 34.21 -17.07
C SER HA 107 46.37 33.05 -17.16
N TYR HA 108 46.22 32.47 -18.35
CA TYR HA 108 45.24 31.41 -18.59
C TYR HA 108 45.70 30.05 -18.06
N SER HA 109 44.84 29.04 -18.19
CA SER HA 109 45.10 27.69 -17.66
C SER HA 109 44.28 26.63 -18.39
N ILE HA 110 44.51 25.36 -18.06
CA ILE HA 110 43.72 24.25 -18.61
C ILE HA 110 42.23 24.43 -18.27
N LYS HA 111 41.95 24.73 -17.02
CA LYS HA 111 40.61 25.06 -16.57
C LYS HA 111 39.93 26.02 -17.56
N VAL HA 112 40.62 27.11 -17.90
CA VAL HA 112 40.07 28.18 -18.73
C VAL HA 112 39.96 27.79 -20.21
N VAL HA 113 40.91 26.99 -20.68
CA VAL HA 113 40.83 26.45 -22.03
C VAL HA 113 39.63 25.51 -22.15
N LEU HA 114 39.43 24.68 -21.14
CA LEU HA 114 38.33 23.75 -21.14
C LEU HA 114 36.98 24.47 -21.02
N GLN HA 115 36.96 25.58 -20.30
CA GLN HA 115 35.75 26.37 -20.13
C GLN HA 115 35.39 27.16 -21.37
N GLU HA 116 36.39 27.49 -22.20
CA GLU HA 116 36.14 28.24 -23.43
C GLU HA 116 35.47 27.32 -24.43
N LEU HA 117 35.97 26.09 -24.51
CA LEU HA 117 35.41 25.09 -25.41
C LEU HA 117 33.94 24.81 -25.10
N ARG HA 118 33.65 24.51 -23.82
CA ARG HA 118 32.28 24.36 -23.36
C ARG HA 118 31.42 25.55 -23.82
N ARG HA 119 31.90 26.77 -23.57
CA ARG HA 119 31.18 27.99 -23.90
C ARG HA 119 30.96 28.14 -25.40
N LEU HA 120 31.92 27.68 -26.20
CA LEU HA 120 31.79 27.74 -27.64
C LEU HA 120 30.76 26.77 -28.17
N MET HA 121 30.45 25.75 -27.37
CA MET HA 121 29.40 24.80 -27.72
C MET HA 121 28.02 25.46 -27.68
N MET HA 122 27.93 26.66 -27.09
CA MET HA 122 26.67 27.40 -27.01
C MET HA 122 26.54 28.42 -28.14
N SER HA 123 27.57 28.48 -28.98
CA SER HA 123 27.61 29.42 -30.11
C SER HA 123 26.50 29.19 -31.13
N LYS HA 124 26.09 30.28 -31.79
CA LYS HA 124 24.94 30.33 -32.69
C LYS HA 124 24.89 29.28 -33.81
N GLU HA 125 26.06 28.82 -34.23
CA GLU HA 125 26.14 27.88 -35.33
C GLU HA 125 26.81 26.58 -34.92
N ASN HA 126 27.04 26.44 -33.62
CA ASN HA 126 27.59 25.21 -33.07
C ASN HA 126 26.54 24.38 -32.35
N MET HA 127 25.68 25.04 -31.58
CA MET HA 127 24.62 24.37 -30.85
C MET HA 127 23.68 23.58 -31.77
N LYS HA 128 23.56 24.07 -33.00
CA LYS HA 128 22.57 23.58 -33.95
C LYS HA 128 23.08 22.37 -34.75
N LEU HA 129 24.40 22.12 -34.69
CA LEU HA 129 25.06 21.07 -35.48
C LEU HA 129 24.67 19.66 -35.04
N PRO HA 130 24.44 18.74 -36.00
CA PRO HA 130 24.10 17.35 -35.67
C PRO HA 130 25.32 16.58 -35.16
N GLN HA 131 25.15 15.88 -34.04
CA GLN HA 131 26.25 15.16 -33.40
C GLN HA 131 26.30 13.70 -33.81
N PRO HA 132 27.50 13.11 -33.81
CA PRO HA 132 27.67 11.69 -34.11
C PRO HA 132 27.07 10.81 -33.02
N PRO HA 133 26.68 9.56 -33.36
CA PRO HA 133 26.24 8.61 -32.35
C PRO HA 133 27.31 8.48 -31.27
N GLU HA 134 26.90 8.64 -30.01
CA GLU HA 134 27.82 8.82 -28.90
C GLU HA 134 28.72 7.61 -28.66
N GLY HA 135 29.92 7.87 -28.14
CA GLY HA 135 30.88 6.82 -27.81
C GLY HA 135 31.71 6.40 -29.00
N GLN HA 136 32.37 7.38 -29.61
CA GLN HA 136 33.26 7.14 -30.72
C GLN HA 136 34.53 7.94 -30.53
N THR HA 137 35.67 7.39 -30.96
CA THR HA 137 36.94 8.10 -30.87
C THR HA 137 37.47 8.46 -32.25
N TYR HA 138 38.59 9.18 -32.30
CA TYR HA 138 39.22 9.51 -33.56
C TYR HA 138 40.31 8.50 -33.91
N GLY IA 1 61.27 46.24 -3.06
CA GLY IA 1 61.81 45.04 -3.77
C GLY IA 1 61.54 43.72 -3.06
N LEU IA 2 62.41 42.75 -3.33
CA LEU IA 2 62.29 41.41 -2.76
C LEU IA 2 62.61 41.44 -1.27
N PRO IA 3 61.80 40.76 -0.44
CA PRO IA 3 61.99 40.82 1.01
C PRO IA 3 63.44 40.62 1.43
N ARG IA 4 63.95 41.55 2.24
CA ARG IA 4 65.30 41.48 2.79
C ARG IA 4 65.71 40.08 3.24
N ARG IA 5 64.79 39.40 3.93
CA ARG IA 5 65.03 38.07 4.46
C ARG IA 5 65.43 37.07 3.37
N ILE IA 6 64.87 37.22 2.17
CA ILE IA 6 65.24 36.38 1.04
C ILE IA 6 66.62 36.79 0.50
N ILE IA 7 66.83 38.08 0.28
CA ILE IA 7 68.16 38.59 -0.09
C ILE IA 7 69.20 38.06 0.89
N LYS IA 8 68.94 38.23 2.19
CA LYS IA 8 69.81 37.75 3.25
C LYS IA 8 70.11 36.24 3.16
N GLU IA 9 69.08 35.44 2.90
CA GLU IA 9 69.23 33.98 2.87
C GLU IA 9 69.97 33.49 1.64
N THR IA 10 69.62 34.03 0.48
CA THR IA 10 70.30 33.68 -0.76
C THR IA 10 71.79 34.02 -0.61
N GLN IA 11 72.05 35.14 0.06
CA GLN IA 11 73.40 35.57 0.42
C GLN IA 11 74.17 34.49 1.15
N ARG IA 12 73.53 33.89 2.15
CA ARG IA 12 74.14 32.86 2.98
C ARG IA 12 74.34 31.54 2.23
N LEU IA 13 73.46 31.24 1.27
CA LEU IA 13 73.58 30.02 0.49
C LEU IA 13 74.86 29.97 -0.33
N LEU IA 14 75.35 31.16 -0.71
CA LEU IA 14 76.61 31.28 -1.42
C LEU IA 14 77.77 31.30 -0.43
N ALA IA 15 77.64 32.13 0.60
CA ALA IA 15 78.71 32.33 1.60
C ALA IA 15 78.99 31.12 2.48
N GLU IA 16 77.95 30.32 2.71
CA GLU IA 16 78.01 29.15 3.60
C GLU IA 16 77.40 27.96 2.86
N PRO IA 17 78.15 27.38 1.91
CA PRO IA 17 77.54 26.28 1.17
C PRO IA 17 77.48 25.01 2.03
N VAL IA 18 76.53 24.13 1.74
CA VAL IA 18 76.37 22.90 2.53
C VAL IA 18 76.90 21.65 1.81
N PRO IA 19 77.95 21.01 2.36
CA PRO IA 19 78.64 19.89 1.71
C PRO IA 19 77.64 18.90 1.15
N GLY IA 20 77.65 18.75 -0.18
CA GLY IA 20 76.70 17.86 -0.87
C GLY IA 20 75.69 18.62 -1.70
N ILE IA 21 75.02 19.59 -1.08
CA ILE IA 21 73.94 20.34 -1.72
C ILE IA 21 74.44 21.61 -2.41
N LYS IA 22 74.33 21.66 -3.73
CA LYS IA 22 74.51 22.90 -4.48
C LYS IA 22 73.14 23.50 -4.77
N ALA IA 23 72.96 24.78 -4.49
CA ALA IA 23 71.68 25.45 -4.74
C ALA IA 23 71.89 26.85 -5.29
N GLU IA 24 71.41 27.10 -6.51
CA GLU IA 24 71.51 28.42 -7.13
C GLU IA 24 70.13 28.96 -7.51
N PRO IA 25 69.91 30.27 -7.30
CA PRO IA 25 68.67 30.88 -7.76
C PRO IA 25 68.72 31.14 -9.26
N ASP IA 26 67.57 31.06 -9.91
CA ASP IA 26 67.46 31.26 -11.35
C ASP IA 26 67.92 32.66 -11.77
N GLU IA 27 68.59 32.74 -12.92
CA GLU IA 27 69.10 34.02 -13.44
C GLU IA 27 67.99 35.04 -13.69
N SER IA 28 66.76 34.55 -13.88
CA SER IA 28 65.62 35.39 -14.22
C SER IA 28 64.46 35.25 -13.24
N ASN IA 29 64.74 34.69 -12.06
CA ASN IA 29 63.74 34.52 -11.01
C ASN IA 29 64.41 34.24 -9.66
N ALA IA 30 64.49 35.27 -8.81
CA ALA IA 30 65.21 35.17 -7.55
C ALA IA 30 64.49 34.36 -6.47
N ARG IA 31 63.29 33.87 -6.80
CA ARG IA 31 62.51 33.04 -5.88
C ARG IA 31 62.57 31.56 -6.26
N TYR IA 32 63.10 31.29 -7.45
CA TYR IA 32 63.22 29.92 -7.96
C TYR IA 32 64.65 29.43 -7.76
N PHE IA 33 64.81 28.31 -7.07
CA PHE IA 33 66.13 27.76 -6.79
C PHE IA 33 66.33 26.39 -7.43
N HIS IA 34 67.41 26.24 -8.19
CA HIS IA 34 67.81 24.94 -8.73
C HIS IA 34 68.71 24.24 -7.73
N VAL IA 35 68.24 23.13 -7.20
CA VAL IA 35 68.96 22.37 -6.18
C VAL IA 35 69.48 21.04 -6.73
N VAL IA 36 70.70 20.69 -6.34
CA VAL IA 36 71.25 19.35 -6.58
C VAL IA 36 71.82 18.79 -5.27
N ILE IA 37 71.37 17.60 -4.89
CA ILE IA 37 71.87 16.92 -3.69
C ILE IA 37 72.62 15.63 -4.02
N ALA IA 38 73.86 15.56 -3.52
CA ALA IA 38 74.69 14.36 -3.63
C ALA IA 38 74.14 13.25 -2.74
N GLY IA 39 73.89 12.09 -3.32
CA GLY IA 39 73.43 10.93 -2.55
C GLY IA 39 74.48 10.55 -1.52
N PRO IA 40 74.10 10.55 -0.23
CA PRO IA 40 75.04 10.33 0.88
C PRO IA 40 75.79 9.01 0.78
N GLN IA 41 77.01 8.97 1.31
CA GLN IA 41 77.79 7.74 1.34
C GLN IA 41 77.24 6.78 2.40
N ASP IA 42 77.25 5.49 2.08
CA ASP IA 42 76.71 4.41 2.92
C ASP IA 42 75.19 4.26 2.82
N SER IA 43 74.55 5.16 2.07
CA SER IA 43 73.13 5.06 1.76
C SER IA 43 72.95 4.34 0.42
N PRO IA 44 71.73 3.87 0.11
CA PRO IA 44 71.55 3.24 -1.20
C PRO IA 44 71.65 4.24 -2.35
N PHE IA 45 71.61 5.53 -2.03
CA PHE IA 45 71.60 6.58 -3.05
C PHE IA 45 73.00 7.09 -3.35
N GLU IA 46 73.99 6.41 -2.77
CA GLU IA 46 75.39 6.73 -2.99
C GLU IA 46 75.75 6.65 -4.47
N GLY IA 47 76.52 7.62 -4.93
CA GLY IA 47 76.95 7.69 -6.32
C GLY IA 47 75.95 8.32 -7.25
N GLY IA 48 74.80 8.71 -6.72
CA GLY IA 48 73.80 9.43 -7.49
C GLY IA 48 73.78 10.90 -7.14
N THR IA 49 73.23 11.71 -8.04
CA THR IA 49 72.99 13.11 -7.78
C THR IA 49 71.55 13.39 -8.16
N PHE IA 50 70.84 14.10 -7.29
CA PHE IA 50 69.41 14.27 -7.45
C PHE IA 50 69.05 15.73 -7.65
N LYS IA 51 68.19 15.99 -8.63
CA LYS IA 51 67.78 17.35 -8.91
C LYS IA 51 66.51 17.68 -8.15
N LEU IA 52 66.43 18.90 -7.63
CA LEU IA 52 65.25 19.37 -6.93
C LEU IA 52 64.98 20.82 -7.28
N GLU IA 53 63.71 21.19 -7.36
CA GLU IA 53 63.32 22.59 -7.55
C GLU IA 53 62.79 23.14 -6.24
N LEU IA 54 63.12 24.39 -5.93
CA LEU IA 54 62.60 25.02 -4.73
C LEU IA 54 62.07 26.42 -5.04
N PHE IA 55 60.79 26.63 -4.79
CA PHE IA 55 60.17 27.92 -5.04
C PHE IA 55 59.73 28.55 -3.74
N LEU IA 56 60.08 29.82 -3.57
CA LEU IA 56 59.58 30.62 -2.46
C LEU IA 56 58.31 31.33 -2.91
N PRO IA 57 57.15 30.90 -2.37
CA PRO IA 57 55.87 31.50 -2.73
C PRO IA 57 55.72 32.86 -2.07
N GLU IA 58 54.74 33.65 -2.52
CA GLU IA 58 54.57 35.02 -2.03
C GLU IA 58 54.42 35.11 -0.50
N GLU IA 59 54.10 33.98 0.11
CA GLU IA 59 53.79 33.93 1.53
C GLU IA 59 54.97 33.60 2.45
N TYR IA 60 56.15 33.33 1.88
CA TYR IA 60 57.37 33.02 2.64
C TYR IA 60 57.83 34.23 3.45
N PRO IA 61 58.15 34.05 4.75
CA PRO IA 61 58.28 32.82 5.51
C PRO IA 61 57.06 32.37 6.31
N MET IA 62 55.92 33.01 6.10
CA MET IA 62 54.68 32.62 6.77
C MET IA 62 54.25 31.22 6.35
N ALA IA 63 54.27 30.96 5.03
CA ALA IA 63 54.06 29.62 4.49
C ALA IA 63 55.40 29.02 4.08
N ALA IA 64 55.49 27.70 4.09
CA ALA IA 64 56.73 26.99 3.78
C ALA IA 64 57.12 27.05 2.31
N PRO IA 65 58.42 26.81 2.01
CA PRO IA 65 58.85 26.71 0.61
C PRO IA 65 58.17 25.54 -0.07
N LYS IA 66 58.07 25.61 -1.40
CA LYS IA 66 57.53 24.52 -2.17
C LYS IA 66 58.72 23.74 -2.74
N VAL IA 67 58.73 22.41 -2.59
CA VAL IA 67 59.85 21.60 -3.05
C VAL IA 67 59.39 20.38 -3.83
N ARG IA 68 60.14 20.03 -4.87
CA ARG IA 68 59.88 18.83 -5.66
C ARG IA 68 61.17 18.22 -6.20
N PHE IA 69 61.21 16.89 -6.25
CA PHE IA 69 62.29 16.14 -6.91
C PHE IA 69 62.08 16.10 -8.42
N MET IA 70 63.12 16.45 -9.17
CA MET IA 70 63.11 16.35 -10.63
C MET IA 70 63.78 15.06 -11.08
N THR IA 71 64.34 14.32 -10.13
CA THR IA 71 65.00 13.04 -10.38
C THR IA 71 64.16 11.92 -9.77
N LYS IA 72 63.89 10.88 -10.56
CA LYS IA 72 63.13 9.72 -10.10
C LYS IA 72 63.90 9.01 -8.98
N ILE IA 73 63.19 8.69 -7.89
CA ILE IA 73 63.84 8.13 -6.70
C ILE IA 73 62.91 7.19 -5.92
N TYR IA 74 63.44 6.04 -5.51
CA TYR IA 74 62.66 5.08 -4.72
C TYR IA 74 62.85 5.39 -3.24
N HIS IA 75 61.88 6.09 -2.66
CA HIS IA 75 62.00 6.59 -1.29
C HIS IA 75 60.61 6.64 -0.68
N PRO IA 76 60.49 6.27 0.62
CA PRO IA 76 59.18 6.25 1.28
C PRO IA 76 58.52 7.63 1.36
N ASN IA 77 59.34 8.67 1.29
CA ASN IA 77 58.87 10.04 1.47
C ASN IA 77 58.72 10.83 0.17
N VAL IA 78 59.01 10.19 -0.96
CA VAL IA 78 58.85 10.81 -2.28
C VAL IA 78 57.93 9.97 -3.14
N ASP IA 79 56.88 10.58 -3.68
CA ASP IA 79 55.97 9.89 -4.58
C ASP IA 79 56.48 9.92 -6.02
N LYS IA 80 55.70 9.39 -6.95
CA LYS IA 80 56.12 9.28 -8.35
C LYS IA 80 56.39 10.63 -9.00
N LEU IA 81 55.61 11.63 -8.64
CA LEU IA 81 55.73 12.96 -9.25
C LEU IA 81 56.83 13.81 -8.60
N GLY IA 82 57.61 13.21 -7.71
CA GLY IA 82 58.69 13.90 -7.03
C GLY IA 82 58.26 14.74 -5.84
N ARG IA 83 57.00 14.60 -5.42
CA ARG IA 83 56.49 15.37 -4.30
C ARG IA 83 57.02 14.81 -2.98
N ILE IA 84 57.50 15.70 -2.12
CA ILE IA 84 58.09 15.28 -0.86
C ILE IA 84 57.07 15.34 0.28
N CYS IA 85 56.92 14.24 0.97
CA CYS IA 85 56.09 14.16 2.16
C CYS IA 85 56.96 14.38 3.39
N LEU IA 86 57.01 15.61 3.86
CA LEU IA 86 57.88 15.98 4.98
C LEU IA 86 57.19 16.96 5.92
N ASP IA 87 57.30 16.69 7.23
CA ASP IA 87 56.60 17.44 8.28
C ASP IA 87 56.68 18.93 8.08
N ILE IA 88 57.91 19.42 8.02
CA ILE IA 88 58.20 20.85 7.98
C ILE IA 88 57.76 21.54 6.70
N LEU IA 89 57.42 20.76 5.68
CA LEU IA 89 56.95 21.34 4.43
C LEU IA 89 55.46 21.70 4.45
N LYS IA 90 54.75 21.29 5.50
CA LYS IA 90 53.36 21.70 5.70
C LYS IA 90 52.95 21.89 7.16
N ASP IA 91 52.75 20.79 7.89
CA ASP IA 91 52.22 20.82 9.25
C ASP IA 91 53.12 21.56 10.22
N LYS IA 92 54.36 21.09 10.33
CA LYS IA 92 55.32 21.62 11.29
C LYS IA 92 56.28 22.66 10.70
N TRP IA 93 55.78 23.50 9.81
CA TRP IA 93 56.55 24.65 9.31
C TRP IA 93 56.48 25.81 10.29
N SER IA 94 57.55 26.60 10.32
CA SER IA 94 57.62 27.79 11.16
C SER IA 94 58.58 28.80 10.51
N PRO IA 95 58.26 30.10 10.61
CA PRO IA 95 59.13 31.13 10.07
C PRO IA 95 60.50 31.16 10.74
N ALA IA 96 60.62 30.53 11.90
CA ALA IA 96 61.90 30.38 12.60
C ALA IA 96 62.85 29.45 11.85
N LEU IA 97 62.27 28.56 11.04
CA LEU IA 97 63.07 27.71 10.18
C LEU IA 97 63.39 28.48 8.91
N GLN IA 98 64.31 27.97 8.10
CA GLN IA 98 64.75 28.68 6.90
C GLN IA 98 65.09 27.69 5.81
N ILE IA 99 65.23 28.19 4.58
CA ILE IA 99 65.54 27.37 3.40
C ILE IA 99 66.61 26.32 3.70
N ARG IA 100 67.67 26.75 4.38
CA ARG IA 100 68.76 25.86 4.77
C ARG IA 100 68.24 24.62 5.54
N THR IA 101 67.43 24.85 6.57
CA THR IA 101 66.86 23.77 7.39
C THR IA 101 66.11 22.76 6.51
N VAL IA 102 65.39 23.27 5.52
CA VAL IA 102 64.66 22.43 4.59
C VAL IA 102 65.63 21.54 3.83
N LEU IA 103 66.64 22.16 3.23
CA LEU IA 103 67.66 21.45 2.46
C LEU IA 103 68.35 20.36 3.29
N LEU IA 104 68.77 20.70 4.51
CA LEU IA 104 69.36 19.72 5.44
C LEU IA 104 68.44 18.54 5.75
N SER IA 105 67.15 18.83 5.95
CA SER IA 105 66.13 17.81 6.22
C SER IA 105 65.99 16.81 5.08
N ILE IA 106 66.07 17.31 3.84
CA ILE IA 106 65.98 16.45 2.68
C ILE IA 106 67.24 15.59 2.61
N GLN IA 107 68.35 16.17 3.04
CA GLN IA 107 69.64 15.48 3.05
C GLN IA 107 69.62 14.39 4.11
N ALA IA 108 68.99 14.69 5.25
CA ALA IA 108 68.85 13.73 6.33
C ALA IA 108 67.93 12.61 5.88
N LEU IA 109 66.90 12.99 5.15
CA LEU IA 109 65.90 12.08 4.66
C LEU IA 109 66.54 11.05 3.76
N LEU IA 110 67.46 11.50 2.90
CA LEU IA 110 68.17 10.61 2.00
C LEU IA 110 69.10 9.65 2.71
N SER IA 111 69.64 10.10 3.84
CA SER IA 111 70.57 9.28 4.62
C SER IA 111 69.85 8.14 5.34
N ALA IA 112 68.75 8.44 6.01
CA ALA IA 112 67.98 7.41 6.72
C ALA IA 112 66.47 7.57 6.48
N PRO IA 113 65.96 6.90 5.43
CA PRO IA 113 64.53 6.91 5.08
C PRO IA 113 63.67 6.20 6.11
N ASN IA 114 62.82 6.97 6.80
CA ASN IA 114 61.92 6.41 7.81
C ASN IA 114 60.45 6.44 7.39
N PRO IA 115 59.87 5.26 7.09
CA PRO IA 115 58.48 5.12 6.64
C PRO IA 115 57.43 5.02 7.76
N ASP IA 116 57.38 6.05 8.63
CA ASP IA 116 56.39 6.09 9.72
C ASP IA 116 55.27 7.10 9.46
N ASP IA 117 55.33 7.76 8.31
CA ASP IA 117 54.40 8.84 7.94
C ASP IA 117 52.97 8.32 7.72
N PRO IA 118 51.95 9.03 8.27
CA PRO IA 118 50.52 8.73 8.05
C PRO IA 118 50.11 8.78 6.57
N LEU IA 119 50.81 9.58 5.77
CA LEU IA 119 50.77 9.44 4.30
C LEU IA 119 51.45 8.13 3.92
N ALA IA 120 50.93 7.03 4.47
CA ALA IA 120 51.43 5.69 4.19
C ALA IA 120 51.03 5.33 2.77
N ASN IA 121 52.02 4.95 1.98
CA ASN IA 121 51.81 4.61 0.58
C ASN IA 121 52.46 3.28 0.30
N ASP IA 122 52.41 2.84 -0.96
CA ASP IA 122 52.95 1.53 -1.33
C ASP IA 122 54.48 1.43 -1.19
N VAL IA 123 55.17 2.57 -1.31
CA VAL IA 123 56.63 2.63 -1.17
C VAL IA 123 57.03 2.54 0.29
N ALA IA 124 56.41 3.37 1.13
CA ALA IA 124 56.67 3.40 2.57
C ALA IA 124 56.41 2.03 3.21
N GLU IA 125 55.28 1.43 2.83
CA GLU IA 125 54.87 0.12 3.31
C GLU IA 125 55.83 -0.97 2.84
N GLN IA 126 56.33 -0.79 1.61
CA GLN IA 126 57.30 -1.72 1.04
C GLN IA 126 58.58 -1.72 1.86
N TRP IA 127 58.90 -0.55 2.41
CA TRP IA 127 60.13 -0.35 3.14
C TRP IA 127 60.12 -0.99 4.53
N LYS IA 128 58.94 -1.05 5.16
CA LYS IA 128 58.78 -1.72 6.45
C LYS IA 128 58.91 -3.23 6.27
N THR IA 129 58.10 -3.76 5.35
CA THR IA 129 57.95 -5.20 5.17
C THR IA 129 59.18 -5.88 4.58
N ASN IA 130 59.93 -5.15 3.77
CA ASN IA 130 61.13 -5.66 3.15
C ASN IA 130 62.14 -4.55 2.88
N GLU IA 131 62.87 -4.17 3.93
CA GLU IA 131 63.98 -3.23 3.80
C GLU IA 131 65.06 -3.78 2.87
N ALA IA 132 65.33 -5.07 3.00
CA ALA IA 132 66.33 -5.76 2.19
C ALA IA 132 66.13 -5.46 0.71
N GLN IA 133 64.93 -5.73 0.21
CA GLN IA 133 64.60 -5.44 -1.18
C GLN IA 133 64.51 -3.95 -1.44
N ALA IA 134 63.88 -3.22 -0.52
CA ALA IA 134 63.71 -1.78 -0.66
C ALA IA 134 65.05 -1.10 -0.95
N ILE IA 135 66.04 -1.37 -0.11
CA ILE IA 135 67.39 -0.82 -0.30
C ILE IA 135 67.97 -1.22 -1.64
N GLU IA 136 67.85 -2.50 -1.99
CA GLU IA 136 68.31 -3.02 -3.28
C GLU IA 136 67.59 -2.33 -4.45
N THR IA 137 66.28 -2.13 -4.32
CA THR IA 137 65.51 -1.46 -5.38
C THR IA 137 66.00 -0.03 -5.57
N ALA IA 138 66.07 0.73 -4.47
CA ALA IA 138 66.55 2.12 -4.48
C ALA IA 138 67.87 2.22 -5.22
N ARG IA 139 68.79 1.35 -4.83
CA ARG IA 139 70.12 1.20 -5.45
C ARG IA 139 70.05 1.07 -6.97
N ALA IA 140 69.18 0.18 -7.47
CA ALA IA 140 69.00 -0.03 -8.90
C ALA IA 140 68.47 1.20 -9.61
N TRP IA 141 67.49 1.85 -8.98
CA TRP IA 141 66.88 3.08 -9.51
C TRP IA 141 67.87 4.24 -9.55
N THR IA 142 68.78 4.28 -8.59
CA THR IA 142 69.80 5.32 -8.54
C THR IA 142 70.57 5.30 -9.86
N ARG IA 143 71.00 4.12 -10.28
CA ARG IA 143 71.68 3.98 -11.55
C ARG IA 143 70.82 4.27 -12.78
N LEU IA 144 69.53 3.97 -12.69
CA LEU IA 144 68.67 4.10 -13.87
C LEU IA 144 68.27 5.53 -14.20
N TYR IA 145 68.27 6.39 -13.20
CA TYR IA 145 67.69 7.72 -13.33
C TYR IA 145 68.51 8.86 -12.72
N ALA IA 146 69.35 8.53 -11.74
CA ALA IA 146 70.11 9.55 -11.01
C ALA IA 146 71.61 9.53 -11.29
N MET IA 147 72.02 9.09 -12.47
CA MET IA 147 73.45 9.10 -12.81
C MET IA 147 73.78 9.87 -14.09
N ASN IA 148 73.35 11.13 -14.11
CA ASN IA 148 73.66 12.09 -15.17
C ASN IA 148 74.29 13.34 -14.58
N PRO JA 3 6.50 42.32 52.85
CA PRO JA 3 5.90 41.09 52.34
C PRO JA 3 6.82 40.35 51.39
N LEU JA 4 6.78 39.02 51.44
CA LEU JA 4 7.54 38.17 50.51
C LEU JA 4 6.90 38.19 49.12
N VAL JA 5 5.57 38.16 49.10
CA VAL JA 5 4.78 38.31 47.88
C VAL JA 5 3.53 39.16 48.15
N SER JA 6 3.36 40.21 47.36
CA SER JA 6 2.25 41.14 47.53
C SER JA 6 1.00 40.70 46.76
N GLU JA 7 -0.08 41.47 46.91
CA GLU JA 7 -1.32 41.25 46.15
C GLU JA 7 -1.19 41.75 44.71
N ARG JA 8 -2.21 41.46 43.89
CA ARG JA 8 -2.19 41.88 42.49
C ARG JA 8 -2.53 43.37 42.36
N LEU JA 9 -1.49 44.20 42.26
CA LEU JA 9 -1.62 45.66 42.19
C LEU JA 9 -1.80 46.18 40.77
N GLU JA 10 -1.92 47.49 40.64
CA GLU JA 10 -1.99 48.18 39.35
C GLU JA 10 -0.63 48.14 38.65
N LEU JA 11 -0.65 48.39 37.34
CA LEU JA 11 0.57 48.63 36.56
C LEU JA 11 0.89 50.14 36.58
N SER JA 12 -0.01 50.90 37.20
CA SER JA 12 0.11 52.36 37.35
C SER JA 12 1.05 52.75 38.49
N VAL JA 13 1.21 51.86 39.46
CA VAL JA 13 2.09 52.10 40.62
C VAL JA 13 3.57 52.06 40.24
N LEU JA 14 3.85 52.00 38.94
CA LEU JA 14 5.22 52.02 38.40
C LEU JA 14 5.68 53.44 38.07
N TYR JA 15 4.73 54.36 37.88
CA TYR JA 15 5.04 55.76 37.61
C TYR JA 15 5.53 56.49 38.86
N LYS JA 16 5.28 55.89 40.02
CA LYS JA 16 5.77 56.39 41.30
C LYS JA 16 7.01 55.61 41.77
N GLU JA 17 7.67 54.95 40.82
CA GLU JA 17 8.79 54.08 41.09
C GLU JA 17 9.96 54.35 40.15
N ILE JA 24 12.26 58.87 29.55
CA ILE JA 24 13.11 57.81 29.04
C ILE JA 24 12.82 56.46 29.70
N TYR JA 25 12.43 56.51 30.98
CA TYR JA 25 12.09 55.31 31.76
C TYR JA 25 10.58 55.17 31.90
N GLN JA 26 9.88 56.29 31.75
CA GLN JA 26 8.43 56.36 31.94
C GLN JA 26 7.64 55.94 30.70
N GLN JA 27 8.18 56.23 29.52
CA GLN JA 27 7.54 55.86 28.25
C GLN JA 27 7.82 54.43 27.78
N LYS JA 28 8.63 53.70 28.54
CA LYS JA 28 8.79 52.26 28.34
C LYS JA 28 7.66 51.51 29.05
N ILE JA 29 7.11 52.14 30.11
CA ILE JA 29 5.99 51.58 30.86
C ILE JA 29 4.68 51.67 30.06
N LYS JA 30 4.57 52.67 29.18
CA LYS JA 30 3.42 52.80 28.28
C LYS JA 30 3.36 51.67 27.25
N ASP JA 31 4.52 51.17 26.84
CA ASP JA 31 4.61 50.02 25.94
C ASP JA 31 4.23 48.73 26.67
N LEU JA 32 4.53 48.68 27.96
CA LEU JA 32 4.22 47.54 28.81
C LEU JA 32 2.73 47.50 29.17
N HIS JA 33 2.07 48.65 29.07
CA HIS JA 33 0.63 48.76 29.32
C HIS JA 33 -0.22 48.23 28.17
N LYS JA 34 0.30 48.36 26.94
CA LYS JA 34 -0.43 47.94 25.75
C LYS JA 34 -0.38 46.43 25.49
N LYS JA 35 0.26 45.70 26.41
CA LYS JA 35 0.36 44.24 26.30
C LYS JA 35 0.08 43.53 27.63
N TYR JA 36 0.31 44.22 28.74
CA TYR JA 36 0.08 43.68 30.08
C TYR JA 36 -0.82 44.59 30.92
N SER JA 37 -1.54 44.00 31.88
CA SER JA 37 -2.54 44.72 32.66
C SER JA 37 -2.16 44.91 34.13
N TYR JA 38 -1.78 43.81 34.77
CA TYR JA 38 -1.48 43.79 36.21
C TYR JA 38 -0.06 43.35 36.53
N ILE JA 39 0.38 43.60 37.77
CA ILE JA 39 1.72 43.23 38.24
C ILE JA 39 1.69 42.70 39.68
N ARG JA 40 2.67 41.85 40.02
CA ARG JA 40 2.82 41.32 41.37
C ARG JA 40 4.27 41.43 41.87
N LYS JA 41 4.43 42.00 43.06
CA LYS JA 41 5.73 42.37 43.60
C LYS JA 41 6.31 41.28 44.52
N THR JA 42 7.62 41.13 44.50
CA THR JA 42 8.35 40.23 45.41
C THR JA 42 9.44 40.99 46.17
N ARG JA 43 9.91 40.40 47.27
CA ARG JA 43 10.98 40.97 48.09
C ARG JA 43 12.28 41.11 47.28
N PRO JA 44 12.95 42.28 47.40
CA PRO JA 44 14.21 42.52 46.69
C PRO JA 44 15.43 41.84 47.32
N ASP JA 45 15.24 40.66 47.91
CA ASP JA 45 16.37 39.84 48.39
C ASP JA 45 17.06 39.14 47.20
N GLY JA 46 17.70 38.01 47.46
CA GLY JA 46 18.43 37.32 46.40
C GLY JA 46 17.58 36.41 45.53
N ASN JA 47 16.59 35.76 46.14
CA ASN JA 47 15.84 34.68 45.50
C ASN JA 47 14.40 35.03 45.08
N CYS JA 48 14.25 36.15 44.39
CA CYS JA 48 12.92 36.58 43.92
C CYS JA 48 12.42 35.81 42.70
N PHE JA 49 13.31 35.46 41.77
CA PHE JA 49 12.95 34.63 40.60
C PHE JA 49 12.38 33.27 41.03
N TYR JA 50 12.90 32.74 42.13
CA TYR JA 50 12.45 31.46 42.65
C TYR JA 50 11.16 31.58 43.48
N ARG JA 51 10.84 32.82 43.87
CA ARG JA 51 9.59 33.08 44.56
C ARG JA 51 8.49 33.48 43.57
N ALA JA 52 8.88 34.15 42.48
CA ALA JA 52 7.94 34.60 41.44
C ALA JA 52 7.44 33.45 40.57
N PHE JA 53 8.36 32.61 40.08
CA PHE JA 53 8.02 31.42 39.29
C PHE JA 53 7.14 30.46 40.09
N GLY JA 54 7.52 30.24 41.34
CA GLY JA 54 6.77 29.36 42.24
C GLY JA 54 5.31 29.74 42.34
N PHE JA 55 5.05 31.04 42.48
CA PHE JA 55 3.69 31.57 42.64
C PHE JA 55 2.94 31.71 41.33
N SER JA 56 3.62 32.23 40.29
CA SER JA 56 3.01 32.52 38.99
C SER JA 56 2.47 31.29 38.27
N HIS JA 57 3.04 30.12 38.56
CA HIS JA 57 2.60 28.89 37.89
C HIS JA 57 1.96 27.86 38.83
N LEU JA 58 1.63 28.29 40.05
CA LEU JA 58 0.79 27.50 40.95
C LEU JA 58 -0.59 28.14 41.09
N GLU JA 59 -0.65 29.45 40.84
CA GLU JA 59 -1.93 30.13 40.70
C GLU JA 59 -2.49 29.92 39.29
N ALA JA 60 -1.58 29.67 38.33
CA ALA JA 60 -1.95 29.36 36.96
C ALA JA 60 -2.49 27.93 36.85
N LEU JA 61 -2.03 27.05 37.73
CA LEU JA 61 -2.47 25.65 37.75
C LEU JA 61 -3.86 25.45 38.37
N LEU JA 62 -4.40 26.53 38.96
CA LEU JA 62 -5.75 26.49 39.53
C LEU JA 62 -6.84 26.37 38.46
N ASP JA 63 -6.48 26.69 37.22
CA ASP JA 63 -7.40 26.58 36.08
C ASP JA 63 -7.20 25.28 35.30
N ASP JA 64 -5.94 24.97 35.01
CA ASP JA 64 -5.59 23.84 34.15
C ASP JA 64 -5.57 22.52 34.94
N SER JA 65 -6.56 21.67 34.68
CA SER JA 65 -6.63 20.34 35.26
C SER JA 65 -5.56 19.43 34.66
N LYS JA 66 -5.29 19.63 33.38
CA LYS JA 66 -4.30 18.83 32.64
C LYS JA 66 -2.87 19.10 33.08
N GLU JA 67 -2.49 20.39 33.06
CA GLU JA 67 -1.13 20.82 33.34
C GLU JA 67 -0.73 20.58 34.81
N LEU JA 68 -1.70 20.67 35.72
CA LEU JA 68 -1.47 20.38 37.13
C LEU JA 68 -1.05 18.92 37.35
N GLN JA 69 -1.75 17.99 36.72
CA GLN JA 69 -1.42 16.56 36.80
C GLN JA 69 -0.15 16.22 36.01
N ARG JA 70 0.08 16.99 34.95
CA ARG JA 70 1.33 16.93 34.19
C ARG JA 70 2.51 17.39 35.05
N PHE JA 71 2.25 18.44 35.84
CA PHE JA 71 3.25 19.08 36.71
C PHE JA 71 3.57 18.24 37.94
N LYS JA 72 2.59 17.46 38.40
CA LYS JA 72 2.71 16.60 39.56
C LYS JA 72 3.63 15.41 39.22
N ALA JA 73 3.44 14.86 38.03
CA ALA JA 73 4.18 13.69 37.55
C ALA JA 73 5.68 13.96 37.32
N VAL JA 74 6.01 15.18 36.91
CA VAL JA 74 7.39 15.60 36.67
C VAL JA 74 8.12 15.89 38.00
N SER JA 75 7.37 16.43 38.97
CA SER JA 75 7.93 16.80 40.28
C SER JA 75 8.17 15.59 41.19
N ALA JA 76 7.39 14.54 41.03
CA ALA JA 76 7.59 13.29 41.75
C ALA JA 76 8.76 12.51 41.17
N LYS JA 77 8.95 12.63 39.86
CA LYS JA 77 10.09 12.05 39.15
C LYS JA 77 11.39 12.79 39.43
N SER JA 78 11.29 14.04 39.86
CA SER JA 78 12.47 14.89 40.09
C SER JA 78 13.23 14.50 41.36
N LYS JA 79 12.54 13.90 42.33
CA LYS JA 79 13.17 13.44 43.56
C LYS JA 79 14.14 12.29 43.28
N GLU JA 80 13.66 11.29 42.56
CA GLU JA 80 14.48 10.12 42.22
C GLU JA 80 15.55 10.48 41.20
N ASP JA 81 15.27 11.48 40.36
CA ASP JA 81 16.17 11.91 39.30
C ASP JA 81 17.42 12.59 39.86
N LEU JA 82 17.25 13.39 40.91
CA LEU JA 82 18.37 14.04 41.59
C LEU JA 82 19.24 13.03 42.35
N VAL JA 83 18.58 12.08 43.02
CA VAL JA 83 19.27 10.99 43.73
C VAL JA 83 20.06 10.14 42.74
N SER JA 84 19.46 9.87 41.57
CA SER JA 84 20.12 9.13 40.49
C SER JA 84 21.23 9.93 39.83
N GLN JA 85 21.36 11.21 40.20
CA GLN JA 85 22.34 12.10 39.60
C GLN JA 85 23.56 12.34 40.50
N GLY JA 86 23.33 12.44 41.81
CA GLY JA 86 24.43 12.66 42.75
C GLY JA 86 24.05 13.09 44.16
N PHE JA 87 22.94 13.81 44.29
CA PHE JA 87 22.48 14.32 45.60
C PHE JA 87 22.09 13.20 46.55
N THR JA 88 22.36 13.40 47.84
CA THR JA 88 22.03 12.40 48.87
C THR JA 88 20.55 12.42 49.19
N GLU JA 89 20.01 11.24 49.48
CA GLU JA 89 18.58 11.06 49.75
C GLU JA 89 18.06 11.99 50.84
N PHE JA 90 18.53 11.78 52.07
CA PHE JA 90 18.02 12.46 53.27
C PHE JA 90 18.27 13.98 53.29
N THR JA 91 19.01 14.47 52.30
CA THR JA 91 19.37 15.87 52.20
C THR JA 91 18.27 16.69 51.50
N ILE JA 92 17.76 16.16 50.39
CA ILE JA 92 16.74 16.84 49.58
C ILE JA 92 15.31 16.40 49.94
N GLU JA 93 15.18 15.71 51.08
CA GLU JA 93 13.90 15.17 51.56
C GLU JA 93 12.86 16.24 51.80
N ASP JA 94 13.14 17.10 52.77
CA ASP JA 94 12.16 18.04 53.32
C ASP JA 94 11.70 19.10 52.32
N PHE JA 95 12.60 19.51 51.43
CA PHE JA 95 12.31 20.52 50.42
C PHE JA 95 11.48 19.94 49.27
N HIS JA 96 11.60 18.64 49.05
CA HIS JA 96 10.71 17.91 48.14
C HIS JA 96 9.33 17.77 48.76
N ASN JA 97 9.30 17.50 50.06
CA ASN JA 97 8.05 17.40 50.82
C ASN JA 97 7.24 18.68 50.78
N THR JA 98 7.92 19.81 50.95
CA THR JA 98 7.30 21.13 50.88
C THR JA 98 6.80 21.43 49.47
N PHE JA 99 7.60 21.04 48.47
CA PHE JA 99 7.24 21.25 47.05
C PHE JA 99 6.03 20.41 46.64
N MET JA 100 6.00 19.16 47.08
CA MET JA 100 4.86 18.27 46.81
C MET JA 100 3.58 18.74 47.49
N ASP JA 101 3.73 19.41 48.63
CA ASP JA 101 2.58 19.92 49.39
C ASP JA 101 1.93 21.16 48.75
N LEU JA 102 2.68 21.87 47.92
CA LEU JA 102 2.15 23.05 47.22
C LEU JA 102 1.62 22.76 45.81
N ILE JA 103 1.67 21.49 45.41
CA ILE JA 103 0.93 21.01 44.24
C ILE JA 103 -0.34 20.31 44.75
N GLU JA 104 -0.25 19.80 45.98
CA GLU JA 104 -1.39 19.20 46.71
C GLU JA 104 -2.43 20.26 47.11
N GLN JA 105 -1.98 21.48 47.36
CA GLN JA 105 -2.84 22.59 47.73
C GLN JA 105 -3.57 23.21 46.54
N VAL JA 106 -3.00 23.02 45.35
CA VAL JA 106 -3.63 23.46 44.10
C VAL JA 106 -4.52 22.34 43.57
N GLU JA 107 -4.14 21.09 43.87
CA GLU JA 107 -4.94 19.90 43.56
C GLU JA 107 -6.23 19.90 44.37
N LYS JA 108 -6.13 20.29 45.64
CA LYS JA 108 -7.29 20.56 46.47
C LYS JA 108 -7.61 22.04 46.37
N GLN JA 109 -8.33 22.40 45.30
CA GLN JA 109 -8.58 23.80 44.90
C GLN JA 109 -8.81 24.79 46.04
N THR JA 110 -7.72 25.42 46.51
CA THR JA 110 -7.82 26.53 47.46
C THR JA 110 -7.69 27.83 46.69
N SER JA 111 -8.27 28.91 47.22
CA SER JA 111 -8.24 30.22 46.57
C SER JA 111 -6.82 30.83 46.54
N VAL JA 112 -6.70 31.96 45.82
CA VAL JA 112 -5.42 32.64 45.63
C VAL JA 112 -4.89 33.25 46.94
N ALA JA 113 -5.80 33.58 47.85
CA ALA JA 113 -5.46 34.14 49.16
C ALA JA 113 -4.87 33.10 50.12
N ASP JA 114 -5.25 31.83 49.92
CA ASP JA 114 -4.70 30.71 50.71
C ASP JA 114 -3.33 30.30 50.20
N LEU JA 115 -3.12 30.48 48.89
CA LEU JA 115 -1.83 30.21 48.25
C LEU JA 115 -0.79 31.27 48.64
N LEU JA 116 -1.27 32.49 48.91
CA LEU JA 116 -0.44 33.60 49.37
C LEU JA 116 -0.13 33.50 50.87
N ALA JA 117 -0.97 32.74 51.60
CA ALA JA 117 -0.80 32.52 53.03
C ALA JA 117 0.34 31.54 53.36
N SER JA 118 0.72 30.71 52.37
CA SER JA 118 1.85 29.80 52.51
C SER JA 118 3.12 30.32 51.82
N PHE JA 119 2.93 31.12 50.76
CA PHE JA 119 4.03 31.77 50.05
C PHE JA 119 4.62 32.97 50.79
N ASN JA 120 3.95 33.39 51.86
CA ASN JA 120 4.43 34.50 52.68
C ASN JA 120 4.89 34.02 54.05
N ASP JA 121 4.74 32.73 54.30
CA ASP JA 121 5.31 32.08 55.48
C ASP JA 121 6.79 31.82 55.22
N GLN JA 122 7.64 32.31 56.12
CA GLN JA 122 9.09 32.29 55.94
C GLN JA 122 9.69 30.90 55.69
N SER JA 123 9.30 29.93 56.51
CA SER JA 123 9.80 28.56 56.41
C SER JA 123 9.36 27.86 55.14
N THR JA 124 8.05 27.91 54.85
CA THR JA 124 7.48 27.29 53.66
C THR JA 124 8.09 27.87 52.38
N SER JA 125 8.08 29.21 52.29
CA SER JA 125 8.48 29.92 51.08
C SER JA 125 9.96 29.74 50.71
N ASP JA 126 10.82 29.61 51.72
CA ASP JA 126 12.24 29.36 51.48
C ASP JA 126 12.49 27.91 51.09
N TYR JA 127 11.79 26.99 51.77
CA TYR JA 127 11.90 25.56 51.51
C TYR JA 127 11.56 25.18 50.06
N LEU JA 128 10.62 25.91 49.47
CA LEU JA 128 10.30 25.76 48.06
C LEU JA 128 11.47 26.23 47.21
N VAL JA 129 11.93 27.44 47.50
CA VAL JA 129 13.03 28.08 46.75
C VAL JA 129 14.25 27.16 46.65
N VAL JA 130 14.63 26.55 47.77
CA VAL JA 130 15.75 25.61 47.82
C VAL JA 130 15.57 24.49 46.80
N TYR JA 131 14.40 23.84 46.82
CA TYR JA 131 14.14 22.74 45.90
C TYR JA 131 14.07 23.19 44.45
N LEU JA 132 13.60 24.42 44.22
CA LEU JA 132 13.62 25.02 42.88
C LEU JA 132 15.03 25.37 42.45
N ARG JA 133 15.85 25.79 43.41
CA ARG JA 133 17.28 26.04 43.19
C ARG JA 133 18.03 24.72 43.00
N LEU JA 134 17.44 23.62 43.48
CA LEU JA 134 18.02 22.29 43.32
C LEU JA 134 17.66 21.66 41.99
N LEU JA 135 16.49 22.04 41.46
CA LEU JA 135 16.05 21.59 40.14
C LEU JA 135 16.87 22.24 39.04
N THR JA 136 17.16 23.53 39.22
CA THR JA 136 18.06 24.28 38.33
C THR JA 136 19.49 23.74 38.42
N SER JA 137 19.99 23.60 39.66
CA SER JA 137 21.34 23.06 39.89
C SER JA 137 21.45 21.61 39.46
N GLY JA 138 20.34 20.90 39.48
CA GLY JA 138 20.28 19.51 39.03
C GLY JA 138 20.30 19.40 37.52
N TYR JA 139 19.52 20.24 36.85
CA TYR JA 139 19.45 20.23 35.40
C TYR JA 139 20.73 20.75 34.74
N LEU JA 140 21.34 21.77 35.33
CA LEU JA 140 22.57 22.35 34.79
C LEU JA 140 23.73 21.36 34.79
N GLN JA 141 23.81 20.51 35.81
CA GLN JA 141 24.85 19.49 35.91
C GLN JA 141 24.57 18.31 34.97
N ARG JA 142 23.30 17.98 34.77
CA ARG JA 142 22.91 16.95 33.81
C ARG JA 142 23.36 17.32 32.40
N GLU JA 143 23.08 18.56 32.01
CA GLU JA 143 23.43 19.05 30.68
C GLU JA 143 24.63 19.99 30.74
N SER JA 144 25.60 19.63 31.59
CA SER JA 144 26.79 20.45 31.82
C SER JA 144 27.63 20.69 30.57
N LYS JA 145 27.63 19.71 29.66
CA LYS JA 145 28.39 19.80 28.41
C LYS JA 145 27.88 20.92 27.50
N PHE JA 146 26.57 21.14 27.51
CA PHE JA 146 25.94 22.20 26.72
C PHE JA 146 26.13 23.59 27.34
N PHE JA 147 26.06 23.66 28.67
CA PHE JA 147 26.13 24.93 29.40
C PHE JA 147 27.55 25.44 29.68
N GLU JA 148 28.57 24.66 29.30
CA GLU JA 148 29.99 24.96 29.60
C GLU JA 148 30.44 26.38 29.22
N HIS JA 149 30.18 26.79 27.99
CA HIS JA 149 30.61 28.12 27.49
C HIS JA 149 29.65 29.26 27.85
N PHE JA 150 28.55 28.94 28.54
CA PHE JA 150 27.58 29.94 29.00
C PHE JA 150 27.93 30.51 30.40
N ILE JA 151 29.05 30.07 30.95
CA ILE JA 151 29.51 30.53 32.26
C ILE JA 151 30.78 31.38 32.10
N GLU JA 152 31.00 32.31 33.04
CA GLU JA 152 32.18 33.18 33.01
C GLU JA 152 33.08 33.00 34.25
N GLY JA 153 34.30 33.53 34.16
CA GLY JA 153 35.26 33.49 35.25
C GLY JA 153 36.16 32.26 35.25
N GLY JA 154 36.14 31.51 34.14
CA GLY JA 154 36.87 30.25 34.03
C GLY JA 154 36.23 29.15 34.88
N ARG JA 155 34.99 29.42 35.31
CA ARG JA 155 34.25 28.57 36.23
C ARG JA 155 33.71 27.33 35.53
N THR JA 156 33.42 26.28 36.29
CA THR JA 156 32.78 25.08 35.77
C THR JA 156 31.26 25.22 35.94
N VAL JA 157 30.53 24.21 35.51
CA VAL JA 157 29.08 24.21 35.66
C VAL JA 157 28.68 23.81 37.08
N LYS JA 158 29.34 22.79 37.65
CA LYS JA 158 29.14 22.39 39.04
C LYS JA 158 29.64 23.46 40.01
N GLU JA 159 30.63 24.23 39.56
CA GLU JA 159 31.26 25.27 40.35
C GLU JA 159 30.39 26.52 40.37
N PHE JA 160 29.68 26.76 39.27
CA PHE JA 160 28.70 27.84 39.19
C PHE JA 160 27.45 27.48 39.99
N CYS JA 161 27.10 26.19 39.96
CA CYS JA 161 25.94 25.67 40.68
C CYS JA 161 26.09 25.81 42.19
N GLN JA 162 27.26 25.46 42.71
CA GLN JA 162 27.53 25.56 44.14
C GLN JA 162 27.81 26.99 44.59
N GLN JA 163 27.95 27.89 43.63
CA GLN JA 163 28.31 29.27 43.91
C GLN JA 163 27.13 30.23 43.81
N GLU JA 164 26.34 30.08 42.75
CA GLU JA 164 25.29 31.04 42.42
C GLU JA 164 23.89 30.44 42.41
N VAL JA 165 23.79 29.12 42.20
CA VAL JA 165 22.51 28.46 42.05
C VAL JA 165 21.99 27.88 43.36
N GLU JA 166 22.79 27.03 44.00
CA GLU JA 166 22.39 26.30 45.21
C GLU JA 166 22.21 27.14 46.49
N PRO JA 167 23.13 28.09 46.77
CA PRO JA 167 23.00 28.84 48.02
C PRO JA 167 21.89 29.90 48.00
N MET JA 168 21.43 30.26 49.20
CA MET JA 168 20.37 31.25 49.35
C MET JA 168 20.85 32.68 49.12
N CYS JA 169 19.94 33.54 48.67
CA CYS JA 169 20.19 34.97 48.48
C CYS JA 169 21.23 35.31 47.39
N LYS JA 170 21.20 34.56 46.29
CA LYS JA 170 22.07 34.82 45.13
C LYS JA 170 21.24 35.00 43.86
N GLU JA 171 21.49 36.10 43.15
CA GLU JA 171 20.65 36.53 42.01
C GLU JA 171 20.60 35.56 40.82
N SER JA 172 19.62 35.77 39.96
CA SER JA 172 19.36 34.89 38.81
C SER JA 172 19.44 35.62 37.47
N ASP JA 173 19.97 34.93 36.46
CA ASP JA 173 19.95 35.42 35.07
C ASP JA 173 19.56 34.32 34.08
N HIS JA 174 19.81 34.55 32.79
CA HIS JA 174 19.38 33.64 31.72
C HIS JA 174 19.87 32.19 31.85
N ILE JA 175 20.94 31.98 32.60
CA ILE JA 175 21.45 30.63 32.86
C ILE JA 175 20.56 29.90 33.86
N HIS JA 176 19.97 30.66 34.79
CA HIS JA 176 19.02 30.13 35.76
C HIS JA 176 17.65 29.88 35.10
N ILE JA 177 17.24 30.81 34.23
CA ILE JA 177 15.91 30.77 33.59
C ILE JA 177 15.75 29.62 32.60
N ILE JA 178 16.68 29.51 31.64
CA ILE JA 178 16.65 28.45 30.62
C ILE JA 178 16.64 27.06 31.29
N ALA JA 179 17.37 26.94 32.40
CA ALA JA 179 17.50 25.69 33.14
C ALA JA 179 16.18 25.24 33.78
N LEU JA 180 15.56 26.13 34.56
CA LEU JA 180 14.30 25.82 35.24
C LEU JA 180 13.13 25.66 34.26
N ALA JA 181 13.25 26.33 33.11
CA ALA JA 181 12.25 26.24 32.05
C ALA JA 181 12.16 24.84 31.43
N GLN JA 182 13.31 24.17 31.33
CA GLN JA 182 13.38 22.88 30.67
C GLN JA 182 13.39 21.70 31.66
N ALA JA 183 13.70 22.01 32.92
CA ALA JA 183 13.68 21.03 34.01
C ALA JA 183 12.26 20.66 34.43
N LEU JA 184 11.33 21.59 34.25
CA LEU JA 184 9.93 21.38 34.61
C LEU JA 184 8.99 21.50 33.40
N SER JA 185 9.59 21.61 32.21
CA SER JA 185 8.86 21.70 30.94
C SER JA 185 7.81 22.81 30.90
N VAL JA 186 8.19 24.00 31.38
CA VAL JA 186 7.31 25.17 31.40
C VAL JA 186 8.00 26.43 30.89
N SER JA 187 7.48 26.99 29.80
CA SER JA 187 8.09 28.14 29.12
C SER JA 187 7.84 29.47 29.84
N ILE JA 188 8.79 30.39 29.69
CA ILE JA 188 8.75 31.70 30.33
C ILE JA 188 9.07 32.83 29.33
N GLN JA 189 8.59 34.04 29.63
CA GLN JA 189 8.99 35.24 28.91
C GLN JA 189 9.38 36.34 29.90
N VAL JA 190 10.58 36.89 29.72
CA VAL JA 190 11.11 37.94 30.60
C VAL JA 190 11.16 39.28 29.87
N GLU JA 191 10.60 40.32 30.50
CA GLU JA 191 10.53 41.65 29.89
C GLU JA 191 11.63 42.58 30.43
N THR JA 201 10.82 47.24 26.43
CA THR JA 201 11.86 46.32 26.87
C THR JA 201 11.83 44.99 26.09
N ASN JA 202 13.00 44.36 25.97
CA ASN JA 202 13.19 43.15 25.15
C ASN JA 202 12.32 41.96 25.59
N PRO JA 203 11.57 41.36 24.64
CA PRO JA 203 10.73 40.20 24.95
C PRO JA 203 11.45 38.87 24.67
N HIS JA 204 12.24 38.41 25.65
CA HIS JA 204 13.00 37.16 25.50
C HIS JA 204 12.17 35.93 25.85
N ILE JA 205 12.21 34.93 24.98
CA ILE JA 205 11.47 33.69 25.16
C ILE JA 205 12.39 32.56 25.60
N PHE JA 206 11.99 31.83 26.65
CA PHE JA 206 12.78 30.73 27.21
C PHE JA 206 11.93 29.47 27.49
N PRO JA 207 12.20 28.34 26.80
CA PRO JA 207 13.15 28.19 25.71
C PRO JA 207 12.59 28.74 24.39
N GLU JA 208 13.44 28.80 23.37
CA GLU JA 208 13.07 29.43 22.10
C GLU JA 208 12.09 28.56 21.29
N GLY JA 209 11.01 29.18 20.85
CA GLY JA 209 9.98 28.49 20.05
C GLY JA 209 8.71 28.19 20.83
N SER JA 210 8.85 27.68 22.05
CA SER JA 210 7.72 27.26 22.87
C SER JA 210 6.93 28.44 23.44
N GLU JA 211 5.60 28.35 23.34
CA GLU JA 211 4.71 29.39 23.87
C GLU JA 211 4.75 29.47 25.40
N PRO JA 212 4.85 30.70 25.94
CA PRO JA 212 5.10 30.90 27.36
C PRO JA 212 3.86 30.70 28.23
N LYS JA 213 4.10 30.40 29.51
CA LYS JA 213 3.04 30.26 30.49
C LYS JA 213 3.27 31.16 31.70
N VAL JA 214 4.55 31.46 31.97
CA VAL JA 214 4.93 32.34 33.07
C VAL JA 214 5.44 33.65 32.48
N TYR JA 215 4.79 34.76 32.84
CA TYR JA 215 5.18 36.08 32.37
C TYR JA 215 5.91 36.84 33.47
N LEU JA 216 7.07 37.39 33.15
CA LEU JA 216 7.92 38.07 34.12
C LEU JA 216 8.54 39.37 33.59
N LEU JA 217 8.78 40.31 34.50
CA LEU JA 217 9.45 41.57 34.20
C LEU JA 217 10.75 41.67 35.02
N TYR JA 218 11.82 42.12 34.37
CA TYR JA 218 13.11 42.25 35.03
C TYR JA 218 13.58 43.70 35.13
N ARG JA 219 13.78 44.16 36.36
CA ARG JA 219 14.37 45.45 36.66
C ARG JA 219 15.56 45.21 37.61
N PRO JA 220 16.67 45.96 37.43
CA PRO JA 220 17.95 45.76 38.14
C PRO JA 220 17.83 45.16 39.55
N GLY JA 221 17.89 43.84 39.64
CA GLY JA 221 17.85 43.12 40.92
C GLY JA 221 16.50 42.56 41.34
N HIS JA 222 15.46 42.81 40.54
CA HIS JA 222 14.09 42.38 40.85
C HIS JA 222 13.45 41.57 39.73
N TYR JA 223 12.58 40.64 40.12
CA TYR JA 223 11.74 39.89 39.17
C TYR JA 223 10.28 39.98 39.60
N ASP JA 224 9.41 40.37 38.67
CA ASP JA 224 7.98 40.56 38.95
C ASP JA 224 7.07 39.83 37.96
N ILE JA 225 5.93 39.35 38.47
CA ILE JA 225 4.94 38.62 37.68
C ILE JA 225 4.08 39.57 36.82
N LEU JA 226 3.78 39.15 35.59
CA LEU JA 226 2.90 39.89 34.67
C LEU JA 226 1.67 39.05 34.27
N TYR JA 227 0.61 39.71 33.82
CA TYR JA 227 -0.65 39.03 33.48
C TYR JA 227 -1.19 39.45 32.11
N GLY KA 1 13.35 23.63 74.07
CA GLY KA 1 14.45 24.57 73.88
C GLY KA 1 15.65 23.95 73.21
N VAL KA 2 16.39 24.76 72.46
CA VAL KA 2 17.61 24.33 71.79
C VAL KA 2 18.83 25.00 72.47
N LYS KA 3 19.49 24.23 73.33
CA LYS KA 3 20.63 24.73 74.12
C LYS KA 3 21.83 25.04 73.25
N VAL KA 4 22.50 26.13 73.59
CA VAL KA 4 23.70 26.57 72.88
C VAL KA 4 24.93 26.18 73.70
N PRO KA 5 25.95 25.59 73.05
CA PRO KA 5 27.19 25.22 73.73
C PRO KA 5 27.96 26.45 74.17
N ARG KA 6 28.64 26.34 75.31
CA ARG KA 6 29.38 27.44 75.91
C ARG KA 6 30.20 28.24 74.90
N ASN KA 7 31.07 27.53 74.18
CA ASN KA 7 32.13 28.14 73.38
C ASN KA 7 31.67 28.92 72.16
N PHE KA 8 30.52 28.52 71.60
CA PHE KA 8 29.98 29.20 70.43
C PHE KA 8 29.22 30.45 70.80
N ARG KA 9 28.42 30.36 71.87
CA ARG KA 9 27.63 31.50 72.33
C ARG KA 9 28.53 32.61 72.87
N LEU KA 10 29.70 32.25 73.38
CA LEU KA 10 30.71 33.22 73.78
C LEU KA 10 31.32 33.93 72.56
N LEU KA 11 31.49 33.19 71.47
CA LEU KA 11 32.02 33.77 70.23
C LEU KA 11 31.06 34.79 69.67
N GLU KA 12 29.77 34.49 69.76
CA GLU KA 12 28.73 35.43 69.33
C GLU KA 12 28.80 36.71 70.14
N GLU KA 13 29.04 36.58 71.44
CA GLU KA 13 29.14 37.73 72.33
C GLU KA 13 30.36 38.58 72.01
N LEU KA 14 31.45 37.92 71.62
CA LEU KA 14 32.71 38.60 71.30
C LEU KA 14 32.61 39.48 70.05
N GLU KA 15 32.11 38.89 68.96
CA GLU KA 15 31.93 39.62 67.71
C GLU KA 15 30.84 40.69 67.83
N GLU KA 16 29.89 40.48 68.74
CA GLU KA 16 28.86 41.46 69.03
C GLU KA 16 29.40 42.60 69.90
N GLY KA 17 30.32 42.25 70.80
CA GLY KA 17 31.04 43.25 71.59
C GLY KA 17 32.05 44.01 70.74
N GLN KA 18 32.38 43.44 69.59
CA GLN KA 18 33.31 44.07 68.65
C GLN KA 18 32.67 45.20 67.87
N LYS KA 19 31.45 44.99 67.39
CA LYS KA 19 30.70 46.04 66.69
C LYS KA 19 30.13 47.08 67.66
N GLY KA 20 29.95 46.68 68.92
CA GLY KA 20 29.48 47.57 69.98
C GLY KA 20 27.98 47.83 69.91
N VAL KA 21 27.32 47.78 71.06
CA VAL KA 21 25.87 47.98 71.12
C VAL KA 21 25.48 49.39 71.52
N GLY KA 22 24.41 49.88 70.92
CA GLY KA 22 23.82 51.18 71.27
C GLY KA 22 24.70 52.36 71.01
N ASP KA 23 24.66 53.34 71.92
CA ASP KA 23 25.43 54.57 71.82
C ASP KA 23 26.89 54.42 72.23
N GLY KA 24 27.20 53.31 72.90
CA GLY KA 24 28.57 53.01 73.35
C GLY KA 24 28.73 53.16 74.85
N THR KA 25 27.61 53.06 75.57
CA THR KA 25 27.58 53.22 77.03
C THR KA 25 27.93 51.93 77.78
N VAL KA 26 27.59 50.79 77.18
CA VAL KA 26 28.08 49.48 77.65
C VAL KA 26 28.88 48.77 76.58
N SER KA 27 29.95 48.11 77.01
CA SER KA 27 30.90 47.47 76.10
C SER KA 27 31.59 46.35 76.84
N TRP KA 28 32.05 45.34 76.09
CA TRP KA 28 32.73 44.19 76.67
C TRP KA 28 33.65 43.50 75.66
N GLY KA 29 34.83 43.11 76.13
CA GLY KA 29 35.77 42.35 75.32
C GLY KA 29 36.48 41.30 76.15
N LEU KA 30 37.39 40.57 75.53
CA LEU KA 30 38.24 39.62 76.23
C LEU KA 30 39.39 40.33 76.95
N GLU KA 31 39.92 39.67 77.97
CA GLU KA 31 41.09 40.20 78.68
C GLU KA 31 42.34 39.98 77.83
N ASP KA 32 42.40 38.82 77.17
CA ASP KA 32 43.45 38.51 76.19
C ASP KA 32 42.85 38.02 74.87
N ASP KA 33 43.29 38.62 73.78
CA ASP KA 33 42.72 38.38 72.44
C ASP KA 33 43.19 37.06 71.82
N GLU KA 34 44.17 36.44 72.48
CA GLU KA 34 44.76 35.19 72.02
C GLU KA 34 44.43 34.02 72.95
N ASP KA 35 43.75 34.33 74.07
CA ASP KA 35 43.23 33.33 74.99
C ASP KA 35 42.10 32.57 74.32
N MET KA 36 42.26 31.26 74.19
CA MET KA 36 41.30 30.45 73.46
C MET KA 36 40.16 29.88 74.31
N THR KA 37 40.29 30.00 75.63
CA THR KA 37 39.29 29.49 76.56
C THR KA 37 38.08 30.43 76.68
N LEU KA 38 38.26 31.66 76.23
CA LEU KA 38 37.24 32.72 76.33
C LEU KA 38 36.65 32.79 77.73
N THR KA 39 37.52 32.96 78.73
CA THR KA 39 37.08 32.93 80.11
C THR KA 39 37.10 34.31 80.76
N ARG KA 40 38.24 34.99 80.69
CA ARG KA 40 38.41 36.30 81.31
C ARG KA 40 37.99 37.43 80.39
N TRP KA 41 36.98 38.16 80.84
CA TRP KA 41 36.44 39.29 80.08
C TRP KA 41 36.59 40.58 80.85
N THR KA 42 36.65 41.69 80.13
CA THR KA 42 36.56 43.01 80.72
C THR KA 42 35.37 43.74 80.09
N GLY KA 43 34.45 44.19 80.94
CA GLY KA 43 33.39 45.07 80.51
C GLY KA 43 33.72 46.51 80.86
N MET KA 44 33.00 47.45 80.26
CA MET KA 44 33.11 48.85 80.67
C MET KA 44 31.74 49.53 80.63
N ILE KA 45 31.44 50.30 81.68
CA ILE KA 45 30.14 50.97 81.81
C ILE KA 45 30.30 52.48 82.01
N ILE KA 46 29.65 53.27 81.15
CA ILE KA 46 29.65 54.73 81.27
C ILE KA 46 28.54 55.17 82.20
N GLY KA 47 28.89 56.02 83.17
CA GLY KA 47 27.93 56.54 84.15
C GLY KA 47 26.76 57.23 83.47
N PRO KA 48 25.52 56.80 83.80
CA PRO KA 48 24.32 57.27 83.10
C PRO KA 48 23.95 58.71 83.43
N PRO KA 49 23.44 59.45 82.43
CA PRO KA 49 23.03 60.84 82.66
C PRO KA 49 21.91 60.91 83.68
N ARG KA 50 21.86 62.03 84.42
CA ARG KA 50 20.84 62.30 85.43
C ARG KA 50 21.05 61.49 86.72
N THR KA 51 22.30 61.13 86.99
CA THR KA 51 22.67 60.50 88.27
C THR KA 51 23.96 61.07 88.84
N ASN KA 52 24.41 60.48 89.94
CA ASN KA 52 25.67 60.83 90.58
C ASN KA 52 26.86 60.13 89.93
N TYR KA 53 26.58 59.04 89.21
CA TYR KA 53 27.59 58.23 88.53
C TYR KA 53 28.05 58.87 87.22
N GLU KA 54 27.29 59.85 86.75
CA GLU KA 54 27.44 60.45 85.42
C GLU KA 54 28.89 60.61 84.92
N ASN KA 55 29.11 60.17 83.69
CA ASN KA 55 30.36 60.38 82.93
C ASN KA 55 31.64 59.69 83.41
N ARG KA 56 31.54 58.93 84.50
CA ARG KA 56 32.68 58.16 84.98
C ARG KA 56 32.71 56.82 84.23
N ILE KA 57 33.88 56.45 83.72
CA ILE KA 57 34.03 55.18 83.01
C ILE KA 57 34.35 54.09 84.03
N TYR KA 58 33.55 53.02 84.02
CA TYR KA 58 33.73 51.93 84.97
C TYR KA 58 34.21 50.67 84.27
N SER KA 59 35.38 50.20 84.67
CA SER KA 59 35.89 48.95 84.13
C SER KA 59 35.56 47.80 85.06
N LEU KA 60 35.16 46.68 84.46
CA LEU KA 60 34.74 45.49 85.21
C LEU KA 60 35.40 44.25 84.65
N LYS KA 61 35.63 43.26 85.50
CA LYS KA 61 36.20 41.99 85.07
C LYS KA 61 35.19 40.86 85.26
N VAL KA 62 34.85 40.19 84.17
CA VAL KA 62 33.89 39.10 84.23
C VAL KA 62 34.62 37.76 84.11
N GLU KA 63 33.97 36.71 84.62
CA GLU KA 63 34.55 35.38 84.63
C GLU KA 63 33.45 34.38 84.24
N CYS KA 64 33.76 33.48 83.30
CA CYS KA 64 32.76 32.55 82.79
C CYS KA 64 33.22 31.10 82.89
N GLY KA 65 32.55 30.33 83.76
CA GLY KA 65 32.91 28.93 84.03
C GLY KA 65 32.60 27.97 82.89
N PRO KA 66 32.91 26.67 83.09
CA PRO KA 66 32.72 25.64 82.07
C PRO KA 66 31.27 25.41 81.63
N LYS KA 67 30.30 25.73 82.50
CA LYS KA 67 28.88 25.47 82.23
C LYS KA 67 28.02 26.72 81.98
N TYR KA 68 28.67 27.80 81.57
CA TYR KA 68 28.03 28.97 81.00
C TYR KA 68 27.34 28.52 79.70
N PRO KA 69 26.13 29.05 79.40
CA PRO KA 69 25.38 30.08 80.10
C PRO KA 69 24.28 29.54 81.04
N GLU KA 70 24.37 28.28 81.44
CA GLU KA 70 23.42 27.71 82.40
C GLU KA 70 23.62 28.29 83.81
N ALA KA 71 24.88 28.47 84.20
CA ALA KA 71 25.26 29.09 85.46
C ALA KA 71 25.71 30.54 85.23
N PRO KA 72 25.38 31.46 86.18
CA PRO KA 72 25.70 32.89 86.01
C PRO KA 72 27.21 33.18 85.99
N PRO KA 73 27.62 34.28 85.34
CA PRO KA 73 29.05 34.64 85.33
C PRO KA 73 29.47 35.50 86.52
N SER KA 74 30.68 35.28 87.02
CA SER KA 74 31.22 36.07 88.13
C SER KA 74 31.61 37.43 87.58
N VAL KA 75 31.10 38.49 88.22
CA VAL KA 75 31.41 39.85 87.77
C VAL KA 75 32.04 40.72 88.86
N ARG KA 76 33.36 40.85 88.80
CA ARG KA 76 34.06 41.74 89.69
C ARG KA 76 34.05 43.14 89.11
N PHE KA 77 33.95 44.14 89.98
CA PHE KA 77 34.13 45.52 89.60
C PHE KA 77 35.61 45.79 89.84
N VAL KA 78 36.27 46.41 88.87
CA VAL KA 78 37.68 46.78 89.06
C VAL KA 78 37.75 48.20 89.61
N THR KA 79 37.20 49.16 88.87
CA THR KA 79 37.09 50.54 89.34
C THR KA 79 36.12 50.55 90.51
N LYS KA 80 36.56 51.06 91.67
CA LYS KA 80 35.72 51.06 92.87
C LYS KA 80 34.67 52.16 92.82
N ILE KA 81 33.46 51.81 93.27
CA ILE KA 81 32.34 52.74 93.34
C ILE KA 81 31.25 52.23 94.28
N ASN KA 82 30.61 53.14 95.01
CA ASN KA 82 29.57 52.80 95.97
C ASN KA 82 28.20 52.62 95.30
N MET KA 83 27.62 51.44 95.52
CA MET KA 83 26.39 51.02 94.86
C MET KA 83 25.82 49.82 95.61
N ASN KA 84 24.49 49.73 95.69
CA ASN KA 84 23.83 48.59 96.30
C ASN KA 84 24.19 47.29 95.60
N GLY KA 85 24.79 46.38 96.37
CA GLY KA 85 25.24 45.10 95.83
C GLY KA 85 26.75 45.03 95.71
N ILE KA 86 27.37 46.15 95.37
CA ILE KA 86 28.82 46.20 95.15
C ILE KA 86 29.61 46.20 96.45
N ASN KA 87 30.11 45.01 96.79
CA ASN KA 87 31.04 44.79 97.88
C ASN KA 87 32.21 45.77 97.80
N ASN KA 88 32.51 46.43 98.91
CA ASN KA 88 33.50 47.50 98.94
C ASN KA 88 34.94 47.03 99.15
N SER KA 89 35.13 45.72 99.29
CA SER KA 89 36.46 45.13 99.47
C SER KA 89 37.03 44.57 98.18
N SER KA 90 36.29 43.67 97.52
CA SER KA 90 36.77 42.95 96.35
C SER KA 90 36.12 43.41 95.04
N GLY KA 91 35.04 44.17 95.15
CA GLY KA 91 34.27 44.63 94.00
C GLY KA 91 33.25 43.60 93.57
N MET KA 92 33.22 42.48 94.29
CA MET KA 92 32.36 41.35 93.96
C MET KA 92 30.87 41.60 94.23
N VAL KA 93 30.13 41.76 93.14
CA VAL KA 93 28.70 41.95 93.16
C VAL KA 93 27.99 40.74 93.77
N ASP KA 94 27.01 40.97 94.65
CA ASP KA 94 26.16 39.90 95.15
C ASP KA 94 25.23 39.47 94.02
N ALA KA 95 25.31 38.20 93.63
CA ALA KA 95 24.45 37.64 92.58
C ALA KA 95 22.96 37.75 92.92
N ARG KA 96 22.65 37.57 94.20
CA ARG KA 96 21.29 37.70 94.71
C ARG KA 96 20.81 39.16 94.75
N SER KA 97 21.74 40.09 94.80
CA SER KA 97 21.41 41.53 94.87
C SER KA 97 20.98 42.11 93.51
N ILE KA 98 21.45 41.51 92.42
CA ILE KA 98 21.10 41.93 91.06
C ILE KA 98 19.94 41.07 90.50
N PRO KA 99 18.86 41.73 90.03
CA PRO KA 99 17.63 41.05 89.58
C PRO KA 99 17.76 40.32 88.24
N VAL KA 100 18.98 40.04 87.80
CA VAL KA 100 19.19 39.04 86.76
C VAL KA 100 19.96 37.85 87.33
N LEU KA 101 21.20 38.07 87.75
CA LEU KA 101 22.05 37.02 88.32
C LEU KA 101 21.30 36.11 89.32
N ALA KA 102 20.54 36.72 90.22
CA ALA KA 102 19.59 35.99 91.06
C ALA KA 102 18.36 35.68 90.23
N LYS KA 103 18.06 34.39 90.10
CA LYS KA 103 17.03 33.89 89.18
C LYS KA 103 17.26 34.41 87.76
N TRP KA 104 18.10 33.70 87.02
CA TRP KA 104 18.46 34.10 85.68
C TRP KA 104 18.32 32.94 84.70
N GLN KA 105 18.30 33.27 83.41
CA GLN KA 105 18.07 32.30 82.36
C GLN KA 105 19.32 32.14 81.50
N ASN KA 106 19.43 30.99 80.86
CA ASN KA 106 20.49 30.72 79.90
C ASN KA 106 20.37 31.60 78.63
N SER KA 107 19.31 32.40 78.59
CA SER KA 107 19.05 33.34 77.50
C SER KA 107 19.77 34.68 77.69
N TYR KA 108 20.23 34.95 78.91
CA TYR KA 108 20.90 36.21 79.23
C TYR KA 108 22.40 36.20 78.91
N SER KA 109 22.93 37.35 78.53
CA SER KA 109 24.33 37.49 78.15
C SER KA 109 25.05 38.52 79.01
N ILE KA 110 26.38 38.58 78.87
CA ILE KA 110 27.23 39.59 79.52
C ILE KA 110 26.66 41.00 79.33
N LYS KA 111 26.14 41.25 78.13
CA LYS KA 111 25.40 42.46 77.82
C LYS KA 111 24.31 42.67 78.88
N VAL KA 112 23.27 41.82 78.86
CA VAL KA 112 22.16 41.88 79.80
C VAL KA 112 22.65 42.20 81.22
N VAL KA 113 23.77 41.59 81.61
CA VAL KA 113 24.36 41.81 82.91
C VAL KA 113 24.88 43.23 83.03
N LEU KA 114 25.76 43.63 82.10
CA LEU KA 114 26.35 44.98 82.11
C LEU KA 114 25.32 46.11 82.01
N GLN KA 115 24.20 45.83 81.32
CA GLN KA 115 23.10 46.79 81.19
C GLN KA 115 22.30 46.87 82.49
N GLU KA 116 22.13 45.72 83.16
CA GLU KA 116 21.40 45.67 84.42
C GLU KA 116 22.12 46.50 85.46
N LEU KA 117 23.45 46.37 85.46
CA LEU KA 117 24.30 47.20 86.30
C LEU KA 117 24.06 48.68 86.03
N ARG KA 118 24.02 49.06 84.76
CA ARG KA 118 23.77 50.44 84.35
C ARG KA 118 22.34 50.93 84.65
N ARG KA 119 21.36 50.03 84.53
CA ARG KA 119 19.97 50.42 84.72
C ARG KA 119 19.63 50.64 86.19
N LEU KA 120 20.14 49.78 87.08
CA LEU KA 120 19.96 50.00 88.51
C LEU KA 120 20.99 50.99 89.06
N MET KA 121 21.66 51.68 88.15
CA MET KA 121 22.54 52.80 88.48
C MET KA 121 21.72 54.04 88.83
N MET KA 122 20.45 54.04 88.43
CA MET KA 122 19.52 55.14 88.73
C MET KA 122 18.31 54.75 89.58
N SER KA 123 18.43 53.63 90.31
CA SER KA 123 17.44 53.27 91.32
C SER KA 123 17.46 54.30 92.44
N LYS KA 124 16.33 54.47 93.12
CA LYS KA 124 16.15 55.56 94.09
C LYS KA 124 17.30 55.73 95.07
N GLU KA 125 17.89 54.60 95.50
CA GLU KA 125 18.95 54.62 96.52
C GLU KA 125 20.35 54.85 95.95
N ASN KA 126 20.61 54.34 94.75
CA ASN KA 126 21.93 54.44 94.13
C ASN KA 126 22.22 55.80 93.50
N MET KA 127 21.19 56.38 92.90
CA MET KA 127 21.32 57.61 92.09
C MET KA 127 21.89 58.82 92.84
N LYS KA 128 21.75 58.83 94.16
CA LYS KA 128 22.24 59.94 94.98
C LYS KA 128 23.61 59.70 95.63
N LEU KA 129 23.93 58.43 95.90
CA LEU KA 129 25.15 58.04 96.63
C LEU KA 129 26.41 58.81 96.23
N PRO KA 130 27.09 59.47 97.20
CA PRO KA 130 28.32 60.22 96.89
C PRO KA 130 29.51 59.29 96.66
N GLN KA 131 30.12 59.38 95.48
CA GLN KA 131 31.13 58.42 95.03
C GLN KA 131 32.57 58.84 95.41
N PRO KA 132 33.49 57.86 95.54
CA PRO KA 132 34.92 58.13 95.74
C PRO KA 132 35.56 58.82 94.51
N PRO KA 133 36.76 59.44 94.68
CA PRO KA 133 37.44 60.07 93.55
C PRO KA 133 37.70 59.10 92.37
N GLU KA 134 37.94 59.66 91.18
CA GLU KA 134 38.18 58.87 89.98
C GLU KA 134 39.61 58.32 89.93
N GLY KA 135 39.74 57.09 89.42
CA GLY KA 135 41.05 56.44 89.28
C GLY KA 135 41.26 55.28 90.25
N GLN KA 136 40.58 55.34 91.40
CA GLN KA 136 40.70 54.33 92.46
C GLN KA 136 40.10 52.97 92.08
N THR KA 137 40.87 51.92 92.29
CA THR KA 137 40.42 50.54 92.06
C THR KA 137 40.72 49.67 93.29
N TYR KA 138 39.99 48.56 93.44
CA TYR KA 138 40.20 47.63 94.55
C TYR KA 138 41.60 47.01 94.55
N LEU LA 2 13.45 17.13 66.42
CA LEU LA 2 14.67 17.05 65.57
C LEU LA 2 14.27 16.65 64.14
N PRO LA 3 14.87 17.30 63.13
CA PRO LA 3 14.61 16.90 61.75
C PRO LA 3 15.36 15.61 61.42
N ARG LA 4 14.66 14.69 60.75
CA ARG LA 4 15.23 13.44 60.23
C ARG LA 4 16.60 13.68 59.56
N ARG LA 5 16.78 14.88 59.03
CA ARG LA 5 18.04 15.34 58.45
C ARG LA 5 19.22 15.27 59.44
N ILE LA 6 18.96 15.51 60.71
CA ILE LA 6 20.03 15.51 61.73
C ILE LA 6 20.36 14.10 62.23
N ILE LA 7 19.33 13.28 62.45
CA ILE LA 7 19.50 11.90 62.87
C ILE LA 7 20.24 11.10 61.79
N LYS LA 8 19.86 11.31 60.54
CA LYS LA 8 20.43 10.57 59.42
C LYS LA 8 21.87 10.99 59.08
N GLU LA 9 22.17 12.28 59.21
CA GLU LA 9 23.52 12.79 58.97
C GLU LA 9 24.52 12.30 60.02
N THR LA 10 24.06 12.13 61.25
CA THR LA 10 24.86 11.55 62.32
C THR LA 10 25.02 10.04 62.10
N GLN LA 11 23.99 9.41 61.53
CA GLN LA 11 24.02 7.99 61.18
C GLN LA 11 25.04 7.75 60.07
N ARG LA 12 25.02 8.60 59.05
CA ARG LA 12 25.97 8.54 57.93
C ARG LA 12 27.41 8.84 58.37
N LEU LA 13 27.56 9.79 59.29
CA LEU LA 13 28.88 10.21 59.76
C LEU LA 13 29.64 9.08 60.46
N LEU LA 14 28.94 8.33 61.30
CA LEU LA 14 29.53 7.19 61.99
C LEU LA 14 29.66 5.97 61.09
N ALA LA 15 28.73 5.84 60.13
CA ALA LA 15 28.74 4.74 59.17
C ALA LA 15 29.90 4.85 58.18
N GLU LA 16 30.18 6.07 57.71
CA GLU LA 16 31.27 6.32 56.77
C GLU LA 16 32.29 7.28 57.39
N PRO LA 17 33.28 6.74 58.12
CA PRO LA 17 34.29 7.60 58.75
C PRO LA 17 35.32 8.11 57.75
N VAL LA 18 35.56 9.41 57.78
CA VAL LA 18 36.56 10.03 56.92
C VAL LA 18 37.94 9.83 57.57
N PRO LA 19 38.85 9.09 56.89
CA PRO LA 19 40.17 8.74 57.43
C PRO LA 19 40.98 9.95 57.90
N GLY LA 20 41.32 9.96 59.18
CA GLY LA 20 42.05 11.07 59.80
C GLY LA 20 41.15 12.07 60.50
N ILE LA 21 39.88 11.74 60.63
CA ILE LA 21 38.92 12.58 61.35
C ILE LA 21 38.00 11.74 62.23
N LYS LA 22 38.07 11.93 63.54
CA LYS LA 22 37.07 11.36 64.45
C LYS LA 22 36.03 12.41 64.78
N ALA LA 23 34.77 12.14 64.40
CA ALA LA 23 33.66 13.04 64.69
C ALA LA 23 32.60 12.30 65.50
N GLU LA 24 32.25 12.85 66.66
CA GLU LA 24 31.35 12.19 67.60
C GLU LA 24 30.36 13.16 68.24
N PRO LA 25 29.06 12.90 68.08
CA PRO LA 25 28.05 13.73 68.75
C PRO LA 25 28.10 13.50 70.25
N ASP LA 26 27.95 14.58 71.02
CA ASP LA 26 27.79 14.48 72.45
C ASP LA 26 26.41 13.87 72.74
N GLU LA 27 26.33 12.92 73.67
CA GLU LA 27 25.07 12.23 73.92
C GLU LA 27 24.03 13.12 74.62
N SER LA 28 24.50 14.20 75.24
CA SER LA 28 23.62 15.18 75.90
C SER LA 28 23.13 16.27 74.95
N ASN LA 29 23.99 16.73 74.06
CA ASN LA 29 23.63 17.73 73.04
C ASN LA 29 23.94 17.19 71.65
N ALA LA 30 22.93 16.60 70.99
CA ALA LA 30 23.10 15.96 69.69
C ALA LA 30 23.52 16.90 68.56
N ARG LA 31 23.42 18.20 68.81
CA ARG LA 31 23.82 19.21 67.83
C ARG LA 31 25.30 19.58 67.95
N TYR LA 32 25.90 19.23 69.10
CA TYR LA 32 27.29 19.57 69.40
C TYR LA 32 28.23 18.40 69.13
N PHE LA 33 29.24 18.63 68.31
CA PHE LA 33 30.12 17.57 67.83
C PHE LA 33 31.57 17.80 68.24
N HIS LA 34 32.24 16.72 68.66
CA HIS LA 34 33.68 16.75 68.95
C HIS LA 34 34.44 16.20 67.74
N VAL LA 35 35.07 17.10 66.99
CA VAL LA 35 35.84 16.73 65.81
C VAL LA 35 37.32 16.70 66.15
N VAL LA 36 37.99 15.61 65.78
CA VAL LA 36 39.44 15.49 65.93
C VAL LA 36 40.02 15.22 64.56
N ILE LA 37 40.92 16.10 64.12
CA ILE LA 37 41.55 16.00 62.80
C ILE LA 37 43.05 15.81 62.93
N ALA LA 38 43.55 14.69 62.38
CA ALA LA 38 44.97 14.38 62.39
C ALA LA 38 45.65 15.11 61.25
N GLY LA 39 46.65 15.92 61.59
CA GLY LA 39 47.41 16.70 60.61
C GLY LA 39 47.79 15.83 59.43
N PRO LA 40 47.34 16.23 58.22
CA PRO LA 40 47.63 15.51 56.98
C PRO LA 40 49.13 15.31 56.77
N GLN LA 41 49.50 14.15 56.22
CA GLN LA 41 50.89 13.86 55.90
C GLN LA 41 51.44 14.86 54.89
N ASP LA 42 52.77 14.95 54.83
CA ASP LA 42 53.49 15.82 53.89
C ASP LA 42 53.14 17.32 54.04
N SER LA 43 52.39 17.65 55.09
CA SER LA 43 51.99 19.01 55.38
C SER LA 43 52.61 19.46 56.71
N PRO LA 44 52.77 20.80 56.90
CA PRO LA 44 53.36 21.38 58.13
C PRO LA 44 52.74 20.94 59.46
N PHE LA 45 51.62 20.22 59.43
CA PHE LA 45 50.87 19.88 60.63
C PHE LA 45 50.99 18.39 60.97
N GLU LA 46 51.88 17.70 60.26
CA GLU LA 46 52.03 16.25 60.31
C GLU LA 46 52.46 15.73 61.68
N GLY LA 47 51.73 14.74 62.19
CA GLY LA 47 52.00 14.18 63.51
C GLY LA 47 51.13 14.77 64.60
N GLY LA 48 50.77 16.04 64.45
CA GLY LA 48 49.89 16.70 65.40
C GLY LA 48 48.46 16.22 65.21
N THR LA 49 47.65 16.39 66.24
CA THR LA 49 46.22 16.08 66.17
C THR LA 49 45.44 17.31 66.65
N PHE LA 50 44.44 17.72 65.87
CA PHE LA 50 43.75 19.01 66.09
C PHE LA 50 42.27 18.89 66.46
N LYS LA 51 41.91 19.46 67.61
CA LYS LA 51 40.54 19.45 68.10
C LYS LA 51 39.70 20.57 67.51
N LEU LA 52 38.53 20.20 67.02
CA LEU LA 52 37.55 21.15 66.53
C LEU LA 52 36.19 20.84 67.13
N GLU LA 53 35.32 21.85 67.16
CA GLU LA 53 33.95 21.66 67.60
C GLU LA 53 32.97 22.15 66.54
N LEU LA 54 31.91 21.37 66.34
CA LEU LA 54 30.90 21.69 65.33
C LEU LA 54 29.53 21.77 65.97
N PHE LA 55 28.88 22.90 65.80
CA PHE LA 55 27.51 23.09 66.27
C PHE LA 55 26.53 23.29 65.12
N LEU LA 56 25.39 22.61 65.20
CA LEU LA 56 24.29 22.77 64.26
C LEU LA 56 23.25 23.72 64.88
N PRO LA 57 23.20 24.96 64.38
CA PRO LA 57 22.27 25.96 64.91
C PRO LA 57 20.79 25.60 64.70
N GLU LA 58 19.90 26.36 65.34
CA GLU LA 58 18.47 26.13 65.27
C GLU LA 58 17.96 26.17 63.82
N GLU LA 59 18.69 26.87 62.96
CA GLU LA 59 18.28 27.08 61.57
C GLU LA 59 18.70 25.96 60.62
N TYR LA 60 19.77 25.23 60.96
CA TYR LA 60 20.27 24.11 60.15
C TYR LA 60 19.13 23.20 59.63
N PRO LA 61 19.17 22.80 58.35
CA PRO LA 61 20.23 23.05 57.36
C PRO LA 61 20.04 24.33 56.55
N MET LA 62 19.16 25.20 57.02
CA MET LA 62 18.89 26.49 56.38
C MET LA 62 20.11 27.40 56.54
N ALA LA 63 20.48 27.66 57.80
CA ALA LA 63 21.71 28.38 58.11
C ALA LA 63 22.89 27.39 58.23
N ALA LA 64 24.10 27.90 58.07
CA ALA LA 64 25.31 27.07 58.05
C ALA LA 64 25.71 26.57 59.44
N PRO LA 65 26.38 25.39 59.52
CA PRO LA 65 26.89 24.92 60.80
C PRO LA 65 28.05 25.78 61.28
N LYS LA 66 28.27 25.80 62.60
CA LYS LA 66 29.35 26.56 63.20
C LYS LA 66 30.54 25.67 63.55
N VAL LA 67 31.72 26.03 63.05
CA VAL LA 67 32.94 25.23 63.29
C VAL LA 67 34.09 26.08 63.83
N ARG LA 68 34.76 25.56 64.85
CA ARG LA 68 35.93 26.21 65.46
C ARG LA 68 37.04 25.21 65.79
N PHE LA 69 38.28 25.59 65.49
CA PHE LA 69 39.48 24.92 66.01
C PHE LA 69 39.63 25.28 67.49
N MET LA 70 39.69 24.27 68.36
CA MET LA 70 39.99 24.53 69.77
C MET LA 70 41.48 24.31 70.08
N THR LA 71 42.21 23.79 69.09
CA THR LA 71 43.67 23.67 69.20
C THR LA 71 44.30 24.83 68.44
N LYS LA 72 45.18 25.55 69.11
CA LYS LA 72 45.89 26.68 68.51
C LYS LA 72 46.69 26.21 67.29
N ILE LA 73 46.50 26.90 66.17
CA ILE LA 73 47.12 26.52 64.90
C ILE LA 73 47.56 27.77 64.12
N TYR LA 74 48.59 27.60 63.28
CA TYR LA 74 49.08 28.67 62.39
C TYR LA 74 48.64 28.37 60.97
N HIS LA 75 47.56 29.02 60.55
CA HIS LA 75 46.97 28.78 59.26
C HIS LA 75 46.30 30.06 58.77
N PRO LA 76 46.39 30.35 57.47
CA PRO LA 76 45.75 31.54 56.92
C PRO LA 76 44.27 31.61 57.25
N ASN LA 77 43.58 30.49 57.09
CA ASN LA 77 42.12 30.43 57.23
C ASN LA 77 41.63 30.29 58.67
N VAL LA 78 42.56 30.36 59.62
CA VAL LA 78 42.22 30.31 61.04
C VAL LA 78 42.73 31.57 61.73
N ASP LA 79 42.01 32.02 62.75
CA ASP LA 79 42.43 33.17 63.55
C ASP LA 79 42.90 32.77 64.95
N LYS LA 80 43.34 33.76 65.72
CA LYS LA 80 43.86 33.57 67.08
C LYS LA 80 42.90 32.80 67.98
N LEU LA 81 41.60 32.89 67.70
CA LEU LA 81 40.57 32.30 68.53
C LEU LA 81 40.00 31.01 67.96
N GLY LA 82 40.51 30.60 66.80
CA GLY LA 82 40.14 29.31 66.21
C GLY LA 82 39.10 29.36 65.10
N ARG LA 83 38.49 30.53 64.90
CA ARG LA 83 37.47 30.72 63.87
C ARG LA 83 38.00 30.44 62.47
N ILE LA 84 37.15 29.85 61.63
CA ILE LA 84 37.57 29.35 60.33
C ILE LA 84 36.96 30.17 59.22
N CYS LA 85 37.83 30.76 58.41
CA CYS LA 85 37.42 31.48 57.22
C CYS LA 85 37.35 30.51 56.05
N LEU LA 86 36.13 30.17 55.64
CA LEU LA 86 35.91 29.15 54.61
C LEU LA 86 34.65 29.49 53.83
N ASP LA 87 34.74 29.40 52.50
CA ASP LA 87 33.63 29.80 51.64
C ASP LA 87 32.31 29.11 52.00
N ILE LA 88 32.34 27.78 52.03
CA ILE LA 88 31.14 26.98 52.23
C ILE LA 88 30.52 27.15 53.62
N LEU LA 89 31.18 27.90 54.49
CA LEU LA 89 30.68 28.12 55.87
C LEU LA 89 29.89 29.42 56.05
N LYS LA 90 29.96 30.32 55.07
CA LYS LA 90 29.22 31.59 55.15
C LYS LA 90 28.16 31.69 54.06
N ASP LA 91 28.42 32.49 53.02
CA ASP LA 91 27.44 32.71 51.96
C ASP LA 91 27.36 31.57 50.95
N LYS LA 92 28.46 30.84 50.77
CA LYS LA 92 28.51 29.73 49.79
C LYS LA 92 27.91 28.42 50.33
N TRP LA 93 27.26 28.51 51.48
CA TRP LA 93 26.57 27.36 52.07
C TRP LA 93 25.26 27.09 51.35
N SER LA 94 25.10 25.86 50.86
CA SER LA 94 23.83 25.38 50.34
C SER LA 94 23.19 24.51 51.40
N PRO LA 95 21.85 24.50 51.49
CA PRO LA 95 21.18 23.57 52.41
C PRO LA 95 21.37 22.10 52.01
N ALA LA 96 21.79 21.87 50.76
CA ALA LA 96 22.00 20.53 50.21
C ALA LA 96 23.38 19.94 50.56
N LEU LA 97 24.24 20.76 51.16
CA LEU LA 97 25.56 20.29 51.61
C LEU LA 97 25.41 19.62 52.96
N GLN LA 98 26.16 18.54 53.17
CA GLN LA 98 26.12 17.82 54.45
C GLN LA 98 27.32 18.20 55.31
N ILE LA 99 27.41 17.61 56.49
CA ILE LA 99 28.50 17.91 57.42
C ILE LA 99 29.84 17.37 56.94
N ARG LA 100 29.84 16.17 56.37
CA ARG LA 100 31.08 15.56 55.87
C ARG LA 100 31.79 16.48 54.88
N THR LA 101 31.01 17.08 53.98
CA THR LA 101 31.55 17.99 52.96
C THR LA 101 32.24 19.18 53.62
N VAL LA 102 31.72 19.58 54.78
CA VAL LA 102 32.33 20.63 55.58
C VAL LA 102 33.58 20.12 56.31
N LEU LA 103 33.60 18.82 56.62
CA LEU LA 103 34.72 18.22 57.34
C LEU LA 103 35.95 17.93 56.48
N LEU LA 104 35.77 17.41 55.27
CA LEU LA 104 36.91 17.27 54.37
C LEU LA 104 37.30 18.61 53.71
N SER LA 105 36.38 19.57 53.71
CA SER LA 105 36.66 20.92 53.25
C SER LA 105 37.69 21.61 54.17
N ILE LA 106 37.60 21.32 55.47
CA ILE LA 106 38.56 21.81 56.46
C ILE LA 106 39.85 20.98 56.41
N GLN LA 107 39.71 19.68 56.16
CA GLN LA 107 40.87 18.79 56.07
C GLN LA 107 41.72 19.14 54.85
N ALA LA 108 41.05 19.49 53.75
CA ALA LA 108 41.74 19.94 52.54
C ALA LA 108 42.62 21.14 52.84
N LEU LA 109 42.13 21.98 53.75
CA LEU LA 109 42.79 23.25 54.09
C LEU LA 109 44.14 23.07 54.82
N LEU LA 110 44.25 22.01 55.62
CA LEU LA 110 45.50 21.69 56.32
C LEU LA 110 46.48 20.99 55.40
N SER LA 111 45.95 20.20 54.46
CA SER LA 111 46.76 19.44 53.51
C SER LA 111 47.59 20.33 52.59
N ALA LA 112 46.95 21.38 52.06
CA ALA LA 112 47.64 22.40 51.28
C ALA LA 112 47.04 23.78 51.61
N PRO LA 113 47.67 24.50 52.57
CA PRO LA 113 47.16 25.78 53.07
C PRO LA 113 46.93 26.83 51.98
N ASN LA 114 45.76 27.48 52.07
CA ASN LA 114 45.24 28.45 51.10
C ASN LA 114 46.01 29.78 51.04
N PRO LA 115 46.82 29.98 49.99
CA PRO LA 115 47.66 31.16 49.93
C PRO LA 115 47.19 32.22 48.92
N ASP LA 116 45.97 32.06 48.39
CA ASP LA 116 45.50 32.91 47.28
C ASP LA 116 44.16 33.60 47.54
N ASP LA 117 43.92 33.99 48.80
CA ASP LA 117 42.71 34.73 49.18
C ASP LA 117 43.06 36.03 49.90
N PRO LA 118 42.46 37.17 49.47
CA PRO LA 118 42.52 38.39 50.28
C PRO LA 118 41.70 38.27 51.59
N LEU LA 119 42.08 37.29 52.42
CA LEU LA 119 41.52 37.11 53.76
C LEU LA 119 41.90 38.29 54.65
N ALA LA 120 42.92 39.03 54.21
CA ALA LA 120 43.56 40.14 54.96
C ALA LA 120 44.44 39.65 56.11
N ASN LA 121 44.08 38.47 56.64
CA ASN LA 121 44.79 37.77 57.71
C ASN LA 121 46.31 37.99 57.71
N ASP LA 122 46.85 38.37 58.87
CA ASP LA 122 48.28 38.62 59.03
C ASP LA 122 49.13 37.38 58.74
N VAL LA 123 48.59 36.22 59.11
CA VAL LA 123 49.20 34.94 58.81
C VAL LA 123 49.18 34.68 57.30
N ALA LA 124 48.07 35.02 56.65
CA ALA LA 124 47.90 34.80 55.21
C ALA LA 124 48.80 35.68 54.38
N GLU LA 125 48.95 36.93 54.82
CA GLU LA 125 49.84 37.90 54.18
C GLU LA 125 51.29 37.43 54.36
N GLN LA 126 51.55 36.81 55.50
CA GLN LA 126 52.86 36.28 55.83
C GLN LA 126 53.14 34.98 55.07
N TRP LA 127 52.07 34.28 54.70
CA TRP LA 127 52.16 33.05 53.92
C TRP LA 127 52.30 33.32 52.43
N LYS LA 128 51.74 34.46 52.00
CA LYS LA 128 51.72 34.86 50.60
C LYS LA 128 53.12 35.22 50.10
N THR LA 129 53.93 35.82 50.98
CA THR LA 129 55.27 36.28 50.60
C THR LA 129 56.39 35.43 51.18
N ASN LA 130 56.40 35.27 52.51
CA ASN LA 130 57.45 34.50 53.18
C ASN LA 130 57.00 33.08 53.49
N GLU LA 131 56.92 32.25 52.45
CA GLU LA 131 56.28 30.93 52.52
C GLU LA 131 57.03 29.90 53.36
N ALA LA 132 58.26 29.58 52.97
CA ALA LA 132 59.10 28.67 53.73
C ALA LA 132 59.18 29.11 55.21
N GLN LA 133 59.22 30.42 55.40
CA GLN LA 133 59.19 31.04 56.71
C GLN LA 133 57.89 30.70 57.44
N ALA LA 134 56.78 30.78 56.71
CA ALA LA 134 55.46 30.49 57.28
C ALA LA 134 55.31 29.01 57.61
N ILE LA 135 55.62 28.14 56.64
CA ILE LA 135 55.52 26.69 56.84
C ILE LA 135 56.26 26.23 58.09
N GLU LA 136 57.46 26.77 58.29
CA GLU LA 136 58.27 26.44 59.47
C GLU LA 136 57.65 26.89 60.79
N THR LA 137 56.81 27.93 60.75
CA THR LA 137 56.14 28.41 61.96
C THR LA 137 54.98 27.49 62.31
N ALA LA 138 54.24 27.06 61.28
CA ALA LA 138 53.16 26.11 61.44
C ALA LA 138 53.72 24.84 62.06
N ARG LA 139 54.80 24.35 61.45
CA ARG LA 139 55.57 23.23 61.94
C ARG LA 139 55.86 23.36 63.43
N ALA LA 140 56.25 24.56 63.86
CA ALA LA 140 56.59 24.81 65.25
C ALA LA 140 55.36 24.79 66.16
N TRP LA 141 54.33 25.55 65.78
CA TRP LA 141 53.08 25.62 66.56
C TRP LA 141 52.42 24.26 66.70
N THR LA 142 52.66 23.40 65.71
CA THR LA 142 52.15 22.03 65.73
C THR LA 142 52.73 21.24 66.89
N ARG LA 143 54.03 21.40 67.15
CA ARG LA 143 54.66 20.71 68.27
C ARG LA 143 54.37 21.39 69.61
N LEU LA 144 54.04 22.67 69.57
CA LEU LA 144 53.76 23.45 70.78
C LEU LA 144 52.34 23.27 71.28
N TYR LA 145 51.39 23.05 70.36
CA TYR LA 145 49.98 23.01 70.72
C TYR LA 145 49.25 21.76 70.27
N ALA LA 146 49.70 21.13 69.18
CA ALA LA 146 48.99 20.00 68.59
C ALA LA 146 49.58 18.63 68.95
N MET LA 147 50.83 18.63 69.41
CA MET LA 147 51.48 17.41 69.84
C MET LA 147 51.12 17.17 71.29
N ASN LA 148 51.13 15.90 71.70
CA ASN LA 148 50.83 15.51 73.09
C ASN LA 148 49.35 15.69 73.43
N VAL MA 2 -45.35 6.98 30.45
CA VAL MA 2 -43.91 6.68 30.14
C VAL MA 2 -43.02 7.01 31.34
N LYS MA 3 -42.21 6.03 31.71
CA LYS MA 3 -41.33 6.11 32.87
C LYS MA 3 -39.95 6.71 32.49
N VAL MA 4 -39.54 7.74 33.22
CA VAL MA 4 -38.23 8.38 33.01
C VAL MA 4 -37.20 7.79 34.00
N PRO MA 5 -36.01 7.39 33.49
CA PRO MA 5 -34.92 6.85 34.32
C PRO MA 5 -34.06 7.95 34.93
N ARG MA 6 -33.40 7.63 36.06
CA ARG MA 6 -32.71 8.61 36.90
C ARG MA 6 -31.91 9.67 36.15
N ASN MA 7 -30.91 9.22 35.39
CA ASN MA 7 -29.92 10.10 34.79
C ASN MA 7 -30.47 11.19 33.87
N PHE MA 8 -31.47 10.85 33.08
CA PHE MA 8 -32.06 11.80 32.14
C PHE MA 8 -33.00 12.79 32.84
N ARG MA 9 -33.57 12.34 33.95
CA ARG MA 9 -34.42 13.16 34.79
C ARG MA 9 -33.62 14.28 35.43
N LEU MA 10 -32.39 13.95 35.83
CA LEU MA 10 -31.46 14.91 36.42
C LEU MA 10 -30.87 15.86 35.36
N LEU MA 11 -30.88 15.44 34.11
CA LEU MA 11 -30.46 16.31 33.00
C LEU MA 11 -31.53 17.36 32.71
N GLU MA 12 -32.80 16.97 32.83
CA GLU MA 12 -33.90 17.91 32.80
C GLU MA 12 -33.68 18.94 33.89
N GLU MA 13 -33.47 18.44 35.11
CA GLU MA 13 -33.26 19.24 36.31
C GLU MA 13 -32.13 20.25 36.18
N LEU MA 14 -31.14 19.91 35.36
CA LEU MA 14 -30.01 20.78 35.15
C LEU MA 14 -30.37 21.95 34.24
N GLU MA 15 -31.02 21.65 33.12
CA GLU MA 15 -31.35 22.67 32.13
C GLU MA 15 -32.42 23.63 32.64
N GLU MA 16 -33.37 23.10 33.39
CA GLU MA 16 -34.38 23.94 34.02
C GLU MA 16 -33.75 24.83 35.08
N GLY MA 17 -32.77 24.28 35.82
CA GLY MA 17 -32.01 25.05 36.81
C GLY MA 17 -31.22 26.18 36.21
N GLN MA 18 -30.60 25.93 35.05
CA GLN MA 18 -29.81 26.91 34.32
C GLN MA 18 -30.68 28.02 33.77
N LYS MA 19 -31.75 27.65 33.07
CA LYS MA 19 -32.66 28.62 32.48
C LYS MA 19 -33.49 29.35 33.53
N GLY MA 20 -33.63 28.73 34.71
CA GLY MA 20 -34.35 29.32 35.84
C GLY MA 20 -35.85 29.41 35.67
N VAL MA 21 -36.59 29.26 36.77
CA VAL MA 21 -38.05 29.38 36.75
C VAL MA 21 -38.59 30.30 37.84
N GLY MA 22 -39.73 30.94 37.53
CA GLY MA 22 -40.38 31.84 38.47
C GLY MA 22 -39.56 33.09 38.71
N ASP MA 23 -39.83 33.74 39.83
CA ASP MA 23 -39.16 34.99 40.22
C ASP MA 23 -37.73 34.78 40.71
N GLY MA 24 -37.28 33.52 40.70
CA GLY MA 24 -35.92 33.17 41.05
C GLY MA 24 -35.63 33.16 42.54
N THR MA 25 -36.67 33.10 43.36
CA THR MA 25 -36.52 33.06 44.81
C THR MA 25 -35.92 31.72 45.23
N VAL MA 26 -36.10 30.73 44.37
CA VAL MA 26 -35.44 29.44 44.48
C VAL MA 26 -34.55 29.22 43.27
N SER MA 27 -33.38 28.64 43.51
CA SER MA 27 -32.43 28.39 42.43
C SER MA 27 -31.51 27.24 42.79
N TRP MA 28 -31.19 26.42 41.79
CA TRP MA 28 -30.40 25.21 42.01
C TRP MA 28 -29.37 24.96 40.90
N GLY MA 29 -28.43 24.06 41.18
CA GLY MA 29 -27.36 23.75 40.26
C GLY MA 29 -26.45 22.66 40.78
N LEU MA 30 -25.74 22.03 39.87
CA LEU MA 30 -24.82 20.94 40.17
C LEU MA 30 -23.61 21.50 40.94
N GLU MA 31 -23.35 20.94 42.11
CA GLU MA 31 -22.21 21.36 42.94
C GLU MA 31 -20.89 21.27 42.19
N ASP MA 32 -20.62 20.09 41.63
CA ASP MA 32 -19.39 19.83 40.89
C ASP MA 32 -19.70 19.69 39.41
N ASP MA 33 -19.30 20.68 38.61
CA ASP MA 33 -19.62 20.70 37.17
C ASP MA 33 -18.89 19.63 36.35
N GLU MA 34 -18.26 18.69 37.06
CA GLU MA 34 -17.60 17.54 36.45
C GLU MA 34 -18.13 16.21 36.96
N ASP MA 35 -18.94 16.27 38.01
CA ASP MA 35 -19.60 15.10 38.59
C ASP MA 35 -20.49 14.43 37.56
N MET MA 36 -19.98 13.35 36.97
CA MET MA 36 -20.69 12.66 35.91
C MET MA 36 -21.83 11.80 36.44
N THR MA 37 -21.85 11.60 37.76
CA THR MA 37 -22.89 10.84 38.44
C THR MA 37 -24.08 11.72 38.83
N LEU MA 38 -23.90 13.04 38.70
CA LEU MA 38 -24.94 14.04 38.94
C LEU MA 38 -25.58 13.94 40.34
N THR MA 39 -24.75 13.68 41.35
CA THR MA 39 -25.21 13.38 42.70
C THR MA 39 -25.33 14.63 43.56
N ARG MA 40 -24.25 15.41 43.65
CA ARG MA 40 -24.21 16.57 44.53
C ARG MA 40 -24.67 17.84 43.83
N TRP MA 41 -25.74 18.42 44.38
CA TRP MA 41 -26.30 19.67 43.88
C TRP MA 41 -26.27 20.74 44.98
N THR MA 42 -26.30 22.00 44.57
CA THR MA 42 -26.41 23.10 45.50
C THR MA 42 -27.67 23.90 45.19
N GLY MA 43 -28.49 24.11 46.22
CA GLY MA 43 -29.68 24.93 46.11
C GLY MA 43 -29.53 26.27 46.83
N MET MA 44 -30.46 27.19 46.54
CA MET MA 44 -30.45 28.51 47.13
C MET MA 44 -31.88 29.02 47.34
N ILE MA 45 -32.14 29.59 48.51
CA ILE MA 45 -33.45 30.16 48.86
C ILE MA 45 -33.29 31.60 49.32
N ILE MA 46 -34.19 32.46 48.85
CA ILE MA 46 -34.32 33.79 49.43
C ILE MA 46 -35.45 33.72 50.45
N GLY MA 47 -35.11 34.07 51.70
CA GLY MA 47 -36.10 34.14 52.77
C GLY MA 47 -37.25 35.07 52.42
N PRO MA 48 -38.50 34.58 52.55
CA PRO MA 48 -39.72 35.26 52.12
C PRO MA 48 -39.98 36.58 52.84
N PRO MA 49 -40.63 37.54 52.15
CA PRO MA 49 -40.93 38.84 52.75
C PRO MA 49 -41.81 38.73 54.00
N ARG MA 50 -41.68 39.73 54.87
CA ARG MA 50 -42.45 39.85 56.12
C ARG MA 50 -42.32 38.63 57.03
N THR MA 51 -41.12 38.08 57.10
CA THR MA 51 -40.75 37.04 58.08
C THR MA 51 -39.37 37.39 58.63
N ASN MA 52 -38.92 36.67 59.65
CA ASN MA 52 -37.58 36.87 60.20
C ASN MA 52 -36.49 36.42 59.24
N TYR MA 53 -36.92 35.84 58.12
CA TYR MA 53 -36.02 35.31 57.10
C TYR MA 53 -35.83 36.30 55.95
N GLU MA 54 -36.71 37.30 55.88
CA GLU MA 54 -36.73 38.23 54.74
C GLU MA 54 -35.36 38.76 54.31
N ASN MA 55 -35.13 38.78 53.01
CA ASN MA 55 -33.93 39.37 52.40
C ASN MA 55 -32.62 38.69 52.77
N ARG MA 56 -32.67 37.39 53.04
CA ARG MA 56 -31.47 36.63 53.32
C ARG MA 56 -31.28 35.54 52.29
N ILE MA 57 -30.03 35.34 51.86
CA ILE MA 57 -29.70 34.28 50.92
C ILE MA 57 -29.20 33.03 51.64
N TYR MA 58 -29.96 31.96 51.54
CA TYR MA 58 -29.63 30.70 52.19
C TYR MA 58 -29.12 29.70 51.16
N SER MA 59 -27.90 29.23 51.36
CA SER MA 59 -27.32 28.20 50.50
C SER MA 59 -27.53 26.82 51.06
N LEU MA 60 -27.96 25.89 50.20
CA LEU MA 60 -28.25 24.53 50.61
C LEU MA 60 -27.39 23.51 49.86
N LYS MA 61 -27.18 22.36 50.49
CA LYS MA 61 -26.48 21.23 49.88
C LYS MA 61 -27.46 20.08 49.73
N VAL MA 62 -27.79 19.74 48.49
CA VAL MA 62 -28.76 18.67 48.22
C VAL MA 62 -28.13 17.51 47.44
N GLU MA 63 -28.23 16.33 48.02
CA GLU MA 63 -27.66 15.08 47.48
C GLU MA 63 -28.76 14.27 46.80
N CYS MA 64 -28.44 13.65 45.67
CA CYS MA 64 -29.40 12.78 44.99
C CYS MA 64 -28.92 11.33 44.89
N GLY MA 65 -29.49 10.48 45.73
CA GLY MA 65 -29.12 9.06 45.78
C GLY MA 65 -29.30 8.31 44.47
N PRO MA 66 -28.74 7.09 44.38
CA PRO MA 66 -28.85 6.28 43.17
C PRO MA 66 -30.27 5.79 42.92
N LYS MA 67 -31.16 6.09 43.87
CA LYS MA 67 -32.55 5.67 43.82
C LYS MA 67 -33.47 6.80 43.34
N TYR MA 68 -32.93 8.02 43.32
CA TYR MA 68 -33.64 9.22 42.87
C TYR MA 68 -34.16 9.07 41.43
N PRO MA 69 -35.38 9.59 41.13
CA PRO MA 69 -36.30 10.27 42.03
C PRO MA 69 -37.31 9.33 42.70
N GLU MA 70 -37.14 8.02 42.53
CA GLU MA 70 -37.98 7.04 43.22
C GLU MA 70 -37.83 7.15 44.73
N ALA MA 71 -36.69 7.67 45.17
CA ALA MA 71 -36.44 7.99 46.57
C ALA MA 71 -36.16 9.49 46.73
N PRO MA 72 -36.50 10.07 47.90
CA PRO MA 72 -36.23 11.50 48.13
C PRO MA 72 -34.75 11.81 48.08
N PRO MA 73 -34.39 13.08 47.81
CA PRO MA 73 -33.00 13.49 47.95
C PRO MA 73 -32.68 13.86 49.40
N SER MA 74 -31.40 13.88 49.75
CA SER MA 74 -30.96 14.34 51.07
C SER MA 74 -30.73 15.86 51.02
N VAL MA 75 -31.21 16.58 52.03
CA VAL MA 75 -31.10 18.05 52.05
C VAL MA 75 -30.41 18.58 53.31
N ARG MA 76 -29.36 19.39 53.11
CA ARG MA 76 -28.65 20.03 54.21
C ARG MA 76 -28.45 21.53 53.97
N PHE MA 77 -28.72 22.33 55.00
CA PHE MA 77 -28.45 23.74 54.97
C PHE MA 77 -26.97 23.98 55.21
N VAL MA 78 -26.36 24.74 54.30
CA VAL MA 78 -24.99 25.22 54.49
C VAL MA 78 -25.00 26.50 55.33
N THR MA 79 -25.91 27.42 55.00
CA THR MA 79 -26.10 28.67 55.74
C THR MA 79 -26.88 28.45 57.03
N LYS MA 80 -26.38 28.98 58.15
CA LYS MA 80 -27.05 28.85 59.46
C LYS MA 80 -28.45 29.44 59.48
N ILE MA 81 -29.38 28.71 60.12
CA ILE MA 81 -30.80 29.08 60.15
C ILE MA 81 -31.48 28.48 61.37
N ASN MA 82 -32.41 29.21 61.96
CA ASN MA 82 -33.27 28.68 63.01
C ASN MA 82 -34.67 28.36 62.49
N MET MA 83 -34.92 27.08 62.27
CA MET MA 83 -36.15 26.60 61.63
C MET MA 83 -36.47 25.18 62.04
N ASN MA 84 -37.75 24.93 62.34
CA ASN MA 84 -38.23 23.61 62.74
C ASN MA 84 -37.99 22.56 61.67
N GLY MA 85 -37.18 21.55 62.01
CA GLY MA 85 -36.82 20.49 61.08
C GLY MA 85 -35.39 20.59 60.58
N ILE MA 86 -34.70 21.67 60.95
CA ILE MA 86 -33.30 21.84 60.59
C ILE MA 86 -32.40 21.71 61.83
N ASN MA 87 -31.62 20.63 61.87
CA ASN MA 87 -30.69 20.37 62.96
C ASN MA 87 -29.77 21.58 63.18
N ASN MA 88 -29.47 21.86 64.44
CA ASN MA 88 -28.76 23.08 64.79
C ASN MA 88 -27.23 22.98 64.67
N SER MA 89 -26.72 21.75 64.67
CA SER MA 89 -25.28 21.51 64.62
C SER MA 89 -24.80 21.18 63.21
N SER MA 90 -25.61 20.45 62.46
CA SER MA 90 -25.24 19.98 61.13
C SER MA 90 -25.99 20.72 60.03
N GLY MA 91 -27.18 21.22 60.35
CA GLY MA 91 -28.05 21.88 59.38
C GLY MA 91 -28.94 20.93 58.61
N MET MA 92 -28.84 19.64 58.90
CA MET MA 92 -29.56 18.59 58.19
C MET MA 92 -31.07 18.69 58.35
N VAL MA 93 -31.77 18.61 57.22
CA VAL MA 93 -33.22 18.67 57.18
C VAL MA 93 -33.83 17.33 57.56
N ASP MA 94 -34.53 17.30 58.71
CA ASP MA 94 -35.25 16.12 59.18
C ASP MA 94 -36.41 15.87 58.23
N ALA MA 95 -36.30 14.81 57.43
CA ALA MA 95 -37.29 14.51 56.40
C ALA MA 95 -38.71 14.39 56.95
N ARG MA 96 -38.87 13.69 58.08
CA ARG MA 96 -40.17 13.51 58.73
C ARG MA 96 -40.91 14.82 58.97
N SER MA 97 -40.14 15.89 59.19
CA SER MA 97 -40.69 17.22 59.46
C SER MA 97 -41.17 17.93 58.21
N ILE MA 98 -40.73 17.45 57.05
CA ILE MA 98 -41.06 18.11 55.78
C ILE MA 98 -42.10 17.28 55.03
N PRO MA 99 -43.28 17.86 54.76
CA PRO MA 99 -44.37 17.07 54.16
C PRO MA 99 -44.10 16.68 52.70
N VAL MA 100 -43.21 17.38 52.01
CA VAL MA 100 -42.89 17.04 50.62
C VAL MA 100 -41.85 15.91 50.53
N LEU MA 101 -41.13 15.68 51.63
CA LEU MA 101 -40.14 14.61 51.70
C LEU MA 101 -40.69 13.36 52.38
N ALA MA 102 -41.38 13.54 53.50
CA ALA MA 102 -42.09 12.45 54.15
C ALA MA 102 -43.04 11.80 53.15
N LYS MA 103 -44.01 12.58 52.66
CA LYS MA 103 -44.85 12.17 51.55
C LYS MA 103 -44.13 12.55 50.25
N TRP MA 104 -43.26 11.67 49.77
CA TRP MA 104 -42.50 11.94 48.56
C TRP MA 104 -43.11 11.28 47.32
N GLN MA 105 -42.93 11.91 46.16
CA GLN MA 105 -43.44 11.42 44.89
C GLN MA 105 -42.35 11.43 43.81
N ASN MA 106 -42.45 10.53 42.85
CA ASN MA 106 -41.50 10.48 41.73
C ASN MA 106 -41.78 11.54 40.67
N SER MA 107 -42.76 12.41 40.95
CA SER MA 107 -43.07 13.55 40.11
C SER MA 107 -42.36 14.81 40.61
N TYR MA 108 -41.80 14.73 41.82
CA TYR MA 108 -41.14 15.87 42.45
C TYR MA 108 -39.67 16.01 42.06
N SER MA 109 -39.18 17.25 42.10
CA SER MA 109 -37.82 17.57 41.71
C SER MA 109 -37.16 18.44 42.79
N ILE MA 110 -35.89 18.79 42.59
CA ILE MA 110 -35.18 19.72 43.48
C ILE MA 110 -35.95 21.04 43.63
N LYS MA 111 -36.38 21.60 42.49
CA LYS MA 111 -37.24 22.77 42.47
C LYS MA 111 -38.36 22.67 43.51
N VAL MA 112 -39.18 21.62 43.40
CA VAL MA 112 -40.31 21.37 44.30
C VAL MA 112 -39.89 21.32 45.78
N VAL MA 113 -38.70 20.79 46.04
CA VAL MA 113 -38.18 20.68 47.42
C VAL MA 113 -37.83 22.06 47.99
N LEU MA 114 -36.95 22.77 47.28
CA LEU MA 114 -36.53 24.10 47.69
C LEU MA 114 -37.72 25.02 47.92
N GLN MA 115 -38.68 24.99 46.99
CA GLN MA 115 -39.86 25.85 47.07
C GLN MA 115 -40.66 25.57 48.32
N GLU MA 116 -40.79 24.29 48.67
CA GLU MA 116 -41.54 23.89 49.88
C GLU MA 116 -40.83 24.32 51.15
N LEU MA 117 -39.51 24.38 51.11
CA LEU MA 117 -38.75 24.92 52.23
C LEU MA 117 -39.03 26.42 52.39
N ARG MA 118 -39.05 27.15 51.27
CA ARG MA 118 -39.35 28.59 51.27
C ARG MA 118 -40.72 28.83 51.87
N ARG MA 119 -41.69 28.02 51.45
CA ARG MA 119 -43.06 28.10 51.93
C ARG MA 119 -43.17 27.84 53.44
N LEU MA 120 -42.38 26.90 53.95
CA LEU MA 120 -42.45 26.57 55.37
C LEU MA 120 -41.76 27.61 56.26
N MET MA 121 -41.03 28.53 55.64
CA MET MA 121 -40.47 29.70 56.32
C MET MA 121 -41.55 30.74 56.66
N MET MA 122 -42.71 30.58 56.02
CA MET MA 122 -43.83 31.49 56.22
C MET MA 122 -44.80 30.94 57.28
N SER MA 123 -44.47 29.79 57.85
CA SER MA 123 -45.27 29.15 58.91
C SER MA 123 -45.27 29.97 60.19
N LYS MA 124 -46.38 29.92 60.93
CA LYS MA 124 -46.54 30.63 62.20
C LYS MA 124 -45.48 30.23 63.24
N GLU MA 125 -45.10 28.96 63.23
CA GLU MA 125 -44.07 28.46 64.15
C GLU MA 125 -42.67 28.94 63.77
N ASN MA 126 -42.51 29.34 62.50
CA ASN MA 126 -41.20 29.72 61.96
C ASN MA 126 -40.96 31.21 61.81
N MET MA 127 -41.93 31.93 61.22
CA MET MA 127 -41.77 33.31 60.76
C MET MA 127 -41.25 34.31 61.81
N LYS MA 128 -41.41 33.95 63.09
CA LYS MA 128 -41.12 34.86 64.20
C LYS MA 128 -39.85 34.49 64.99
N LEU MA 129 -39.27 33.33 64.68
CA LEU MA 129 -38.09 32.80 65.38
C LEU MA 129 -36.85 33.68 65.20
N PRO MA 130 -36.15 33.98 66.32
CA PRO MA 130 -34.91 34.76 66.28
C PRO MA 130 -33.82 34.07 65.47
N GLN MA 131 -33.31 34.75 64.45
CA GLN MA 131 -32.31 34.18 63.54
C GLN MA 131 -30.89 34.58 63.94
N PRO MA 132 -29.89 33.77 63.56
CA PRO MA 132 -28.49 34.11 63.78
C PRO MA 132 -28.02 35.25 62.87
N PRO MA 133 -26.98 35.99 63.28
CA PRO MA 133 -26.46 37.06 62.43
C PRO MA 133 -25.95 36.52 61.10
N GLU MA 134 -26.30 37.21 60.02
CA GLU MA 134 -25.99 36.79 58.65
C GLU MA 134 -24.53 36.39 58.44
N GLY MA 135 -24.33 35.43 57.54
CA GLY MA 135 -22.99 35.02 57.14
C GLY MA 135 -22.58 33.66 57.66
N GLN MA 136 -22.82 33.40 58.94
CA GLN MA 136 -22.33 32.18 59.59
C GLN MA 136 -22.90 30.89 59.01
N THR MA 137 -22.07 29.86 59.00
CA THR MA 137 -22.34 28.60 58.31
C THR MA 137 -22.04 27.41 59.19
N TYR MA 138 -22.60 26.25 58.83
CA TYR MA 138 -22.32 24.98 59.50
C TYR MA 138 -21.01 24.41 58.98
N LEU NA 2 -47.24 0.14 24.58
CA LEU NA 2 -45.94 0.51 23.96
C LEU NA 2 -46.08 0.58 22.43
N PRO NA 3 -45.62 1.69 21.83
CA PRO NA 3 -45.68 1.90 20.38
C PRO NA 3 -45.03 0.78 19.55
N ARG NA 4 -45.69 0.44 18.46
CA ARG NA 4 -45.26 -0.65 17.56
C ARG NA 4 -43.85 -0.47 17.02
N ARG NA 5 -43.53 0.74 16.57
CA ARG NA 5 -42.21 1.04 16.00
C ARG NA 5 -41.06 0.68 16.93
N ILE NA 6 -41.21 1.01 18.22
CA ILE NA 6 -40.18 0.75 19.21
C ILE NA 6 -39.93 -0.74 19.36
N ILE NA 7 -41.01 -1.53 19.32
CA ILE NA 7 -40.88 -2.98 19.40
C ILE NA 7 -40.05 -3.55 18.24
N LYS NA 8 -40.45 -3.24 17.01
CA LYS NA 8 -39.76 -3.76 15.82
C LYS NA 8 -38.28 -3.36 15.79
N GLU NA 9 -37.98 -2.16 16.30
CA GLU NA 9 -36.61 -1.64 16.36
C GLU NA 9 -35.76 -2.45 17.33
N THR NA 10 -36.29 -2.67 18.53
CA THR NA 10 -35.62 -3.47 19.55
C THR NA 10 -35.27 -4.83 18.96
N GLN NA 11 -36.24 -5.42 18.27
CA GLN NA 11 -36.11 -6.75 17.70
C GLN NA 11 -35.11 -6.80 16.55
N ARG NA 12 -35.07 -5.74 15.76
CA ARG NA 12 -34.08 -5.59 14.70
C ARG NA 12 -32.68 -5.44 15.28
N LEU NA 13 -32.56 -4.70 16.39
CA LEU NA 13 -31.28 -4.54 17.09
C LEU NA 13 -30.77 -5.84 17.71
N LEU NA 14 -31.67 -6.60 18.31
CA LEU NA 14 -31.31 -7.87 18.97
C LEU NA 14 -30.93 -8.95 17.96
N ALA NA 15 -31.52 -8.89 16.76
CA ALA NA 15 -31.22 -9.86 15.70
C ALA NA 15 -30.08 -9.42 14.78
N GLU NA 16 -30.02 -8.14 14.47
CA GLU NA 16 -28.98 -7.58 13.60
C GLU NA 16 -28.11 -6.62 14.40
N PRO NA 17 -27.06 -7.13 15.06
CA PRO NA 17 -26.22 -6.22 15.85
C PRO NA 17 -25.28 -5.40 14.98
N VAL NA 18 -25.07 -4.14 15.37
CA VAL NA 18 -24.10 -3.26 14.70
C VAL NA 18 -22.69 -3.60 15.18
N PRO NA 19 -21.80 -4.05 14.27
CA PRO NA 19 -20.47 -4.53 14.63
C PRO NA 19 -19.69 -3.54 15.51
N GLY NA 20 -19.41 -3.94 16.74
CA GLY NA 20 -18.67 -3.09 17.70
C GLY NA 20 -19.54 -2.30 18.66
N ILE NA 21 -20.85 -2.47 18.58
CA ILE NA 21 -21.80 -1.79 19.46
C ILE NA 21 -22.86 -2.76 19.96
N LYS NA 22 -22.90 -2.99 21.27
CA LYS NA 22 -24.00 -3.74 21.87
C LYS NA 22 -24.96 -2.81 22.61
N ALA NA 23 -26.24 -3.18 22.60
CA ALA NA 23 -27.28 -2.40 23.27
C ALA NA 23 -28.47 -3.28 23.64
N GLU NA 24 -28.70 -3.44 24.94
CA GLU NA 24 -29.89 -4.13 25.42
C GLU NA 24 -30.83 -3.14 26.08
N PRO NA 25 -32.14 -3.35 25.92
CA PRO NA 25 -33.12 -2.58 26.70
C PRO NA 25 -33.05 -2.99 28.18
N ASP NA 26 -33.47 -2.09 29.06
CA ASP NA 26 -33.57 -2.40 30.48
C ASP NA 26 -34.74 -3.37 30.74
N GLU NA 27 -34.61 -4.20 31.77
CA GLU NA 27 -35.67 -5.11 32.17
C GLU NA 27 -36.85 -4.40 32.84
N SER NA 28 -36.61 -3.19 33.36
CA SER NA 28 -37.65 -2.40 34.04
C SER NA 28 -38.18 -1.23 33.21
N ASN NA 29 -37.51 -0.96 32.08
CA ASN NA 29 -37.93 0.11 31.17
C ASN NA 29 -37.48 -0.18 29.73
N ALA NA 30 -38.46 -0.42 28.86
CA ALA NA 30 -38.19 -0.80 27.47
C ALA NA 30 -37.75 0.38 26.60
N ARG NA 31 -37.81 1.60 27.14
CA ARG NA 31 -37.38 2.80 26.41
C ARG NA 31 -35.97 3.22 26.79
N TYR NA 32 -35.40 2.55 27.79
CA TYR NA 32 -34.05 2.83 28.29
C TYR NA 32 -33.04 1.77 27.85
N PHE NA 33 -31.92 2.21 27.31
CA PHE NA 33 -30.96 1.32 26.68
C PHE NA 33 -29.55 1.50 27.22
N HIS NA 34 -28.95 0.40 27.65
CA HIS NA 34 -27.54 0.35 28.06
C HIS NA 34 -26.70 0.08 26.83
N VAL NA 35 -25.77 0.98 26.54
CA VAL NA 35 -24.98 0.90 25.31
C VAL NA 35 -23.49 0.80 25.62
N VAL NA 36 -22.78 -0.05 24.89
CA VAL NA 36 -21.33 -0.13 24.97
C VAL NA 36 -20.74 -0.02 23.57
N ILE NA 37 -19.93 1.01 23.35
CA ILE NA 37 -19.23 1.18 22.07
C ILE NA 37 -17.72 1.12 22.24
N ALA NA 38 -17.10 0.17 21.55
CA ALA NA 38 -15.64 0.07 21.51
C ALA NA 38 -15.06 1.17 20.62
N GLY NA 39 -13.85 1.63 20.95
CA GLY NA 39 -13.18 2.65 20.16
C GLY NA 39 -12.75 2.13 18.80
N PRO NA 40 -13.22 2.78 17.71
CA PRO NA 40 -12.87 2.37 16.33
C PRO NA 40 -11.37 2.40 16.08
N GLN NA 41 -10.90 1.53 15.19
CA GLN NA 41 -9.49 1.45 14.87
C GLN NA 41 -8.94 2.77 14.35
N ASP NA 42 -7.65 2.99 14.59
CA ASP NA 42 -6.92 4.18 14.13
C ASP NA 42 -7.35 5.49 14.79
N SER NA 43 -8.23 5.39 15.80
CA SER NA 43 -8.63 6.53 16.60
C SER NA 43 -7.90 6.47 17.95
N PRO NA 44 -7.79 7.61 18.67
CA PRO NA 44 -7.12 7.64 19.97
C PRO NA 44 -7.87 6.87 21.06
N PHE NA 45 -9.07 6.39 20.72
CA PHE NA 45 -9.95 5.71 21.67
C PHE NA 45 -9.92 4.20 21.45
N GLU NA 46 -9.27 3.77 20.37
CA GLU NA 46 -9.17 2.36 19.99
C GLU NA 46 -8.60 1.53 21.13
N GLY NA 47 -9.22 0.38 21.40
CA GLY NA 47 -8.76 -0.54 22.43
C GLY NA 47 -9.47 -0.41 23.77
N GLY NA 48 -10.31 0.62 23.89
CA GLY NA 48 -11.03 0.88 25.14
C GLY NA 48 -12.51 1.09 24.88
N THR NA 49 -13.35 0.44 25.67
CA THR NA 49 -14.80 0.48 25.49
C THR NA 49 -15.46 1.57 26.31
N PHE NA 50 -16.46 2.23 25.71
CA PHE NA 50 -17.17 3.33 26.34
C PHE NA 50 -18.64 3.01 26.52
N LYS NA 51 -19.12 3.17 27.75
CA LYS NA 51 -20.53 2.93 28.05
C LYS NA 51 -21.40 4.17 27.84
N LEU NA 52 -22.56 3.95 27.23
CA LEU NA 52 -23.54 4.99 26.96
C LEU NA 52 -24.93 4.60 27.47
N GLU NA 53 -25.81 5.58 27.56
CA GLU NA 53 -27.21 5.34 27.85
C GLU NA 53 -28.10 6.12 26.89
N LEU NA 54 -29.14 5.45 26.37
CA LEU NA 54 -30.03 6.02 25.38
C LEU NA 54 -31.48 5.93 25.84
N PHE NA 55 -32.17 7.06 25.83
CA PHE NA 55 -33.58 7.09 26.24
C PHE NA 55 -34.50 7.59 25.14
N LEU NA 56 -35.66 6.96 25.04
CA LEU NA 56 -36.70 7.36 24.09
C LEU NA 56 -37.85 8.03 24.83
N PRO NA 57 -38.09 9.34 24.55
CA PRO NA 57 -39.19 10.05 25.23
C PRO NA 57 -40.54 9.67 24.62
N GLU NA 58 -41.62 10.11 25.27
CA GLU NA 58 -42.97 9.84 24.77
C GLU NA 58 -43.09 10.10 23.27
N GLU NA 59 -42.57 11.25 22.85
CA GLU NA 59 -42.69 11.74 21.48
C GLU NA 59 -42.05 10.88 20.40
N TYR NA 60 -41.05 10.08 20.76
CA TYR NA 60 -40.36 9.24 19.79
C TYR NA 60 -41.35 8.48 18.89
N PRO NA 61 -41.14 8.49 17.56
CA PRO NA 61 -40.00 9.01 16.81
C PRO NA 61 -40.11 10.49 16.39
N MET NA 62 -41.09 11.21 16.90
CA MET NA 62 -41.23 12.63 16.61
C MET NA 62 -40.08 13.43 17.16
N ALA NA 63 -39.70 13.13 18.40
CA ALA NA 63 -38.50 13.67 19.02
C ALA NA 63 -37.34 12.69 18.88
N ALA NA 64 -36.12 13.22 18.97
CA ALA NA 64 -34.90 12.41 18.92
C ALA NA 64 -34.73 11.58 20.20
N PRO NA 65 -33.94 10.50 20.13
CA PRO NA 65 -33.54 9.84 21.35
C PRO NA 65 -32.58 10.73 22.13
N LYS NA 66 -32.61 10.61 23.46
CA LYS NA 66 -31.63 11.28 24.31
C LYS NA 66 -30.51 10.29 24.64
N VAL NA 67 -29.29 10.62 24.18
CA VAL NA 67 -28.13 9.74 24.30
C VAL NA 67 -27.00 10.46 25.03
N ARG NA 68 -26.34 9.75 25.95
CA ARG NA 68 -25.29 10.34 26.79
C ARG NA 68 -24.18 9.34 27.04
N PHE NA 69 -22.96 9.84 27.25
CA PHE NA 69 -21.84 9.01 27.68
C PHE NA 69 -21.84 8.84 29.20
N MET NA 70 -21.45 7.64 29.65
CA MET NA 70 -21.33 7.34 31.08
C MET NA 70 -19.87 7.15 31.51
N THR NA 71 -19.03 6.75 30.57
CA THR NA 71 -17.57 6.81 30.76
C THR NA 71 -17.06 8.19 30.36
N LYS NA 72 -16.07 8.68 31.09
CA LYS NA 72 -15.45 9.96 30.77
C LYS NA 72 -14.62 9.82 29.51
N ILE NA 73 -14.63 10.87 28.69
CA ILE NA 73 -14.01 10.82 27.37
C ILE NA 73 -13.57 12.22 26.91
N TYR NA 74 -12.39 12.29 26.31
CA TYR NA 74 -11.87 13.54 25.79
C TYR NA 74 -12.16 13.61 24.28
N HIS NA 75 -13.16 14.41 23.92
CA HIS NA 75 -13.66 14.49 22.55
C HIS NA 75 -14.26 15.89 22.30
N PRO NA 76 -14.11 16.43 21.07
CA PRO NA 76 -14.63 17.77 20.78
C PRO NA 76 -16.16 17.87 20.87
N ASN NA 77 -16.84 16.78 20.53
CA ASN NA 77 -18.30 16.77 20.47
C ASN NA 77 -18.95 16.22 21.74
N VAL NA 78 -18.19 16.12 22.82
CA VAL NA 78 -18.69 15.61 24.10
C VAL NA 78 -18.25 16.53 25.24
N ASP NA 79 -19.20 16.98 26.06
CA ASP NA 79 -18.91 17.88 27.17
C ASP NA 79 -18.58 17.15 28.47
N LYS NA 80 -18.20 17.91 29.50
CA LYS NA 80 -17.75 17.37 30.78
C LYS NA 80 -18.69 16.32 31.39
N LEU NA 81 -19.98 16.48 31.13
CA LEU NA 81 -21.01 15.62 31.68
C LEU NA 81 -21.49 14.55 30.69
N GLY NA 82 -20.67 14.31 29.67
CA GLY NA 82 -20.92 13.24 28.71
C GLY NA 82 -22.06 13.46 27.72
N ARG NA 83 -22.57 14.69 27.64
CA ARG NA 83 -23.59 15.02 26.66
C ARG NA 83 -22.97 15.13 25.27
N ILE NA 84 -23.49 14.36 24.33
CA ILE NA 84 -23.01 14.37 22.97
C ILE NA 84 -23.57 15.58 22.23
N CYS NA 85 -22.69 16.28 21.52
CA CYS NA 85 -23.11 17.39 20.67
C CYS NA 85 -23.14 16.96 19.21
N LEU NA 86 -24.26 16.37 18.80
CA LEU NA 86 -24.41 15.81 17.46
C LEU NA 86 -25.60 16.42 16.71
N ASP NA 87 -25.42 16.62 15.41
CA ASP NA 87 -26.39 17.25 14.53
C ASP NA 87 -27.76 16.56 14.59
N ILE NA 88 -27.76 15.26 14.33
CA ILE NA 88 -29.01 14.51 14.17
C ILE NA 88 -29.68 14.16 15.50
N LEU NA 89 -29.13 14.67 16.60
CA LEU NA 89 -29.73 14.48 17.93
C LEU NA 89 -30.69 15.62 18.32
N LYS NA 90 -30.77 16.66 17.48
CA LYS NA 90 -31.69 17.78 17.72
C LYS NA 90 -32.18 18.45 16.45
N ASP NA 91 -31.28 19.16 15.76
CA ASP NA 91 -31.63 20.01 14.62
C ASP NA 91 -32.14 19.24 13.40
N LYS NA 92 -31.40 18.20 13.01
CA LYS NA 92 -31.73 17.42 11.81
C LYS NA 92 -32.07 15.95 12.08
N TRP NA 93 -32.88 15.75 13.12
CA TRP NA 93 -33.50 14.46 13.39
C TRP NA 93 -34.76 14.33 12.54
N SER NA 94 -34.99 13.14 11.99
CA SER NA 94 -36.25 12.88 11.31
C SER NA 94 -36.70 11.44 11.59
N PRO NA 95 -38.02 11.19 11.61
CA PRO NA 95 -38.50 9.84 11.87
C PRO NA 95 -37.99 8.79 10.88
N ALA NA 96 -37.34 9.23 9.80
CA ALA NA 96 -36.67 8.33 8.87
C ALA NA 96 -35.49 7.62 9.56
N LEU NA 97 -34.87 8.31 10.50
CA LEU NA 97 -33.73 7.77 11.25
C LEU NA 97 -34.21 6.95 12.44
N GLN NA 98 -33.35 6.07 12.95
CA GLN NA 98 -33.71 5.20 14.06
C GLN NA 98 -32.54 5.01 15.02
N ILE NA 99 -32.75 4.21 16.06
CA ILE NA 99 -31.74 3.97 17.09
C ILE NA 99 -30.40 3.54 16.47
N ARG NA 100 -30.47 2.55 15.58
CA ARG NA 100 -29.29 2.12 14.81
C ARG NA 100 -28.53 3.29 14.17
N THR NA 101 -29.26 4.19 13.51
CA THR NA 101 -28.65 5.35 12.84
C THR NA 101 -27.94 6.26 13.84
N VAL NA 102 -28.52 6.42 15.03
CA VAL NA 102 -27.92 7.25 16.07
C VAL NA 102 -26.62 6.63 16.57
N LEU NA 103 -26.65 5.33 16.78
CA LEU NA 103 -25.50 4.59 17.32
C LEU NA 103 -24.27 4.62 16.42
N LEU NA 104 -24.44 4.29 15.13
CA LEU NA 104 -23.30 4.26 14.22
C LEU NA 104 -22.88 5.66 13.73
N SER NA 105 -23.68 6.67 14.06
CA SER NA 105 -23.30 8.07 13.89
C SER NA 105 -22.33 8.49 14.98
N ILE NA 106 -22.60 8.06 16.21
CA ILE NA 106 -21.73 8.28 17.35
C ILE NA 106 -20.42 7.54 17.14
N GLN NA 107 -20.52 6.29 16.67
CA GLN NA 107 -19.36 5.46 16.39
C GLN NA 107 -18.46 6.05 15.29
N ALA NA 108 -19.08 6.66 14.28
CA ALA NA 108 -18.35 7.31 13.19
C ALA NA 108 -17.72 8.64 13.63
N LEU NA 109 -18.33 9.25 14.65
CA LEU NA 109 -17.84 10.50 15.22
C LEU NA 109 -16.62 10.29 16.12
N LEU NA 110 -16.35 9.03 16.48
CA LEU NA 110 -15.17 8.68 17.28
C LEU NA 110 -13.91 8.48 16.43
N SER NA 111 -14.09 8.13 15.16
CA SER NA 111 -12.97 8.01 14.22
C SER NA 111 -12.94 9.20 13.25
N ALA NA 112 -13.99 10.01 13.30
CA ALA NA 112 -14.02 11.29 12.58
C ALA NA 112 -14.52 12.40 13.52
N PRO NA 113 -13.60 12.96 14.33
CA PRO NA 113 -13.97 14.01 15.26
C PRO NA 113 -14.13 15.35 14.55
N ASN NA 114 -15.35 15.90 14.61
CA ASN NA 114 -15.64 17.21 14.03
C ASN NA 114 -15.20 18.33 14.96
N PRO NA 115 -14.20 19.12 14.53
CA PRO NA 115 -13.70 20.20 15.38
C PRO NA 115 -14.56 21.47 15.26
N ASP NA 116 -15.12 21.71 14.07
CA ASP NA 116 -15.87 22.94 13.80
C ASP NA 116 -17.37 22.74 13.78
N ASP NA 117 -17.99 23.01 14.94
CA ASP NA 117 -19.44 22.93 15.11
C ASP NA 117 -19.92 24.25 15.75
N PRO NA 118 -21.21 24.61 15.54
CA PRO NA 118 -21.77 25.76 16.27
C PRO NA 118 -21.68 25.66 17.80
N LEU NA 119 -22.11 24.54 18.38
CA LEU NA 119 -22.04 24.33 19.83
C LEU NA 119 -20.81 23.53 20.25
N ALA NA 120 -19.68 23.81 19.60
CA ALA NA 120 -18.42 23.12 19.86
C ALA NA 120 -17.75 23.61 21.15
N ASN NA 121 -17.23 22.67 21.93
CA ASN NA 121 -16.62 22.94 23.24
C ASN NA 121 -15.30 23.71 23.15
N ASP NA 122 -14.67 23.95 24.30
CA ASP NA 122 -13.32 24.50 24.33
C ASP NA 122 -12.25 23.40 24.31
N VAL NA 123 -12.72 22.15 24.26
CA VAL NA 123 -11.88 21.00 23.98
C VAL NA 123 -11.54 21.01 22.48
N ALA NA 124 -12.56 21.31 21.66
CA ALA NA 124 -12.38 21.53 20.22
C ALA NA 124 -11.48 22.72 19.95
N GLU NA 125 -11.56 23.72 20.82
CA GLU NA 125 -10.65 24.87 20.83
C GLU NA 125 -9.20 24.41 21.01
N GLN NA 126 -9.00 23.44 21.91
CA GLN NA 126 -7.69 22.85 22.14
C GLN NA 126 -7.33 21.86 21.03
N TRP NA 127 -8.36 21.32 20.38
CA TRP NA 127 -8.19 20.31 19.33
C TRP NA 127 -7.73 20.92 18.02
N LYS NA 128 -8.21 22.12 17.71
CA LYS NA 128 -7.82 22.82 16.49
C LYS NA 128 -6.39 23.37 16.56
N THR NA 129 -6.08 24.11 17.61
CA THR NA 129 -4.75 24.71 17.78
C THR NA 129 -3.67 23.66 18.08
N ASN NA 130 -4.04 22.65 18.88
CA ASN NA 130 -3.10 21.61 19.23
C ASN NA 130 -3.67 20.22 18.93
N GLU NA 131 -3.59 19.85 17.64
CA GLU NA 131 -4.04 18.55 17.16
C GLU NA 131 -3.29 17.42 17.84
N ALA NA 132 -1.96 17.54 17.90
CA ALA NA 132 -1.10 16.52 18.46
C ALA NA 132 -1.39 16.28 19.93
N GLN NA 133 -1.31 17.34 20.74
CA GLN NA 133 -1.53 17.26 22.17
C GLN NA 133 -2.88 16.64 22.50
N ALA NA 134 -3.93 17.15 21.85
CA ALA NA 134 -5.29 16.68 22.07
C ALA NA 134 -5.45 15.18 21.81
N ILE NA 135 -4.88 14.70 20.70
CA ILE NA 135 -4.91 13.27 20.36
C ILE NA 135 -4.34 12.40 21.48
N GLU NA 136 -3.17 12.78 22.00
CA GLU NA 136 -2.55 12.03 23.09
C GLU NA 136 -3.16 12.35 24.46
N THR NA 137 -3.88 13.46 24.55
CA THR NA 137 -4.68 13.75 25.73
C THR NA 137 -5.86 12.77 25.77
N ALA NA 138 -6.46 12.54 24.59
CA ALA NA 138 -7.53 11.57 24.45
C ALA NA 138 -7.00 10.14 24.57
N ARG NA 139 -5.78 9.94 24.10
CA ARG NA 139 -5.07 8.65 24.20
C ARG NA 139 -5.00 8.17 25.64
N ALA NA 140 -4.59 9.07 26.53
CA ALA NA 140 -4.37 8.74 27.94
C ALA NA 140 -5.67 8.57 28.71
N TRP NA 141 -6.66 9.41 28.40
CA TRP NA 141 -7.98 9.38 29.05
C TRP NA 141 -8.72 8.06 28.82
N THR NA 142 -8.47 7.44 27.67
CA THR NA 142 -9.01 6.12 27.33
C THR NA 142 -8.45 5.06 28.28
N ARG NA 143 -7.13 5.12 28.51
CA ARG NA 143 -6.44 4.16 29.38
C ARG NA 143 -6.87 4.27 30.84
N LEU NA 144 -7.07 5.50 31.30
CA LEU NA 144 -7.46 5.75 32.69
C LEU NA 144 -8.93 5.42 32.96
N TYR NA 145 -9.80 5.72 32.01
CA TYR NA 145 -11.24 5.67 32.24
C TYR NA 145 -12.01 4.58 31.49
N ALA NA 146 -11.48 4.12 30.35
CA ALA NA 146 -12.24 3.22 29.48
C ALA NA 146 -11.64 1.84 29.28
N MET NA 147 -10.76 1.42 30.18
CA MET NA 147 -10.17 0.09 30.10
C MET NA 147 -10.92 -0.93 30.96
N ASN NA 148 -11.32 -0.52 32.15
CA ASN NA 148 -12.19 -1.32 33.01
C ASN NA 148 -13.36 -0.51 33.57
N GLY OA 1 38.00 26.91 32.81
CA GLY OA 1 37.34 25.61 32.44
C GLY OA 1 38.27 24.41 32.55
N VAL OA 2 37.67 23.24 32.75
CA VAL OA 2 38.40 21.98 32.85
C VAL OA 2 38.18 21.17 31.57
N LYS OA 3 39.26 20.58 31.04
CA LYS OA 3 39.19 19.75 29.83
C LYS OA 3 39.37 18.26 30.17
N VAL OA 4 38.40 17.44 29.77
CA VAL OA 4 38.43 16.00 30.02
C VAL OA 4 38.92 15.25 28.78
N PRO OA 5 40.01 14.45 28.93
CA PRO OA 5 40.62 13.74 27.81
C PRO OA 5 39.70 12.67 27.25
N ARG OA 6 40.03 12.13 26.07
CA ARG OA 6 39.19 11.14 25.40
C ARG OA 6 38.79 9.96 26.28
N ASN OA 7 39.80 9.26 26.81
CA ASN OA 7 39.59 8.01 27.53
C ASN OA 7 38.66 8.13 28.73
N PHE OA 8 38.77 9.22 29.47
CA PHE OA 8 37.91 9.46 30.63
C PHE OA 8 36.52 9.99 30.24
N ARG OA 9 36.46 10.76 29.16
CA ARG OA 9 35.19 11.20 28.60
C ARG OA 9 34.34 10.00 28.14
N LEU OA 10 34.99 9.05 27.47
CA LEU OA 10 34.34 7.82 27.05
C LEU OA 10 33.93 6.95 28.23
N LEU OA 11 34.66 7.05 29.34
CA LEU OA 11 34.32 6.32 30.56
C LEU OA 11 33.02 6.81 31.19
N GLU OA 12 32.77 8.13 31.11
CA GLU OA 12 31.51 8.73 31.55
C GLU OA 12 30.33 8.17 30.78
N GLU OA 13 30.52 7.97 29.48
CA GLU OA 13 29.45 7.50 28.60
C GLU OA 13 29.15 6.03 28.83
N LEU OA 14 30.18 5.28 29.22
CA LEU OA 14 29.99 3.89 29.60
C LEU OA 14 29.17 3.80 30.87
N GLU OA 15 29.58 4.57 31.89
CA GLU OA 15 28.96 4.55 33.22
C GLU OA 15 27.51 5.08 33.22
N GLU OA 16 27.23 6.02 32.32
CA GLU OA 16 25.86 6.49 32.10
C GLU OA 16 25.04 5.44 31.33
N GLY OA 17 25.71 4.71 30.42
CA GLY OA 17 25.08 3.68 29.60
C GLY OA 17 24.55 2.47 30.37
N GLN OA 18 25.11 2.24 31.56
CA GLN OA 18 24.68 1.14 32.42
C GLN OA 18 23.59 1.56 33.39
N LYS OA 19 23.52 2.85 33.69
CA LYS OA 19 22.49 3.41 34.56
C LYS OA 19 21.17 3.54 33.82
N GLY OA 20 21.26 3.97 32.56
CA GLY OA 20 20.08 4.27 31.74
C GLY OA 20 19.79 5.76 31.71
N VAL OA 21 19.00 6.19 30.72
CA VAL OA 21 18.63 7.61 30.57
C VAL OA 21 17.13 7.87 30.45
N GLY OA 22 16.73 9.10 30.75
CA GLY OA 22 15.34 9.57 30.66
C GLY OA 22 14.26 8.52 30.75
N ASP OA 23 13.80 8.06 29.60
CA ASP OA 23 12.74 7.06 29.50
C ASP OA 23 13.23 5.73 28.89
N GLY OA 24 14.53 5.67 28.59
CA GLY OA 24 15.16 4.45 28.08
C GLY OA 24 14.88 4.13 26.62
N THR OA 25 14.46 5.14 25.85
CA THR OA 25 14.18 4.93 24.43
C THR OA 25 15.44 4.86 23.59
N VAL OA 26 16.54 5.40 24.12
CA VAL OA 26 17.89 5.12 23.60
C VAL OA 26 18.78 4.55 24.71
N SER OA 27 19.57 3.55 24.36
CA SER OA 27 20.52 2.96 25.30
C SER OA 27 21.77 2.53 24.54
N TRP OA 28 22.94 2.72 25.16
CA TRP OA 28 24.21 2.44 24.51
C TRP OA 28 25.19 1.73 25.45
N GLY OA 29 26.25 1.18 24.86
CA GLY OA 29 27.26 0.44 25.61
C GLY OA 29 28.29 -0.19 24.70
N LEU OA 30 29.34 -0.75 25.31
CA LEU OA 30 30.46 -1.34 24.57
C LEU OA 30 30.10 -2.58 23.77
N GLU OA 31 30.69 -2.69 22.58
CA GLU OA 31 30.54 -3.86 21.74
C GLU OA 31 31.48 -4.95 22.22
N ASP OA 32 32.71 -4.56 22.52
CA ASP OA 32 33.76 -5.46 23.02
C ASP OA 32 34.12 -5.12 24.46
N ASP OA 33 33.87 -6.06 25.37
CA ASP OA 33 34.14 -5.89 26.80
C ASP OA 33 35.63 -6.02 27.14
N GLU OA 34 36.45 -6.18 26.09
CA GLU OA 34 37.89 -6.31 26.22
C GLU OA 34 38.55 -5.03 25.73
N ASP OA 35 37.84 -4.28 24.89
CA ASP OA 35 38.36 -3.09 24.21
C ASP OA 35 38.78 -1.97 25.17
N MET OA 36 40.04 -2.04 25.60
CA MET OA 36 40.62 -1.08 26.55
C MET OA 36 40.65 0.35 25.99
N THR OA 37 40.50 0.47 24.68
CA THR OA 37 40.54 1.76 23.99
C THR OA 37 39.16 2.41 23.91
N LEU OA 38 38.12 1.64 24.26
CA LEU OA 38 36.73 2.10 24.31
C LEU OA 38 36.29 2.72 22.98
N THR OA 39 36.51 2.00 21.89
CA THR OA 39 36.28 2.52 20.54
C THR OA 39 34.94 2.07 19.93
N ARG OA 40 34.66 0.77 20.02
CA ARG OA 40 33.49 0.18 19.36
C ARG OA 40 32.28 0.02 20.30
N TRP OA 41 31.24 0.79 20.02
CA TRP OA 41 30.04 0.83 20.85
C TRP OA 41 28.84 0.32 20.08
N THR OA 42 27.92 -0.32 20.81
CA THR OA 42 26.64 -0.72 20.25
C THR OA 42 25.59 0.28 20.70
N GLY OA 43 24.62 0.55 19.82
CA GLY OA 43 23.54 1.47 20.12
C GLY OA 43 22.19 0.82 19.91
N MET OA 44 21.17 1.43 20.50
CA MET OA 44 19.81 0.91 20.39
C MET OA 44 18.80 2.04 20.45
N ILE OA 45 17.85 2.01 19.53
CA ILE OA 45 16.78 3.02 19.49
C ILE OA 45 15.40 2.34 19.46
N ILE OA 46 14.52 2.78 20.35
CA ILE OA 46 13.10 2.46 20.20
C ILE OA 46 12.51 3.55 19.32
N GLY OA 47 11.87 3.14 18.23
CA GLY OA 47 11.21 4.08 17.31
C GLY OA 47 10.10 4.86 17.96
N PRO OA 48 9.97 6.16 17.62
CA PRO OA 48 9.05 7.10 18.28
C PRO OA 48 7.59 6.78 18.04
N PRO OA 49 6.70 7.23 18.95
CA PRO OA 49 5.26 7.05 18.73
C PRO OA 49 4.75 7.88 17.55
N ARG OA 50 3.60 7.47 17.01
CA ARG OA 50 2.94 8.15 15.87
C ARG OA 50 3.79 8.20 14.60
N THR OA 51 4.57 7.14 14.36
CA THR OA 51 5.37 6.98 13.14
C THR OA 51 5.25 5.54 12.64
N ASN OA 52 5.93 5.23 11.54
CA ASN OA 52 6.04 3.84 11.07
C ASN OA 52 7.18 3.09 11.75
N TYR OA 53 8.02 3.84 12.46
CA TYR OA 53 9.10 3.28 13.26
C TYR OA 53 8.60 2.85 14.63
N GLU OA 54 7.36 3.24 14.95
CA GLU OA 54 6.75 3.02 16.26
C GLU OA 54 7.12 1.68 16.88
N ASN OA 55 7.69 1.76 18.08
CA ASN OA 55 8.01 0.61 18.94
C ASN OA 55 8.87 -0.49 18.31
N ARG OA 56 9.76 -0.10 17.41
CA ARG OA 56 10.67 -1.07 16.80
C ARG OA 56 12.06 -0.92 17.38
N ILE OA 57 12.67 -2.06 17.73
CA ILE OA 57 14.04 -2.07 18.24
C ILE OA 57 15.02 -1.94 17.09
N TYR OA 58 15.85 -0.90 17.14
CA TYR OA 58 16.87 -0.67 16.13
C TYR OA 58 18.27 -0.75 16.72
N SER OA 59 19.10 -1.63 16.18
CA SER OA 59 20.44 -1.85 16.69
C SER OA 59 21.49 -1.19 15.81
N LEU OA 60 22.44 -0.49 16.42
CA LEU OA 60 23.43 0.30 15.69
C LEU OA 60 24.88 -0.01 16.11
N LYS OA 61 25.83 0.49 15.33
CA LYS OA 61 27.24 0.43 15.70
C LYS OA 61 27.84 1.83 15.62
N VAL OA 62 28.48 2.26 16.71
CA VAL OA 62 29.08 3.58 16.81
C VAL OA 62 30.59 3.46 17.02
N GLU OA 63 31.36 3.94 16.05
CA GLU OA 63 32.82 3.93 16.20
C GLU OA 63 33.33 5.30 16.60
N CYS OA 64 33.92 5.38 17.79
CA CYS OA 64 34.56 6.62 18.25
C CYS OA 64 36.05 6.55 17.97
N GLY OA 65 36.47 7.25 16.91
CA GLY OA 65 37.87 7.30 16.51
C GLY OA 65 38.76 7.86 17.60
N PRO OA 66 40.08 7.73 17.44
CA PRO OA 66 40.99 8.25 18.46
C PRO OA 66 40.97 9.79 18.49
N LYS OA 67 40.19 10.39 17.59
CA LYS OA 67 40.05 11.84 17.50
C LYS OA 67 38.77 12.34 18.19
N TYR OA 68 37.85 11.42 18.48
CA TYR OA 68 36.66 11.69 19.28
C TYR OA 68 37.07 12.14 20.69
N PRO OA 69 36.37 13.13 21.28
CA PRO OA 69 35.13 13.80 20.89
C PRO OA 69 35.30 15.06 20.04
N GLU OA 70 36.53 15.39 19.66
CA GLU OA 70 36.77 16.55 18.81
C GLU OA 70 36.26 16.25 17.41
N ALA OA 71 36.37 14.99 16.99
CA ALA OA 71 35.82 14.52 15.73
C ALA OA 71 34.56 13.69 15.99
N PRO OA 72 33.54 13.83 15.10
CA PRO OA 72 32.28 13.10 15.27
C PRO OA 72 32.43 11.61 14.96
N PRO OA 73 31.71 10.76 15.71
CA PRO OA 73 31.83 9.30 15.58
C PRO OA 73 31.13 8.76 14.33
N SER OA 74 31.61 7.61 13.84
CA SER OA 74 30.96 6.89 12.75
C SER OA 74 29.75 6.17 13.27
N VAL OA 75 28.65 6.24 12.53
CA VAL OA 75 27.44 5.53 12.90
C VAL OA 75 26.93 4.69 11.74
N ARG OA 76 26.36 3.54 12.05
CA ARG OA 76 25.86 2.62 11.04
C ARG OA 76 24.76 1.75 11.65
N PHE OA 77 23.61 1.70 10.97
CA PHE OA 77 22.49 0.86 11.42
C PHE OA 77 22.77 -0.59 11.07
N VAL OA 78 22.57 -1.47 12.06
CA VAL OA 78 22.72 -2.90 11.87
C VAL OA 78 21.38 -3.49 11.45
N THR OA 79 20.32 -3.05 12.13
CA THR OA 79 18.95 -3.42 11.78
C THR OA 79 18.52 -2.65 10.54
N LYS OA 80 17.95 -3.35 9.57
CA LYS OA 80 17.48 -2.70 8.33
C LYS OA 80 16.39 -1.66 8.61
N ILE OA 81 16.50 -0.52 7.94
CA ILE OA 81 15.60 0.60 8.16
C ILE OA 81 15.40 1.42 6.89
N ASN OA 82 14.26 2.09 6.81
CA ASN OA 82 13.97 3.02 5.75
C ASN OA 82 13.87 4.42 6.31
N MET OA 83 14.88 5.23 6.00
CA MET OA 83 15.00 6.58 6.54
C MET OA 83 15.97 7.37 5.67
N ASN OA 84 15.63 8.63 5.41
CA ASN OA 84 16.53 9.52 4.69
C ASN OA 84 17.85 9.69 5.42
N GLY OA 85 18.95 9.63 4.68
CA GLY OA 85 20.29 9.78 5.24
C GLY OA 85 20.96 8.47 5.63
N ILE OA 86 20.15 7.46 5.94
CA ILE OA 86 20.68 6.14 6.23
C ILE OA 86 20.92 5.40 4.93
N ASN OA 87 22.17 5.08 4.64
CA ASN OA 87 22.51 4.31 3.45
C ASN OA 87 21.65 3.05 3.35
N ASN OA 88 21.05 2.93 2.19
CA ASN OA 88 20.02 1.95 1.90
C ASN OA 88 20.48 0.49 1.93
N SER OA 89 21.74 0.25 1.60
CA SER OA 89 22.27 -1.10 1.38
C SER OA 89 23.45 -1.49 2.27
N SER OA 90 23.94 -0.54 3.07
CA SER OA 90 25.07 -0.80 3.97
C SER OA 90 24.76 -0.44 5.43
N GLY OA 91 23.70 0.34 5.64
CA GLY OA 91 23.31 0.77 6.97
C GLY OA 91 23.99 2.05 7.42
N MET OA 92 25.06 2.41 6.71
CA MET OA 92 25.87 3.59 7.04
C MET OA 92 25.00 4.85 7.10
N VAL OA 93 25.27 5.71 8.08
CA VAL OA 93 24.51 6.95 8.26
C VAL OA 93 25.29 8.09 7.64
N ASP OA 94 24.70 8.77 6.64
CA ASP OA 94 25.34 9.91 6.00
C ASP OA 94 25.43 11.06 7.00
N ALA OA 95 26.65 11.54 7.24
CA ALA OA 95 26.90 12.58 8.26
C ALA OA 95 26.26 13.91 7.90
N ARG OA 96 26.49 14.37 6.68
CA ARG OA 96 25.96 15.65 6.19
C ARG OA 96 24.42 15.72 6.22
N SER OA 97 23.77 14.57 6.39
CA SER OA 97 22.32 14.52 6.46
C SER OA 97 21.77 14.75 7.87
N ILE OA 98 22.53 14.38 8.89
CA ILE OA 98 22.07 14.48 10.29
C ILE OA 98 22.73 15.68 10.99
N PRO OA 99 21.91 16.67 11.40
CA PRO OA 99 22.35 17.97 11.93
C PRO OA 99 23.38 17.91 13.04
N VAL OA 100 23.31 16.88 13.88
CA VAL OA 100 24.26 16.73 14.97
C VAL OA 100 25.62 16.19 14.49
N LEU OA 101 25.59 15.42 13.40
CA LEU OA 101 26.80 14.83 12.82
C LEU OA 101 27.49 15.77 11.81
N ALA OA 102 26.69 16.57 11.12
CA ALA OA 102 27.21 17.55 10.17
C ALA OA 102 27.82 18.75 10.92
N LYS OA 103 27.14 19.23 11.96
CA LYS OA 103 27.60 20.39 12.72
C LYS OA 103 28.05 20.02 14.14
N TRP OA 104 28.90 19.00 14.21
CA TRP OA 104 29.36 18.41 15.48
C TRP OA 104 30.14 19.37 16.39
N GLN OA 105 29.88 19.25 17.69
CA GLN OA 105 30.62 19.98 18.73
C GLN OA 105 31.20 18.97 19.72
N ASN OA 106 32.36 19.30 20.27
CA ASN OA 106 33.00 18.43 21.27
C ASN OA 106 32.22 18.38 22.57
N SER OA 107 31.03 19.00 22.59
CA SER OA 107 30.15 18.97 23.74
C SER OA 107 29.08 17.89 23.60
N TYR OA 108 29.00 17.26 22.42
CA TYR OA 108 28.04 16.19 22.21
C TYR OA 108 28.56 14.84 22.68
N SER OA 109 27.78 13.78 22.45
CA SER OA 109 28.07 12.43 22.96
C SER OA 109 27.14 11.41 22.32
N ILE OA 110 27.50 10.13 22.42
CA ILE OA 110 26.75 9.05 21.81
C ILE OA 110 25.24 9.16 22.08
N LYS OA 111 24.89 9.43 23.34
CA LYS OA 111 23.50 9.67 23.73
C LYS OA 111 22.84 10.72 22.84
N VAL OA 112 23.51 11.87 22.70
CA VAL OA 112 22.99 13.00 21.92
C VAL OA 112 22.86 12.65 20.44
N VAL OA 113 23.72 11.75 19.95
CA VAL OA 113 23.65 11.27 18.57
C VAL OA 113 22.45 10.36 18.36
N LEU OA 114 22.28 9.39 19.26
CA LEU OA 114 21.17 8.44 19.15
C LEU OA 114 19.81 9.13 19.31
N GLN OA 115 19.74 10.09 20.23
CA GLN OA 115 18.53 10.87 20.46
C GLN OA 115 18.18 11.73 19.26
N GLU OA 116 19.21 12.16 18.53
CA GLU OA 116 19.02 12.99 17.34
C GLU OA 116 18.48 12.17 16.18
N LEU OA 117 18.89 10.89 16.12
CA LEU OA 117 18.40 9.97 15.11
C LEU OA 117 16.96 9.61 15.40
N ARG OA 118 16.66 9.38 16.68
CA ARG OA 118 15.30 9.09 17.13
C ARG OA 118 14.35 10.23 16.79
N ARG OA 119 14.82 11.46 16.98
CA ARG OA 119 14.04 12.65 16.63
C ARG OA 119 13.72 12.73 15.14
N LEU OA 120 14.72 12.49 14.29
CA LEU OA 120 14.55 12.59 12.84
C LEU OA 120 13.65 11.49 12.28
N MET OA 121 13.34 10.52 13.12
CA MET OA 121 12.34 9.51 12.79
C MET OA 121 10.92 10.08 12.84
N MET OA 122 10.81 11.28 13.43
CA MET OA 122 9.53 12.01 13.52
C MET OA 122 9.40 13.06 12.43
N SER OA 123 10.42 13.16 11.57
CA SER OA 123 10.50 14.19 10.52
C SER OA 123 9.36 14.11 9.50
N LYS OA 124 9.19 15.18 8.73
CA LYS OA 124 8.07 15.35 7.81
C LYS OA 124 7.92 14.21 6.79
N GLU OA 125 9.01 13.88 6.09
CA GLU OA 125 8.98 12.89 5.02
C GLU OA 125 9.52 11.53 5.46
N ASN OA 126 9.91 11.43 6.72
CA ASN OA 126 10.44 10.19 7.28
C ASN OA 126 9.41 9.33 8.00
N MET OA 127 8.57 9.98 8.80
CA MET OA 127 7.54 9.30 9.59
C MET OA 127 6.57 8.52 8.71
N LYS OA 128 6.45 8.98 7.46
CA LYS OA 128 5.48 8.49 6.49
C LYS OA 128 5.98 7.25 5.74
N LEU OA 129 7.30 7.06 5.74
CA LEU OA 129 7.96 6.03 4.93
C LEU OA 129 7.60 4.60 5.33
N PRO OA 130 7.31 3.74 4.33
CA PRO OA 130 7.02 2.32 4.56
C PRO OA 130 8.25 1.53 5.00
N GLN OA 131 8.10 0.72 6.05
CA GLN OA 131 9.24 0.01 6.64
C GLN OA 131 9.29 -1.47 6.23
N PRO OA 132 10.50 -2.03 6.11
CA PRO OA 132 10.66 -3.45 5.79
C PRO OA 132 10.15 -4.35 6.93
N PRO OA 133 9.84 -5.61 6.62
CA PRO OA 133 9.49 -6.56 7.67
C PRO OA 133 10.61 -6.67 8.70
N GLU OA 134 10.23 -6.71 9.97
CA GLU OA 134 11.19 -6.69 11.06
C GLU OA 134 12.08 -7.92 11.09
N GLY OA 135 13.28 -7.72 11.65
CA GLY OA 135 14.22 -8.81 11.89
C GLY OA 135 15.25 -9.01 10.80
N GLN OA 136 15.38 -8.01 9.94
CA GLN OA 136 16.35 -8.06 8.86
C GLN OA 136 17.61 -7.30 9.25
N THR OA 137 18.74 -7.73 8.67
CA THR OA 137 20.03 -7.10 8.93
C THR OA 137 20.77 -6.87 7.62
N TYR OA 138 21.57 -5.81 7.58
CA TYR OA 138 22.33 -5.48 6.38
C TYR OA 138 23.39 -6.51 6.07
N GLY PA 1 47.80 28.02 35.49
CA GLY PA 1 47.19 28.64 36.71
C GLY PA 1 45.99 27.89 37.27
N LEU PA 2 46.14 26.58 37.48
CA LEU PA 2 45.14 25.77 38.19
C LEU PA 2 45.37 25.82 39.71
N PRO PA 3 44.51 25.14 40.50
CA PRO PA 3 44.67 25.19 41.95
C PRO PA 3 46.12 25.05 42.39
N ARG PA 4 46.53 25.98 43.26
CA ARG PA 4 47.86 26.01 43.85
C ARG PA 4 48.40 24.63 44.22
N ARG PA 5 47.51 23.77 44.74
CA ARG PA 5 47.89 22.43 45.14
C ARG PA 5 48.38 21.54 43.98
N ILE PA 6 47.65 21.53 42.88
CA ILE PA 6 47.98 20.70 41.71
C ILE PA 6 49.35 21.04 41.13
N ILE PA 7 49.68 22.34 41.07
CA ILE PA 7 51.00 22.76 40.59
C ILE PA 7 52.09 22.22 41.51
N LYS PA 8 51.85 22.30 42.82
CA LYS PA 8 52.80 21.88 43.85
C LYS PA 8 52.99 20.35 43.85
N GLU PA 9 51.91 19.65 43.52
CA GLU PA 9 51.90 18.19 43.38
C GLU PA 9 52.70 17.72 42.17
N THR PA 10 52.57 18.43 41.05
CA THR PA 10 53.28 18.11 39.80
C THR PA 10 54.78 18.39 39.96
N GLN PA 11 55.09 19.44 40.71
CA GLN PA 11 56.47 19.78 41.06
C GLN PA 11 57.10 18.70 41.92
N ARG PA 12 56.29 18.08 42.79
CA ARG PA 12 56.70 16.95 43.63
C ARG PA 12 57.11 15.74 42.81
N LEU PA 13 56.39 15.51 41.72
CA LEU PA 13 56.59 14.33 40.88
C LEU PA 13 57.86 14.41 40.07
N LEU PA 14 58.24 15.62 39.66
CA LEU PA 14 59.50 15.82 38.96
C LEU PA 14 60.68 15.86 39.90
N ALA PA 15 60.50 16.51 41.05
CA ALA PA 15 61.57 16.65 42.05
C ALA PA 15 61.91 15.34 42.78
N GLU PA 16 60.89 14.63 43.25
CA GLU PA 16 61.09 13.38 43.97
C GLU PA 16 60.42 12.20 43.25
N PRO PA 17 61.08 11.62 42.23
CA PRO PA 17 60.44 10.50 41.53
C PRO PA 17 60.50 9.23 42.36
N VAL PA 18 59.48 8.37 42.23
CA VAL PA 18 59.45 7.10 42.94
C VAL PA 18 60.10 6.04 42.05
N PRO PA 19 61.01 5.20 42.61
CA PRO PA 19 61.65 4.16 41.80
C PRO PA 19 60.65 3.09 41.34
N GLY PA 20 60.49 2.96 40.03
CA GLY PA 20 59.52 2.04 39.46
C GLY PA 20 58.32 2.74 38.85
N ILE PA 21 58.08 3.99 39.27
CA ILE PA 21 56.99 4.79 38.71
C ILE PA 21 57.53 5.99 37.94
N LYS PA 22 57.28 6.01 36.64
CA LYS PA 22 57.52 7.19 35.81
C LYS PA 22 56.16 7.77 35.45
N ALA PA 23 55.93 9.03 35.80
CA ALA PA 23 54.65 9.67 35.59
C ALA PA 23 54.80 11.14 35.24
N GLU PA 24 54.31 11.52 34.07
CA GLU PA 24 54.46 12.89 33.57
C GLU PA 24 53.14 13.46 32.99
N PRO PA 25 52.85 14.75 33.27
CA PRO PA 25 51.63 15.39 32.76
C PRO PA 25 51.63 15.53 31.24
N ASP PA 26 50.45 15.44 30.64
CA ASP PA 26 50.29 15.63 29.19
C ASP PA 26 50.74 17.02 28.77
N GLU PA 27 51.31 17.12 27.59
CA GLU PA 27 51.81 18.41 27.07
C GLU PA 27 50.69 19.44 26.93
N SER PA 28 49.48 18.98 26.58
CA SER PA 28 48.35 19.88 26.31
C SER PA 28 47.22 19.81 27.35
N ASN PA 29 47.49 19.16 28.48
CA ASN PA 29 46.54 19.10 29.60
C ASN PA 29 47.28 18.86 30.91
N ALA PA 30 47.28 19.88 31.77
CA ALA PA 30 48.00 19.84 33.03
C ALA PA 30 47.33 18.95 34.07
N ARG PA 31 46.11 18.52 33.79
CA ARG PA 31 45.39 17.63 34.70
C ARG PA 31 45.52 16.14 34.30
N TYR PA 32 45.97 15.91 33.07
CA TYR PA 32 46.11 14.56 32.52
C TYR PA 32 47.53 14.02 32.69
N PHE PA 33 47.65 12.85 33.32
CA PHE PA 33 48.95 12.24 33.57
C PHE PA 33 49.12 10.90 32.87
N HIS PA 34 50.30 10.69 32.30
CA HIS PA 34 50.69 9.40 31.74
C HIS PA 34 51.59 8.71 32.74
N VAL PA 35 51.11 7.59 33.29
CA VAL PA 35 51.88 6.82 34.24
C VAL PA 35 52.32 5.51 33.61
N VAL PA 36 53.55 5.11 33.94
CA VAL PA 36 54.05 3.78 33.65
C VAL PA 36 54.57 3.21 34.98
N ILE PA 37 54.08 2.04 35.34
CA ILE PA 37 54.60 1.34 36.52
C ILE PA 37 55.32 0.04 36.10
N ALA PA 38 56.55 -0.11 36.59
CA ALA PA 38 57.31 -1.33 36.39
C ALA PA 38 56.84 -2.39 37.38
N GLY PA 39 56.40 -3.54 36.86
CA GLY PA 39 55.90 -4.64 37.67
C GLY PA 39 56.99 -5.16 38.58
N PRO PA 40 56.77 -5.09 39.90
CA PRO PA 40 57.81 -5.28 40.93
C PRO PA 40 58.51 -6.63 40.88
N GLN PA 41 59.74 -6.67 41.39
CA GLN PA 41 60.52 -7.90 41.47
C GLN PA 41 59.82 -8.94 42.35
N ASP PA 42 60.21 -10.21 42.19
CA ASP PA 42 59.63 -11.34 42.94
C ASP PA 42 58.14 -11.58 42.66
N SER PA 43 57.47 -10.57 42.13
CA SER PA 43 56.04 -10.64 41.85
C SER PA 43 55.75 -11.37 40.53
N PRO PA 44 54.46 -11.65 40.24
CA PRO PA 44 54.13 -12.35 38.99
C PRO PA 44 54.16 -11.40 37.80
N PHE PA 45 54.41 -10.12 38.06
CA PHE PA 45 54.48 -9.11 37.01
C PHE PA 45 55.92 -8.62 36.81
N GLU PA 46 56.87 -9.35 37.37
CA GLU PA 46 58.28 -9.03 37.21
C GLU PA 46 58.59 -8.87 35.73
N GLY PA 47 59.26 -7.75 35.40
CA GLY PA 47 59.69 -7.46 34.04
C GLY PA 47 58.57 -7.09 33.10
N GLY PA 48 57.47 -6.63 33.66
CA GLY PA 48 56.41 -6.04 32.86
C GLY PA 48 56.37 -4.54 33.07
N THR PA 49 55.91 -3.81 32.06
CA THR PA 49 55.69 -2.37 32.20
C THR PA 49 54.25 -2.08 31.84
N PHE PA 50 53.54 -1.49 32.80
CA PHE PA 50 52.09 -1.31 32.73
C PHE PA 50 51.74 0.17 32.59
N LYS PA 51 51.03 0.51 31.51
CA LYS PA 51 50.64 1.90 31.30
C LYS PA 51 49.34 2.22 32.01
N LEU PA 52 49.33 3.37 32.69
CA LEU PA 52 48.15 3.84 33.41
C LEU PA 52 47.91 5.32 33.13
N GLU PA 53 46.64 5.71 33.06
CA GLU PA 53 46.31 7.14 33.04
C GLU PA 53 45.64 7.61 34.31
N LEU PA 54 45.97 8.85 34.68
CA LEU PA 54 45.43 9.51 35.84
C LEU PA 54 44.92 10.85 35.37
N PHE PA 55 43.77 11.26 35.91
CA PHE PA 55 43.17 12.54 35.60
C PHE PA 55 42.58 13.14 36.84
N LEU PA 56 42.97 14.38 37.14
CA LEU PA 56 42.44 15.11 38.29
C LEU PA 56 41.19 15.89 37.88
N PRO PA 57 40.00 15.37 38.25
CA PRO PA 57 38.77 16.03 37.82
C PRO PA 57 38.55 17.33 38.57
N GLU PA 58 37.58 18.12 38.10
CA GLU PA 58 37.31 19.45 38.66
C GLU PA 58 37.27 19.48 40.18
N GLU PA 59 36.88 18.35 40.79
CA GLU PA 59 36.61 18.28 42.22
C GLU PA 59 37.84 18.07 43.11
N TYR PA 60 38.94 17.56 42.56
CA TYR PA 60 40.18 17.34 43.32
C TYR PA 60 40.59 18.57 44.14
N PRO PA 61 40.92 18.38 45.45
CA PRO PA 61 41.10 17.12 46.18
C PRO PA 61 39.86 16.62 46.93
N MET PA 62 38.71 17.22 46.67
CA MET PA 62 37.46 16.81 47.30
C MET PA 62 36.99 15.45 46.81
N ALA PA 63 37.28 15.15 45.55
CA ALA PA 63 37.08 13.82 44.99
C ALA PA 63 38.44 13.20 44.64
N ALA PA 64 38.49 11.87 44.66
CA ALA PA 64 39.70 11.13 44.31
C ALA PA 64 40.10 11.37 42.85
N PRO PA 65 41.38 11.11 42.51
CA PRO PA 65 41.75 11.13 41.10
C PRO PA 65 41.13 9.93 40.40
N LYS PA 66 40.97 10.03 39.08
CA LYS PA 66 40.44 8.91 38.31
C LYS PA 66 41.62 8.18 37.67
N VAL PA 67 41.69 6.86 37.89
CA VAL PA 67 42.83 6.07 37.42
C VAL PA 67 42.36 4.84 36.67
N ARG PA 68 43.06 4.49 35.60
CA ARG PA 68 42.72 3.32 34.80
C ARG PA 68 43.96 2.67 34.20
N PHE PA 69 44.00 1.33 34.19
CA PHE PA 69 45.00 0.58 33.47
C PHE PA 69 44.73 0.60 31.95
N MET PA 70 45.75 0.89 31.18
CA MET PA 70 45.67 0.87 29.72
C MET PA 70 46.42 -0.35 29.17
N THR PA 71 46.96 -1.14 30.09
CA THR PA 71 47.60 -2.43 29.80
C THR PA 71 46.73 -3.53 30.39
N LYS PA 72 46.47 -4.58 29.60
CA LYS PA 72 45.71 -5.74 30.07
C LYS PA 72 46.45 -6.46 31.20
N ILE PA 73 45.75 -6.78 32.27
CA ILE PA 73 46.37 -7.39 33.45
C ILE PA 73 45.45 -8.32 34.24
N TYR PA 74 45.93 -9.54 34.49
CA TYR PA 74 45.22 -10.49 35.36
C TYR PA 74 45.50 -10.12 36.82
N HIS PA 75 44.46 -9.66 37.52
CA HIS PA 75 44.60 -9.11 38.86
C HIS PA 75 43.24 -9.06 39.54
N PRO PA 76 43.19 -9.37 40.85
CA PRO PA 76 41.91 -9.29 41.58
C PRO PA 76 41.29 -7.90 41.59
N ASN PA 77 42.12 -6.86 41.67
CA ASN PA 77 41.64 -5.49 41.80
C ASN PA 77 41.38 -4.76 40.48
N VAL PA 78 41.98 -5.25 39.40
CA VAL PA 78 41.84 -4.60 38.09
C VAL PA 78 40.99 -5.47 37.18
N ASP PA 79 39.89 -4.91 36.69
CA ASP PA 79 38.96 -5.64 35.86
C ASP PA 79 39.38 -5.66 34.38
N LYS PA 80 38.49 -6.15 33.53
CA LYS PA 80 38.73 -6.31 32.09
C LYS PA 80 39.00 -5.01 31.34
N LEU PA 81 38.42 -3.91 31.82
CA LEU PA 81 38.56 -2.62 31.15
C LEU PA 81 39.55 -1.70 31.85
N GLY PA 82 40.36 -2.28 32.74
CA GLY PA 82 41.45 -1.54 33.38
C GLY PA 82 41.11 -0.78 34.65
N ARG PA 83 39.81 -0.68 34.96
CA ARG PA 83 39.36 0.04 36.16
C ARG PA 83 39.82 -0.66 37.43
N ILE PA 84 40.28 0.11 38.41
CA ILE PA 84 40.89 -0.46 39.61
C ILE PA 84 39.98 -0.38 40.84
N CYS PA 85 39.52 -1.54 41.29
CA CYS PA 85 38.70 -1.66 42.49
C CYS PA 85 39.55 -1.41 43.74
N LEU PA 86 39.81 -0.15 44.05
CA LEU PA 86 40.69 0.26 45.14
C LEU PA 86 40.02 1.26 46.09
N ASP PA 87 40.23 1.02 47.39
CA ASP PA 87 39.53 1.75 48.45
C ASP PA 87 39.64 3.27 48.36
N ILE PA 88 40.87 3.76 48.40
CA ILE PA 88 41.11 5.21 48.40
C ILE PA 88 40.68 5.91 47.11
N LEU PA 89 40.33 5.14 46.09
CA LEU PA 89 39.86 5.70 44.82
C LEU PA 89 38.36 5.95 44.81
N LYS PA 90 37.65 5.41 45.80
CA LYS PA 90 36.21 5.64 45.90
C LYS PA 90 35.82 5.94 47.34
N ASP PA 91 35.81 4.90 48.16
CA ASP PA 91 35.20 4.93 49.48
C ASP PA 91 36.01 5.69 50.53
N LYS PA 92 37.29 5.34 50.67
CA LYS PA 92 38.11 5.88 51.74
C LYS PA 92 39.07 7.00 51.30
N TRP PA 93 38.66 7.75 50.27
CA TRP PA 93 39.43 8.92 49.82
C TRP PA 93 39.35 10.06 50.83
N SER PA 94 40.41 10.86 50.87
CA SER PA 94 40.52 12.01 51.75
C SER PA 94 41.47 13.02 51.11
N PRO PA 95 41.16 14.34 51.19
CA PRO PA 95 42.09 15.34 50.67
C PRO PA 95 43.44 15.30 51.38
N ALA PA 96 43.48 14.68 52.56
CA ALA PA 96 44.72 14.48 53.31
C ALA PA 96 45.64 13.46 52.64
N LEU PA 97 45.17 12.86 51.55
CA LEU PA 97 45.99 12.01 50.71
C LEU PA 97 46.24 12.73 49.39
N GLN PA 98 47.31 12.34 48.71
CA GLN PA 98 47.72 13.01 47.48
C GLN PA 98 47.99 12.00 46.37
N ILE PA 99 48.14 12.51 45.14
CA ILE PA 99 48.43 11.68 43.95
C ILE PA 99 49.50 10.64 44.24
N ARG PA 100 50.61 11.08 44.82
CA ARG PA 100 51.72 10.21 45.18
C ARG PA 100 51.22 9.00 45.98
N THR PA 101 50.45 9.26 47.03
CA THR PA 101 49.85 8.19 47.85
C THR PA 101 49.15 7.17 46.96
N VAL PA 102 48.42 7.65 45.96
CA VAL PA 102 47.65 6.79 45.08
C VAL PA 102 48.56 5.83 44.33
N LEU PA 103 49.61 6.34 43.69
CA LEU PA 103 50.48 5.48 42.87
C LEU PA 103 51.16 4.39 43.68
N LEU PA 104 51.66 4.77 44.85
CA LEU PA 104 52.26 3.82 45.79
C LEU PA 104 51.31 2.65 46.09
N SER PA 105 50.01 2.95 46.18
CA SER PA 105 48.99 1.94 46.39
C SER PA 105 48.88 0.97 45.23
N ILE PA 106 48.97 1.48 44.00
CA ILE PA 106 48.95 0.60 42.84
C ILE PA 106 50.21 -0.29 42.85
N GLN PA 107 51.36 0.32 43.12
CA GLN PA 107 52.60 -0.43 43.32
C GLN PA 107 52.43 -1.54 44.35
N ALA PA 108 51.84 -1.19 45.50
CA ALA PA 108 51.56 -2.17 46.56
C ALA PA 108 50.62 -3.27 46.10
N LEU PA 109 49.65 -2.91 45.26
CA LEU PA 109 48.69 -3.86 44.72
C LEU PA 109 49.33 -4.89 43.79
N LEU PA 110 50.28 -4.44 42.98
CA LEU PA 110 50.99 -5.32 42.05
C LEU PA 110 51.89 -6.31 42.79
N SER PA 111 52.62 -5.79 43.78
CA SER PA 111 53.54 -6.59 44.56
C SER PA 111 52.81 -7.74 45.25
N ALA PA 112 51.81 -7.41 46.06
CA ALA PA 112 51.00 -8.41 46.77
C ALA PA 112 49.49 -8.17 46.63
N PRO PA 113 48.89 -8.75 45.57
CA PRO PA 113 47.44 -8.73 45.39
C PRO PA 113 46.72 -9.57 46.46
N ASN PA 114 45.74 -8.99 47.15
CA ASN PA 114 44.97 -9.74 48.14
C ASN PA 114 43.46 -9.78 47.85
N PRO PA 115 42.89 -11.00 47.80
CA PRO PA 115 41.47 -11.20 47.50
C PRO PA 115 40.56 -11.31 48.75
N ASP PA 116 40.71 -10.37 49.67
CA ASP PA 116 39.76 -10.21 50.77
C ASP PA 116 38.66 -9.26 50.30
N ASP PA 117 39.00 -8.51 49.24
CA ASP PA 117 38.09 -7.61 48.52
C ASP PA 117 36.64 -8.10 48.54
N PRO PA 118 35.74 -7.29 49.15
CA PRO PA 118 34.31 -7.60 49.33
C PRO PA 118 33.52 -7.69 48.01
N LEU PA 119 33.87 -6.81 47.07
CA LEU PA 119 33.31 -6.86 45.71
C LEU PA 119 33.87 -8.07 44.94
N ALA PA 120 33.63 -9.26 45.51
CA ALA PA 120 34.14 -10.51 44.95
C ALA PA 120 33.67 -10.67 43.52
N ASN PA 121 34.63 -10.80 42.61
CA ASN PA 121 34.36 -11.00 41.20
C ASN PA 121 35.04 -12.27 40.70
N ASP PA 122 35.04 -12.48 39.38
CA ASP PA 122 35.54 -13.73 38.80
C ASP PA 122 37.04 -13.96 39.03
N VAL PA 123 37.84 -12.93 38.76
CA VAL PA 123 39.29 -12.99 38.92
C VAL PA 123 39.70 -13.03 40.40
N ALA PA 124 39.04 -12.19 41.19
CA ALA PA 124 39.38 -12.02 42.61
C ALA PA 124 39.44 -13.33 43.39
N GLU PA 125 38.33 -14.08 43.41
CA GLU PA 125 38.29 -15.30 44.20
C GLU PA 125 38.70 -16.57 43.44
N GLN PA 126 39.12 -16.39 42.18
CA GLN PA 126 39.89 -17.40 41.47
C GLN PA 126 41.32 -17.33 42.00
N TRP PA 127 41.70 -16.16 42.49
CA TRP PA 127 42.96 -15.93 43.18
C TRP PA 127 42.93 -16.58 44.56
N LYS PA 128 41.76 -16.59 45.19
CA LYS PA 128 41.54 -17.27 46.47
C LYS PA 128 41.61 -18.79 46.33
N THR PA 129 40.77 -19.32 45.43
CA THR PA 129 40.65 -20.78 45.26
C THR PA 129 41.92 -21.44 44.74
N ASN PA 130 42.54 -20.84 43.72
CA ASN PA 130 43.72 -21.44 43.11
C ASN PA 130 44.82 -20.41 42.82
N GLU PA 131 45.48 -19.96 43.89
CA GLU PA 131 46.55 -18.97 43.79
C GLU PA 131 47.75 -19.48 43.00
N ALA PA 132 47.97 -20.80 43.02
CA ALA PA 132 49.04 -21.44 42.25
C ALA PA 132 48.83 -21.18 40.76
N GLN PA 133 47.62 -21.47 40.30
CA GLN PA 133 47.22 -21.28 38.92
C GLN PA 133 47.17 -19.80 38.56
N ALA PA 134 46.64 -19.00 39.49
CA ALA PA 134 46.46 -17.56 39.31
C ALA PA 134 47.79 -16.82 39.05
N ILE PA 135 48.81 -17.11 39.85
CA ILE PA 135 50.13 -16.52 39.66
C ILE PA 135 50.70 -16.90 38.29
N GLU PA 136 50.55 -18.18 37.92
CA GLU PA 136 51.04 -18.70 36.64
C GLU PA 136 50.31 -18.14 35.41
N THR PA 137 49.05 -17.72 35.58
CA THR PA 137 48.32 -17.07 34.47
C THR PA 137 48.57 -15.56 34.40
N ALA PA 138 48.83 -14.93 35.54
CA ALA PA 138 49.25 -13.53 35.57
C ALA PA 138 50.65 -13.42 34.98
N ARG PA 139 51.44 -14.49 35.17
CA ARG PA 139 52.78 -14.62 34.62
C ARG PA 139 52.74 -14.67 33.10
N ALA PA 140 51.75 -15.41 32.58
CA ALA PA 140 51.56 -15.59 31.15
C ALA PA 140 51.07 -14.32 30.47
N TRP PA 141 50.11 -13.66 31.10
CA TRP PA 141 49.52 -12.41 30.60
C TRP PA 141 50.51 -11.26 30.57
N THR PA 142 51.37 -11.20 31.60
CA THR PA 142 52.44 -10.19 31.67
C THR PA 142 53.27 -10.25 30.40
N ARG PA 143 53.74 -11.45 30.04
CA ARG PA 143 54.54 -11.60 28.84
C ARG PA 143 53.72 -11.40 27.56
N LEU PA 144 52.42 -11.64 27.64
CA LEU PA 144 51.57 -11.59 26.46
C LEU PA 144 51.12 -10.18 26.11
N TYR PA 145 51.11 -9.30 27.12
CA TYR PA 145 50.57 -7.94 26.96
C TYR PA 145 51.43 -6.80 27.54
N ALA PA 146 52.25 -7.09 28.55
CA ALA PA 146 52.97 -6.03 29.27
C ALA PA 146 54.46 -5.89 28.95
N MET PA 147 54.98 -6.75 28.07
CA MET PA 147 56.40 -6.72 27.71
C MET PA 147 56.65 -5.89 26.44
N ASN PA 148 56.34 -4.60 26.54
CA ASN PA 148 56.55 -3.65 25.43
C ASN PA 148 57.28 -2.39 25.88
#